data_3U9S
#
_entry.id   3U9S
#
_cell.length_a   131.510
_cell.length_b   255.340
_cell.length_c   152.670
_cell.angle_alpha   90.00
_cell.angle_beta   95.74
_cell.angle_gamma   90.00
#
_symmetry.space_group_name_H-M   'P 1 21 1'
#
loop_
_entity.id
_entity.type
_entity.pdbx_description
1 polymer 'Methylcrotonyl-CoA carboxylase, alpha-subunit'
2 polymer 'Methylcrotonyl-CoA carboxylase, beta-subunit'
3 non-polymer 5-(HEXAHYDRO-2-OXO-1H-THIENO[3,4-D]IMIDAZOL-6-YL)PENTANAL
4 non-polymer 'COENZYME A'
#
loop_
_entity_poly.entity_id
_entity_poly.type
_entity_poly.pdbx_seq_one_letter_code
_entity_poly.pdbx_strand_id
1 'polypeptide(L)'
;MNPDYRSIQRLLVANRGEIACRVMRSARALGIGSVAVHSDIDRHARHVAEADIAVDLGGAKPADSYLRGDRIIAAALASG
AQAIHPGYGFLSENADFARACEEAGLLFLGPPAAAIDAMGSKSAAKALMEEAGVPLVPGYHGEAQDLETFRREAGRIGYP
VLLKAAAGGGGKGMKVVEREAELAEALSSAQREAKAAFGDARMLVEKYLLKPRHVEIQVFADRHGHCLYLNERDCSIQRR
HQKVVEEAPAPGLGAELRRAMGEAAVRAAQAIGYVGAGTVEFLLDERGQFFFMEMNTRLQVEHPVTEAITGLDLVAWQIR
VARGEALPLTQEQVPLNGHAIEVRLYAEDPEGDFLPASGRLMLYREAAAGPGRRVDSGVREGDEVSPFYDPMLAKLIAWG
ETREEARQRLLAMLAETSVGGLRTNLAFLRRILGHPAFAAAELDTGFIARHQDDLLPAPQALPEHFWQAAAEAWLQSEPG
HRRDDDPHSPWSRNDGWRSALARESDLMLRCRDERRCVRLRHASPSQYRLDGDDLVSRVDGVTRRSAALRRGRQLFLEWE
GELLAIEAVDPIAEAEAAHAHQGGLSAPMNGSIVRVLVEPGQTVEAGATLVVLEAMKMEHSIRAPHAGVVKALYCSEGEL
VEEGTPLVELDENQA
;
A,C,E,G,I,K
2 'polypeptide(L)'
;MGSSHHHHHHSSGLVPRGSHMAILHTQINPRSAEFAANAATMLEQVNALRTLLGRIHEGGGSAAQARHSARGKLLVRERI
NRLLDPGSPFLELSALAAHEVYGEEVAAAGIVAGIGRVEGVECMIVGNDATVKGGTYYPLTVKKHLRAQAIALENRLPCI
YLVDSGGANLPRQDEVFPDREHFGRIFFNQANMSARGIPQIAVVMGSCTAGGAYVPAMSDETVMVREQATIFLAGPPLVK
AATGEVVSAEELGGADVHCKVSGVADHYAEDDDHALAIARRCVANLNWRKQGQLQCRAPRAPLYPAEELYGVIPADSKQP
YDVREVIARLVDGSEFDEFKALFGTTLVCGFAHLHGYPIAILANNGILFAEAAQKGAHFIELACQRGIPLLFLQNITGFM
VGQKYEAGGIAKHGAKLVTAVACARVPKFTVLIGGSFGAGNYGMCGRAYDPRFLWMWPNARIGVMGGEQAAGVLAQVKRE
QAERAGQQLGVEEEAKIKAPILEQYEHQGHPYYSSARLWDDGVIDPAQTREVLALALSAALNAPIEPTAFGVFRM
;
B,D,F,H,J,L
#
loop_
_chem_comp.id
_chem_comp.type
_chem_comp.name
_chem_comp.formula
BTI non-polymer 5-(HEXAHYDRO-2-OXO-1H-THIENO[3,4-D]IMIDAZOL-6-YL)PENTANAL 'C10 H16 N2 O2 S'
COA non-polymer 'COENZYME A' 'C21 H36 N7 O16 P3 S'
#
# COMPACT_ATOMS: atom_id res chain seq x y z
N TYR A 5 87.98 -23.46 9.24
CA TYR A 5 86.64 -22.84 9.63
C TYR A 5 85.52 -22.83 8.59
N ARG A 6 84.49 -23.66 8.78
CA ARG A 6 83.36 -23.73 7.84
C ARG A 6 82.32 -22.68 8.21
N SER A 7 81.37 -22.40 7.33
CA SER A 7 80.34 -21.41 7.61
C SER A 7 78.94 -21.94 7.42
N ILE A 8 78.02 -21.58 8.32
CA ILE A 8 76.62 -22.05 8.26
C ILE A 8 75.68 -20.93 7.79
N GLN A 9 74.95 -21.14 6.68
CA GLN A 9 74.00 -20.14 6.20
C GLN A 9 72.60 -20.56 6.62
N ARG A 10 72.37 -21.87 6.64
CA ARG A 10 71.09 -22.38 7.06
C ARG A 10 71.36 -23.57 7.96
N LEU A 11 70.72 -23.59 9.12
CA LEU A 11 70.91 -24.71 10.00
C LEU A 11 69.61 -25.48 10.07
N LEU A 12 69.63 -26.76 9.76
CA LEU A 12 68.39 -27.50 9.86
C LEU A 12 68.23 -28.04 11.30
N VAL A 13 67.05 -27.85 11.89
CA VAL A 13 66.79 -28.35 13.23
C VAL A 13 65.97 -29.63 13.12
N ALA A 14 66.67 -30.76 13.10
CA ALA A 14 66.05 -32.07 13.00
C ALA A 14 65.29 -32.47 14.27
N ASN A 15 64.21 -31.75 14.56
CA ASN A 15 63.37 -32.02 15.72
C ASN A 15 62.09 -31.13 15.78
N ARG A 16 61.28 -31.32 16.81
CA ARG A 16 60.04 -30.59 16.96
C ARG A 16 59.98 -29.96 18.32
N GLY A 17 58.81 -29.41 18.62
CA GLY A 17 58.57 -28.81 19.92
C GLY A 17 59.46 -27.70 20.42
N GLU A 18 59.24 -27.32 21.67
CA GLU A 18 59.99 -26.25 22.31
C GLU A 18 61.51 -26.20 22.12
N ILE A 19 62.10 -27.30 21.67
CA ILE A 19 63.55 -27.25 21.47
C ILE A 19 63.92 -26.71 20.08
N ALA A 20 63.11 -27.02 19.07
CA ALA A 20 63.38 -26.53 17.73
C ALA A 20 63.16 -25.05 17.80
N CYS A 21 62.16 -24.62 18.54
CA CYS A 21 61.91 -23.19 18.66
C CYS A 21 63.01 -22.58 19.46
N ARG A 22 63.58 -23.36 20.36
CA ARG A 22 64.66 -22.89 21.20
C ARG A 22 65.92 -22.73 20.36
N VAL A 23 66.14 -23.66 19.43
CA VAL A 23 67.31 -23.57 18.60
C VAL A 23 67.08 -22.52 17.49
N MET A 24 65.86 -22.44 16.96
CA MET A 24 65.51 -21.44 15.91
C MET A 24 65.86 -20.09 16.51
N ARG A 25 65.30 -19.82 17.69
CA ARG A 25 65.51 -18.59 18.45
C ARG A 25 66.95 -18.13 18.29
N SER A 26 67.87 -19.05 18.55
CA SER A 26 69.29 -18.79 18.47
C SER A 26 69.72 -18.55 17.02
N ALA A 27 69.62 -19.55 16.16
CA ALA A 27 70.01 -19.36 14.78
C ALA A 27 69.57 -17.99 14.27
N ARG A 28 68.32 -17.61 14.51
CA ARG A 28 67.86 -16.30 14.03
C ARG A 28 68.71 -15.19 14.59
N ALA A 29 68.88 -15.20 15.89
CA ALA A 29 69.65 -14.15 16.51
C ALA A 29 71.02 -13.94 15.86
N LEU A 30 71.61 -15.05 15.42
CA LEU A 30 72.93 -15.07 14.82
C LEU A 30 72.91 -14.81 13.30
N GLY A 31 71.72 -14.51 12.79
CA GLY A 31 71.56 -14.23 11.38
C GLY A 31 71.52 -15.47 10.51
N ILE A 32 71.27 -16.63 11.09
CA ILE A 32 71.20 -17.89 10.31
C ILE A 32 69.78 -18.32 10.00
N GLY A 33 69.63 -18.91 8.82
CA GLY A 33 68.31 -19.36 8.43
C GLY A 33 68.00 -20.62 9.16
N SER A 34 66.78 -20.71 9.63
CA SER A 34 66.31 -21.87 10.35
C SER A 34 65.37 -22.65 9.42
N VAL A 35 65.68 -23.94 9.22
CA VAL A 35 64.87 -24.82 8.37
C VAL A 35 64.37 -25.98 9.23
N ALA A 36 63.12 -25.99 9.65
CA ALA A 36 62.71 -27.10 10.49
C ALA A 36 62.15 -28.19 9.63
N VAL A 37 62.03 -29.40 10.17
CA VAL A 37 61.45 -30.51 9.41
C VAL A 37 60.26 -30.87 10.27
N HIS A 38 59.23 -31.43 9.65
CA HIS A 38 58.02 -31.82 10.37
C HIS A 38 57.43 -33.15 9.94
N SER A 39 56.71 -33.76 10.86
CA SER A 39 56.08 -35.01 10.58
C SER A 39 54.81 -34.61 9.94
N ASP A 40 53.99 -35.60 9.65
CA ASP A 40 52.70 -35.39 9.05
C ASP A 40 51.83 -34.54 10.00
N ILE A 41 51.57 -35.07 11.19
CA ILE A 41 50.70 -34.37 12.13
C ILE A 41 51.26 -33.13 12.77
N ASP A 42 52.12 -32.42 12.04
CA ASP A 42 52.71 -31.20 12.56
C ASP A 42 52.76 -30.11 11.51
N ARG A 43 52.12 -30.33 10.39
CA ARG A 43 52.14 -29.31 9.34
C ARG A 43 51.65 -28.02 9.91
N HIS A 44 51.01 -28.14 11.04
CA HIS A 44 50.44 -27.01 11.72
C HIS A 44 51.32 -26.53 12.89
N ALA A 45 52.18 -27.39 13.41
CA ALA A 45 53.00 -27.05 14.58
C ALA A 45 53.67 -25.69 14.57
N ARG A 46 54.14 -25.29 15.74
CA ARG A 46 54.81 -24.00 15.93
C ARG A 46 56.19 -23.84 15.23
N HIS A 47 57.08 -24.82 15.40
CA HIS A 47 58.39 -24.74 14.77
C HIS A 47 58.35 -24.77 13.24
N VAL A 48 57.19 -25.08 12.70
CA VAL A 48 56.99 -25.09 11.25
C VAL A 48 56.68 -23.65 10.90
N ALA A 49 56.23 -22.92 11.91
CA ALA A 49 55.90 -21.54 11.72
C ALA A 49 57.19 -20.79 11.85
N GLU A 50 57.79 -20.91 13.04
CA GLU A 50 59.02 -20.20 13.35
C GLU A 50 60.26 -20.49 12.48
N ALA A 51 60.11 -21.35 11.50
CA ALA A 51 61.24 -21.64 10.63
C ALA A 51 61.07 -20.84 9.34
N ASP A 52 62.16 -20.71 8.60
CA ASP A 52 62.12 -19.96 7.37
C ASP A 52 61.71 -20.85 6.25
N ILE A 53 62.08 -22.11 6.40
CA ILE A 53 61.81 -23.14 5.45
C ILE A 53 61.45 -24.37 6.23
N ALA A 54 60.58 -25.20 5.68
CA ALA A 54 60.16 -26.42 6.36
C ALA A 54 59.86 -27.58 5.41
N VAL A 55 60.34 -28.78 5.74
CA VAL A 55 60.10 -29.95 4.90
C VAL A 55 59.28 -31.06 5.55
N ASP A 56 58.39 -31.66 4.78
CA ASP A 56 57.49 -32.71 5.25
C ASP A 56 58.15 -34.10 5.27
N LEU A 57 58.38 -34.63 6.46
CA LEU A 57 58.99 -35.95 6.59
C LEU A 57 57.91 -37.03 6.42
N GLY A 58 57.92 -38.03 7.29
CA GLY A 58 56.95 -39.10 7.20
C GLY A 58 55.56 -38.76 7.70
N GLY A 59 54.90 -39.76 8.27
CA GLY A 59 53.54 -39.61 8.77
C GLY A 59 53.32 -39.18 10.21
N ALA A 60 52.74 -40.05 11.04
CA ALA A 60 52.46 -39.64 12.40
C ALA A 60 53.42 -40.15 13.48
N LYS A 61 53.53 -41.47 13.63
CA LYS A 61 54.41 -42.00 14.66
C LYS A 61 55.83 -41.45 14.49
N PRO A 62 56.59 -41.30 15.60
CA PRO A 62 57.97 -40.79 15.60
C PRO A 62 58.90 -41.74 14.85
N ALA A 63 58.45 -42.99 14.75
CA ALA A 63 59.20 -43.98 14.05
C ALA A 63 59.25 -43.49 12.61
N ASP A 64 58.09 -43.47 11.94
CA ASP A 64 57.97 -43.07 10.54
C ASP A 64 58.20 -41.62 10.22
N SER A 65 58.74 -40.85 11.16
CA SER A 65 58.98 -39.43 10.89
C SER A 65 60.36 -38.89 11.34
N TYR A 66 60.40 -38.15 12.44
CA TYR A 66 61.65 -37.59 12.92
C TYR A 66 62.80 -38.56 13.12
N LEU A 67 62.52 -39.85 13.09
CA LEU A 67 63.55 -40.85 13.25
C LEU A 67 64.20 -41.26 11.95
N ARG A 68 63.51 -41.00 10.84
CA ARG A 68 64.02 -41.35 9.51
C ARG A 68 65.18 -40.42 9.13
N GLY A 69 66.40 -40.85 9.44
CA GLY A 69 67.55 -40.04 9.11
C GLY A 69 67.71 -39.96 7.61
N ASP A 70 67.25 -41.00 6.91
CA ASP A 70 67.33 -41.04 5.46
C ASP A 70 66.74 -39.78 4.86
N ARG A 71 65.54 -39.42 5.30
CA ARG A 71 64.87 -38.23 4.80
C ARG A 71 65.38 -36.95 5.43
N ILE A 72 65.52 -36.92 6.75
CA ILE A 72 66.02 -35.72 7.41
C ILE A 72 67.27 -35.23 6.72
N ILE A 73 68.18 -36.17 6.51
CA ILE A 73 69.47 -35.95 5.87
C ILE A 73 69.42 -35.42 4.44
N ALA A 74 68.40 -35.83 3.69
CA ALA A 74 68.30 -35.36 2.33
C ALA A 74 67.47 -34.08 2.31
N ALA A 75 66.58 -33.92 3.28
CA ALA A 75 65.75 -32.72 3.36
C ALA A 75 66.67 -31.58 3.61
N ALA A 76 67.46 -31.71 4.66
CA ALA A 76 68.42 -30.69 5.01
C ALA A 76 69.28 -30.41 3.81
N LEU A 77 69.58 -31.49 3.10
CA LEU A 77 70.43 -31.46 1.91
C LEU A 77 69.82 -30.59 0.82
N ALA A 78 68.55 -30.86 0.50
CA ALA A 78 67.81 -30.16 -0.54
C ALA A 78 67.21 -28.84 -0.09
N SER A 79 67.31 -28.52 1.18
CA SER A 79 66.76 -27.27 1.70
C SER A 79 67.79 -26.15 1.72
N GLY A 80 69.03 -26.50 1.43
CA GLY A 80 70.04 -25.48 1.40
C GLY A 80 70.67 -25.26 2.73
N ALA A 81 70.68 -26.28 3.57
CA ALA A 81 71.29 -26.15 4.89
C ALA A 81 72.67 -26.78 4.86
N GLN A 82 73.60 -26.26 5.66
CA GLN A 82 74.94 -26.82 5.68
C GLN A 82 75.19 -27.46 7.01
N ALA A 83 74.16 -27.60 7.81
CA ALA A 83 74.34 -28.19 9.11
C ALA A 83 73.02 -28.67 9.70
N ILE A 84 73.12 -29.61 10.64
CA ILE A 84 71.93 -30.15 11.30
C ILE A 84 72.16 -30.12 12.82
N HIS A 85 71.12 -29.74 13.54
CA HIS A 85 71.16 -29.69 14.99
C HIS A 85 70.09 -30.68 15.50
N PRO A 86 70.53 -31.78 16.11
CA PRO A 86 69.77 -32.89 16.67
C PRO A 86 68.80 -32.58 17.74
N GLY A 87 69.09 -31.55 18.52
CA GLY A 87 68.21 -31.22 19.61
C GLY A 87 68.38 -32.36 20.58
N TYR A 88 67.43 -32.57 21.47
CA TYR A 88 67.56 -33.69 22.39
C TYR A 88 66.67 -34.84 22.03
N GLY A 89 67.05 -36.04 22.45
CA GLY A 89 66.25 -37.21 22.13
C GLY A 89 66.33 -37.56 20.66
N PHE A 90 65.28 -38.19 20.14
CA PHE A 90 65.22 -38.59 18.74
C PHE A 90 66.53 -39.16 18.16
N LEU A 91 67.27 -38.36 17.38
CA LEU A 91 68.49 -38.90 16.81
C LEU A 91 69.76 -38.31 17.37
N SER A 92 69.69 -37.53 18.42
CA SER A 92 70.93 -36.93 18.90
C SER A 92 71.97 -37.87 19.43
N GLU A 93 71.61 -39.10 19.72
CA GLU A 93 72.57 -40.04 20.25
C GLU A 93 72.62 -41.40 19.56
N ASN A 94 73.36 -41.46 18.46
CA ASN A 94 73.56 -42.69 17.68
C ASN A 94 74.44 -42.42 16.46
N ALA A 95 75.74 -42.70 16.60
CA ALA A 95 76.69 -42.47 15.52
C ALA A 95 76.06 -42.68 14.14
N ASP A 96 75.34 -43.79 13.98
CA ASP A 96 74.69 -44.10 12.73
C ASP A 96 74.34 -42.81 12.03
N PHE A 97 73.59 -41.95 12.71
CA PHE A 97 73.18 -40.68 12.13
C PHE A 97 74.39 -39.80 11.88
N ALA A 98 74.93 -39.21 12.93
CA ALA A 98 76.09 -38.32 12.81
C ALA A 98 77.08 -38.85 11.77
N ARG A 99 77.26 -40.17 11.78
CA ARG A 99 78.14 -40.85 10.84
C ARG A 99 77.65 -40.49 9.42
N ALA A 100 76.45 -40.96 9.08
CA ALA A 100 75.87 -40.70 7.76
C ALA A 100 75.58 -39.23 7.52
N CYS A 101 75.52 -38.43 8.60
CA CYS A 101 75.23 -36.99 8.52
C CYS A 101 76.43 -36.18 8.07
N GLU A 102 77.56 -36.48 8.67
CA GLU A 102 78.77 -35.77 8.35
C GLU A 102 79.30 -36.36 7.06
N GLU A 103 78.84 -37.56 6.74
CA GLU A 103 79.24 -38.24 5.52
C GLU A 103 78.44 -37.73 4.32
N ALA A 104 77.57 -36.75 4.54
CA ALA A 104 76.79 -36.21 3.44
C ALA A 104 77.18 -34.75 3.20
N GLY A 105 78.23 -34.32 3.89
CA GLY A 105 78.75 -32.97 3.74
C GLY A 105 78.32 -31.99 4.81
N LEU A 106 77.29 -32.36 5.54
CA LEU A 106 76.77 -31.50 6.58
C LEU A 106 77.56 -31.58 7.87
N LEU A 107 77.63 -30.46 8.60
CA LEU A 107 78.31 -30.49 9.89
C LEU A 107 77.21 -30.87 10.88
N PHE A 108 77.55 -31.80 11.76
CA PHE A 108 76.62 -32.31 12.75
C PHE A 108 76.91 -31.70 14.12
N LEU A 109 76.07 -30.76 14.53
CA LEU A 109 76.20 -30.13 15.83
C LEU A 109 76.12 -31.14 16.96
N GLY A 110 77.23 -31.81 17.20
CA GLY A 110 77.26 -32.82 18.22
C GLY A 110 78.64 -33.38 18.26
N PRO A 111 78.89 -34.32 19.16
CA PRO A 111 80.22 -34.90 19.25
C PRO A 111 80.41 -35.74 18.02
N PRO A 112 81.63 -36.21 17.78
CA PRO A 112 81.88 -37.03 16.62
C PRO A 112 81.23 -38.38 16.85
N ALA A 113 80.92 -39.09 15.77
CA ALA A 113 80.29 -40.40 15.87
C ALA A 113 80.95 -41.24 16.98
N ALA A 114 82.23 -41.52 16.84
CA ALA A 114 82.94 -42.30 17.84
C ALA A 114 82.48 -42.01 19.26
N ALA A 115 82.77 -40.81 19.72
CA ALA A 115 82.42 -40.43 21.06
C ALA A 115 80.98 -40.72 21.44
N ILE A 116 80.05 -40.62 20.49
CA ILE A 116 78.66 -40.85 20.82
C ILE A 116 78.34 -42.28 21.25
N ASP A 117 78.60 -43.26 20.40
CA ASP A 117 78.30 -44.65 20.75
C ASP A 117 79.23 -45.15 21.83
N ALA A 118 80.15 -44.30 22.25
CA ALA A 118 81.06 -44.67 23.31
C ALA A 118 80.21 -44.96 24.55
N MET A 119 79.57 -43.91 25.02
CA MET A 119 78.72 -44.01 26.19
C MET A 119 77.40 -44.62 25.78
N GLY A 120 77.45 -45.50 24.80
CA GLY A 120 76.25 -46.14 24.34
C GLY A 120 76.05 -47.44 25.10
N SER A 121 77.16 -47.98 25.56
CA SER A 121 77.17 -49.25 26.30
C SER A 121 77.89 -49.04 27.63
N LYS A 122 77.22 -49.40 28.73
CA LYS A 122 77.73 -49.23 30.10
C LYS A 122 79.15 -49.80 30.25
N SER A 123 79.46 -50.78 29.41
CA SER A 123 80.74 -51.43 29.41
C SER A 123 81.79 -50.52 28.81
N ALA A 124 81.54 -50.11 27.58
CA ALA A 124 82.44 -49.22 26.86
C ALA A 124 82.85 -48.09 27.78
N ALA A 125 81.85 -47.38 28.30
CA ALA A 125 82.07 -46.25 29.18
C ALA A 125 82.81 -46.60 30.46
N LYS A 126 82.34 -47.62 31.17
CA LYS A 126 82.98 -48.04 32.41
C LYS A 126 84.47 -48.20 32.19
N ALA A 127 84.84 -48.55 30.97
CA ALA A 127 86.24 -48.74 30.63
C ALA A 127 87.03 -47.43 30.60
N LEU A 128 86.54 -46.47 29.81
CA LEU A 128 87.19 -45.17 29.67
C LEU A 128 87.18 -44.40 30.97
N MET A 129 86.01 -44.34 31.60
CA MET A 129 85.87 -43.62 32.86
C MET A 129 86.79 -44.19 33.93
N GLU A 130 86.94 -45.52 33.97
CA GLU A 130 87.82 -46.12 34.94
C GLU A 130 89.21 -45.69 34.53
N GLU A 131 89.56 -45.88 33.27
CA GLU A 131 90.86 -45.52 32.78
C GLU A 131 91.05 -44.01 32.58
N ALA A 132 90.24 -43.19 33.22
CA ALA A 132 90.36 -41.75 32.99
C ALA A 132 90.50 -40.91 34.23
N GLY A 133 90.22 -41.48 35.39
CA GLY A 133 90.33 -40.70 36.61
C GLY A 133 88.99 -40.16 37.03
N VAL A 134 87.96 -40.93 36.70
CA VAL A 134 86.60 -40.58 37.02
C VAL A 134 86.06 -41.68 37.92
N PRO A 135 85.90 -41.38 39.20
CA PRO A 135 85.40 -42.40 40.10
C PRO A 135 84.16 -43.11 39.63
N LEU A 136 84.14 -44.41 39.84
CA LEU A 136 83.01 -45.24 39.51
C LEU A 136 82.44 -45.67 40.83
N VAL A 137 81.44 -46.55 40.80
CA VAL A 137 80.90 -47.01 42.06
C VAL A 137 81.54 -48.33 42.37
N PRO A 138 81.98 -48.51 43.61
CA PRO A 138 82.60 -49.80 43.92
C PRO A 138 81.62 -50.92 44.11
N GLY A 139 82.14 -52.13 43.91
CA GLY A 139 81.34 -53.32 44.04
C GLY A 139 82.22 -54.48 43.63
N TYR A 140 81.70 -55.70 43.69
CA TYR A 140 82.47 -56.88 43.32
C TYR A 140 81.60 -57.77 42.42
N HIS A 141 82.24 -58.44 41.47
CA HIS A 141 81.53 -59.32 40.53
C HIS A 141 82.37 -60.47 40.01
N GLY A 142 81.79 -61.23 39.10
CA GLY A 142 82.47 -62.36 38.52
C GLY A 142 82.68 -63.50 39.50
N GLU A 143 83.82 -63.50 40.19
CA GLU A 143 84.22 -64.52 41.17
C GLU A 143 83.48 -64.46 42.53
N ALA A 144 82.26 -65.01 42.58
CA ALA A 144 81.43 -65.01 43.81
C ALA A 144 81.87 -65.98 44.88
N GLN A 145 83.11 -65.81 45.32
CA GLN A 145 83.74 -66.63 46.34
C GLN A 145 82.80 -67.05 47.48
N ASP A 146 83.05 -66.55 48.69
CA ASP A 146 82.27 -66.91 49.87
C ASP A 146 82.25 -65.85 50.99
N LEU A 147 81.81 -66.29 52.16
CA LEU A 147 81.70 -65.47 53.36
C LEU A 147 83.02 -64.81 53.74
N GLU A 148 84.06 -64.96 52.91
CA GLU A 148 85.35 -64.33 53.21
C GLU A 148 85.84 -63.26 52.22
N THR A 149 85.96 -63.56 50.93
CA THR A 149 86.38 -62.50 49.99
C THR A 149 85.27 -61.45 50.03
N PHE A 150 84.05 -61.91 50.29
CA PHE A 150 82.89 -61.04 50.37
C PHE A 150 83.10 -60.04 51.48
N ARG A 151 83.71 -60.47 52.57
CA ARG A 151 83.95 -59.53 53.66
C ARG A 151 85.10 -58.61 53.29
N ARG A 152 86.19 -59.12 52.73
CA ARG A 152 87.30 -58.27 52.38
C ARG A 152 86.91 -57.28 51.29
N GLU A 153 85.99 -57.68 50.41
CA GLU A 153 85.53 -56.80 49.33
C GLU A 153 84.52 -55.80 49.88
N ALA A 154 83.55 -56.31 50.65
CA ALA A 154 82.53 -55.45 51.24
C ALA A 154 83.30 -54.36 51.92
N GLY A 155 84.53 -54.70 52.26
CA GLY A 155 85.41 -53.78 52.94
C GLY A 155 85.79 -52.55 52.16
N ARG A 156 86.62 -52.69 51.13
CA ARG A 156 86.98 -51.51 50.36
C ARG A 156 85.69 -51.07 49.66
N ILE A 157 84.74 -50.56 50.42
CA ILE A 157 83.47 -50.20 49.83
C ILE A 157 82.60 -49.25 50.69
N GLY A 158 82.65 -49.41 52.01
CA GLY A 158 81.86 -48.58 52.90
C GLY A 158 80.61 -49.37 53.18
N TYR A 159 80.55 -50.03 54.32
CA TYR A 159 79.42 -50.90 54.58
C TYR A 159 78.01 -50.58 54.17
N PRO A 160 77.61 -49.31 54.03
CA PRO A 160 76.22 -49.42 53.60
C PRO A 160 76.31 -49.97 52.15
N VAL A 161 76.31 -51.31 52.01
CA VAL A 161 76.45 -52.03 50.71
C VAL A 161 75.36 -53.04 50.42
N LEU A 162 75.08 -53.20 49.13
CA LEU A 162 74.04 -54.10 48.61
C LEU A 162 74.55 -55.38 47.97
N LEU A 163 73.64 -56.33 47.79
CA LEU A 163 73.92 -57.61 47.16
C LEU A 163 72.87 -58.04 46.11
N LYS A 164 73.30 -58.57 44.97
CA LYS A 164 72.37 -59.04 43.94
C LYS A 164 72.73 -60.48 43.58
N ALA A 165 72.55 -60.82 42.31
CA ALA A 165 72.88 -62.17 41.87
C ALA A 165 73.14 -62.13 40.37
N ALA A 166 73.18 -63.30 39.74
CA ALA A 166 73.39 -63.36 38.30
C ALA A 166 72.04 -63.35 37.55
N ALA A 167 70.95 -63.58 38.29
CA ALA A 167 69.56 -63.61 37.77
C ALA A 167 68.82 -62.30 37.98
N MET A 174 68.98 -59.93 45.68
CA MET A 174 68.91 -58.53 46.07
C MET A 174 68.63 -58.44 47.56
N LYS A 175 69.52 -57.77 48.28
CA LYS A 175 69.39 -57.62 49.72
C LYS A 175 70.52 -56.75 50.26
N VAL A 176 70.12 -55.73 51.00
CA VAL A 176 71.03 -54.78 51.57
C VAL A 176 71.61 -55.22 52.91
N VAL A 177 72.83 -54.80 53.19
CA VAL A 177 73.49 -55.12 54.44
C VAL A 177 74.28 -53.90 54.88
N GLU A 178 73.91 -53.27 56.00
CA GLU A 178 74.66 -52.10 56.46
C GLU A 178 75.64 -52.32 57.63
N ARG A 179 75.33 -53.27 58.51
CA ARG A 179 76.19 -53.59 59.67
C ARG A 179 77.42 -54.36 59.20
N GLU A 180 78.29 -54.75 60.13
CA GLU A 180 79.47 -55.52 59.79
C GLU A 180 79.09 -56.99 59.76
N ALA A 181 78.87 -57.55 60.94
CA ALA A 181 78.53 -58.96 61.05
C ALA A 181 77.19 -59.29 60.39
N GLU A 182 76.24 -58.36 60.39
CA GLU A 182 74.93 -58.60 59.82
C GLU A 182 74.99 -59.20 58.41
N LEU A 183 76.16 -59.07 57.78
CA LEU A 183 76.34 -59.59 56.43
C LEU A 183 76.35 -61.10 56.37
N ALA A 184 76.46 -61.72 57.53
CA ALA A 184 76.50 -63.17 57.62
C ALA A 184 75.36 -63.84 56.85
N GLU A 185 74.37 -64.32 57.60
CA GLU A 185 73.21 -64.99 57.03
C GLU A 185 72.61 -64.11 55.94
N ALA A 186 72.81 -62.81 56.08
CA ALA A 186 72.33 -61.82 55.14
C ALA A 186 72.83 -62.17 53.75
N LEU A 187 73.86 -63.01 53.72
CA LEU A 187 74.51 -63.44 52.51
C LEU A 187 74.01 -64.82 52.04
N SER A 188 74.49 -65.85 52.72
CA SER A 188 74.14 -67.22 52.38
C SER A 188 72.66 -67.38 52.04
N SER A 189 71.82 -66.57 52.66
CA SER A 189 70.37 -66.61 52.45
C SER A 189 69.90 -66.42 51.00
N ALA A 190 70.81 -66.56 50.04
CA ALA A 190 70.45 -66.40 48.64
C ALA A 190 70.74 -67.68 47.84
N GLN A 191 69.76 -68.17 47.06
CA GLN A 191 69.91 -69.38 46.24
C GLN A 191 69.11 -69.40 44.91
N ARG A 192 68.55 -70.55 44.52
CA ARG A 192 67.77 -70.72 43.26
C ARG A 192 68.18 -69.86 42.06
N ALA A 201 73.63 -69.91 40.95
CA ALA A 201 73.27 -68.93 41.97
C ALA A 201 74.51 -68.31 42.65
N ARG A 202 75.19 -67.43 41.89
CA ARG A 202 76.41 -66.69 42.30
C ARG A 202 76.01 -65.26 42.73
N MET A 203 76.31 -64.86 43.96
CA MET A 203 75.90 -63.52 44.41
C MET A 203 76.88 -62.42 44.06
N LEU A 204 76.39 -61.18 44.13
CA LEU A 204 77.12 -59.94 43.81
C LEU A 204 77.15 -58.88 44.93
N VAL A 205 78.10 -57.95 44.88
CA VAL A 205 78.15 -56.87 45.87
C VAL A 205 78.36 -55.49 45.25
N GLU A 206 77.47 -54.55 45.60
CA GLU A 206 77.50 -53.21 45.04
C GLU A 206 77.45 -52.15 46.14
N LYS A 207 78.35 -51.18 46.09
CA LYS A 207 78.34 -50.18 47.13
C LYS A 207 77.08 -49.34 47.11
N TYR A 208 76.16 -49.62 48.01
CA TYR A 208 74.91 -48.86 48.06
C TYR A 208 75.19 -47.40 48.42
N LEU A 209 74.29 -46.48 48.06
CA LEU A 209 74.46 -45.06 48.35
C LEU A 209 73.36 -44.44 49.21
N LEU A 210 73.74 -43.53 50.09
CA LEU A 210 72.79 -42.89 50.99
C LEU A 210 72.26 -41.54 50.53
N LYS A 211 70.93 -41.36 50.57
CA LYS A 211 70.32 -40.10 50.19
C LYS A 211 71.11 -39.50 49.02
N PRO A 212 71.20 -40.24 47.91
CA PRO A 212 71.93 -39.78 46.73
C PRO A 212 71.27 -38.61 46.03
N ARG A 213 72.08 -37.65 45.65
CA ARG A 213 71.60 -36.49 44.95
C ARG A 213 72.17 -36.56 43.57
N HIS A 214 71.31 -36.63 42.58
CA HIS A 214 71.72 -36.69 41.19
C HIS A 214 72.20 -35.27 40.75
N VAL A 215 73.53 -35.06 40.68
CA VAL A 215 74.10 -33.76 40.25
C VAL A 215 74.84 -34.00 38.94
N GLU A 216 74.68 -33.09 37.97
CA GLU A 216 75.35 -33.23 36.69
C GLU A 216 76.20 -32.01 36.36
N ILE A 217 77.05 -32.17 35.36
CA ILE A 217 77.96 -31.11 34.92
C ILE A 217 77.89 -30.84 33.44
N GLN A 218 77.80 -29.56 33.07
CA GLN A 218 77.72 -29.18 31.67
C GLN A 218 79.15 -29.07 31.28
N VAL A 219 79.48 -29.60 30.11
CA VAL A 219 80.83 -29.55 29.59
C VAL A 219 80.75 -29.03 28.17
N PHE A 220 81.79 -28.31 27.75
CA PHE A 220 81.86 -27.73 26.40
C PHE A 220 83.29 -27.72 25.84
N ALA A 221 83.49 -28.25 24.64
CA ALA A 221 84.82 -28.27 24.03
C ALA A 221 84.69 -27.77 22.59
N ASP A 222 85.82 -27.54 21.92
CA ASP A 222 85.80 -27.12 20.53
C ASP A 222 86.71 -28.05 19.72
N ARG A 223 86.80 -27.83 18.41
CA ARG A 223 87.66 -28.69 17.63
C ARG A 223 89.08 -28.21 17.88
N HIS A 224 89.40 -27.90 19.12
CA HIS A 224 90.73 -27.41 19.42
C HIS A 224 91.23 -27.82 20.76
N GLY A 225 90.85 -28.98 21.23
CA GLY A 225 91.36 -29.37 22.55
C GLY A 225 90.83 -28.61 23.77
N HIS A 226 90.52 -27.32 23.64
CA HIS A 226 89.98 -26.57 24.75
C HIS A 226 88.82 -27.39 25.35
N CYS A 227 88.46 -27.16 26.60
CA CYS A 227 87.32 -27.86 27.20
C CYS A 227 87.01 -27.53 28.65
N LEU A 228 86.14 -26.55 28.89
CA LEU A 228 85.78 -26.11 30.22
C LEU A 228 84.43 -26.66 30.68
N TYR A 229 84.17 -26.59 31.98
CA TYR A 229 82.90 -27.05 32.53
C TYR A 229 82.12 -25.81 32.94
N LEU A 230 80.84 -25.72 32.59
CA LEU A 230 80.01 -24.57 32.91
C LEU A 230 79.22 -24.77 34.21
N ASN A 231 79.86 -25.25 35.25
CA ASN A 231 79.20 -25.48 36.52
C ASN A 231 78.36 -26.73 36.53
N GLU A 232 77.47 -26.88 37.51
CA GLU A 232 76.65 -28.08 37.58
C GLU A 232 75.17 -27.82 37.75
N ARG A 233 74.44 -28.87 38.10
CA ARG A 233 73.02 -28.78 38.26
C ARG A 233 72.54 -29.84 39.21
N ASP A 234 71.39 -29.62 39.83
CA ASP A 234 70.83 -30.64 40.70
C ASP A 234 69.43 -31.03 40.30
N CYS A 235 69.33 -32.12 39.56
CA CYS A 235 68.04 -32.61 39.11
C CYS A 235 67.69 -33.86 39.91
N SER A 236 67.43 -33.70 41.19
CA SER A 236 67.14 -34.87 41.99
C SER A 236 65.69 -35.19 42.07
N ILE A 237 64.88 -34.17 42.29
CA ILE A 237 63.44 -34.35 42.41
C ILE A 237 62.83 -34.95 41.14
N GLN A 238 62.63 -36.28 41.08
CA GLN A 238 62.09 -36.91 39.87
C GLN A 238 60.98 -37.97 39.98
N ARG A 239 59.98 -37.86 39.08
CA ARG A 239 58.83 -38.79 38.99
C ARG A 239 59.42 -40.08 38.61
N ARG A 240 59.30 -41.09 39.45
CA ARG A 240 59.85 -42.38 39.13
C ARG A 240 60.76 -42.26 37.90
N HIS A 241 61.93 -41.65 38.11
CA HIS A 241 62.89 -41.45 37.05
C HIS A 241 62.33 -40.70 35.87
N GLN A 242 62.43 -39.38 35.94
CA GLN A 242 61.99 -38.43 34.92
C GLN A 242 62.24 -37.10 35.59
N LYS A 243 63.31 -36.44 35.20
CA LYS A 243 63.63 -35.17 35.81
C LYS A 243 62.40 -34.28 35.81
N VAL A 244 62.27 -33.43 36.84
CA VAL A 244 61.15 -32.50 37.01
C VAL A 244 61.53 -31.09 37.48
N VAL A 245 62.43 -30.98 38.44
CA VAL A 245 62.86 -29.66 38.87
C VAL A 245 64.36 -29.67 38.95
N GLU A 246 64.97 -28.89 38.07
CA GLU A 246 66.42 -28.78 37.96
C GLU A 246 66.87 -27.40 38.42
N GLU A 247 68.01 -27.30 39.09
CA GLU A 247 68.48 -25.99 39.55
C GLU A 247 69.98 -25.89 39.47
N ALA A 248 70.46 -24.66 39.38
CA ALA A 248 71.89 -24.40 39.30
C ALA A 248 72.26 -23.08 39.94
N PRO A 249 73.30 -23.06 40.78
CA PRO A 249 74.16 -24.20 41.13
C PRO A 249 73.43 -25.19 41.99
N ALA A 250 74.15 -26.17 42.53
CA ALA A 250 73.53 -27.18 43.34
C ALA A 250 73.58 -26.70 44.75
N PRO A 251 72.46 -26.78 45.47
CA PRO A 251 72.28 -26.37 46.85
C PRO A 251 73.49 -26.63 47.77
N GLY A 252 73.62 -27.85 48.29
CA GLY A 252 74.75 -28.15 49.15
C GLY A 252 76.15 -27.81 48.62
N LEU A 253 76.85 -28.84 48.15
CA LEU A 253 78.23 -28.78 47.63
C LEU A 253 79.01 -27.50 47.74
N GLY A 254 80.21 -27.62 48.32
CA GLY A 254 81.08 -26.48 48.54
C GLY A 254 82.05 -26.19 47.43
N ALA A 255 82.54 -24.95 47.43
CA ALA A 255 83.47 -24.47 46.44
C ALA A 255 84.44 -25.51 45.93
N GLU A 256 85.10 -26.23 46.83
CA GLU A 256 86.05 -27.25 46.41
C GLU A 256 85.35 -28.43 45.75
N LEU A 257 84.22 -28.86 46.30
CA LEU A 257 83.55 -29.99 45.68
C LEU A 257 83.04 -29.68 44.27
N ARG A 258 82.84 -28.39 43.97
CA ARG A 258 82.41 -28.02 42.65
C ARG A 258 83.60 -28.35 41.76
N ARG A 259 84.59 -27.47 41.75
CA ARG A 259 85.76 -27.68 40.92
C ARG A 259 86.23 -29.13 41.00
N ALA A 260 85.77 -29.84 42.02
CA ALA A 260 86.10 -31.25 42.20
C ALA A 260 85.48 -32.01 41.04
N MET A 261 84.16 -32.20 41.12
CA MET A 261 83.44 -32.90 40.10
C MET A 261 83.67 -32.14 38.81
N GLY A 262 83.83 -30.83 38.91
CA GLY A 262 84.05 -30.01 37.73
C GLY A 262 85.10 -30.54 36.80
N GLU A 263 86.28 -30.80 37.33
CA GLU A 263 87.35 -31.33 36.51
C GLU A 263 87.07 -32.78 36.19
N ALA A 264 86.69 -33.55 37.20
CA ALA A 264 86.40 -34.98 37.02
C ALA A 264 85.60 -35.29 35.76
N ALA A 265 84.70 -34.40 35.36
CA ALA A 265 83.87 -34.59 34.17
C ALA A 265 84.68 -34.24 32.93
N VAL A 266 85.26 -33.06 32.92
CA VAL A 266 86.07 -32.61 31.80
C VAL A 266 87.26 -33.56 31.58
N ARG A 267 87.40 -34.54 32.47
CA ARG A 267 88.47 -35.55 32.38
C ARG A 267 87.90 -36.64 31.50
N ALA A 268 86.69 -37.06 31.85
CA ALA A 268 85.97 -38.08 31.10
C ALA A 268 85.69 -37.48 29.74
N ALA A 269 85.75 -36.16 29.67
CA ALA A 269 85.51 -35.39 28.45
C ALA A 269 86.64 -35.58 27.43
N GLN A 270 87.86 -35.35 27.89
CA GLN A 270 89.07 -35.53 27.07
C GLN A 270 89.15 -36.99 26.73
N ALA A 271 88.67 -37.83 27.65
CA ALA A 271 88.68 -39.26 27.48
C ALA A 271 88.10 -39.69 26.14
N ILE A 272 86.90 -39.26 25.79
CA ILE A 272 86.30 -39.67 24.53
C ILE A 272 86.56 -38.68 23.38
N GLY A 273 87.40 -37.69 23.64
CA GLY A 273 87.74 -36.72 22.62
C GLY A 273 86.49 -36.04 22.14
N TYR A 274 85.85 -35.39 23.08
CA TYR A 274 84.61 -34.74 22.82
C TYR A 274 84.69 -33.38 22.17
N VAL A 275 83.65 -33.05 21.39
CA VAL A 275 83.56 -31.78 20.67
C VAL A 275 82.46 -30.80 21.11
N GLY A 276 81.20 -31.09 20.81
CA GLY A 276 80.10 -30.19 21.16
C GLY A 276 79.87 -29.96 22.65
N ALA A 277 78.60 -29.83 23.05
CA ALA A 277 78.26 -29.64 24.45
C ALA A 277 77.83 -30.98 24.98
N GLY A 278 77.85 -31.14 26.29
CA GLY A 278 77.43 -32.40 26.85
C GLY A 278 77.36 -32.25 28.33
N THR A 279 76.75 -33.23 28.99
CA THR A 279 76.64 -33.18 30.43
C THR A 279 77.08 -34.55 30.96
N VAL A 280 77.69 -34.58 32.15
CA VAL A 280 78.15 -35.82 32.74
C VAL A 280 77.35 -36.04 34.00
N GLU A 281 76.49 -37.05 33.98
CA GLU A 281 75.66 -37.34 35.11
C GLU A 281 76.34 -38.11 36.22
N PHE A 282 76.32 -37.51 37.41
CA PHE A 282 76.90 -38.05 38.62
C PHE A 282 75.88 -38.31 39.71
N LEU A 283 76.25 -39.08 40.73
CA LEU A 283 75.36 -39.40 41.83
C LEU A 283 76.05 -39.21 43.18
N LEU A 284 76.00 -38.00 43.74
CA LEU A 284 76.65 -37.64 45.00
C LEU A 284 75.88 -38.17 46.21
N ASP A 285 76.62 -38.69 47.19
CA ASP A 285 76.11 -39.32 48.43
C ASP A 285 76.28 -38.44 49.68
N GLU A 286 75.41 -38.63 50.67
CA GLU A 286 75.54 -37.83 51.87
C GLU A 286 77.00 -37.84 52.35
N ARG A 287 77.60 -39.04 52.47
CA ARG A 287 78.98 -39.20 52.94
C ARG A 287 80.00 -38.29 52.29
N GLY A 288 79.63 -37.67 51.17
CA GLY A 288 80.56 -36.76 50.53
C GLY A 288 81.33 -37.19 49.32
N GLN A 289 80.92 -38.25 48.62
CA GLN A 289 81.61 -38.71 47.40
C GLN A 289 80.66 -38.87 46.22
N PHE A 290 81.18 -38.67 45.03
CA PHE A 290 80.35 -38.76 43.85
C PHE A 290 80.78 -39.87 42.93
N PHE A 291 79.87 -40.29 42.05
CA PHE A 291 80.15 -41.36 41.12
C PHE A 291 79.57 -41.10 39.75
N PHE A 292 80.32 -41.55 38.75
CA PHE A 292 79.94 -41.41 37.37
C PHE A 292 78.76 -42.32 37.14
N MET A 293 77.72 -41.79 36.52
CA MET A 293 76.55 -42.61 36.24
C MET A 293 76.46 -42.94 34.71
N GLU A 294 76.60 -41.94 33.87
CA GLU A 294 76.58 -42.16 32.43
C GLU A 294 76.78 -40.80 31.85
N MET A 295 76.80 -40.76 30.53
CA MET A 295 77.02 -39.50 29.88
C MET A 295 76.04 -39.25 28.76
N ASN A 296 75.74 -37.99 28.54
CA ASN A 296 74.82 -37.59 27.48
C ASN A 296 75.48 -36.71 26.46
N THR A 297 75.67 -37.27 25.29
CA THR A 297 76.31 -36.56 24.25
C THR A 297 75.36 -35.73 23.41
N ARG A 298 74.73 -34.74 24.04
CA ARG A 298 73.82 -33.85 23.32
C ARG A 298 73.60 -32.74 24.29
N LEU A 299 72.88 -31.73 23.88
CA LEU A 299 72.62 -30.63 24.81
C LEU A 299 71.65 -31.24 25.81
N GLN A 300 71.72 -30.86 27.07
CA GLN A 300 70.77 -31.47 27.98
C GLN A 300 69.46 -30.69 28.01
N VAL A 301 68.37 -31.41 28.25
CA VAL A 301 67.02 -30.82 28.32
C VAL A 301 66.94 -29.53 29.13
N GLU A 302 67.56 -29.58 30.29
CA GLU A 302 67.59 -28.51 31.28
C GLU A 302 68.81 -27.60 31.20
N HIS A 303 69.30 -27.36 30.00
CA HIS A 303 70.44 -26.49 29.89
C HIS A 303 70.09 -25.07 30.26
N PRO A 304 68.79 -24.67 30.20
CA PRO A 304 68.40 -23.30 30.55
C PRO A 304 68.90 -22.74 31.89
N VAL A 305 68.72 -23.49 32.98
CA VAL A 305 69.17 -23.02 34.28
C VAL A 305 70.65 -22.74 34.32
N THR A 306 71.43 -23.49 33.54
CA THR A 306 72.88 -23.32 33.46
C THR A 306 73.22 -22.06 32.68
N GLU A 307 72.36 -21.67 31.74
CA GLU A 307 72.59 -20.47 30.97
C GLU A 307 72.29 -19.30 31.90
N ALA A 308 71.27 -19.47 32.72
CA ALA A 308 70.88 -18.44 33.67
C ALA A 308 72.03 -17.98 34.51
N ILE A 309 72.54 -18.87 35.36
CA ILE A 309 73.65 -18.52 36.26
C ILE A 309 74.91 -18.05 35.56
N THR A 310 75.24 -18.58 34.39
CA THR A 310 76.45 -18.11 33.72
C THR A 310 76.12 -16.81 32.99
N GLY A 311 75.65 -16.96 31.76
CA GLY A 311 75.28 -15.81 30.95
C GLY A 311 75.58 -16.15 29.51
N LEU A 312 75.65 -17.44 29.23
CA LEU A 312 75.96 -17.88 27.88
C LEU A 312 74.76 -18.45 27.16
N ASP A 313 74.84 -18.43 25.83
CA ASP A 313 73.82 -18.97 24.95
C ASP A 313 74.41 -20.29 24.49
N LEU A 314 74.26 -21.32 25.31
CA LEU A 314 74.81 -22.62 24.97
C LEU A 314 74.62 -22.98 23.51
N VAL A 315 73.38 -22.96 23.01
CA VAL A 315 73.16 -23.27 21.61
C VAL A 315 74.10 -22.42 20.72
N ALA A 316 74.09 -21.11 20.92
CA ALA A 316 74.94 -20.18 20.16
C ALA A 316 76.32 -20.75 20.04
N TRP A 317 76.82 -21.24 21.17
CA TRP A 317 78.13 -21.84 21.25
C TRP A 317 78.27 -23.12 20.38
N GLN A 318 77.29 -23.99 20.36
CA GLN A 318 77.41 -25.16 19.52
C GLN A 318 77.62 -24.78 18.06
N ILE A 319 76.95 -23.72 17.61
CA ILE A 319 77.07 -23.24 16.22
C ILE A 319 78.45 -22.70 15.96
N ARG A 320 79.16 -22.35 17.01
CA ARG A 320 80.50 -21.82 16.82
C ARG A 320 81.48 -22.95 16.68
N VAL A 321 81.59 -23.78 17.71
CA VAL A 321 82.52 -24.89 17.63
C VAL A 321 82.37 -25.68 16.34
N ALA A 322 81.12 -25.89 15.91
CA ALA A 322 80.85 -26.64 14.70
C ALA A 322 81.47 -25.97 13.49
N ARG A 323 81.45 -24.64 13.48
CA ARG A 323 82.05 -23.88 12.39
C ARG A 323 83.56 -24.03 12.50
N GLY A 324 84.05 -23.92 13.72
CA GLY A 324 85.47 -24.02 13.98
C GLY A 324 85.78 -23.30 15.26
N GLU A 325 85.51 -21.99 15.25
CA GLU A 325 85.74 -21.11 16.38
C GLU A 325 86.10 -21.84 17.70
N ALA A 326 87.01 -21.23 18.45
CA ALA A 326 87.46 -21.80 19.71
C ALA A 326 86.63 -21.21 20.82
N LEU A 327 86.58 -21.89 21.96
CA LEU A 327 85.82 -21.42 23.11
C LEU A 327 86.32 -20.07 23.56
N PRO A 328 85.39 -19.12 23.83
CA PRO A 328 85.68 -17.75 24.27
C PRO A 328 86.07 -17.53 25.73
N LEU A 329 85.99 -18.57 26.56
CA LEU A 329 86.32 -18.43 27.99
C LEU A 329 87.22 -19.54 28.52
N THR A 330 88.17 -19.18 29.36
CA THR A 330 89.07 -20.15 29.97
C THR A 330 88.39 -20.63 31.21
N GLN A 331 88.65 -21.86 31.58
CA GLN A 331 87.98 -22.41 32.74
C GLN A 331 87.83 -21.47 33.89
N GLU A 332 88.86 -20.69 34.19
CA GLU A 332 88.75 -19.77 35.31
C GLU A 332 88.16 -18.45 34.86
N GLN A 333 87.12 -18.55 34.04
CA GLN A 333 86.41 -17.37 33.58
C GLN A 333 84.91 -17.64 33.55
N VAL A 334 84.54 -18.92 33.50
CA VAL A 334 83.14 -19.36 33.48
C VAL A 334 82.51 -18.79 34.73
N PRO A 335 81.68 -17.75 34.58
CA PRO A 335 80.99 -17.08 35.67
C PRO A 335 80.07 -17.98 36.49
N LEU A 336 79.35 -17.36 37.41
CA LEU A 336 78.42 -18.09 38.24
C LEU A 336 77.76 -17.21 39.27
N ASN A 337 77.17 -16.08 38.88
CA ASN A 337 76.52 -15.26 39.88
C ASN A 337 75.10 -15.72 39.98
N GLY A 338 74.50 -15.57 41.15
CA GLY A 338 73.11 -15.96 41.33
C GLY A 338 72.69 -17.41 41.26
N HIS A 339 71.38 -17.62 41.33
CA HIS A 339 70.77 -18.95 41.32
C HIS A 339 69.52 -19.05 40.41
N ALA A 340 69.31 -20.22 39.82
CA ALA A 340 68.19 -20.45 38.91
C ALA A 340 67.52 -21.84 39.04
N ILE A 341 66.19 -21.87 39.03
CA ILE A 341 65.46 -23.12 39.13
C ILE A 341 64.55 -23.29 37.95
N GLU A 342 64.33 -24.54 37.57
CA GLU A 342 63.52 -24.89 36.41
C GLU A 342 62.44 -25.94 36.69
N VAL A 343 61.36 -25.90 35.92
CA VAL A 343 60.23 -26.83 36.07
C VAL A 343 59.72 -27.30 34.71
N ARG A 344 59.37 -28.56 34.54
CA ARG A 344 58.85 -29.04 33.25
C ARG A 344 57.33 -29.16 33.26
N LEU A 345 56.67 -28.41 32.38
CA LEU A 345 55.21 -28.41 32.30
C LEU A 345 54.70 -29.54 31.39
N TYR A 346 54.36 -30.69 31.98
CA TYR A 346 53.90 -31.85 31.21
C TYR A 346 52.34 -32.02 31.13
N ALA A 347 51.88 -32.65 30.05
CA ALA A 347 50.46 -32.88 29.88
C ALA A 347 50.22 -34.21 30.54
N GLU A 348 50.71 -34.32 31.76
CA GLU A 348 50.62 -35.54 32.56
C GLU A 348 49.30 -35.69 33.31
N ASP A 349 49.41 -35.69 34.63
CA ASP A 349 48.28 -35.83 35.56
C ASP A 349 48.96 -35.85 36.94
N PRO A 350 48.61 -34.91 37.80
CA PRO A 350 49.26 -34.96 39.10
C PRO A 350 48.86 -36.22 39.91
N GLU A 351 47.59 -36.31 40.31
CA GLU A 351 47.07 -37.44 41.11
C GLU A 351 46.77 -38.73 40.32
N GLY A 352 46.30 -38.60 39.07
CA GLY A 352 45.97 -39.75 38.24
C GLY A 352 47.13 -40.69 37.94
N ASP A 353 48.17 -40.57 38.77
CA ASP A 353 49.40 -41.36 38.71
C ASP A 353 50.17 -41.34 37.40
N PHE A 354 50.46 -40.11 36.99
CA PHE A 354 51.21 -39.78 35.79
C PHE A 354 50.88 -40.56 34.54
N LEU A 355 49.58 -40.51 34.18
CA LEU A 355 49.02 -41.15 32.97
C LEU A 355 49.04 -40.02 31.91
N PRO A 356 50.17 -39.84 31.17
CA PRO A 356 50.42 -38.82 30.12
C PRO A 356 49.25 -38.48 29.15
N ALA A 357 48.17 -37.89 29.68
CA ALA A 357 46.98 -37.52 28.89
C ALA A 357 47.37 -36.81 27.59
N SER A 358 46.43 -36.71 26.64
CA SER A 358 46.72 -36.06 25.37
C SER A 358 45.49 -35.59 24.60
N GLY A 359 44.97 -34.44 24.99
CA GLY A 359 43.81 -33.87 24.35
C GLY A 359 44.05 -32.66 23.46
N ARG A 360 43.45 -31.53 23.80
CA ARG A 360 43.58 -30.32 23.00
C ARG A 360 43.62 -29.04 23.83
N LEU A 361 44.72 -28.29 23.74
CA LEU A 361 44.88 -27.05 24.52
C LEU A 361 43.82 -26.02 24.36
N MET A 362 42.84 -25.97 25.23
CA MET A 362 41.83 -24.94 25.06
C MET A 362 42.35 -23.62 25.61
N LEU A 363 43.05 -23.70 26.73
CA LEU A 363 43.58 -22.52 27.39
C LEU A 363 45.06 -22.67 27.69
N TYR A 364 45.83 -21.64 27.35
CA TYR A 364 47.28 -21.60 27.57
C TYR A 364 47.67 -20.14 27.76
N ARG A 365 47.97 -19.72 28.98
CA ARG A 365 48.37 -18.33 29.21
C ARG A 365 49.67 -18.32 30.04
N GLU A 366 50.79 -18.04 29.40
CA GLU A 366 52.08 -18.02 30.08
C GLU A 366 52.18 -16.79 30.95
N ALA A 367 52.84 -16.87 32.09
CA ALA A 367 52.97 -15.69 32.91
C ALA A 367 53.72 -14.71 32.02
N ALA A 368 53.55 -13.41 32.24
CA ALA A 368 54.23 -12.41 31.42
C ALA A 368 55.65 -12.27 31.87
N ALA A 369 56.51 -11.96 30.93
CA ALA A 369 57.91 -11.83 31.25
C ALA A 369 58.08 -10.70 32.22
N GLY A 370 59.22 -10.74 32.90
CA GLY A 370 59.53 -9.74 33.88
C GLY A 370 60.83 -9.98 34.63
N PRO A 371 60.91 -9.49 35.88
CA PRO A 371 62.03 -9.57 36.81
C PRO A 371 63.20 -10.34 36.24
N GLY A 372 63.12 -11.64 36.35
CA GLY A 372 64.16 -12.49 35.83
C GLY A 372 63.46 -13.77 35.47
N ARG A 373 62.39 -13.64 34.69
CA ARG A 373 61.66 -14.80 34.32
C ARG A 373 61.83 -15.17 32.87
N ARG A 374 62.02 -16.47 32.64
CA ARG A 374 62.20 -17.02 31.31
C ARG A 374 61.27 -18.20 31.11
N VAL A 375 60.78 -18.34 29.87
CA VAL A 375 59.87 -19.41 29.50
C VAL A 375 60.11 -19.90 28.08
N ASP A 376 60.61 -21.13 27.98
CA ASP A 376 60.87 -21.77 26.71
C ASP A 376 59.67 -22.70 26.51
N SER A 377 58.77 -22.37 25.58
CA SER A 377 57.61 -23.24 25.34
C SER A 377 57.55 -23.59 23.86
N GLY A 378 56.85 -24.67 23.57
CA GLY A 378 56.72 -25.11 22.18
C GLY A 378 55.30 -25.40 21.74
N VAL A 379 54.37 -24.72 22.39
CA VAL A 379 52.97 -24.88 22.09
C VAL A 379 52.36 -23.48 22.08
N ARG A 380 51.10 -23.40 21.70
CA ARG A 380 50.41 -22.14 21.69
C ARG A 380 48.95 -22.47 21.82
N GLU A 381 48.22 -21.66 22.59
CA GLU A 381 46.80 -21.91 22.84
C GLU A 381 46.06 -22.33 21.61
N GLY A 382 45.33 -23.43 21.72
CA GLY A 382 44.56 -23.92 20.60
C GLY A 382 45.19 -25.05 19.83
N ASP A 383 46.45 -25.35 20.11
CA ASP A 383 47.14 -26.40 19.40
C ASP A 383 46.72 -27.80 19.91
N GLU A 384 46.81 -28.79 19.04
CA GLU A 384 46.42 -30.14 19.41
C GLU A 384 47.58 -30.94 19.98
N VAL A 385 47.43 -31.38 21.21
CA VAL A 385 48.47 -32.16 21.84
C VAL A 385 48.41 -33.59 21.39
N SER A 386 49.38 -34.00 20.61
CA SER A 386 49.40 -35.37 20.12
C SER A 386 49.74 -36.39 21.15
N PRO A 387 49.55 -37.67 20.81
CA PRO A 387 49.85 -38.75 21.72
C PRO A 387 51.08 -39.51 21.28
N PHE A 388 51.54 -39.21 20.07
CA PHE A 388 52.73 -39.85 19.50
C PHE A 388 54.03 -39.13 19.88
N TYR A 389 53.95 -38.09 20.72
CA TYR A 389 55.12 -37.31 21.12
C TYR A 389 55.22 -37.03 22.60
N ASP A 390 56.38 -36.56 23.06
CA ASP A 390 56.57 -36.25 24.47
C ASP A 390 55.62 -35.13 24.92
N PRO A 391 54.78 -35.39 25.93
CA PRO A 391 53.81 -34.42 26.46
C PRO A 391 54.33 -33.15 27.13
N MET A 392 55.53 -32.69 26.81
CA MET A 392 56.05 -31.48 27.46
C MET A 392 55.68 -30.19 26.77
N LEU A 393 54.78 -29.43 27.39
CA LEU A 393 54.29 -28.16 26.87
C LEU A 393 55.31 -27.04 26.99
N ALA A 394 55.88 -26.88 28.18
CA ALA A 394 56.81 -25.81 28.35
C ALA A 394 57.86 -25.99 29.45
N LYS A 395 58.92 -25.19 29.41
CA LYS A 395 60.02 -25.19 30.38
C LYS A 395 59.96 -23.84 31.11
N LEU A 396 59.75 -23.83 32.42
CA LEU A 396 59.68 -22.56 33.14
C LEU A 396 60.88 -22.35 34.02
N ILE A 397 61.60 -21.27 33.75
CA ILE A 397 62.79 -20.94 34.50
C ILE A 397 62.83 -19.52 35.03
N ALA A 398 63.27 -19.41 36.28
CA ALA A 398 63.36 -18.15 36.95
C ALA A 398 64.69 -18.06 37.61
N TRP A 399 65.13 -16.85 37.85
CA TRP A 399 66.41 -16.69 38.46
C TRP A 399 66.36 -15.62 39.54
N GLY A 400 67.35 -15.63 40.44
CA GLY A 400 67.40 -14.63 41.49
C GLY A 400 68.84 -14.26 41.85
N GLU A 401 69.02 -13.44 42.88
CA GLU A 401 70.36 -13.06 43.33
C GLU A 401 70.65 -14.06 44.43
N THR A 402 69.58 -14.73 44.86
CA THR A 402 69.62 -15.72 45.92
C THR A 402 68.77 -16.87 45.42
N ARG A 403 68.67 -17.94 46.20
CA ARG A 403 67.87 -19.06 45.77
C ARG A 403 66.43 -18.79 45.99
N GLU A 404 66.14 -18.25 47.16
CA GLU A 404 64.81 -17.89 47.57
C GLU A 404 64.19 -17.00 46.51
N GLU A 405 64.90 -15.94 46.14
CA GLU A 405 64.42 -14.98 45.13
C GLU A 405 63.96 -15.74 43.90
N ALA A 406 64.71 -16.80 43.60
CA ALA A 406 64.45 -17.66 42.48
C ALA A 406 63.13 -18.37 42.67
N ARG A 407 63.12 -19.37 43.55
CA ARG A 407 61.92 -20.14 43.82
C ARG A 407 60.69 -19.26 44.09
N GLN A 408 60.87 -18.20 44.84
CA GLN A 408 59.76 -17.30 45.14
C GLN A 408 59.26 -16.69 43.86
N ARG A 409 60.19 -16.35 42.97
CA ARG A 409 59.79 -15.76 41.71
C ARG A 409 59.24 -16.77 40.72
N LEU A 410 59.72 -18.01 40.80
CA LEU A 410 59.24 -19.06 39.90
C LEU A 410 57.86 -19.47 40.29
N LEU A 411 57.60 -19.38 41.59
CA LEU A 411 56.30 -19.76 42.11
C LEU A 411 55.33 -18.74 41.60
N ALA A 412 55.86 -17.55 41.38
CA ALA A 412 55.08 -16.42 40.87
C ALA A 412 54.58 -16.80 39.51
N MET A 413 55.52 -17.14 38.65
CA MET A 413 55.24 -17.55 37.29
C MET A 413 54.25 -18.69 37.25
N LEU A 414 54.45 -19.71 38.08
CA LEU A 414 53.56 -20.88 38.13
C LEU A 414 52.13 -20.54 38.46
N ALA A 415 51.92 -19.43 39.16
CA ALA A 415 50.58 -19.01 39.52
C ALA A 415 49.95 -18.14 38.42
N GLU A 416 50.77 -17.41 37.66
CA GLU A 416 50.27 -16.57 36.57
C GLU A 416 50.01 -17.40 35.31
N THR A 417 50.50 -18.64 35.29
CA THR A 417 50.29 -19.57 34.16
C THR A 417 48.98 -20.32 34.36
N SER A 418 48.30 -20.55 33.26
CA SER A 418 47.02 -21.24 33.30
C SER A 418 46.87 -22.07 32.03
N VAL A 419 46.63 -23.37 32.21
CA VAL A 419 46.43 -24.26 31.08
C VAL A 419 45.11 -24.99 31.34
N GLY A 420 44.20 -24.99 30.36
CA GLY A 420 42.94 -25.66 30.54
C GLY A 420 42.44 -26.52 29.39
N GLY A 421 41.64 -27.54 29.70
CA GLY A 421 41.14 -28.41 28.68
C GLY A 421 42.09 -29.58 28.53
N LEU A 422 42.66 -30.06 29.65
CA LEU A 422 43.59 -31.19 29.64
C LEU A 422 44.20 -31.52 30.98
N ARG A 423 44.69 -32.74 31.12
CA ARG A 423 45.30 -33.16 32.37
C ARG A 423 46.72 -32.53 32.45
N THR A 424 47.00 -31.72 33.48
CA THR A 424 48.31 -31.06 33.65
C THR A 424 48.99 -31.23 34.99
N ASN A 425 50.31 -31.21 34.97
CA ASN A 425 51.08 -31.34 36.19
C ASN A 425 51.35 -29.93 36.74
N LEU A 426 50.75 -28.92 36.13
CA LEU A 426 50.93 -27.55 36.59
C LEU A 426 50.53 -27.42 38.05
N ALA A 427 49.58 -28.24 38.47
CA ALA A 427 49.08 -28.26 39.84
C ALA A 427 50.15 -28.77 40.80
N PHE A 428 50.67 -29.96 40.48
CA PHE A 428 51.71 -30.65 41.25
C PHE A 428 52.87 -29.69 41.46
N LEU A 429 53.53 -29.24 40.39
CA LEU A 429 54.65 -28.32 40.58
C LEU A 429 54.36 -27.17 41.52
N ARG A 430 53.27 -26.44 41.31
CA ARG A 430 52.99 -25.32 42.20
C ARG A 430 53.25 -25.70 43.65
N ARG A 431 52.73 -26.82 44.10
CA ARG A 431 52.94 -27.17 45.50
C ARG A 431 54.28 -27.81 45.87
N ILE A 432 55.08 -28.20 44.89
CA ILE A 432 56.38 -28.81 45.20
C ILE A 432 57.45 -27.75 45.32
N LEU A 433 57.11 -26.53 44.92
CA LEU A 433 58.05 -25.45 45.03
C LEU A 433 57.69 -24.78 46.30
N GLY A 434 56.46 -25.03 46.71
CA GLY A 434 55.96 -24.45 47.94
C GLY A 434 56.07 -25.34 49.19
N HIS A 435 56.40 -26.62 48.98
CA HIS A 435 56.52 -27.54 50.11
C HIS A 435 57.74 -27.07 50.88
N PRO A 436 57.63 -26.95 52.22
CA PRO A 436 58.70 -26.52 53.11
C PRO A 436 59.98 -27.33 52.99
N ALA A 437 59.86 -28.56 52.52
CA ALA A 437 61.02 -29.44 52.33
C ALA A 437 61.92 -28.86 51.25
N PHE A 438 61.29 -28.27 50.24
CA PHE A 438 62.03 -27.67 49.16
C PHE A 438 62.75 -26.41 49.64
N ALA A 439 62.22 -25.72 50.67
CA ALA A 439 62.89 -24.52 51.18
C ALA A 439 64.29 -24.92 51.59
N ALA A 440 64.40 -25.87 52.51
CA ALA A 440 65.69 -26.35 52.97
C ALA A 440 66.20 -27.36 51.97
N ALA A 441 67.50 -27.58 51.96
CA ALA A 441 68.11 -28.50 51.02
C ALA A 441 67.72 -29.97 51.16
N GLU A 442 66.51 -30.27 51.64
CA GLU A 442 66.14 -31.67 51.83
C GLU A 442 66.05 -32.45 50.52
N LEU A 443 67.12 -32.32 49.74
CA LEU A 443 67.32 -32.92 48.42
C LEU A 443 67.99 -34.29 48.30
N ASP A 444 67.36 -35.15 47.51
CA ASP A 444 67.84 -36.49 47.21
C ASP A 444 66.93 -37.04 46.09
N THR A 445 67.06 -38.30 45.73
CA THR A 445 66.22 -38.75 44.66
C THR A 445 65.03 -39.54 45.17
N GLY A 446 64.76 -39.46 46.46
CA GLY A 446 63.62 -40.17 46.98
C GLY A 446 62.55 -39.15 47.27
N PHE A 447 62.97 -37.90 47.37
CA PHE A 447 62.11 -36.75 47.67
C PHE A 447 60.72 -36.80 47.11
N ILE A 448 60.65 -37.02 45.82
CA ILE A 448 59.37 -37.05 45.20
C ILE A 448 58.54 -38.17 45.74
N ALA A 449 59.18 -39.25 46.13
CA ALA A 449 58.44 -40.35 46.68
C ALA A 449 58.01 -40.02 48.09
N ARG A 450 58.96 -39.55 48.89
CA ARG A 450 58.74 -39.24 50.31
C ARG A 450 57.49 -38.47 50.66
N HIS A 451 57.51 -37.17 50.44
CA HIS A 451 56.36 -36.34 50.76
C HIS A 451 55.23 -36.61 49.78
N GLN A 452 55.21 -37.83 49.26
CA GLN A 452 54.21 -38.19 48.28
C GLN A 452 52.83 -37.64 48.61
N ASP A 453 52.40 -37.81 49.86
CA ASP A 453 51.09 -37.32 50.23
C ASP A 453 50.99 -35.82 50.06
N ASP A 454 51.87 -35.10 50.74
CA ASP A 454 51.89 -33.64 50.68
C ASP A 454 51.68 -33.08 49.27
N LEU A 455 52.18 -33.77 48.25
CA LEU A 455 52.08 -33.25 46.89
C LEU A 455 51.08 -33.89 45.93
N LEU A 456 50.40 -34.95 46.34
CA LEU A 456 49.42 -35.55 45.44
C LEU A 456 48.13 -35.79 46.15
N PRO A 457 47.72 -34.86 47.02
CA PRO A 457 46.48 -34.95 47.80
C PRO A 457 45.30 -35.70 47.13
N ALA A 458 44.34 -36.13 47.94
CA ALA A 458 43.17 -36.83 47.45
C ALA A 458 42.13 -35.76 47.10
N PRO A 459 41.40 -35.92 46.00
CA PRO A 459 40.37 -34.98 45.53
C PRO A 459 39.23 -34.69 46.54
N GLN A 460 38.24 -33.89 46.10
CA GLN A 460 37.06 -33.53 46.92
C GLN A 460 36.26 -32.42 46.23
N ALA A 461 34.94 -32.61 46.10
CA ALA A 461 34.02 -31.65 45.45
C ALA A 461 33.88 -30.32 46.19
N LEU A 462 35.00 -29.83 46.71
CA LEU A 462 35.11 -28.59 47.47
C LEU A 462 33.85 -27.72 47.53
N PRO A 463 33.72 -26.92 48.62
CA PRO A 463 32.62 -26.01 48.93
C PRO A 463 31.61 -25.59 47.86
N GLU A 464 30.60 -24.86 48.34
CA GLU A 464 29.53 -24.29 47.54
C GLU A 464 30.19 -22.96 47.28
N HIS A 465 31.10 -22.65 48.18
CA HIS A 465 31.90 -21.43 48.13
C HIS A 465 32.25 -21.29 46.64
N PHE A 466 32.76 -22.37 46.07
CA PHE A 466 33.14 -22.45 44.66
C PHE A 466 31.91 -22.29 43.81
N TRP A 467 31.16 -23.37 43.66
CA TRP A 467 29.97 -23.37 42.84
C TRP A 467 29.40 -21.98 42.65
N GLN A 468 29.26 -21.25 43.75
CA GLN A 468 28.71 -19.91 43.69
C GLN A 468 29.50 -19.02 42.74
N ALA A 469 30.78 -18.85 43.01
CA ALA A 469 31.58 -18.00 42.15
C ALA A 469 31.53 -18.55 40.72
N ALA A 470 31.83 -19.83 40.55
CA ALA A 470 31.82 -20.42 39.23
C ALA A 470 30.53 -20.12 38.49
N ALA A 471 29.43 -20.01 39.23
CA ALA A 471 28.13 -19.73 38.64
C ALA A 471 28.04 -18.28 38.22
N GLU A 472 28.48 -17.39 39.12
CA GLU A 472 28.48 -15.95 38.85
C GLU A 472 29.45 -15.62 37.72
N ALA A 473 30.59 -16.32 37.70
CA ALA A 473 31.60 -16.08 36.66
C ALA A 473 31.02 -16.49 35.31
N TRP A 474 30.46 -17.69 35.24
CA TRP A 474 29.87 -18.21 34.00
C TRP A 474 28.79 -17.26 33.45
N LEU A 475 27.91 -16.79 34.34
CA LEU A 475 26.84 -15.88 33.96
C LEU A 475 27.42 -14.60 33.35
N GLN A 476 28.46 -14.06 33.97
CA GLN A 476 29.09 -12.84 33.50
C GLN A 476 29.91 -12.97 32.23
N SER A 477 30.04 -14.17 31.66
CA SER A 477 30.83 -14.25 30.43
C SER A 477 30.06 -14.56 29.15
N GLU A 478 28.74 -14.28 29.18
CA GLU A 478 27.78 -14.44 28.07
C GLU A 478 26.91 -13.18 28.09
N PRO A 479 27.30 -12.13 27.35
CA PRO A 479 26.55 -10.87 27.31
C PRO A 479 25.06 -10.93 26.97
N GLY A 480 24.55 -12.14 26.78
CA GLY A 480 23.14 -12.29 26.43
C GLY A 480 22.95 -12.32 24.92
N HIS A 481 22.76 -11.15 24.33
CA HIS A 481 22.58 -11.03 22.89
C HIS A 481 22.21 -9.59 22.71
N ARG A 482 22.79 -8.96 21.71
CA ARG A 482 22.49 -7.58 21.43
C ARG A 482 21.86 -7.57 20.08
N ARG A 483 20.63 -7.07 20.00
CA ARG A 483 19.89 -7.00 18.74
C ARG A 483 20.22 -5.73 17.97
N ASP A 484 20.49 -5.92 16.69
CA ASP A 484 20.83 -4.84 15.79
C ASP A 484 19.65 -3.90 15.76
N ASP A 485 18.48 -4.44 16.06
CA ASP A 485 17.22 -3.69 16.06
C ASP A 485 17.27 -2.51 16.99
N ASP A 486 17.61 -2.78 18.25
CA ASP A 486 17.82 -1.76 19.28
C ASP A 486 18.91 -2.36 20.19
N PRO A 487 20.14 -1.92 19.98
CA PRO A 487 21.32 -2.34 20.71
C PRO A 487 21.18 -2.01 22.18
N HIS A 488 20.92 -0.73 22.44
CA HIS A 488 20.73 -0.22 23.78
C HIS A 488 19.68 -0.99 24.58
N SER A 489 18.96 -1.89 23.91
CA SER A 489 17.91 -2.72 24.50
C SER A 489 18.34 -3.18 25.87
N PRO A 490 17.55 -2.90 26.90
CA PRO A 490 17.93 -3.33 28.24
C PRO A 490 17.67 -4.79 28.43
N TRP A 491 17.01 -5.40 27.46
CA TRP A 491 16.71 -6.82 27.53
C TRP A 491 17.98 -7.70 27.41
N SER A 492 19.16 -7.08 27.28
CA SER A 492 20.41 -7.83 27.17
C SER A 492 21.20 -7.89 28.48
N ARG A 493 20.83 -7.07 29.46
CA ARG A 493 21.51 -7.10 30.75
C ARG A 493 21.06 -8.42 31.36
N ASN A 494 21.97 -9.38 31.49
CA ASN A 494 21.65 -10.69 32.08
C ASN A 494 21.75 -10.67 33.61
N ASP A 495 21.34 -9.56 34.24
CA ASP A 495 21.41 -9.41 35.69
C ASP A 495 20.37 -10.22 36.44
N GLY A 496 19.56 -10.97 35.71
CA GLY A 496 18.53 -11.75 36.35
C GLY A 496 17.44 -10.87 36.96
N TRP A 497 17.25 -9.68 36.39
CA TRP A 497 16.26 -8.70 36.84
C TRP A 497 14.83 -9.26 36.95
N ARG A 498 14.13 -8.93 38.04
CA ARG A 498 12.74 -9.34 38.22
C ARG A 498 11.95 -8.20 38.90
N SER A 499 10.63 -8.28 38.87
CA SER A 499 9.81 -7.22 39.42
C SER A 499 10.01 -6.57 40.79
N ALA A 500 10.00 -7.36 41.86
CA ALA A 500 10.18 -6.75 43.17
C ALA A 500 11.06 -7.56 44.07
N LEU A 501 11.24 -8.84 43.66
CA LEU A 501 12.05 -9.83 44.36
C LEU A 501 13.52 -9.66 43.92
N ALA A 502 14.41 -10.57 44.30
CA ALA A 502 15.83 -10.39 43.95
C ALA A 502 16.17 -10.90 42.60
N ARG A 503 17.34 -10.52 42.09
CA ARG A 503 17.76 -10.97 40.78
C ARG A 503 17.80 -12.48 40.78
N GLU A 504 17.07 -13.06 39.84
CA GLU A 504 16.96 -14.51 39.65
C GLU A 504 17.76 -14.95 38.43
N SER A 505 18.71 -15.83 38.68
CA SER A 505 19.52 -16.39 37.62
C SER A 505 19.50 -17.87 38.00
N ASP A 506 19.09 -18.71 37.05
CA ASP A 506 19.06 -20.15 37.26
C ASP A 506 19.86 -20.79 36.12
N LEU A 507 21.00 -21.38 36.49
CA LEU A 507 21.92 -21.99 35.53
C LEU A 507 22.20 -23.47 35.85
N MET A 508 22.11 -24.29 34.79
CA MET A 508 22.35 -25.75 34.87
C MET A 508 23.84 -26.03 34.51
N LEU A 509 24.74 -25.82 35.47
CA LEU A 509 26.16 -26.03 35.22
C LEU A 509 26.66 -27.47 35.40
N ARG A 510 27.94 -27.68 35.04
CA ARG A 510 28.62 -28.98 35.10
C ARG A 510 30.16 -28.79 35.24
N CYS A 511 30.71 -29.09 36.43
CA CYS A 511 32.18 -28.96 36.67
C CYS A 511 32.71 -30.37 36.84
N ARG A 512 34.01 -30.57 36.63
CA ARG A 512 34.64 -31.90 36.72
C ARG A 512 33.59 -32.86 36.19
N ASP A 513 33.01 -33.67 37.06
CA ASP A 513 31.94 -34.56 36.64
C ASP A 513 30.92 -34.68 37.75
N GLU A 514 30.14 -33.60 37.85
CA GLU A 514 29.05 -33.40 38.79
C GLU A 514 28.36 -32.14 38.30
N ARG A 515 27.10 -32.29 37.90
CA ARG A 515 26.30 -31.15 37.43
C ARG A 515 25.42 -30.63 38.58
N ARG A 516 25.17 -29.33 38.61
CA ARG A 516 24.34 -28.78 39.65
C ARG A 516 23.60 -27.62 39.03
N CYS A 517 22.38 -27.40 39.51
CA CYS A 517 21.55 -26.28 39.06
C CYS A 517 21.81 -25.23 40.13
N VAL A 518 22.66 -24.26 39.81
CA VAL A 518 23.00 -23.20 40.74
C VAL A 518 21.86 -22.18 40.82
N ARG A 519 21.55 -21.71 42.03
CA ARG A 519 20.49 -20.74 42.16
C ARG A 519 21.18 -19.50 42.65
N LEU A 520 21.21 -18.50 41.78
CA LEU A 520 21.87 -17.24 42.09
C LEU A 520 20.84 -16.15 42.33
N ARG A 521 20.47 -15.94 43.58
CA ARG A 521 19.50 -14.90 43.88
C ARG A 521 20.12 -13.83 44.79
N HIS A 522 20.89 -12.94 44.20
CA HIS A 522 21.52 -11.88 44.97
C HIS A 522 20.58 -10.66 45.04
N ALA A 523 20.41 -10.13 46.25
CA ALA A 523 19.57 -8.94 46.46
C ALA A 523 20.55 -7.75 46.58
N SER A 524 21.77 -8.07 47.05
CA SER A 524 22.87 -7.12 47.22
C SER A 524 23.67 -7.28 45.94
N PRO A 525 23.39 -6.45 44.92
CA PRO A 525 24.06 -6.46 43.62
C PRO A 525 25.51 -6.99 43.58
N SER A 526 26.28 -6.68 44.62
CA SER A 526 27.70 -7.07 44.74
C SER A 526 28.07 -8.55 44.63
N GLN A 527 29.08 -8.94 45.41
CA GLN A 527 29.56 -10.31 45.44
C GLN A 527 30.80 -10.56 44.62
N TYR A 528 30.56 -10.82 43.33
CA TYR A 528 31.61 -11.10 42.37
C TYR A 528 31.43 -10.27 41.09
N ARG A 529 32.46 -9.50 40.74
CA ARG A 529 32.43 -8.73 39.49
C ARG A 529 33.46 -9.46 38.64
N LEU A 530 33.57 -9.05 37.39
CA LEU A 530 34.49 -9.72 36.53
C LEU A 530 34.96 -8.81 35.43
N ASP A 531 36.25 -8.49 35.44
CA ASP A 531 36.86 -7.66 34.42
C ASP A 531 38.03 -8.43 33.75
N GLY A 532 38.04 -8.46 32.43
CA GLY A 532 39.09 -9.20 31.73
C GLY A 532 38.98 -10.65 32.12
N ASP A 533 40.10 -11.31 32.34
CA ASP A 533 40.08 -12.72 32.73
C ASP A 533 40.26 -12.84 34.27
N ASP A 534 39.68 -11.91 35.01
CA ASP A 534 39.82 -11.85 36.47
C ASP A 534 38.51 -11.78 37.25
N LEU A 535 38.28 -12.71 38.15
CA LEU A 535 37.06 -12.63 38.95
C LEU A 535 37.41 -11.93 40.29
N VAL A 536 36.87 -10.73 40.50
CA VAL A 536 37.13 -9.94 41.71
C VAL A 536 36.07 -10.10 42.79
N SER A 537 36.43 -10.66 43.95
CA SER A 537 35.44 -10.85 45.02
C SER A 537 35.69 -9.97 46.23
N ARG A 538 34.64 -9.30 46.71
CA ARG A 538 34.78 -8.45 47.89
C ARG A 538 34.22 -9.12 49.17
N VAL A 539 34.78 -10.27 49.52
CA VAL A 539 34.32 -11.02 50.68
C VAL A 539 34.66 -10.37 52.05
N ASP A 540 33.79 -9.45 52.46
CA ASP A 540 33.84 -8.71 53.73
C ASP A 540 35.04 -7.80 53.99
N GLY A 541 35.15 -6.75 53.19
CA GLY A 541 36.23 -5.78 53.35
C GLY A 541 37.50 -6.20 52.65
N VAL A 542 37.74 -7.50 52.68
CA VAL A 542 38.93 -8.12 52.08
C VAL A 542 38.72 -8.60 50.64
N THR A 543 38.86 -7.67 49.69
CA THR A 543 38.68 -7.98 48.28
C THR A 543 39.91 -8.72 47.74
N ARG A 544 39.65 -9.77 46.94
CA ARG A 544 40.71 -10.63 46.37
C ARG A 544 40.36 -10.91 44.91
N ARG A 545 41.35 -11.10 44.05
CA ARG A 545 41.05 -11.35 42.64
C ARG A 545 41.59 -12.69 42.24
N SER A 546 40.73 -13.54 41.67
CA SER A 546 41.12 -14.88 41.20
C SER A 546 41.00 -15.03 39.70
N ALA A 547 42.04 -15.57 39.08
CA ALA A 547 42.05 -15.77 37.65
C ALA A 547 40.80 -16.55 37.24
N ALA A 548 40.15 -16.10 36.17
CA ALA A 548 38.94 -16.76 35.68
C ALA A 548 38.72 -16.33 34.24
N LEU A 549 38.57 -17.29 33.33
CA LEU A 549 38.32 -16.95 31.94
C LEU A 549 37.68 -18.10 31.14
N ARG A 550 36.88 -17.72 30.14
CA ARG A 550 36.13 -18.67 29.31
C ARG A 550 36.67 -18.85 27.89
N ARG A 551 36.40 -20.04 27.35
CA ARG A 551 36.81 -20.51 26.01
C ARG A 551 35.73 -21.50 25.53
N GLY A 552 34.78 -21.03 24.72
CA GLY A 552 33.75 -21.92 24.20
C GLY A 552 32.76 -22.34 25.26
N ARG A 553 32.24 -23.56 25.15
CA ARG A 553 31.25 -24.06 26.13
C ARG A 553 31.87 -24.22 27.52
N GLN A 554 33.17 -23.93 27.64
CA GLN A 554 33.90 -24.07 28.90
C GLN A 554 34.46 -22.78 29.51
N LEU A 555 34.42 -22.70 30.82
CA LEU A 555 34.92 -21.56 31.55
C LEU A 555 35.91 -22.06 32.58
N PHE A 556 37.16 -21.64 32.46
CA PHE A 556 38.20 -22.10 33.39
C PHE A 556 38.43 -21.20 34.58
N LEU A 557 38.25 -21.80 35.75
CA LEU A 557 38.35 -21.10 37.00
C LEU A 557 39.49 -21.54 37.87
N GLU A 558 40.43 -20.64 38.16
CA GLU A 558 41.54 -21.02 38.99
C GLU A 558 41.00 -20.96 40.42
N TRP A 559 40.74 -22.14 41.00
CA TRP A 559 40.23 -22.33 42.36
C TRP A 559 41.27 -23.06 43.24
N GLU A 560 41.91 -22.29 44.10
CA GLU A 560 42.93 -22.81 44.98
C GLU A 560 43.84 -23.81 44.30
N GLY A 561 44.84 -23.26 43.62
CA GLY A 561 45.81 -24.05 42.90
C GLY A 561 45.26 -24.64 41.62
N GLU A 562 44.36 -25.62 41.74
CA GLU A 562 43.76 -26.29 40.58
C GLU A 562 43.21 -25.28 39.57
N LEU A 563 42.83 -25.75 38.39
CA LEU A 563 42.25 -24.88 37.36
C LEU A 563 41.08 -25.66 36.76
N LEU A 564 39.98 -25.68 37.51
CA LEU A 564 38.77 -26.42 37.12
C LEU A 564 38.06 -25.89 35.90
N ALA A 565 37.46 -26.81 35.16
CA ALA A 565 36.68 -26.51 33.95
C ALA A 565 35.17 -26.71 34.19
N ILE A 566 34.39 -25.67 33.93
CA ILE A 566 32.95 -25.69 34.15
C ILE A 566 32.22 -25.56 32.81
N GLU A 567 31.24 -26.41 32.53
CA GLU A 567 30.49 -26.25 31.26
C GLU A 567 28.98 -26.40 31.35
N ALA A 568 28.31 -26.09 30.24
CA ALA A 568 26.86 -26.13 30.12
C ALA A 568 26.20 -27.51 29.88
N VAL A 569 25.30 -27.95 30.77
CA VAL A 569 24.60 -29.24 30.61
C VAL A 569 23.62 -29.20 29.42
N ASP A 570 23.37 -30.34 28.78
CA ASP A 570 22.45 -30.41 27.63
C ASP A 570 21.33 -31.48 27.79
N GLY A 583 8.93 -63.90 17.08
CA GLY A 583 7.90 -63.12 16.33
C GLY A 583 8.43 -62.62 15.00
N GLY A 584 7.90 -61.49 14.51
CA GLY A 584 8.32 -60.90 13.24
C GLY A 584 7.61 -59.63 12.78
N LEU A 585 8.03 -59.11 11.62
CA LEU A 585 7.43 -57.91 11.05
C LEU A 585 6.48 -58.28 9.92
N SER A 586 6.78 -59.40 9.25
CA SER A 586 6.00 -59.92 8.13
C SER A 586 5.41 -58.87 7.18
N ALA A 587 6.20 -58.48 6.17
CA ALA A 587 5.78 -57.49 5.18
C ALA A 587 5.35 -56.19 5.87
N PRO A 588 6.33 -55.36 6.30
CA PRO A 588 6.03 -54.10 6.99
C PRO A 588 5.09 -53.28 6.14
N MET A 589 5.06 -53.59 4.85
CA MET A 589 4.14 -52.91 3.95
C MET A 589 3.66 -53.99 3.02
N ASN A 590 2.96 -53.56 1.97
CA ASN A 590 2.43 -54.45 0.95
C ASN A 590 3.36 -54.35 -0.28
N GLY A 591 3.60 -55.47 -0.96
CA GLY A 591 4.48 -55.43 -2.12
C GLY A 591 4.81 -56.76 -2.79
N SER A 592 5.99 -56.82 -3.40
CA SER A 592 6.46 -58.02 -4.09
C SER A 592 7.90 -58.41 -3.69
N ILE A 593 8.04 -59.63 -3.17
CA ILE A 593 9.30 -60.20 -2.71
C ILE A 593 10.21 -60.57 -3.88
N VAL A 594 11.51 -60.30 -3.77
CA VAL A 594 12.44 -60.64 -4.85
C VAL A 594 13.69 -61.42 -4.37
N ARG A 595 13.86 -61.53 -3.04
CA ARG A 595 14.99 -62.26 -2.45
C ARG A 595 14.80 -62.58 -0.96
N VAL A 596 14.55 -63.85 -0.64
CA VAL A 596 14.31 -64.31 0.73
C VAL A 596 15.51 -64.97 1.42
N LEU A 597 16.57 -64.19 1.63
CA LEU A 597 17.82 -64.66 2.26
C LEU A 597 17.78 -65.74 3.35
N VAL A 598 17.79 -65.34 4.63
CA VAL A 598 17.79 -66.34 5.72
C VAL A 598 16.80 -67.49 5.44
N GLU A 599 17.41 -68.66 5.30
CA GLU A 599 16.77 -69.93 5.00
C GLU A 599 15.86 -70.48 6.12
N PRO A 600 14.95 -71.40 5.77
CA PRO A 600 14.08 -71.94 6.81
C PRO A 600 14.90 -72.69 7.86
N GLY A 601 15.02 -72.13 9.05
CA GLY A 601 15.76 -72.80 10.10
C GLY A 601 16.96 -72.08 10.66
N GLN A 602 17.75 -71.46 9.80
CA GLN A 602 18.98 -70.73 10.16
C GLN A 602 18.97 -69.93 11.50
N THR A 603 20.15 -69.46 11.94
CA THR A 603 20.27 -68.63 13.16
C THR A 603 20.61 -67.18 12.79
N VAL A 604 19.60 -66.31 12.88
CA VAL A 604 19.75 -64.89 12.51
C VAL A 604 20.93 -64.20 13.19
N GLU A 605 20.94 -62.88 13.14
CA GLU A 605 22.01 -62.09 13.71
C GLU A 605 21.43 -60.94 14.53
N ALA A 606 21.30 -59.77 13.91
CA ALA A 606 20.76 -58.59 14.59
C ALA A 606 19.99 -57.69 13.62
N GLY A 607 19.14 -58.30 12.78
CA GLY A 607 18.38 -57.54 11.80
C GLY A 607 18.62 -58.06 10.40
N ALA A 608 19.07 -59.31 10.30
CA ALA A 608 19.35 -59.92 9.01
C ALA A 608 18.12 -59.76 8.16
N THR A 609 18.27 -59.09 7.02
CA THR A 609 17.16 -58.89 6.11
C THR A 609 16.65 -60.29 5.77
N LEU A 610 15.62 -60.73 6.48
CA LEU A 610 15.03 -62.06 6.31
C LEU A 610 14.22 -62.21 5.00
N VAL A 611 13.52 -61.16 4.61
CA VAL A 611 12.71 -61.14 3.39
C VAL A 611 12.75 -59.73 2.82
N VAL A 612 13.16 -59.62 1.55
CA VAL A 612 13.25 -58.32 0.89
C VAL A 612 12.05 -58.01 -0.02
N LEU A 613 11.19 -57.11 0.47
CA LEU A 613 9.97 -56.67 -0.23
C LEU A 613 10.29 -55.55 -1.21
N GLU A 614 9.39 -55.29 -2.17
CA GLU A 614 9.61 -54.20 -3.11
C GLU A 614 8.27 -53.61 -3.58
N ALA A 615 7.93 -52.43 -3.08
CA ALA A 615 6.69 -51.76 -3.46
C ALA A 615 7.00 -50.48 -4.22
N MET A 616 6.37 -50.30 -5.37
CA MET A 616 6.58 -49.13 -6.21
C MET A 616 8.06 -48.77 -6.33
N LYS A 617 8.71 -49.33 -7.36
CA LYS A 617 10.13 -49.11 -7.64
C LYS A 617 10.93 -48.61 -6.42
N MET A 618 11.09 -49.49 -5.43
CA MET A 618 11.85 -49.22 -4.20
C MET A 618 11.88 -50.54 -3.39
N GLU A 619 13.07 -51.04 -3.03
CA GLU A 619 13.21 -52.29 -2.27
C GLU A 619 13.06 -52.08 -0.75
N HIS A 620 12.08 -52.75 -0.13
CA HIS A 620 11.83 -52.62 1.32
C HIS A 620 12.21 -53.86 2.11
N SER A 621 13.50 -53.98 2.40
CA SER A 621 14.04 -55.10 3.18
C SER A 621 13.61 -55.02 4.64
N ILE A 622 12.84 -56.02 5.07
CA ILE A 622 12.36 -56.13 6.44
C ILE A 622 13.41 -56.95 7.19
N ARG A 623 14.17 -56.30 8.08
CA ARG A 623 15.24 -56.97 8.80
C ARG A 623 14.73 -57.86 9.95
N ALA A 624 15.34 -57.69 11.13
CA ALA A 624 14.97 -58.46 12.33
C ALA A 624 15.26 -57.69 13.66
N PRO A 625 14.20 -57.09 14.28
CA PRO A 625 14.36 -56.34 15.54
C PRO A 625 14.72 -57.04 16.87
N HIS A 626 14.77 -58.37 16.92
CA HIS A 626 15.12 -59.07 18.15
C HIS A 626 15.81 -60.39 17.87
N ALA A 627 17.14 -60.30 17.79
CA ALA A 627 18.10 -61.38 17.50
C ALA A 627 17.86 -62.80 17.98
N GLY A 628 17.55 -63.68 17.03
CA GLY A 628 17.30 -65.07 17.39
C GLY A 628 17.52 -66.06 16.26
N VAL A 629 16.48 -66.83 15.95
CA VAL A 629 16.52 -67.85 14.92
C VAL A 629 15.24 -67.77 14.10
N VAL A 630 15.30 -68.15 12.84
CA VAL A 630 14.12 -68.13 11.97
C VAL A 630 13.41 -69.49 12.08
N LYS A 631 12.15 -69.51 12.53
CA LYS A 631 11.43 -70.78 12.70
C LYS A 631 10.50 -71.25 11.58
N ALA A 632 10.35 -70.46 10.53
CA ALA A 632 9.51 -70.83 9.39
C ALA A 632 9.12 -69.63 8.54
N LEU A 633 9.59 -69.61 7.29
CA LEU A 633 9.25 -68.54 6.39
C LEU A 633 8.35 -69.03 5.25
N TYR A 634 7.31 -68.26 4.95
CA TYR A 634 6.34 -68.56 3.89
C TYR A 634 6.25 -67.44 2.86
N CYS A 635 7.22 -67.37 1.96
CA CYS A 635 7.24 -66.34 0.94
C CYS A 635 8.26 -66.56 -0.21
N SER A 636 8.13 -67.68 -0.92
CA SER A 636 9.06 -67.99 -2.03
C SER A 636 9.10 -66.86 -3.06
N GLU A 637 10.24 -66.15 -3.13
CA GLU A 637 10.44 -65.01 -4.05
C GLU A 637 9.35 -64.85 -5.11
N GLY A 638 8.80 -63.64 -5.22
CA GLY A 638 7.75 -63.37 -6.19
C GLY A 638 6.39 -63.24 -5.53
N GLU A 639 6.17 -64.06 -4.49
CA GLU A 639 4.94 -64.09 -3.71
C GLU A 639 4.52 -62.67 -3.37
N LEU A 640 3.69 -62.10 -4.25
CA LEU A 640 3.22 -60.73 -4.11
C LEU A 640 2.20 -60.54 -2.95
N VAL A 641 2.56 -60.94 -1.74
CA VAL A 641 1.69 -60.82 -0.56
C VAL A 641 1.07 -59.43 -0.35
N GLU A 642 0.37 -59.25 0.78
CA GLU A 642 -0.28 -57.98 1.14
C GLU A 642 0.22 -57.37 2.48
N GLU A 643 -0.33 -56.22 2.87
CA GLU A 643 0.06 -55.58 4.13
C GLU A 643 -0.50 -56.30 5.36
N GLY A 644 0.29 -57.21 5.92
CA GLY A 644 -0.15 -57.96 7.06
C GLY A 644 0.27 -59.40 6.89
N THR A 645 0.15 -59.90 5.66
CA THR A 645 0.50 -61.28 5.33
C THR A 645 1.67 -61.77 6.18
N PRO A 646 1.70 -63.08 6.46
CA PRO A 646 2.77 -63.69 7.24
C PRO A 646 3.98 -64.03 6.36
N LEU A 647 5.09 -63.31 6.53
CA LEU A 647 6.30 -63.53 5.74
C LEU A 647 7.36 -64.40 6.44
N VAL A 648 7.83 -64.00 7.63
CA VAL A 648 8.82 -64.81 8.35
C VAL A 648 8.56 -64.71 9.84
N GLU A 649 8.86 -65.79 10.56
CA GLU A 649 8.62 -65.82 12.00
C GLU A 649 9.72 -66.47 12.85
N LEU A 650 10.17 -65.76 13.89
CA LEU A 650 11.19 -66.30 14.79
C LEU A 650 10.56 -67.54 15.41
N ASP A 651 10.90 -67.82 16.66
CA ASP A 651 10.35 -68.97 17.38
C ASP A 651 10.09 -68.67 18.86
N SER B 19 23.73 20.86 26.60
CA SER B 19 22.32 20.92 27.07
C SER B 19 22.27 21.01 28.59
N HIS B 20 23.28 21.68 29.18
CA HIS B 20 23.36 21.86 30.65
C HIS B 20 22.27 22.80 31.17
N MET B 21 21.28 23.08 30.32
CA MET B 21 20.13 23.96 30.64
C MET B 21 18.89 23.08 30.89
N ALA B 22 18.75 22.00 30.14
CA ALA B 22 17.58 21.11 30.28
C ALA B 22 17.68 20.22 31.50
N ILE B 23 18.52 20.61 32.45
CA ILE B 23 18.70 19.83 33.66
C ILE B 23 17.75 20.22 34.76
N LEU B 24 17.39 19.22 35.55
CA LEU B 24 16.49 19.40 36.66
C LEU B 24 17.36 19.35 37.91
N HIS B 25 17.63 20.50 38.53
CA HIS B 25 18.45 20.57 39.75
C HIS B 25 17.46 20.31 40.90
N THR B 26 17.69 19.28 41.73
CA THR B 26 16.73 18.94 42.81
C THR B 26 16.59 19.98 43.91
N GLN B 27 15.46 19.92 44.61
CA GLN B 27 15.14 20.83 45.72
C GLN B 27 14.85 19.98 46.92
N ILE B 28 15.14 18.68 46.84
CA ILE B 28 14.92 17.76 47.95
C ILE B 28 16.21 17.47 48.67
N ASN B 29 16.19 17.50 49.99
CA ASN B 29 17.39 17.18 50.75
C ASN B 29 17.24 15.73 51.18
N PRO B 30 18.08 14.82 50.65
CA PRO B 30 18.02 13.39 51.01
C PRO B 30 18.27 13.10 52.47
N ARG B 31 18.79 14.08 53.21
CA ARG B 31 19.09 13.92 54.64
C ARG B 31 18.04 14.50 55.59
N SER B 32 17.18 15.38 55.08
CA SER B 32 16.15 15.99 55.90
C SER B 32 15.39 14.97 56.72
N ALA B 33 14.71 15.44 57.75
CA ALA B 33 13.95 14.55 58.57
C ALA B 33 12.66 14.24 57.84
N GLU B 34 12.04 15.27 57.26
CA GLU B 34 10.80 15.03 56.55
C GLU B 34 10.97 14.01 55.43
N PHE B 35 12.11 14.02 54.77
CA PHE B 35 12.39 13.07 53.69
C PHE B 35 12.41 11.66 54.25
N ALA B 36 13.23 11.48 55.28
CA ALA B 36 13.36 10.18 55.94
C ALA B 36 12.01 9.71 56.41
N ALA B 37 11.12 10.64 56.72
CA ALA B 37 9.78 10.29 57.17
C ALA B 37 8.99 9.65 56.03
N ASN B 38 8.90 10.34 54.90
CA ASN B 38 8.17 9.83 53.74
C ASN B 38 8.82 8.54 53.32
N ALA B 39 10.09 8.64 52.97
CA ALA B 39 10.87 7.51 52.53
C ALA B 39 10.66 6.30 53.44
N ALA B 40 10.26 6.56 54.67
CA ALA B 40 10.02 5.49 55.62
C ALA B 40 8.78 4.67 55.27
N THR B 41 7.61 5.25 55.51
CA THR B 41 6.37 4.57 55.24
C THR B 41 6.24 4.15 53.79
N MET B 42 7.11 4.67 52.93
CA MET B 42 7.13 4.32 51.51
C MET B 42 7.76 2.94 51.38
N LEU B 43 8.96 2.84 51.94
CA LEU B 43 9.75 1.62 51.94
C LEU B 43 8.96 0.52 52.63
N GLU B 44 8.17 0.87 53.64
CA GLU B 44 7.37 -0.14 54.36
C GLU B 44 6.39 -0.70 53.37
N GLN B 45 5.75 0.20 52.64
CA GLN B 45 4.75 -0.15 51.65
C GLN B 45 5.32 -1.16 50.70
N VAL B 46 6.54 -0.90 50.28
CA VAL B 46 7.25 -1.74 49.33
C VAL B 46 7.59 -3.10 49.90
N ASN B 47 7.94 -3.11 51.17
CA ASN B 47 8.28 -4.36 51.81
C ASN B 47 6.99 -5.15 51.94
N ALA B 48 5.88 -4.43 52.09
CA ALA B 48 4.55 -5.02 52.22
C ALA B 48 4.26 -5.85 50.98
N LEU B 49 4.53 -5.24 49.84
CA LEU B 49 4.34 -5.86 48.55
C LEU B 49 5.32 -7.01 48.44
N ARG B 50 6.57 -6.68 48.72
CA ARG B 50 7.65 -7.65 48.63
C ARG B 50 7.23 -9.00 49.18
N THR B 51 6.86 -9.00 50.45
CA THR B 51 6.48 -10.23 51.14
C THR B 51 5.24 -10.93 50.61
N LEU B 52 4.26 -10.17 50.14
CA LEU B 52 3.06 -10.80 49.61
C LEU B 52 3.47 -11.59 48.39
N LEU B 53 4.16 -10.89 47.49
CA LEU B 53 4.64 -11.45 46.24
C LEU B 53 5.41 -12.72 46.48
N GLY B 54 5.95 -12.83 47.69
CA GLY B 54 6.66 -14.05 48.02
C GLY B 54 5.60 -15.11 48.31
N ARG B 55 4.62 -14.77 49.13
CA ARG B 55 3.60 -15.76 49.44
C ARG B 55 3.04 -16.35 48.15
N ILE B 56 2.76 -15.47 47.19
CA ILE B 56 2.17 -15.91 45.93
C ILE B 56 3.10 -16.83 45.12
N HIS B 57 4.39 -16.77 45.39
CA HIS B 57 5.39 -17.58 44.69
C HIS B 57 5.24 -19.03 45.04
N GLU B 58 4.52 -19.27 46.13
CA GLU B 58 4.33 -20.60 46.62
C GLU B 58 3.31 -21.40 45.82
N GLY B 59 2.48 -20.72 45.04
CA GLY B 59 1.51 -21.43 44.23
C GLY B 59 0.43 -22.02 45.11
N GLY B 60 0.10 -23.29 44.91
CA GLY B 60 -0.91 -23.93 45.74
C GLY B 60 -0.38 -24.36 47.11
N GLY B 61 0.70 -23.75 47.55
CA GLY B 61 1.24 -24.09 48.86
C GLY B 61 2.09 -25.33 48.83
N SER B 62 3.18 -25.31 49.60
CA SER B 62 4.15 -26.42 49.70
C SER B 62 3.49 -27.76 49.54
N ALA B 63 2.25 -27.80 50.01
CA ALA B 63 1.37 -28.96 49.98
C ALA B 63 1.48 -29.72 48.66
N ALA B 64 0.51 -29.50 47.79
CA ALA B 64 0.52 -30.16 46.49
C ALA B 64 1.66 -29.67 45.63
N GLN B 65 2.22 -28.49 45.92
CA GLN B 65 3.32 -28.00 45.10
C GLN B 65 4.42 -29.05 45.10
N ALA B 66 4.61 -29.69 46.24
CA ALA B 66 5.61 -30.73 46.33
C ALA B 66 5.01 -32.02 45.72
N ARG B 67 3.71 -32.21 45.89
CA ARG B 67 3.04 -33.37 45.30
C ARG B 67 3.11 -33.28 43.75
N HIS B 68 3.61 -32.14 43.25
CA HIS B 68 3.80 -31.85 41.81
C HIS B 68 5.11 -32.49 41.41
N SER B 69 6.21 -31.88 41.88
CA SER B 69 7.57 -32.34 41.62
C SER B 69 7.60 -33.85 41.77
N ALA B 70 6.63 -34.34 42.53
CA ALA B 70 6.46 -35.75 42.77
C ALA B 70 6.39 -36.46 41.41
N ARG B 71 5.40 -36.08 40.60
CA ARG B 71 5.21 -36.68 39.26
C ARG B 71 6.39 -36.46 38.33
N GLY B 72 7.46 -35.86 38.85
CA GLY B 72 8.62 -35.59 38.03
C GLY B 72 8.38 -34.39 37.11
N LYS B 73 7.51 -33.48 37.54
CA LYS B 73 7.19 -32.29 36.77
C LYS B 73 7.88 -31.09 37.39
N LEU B 74 8.47 -30.25 36.56
CA LEU B 74 9.15 -29.03 37.00
C LEU B 74 8.07 -28.02 37.35
N LEU B 75 8.28 -27.21 38.38
CA LEU B 75 7.24 -26.23 38.75
C LEU B 75 7.15 -25.10 37.75
N VAL B 76 6.03 -24.38 37.79
CA VAL B 76 5.79 -23.30 36.87
C VAL B 76 6.92 -22.32 36.66
N ARG B 77 7.14 -21.48 37.67
CA ARG B 77 8.16 -20.45 37.61
C ARG B 77 9.54 -21.01 37.36
N GLU B 78 9.69 -22.32 37.53
CA GLU B 78 10.94 -22.97 37.31
C GLU B 78 11.01 -23.17 35.84
N ARG B 79 9.93 -23.66 35.26
CA ARG B 79 9.89 -23.86 33.82
C ARG B 79 10.31 -22.57 33.12
N ILE B 80 9.73 -21.43 33.55
CA ILE B 80 10.05 -20.10 32.97
C ILE B 80 11.52 -19.72 33.04
N ASN B 81 12.14 -19.85 34.21
CA ASN B 81 13.57 -19.54 34.33
C ASN B 81 14.44 -20.46 33.43
N ARG B 82 14.04 -21.72 33.23
CA ARG B 82 14.80 -22.62 32.37
C ARG B 82 14.66 -22.23 30.93
N LEU B 83 13.45 -21.85 30.54
CA LEU B 83 13.23 -21.47 29.17
C LEU B 83 13.89 -20.14 28.79
N LEU B 84 13.92 -19.19 29.73
CA LEU B 84 14.50 -17.87 29.47
C LEU B 84 15.94 -17.92 29.08
N ASP B 85 16.47 -16.80 28.69
CA ASP B 85 17.85 -16.77 28.32
C ASP B 85 18.70 -16.60 29.58
N PRO B 86 19.91 -17.20 29.61
CA PRO B 86 20.81 -17.07 30.74
C PRO B 86 20.82 -15.68 31.36
N GLY B 87 20.14 -15.58 32.51
CA GLY B 87 20.08 -14.32 33.22
C GLY B 87 19.23 -13.22 32.59
N SER B 88 18.38 -13.56 31.63
CA SER B 88 17.56 -12.53 31.01
C SER B 88 16.64 -12.00 32.09
N PRO B 89 16.15 -10.79 31.90
CA PRO B 89 15.24 -10.22 32.89
C PRO B 89 13.87 -10.83 32.57
N PHE B 90 12.88 -10.59 33.43
CA PHE B 90 11.51 -11.09 33.19
C PHE B 90 10.53 -10.13 33.86
N LEU B 91 9.69 -9.53 33.04
CA LEU B 91 8.73 -8.61 33.55
C LEU B 91 7.47 -9.42 33.79
N GLU B 92 7.09 -9.58 35.06
CA GLU B 92 5.89 -10.33 35.34
C GLU B 92 4.60 -9.45 35.35
N LEU B 93 3.50 -10.09 34.95
CA LEU B 93 2.21 -9.41 34.84
C LEU B 93 1.14 -9.84 35.83
N SER B 94 0.55 -8.82 36.45
CA SER B 94 -0.49 -8.95 37.44
C SER B 94 -0.26 -10.15 38.27
N ALA B 95 0.70 -10.01 39.18
CA ALA B 95 1.09 -11.07 40.08
C ALA B 95 0.06 -11.18 41.22
N LEU B 96 -0.49 -10.04 41.60
CA LEU B 96 -1.47 -10.02 42.65
C LEU B 96 -2.82 -10.49 42.10
N ALA B 97 -2.75 -11.11 40.94
CA ALA B 97 -3.94 -11.63 40.28
C ALA B 97 -4.84 -12.44 41.19
N ALA B 98 -6.10 -12.03 41.26
CA ALA B 98 -7.09 -12.74 42.04
C ALA B 98 -6.85 -12.78 43.53
N HIS B 99 -6.16 -11.77 44.05
CA HIS B 99 -5.85 -11.72 45.48
C HIS B 99 -7.08 -11.43 46.35
N GLU B 100 -7.34 -12.32 47.31
CA GLU B 100 -8.49 -12.15 48.17
C GLU B 100 -9.69 -11.84 47.29
N VAL B 101 -9.84 -12.55 46.17
CA VAL B 101 -11.00 -12.26 45.33
C VAL B 101 -11.94 -13.42 45.38
N TYR B 102 -11.41 -14.61 45.12
CA TYR B 102 -12.24 -15.80 45.17
C TYR B 102 -12.30 -16.26 46.63
N GLY B 103 -13.26 -17.13 46.98
CA GLY B 103 -13.33 -17.59 48.36
C GLY B 103 -11.97 -18.09 48.83
N GLU B 104 -11.46 -19.09 48.13
CA GLU B 104 -10.17 -19.72 48.40
C GLU B 104 -8.97 -18.89 47.92
N GLU B 105 -7.76 -19.42 48.14
CA GLU B 105 -6.56 -18.73 47.67
C GLU B 105 -6.23 -19.27 46.27
N VAL B 106 -6.22 -18.39 45.27
CA VAL B 106 -5.94 -18.76 43.87
C VAL B 106 -4.70 -18.06 43.34
N ALA B 107 -3.54 -18.38 43.91
CA ALA B 107 -2.22 -17.80 43.59
C ALA B 107 -1.92 -17.23 42.18
N ALA B 108 -1.78 -15.91 42.08
CA ALA B 108 -1.51 -15.28 40.79
C ALA B 108 -2.48 -15.82 39.75
N ALA B 109 -3.71 -16.04 40.20
CA ALA B 109 -4.79 -16.56 39.40
C ALA B 109 -4.48 -17.89 38.71
N GLY B 110 -3.50 -18.62 39.23
CA GLY B 110 -3.12 -19.92 38.68
C GLY B 110 -2.56 -19.94 37.26
N ILE B 111 -1.91 -18.81 36.90
CA ILE B 111 -1.30 -18.56 35.57
C ILE B 111 -0.24 -17.44 35.74
N VAL B 112 1.00 -17.75 35.41
CA VAL B 112 2.08 -16.79 35.56
C VAL B 112 2.36 -16.36 34.14
N ALA B 113 2.46 -15.05 33.89
CA ALA B 113 2.75 -14.56 32.54
C ALA B 113 3.67 -13.42 32.65
N GLY B 114 4.53 -13.28 31.66
CA GLY B 114 5.47 -12.18 31.67
C GLY B 114 6.26 -12.17 30.38
N ILE B 115 7.06 -11.13 30.19
CA ILE B 115 7.84 -11.03 28.99
C ILE B 115 9.29 -11.24 29.34
N GLY B 116 9.97 -11.99 28.48
CA GLY B 116 11.38 -12.27 28.69
C GLY B 116 12.11 -12.65 27.39
N ARG B 117 13.43 -12.50 27.42
CA ARG B 117 14.29 -12.85 26.30
C ARG B 117 14.33 -14.35 26.12
N VAL B 118 14.08 -14.81 24.91
CA VAL B 118 14.18 -16.24 24.57
C VAL B 118 14.77 -16.21 23.17
N GLU B 119 16.03 -16.63 23.10
CA GLU B 119 16.78 -16.62 21.87
C GLU B 119 16.79 -15.21 21.28
N GLY B 120 17.19 -14.23 22.08
CA GLY B 120 17.25 -12.87 21.59
C GLY B 120 15.95 -12.29 21.08
N VAL B 121 14.81 -12.72 21.62
CA VAL B 121 13.52 -12.15 21.19
C VAL B 121 12.68 -11.80 22.40
N GLU B 122 12.15 -10.60 22.50
CA GLU B 122 11.34 -10.32 23.67
C GLU B 122 10.06 -11.11 23.47
N CYS B 123 9.85 -12.12 24.30
CA CYS B 123 8.66 -12.98 24.19
C CYS B 123 7.64 -12.89 25.30
N MET B 124 6.39 -13.15 24.94
CA MET B 124 5.29 -13.17 25.88
C MET B 124 5.20 -14.64 26.32
N ILE B 125 5.33 -14.93 27.62
CA ILE B 125 5.25 -16.31 28.11
C ILE B 125 4.09 -16.49 29.08
N VAL B 126 3.37 -17.60 28.92
CA VAL B 126 2.25 -17.90 29.79
C VAL B 126 2.27 -19.38 30.14
N GLY B 127 2.13 -19.70 31.42
CA GLY B 127 2.13 -21.08 31.84
C GLY B 127 1.18 -21.18 33.00
N ASN B 128 0.58 -22.35 33.17
CA ASN B 128 -0.36 -22.57 34.27
C ASN B 128 0.29 -23.23 35.48
N ASP B 129 -0.19 -22.88 36.67
CA ASP B 129 0.32 -23.46 37.89
C ASP B 129 -0.58 -24.63 38.21
N ALA B 130 -0.15 -25.82 37.78
CA ALA B 130 -0.90 -27.05 38.01
C ALA B 130 -1.24 -27.19 39.49
N THR B 131 -0.39 -26.61 40.33
CA THR B 131 -0.57 -26.66 41.77
C THR B 131 -1.79 -25.85 42.24
N VAL B 132 -2.04 -24.67 41.66
CA VAL B 132 -3.18 -23.84 42.05
C VAL B 132 -4.48 -24.50 41.58
N LYS B 133 -5.35 -24.85 42.53
CA LYS B 133 -6.62 -25.53 42.28
C LYS B 133 -6.67 -26.29 40.94
N GLY B 134 -5.76 -27.26 40.80
CA GLY B 134 -5.71 -28.09 39.60
C GLY B 134 -5.45 -27.37 38.30
N GLY B 135 -4.89 -26.17 38.37
CA GLY B 135 -4.60 -25.39 37.18
C GLY B 135 -5.79 -24.90 36.39
N THR B 136 -7.01 -25.25 36.83
CA THR B 136 -8.23 -24.81 36.14
C THR B 136 -8.39 -23.30 36.02
N TYR B 137 -9.21 -22.90 35.07
CA TYR B 137 -9.41 -21.51 34.82
C TYR B 137 -10.52 -20.85 35.57
N TYR B 138 -10.18 -20.04 36.56
CA TYR B 138 -11.21 -19.29 37.28
C TYR B 138 -11.43 -18.10 36.40
N PRO B 139 -12.50 -17.35 36.64
CA PRO B 139 -12.76 -16.18 35.82
C PRO B 139 -11.55 -15.34 35.59
N LEU B 140 -10.87 -14.91 36.63
CA LEU B 140 -9.71 -14.09 36.37
C LEU B 140 -8.54 -14.84 35.67
N THR B 141 -8.47 -16.17 35.73
CA THR B 141 -7.35 -16.87 35.06
C THR B 141 -7.51 -16.51 33.63
N VAL B 142 -8.74 -16.61 33.17
CA VAL B 142 -9.06 -16.25 31.81
C VAL B 142 -8.70 -14.78 31.52
N LYS B 143 -9.15 -13.87 32.38
CA LYS B 143 -8.87 -12.43 32.21
C LYS B 143 -7.36 -12.16 32.06
N LYS B 144 -6.53 -12.78 32.92
CA LYS B 144 -5.06 -12.63 32.91
C LYS B 144 -4.50 -13.17 31.59
N HIS B 145 -4.93 -14.39 31.25
CA HIS B 145 -4.49 -15.04 30.03
C HIS B 145 -4.72 -14.08 28.85
N LEU B 146 -5.96 -13.63 28.69
CA LEU B 146 -6.31 -12.73 27.60
C LEU B 146 -5.61 -11.39 27.63
N ARG B 147 -5.34 -10.87 28.83
CA ARG B 147 -4.62 -9.60 28.98
C ARG B 147 -3.21 -9.80 28.46
N ALA B 148 -2.72 -11.03 28.52
CA ALA B 148 -1.36 -11.29 28.05
C ALA B 148 -1.33 -11.26 26.53
N GLN B 149 -2.29 -11.92 25.91
CA GLN B 149 -2.36 -11.97 24.46
C GLN B 149 -2.56 -10.57 23.86
N ALA B 150 -2.99 -9.64 24.70
CA ALA B 150 -3.21 -8.26 24.29
C ALA B 150 -1.84 -7.65 24.18
N ILE B 151 -1.15 -7.61 25.31
CA ILE B 151 0.19 -7.08 25.31
C ILE B 151 0.93 -7.70 24.14
N ALA B 152 0.63 -8.96 23.85
CA ALA B 152 1.29 -9.70 22.78
C ALA B 152 0.94 -9.24 21.38
N LEU B 153 -0.34 -8.95 21.14
CA LEU B 153 -0.75 -8.53 19.81
C LEU B 153 -0.43 -7.07 19.62
N GLU B 154 -0.56 -6.30 20.70
CA GLU B 154 -0.30 -4.86 20.72
C GLU B 154 1.15 -4.48 20.62
N ASN B 155 2.02 -5.45 20.86
CA ASN B 155 3.41 -5.15 20.82
C ASN B 155 4.17 -6.15 19.97
N ARG B 156 3.44 -7.01 19.28
CA ARG B 156 4.02 -8.02 18.40
C ARG B 156 5.12 -8.84 19.07
N LEU B 157 4.77 -9.53 20.15
CA LEU B 157 5.72 -10.38 20.87
C LEU B 157 5.26 -11.80 20.64
N PRO B 158 6.12 -12.66 20.07
CA PRO B 158 5.73 -14.04 19.82
C PRO B 158 5.29 -14.70 21.15
N CYS B 159 4.34 -15.61 21.08
CA CYS B 159 3.81 -16.25 22.29
C CYS B 159 4.28 -17.65 22.59
N ILE B 160 4.53 -17.93 23.85
CA ILE B 160 4.94 -19.25 24.26
C ILE B 160 4.01 -19.71 25.40
N TYR B 161 3.06 -20.61 25.06
CA TYR B 161 2.06 -21.18 25.99
C TYR B 161 2.57 -22.48 26.65
N LEU B 162 2.89 -22.43 27.94
CA LEU B 162 3.34 -23.62 28.66
C LEU B 162 2.10 -24.20 29.32
N VAL B 163 1.35 -24.94 28.47
CA VAL B 163 0.10 -25.59 28.82
C VAL B 163 0.16 -26.72 29.84
N ASP B 164 -0.50 -26.52 30.97
CA ASP B 164 -0.53 -27.51 32.06
C ASP B 164 -1.75 -27.18 32.89
N SER B 165 -2.94 -27.26 32.31
CA SER B 165 -4.15 -26.95 33.04
C SER B 165 -5.26 -28.01 33.05
N GLY B 166 -6.04 -28.01 34.13
CA GLY B 166 -7.15 -28.94 34.26
C GLY B 166 -8.12 -28.56 33.17
N GLY B 167 -9.17 -27.85 33.53
CA GLY B 167 -10.13 -27.41 32.53
C GLY B 167 -10.48 -26.00 32.92
N ALA B 168 -11.76 -25.68 32.91
CA ALA B 168 -12.23 -24.36 33.34
C ALA B 168 -12.92 -24.70 34.68
N ASN B 169 -12.77 -23.83 35.70
CA ASN B 169 -13.36 -24.07 37.03
C ASN B 169 -14.91 -24.21 37.00
N LEU B 170 -15.33 -25.47 36.84
CA LEU B 170 -16.72 -25.88 36.73
C LEU B 170 -17.80 -25.14 37.50
N PRO B 171 -17.54 -24.76 38.78
CA PRO B 171 -18.56 -24.03 39.55
C PRO B 171 -18.85 -22.61 39.07
N ARG B 172 -17.82 -21.89 38.61
CA ARG B 172 -17.99 -20.51 38.15
C ARG B 172 -17.93 -20.39 36.64
N GLN B 173 -18.48 -21.36 35.92
CA GLN B 173 -18.47 -21.33 34.46
C GLN B 173 -19.23 -20.15 33.83
N ASP B 174 -20.28 -19.72 34.50
CA ASP B 174 -21.08 -18.62 34.01
C ASP B 174 -20.24 -17.41 33.68
N GLU B 175 -19.05 -17.32 34.30
CA GLU B 175 -18.16 -16.18 34.09
C GLU B 175 -16.89 -16.67 33.53
N VAL B 176 -16.94 -17.80 32.85
CA VAL B 176 -15.73 -18.36 32.29
C VAL B 176 -15.90 -18.97 30.89
N PHE B 177 -17.13 -19.16 30.44
CA PHE B 177 -17.34 -19.81 29.15
C PHE B 177 -18.00 -19.05 28.00
N PRO B 178 -19.23 -18.58 28.20
CA PRO B 178 -19.95 -17.85 27.15
C PRO B 178 -19.32 -16.58 26.54
N ASP B 179 -19.73 -15.44 27.08
CA ASP B 179 -19.32 -14.10 26.65
C ASP B 179 -18.06 -13.91 25.81
N ARG B 180 -18.09 -12.79 25.10
CA ARG B 180 -17.07 -12.30 24.19
C ARG B 180 -15.64 -12.46 24.73
N GLU B 181 -15.27 -11.71 25.76
CA GLU B 181 -13.93 -11.81 26.33
C GLU B 181 -13.81 -12.90 27.40
N HIS B 182 -14.48 -14.02 27.20
CA HIS B 182 -14.40 -15.14 28.12
C HIS B 182 -13.48 -16.17 27.46
N PHE B 183 -13.27 -17.35 28.05
CA PHE B 183 -12.39 -18.40 27.48
C PHE B 183 -12.76 -18.51 25.98
N GLY B 184 -11.99 -19.22 25.16
CA GLY B 184 -12.42 -19.29 23.77
C GLY B 184 -12.13 -18.02 23.01
N ARG B 185 -11.91 -16.93 23.71
CA ARG B 185 -11.53 -15.72 23.02
C ARG B 185 -10.00 -15.88 22.99
N ILE B 186 -9.52 -16.91 23.69
CA ILE B 186 -8.08 -17.21 23.76
C ILE B 186 -7.68 -17.80 22.43
N PHE B 187 -8.63 -18.54 21.86
CA PHE B 187 -8.44 -19.19 20.60
C PHE B 187 -8.64 -18.16 19.57
N PHE B 188 -9.61 -17.29 19.79
CA PHE B 188 -9.80 -16.22 18.83
C PHE B 188 -8.51 -15.41 18.64
N ASN B 189 -8.00 -14.76 19.70
CA ASN B 189 -6.77 -13.98 19.59
C ASN B 189 -5.64 -14.78 18.97
N GLN B 190 -5.60 -16.08 19.27
CA GLN B 190 -4.56 -17.00 18.82
C GLN B 190 -4.49 -17.19 17.31
N ALA B 191 -5.61 -17.55 16.71
CA ALA B 191 -5.63 -17.77 15.27
C ALA B 191 -5.41 -16.46 14.57
N ASN B 192 -5.78 -15.35 15.23
CA ASN B 192 -5.60 -14.05 14.62
C ASN B 192 -4.14 -13.63 14.73
N MET B 193 -3.49 -13.96 15.83
CA MET B 193 -2.07 -13.62 15.99
C MET B 193 -1.25 -14.42 14.94
N SER B 194 -1.61 -15.68 14.71
CA SER B 194 -0.87 -16.49 13.76
C SER B 194 -1.10 -15.99 12.36
N ALA B 195 -2.17 -15.24 12.17
CA ALA B 195 -2.50 -14.69 10.87
C ALA B 195 -1.86 -13.35 10.70
N ARG B 196 -1.67 -12.63 11.79
CA ARG B 196 -1.01 -11.37 11.67
C ARG B 196 0.47 -11.66 11.84
N GLY B 197 0.84 -12.92 11.66
CA GLY B 197 2.25 -13.30 11.73
C GLY B 197 3.06 -13.24 13.01
N ILE B 198 2.37 -13.48 14.13
CA ILE B 198 3.04 -13.47 15.40
C ILE B 198 3.04 -14.93 15.84
N PRO B 199 4.15 -15.63 15.62
CA PRO B 199 4.25 -17.03 16.00
C PRO B 199 3.54 -17.39 17.30
N GLN B 200 2.91 -18.57 17.25
CA GLN B 200 2.17 -19.19 18.33
C GLN B 200 2.77 -20.59 18.64
N ILE B 201 3.61 -20.63 19.67
CA ILE B 201 4.31 -21.85 20.13
C ILE B 201 3.64 -22.50 21.35
N ALA B 202 3.46 -23.81 21.33
CA ALA B 202 2.81 -24.47 22.48
C ALA B 202 3.65 -25.61 23.11
N VAL B 203 3.79 -25.56 24.44
CA VAL B 203 4.54 -26.56 25.19
C VAL B 203 3.58 -27.23 26.20
N VAL B 204 3.16 -28.46 25.92
CA VAL B 204 2.23 -29.19 26.79
C VAL B 204 3.00 -30.03 27.83
N MET B 205 2.84 -29.75 29.11
CA MET B 205 3.57 -30.50 30.12
C MET B 205 2.70 -31.07 31.25
N GLY B 206 1.44 -31.31 30.92
CA GLY B 206 0.48 -31.86 31.87
C GLY B 206 -0.86 -32.27 31.24
N SER B 207 -1.94 -32.26 32.03
CA SER B 207 -3.24 -32.61 31.49
C SER B 207 -3.62 -31.41 30.68
N CYS B 208 -4.57 -31.59 29.78
CA CYS B 208 -4.98 -30.51 28.92
C CYS B 208 -6.31 -30.98 28.36
N THR B 209 -7.26 -31.20 29.25
CA THR B 209 -8.53 -31.69 28.83
C THR B 209 -9.51 -30.60 28.35
N ALA B 210 -10.33 -30.95 27.36
CA ALA B 210 -11.35 -30.06 26.82
C ALA B 210 -10.91 -28.64 26.40
N GLY B 211 -11.25 -27.66 27.23
CA GLY B 211 -10.91 -26.27 26.95
C GLY B 211 -9.50 -26.01 26.46
N GLY B 212 -8.53 -26.05 27.37
CA GLY B 212 -7.17 -25.79 27.00
C GLY B 212 -6.63 -26.76 25.95
N ALA B 213 -7.45 -27.73 25.53
CA ALA B 213 -7.06 -28.71 24.50
C ALA B 213 -6.80 -28.03 23.16
N TYR B 214 -7.38 -26.84 22.99
CA TYR B 214 -7.21 -26.08 21.78
C TYR B 214 -5.92 -25.24 21.78
N VAL B 215 -5.47 -24.82 22.97
CA VAL B 215 -4.24 -24.03 23.03
C VAL B 215 -3.14 -24.73 22.27
N PRO B 216 -2.99 -26.05 22.44
CA PRO B 216 -1.92 -26.66 21.65
C PRO B 216 -2.38 -27.12 20.25
N ALA B 217 -3.68 -27.26 20.05
CA ALA B 217 -4.24 -27.67 18.75
C ALA B 217 -4.14 -26.50 17.76
N MET B 218 -4.39 -25.31 18.29
CA MET B 218 -4.35 -24.08 17.52
C MET B 218 -3.04 -23.38 17.79
N SER B 219 -1.95 -23.86 17.19
CA SER B 219 -0.66 -23.26 17.46
C SER B 219 0.37 -23.63 16.43
N ASP B 220 0.96 -22.61 15.82
CA ASP B 220 1.97 -22.81 14.80
C ASP B 220 2.83 -24.05 15.07
N GLU B 221 3.42 -24.12 16.27
CA GLU B 221 4.25 -25.26 16.66
C GLU B 221 3.86 -25.72 18.05
N THR B 222 3.75 -27.04 18.25
CA THR B 222 3.38 -27.69 19.55
C THR B 222 4.31 -28.81 20.10
N VAL B 223 4.64 -28.74 21.39
CA VAL B 223 5.52 -29.73 22.04
C VAL B 223 4.84 -30.52 23.19
N MET B 224 5.07 -31.85 23.23
CA MET B 224 4.53 -32.73 24.28
C MET B 224 5.59 -33.52 25.10
N VAL B 225 5.33 -33.61 26.41
CA VAL B 225 6.23 -34.30 27.29
C VAL B 225 5.68 -35.71 27.44
N ARG B 226 6.45 -36.69 27.00
CA ARG B 226 5.99 -38.07 27.06
C ARG B 226 5.62 -38.58 28.42
N GLU B 227 4.59 -39.42 28.46
CA GLU B 227 4.19 -40.01 29.72
C GLU B 227 3.86 -38.95 30.69
N GLN B 228 3.25 -37.90 30.21
CA GLN B 228 2.90 -36.84 31.13
C GLN B 228 1.95 -35.87 30.47
N ALA B 229 2.22 -35.54 29.22
CA ALA B 229 1.37 -34.65 28.45
C ALA B 229 0.14 -35.41 27.99
N THR B 230 -1.00 -34.74 27.93
CA THR B 230 -2.22 -35.38 27.48
C THR B 230 -3.18 -34.36 26.88
N ILE B 231 -3.43 -34.44 25.58
CA ILE B 231 -4.35 -33.51 24.92
C ILE B 231 -5.55 -34.27 24.36
N PHE B 232 -6.70 -34.16 25.02
CA PHE B 232 -7.93 -34.79 24.53
C PHE B 232 -9.16 -33.90 24.78
N LEU B 233 -10.17 -34.04 23.93
CA LEU B 233 -11.38 -33.25 24.08
C LEU B 233 -12.11 -33.59 25.34
N ALA B 234 -12.27 -34.88 25.61
CA ALA B 234 -12.94 -35.34 26.81
C ALA B 234 -12.02 -36.33 27.49
N GLY B 235 -11.57 -35.98 28.70
CA GLY B 235 -10.68 -36.86 29.44
C GLY B 235 -11.42 -38.14 29.79
N PRO B 236 -10.79 -39.15 30.42
CA PRO B 236 -11.53 -40.37 30.75
C PRO B 236 -12.77 -40.18 31.62
N PRO B 237 -12.81 -39.15 32.49
CA PRO B 237 -14.03 -38.97 33.30
C PRO B 237 -15.21 -38.73 32.36
N LEU B 238 -15.08 -37.69 31.53
CA LEU B 238 -16.08 -37.33 30.56
C LEU B 238 -16.32 -38.49 29.57
N VAL B 239 -15.25 -39.05 28.98
CA VAL B 239 -15.38 -40.15 28.01
C VAL B 239 -16.08 -41.39 28.51
N LYS B 240 -15.99 -41.67 29.80
CA LYS B 240 -16.65 -42.84 30.37
C LYS B 240 -18.12 -42.45 30.50
N ALA B 241 -18.33 -41.17 30.86
CA ALA B 241 -19.65 -40.57 31.01
C ALA B 241 -20.31 -40.45 29.63
N ALA B 242 -19.60 -40.94 28.61
CA ALA B 242 -20.08 -40.93 27.23
C ALA B 242 -20.58 -42.35 27.05
N THR B 243 -20.56 -42.85 25.81
CA THR B 243 -21.00 -44.23 25.61
C THR B 243 -20.02 -45.09 26.39
N GLY B 244 -20.24 -45.13 27.71
CA GLY B 244 -19.40 -45.93 28.59
C GLY B 244 -17.93 -45.84 28.25
N GLU B 245 -17.32 -46.97 27.89
CA GLU B 245 -15.90 -47.03 27.53
C GLU B 245 -15.00 -46.58 28.67
N VAL B 246 -14.03 -47.41 29.02
CA VAL B 246 -13.14 -46.96 30.04
C VAL B 246 -11.76 -47.16 29.50
N VAL B 247 -11.10 -46.03 29.38
CA VAL B 247 -9.76 -45.93 28.85
C VAL B 247 -8.88 -45.06 29.77
N SER B 248 -7.59 -45.30 29.67
CA SER B 248 -6.57 -44.59 30.44
C SER B 248 -6.15 -43.27 29.76
N ALA B 249 -5.55 -42.37 30.55
CA ALA B 249 -5.09 -41.06 30.08
C ALA B 249 -4.14 -41.21 28.91
N GLU B 250 -3.07 -41.95 29.15
CA GLU B 250 -2.04 -42.21 28.17
C GLU B 250 -2.52 -42.79 26.85
N GLU B 251 -3.59 -43.56 26.88
CA GLU B 251 -4.07 -44.17 25.66
C GLU B 251 -5.02 -43.32 24.85
N LEU B 252 -5.89 -42.60 25.55
CA LEU B 252 -6.87 -41.70 24.92
C LEU B 252 -6.19 -40.56 24.12
N GLY B 253 -5.39 -39.75 24.81
CA GLY B 253 -4.67 -38.65 24.17
C GLY B 253 -3.32 -38.37 24.81
N GLY B 254 -2.45 -39.39 24.83
CA GLY B 254 -1.13 -39.24 25.42
C GLY B 254 -0.12 -38.54 24.54
N ALA B 255 1.14 -38.64 24.92
CA ALA B 255 2.20 -37.99 24.18
C ALA B 255 2.52 -38.73 22.90
N ASP B 256 2.48 -40.04 22.96
CA ASP B 256 2.78 -40.87 21.82
C ASP B 256 1.67 -40.98 20.82
N VAL B 257 0.46 -40.71 21.27
CA VAL B 257 -0.69 -40.77 20.40
C VAL B 257 -0.69 -39.57 19.41
N HIS B 258 -0.44 -38.36 19.90
CA HIS B 258 -0.42 -37.15 19.06
C HIS B 258 0.90 -36.77 18.38
N CYS B 259 1.93 -37.58 18.57
CA CYS B 259 3.21 -37.26 17.95
C CYS B 259 3.45 -38.27 16.86
N LYS B 260 2.91 -39.47 17.05
CA LYS B 260 3.10 -40.56 16.08
C LYS B 260 1.83 -40.92 15.31
N VAL B 261 0.68 -40.64 15.91
CA VAL B 261 -0.58 -40.96 15.25
C VAL B 261 -1.34 -39.79 14.63
N SER B 262 -2.10 -39.03 15.42
CA SER B 262 -2.90 -37.91 14.90
C SER B 262 -2.18 -36.71 14.27
N GLY B 263 -1.17 -36.18 14.93
CA GLY B 263 -0.46 -35.05 14.37
C GLY B 263 -0.88 -33.74 15.01
N VAL B 264 -1.40 -33.84 16.24
CA VAL B 264 -1.83 -32.66 16.95
C VAL B 264 -0.64 -32.02 17.60
N ALA B 265 0.44 -32.78 17.70
CA ALA B 265 1.63 -32.29 18.30
C ALA B 265 2.70 -32.38 17.25
N ASP B 266 3.82 -31.70 17.45
CA ASP B 266 4.88 -31.70 16.44
C ASP B 266 6.19 -32.22 16.99
N HIS B 267 6.45 -31.93 18.26
CA HIS B 267 7.70 -32.37 18.84
C HIS B 267 7.54 -33.28 20.05
N TYR B 268 8.26 -34.40 20.00
CA TYR B 268 8.23 -35.42 21.04
C TYR B 268 9.34 -35.16 22.04
N ALA B 269 9.02 -34.53 23.16
CA ALA B 269 10.01 -34.22 24.19
C ALA B 269 10.05 -35.26 25.28
N GLU B 270 11.25 -35.58 25.74
CA GLU B 270 11.42 -36.60 26.78
C GLU B 270 11.08 -36.21 28.22
N ASP B 271 10.92 -34.92 28.49
CA ASP B 271 10.59 -34.45 29.85
C ASP B 271 10.50 -32.92 29.87
N ASP B 272 10.13 -32.36 31.02
CA ASP B 272 9.99 -30.91 31.12
C ASP B 272 11.22 -30.13 30.62
N ASP B 273 12.43 -30.50 31.06
CA ASP B 273 13.64 -29.81 30.62
C ASP B 273 13.86 -29.93 29.10
N HIS B 274 13.58 -31.10 28.53
CA HIS B 274 13.76 -31.31 27.09
C HIS B 274 12.80 -30.42 26.34
N ALA B 275 11.52 -30.55 26.74
CA ALA B 275 10.40 -29.82 26.16
C ALA B 275 10.66 -28.32 26.03
N LEU B 276 11.24 -27.70 27.04
CA LEU B 276 11.55 -26.28 26.97
C LEU B 276 12.71 -26.03 25.96
N ALA B 277 13.67 -26.95 25.92
CA ALA B 277 14.84 -26.85 25.03
C ALA B 277 14.47 -26.90 23.58
N ILE B 278 13.43 -27.68 23.32
CA ILE B 278 12.85 -27.86 22.01
C ILE B 278 12.20 -26.53 21.67
N ALA B 279 11.49 -26.02 22.66
CA ALA B 279 10.80 -24.75 22.57
C ALA B 279 11.78 -23.65 22.15
N ARG B 280 12.84 -23.45 22.94
CA ARG B 280 13.82 -22.42 22.62
C ARG B 280 14.14 -22.48 21.12
N ARG B 281 14.47 -23.67 20.66
CA ARG B 281 14.81 -23.90 19.26
C ARG B 281 13.82 -23.32 18.27
N CYS B 282 12.53 -23.43 18.57
CA CYS B 282 11.52 -22.88 17.66
C CYS B 282 11.68 -21.37 17.55
N VAL B 283 11.74 -20.70 18.69
CA VAL B 283 11.90 -19.27 18.68
C VAL B 283 13.18 -18.89 17.95
N ALA B 284 14.08 -19.87 17.81
CA ALA B 284 15.35 -19.67 17.13
C ALA B 284 15.29 -19.62 15.61
N ASN B 285 14.32 -20.31 15.04
CA ASN B 285 14.18 -20.32 13.60
C ASN B 285 12.99 -19.45 13.21
N LEU B 286 12.84 -18.33 13.90
CA LEU B 286 11.77 -17.41 13.63
C LEU B 286 11.99 -16.35 12.55
N ASN B 287 13.25 -16.13 12.17
CA ASN B 287 13.65 -15.09 11.20
C ASN B 287 12.99 -13.77 11.64
N TRP B 288 12.88 -13.58 12.94
CA TRP B 288 12.25 -12.42 13.53
C TRP B 288 13.04 -11.13 13.48
N ARG B 289 12.36 -10.02 13.24
CA ARG B 289 13.03 -8.74 13.16
C ARG B 289 12.07 -7.73 13.75
N LYS B 290 12.60 -6.79 14.53
CA LYS B 290 11.78 -5.74 15.16
C LYS B 290 11.38 -4.69 14.13
N GLN B 291 10.18 -4.15 14.27
CA GLN B 291 9.69 -3.15 13.33
C GLN B 291 9.52 -1.80 13.94
N GLY B 292 9.75 -1.71 15.24
CA GLY B 292 9.64 -0.42 15.86
C GLY B 292 10.74 0.38 15.22
N GLN B 293 10.82 1.65 15.57
CA GLN B 293 11.82 2.50 14.98
C GLN B 293 11.82 3.88 15.66
N LEU B 294 12.86 4.19 16.42
CA LEU B 294 12.97 5.50 17.08
C LEU B 294 14.38 5.99 16.90
N GLN B 295 14.57 7.27 17.17
CA GLN B 295 15.89 7.87 17.09
C GLN B 295 16.43 7.75 18.48
N CYS B 296 16.66 6.52 18.92
CA CYS B 296 17.17 6.34 20.27
C CYS B 296 18.63 6.83 20.31
N ARG B 297 19.02 7.43 21.43
CA ARG B 297 20.36 7.94 21.66
C ARG B 297 21.06 7.09 22.71
N ALA B 298 22.37 7.21 22.85
CA ALA B 298 23.04 6.40 23.83
C ALA B 298 22.45 6.63 25.24
N PRO B 299 22.25 5.52 26.01
CA PRO B 299 21.70 5.53 27.36
C PRO B 299 22.62 6.21 28.32
N ARG B 300 22.11 7.13 29.12
CA ARG B 300 22.91 7.85 30.11
C ARG B 300 22.06 7.89 31.38
N ALA B 301 22.54 7.32 32.49
CA ALA B 301 21.77 7.27 33.76
C ALA B 301 21.29 8.62 34.30
N PRO B 302 20.25 8.62 35.16
CA PRO B 302 19.71 9.85 35.75
C PRO B 302 20.80 10.58 36.55
N LEU B 303 20.45 11.64 37.29
CA LEU B 303 21.45 12.38 38.08
C LEU B 303 21.19 12.26 39.56
N TYR B 304 20.19 11.48 39.93
CA TYR B 304 19.82 11.30 41.33
C TYR B 304 19.41 9.86 41.50
N PRO B 305 19.93 9.21 42.55
CA PRO B 305 19.59 7.79 42.77
C PRO B 305 18.08 7.61 42.63
N ALA B 306 17.65 6.64 41.84
CA ALA B 306 16.23 6.44 41.69
C ALA B 306 15.61 6.00 43.03
N GLU B 307 16.45 5.71 44.02
CA GLU B 307 16.02 5.27 45.36
C GLU B 307 15.38 6.42 46.10
N GLU B 308 15.97 7.58 45.91
CA GLU B 308 15.53 8.79 46.54
C GLU B 308 14.08 9.06 46.29
N LEU B 309 13.48 8.34 45.36
CA LEU B 309 12.05 8.54 45.10
C LEU B 309 11.28 8.28 46.38
N TYR B 310 11.61 7.20 47.09
CA TYR B 310 10.93 6.88 48.33
C TYR B 310 10.59 8.09 49.20
N GLY B 311 11.51 9.06 49.27
CA GLY B 311 11.29 10.27 50.08
C GLY B 311 10.77 11.52 49.37
N VAL B 312 10.66 11.46 48.06
CA VAL B 312 10.15 12.60 47.35
C VAL B 312 8.65 12.57 47.54
N ILE B 313 8.06 11.38 47.44
CA ILE B 313 6.61 11.19 47.58
C ILE B 313 6.17 11.33 49.04
N PRO B 314 5.42 12.41 49.38
CA PRO B 314 4.93 12.66 50.74
C PRO B 314 4.21 11.44 51.34
N ALA B 315 4.02 11.38 52.65
CA ALA B 315 3.33 10.22 53.18
C ALA B 315 1.90 10.62 53.34
N ASP B 316 1.69 11.91 53.53
CA ASP B 316 0.35 12.39 53.68
C ASP B 316 -0.35 12.48 52.32
N SER B 317 -1.03 11.39 51.96
CA SER B 317 -1.73 11.30 50.69
C SER B 317 -2.12 12.65 50.04
N LYS B 318 -2.95 13.48 50.64
CA LYS B 318 -3.26 14.69 49.92
C LYS B 318 -2.41 15.89 50.35
N GLN B 319 -1.10 15.71 50.17
CA GLN B 319 -0.10 16.72 50.50
C GLN B 319 0.72 17.07 49.25
N PRO B 320 0.66 18.33 48.78
CA PRO B 320 1.34 18.91 47.60
C PRO B 320 2.86 18.70 47.49
N TYR B 321 3.35 18.09 46.39
CA TYR B 321 4.80 17.88 46.09
C TYR B 321 5.07 18.19 44.61
N ASP B 322 6.31 18.47 44.25
CA ASP B 322 6.53 18.77 42.86
C ASP B 322 6.93 17.56 42.03
N VAL B 323 6.10 17.27 41.05
CA VAL B 323 6.31 16.14 40.17
C VAL B 323 7.66 16.10 39.47
N ARG B 324 8.13 17.24 38.98
CA ARG B 324 9.40 17.26 38.26
C ARG B 324 10.48 16.50 39.03
N GLU B 325 10.25 16.27 40.30
CA GLU B 325 11.21 15.57 41.14
C GLU B 325 11.28 14.12 40.78
N VAL B 326 10.11 13.54 40.54
CA VAL B 326 10.02 12.14 40.16
C VAL B 326 10.55 12.02 38.73
N ILE B 327 10.33 13.07 37.95
CA ILE B 327 10.77 13.10 36.55
C ILE B 327 12.29 13.02 36.51
N ALA B 328 12.92 13.91 37.29
CA ALA B 328 14.39 14.01 37.35
C ALA B 328 15.08 12.70 37.78
N ARG B 329 14.34 11.78 38.41
CA ARG B 329 14.95 10.54 38.82
C ARG B 329 14.65 9.32 37.92
N LEU B 330 14.13 9.57 36.71
CA LEU B 330 13.82 8.51 35.76
C LEU B 330 14.37 8.73 34.36
N VAL B 331 14.36 9.99 33.93
CA VAL B 331 14.85 10.38 32.61
C VAL B 331 16.38 10.23 32.51
N ASP B 332 16.89 10.24 31.28
CA ASP B 332 18.32 10.13 31.10
C ASP B 332 18.94 11.45 31.51
N GLY B 333 20.04 11.39 32.26
CA GLY B 333 20.73 12.58 32.68
C GLY B 333 19.86 13.68 33.24
N SER B 334 18.70 13.30 33.75
CA SER B 334 17.76 14.25 34.32
C SER B 334 17.64 15.54 33.51
N GLU B 335 17.65 15.38 32.19
CA GLU B 335 17.52 16.48 31.25
C GLU B 335 16.10 16.35 30.79
N PHE B 336 15.38 17.46 30.83
CA PHE B 336 13.95 17.49 30.54
C PHE B 336 13.59 18.86 29.98
N ASP B 337 13.11 18.89 28.77
CA ASP B 337 12.75 20.15 28.18
C ASP B 337 11.24 20.37 28.28
N GLU B 338 10.83 21.32 29.10
CA GLU B 338 9.42 21.62 29.31
C GLU B 338 8.65 22.56 28.37
N PHE B 339 7.56 22.01 27.83
CA PHE B 339 6.60 22.66 26.93
C PHE B 339 5.62 23.52 27.70
N LYS B 340 5.16 24.62 27.09
CA LYS B 340 4.25 25.53 27.77
C LYS B 340 4.63 25.50 29.23
N ALA B 341 5.88 25.84 29.47
CA ALA B 341 6.51 25.90 30.78
C ALA B 341 5.61 26.45 31.87
N LEU B 342 5.23 27.71 31.72
CA LEU B 342 4.39 28.37 32.72
C LEU B 342 2.95 28.62 32.26
N PHE B 343 2.17 27.56 32.05
CA PHE B 343 0.80 27.73 31.57
C PHE B 343 -0.02 26.51 32.00
N GLY B 344 -1.07 26.73 32.78
CA GLY B 344 -1.91 25.63 33.27
C GLY B 344 -0.95 24.63 33.84
N THR B 345 -0.08 25.17 34.67
CA THR B 345 0.95 24.41 35.32
C THR B 345 0.48 23.16 36.07
N THR B 346 -0.83 23.04 36.26
CA THR B 346 -1.43 21.90 36.93
C THR B 346 -0.98 20.58 36.27
N LEU B 347 -0.57 20.68 34.99
CA LEU B 347 -0.11 19.54 34.21
C LEU B 347 1.22 19.95 33.61
N VAL B 348 2.22 19.13 33.89
CA VAL B 348 3.57 19.33 33.40
C VAL B 348 3.82 18.47 32.17
N CYS B 349 4.33 19.10 31.11
CA CYS B 349 4.58 18.36 29.88
C CYS B 349 5.96 18.57 29.36
N GLY B 350 6.62 17.49 28.94
CA GLY B 350 7.97 17.63 28.43
C GLY B 350 8.57 16.47 27.62
N PHE B 351 9.70 16.76 27.00
CA PHE B 351 10.39 15.77 26.22
C PHE B 351 11.67 15.41 26.96
N ALA B 352 12.09 14.16 26.80
CA ALA B 352 13.29 13.67 27.43
C ALA B 352 13.58 12.31 26.82
N HIS B 353 14.62 11.65 27.32
CA HIS B 353 14.91 10.32 26.84
C HIS B 353 14.99 9.41 28.06
N LEU B 354 14.77 8.12 27.81
CA LEU B 354 14.75 7.09 28.84
C LEU B 354 15.47 5.87 28.29
N HIS B 355 16.69 5.66 28.81
CA HIS B 355 17.49 4.55 28.39
C HIS B 355 17.61 4.59 26.89
N GLY B 356 17.87 5.79 26.37
CA GLY B 356 18.01 5.92 24.95
C GLY B 356 16.73 6.35 24.28
N TYR B 357 15.71 5.52 24.41
CA TYR B 357 14.42 5.80 23.79
C TYR B 357 13.88 7.18 24.12
N PRO B 358 13.60 8.03 23.11
CA PRO B 358 13.08 9.35 23.44
C PRO B 358 11.63 9.20 23.89
N ILE B 359 11.16 10.07 24.77
CA ILE B 359 9.75 9.98 25.24
C ILE B 359 9.09 11.33 25.52
N ALA B 360 7.78 11.38 25.39
CA ALA B 360 7.10 12.61 25.70
C ALA B 360 6.32 12.35 26.97
N ILE B 361 6.51 13.20 27.98
CA ILE B 361 5.80 12.99 29.25
C ILE B 361 4.70 14.00 29.59
N LEU B 362 3.68 13.48 30.28
CA LEU B 362 2.55 14.25 30.78
C LEU B 362 2.34 13.78 32.20
N ALA B 363 2.67 14.62 33.15
CA ALA B 363 2.52 14.30 34.57
C ALA B 363 1.69 15.34 35.34
N ASN B 364 0.73 14.85 36.11
CA ASN B 364 -0.11 15.73 36.88
C ASN B 364 0.64 16.44 37.93
N ASN B 365 0.18 17.65 38.22
CA ASN B 365 0.77 18.43 39.27
C ASN B 365 -0.31 19.24 39.90
N GLY B 366 -1.36 18.52 40.30
CA GLY B 366 -2.46 19.18 40.96
C GLY B 366 -3.86 18.95 40.45
N ILE B 367 -4.59 20.06 40.36
CA ILE B 367 -5.96 20.08 39.93
C ILE B 367 -5.88 19.83 38.44
N LEU B 368 -6.63 20.59 37.67
CA LEU B 368 -6.61 20.41 36.23
C LEU B 368 -7.65 21.33 35.59
N PHE B 369 -7.29 22.60 35.51
CA PHE B 369 -8.13 23.63 34.91
C PHE B 369 -8.21 23.44 33.41
N ALA B 370 -8.95 24.31 32.77
CA ALA B 370 -9.09 24.22 31.34
C ALA B 370 -7.76 24.31 30.59
N GLU B 371 -6.90 25.26 30.94
CA GLU B 371 -5.66 25.41 30.16
C GLU B 371 -4.70 24.27 30.25
N ALA B 372 -4.87 23.45 31.26
CA ALA B 372 -4.02 22.30 31.45
C ALA B 372 -4.31 21.26 30.39
N ALA B 373 -5.59 21.01 30.12
CA ALA B 373 -5.91 20.02 29.09
C ALA B 373 -5.58 20.52 27.69
N GLN B 374 -5.77 21.82 27.39
CA GLN B 374 -5.42 22.36 26.07
C GLN B 374 -3.91 22.24 25.90
N LYS B 375 -3.20 22.41 26.99
CA LYS B 375 -1.75 22.27 27.03
C LYS B 375 -1.41 20.83 26.67
N GLY B 376 -2.02 19.91 27.40
CA GLY B 376 -1.78 18.49 27.18
C GLY B 376 -2.24 17.95 25.85
N ALA B 377 -3.35 18.45 25.33
CA ALA B 377 -3.83 17.97 24.05
C ALA B 377 -2.90 18.45 22.96
N HIS B 378 -2.39 19.66 23.12
CA HIS B 378 -1.45 20.27 22.18
C HIS B 378 -0.11 19.53 22.18
N PHE B 379 0.26 19.05 23.36
CA PHE B 379 1.51 18.32 23.50
C PHE B 379 1.37 17.00 22.73
N ILE B 380 0.31 16.25 23.03
CA ILE B 380 0.01 14.95 22.37
C ILE B 380 -0.01 15.08 20.84
N GLU B 381 -0.37 16.26 20.34
CA GLU B 381 -0.33 16.45 18.91
C GLU B 381 1.17 16.48 18.50
N LEU B 382 2.02 17.25 19.18
CA LEU B 382 3.43 17.32 18.80
C LEU B 382 4.09 15.95 18.91
N ALA B 383 3.75 15.23 19.95
CA ALA B 383 4.31 13.92 20.17
C ALA B 383 3.88 12.97 19.07
N CYS B 384 2.58 12.93 18.84
CA CYS B 384 2.04 12.06 17.82
C CYS B 384 2.48 12.46 16.43
N GLN B 385 3.05 13.66 16.30
CA GLN B 385 3.51 14.18 15.02
C GLN B 385 4.92 13.79 14.71
N ARG B 386 5.66 13.40 15.74
CA ARG B 386 7.06 13.01 15.63
C ARG B 386 7.27 11.52 15.91
N GLY B 387 6.19 10.84 16.29
CA GLY B 387 6.24 9.42 16.59
C GLY B 387 7.05 9.08 17.82
N ILE B 388 6.85 9.87 18.87
CA ILE B 388 7.55 9.68 20.13
C ILE B 388 6.59 9.08 21.15
N PRO B 389 7.02 8.03 21.89
CA PRO B 389 6.18 7.37 22.91
C PRO B 389 5.63 8.35 23.95
N LEU B 390 4.45 8.05 24.48
CA LEU B 390 3.83 8.89 25.51
C LEU B 390 3.90 8.29 26.90
N LEU B 391 4.30 9.10 27.86
CA LEU B 391 4.38 8.63 29.24
C LEU B 391 3.49 9.44 30.16
N PHE B 392 2.48 8.78 30.74
CA PHE B 392 1.53 9.44 31.64
C PHE B 392 1.82 9.08 33.11
N LEU B 393 1.87 10.10 33.96
CA LEU B 393 2.11 9.86 35.36
C LEU B 393 0.92 10.45 36.09
N GLN B 394 0.02 9.58 36.50
CA GLN B 394 -1.16 10.04 37.16
C GLN B 394 -1.03 10.27 38.62
N ASN B 395 -1.64 11.36 39.02
CA ASN B 395 -1.69 11.82 40.40
C ASN B 395 -2.69 12.95 40.29
N ILE B 396 -3.86 12.61 39.76
CA ILE B 396 -4.93 13.58 39.54
C ILE B 396 -6.09 13.40 40.49
N THR B 397 -6.54 14.48 41.14
CA THR B 397 -7.68 14.38 42.05
C THR B 397 -8.99 14.73 41.35
N GLY B 398 -8.91 15.41 40.20
CA GLY B 398 -10.12 15.78 39.47
C GLY B 398 -10.04 17.14 38.79
N PHE B 399 -11.12 17.52 38.08
CA PHE B 399 -11.17 18.79 37.36
C PHE B 399 -11.76 19.88 38.24
N MET B 400 -11.10 21.03 38.25
CA MET B 400 -11.55 22.14 39.05
C MET B 400 -12.99 22.44 38.69
N VAL B 401 -13.87 22.38 39.67
CA VAL B 401 -15.27 22.65 39.43
C VAL B 401 -15.59 24.07 39.88
N GLY B 402 -16.80 24.52 39.57
CA GLY B 402 -17.18 25.86 39.92
C GLY B 402 -18.22 26.30 38.94
N GLN B 403 -18.77 27.52 39.10
CA GLN B 403 -19.81 28.02 38.19
C GLN B 403 -19.21 28.73 36.97
N LYS B 404 -18.13 29.46 37.20
CA LYS B 404 -17.52 30.15 36.09
C LYS B 404 -16.69 29.12 35.40
N TYR B 405 -16.11 28.22 36.19
CA TYR B 405 -15.27 27.16 35.64
C TYR B 405 -16.01 26.29 34.61
N GLU B 406 -17.28 26.01 34.89
CA GLU B 406 -18.13 25.16 34.04
C GLU B 406 -18.64 25.92 32.84
N ALA B 407 -18.88 27.20 33.08
CA ALA B 407 -19.37 28.11 32.08
C ALA B 407 -18.19 28.46 31.19
N GLY B 408 -17.00 28.02 31.59
CA GLY B 408 -15.81 28.33 30.82
C GLY B 408 -15.36 27.23 29.89
N GLY B 409 -16.11 26.14 29.86
CA GLY B 409 -15.73 25.06 28.98
C GLY B 409 -14.76 24.07 29.56
N ILE B 410 -14.55 24.07 30.87
CA ILE B 410 -13.64 23.08 31.47
C ILE B 410 -14.21 21.69 31.07
N ALA B 411 -15.35 21.72 30.41
CA ALA B 411 -16.04 20.53 29.95
C ALA B 411 -15.55 20.12 28.55
N LYS B 412 -15.68 21.04 27.61
CA LYS B 412 -15.27 20.76 26.24
C LYS B 412 -13.76 20.70 26.10
N HIS B 413 -13.04 21.49 26.88
CA HIS B 413 -11.59 21.43 26.77
C HIS B 413 -11.11 20.13 27.35
N GLY B 414 -11.75 19.67 28.42
CA GLY B 414 -11.34 18.41 29.00
C GLY B 414 -11.52 17.36 27.92
N ALA B 415 -12.60 17.51 27.16
CA ALA B 415 -12.90 16.59 26.10
C ALA B 415 -11.77 16.54 25.08
N LYS B 416 -11.21 17.72 24.80
CA LYS B 416 -10.12 17.91 23.85
C LYS B 416 -8.96 16.99 24.19
N LEU B 417 -8.67 16.91 25.48
CA LEU B 417 -7.59 16.10 25.98
C LEU B 417 -7.81 14.62 25.67
N VAL B 418 -8.95 14.11 26.13
CA VAL B 418 -9.30 12.70 25.94
C VAL B 418 -9.31 12.23 24.47
N THR B 419 -9.76 13.10 23.58
CA THR B 419 -9.78 12.79 22.17
C THR B 419 -8.36 12.49 21.78
N ALA B 420 -7.48 13.45 22.04
CA ALA B 420 -6.08 13.31 21.74
C ALA B 420 -5.48 12.01 22.31
N VAL B 421 -5.79 11.72 23.58
CA VAL B 421 -5.29 10.53 24.24
C VAL B 421 -5.86 9.24 23.67
N ALA B 422 -7.16 9.22 23.51
CA ALA B 422 -7.84 8.06 22.97
C ALA B 422 -7.42 7.71 21.55
N CYS B 423 -7.03 8.72 20.79
CA CYS B 423 -6.65 8.48 19.41
C CYS B 423 -5.16 8.31 19.18
N ALA B 424 -4.33 8.85 20.08
CA ALA B 424 -2.90 8.72 19.92
C ALA B 424 -2.52 7.28 19.65
N ARG B 425 -1.79 7.06 18.57
CA ARG B 425 -1.44 5.70 18.20
C ARG B 425 0.02 5.36 18.44
N VAL B 426 0.80 6.28 18.96
CA VAL B 426 2.18 5.93 19.23
C VAL B 426 2.04 5.11 20.48
N PRO B 427 3.14 4.57 21.01
CA PRO B 427 3.05 3.76 22.22
C PRO B 427 2.78 4.57 23.46
N LYS B 428 1.68 4.22 24.14
CA LYS B 428 1.29 4.89 25.36
C LYS B 428 1.65 4.06 26.61
N PHE B 429 2.21 4.72 27.63
CA PHE B 429 2.57 4.06 28.87
C PHE B 429 2.05 4.83 30.07
N THR B 430 1.29 4.16 30.95
CA THR B 430 0.77 4.82 32.15
C THR B 430 1.24 4.21 33.47
N VAL B 431 1.49 5.08 34.44
CA VAL B 431 1.87 4.64 35.77
C VAL B 431 1.23 5.55 36.82
N LEU B 432 0.57 4.90 37.77
CA LEU B 432 -0.14 5.56 38.83
C LEU B 432 0.76 5.83 40.01
N ILE B 433 1.08 7.10 40.24
CA ILE B 433 1.96 7.47 41.36
C ILE B 433 1.30 8.39 42.38
N GLY B 434 -0.01 8.56 42.21
CA GLY B 434 -0.74 9.41 43.10
C GLY B 434 -2.16 8.91 43.19
N GLY B 435 -3.07 9.64 42.57
CA GLY B 435 -4.46 9.23 42.62
C GLY B 435 -5.19 9.30 41.31
N SER B 436 -5.84 8.19 40.97
CA SER B 436 -6.62 8.10 39.75
C SER B 436 -7.99 8.32 40.27
N PHE B 437 -8.53 9.50 40.04
CA PHE B 437 -9.86 9.81 40.52
C PHE B 437 -10.75 10.57 39.51
N GLY B 438 -11.88 9.97 39.14
CA GLY B 438 -12.82 10.60 38.22
C GLY B 438 -12.33 10.88 36.83
N ALA B 439 -12.86 11.94 36.21
CA ALA B 439 -12.50 12.29 34.85
C ALA B 439 -11.03 12.29 34.63
N GLY B 440 -10.29 12.53 35.71
CA GLY B 440 -8.84 12.54 35.61
C GLY B 440 -8.26 11.26 34.99
N ASN B 441 -8.62 10.11 35.56
CA ASN B 441 -8.13 8.84 35.06
C ASN B 441 -8.25 8.73 33.55
N TYR B 442 -9.36 9.21 33.00
CA TYR B 442 -9.54 9.09 31.57
C TYR B 442 -8.69 10.07 30.77
N GLY B 443 -8.61 11.30 31.23
CA GLY B 443 -7.82 12.29 30.53
C GLY B 443 -6.32 12.05 30.60
N MET B 444 -5.87 11.06 31.37
CA MET B 444 -4.43 10.74 31.52
C MET B 444 -4.06 9.31 31.08
N CYS B 445 -4.80 8.81 30.10
CA CYS B 445 -4.62 7.46 29.61
C CYS B 445 -4.69 6.48 30.76
N GLY B 446 -5.92 6.21 31.19
CA GLY B 446 -6.21 5.27 32.28
C GLY B 446 -6.39 3.93 31.65
N ARG B 447 -6.83 2.91 32.38
CA ARG B 447 -6.92 1.58 31.77
C ARG B 447 -7.64 1.45 30.41
N ALA B 448 -8.73 2.19 30.29
CA ALA B 448 -9.56 2.12 29.11
C ALA B 448 -8.99 2.68 27.83
N TYR B 449 -7.85 3.33 27.89
CA TYR B 449 -7.31 3.88 26.65
C TYR B 449 -6.19 3.08 26.04
N ASP B 450 -6.15 1.83 26.48
CA ASP B 450 -5.20 0.87 25.99
C ASP B 450 -3.77 1.32 25.98
N PRO B 451 -3.23 1.70 27.13
CA PRO B 451 -1.82 2.08 27.04
C PRO B 451 -1.17 0.70 26.87
N ARG B 452 -0.02 0.62 26.21
CA ARG B 452 0.60 -0.69 26.04
C ARG B 452 0.73 -1.37 27.40
N PHE B 453 1.06 -0.59 28.42
CA PHE B 453 1.21 -1.07 29.78
C PHE B 453 0.70 -0.06 30.81
N LEU B 454 0.05 -0.54 31.85
CA LEU B 454 -0.43 0.34 32.92
C LEU B 454 0.08 -0.16 34.26
N TRP B 455 0.77 0.68 35.02
CA TRP B 455 1.27 0.21 36.30
C TRP B 455 0.85 1.01 37.51
N MET B 456 1.00 0.42 38.69
CA MET B 456 0.58 1.08 39.89
C MET B 456 1.59 1.02 41.01
N TRP B 457 1.86 2.20 41.59
CA TRP B 457 2.78 2.35 42.72
C TRP B 457 2.06 1.91 44.00
N PRO B 458 2.79 1.52 45.03
CA PRO B 458 2.19 1.09 46.29
C PRO B 458 1.36 2.15 47.04
N ASN B 459 1.79 3.39 46.91
CA ASN B 459 1.15 4.51 47.55
C ASN B 459 -0.09 5.04 46.81
N ALA B 460 -0.23 4.74 45.53
CA ALA B 460 -1.37 5.29 44.77
C ALA B 460 -2.72 4.61 44.99
N ARG B 461 -3.79 5.39 44.97
CA ARG B 461 -5.15 4.86 45.16
C ARG B 461 -6.11 5.27 44.03
N ILE B 462 -6.92 4.34 43.57
CA ILE B 462 -7.84 4.62 42.49
C ILE B 462 -9.32 4.42 42.82
N GLY B 463 -10.15 5.35 42.34
CA GLY B 463 -11.59 5.29 42.56
C GLY B 463 -12.36 6.38 41.80
N VAL B 464 -13.65 6.13 41.53
CA VAL B 464 -14.47 7.12 40.79
C VAL B 464 -14.45 8.50 41.42
N MET B 465 -14.22 8.57 42.72
CA MET B 465 -14.13 9.81 43.46
C MET B 465 -13.94 9.51 44.95
N GLY B 466 -13.25 10.39 45.67
CA GLY B 466 -12.97 10.20 47.09
C GLY B 466 -13.93 9.41 47.97
N GLY B 467 -13.43 8.92 49.11
CA GLY B 467 -14.27 8.16 50.02
C GLY B 467 -15.53 8.92 50.43
N GLU B 468 -15.35 10.02 51.17
CA GLU B 468 -16.48 10.82 51.63
C GLU B 468 -17.09 11.65 50.51
N GLN B 469 -16.32 11.88 49.46
CA GLN B 469 -16.83 12.66 48.36
C GLN B 469 -18.10 11.99 47.86
N ALA B 470 -18.02 10.69 47.61
CA ALA B 470 -19.18 9.91 47.12
C ALA B 470 -20.25 9.77 48.17
N ALA B 471 -19.83 9.58 49.40
CA ALA B 471 -20.81 9.45 50.46
C ALA B 471 -21.44 10.82 50.63
N GLY B 472 -20.75 11.84 50.16
CA GLY B 472 -21.29 13.17 50.26
C GLY B 472 -22.57 13.21 49.46
N VAL B 473 -22.44 13.17 48.14
CA VAL B 473 -23.60 13.23 47.26
C VAL B 473 -24.61 12.12 47.54
N LEU B 474 -24.15 10.89 47.46
CA LEU B 474 -24.99 9.72 47.67
C LEU B 474 -25.94 9.91 48.82
N ALA B 475 -25.48 10.58 49.86
CA ALA B 475 -26.32 10.81 51.02
C ALA B 475 -27.07 12.11 50.87
N GLN B 476 -26.49 13.07 50.15
CA GLN B 476 -27.15 14.35 49.96
C GLN B 476 -28.48 14.18 49.30
N VAL B 477 -28.50 13.49 48.18
CA VAL B 477 -29.76 13.30 47.49
C VAL B 477 -30.79 12.61 48.40
N LYS B 478 -30.38 11.60 49.16
CA LYS B 478 -31.34 10.93 50.04
C LYS B 478 -32.14 11.92 50.89
N ARG B 479 -31.56 13.09 51.21
CA ARG B 479 -32.29 14.08 52.01
C ARG B 479 -32.77 15.22 51.15
N GLU B 480 -32.85 14.99 49.85
CA GLU B 480 -33.32 16.02 48.95
C GLU B 480 -34.58 15.44 48.42
N GLN B 481 -34.60 14.11 48.34
CA GLN B 481 -35.79 13.46 47.86
C GLN B 481 -36.67 13.33 49.09
N ALA B 482 -36.05 13.28 50.25
CA ALA B 482 -36.80 13.16 51.48
C ALA B 482 -37.12 14.54 52.03
N GLU B 483 -36.69 15.56 51.31
CA GLU B 483 -36.90 16.94 51.74
C GLU B 483 -38.16 17.47 51.09
N ARG B 484 -38.28 17.26 49.78
CA ARG B 484 -39.45 17.72 49.06
C ARG B 484 -40.50 16.64 49.20
N ALA B 485 -40.33 15.83 50.25
CA ALA B 485 -41.27 14.77 50.57
C ALA B 485 -41.74 15.03 51.98
N GLY B 486 -41.70 16.30 52.36
CA GLY B 486 -42.16 16.74 53.67
C GLY B 486 -41.40 16.27 54.89
N GLN B 487 -40.14 15.89 54.73
CA GLN B 487 -39.37 15.42 55.87
C GLN B 487 -37.93 15.88 55.75
N GLN B 488 -37.06 15.30 56.57
CA GLN B 488 -35.64 15.64 56.52
C GLN B 488 -34.84 14.44 56.99
N LEU B 489 -33.56 14.48 56.70
CA LEU B 489 -32.65 13.41 57.05
C LEU B 489 -32.02 13.65 58.41
N GLY B 490 -32.38 12.85 59.41
CA GLY B 490 -31.81 13.03 60.73
C GLY B 490 -30.39 12.49 60.82
N VAL B 491 -29.51 13.25 61.46
CA VAL B 491 -28.13 12.87 61.60
C VAL B 491 -27.95 11.40 61.97
N GLU B 492 -29.02 10.72 62.32
CA GLU B 492 -28.90 9.30 62.69
C GLU B 492 -28.96 8.38 61.48
N GLU B 493 -29.78 8.73 60.50
CA GLU B 493 -29.91 7.90 59.31
C GLU B 493 -28.89 8.30 58.26
N GLU B 494 -28.56 9.57 58.23
CA GLU B 494 -27.61 10.06 57.25
C GLU B 494 -26.25 9.50 57.54
N ALA B 495 -25.93 9.44 58.81
CA ALA B 495 -24.64 8.94 59.18
C ALA B 495 -24.56 7.45 58.94
N LYS B 496 -25.69 6.77 58.86
CA LYS B 496 -25.66 5.34 58.62
C LYS B 496 -25.68 5.09 57.11
N ILE B 497 -25.87 6.17 56.36
CA ILE B 497 -25.91 6.10 54.90
C ILE B 497 -24.51 6.20 54.38
N LYS B 498 -23.71 7.04 55.04
CA LYS B 498 -22.33 7.29 54.64
C LYS B 498 -21.30 6.31 55.19
N ALA B 499 -21.59 5.73 56.34
CA ALA B 499 -20.64 4.83 56.95
C ALA B 499 -20.20 3.72 56.01
N PRO B 500 -21.16 2.94 55.47
CA PRO B 500 -20.84 1.85 54.56
C PRO B 500 -20.06 2.28 53.32
N ILE B 501 -20.33 3.49 52.84
CA ILE B 501 -19.63 4.03 51.67
C ILE B 501 -18.20 4.42 52.02
N LEU B 502 -18.07 5.25 53.05
CA LEU B 502 -16.76 5.71 53.45
C LEU B 502 -15.76 4.58 53.62
N GLU B 503 -16.22 3.38 53.97
CA GLU B 503 -15.31 2.23 54.13
C GLU B 503 -15.14 1.45 52.82
N GLN B 504 -16.21 1.35 52.03
CA GLN B 504 -16.15 0.63 50.75
C GLN B 504 -15.09 1.25 49.88
N TYR B 505 -15.21 2.55 49.69
CA TYR B 505 -14.27 3.30 48.90
C TYR B 505 -12.81 3.10 49.35
N GLU B 506 -12.57 3.20 50.65
CA GLU B 506 -11.22 2.99 51.13
C GLU B 506 -10.67 1.62 50.73
N HIS B 507 -11.54 0.61 50.69
CA HIS B 507 -11.15 -0.77 50.34
C HIS B 507 -10.86 -1.01 48.84
N GLN B 508 -11.72 -0.48 48.00
CA GLN B 508 -11.52 -0.70 46.60
C GLN B 508 -10.68 0.40 45.99
N GLY B 509 -9.93 1.11 46.80
CA GLY B 509 -9.11 2.15 46.23
C GLY B 509 -7.67 1.73 46.28
N HIS B 510 -7.43 0.63 46.97
CA HIS B 510 -6.09 0.09 47.17
C HIS B 510 -5.51 -0.80 46.10
N PRO B 511 -4.25 -0.57 45.75
CA PRO B 511 -3.49 -1.31 44.74
C PRO B 511 -3.75 -2.81 44.70
N TYR B 512 -3.71 -3.47 45.86
CA TYR B 512 -3.94 -4.89 45.84
C TYR B 512 -5.32 -5.18 45.26
N TYR B 513 -6.31 -4.44 45.71
CA TYR B 513 -7.66 -4.66 45.21
C TYR B 513 -7.66 -4.49 43.70
N SER B 514 -6.92 -3.47 43.23
CA SER B 514 -6.81 -3.15 41.80
C SER B 514 -6.05 -4.20 41.00
N SER B 515 -4.77 -4.42 41.31
CA SER B 515 -4.00 -5.44 40.59
C SER B 515 -4.66 -6.83 40.67
N ALA B 516 -5.45 -7.05 41.71
CA ALA B 516 -6.15 -8.31 41.93
C ALA B 516 -7.13 -8.60 40.82
N ARG B 517 -7.72 -7.55 40.26
CA ARG B 517 -8.70 -7.66 39.17
C ARG B 517 -8.16 -7.17 37.81
N LEU B 518 -6.85 -7.11 37.69
CA LEU B 518 -6.22 -6.74 36.45
C LEU B 518 -6.47 -5.34 35.91
N TRP B 519 -6.88 -4.42 36.77
CA TRP B 519 -7.08 -3.05 36.33
C TRP B 519 -5.73 -2.41 36.01
N ASP B 520 -4.69 -3.20 36.16
CA ASP B 520 -3.36 -2.73 35.89
C ASP B 520 -2.47 -3.96 35.83
N ASP B 521 -1.39 -3.88 35.05
CA ASP B 521 -0.54 -5.02 34.88
C ASP B 521 0.42 -5.23 36.03
N GLY B 522 0.01 -4.77 37.20
CA GLY B 522 0.83 -5.00 38.37
C GLY B 522 1.23 -3.82 39.21
N VAL B 523 1.58 -4.12 40.46
CA VAL B 523 2.04 -3.10 41.41
C VAL B 523 3.55 -3.21 41.36
N ILE B 524 4.23 -2.07 41.26
CA ILE B 524 5.68 -2.03 41.14
C ILE B 524 6.40 -1.25 42.22
N ASP B 525 7.73 -1.39 42.19
CA ASP B 525 8.61 -0.72 43.13
C ASP B 525 8.95 0.66 42.58
N PRO B 526 8.41 1.72 43.21
CA PRO B 526 8.63 3.12 42.81
C PRO B 526 10.04 3.46 42.42
N ALA B 527 11.00 2.84 43.07
CA ALA B 527 12.38 3.15 42.74
C ALA B 527 12.90 2.26 41.63
N GLN B 528 12.01 1.48 41.03
CA GLN B 528 12.38 0.57 39.94
C GLN B 528 11.71 1.03 38.63
N THR B 529 10.79 1.96 38.76
CA THR B 529 10.08 2.48 37.61
C THR B 529 10.94 2.67 36.39
N ARG B 530 11.94 3.52 36.50
CA ARG B 530 12.81 3.78 35.37
C ARG B 530 13.17 2.55 34.57
N GLU B 531 13.55 1.48 35.27
CA GLU B 531 13.94 0.26 34.58
C GLU B 531 12.81 -0.63 34.03
N VAL B 532 11.61 -0.41 34.55
CA VAL B 532 10.47 -1.13 34.05
C VAL B 532 10.13 -0.47 32.70
N LEU B 533 10.08 0.87 32.69
CA LEU B 533 9.79 1.63 31.46
C LEU B 533 10.73 1.33 30.33
N ALA B 534 12.01 1.19 30.65
CA ALA B 534 12.95 0.86 29.62
C ALA B 534 12.57 -0.54 29.07
N LEU B 535 12.40 -1.53 29.93
CA LEU B 535 12.06 -2.86 29.44
C LEU B 535 10.85 -2.82 28.54
N ALA B 536 9.79 -2.14 29.00
CA ALA B 536 8.53 -2.05 28.23
C ALA B 536 8.74 -1.41 26.87
N LEU B 537 9.15 -0.13 26.88
CA LEU B 537 9.41 0.65 25.67
C LEU B 537 10.14 -0.22 24.65
N SER B 538 11.30 -0.72 25.01
CA SER B 538 12.05 -1.60 24.11
C SER B 538 11.14 -2.72 23.55
N ALA B 539 10.43 -3.43 24.43
CA ALA B 539 9.54 -4.53 24.03
C ALA B 539 8.48 -4.16 23.02
N ALA B 540 7.98 -2.93 23.13
CA ALA B 540 6.92 -2.42 22.26
C ALA B 540 7.46 -1.95 20.93
N LEU B 541 8.76 -2.07 20.77
CA LEU B 541 9.39 -1.68 19.53
C LEU B 541 9.49 -2.90 18.66
N ASN B 542 8.80 -3.97 19.06
CA ASN B 542 8.81 -5.16 18.27
C ASN B 542 7.72 -4.85 17.26
N ALA B 543 6.88 -3.87 17.61
CA ALA B 543 5.76 -3.45 16.74
C ALA B 543 5.87 -1.98 16.29
N PRO B 544 5.68 -1.75 14.96
CA PRO B 544 5.74 -0.46 14.27
C PRO B 544 4.97 0.65 14.90
N ILE B 545 5.57 1.84 14.93
CA ILE B 545 4.90 2.99 15.50
C ILE B 545 4.05 3.46 14.36
N GLU B 546 2.76 3.28 14.52
CA GLU B 546 1.76 3.62 13.53
C GLU B 546 1.44 5.11 13.54
N PRO B 547 1.00 5.67 12.40
CA PRO B 547 0.65 7.10 12.34
C PRO B 547 -0.67 7.31 13.05
N THR B 548 -0.90 8.52 13.53
CA THR B 548 -2.09 8.80 14.29
C THR B 548 -3.16 9.60 13.53
N ALA B 549 -4.44 9.29 13.74
CA ALA B 549 -5.54 10.02 13.09
C ALA B 549 -6.47 10.51 14.19
N PHE B 550 -6.63 11.82 14.33
CA PHE B 550 -7.48 12.36 15.40
C PHE B 550 -8.89 12.50 15.01
N GLY B 551 -9.79 12.41 15.99
CA GLY B 551 -11.21 12.56 15.70
C GLY B 551 -11.51 14.03 15.52
N VAL B 552 -12.77 14.41 15.71
CA VAL B 552 -13.08 15.83 15.55
C VAL B 552 -12.77 16.46 16.89
N PHE B 553 -12.13 17.62 16.88
CA PHE B 553 -11.82 18.30 18.13
C PHE B 553 -12.92 19.31 18.45
N ARG B 554 -13.53 19.21 19.62
CA ARG B 554 -14.56 20.17 19.93
C ARG B 554 -13.84 21.45 20.30
N MET B 555 -13.80 22.40 19.37
CA MET B 555 -13.13 23.68 19.63
C MET B 555 -13.95 24.49 20.62
N TYR C 5 67.07 -16.35 59.85
CA TYR C 5 66.39 -15.83 58.61
C TYR C 5 64.94 -16.30 58.32
N ARG C 6 64.01 -15.35 58.22
CA ARG C 6 62.58 -15.63 57.92
C ARG C 6 62.16 -15.14 56.53
N SER C 7 61.18 -15.81 55.94
CA SER C 7 60.72 -15.49 54.59
C SER C 7 59.34 -14.84 54.46
N ILE C 8 59.21 -13.91 53.51
CA ILE C 8 57.95 -13.20 53.26
C ILE C 8 57.23 -13.67 52.00
N GLN C 9 55.97 -14.07 52.17
CA GLN C 9 55.09 -14.59 51.12
C GLN C 9 54.22 -13.47 50.66
N ARG C 10 53.96 -12.58 51.57
CA ARG C 10 53.13 -11.45 51.30
C ARG C 10 53.53 -10.29 52.16
N LEU C 11 53.71 -9.15 51.54
CA LEU C 11 54.08 -7.98 52.29
C LEU C 11 52.84 -7.12 52.29
N LEU C 12 52.38 -6.72 53.47
CA LEU C 12 51.22 -5.83 53.54
C LEU C 12 51.72 -4.40 53.52
N VAL C 13 51.18 -3.59 52.63
CA VAL C 13 51.62 -2.21 52.53
C VAL C 13 50.69 -1.23 53.22
N ALA C 14 50.93 -1.01 54.51
CA ALA C 14 50.08 -0.10 55.27
C ALA C 14 50.26 1.32 54.80
N ASN C 15 49.58 1.67 53.71
CA ASN C 15 49.65 2.99 53.19
C ASN C 15 48.95 3.04 51.85
N ARG C 16 48.92 4.24 51.26
CA ARG C 16 48.24 4.47 49.99
C ARG C 16 49.13 5.23 49.05
N GLY C 17 48.52 5.69 47.95
CA GLY C 17 49.24 6.47 46.96
C GLY C 17 50.56 5.98 46.42
N GLU C 18 51.16 6.81 45.58
CA GLU C 18 52.42 6.49 44.89
C GLU C 18 53.44 5.67 45.62
N ILE C 19 53.41 5.76 46.94
CA ILE C 19 54.39 5.05 47.75
C ILE C 19 54.05 3.58 47.89
N ALA C 20 52.76 3.29 47.92
CA ALA C 20 52.29 1.92 48.01
C ALA C 20 52.50 1.21 46.67
N CYS C 21 52.32 1.93 45.57
CA CYS C 21 52.50 1.38 44.22
C CYS C 21 53.97 1.27 44.01
N ARG C 22 54.70 2.08 44.76
CA ARG C 22 56.16 2.13 44.72
C ARG C 22 56.74 0.87 45.35
N VAL C 23 56.24 0.49 46.52
CA VAL C 23 56.76 -0.71 47.17
C VAL C 23 56.07 -1.91 46.55
N MET C 24 54.83 -1.72 46.12
CA MET C 24 54.12 -2.80 45.51
C MET C 24 55.01 -3.25 44.36
N ARG C 25 55.41 -2.31 43.50
CA ARG C 25 56.26 -2.57 42.33
C ARG C 25 57.44 -3.45 42.73
N SER C 26 58.10 -3.15 43.84
CA SER C 26 59.23 -3.94 44.27
C SER C 26 58.87 -5.32 44.79
N ALA C 27 57.90 -5.40 45.68
CA ALA C 27 57.50 -6.69 46.18
C ALA C 27 57.23 -7.67 45.03
N ARG C 28 56.51 -7.20 44.02
CA ARG C 28 56.14 -7.99 42.85
C ARG C 28 57.33 -8.46 42.08
N ALA C 29 58.28 -7.56 41.91
CA ALA C 29 59.52 -7.82 41.19
C ALA C 29 60.30 -8.90 41.89
N LEU C 30 60.06 -9.02 43.19
CA LEU C 30 60.76 -9.99 44.01
C LEU C 30 59.99 -11.28 44.24
N GLY C 31 58.91 -11.46 43.50
CA GLY C 31 58.12 -12.66 43.65
C GLY C 31 57.34 -12.68 44.95
N ILE C 32 57.08 -11.51 45.52
CA ILE C 32 56.32 -11.49 46.75
C ILE C 32 54.95 -10.86 46.53
N GLY C 33 53.92 -11.42 47.15
CA GLY C 33 52.58 -10.88 47.01
C GLY C 33 52.37 -9.62 47.82
N SER C 34 51.69 -8.63 47.23
CA SER C 34 51.45 -7.40 47.94
C SER C 34 49.98 -7.23 48.33
N VAL C 35 49.76 -7.03 49.61
CA VAL C 35 48.43 -6.83 50.15
C VAL C 35 48.34 -5.35 50.52
N ALA C 36 47.38 -4.62 49.95
CA ALA C 36 47.24 -3.21 50.29
C ALA C 36 46.03 -3.13 51.19
N VAL C 37 45.92 -2.03 51.93
CA VAL C 37 44.77 -1.83 52.78
C VAL C 37 44.28 -0.48 52.30
N HIS C 38 42.98 -0.25 52.39
CA HIS C 38 42.38 1.02 51.95
C HIS C 38 41.36 1.58 52.90
N SER C 39 41.13 2.88 52.77
CA SER C 39 40.15 3.55 53.58
C SER C 39 38.88 3.34 52.78
N ASP C 40 37.79 3.93 53.24
CA ASP C 40 36.53 3.82 52.51
C ASP C 40 36.64 4.59 51.19
N ILE C 41 37.05 5.84 51.30
CA ILE C 41 37.18 6.73 50.17
C ILE C 41 38.23 6.34 49.13
N ASP C 42 38.80 5.15 49.27
CA ASP C 42 39.81 4.70 48.29
C ASP C 42 39.57 3.25 47.85
N ARG C 43 38.29 2.87 47.78
CA ARG C 43 37.84 1.54 47.32
C ARG C 43 38.13 1.43 45.80
N HIS C 44 38.14 2.58 45.15
CA HIS C 44 38.41 2.61 43.74
C HIS C 44 39.89 3.05 43.48
N ALA C 45 40.63 3.44 44.53
CA ALA C 45 42.04 3.88 44.44
C ALA C 45 42.97 2.98 43.61
N ARG C 46 44.10 3.53 43.18
CA ARG C 46 45.05 2.78 42.35
C ARG C 46 45.77 1.64 43.01
N HIS C 47 46.30 1.85 44.21
CA HIS C 47 47.02 0.80 44.91
C HIS C 47 46.12 -0.36 45.32
N VAL C 48 44.81 -0.16 45.22
CA VAL C 48 43.81 -1.20 45.54
C VAL C 48 43.86 -2.13 44.35
N ALA C 49 44.07 -1.52 43.20
CA ALA C 49 44.16 -2.23 41.96
C ALA C 49 45.46 -3.01 42.01
N GLU C 50 46.57 -2.28 41.90
CA GLU C 50 47.90 -2.88 41.86
C GLU C 50 48.20 -3.95 42.90
N ALA C 51 47.33 -4.09 43.88
CA ALA C 51 47.56 -5.08 44.90
C ALA C 51 46.91 -6.41 44.58
N ASP C 52 47.44 -7.44 45.21
CA ASP C 52 46.99 -8.82 45.05
C ASP C 52 45.70 -9.01 45.86
N ILE C 53 45.75 -8.68 47.13
CA ILE C 53 44.59 -8.76 47.99
C ILE C 53 44.56 -7.43 48.67
N ALA C 54 43.39 -7.02 49.13
CA ALA C 54 43.28 -5.73 49.80
C ALA C 54 42.14 -5.73 50.79
N VAL C 55 42.38 -5.16 51.98
CA VAL C 55 41.34 -5.10 52.99
C VAL C 55 40.81 -3.67 53.22
N ASP C 56 39.54 -3.59 53.62
CA ASP C 56 38.87 -2.32 53.87
C ASP C 56 39.09 -1.84 55.32
N LEU C 57 39.69 -0.67 55.51
CA LEU C 57 39.90 -0.15 56.86
C LEU C 57 38.74 0.79 57.19
N GLY C 58 39.03 1.85 57.93
CA GLY C 58 38.00 2.80 58.32
C GLY C 58 37.30 3.55 57.21
N GLY C 59 36.81 4.72 57.58
CA GLY C 59 36.06 5.56 56.67
C GLY C 59 36.91 6.53 55.87
N ALA C 60 36.72 7.82 56.10
CA ALA C 60 37.43 8.82 55.33
C ALA C 60 38.68 9.43 55.95
N LYS C 61 38.52 10.25 56.98
CA LYS C 61 39.68 10.91 57.60
C LYS C 61 40.87 9.95 57.77
N PRO C 62 42.11 10.47 57.74
CA PRO C 62 43.32 9.64 57.89
C PRO C 62 43.30 9.04 59.27
N ALA C 63 42.61 9.73 60.16
CA ALA C 63 42.47 9.30 61.52
C ALA C 63 41.80 7.93 61.60
N ASP C 64 40.48 7.91 61.45
CA ASP C 64 39.70 6.67 61.53
C ASP C 64 39.97 5.61 60.47
N SER C 65 41.10 5.75 59.79
CA SER C 65 41.47 4.80 58.73
C SER C 65 42.94 4.27 58.73
N TYR C 66 43.76 4.79 57.83
CA TYR C 66 45.16 4.37 57.71
C TYR C 66 45.99 4.46 58.95
N LEU C 67 45.48 5.15 59.96
CA LEU C 67 46.22 5.26 61.21
C LEU C 67 45.82 4.19 62.22
N ARG C 68 44.60 3.64 62.07
CA ARG C 68 44.15 2.61 62.99
C ARG C 68 45.02 1.37 62.86
N GLY C 69 46.11 1.35 63.62
CA GLY C 69 47.04 0.23 63.59
C GLY C 69 46.42 -1.07 64.04
N ASP C 70 45.34 -0.96 64.81
CA ASP C 70 44.65 -2.13 65.31
C ASP C 70 44.07 -2.95 64.14
N ARG C 71 43.42 -2.27 63.19
CA ARG C 71 42.83 -2.95 62.04
C ARG C 71 43.87 -3.36 61.00
N ILE C 72 44.80 -2.45 60.71
CA ILE C 72 45.87 -2.74 59.76
C ILE C 72 46.55 -4.02 60.19
N ILE C 73 47.00 -4.04 61.44
CA ILE C 73 47.69 -5.20 62.00
C ILE C 73 46.83 -6.47 62.01
N ALA C 74 45.53 -6.31 62.10
CA ALA C 74 44.64 -7.45 62.11
C ALA C 74 44.42 -7.85 60.66
N ALA C 75 44.37 -6.83 59.81
CA ALA C 75 44.15 -7.03 58.38
C ALA C 75 45.28 -7.85 57.79
N ALA C 76 46.51 -7.36 57.96
CA ALA C 76 47.66 -8.06 57.43
C ALA C 76 47.70 -9.44 58.01
N LEU C 77 47.27 -9.55 59.26
CA LEU C 77 47.27 -10.82 59.97
C LEU C 77 46.34 -11.85 59.33
N ALA C 78 45.17 -11.41 58.94
CA ALA C 78 44.21 -12.32 58.35
C ALA C 78 44.29 -12.40 56.83
N SER C 79 45.08 -11.52 56.24
CA SER C 79 45.19 -11.55 54.79
C SER C 79 46.35 -12.45 54.35
N GLY C 80 47.04 -13.08 55.28
CA GLY C 80 48.12 -13.97 54.91
C GLY C 80 49.52 -13.39 54.71
N ALA C 81 49.78 -12.19 55.22
CA ALA C 81 51.11 -11.61 55.05
C ALA C 81 51.90 -11.76 56.33
N GLN C 82 53.22 -11.81 56.22
CA GLN C 82 54.06 -11.91 57.41
C GLN C 82 54.95 -10.71 57.55
N ALA C 83 54.53 -9.60 56.95
CA ALA C 83 55.32 -8.39 57.03
C ALA C 83 54.52 -7.15 56.70
N ILE C 84 54.83 -6.05 57.40
CA ILE C 84 54.18 -4.78 57.14
C ILE C 84 55.24 -3.75 56.81
N HIS C 85 54.91 -2.93 55.84
CA HIS C 85 55.78 -1.88 55.39
C HIS C 85 54.98 -0.62 55.52
N PRO C 86 55.38 0.28 56.42
CA PRO C 86 54.74 1.55 56.71
C PRO C 86 54.80 2.62 55.64
N GLY C 87 55.82 2.60 54.81
CA GLY C 87 55.91 3.63 53.81
C GLY C 87 56.19 4.89 54.60
N TYR C 88 56.07 6.07 54.02
CA TYR C 88 56.35 7.25 54.81
C TYR C 88 55.08 7.78 55.38
N GLY C 89 55.20 8.60 56.41
CA GLY C 89 54.04 9.20 57.05
C GLY C 89 53.21 8.26 57.93
N PHE C 90 51.92 8.56 58.06
CA PHE C 90 51.00 7.76 58.86
C PHE C 90 51.67 7.08 60.04
N LEU C 91 51.80 5.74 60.03
CA LEU C 91 52.41 5.01 61.16
C LEU C 91 53.84 4.53 61.02
N SER C 92 54.61 5.19 60.16
CA SER C 92 55.99 4.79 59.92
C SER C 92 56.93 5.17 61.05
N GLU C 93 56.52 6.14 61.85
CA GLU C 93 57.37 6.58 62.93
C GLU C 93 56.62 6.63 64.26
N ASN C 94 56.66 5.53 65.02
CA ASN C 94 56.05 5.45 66.37
C ASN C 94 56.06 4.03 66.97
N ALA C 95 57.00 3.80 67.89
CA ALA C 95 57.15 2.49 68.56
C ALA C 95 55.83 1.77 68.70
N ASP C 96 54.90 2.45 69.34
CA ASP C 96 53.56 1.96 69.58
C ASP C 96 53.18 0.92 68.53
N PHE C 97 53.30 1.28 67.26
CA PHE C 97 52.98 0.36 66.16
C PHE C 97 54.00 -0.75 66.11
N ALA C 98 55.17 -0.42 65.56
CA ALA C 98 56.26 -1.36 65.41
C ALA C 98 56.25 -2.37 66.55
N ARG C 99 56.07 -1.87 67.78
CA ARG C 99 56.05 -2.73 68.96
C ARG C 99 54.93 -3.76 68.84
N ALA C 100 53.70 -3.28 68.85
CA ALA C 100 52.58 -4.19 68.78
C ALA C 100 52.56 -4.88 67.43
N CYS C 101 53.34 -4.37 66.50
CA CYS C 101 53.37 -4.98 65.18
C CYS C 101 54.25 -6.20 65.20
N GLU C 102 55.40 -6.06 65.87
CA GLU C 102 56.36 -7.15 66.00
C GLU C 102 55.77 -8.11 67.00
N GLU C 103 55.00 -7.55 67.91
CA GLU C 103 54.35 -8.30 68.97
C GLU C 103 53.24 -9.18 68.39
N ALA C 104 52.98 -9.05 67.11
CA ALA C 104 51.90 -9.82 66.49
C ALA C 104 52.41 -10.94 65.61
N GLY C 105 53.74 -11.00 65.48
CA GLY C 105 54.36 -12.03 64.66
C GLY C 105 54.86 -11.53 63.32
N LEU C 106 54.49 -10.31 62.94
CA LEU C 106 54.89 -9.73 61.66
C LEU C 106 56.19 -8.94 61.74
N LEU C 107 56.98 -8.94 60.66
CA LEU C 107 58.22 -8.19 60.68
C LEU C 107 57.91 -6.82 60.17
N PHE C 108 58.36 -5.83 60.93
CA PHE C 108 58.14 -4.44 60.59
C PHE C 108 59.33 -3.99 59.83
N LEU C 109 59.10 -3.66 58.56
CA LEU C 109 60.18 -3.16 57.75
C LEU C 109 60.49 -1.76 58.25
N GLY C 110 61.34 -1.68 59.26
CA GLY C 110 61.72 -0.40 59.85
C GLY C 110 62.70 -0.62 61.00
N PRO C 111 63.09 0.43 61.74
CA PRO C 111 64.03 0.25 62.84
C PRO C 111 63.25 -0.37 64.01
N PRO C 112 63.92 -0.94 65.01
CA PRO C 112 63.13 -1.52 66.11
C PRO C 112 62.51 -0.36 66.85
N ALA C 113 61.41 -0.60 67.57
CA ALA C 113 60.74 0.48 68.30
C ALA C 113 61.77 1.37 68.95
N ALA C 114 62.60 0.78 69.77
CA ALA C 114 63.67 1.46 70.47
C ALA C 114 64.07 2.72 69.76
N ALA C 115 64.73 2.52 68.63
CA ALA C 115 65.26 3.60 67.81
C ALA C 115 64.24 4.55 67.23
N ILE C 116 63.01 4.09 67.02
CA ILE C 116 62.03 4.97 66.44
C ILE C 116 61.68 6.14 67.31
N ASP C 117 61.10 5.92 68.49
CA ASP C 117 60.79 7.08 69.30
C ASP C 117 62.05 7.56 70.02
N ALA C 118 63.19 7.03 69.58
CA ALA C 118 64.46 7.46 70.10
C ALA C 118 64.53 8.89 69.57
N MET C 119 64.43 9.03 68.25
CA MET C 119 64.46 10.34 67.61
C MET C 119 63.07 10.99 67.71
N GLY C 120 62.30 10.54 68.69
CA GLY C 120 60.95 11.04 68.90
C GLY C 120 60.99 12.35 69.62
N SER C 121 62.04 12.56 70.40
CA SER C 121 62.19 13.82 71.12
C SER C 121 63.56 14.44 70.93
N LYS C 122 63.55 15.73 70.61
CA LYS C 122 64.74 16.51 70.36
C LYS C 122 65.76 16.34 71.48
N SER C 123 65.25 16.12 72.69
CA SER C 123 66.12 15.93 73.84
C SER C 123 66.79 14.58 73.70
N ALA C 124 65.98 13.54 73.57
CA ALA C 124 66.47 12.17 73.41
C ALA C 124 67.57 12.09 72.38
N ALA C 125 67.33 12.72 71.25
CA ALA C 125 68.25 12.75 70.14
C ALA C 125 69.52 13.51 70.49
N LYS C 126 69.36 14.79 70.83
CA LYS C 126 70.49 15.63 71.21
C LYS C 126 71.50 14.81 72.01
N ALA C 127 70.96 13.91 72.83
CA ALA C 127 71.72 13.03 73.69
C ALA C 127 72.65 12.11 72.93
N LEU C 128 72.05 11.26 72.09
CA LEU C 128 72.81 10.33 71.27
C LEU C 128 73.89 11.06 70.54
N MET C 129 73.41 11.94 69.67
CA MET C 129 74.25 12.76 68.80
C MET C 129 75.42 13.35 69.50
N GLU C 130 75.15 14.01 70.61
CA GLU C 130 76.22 14.60 71.36
C GLU C 130 77.14 13.42 71.70
N GLU C 131 76.62 12.42 72.42
CA GLU C 131 77.43 11.25 72.83
C GLU C 131 77.72 10.27 71.72
N ALA C 132 77.75 10.74 70.50
CA ALA C 132 78.01 9.85 69.42
C ALA C 132 79.08 10.35 68.49
N GLY C 133 79.39 11.64 68.54
CA GLY C 133 80.42 12.13 67.65
C GLY C 133 79.80 12.78 66.45
N VAL C 134 78.57 13.25 66.65
CA VAL C 134 77.78 13.94 65.63
C VAL C 134 77.69 15.37 66.04
N PRO C 135 78.21 16.28 65.18
CA PRO C 135 78.20 17.71 65.45
C PRO C 135 76.79 18.22 65.62
N LEU C 136 76.59 19.06 66.64
CA LEU C 136 75.30 19.70 66.89
C LEU C 136 75.52 21.18 66.64
N VAL C 137 74.49 22.00 66.81
CA VAL C 137 74.63 23.44 66.57
C VAL C 137 74.98 24.18 67.87
N PRO C 138 76.11 24.96 67.86
CA PRO C 138 76.57 25.71 69.03
C PRO C 138 75.52 26.64 69.59
N GLY C 139 75.61 26.90 70.88
CA GLY C 139 74.65 27.78 71.53
C GLY C 139 74.86 27.79 73.02
N TYR C 140 74.57 28.94 73.61
CA TYR C 140 74.69 29.07 75.04
C TYR C 140 73.27 29.03 75.58
N HIS C 141 73.13 28.51 76.79
CA HIS C 141 71.84 28.42 77.44
C HIS C 141 71.97 28.30 78.97
N GLY C 142 70.82 28.18 79.64
CA GLY C 142 70.77 28.05 81.09
C GLY C 142 71.15 29.29 81.87
N GLU C 143 72.44 29.41 82.15
CA GLU C 143 73.01 30.52 82.90
C GLU C 143 73.26 31.79 82.06
N ALA C 144 72.20 32.60 81.90
CA ALA C 144 72.23 33.86 81.11
C ALA C 144 72.95 35.06 81.73
N GLN C 145 74.27 34.94 81.95
CA GLN C 145 75.06 36.01 82.56
C GLN C 145 74.80 37.43 82.03
N ASP C 146 75.69 37.95 81.19
CA ASP C 146 75.50 39.31 80.68
C ASP C 146 76.45 39.63 79.56
N LEU C 147 76.65 40.92 79.32
CA LEU C 147 77.51 41.44 78.25
C LEU C 147 78.97 41.00 78.22
N GLU C 148 79.33 40.02 79.06
CA GLU C 148 80.68 39.49 79.04
C GLU C 148 80.73 38.01 78.67
N THR C 149 80.07 37.14 79.42
CA THR C 149 80.08 35.70 79.08
C THR C 149 79.43 35.50 77.69
N PHE C 150 78.45 36.31 77.34
CA PHE C 150 77.82 36.23 76.02
C PHE C 150 78.87 36.59 74.98
N ARG C 151 79.81 37.46 75.35
CA ARG C 151 80.90 37.87 74.46
C ARG C 151 81.81 36.66 74.21
N ARG C 152 82.24 36.03 75.31
CA ARG C 152 83.11 34.84 75.24
C ARG C 152 82.38 33.67 74.55
N GLU C 153 81.06 33.57 74.76
CA GLU C 153 80.26 32.51 74.14
C GLU C 153 79.94 32.82 72.69
N ALA C 154 79.46 34.04 72.42
CA ALA C 154 79.18 34.42 71.04
C ALA C 154 80.50 34.30 70.26
N GLY C 155 81.60 34.16 71.01
CA GLY C 155 82.91 34.02 70.43
C GLY C 155 83.12 32.62 69.86
N ARG C 156 83.07 31.60 70.72
CA ARG C 156 83.22 30.21 70.25
C ARG C 156 81.93 29.85 69.48
N ILE C 157 81.69 30.48 68.34
CA ILE C 157 80.47 30.21 67.63
C ILE C 157 80.49 30.67 66.19
N GLY C 158 81.28 31.71 65.90
CA GLY C 158 81.34 32.25 64.56
C GLY C 158 80.33 33.37 64.68
N TYR C 159 80.82 34.60 64.81
CA TYR C 159 79.90 35.68 65.05
C TYR C 159 78.55 35.80 64.31
N PRO C 160 78.41 35.32 63.06
CA PRO C 160 77.02 35.54 62.58
C PRO C 160 76.11 34.66 63.46
N VAL C 161 75.70 35.24 64.60
CA VAL C 161 74.88 34.58 65.64
C VAL C 161 73.54 35.23 65.99
N LEU C 162 72.59 34.40 66.41
CA LEU C 162 71.27 34.83 66.79
C LEU C 162 71.12 34.79 68.31
N LEU C 163 70.15 35.55 68.80
CA LEU C 163 69.86 35.66 70.23
C LEU C 163 68.32 35.41 70.47
N LYS C 164 67.98 34.58 71.49
CA LYS C 164 66.56 34.25 71.82
C LYS C 164 66.22 34.54 73.29
N ALA C 165 65.34 33.75 73.91
CA ALA C 165 64.96 33.98 75.30
C ALA C 165 64.44 32.71 75.97
N ALA C 166 63.77 32.87 77.11
CA ALA C 166 63.19 31.74 77.84
C ALA C 166 61.70 31.70 77.51
N ALA C 167 61.19 32.76 76.88
CA ALA C 167 59.78 32.89 76.49
C ALA C 167 59.62 32.70 74.97
N MET C 174 64.63 36.99 70.25
CA MET C 174 64.91 36.70 68.85
C MET C 174 65.48 37.97 68.19
N LYS C 175 66.79 37.96 67.93
CA LYS C 175 67.48 39.12 67.35
C LYS C 175 68.88 38.70 66.98
N VAL C 176 69.20 38.81 65.70
CA VAL C 176 70.52 38.42 65.26
C VAL C 176 71.56 39.53 65.44
N VAL C 177 72.82 39.14 65.48
CA VAL C 177 73.95 40.04 65.63
C VAL C 177 75.17 39.43 64.95
N GLU C 178 75.60 40.01 63.83
CA GLU C 178 76.75 39.47 63.08
C GLU C 178 78.11 40.14 63.38
N ARG C 179 78.10 41.43 63.66
CA ARG C 179 79.34 42.14 63.97
C ARG C 179 79.86 41.69 65.34
N GLU C 180 80.97 42.27 65.76
CA GLU C 180 81.61 42.02 67.07
C GLU C 180 80.93 42.93 68.10
N ALA C 181 81.21 44.23 67.98
CA ALA C 181 80.66 45.24 68.88
C ALA C 181 79.13 45.38 68.83
N GLU C 182 78.54 45.27 67.64
CA GLU C 182 77.07 45.40 67.51
C GLU C 182 76.34 44.61 68.58
N LEU C 183 77.05 43.65 69.16
CA LEU C 183 76.51 42.77 70.19
C LEU C 183 76.01 43.52 71.42
N ALA C 184 76.64 44.66 71.69
CA ALA C 184 76.29 45.46 72.86
C ALA C 184 74.79 45.62 73.09
N GLU C 185 74.22 46.74 72.67
CA GLU C 185 72.78 47.00 72.87
C GLU C 185 71.87 46.04 72.09
N ALA C 186 72.43 45.34 71.12
CA ALA C 186 71.69 44.37 70.32
C ALA C 186 71.37 43.20 71.24
N LEU C 187 71.96 43.25 72.43
CA LEU C 187 71.78 42.25 73.46
C LEU C 187 70.79 42.77 74.52
N SER C 188 71.32 43.66 75.37
CA SER C 188 70.56 44.26 76.46
C SER C 188 69.10 44.65 76.04
N SER C 189 68.91 45.03 74.77
CA SER C 189 67.60 45.43 74.25
C SER C 189 66.49 44.39 74.32
N ALA C 190 66.67 43.38 75.15
CA ALA C 190 65.67 42.34 75.30
C ALA C 190 65.22 42.21 76.77
N GLN C 191 63.90 42.19 77.01
CA GLN C 191 63.33 42.10 78.38
C GLN C 191 62.00 41.32 78.45
N ARG C 192 61.03 41.91 79.16
CA ARG C 192 59.68 41.33 79.33
C ARG C 192 59.60 39.80 79.42
N ALA C 201 63.24 37.03 82.24
CA ALA C 201 63.72 37.31 80.89
C ALA C 201 65.23 37.16 80.73
N ARG C 202 65.70 35.91 80.69
CA ARG C 202 67.15 35.58 80.52
C ARG C 202 67.43 35.24 79.03
N MET C 203 68.38 35.93 78.41
CA MET C 203 68.72 35.75 76.98
C MET C 203 69.45 34.43 76.63
N LEU C 204 69.27 33.98 75.36
CA LEU C 204 69.87 32.75 74.76
C LEU C 204 70.73 33.04 73.49
N VAL C 205 71.81 32.30 73.27
CA VAL C 205 72.67 32.53 72.10
C VAL C 205 72.66 31.30 71.19
N GLU C 206 72.23 31.49 69.94
CA GLU C 206 72.15 30.40 68.98
C GLU C 206 73.02 30.63 67.73
N LYS C 207 74.01 29.77 67.50
CA LYS C 207 74.87 29.98 66.33
C LYS C 207 74.02 30.07 65.07
N TYR C 208 73.86 31.29 64.57
CA TYR C 208 73.08 31.55 63.36
C TYR C 208 73.88 31.01 62.18
N LEU C 209 73.18 30.39 61.25
CA LEU C 209 73.82 29.80 60.08
C LEU C 209 73.58 30.68 58.86
N LEU C 210 74.61 30.87 58.04
CA LEU C 210 74.55 31.69 56.81
C LEU C 210 74.24 30.84 55.56
N LYS C 211 73.26 31.26 54.74
CA LYS C 211 72.90 30.54 53.52
C LYS C 211 73.00 29.04 53.76
N PRO C 212 72.20 28.51 54.67
CA PRO C 212 72.17 27.10 55.04
C PRO C 212 71.61 26.20 53.96
N ARG C 213 72.27 25.08 53.69
CA ARG C 213 71.79 24.13 52.69
C ARG C 213 71.35 22.85 53.38
N HIS C 214 70.07 22.51 53.29
CA HIS C 214 69.59 21.30 53.92
C HIS C 214 70.10 20.11 53.10
N VAL C 215 71.13 19.45 53.62
CA VAL C 215 71.76 18.28 52.99
C VAL C 215 71.52 17.08 53.93
N GLU C 216 71.02 15.95 53.41
CA GLU C 216 70.75 14.77 54.25
C GLU C 216 71.57 13.56 53.79
N ILE C 217 71.52 12.47 54.56
CA ILE C 217 72.26 11.26 54.21
C ILE C 217 71.47 9.97 54.30
N GLN C 218 71.59 9.13 53.27
CA GLN C 218 70.89 7.86 53.22
C GLN C 218 71.75 6.88 53.95
N VAL C 219 71.13 6.05 54.77
CA VAL C 219 71.87 5.08 55.53
C VAL C 219 71.09 3.82 55.50
N PHE C 220 71.79 2.71 55.72
CA PHE C 220 71.14 1.44 55.68
C PHE C 220 71.99 0.45 56.49
N ALA C 221 71.35 -0.36 57.34
CA ALA C 221 72.06 -1.35 58.13
C ALA C 221 71.23 -2.57 58.12
N ASP C 222 71.74 -3.66 58.64
CA ASP C 222 70.93 -4.85 58.65
C ASP C 222 70.96 -5.42 60.03
N ARG C 223 70.27 -6.54 60.24
CA ARG C 223 70.26 -7.14 61.55
C ARG C 223 71.62 -7.83 61.80
N HIS C 224 72.69 -7.22 61.28
CA HIS C 224 74.03 -7.77 61.42
C HIS C 224 75.13 -6.79 61.71
N GLY C 225 74.81 -5.68 62.34
CA GLY C 225 75.84 -4.70 62.62
C GLY C 225 76.28 -3.86 61.43
N HIS C 226 76.37 -4.45 60.25
CA HIS C 226 76.77 -3.70 59.07
C HIS C 226 75.92 -2.44 58.99
N CYS C 227 76.44 -1.44 58.31
CA CYS C 227 75.73 -0.19 58.15
C CYS C 227 76.47 0.84 57.30
N LEU C 228 76.06 1.04 56.06
CA LEU C 228 76.73 2.00 55.21
C LEU C 228 75.84 3.17 54.90
N TYR C 229 76.39 4.19 54.29
CA TYR C 229 75.61 5.35 53.89
C TYR C 229 75.67 5.39 52.38
N LEU C 230 74.53 5.62 51.75
CA LEU C 230 74.45 5.65 50.30
C LEU C 230 74.55 7.06 49.69
N ASN C 231 75.59 7.81 50.05
CA ASN C 231 75.77 9.16 49.54
C ASN C 231 74.77 10.15 50.12
N GLU C 232 74.71 11.36 49.60
CA GLU C 232 73.80 12.38 50.15
C GLU C 232 72.80 12.96 49.18
N ARG C 233 72.18 14.07 49.61
CA ARG C 233 71.15 14.77 48.84
C ARG C 233 70.98 16.22 49.30
N ASP C 234 70.60 17.10 48.38
CA ASP C 234 70.39 18.49 48.75
C ASP C 234 68.94 18.84 48.54
N CYS C 235 68.19 18.83 49.64
CA CYS C 235 66.77 19.16 49.59
C CYS C 235 66.62 20.57 50.15
N SER C 236 67.21 21.55 49.48
CA SER C 236 67.15 22.91 49.96
C SER C 236 65.94 23.72 49.50
N ILE C 237 65.76 23.83 48.19
CA ILE C 237 64.64 24.61 47.65
C ILE C 237 63.32 24.17 48.23
N GLN C 238 62.85 24.87 49.26
CA GLN C 238 61.59 24.45 49.85
C GLN C 238 60.59 25.53 50.25
N ARG C 239 59.32 25.19 49.99
CA ARG C 239 58.16 26.02 50.26
C ARG C 239 57.96 26.12 51.75
N ARG C 240 58.30 27.26 52.33
CA ARG C 240 58.14 27.41 53.77
C ARG C 240 58.04 26.01 54.41
N HIS C 241 59.18 25.33 54.49
CA HIS C 241 59.33 23.98 55.04
C HIS C 241 58.35 22.99 54.42
N GLN C 242 58.82 22.37 53.35
CA GLN C 242 58.11 21.39 52.54
C GLN C 242 59.09 21.13 51.42
N LYS C 243 59.79 19.99 51.46
CA LYS C 243 60.76 19.68 50.43
C LYS C 243 60.06 19.73 49.08
N VAL C 244 60.77 20.23 48.06
CA VAL C 244 60.20 20.36 46.72
C VAL C 244 61.11 19.92 45.57
N VAL C 245 62.39 20.24 45.63
CA VAL C 245 63.30 19.81 44.58
C VAL C 245 64.59 19.28 45.23
N GLU C 246 64.74 17.96 45.22
CA GLU C 246 65.89 17.26 45.82
C GLU C 246 66.84 16.79 44.73
N GLU C 247 68.13 16.70 45.02
CA GLU C 247 69.03 16.20 44.00
C GLU C 247 70.10 15.41 44.65
N ALA C 248 70.77 14.57 43.89
CA ALA C 248 71.82 13.73 44.44
C ALA C 248 72.79 13.40 43.32
N PRO C 249 74.10 13.59 43.54
CA PRO C 249 74.77 14.09 44.74
C PRO C 249 74.39 15.53 45.04
N ALA C 250 75.02 16.15 46.04
CA ALA C 250 74.68 17.53 46.35
C ALA C 250 75.75 18.42 45.75
N PRO C 251 75.34 19.44 45.00
CA PRO C 251 76.13 20.45 44.29
C PRO C 251 77.53 20.75 44.79
N GLY C 252 77.65 21.68 45.73
CA GLY C 252 78.97 22.00 46.25
C GLY C 252 79.83 20.83 46.74
N LEU C 253 79.81 20.59 48.05
CA LEU C 253 80.55 19.55 48.77
C LEU C 253 81.52 18.66 48.01
N GLY C 254 82.76 18.68 48.50
CA GLY C 254 83.82 17.91 47.91
C GLY C 254 83.98 16.52 48.46
N ALA C 255 84.81 15.75 47.78
CA ALA C 255 85.16 14.36 48.08
C ALA C 255 85.24 14.03 49.57
N GLU C 256 86.00 14.86 50.29
CA GLU C 256 86.15 14.66 51.72
C GLU C 256 84.92 15.04 52.52
N LEU C 257 84.32 16.21 52.27
CA LEU C 257 83.13 16.60 53.06
C LEU C 257 81.99 15.60 52.90
N ARG C 258 81.97 14.84 51.80
CA ARG C 258 80.92 13.84 51.64
C ARG C 258 81.29 12.79 52.68
N ARG C 259 82.34 12.01 52.43
CA ARG C 259 82.76 11.00 53.39
C ARG C 259 82.81 11.51 54.84
N ALA C 260 82.75 12.82 55.02
CA ALA C 260 82.76 13.38 56.37
C ALA C 260 81.39 13.19 56.99
N MET C 261 80.41 13.88 56.44
CA MET C 261 79.03 13.79 56.91
C MET C 261 78.61 12.34 56.84
N GLY C 262 79.12 11.66 55.82
CA GLY C 262 78.77 10.26 55.60
C GLY C 262 78.95 9.37 56.82
N GLU C 263 80.16 9.30 57.34
CA GLU C 263 80.45 8.47 58.51
C GLU C 263 79.71 9.07 59.68
N ALA C 264 79.69 10.39 59.73
CA ALA C 264 79.03 11.12 60.79
C ALA C 264 77.61 10.64 61.00
N ALA C 265 76.88 10.41 59.93
CA ALA C 265 75.50 9.94 60.05
C ALA C 265 75.61 8.52 60.53
N VAL C 266 76.36 7.73 59.79
CA VAL C 266 76.62 6.34 60.08
C VAL C 266 76.95 6.16 61.57
N ARG C 267 77.49 7.21 62.19
CA ARG C 267 77.89 7.23 63.59
C ARG C 267 76.64 7.22 64.45
N ALA C 268 75.80 8.21 64.23
CA ALA C 268 74.56 8.33 64.95
C ALA C 268 73.72 7.11 64.70
N ALA C 269 74.08 6.39 63.64
CA ALA C 269 73.37 5.20 63.22
C ALA C 269 73.55 4.06 64.21
N GLN C 270 74.81 3.68 64.50
CA GLN C 270 75.07 2.60 65.47
C GLN C 270 74.62 3.06 66.83
N ALA C 271 74.68 4.37 67.02
CA ALA C 271 74.24 5.01 68.26
C ALA C 271 72.96 4.32 68.69
N ILE C 272 71.87 4.54 67.95
CA ILE C 272 70.62 3.91 68.33
C ILE C 272 70.49 2.45 67.90
N GLY C 273 71.54 1.86 67.32
CA GLY C 273 71.47 0.47 66.87
C GLY C 273 70.33 0.25 65.88
N TYR C 274 70.47 0.90 64.73
CA TYR C 274 69.47 0.88 63.68
C TYR C 274 69.41 -0.35 62.81
N VAL C 275 68.24 -0.62 62.27
CA VAL C 275 68.11 -1.77 61.41
C VAL C 275 67.77 -1.40 59.98
N GLY C 276 66.55 -0.89 59.75
CA GLY C 276 66.12 -0.53 58.39
C GLY C 276 66.93 0.50 57.64
N ALA C 277 66.22 1.33 56.88
CA ALA C 277 66.88 2.39 56.13
C ALA C 277 66.37 3.68 56.73
N GLY C 278 67.05 4.78 56.49
CA GLY C 278 66.58 6.01 57.07
C GLY C 278 67.51 7.09 56.65
N THR C 279 67.15 8.35 56.92
CA THR C 279 67.98 9.49 56.53
C THR C 279 68.31 10.40 57.72
N VAL C 280 69.51 10.96 57.71
CA VAL C 280 69.94 11.84 58.77
C VAL C 280 70.04 13.21 58.15
N GLU C 281 69.06 14.03 58.49
CA GLU C 281 69.03 15.37 57.95
C GLU C 281 70.00 16.30 58.66
N PHE C 282 70.93 16.87 57.90
CA PHE C 282 71.94 17.81 58.40
C PHE C 282 71.68 19.18 57.78
N LEU C 283 72.45 20.18 58.20
CA LEU C 283 72.27 21.52 57.67
C LEU C 283 73.59 22.22 57.55
N LEU C 284 74.22 22.08 56.40
CA LEU C 284 75.53 22.66 56.10
C LEU C 284 75.45 24.12 55.72
N ASP C 285 76.48 24.88 56.05
CA ASP C 285 76.47 26.29 55.73
C ASP C 285 77.76 26.78 55.08
N GLU C 286 77.72 28.03 54.61
CA GLU C 286 78.84 28.65 53.93
C GLU C 286 80.18 28.31 54.50
N ARG C 287 80.45 28.81 55.70
CA ARG C 287 81.73 28.57 56.35
C ARG C 287 82.20 27.14 56.20
N GLY C 288 81.30 26.21 55.86
CA GLY C 288 81.70 24.83 55.64
C GLY C 288 81.51 23.76 56.71
N GLN C 289 80.57 23.96 57.62
CA GLN C 289 80.35 22.97 58.65
C GLN C 289 78.92 22.53 58.67
N PHE C 290 78.68 21.28 58.98
CA PHE C 290 77.33 20.83 59.00
C PHE C 290 76.88 20.64 60.41
N PHE C 291 75.57 20.50 60.60
CA PHE C 291 74.98 20.33 61.91
C PHE C 291 73.76 19.44 61.85
N PHE C 292 73.65 18.51 62.80
CA PHE C 292 72.52 17.61 62.84
C PHE C 292 71.26 18.38 63.06
N MET C 293 70.21 18.00 62.34
CA MET C 293 68.93 18.66 62.43
C MET C 293 67.93 17.73 63.02
N GLU C 294 67.86 16.54 62.46
CA GLU C 294 66.97 15.51 62.93
C GLU C 294 67.15 14.25 62.11
N MET C 295 66.50 13.18 62.50
CA MET C 295 66.67 11.99 61.74
C MET C 295 65.31 11.36 61.49
N ASN C 296 65.18 10.70 60.36
CA ASN C 296 63.94 10.05 60.00
C ASN C 296 64.08 8.54 59.92
N THR C 297 63.38 7.87 60.82
CA THR C 297 63.40 6.43 60.90
C THR C 297 62.40 5.73 59.97
N ARG C 298 62.55 6.07 58.70
CA ARG C 298 61.71 5.54 57.64
C ARG C 298 62.49 5.74 56.33
N LEU C 299 61.88 5.30 55.24
CA LEU C 299 62.49 5.45 53.95
C LEU C 299 62.15 6.90 53.70
N GLN C 300 63.09 7.70 53.18
CA GLN C 300 62.80 9.11 52.94
C GLN C 300 61.96 9.31 51.67
N VAL C 301 61.14 10.36 51.68
CA VAL C 301 60.26 10.77 50.57
C VAL C 301 60.89 10.67 49.17
N GLU C 302 62.06 11.31 49.05
CA GLU C 302 62.85 11.40 47.82
C GLU C 302 63.96 10.37 47.63
N HIS C 303 63.72 9.15 48.06
CA HIS C 303 64.74 8.11 47.92
C HIS C 303 65.12 7.86 46.46
N PRO C 304 64.15 8.02 45.51
CA PRO C 304 64.49 7.77 44.11
C PRO C 304 65.76 8.43 43.57
N VAL C 305 65.98 9.70 43.92
CA VAL C 305 67.18 10.39 43.46
C VAL C 305 68.43 9.67 43.92
N THR C 306 68.38 9.08 45.12
CA THR C 306 69.54 8.38 45.62
C THR C 306 69.66 6.99 44.99
N GLU C 307 68.54 6.39 44.61
CA GLU C 307 68.61 5.09 43.95
C GLU C 307 69.23 5.36 42.56
N ALA C 308 68.81 6.49 41.96
CA ALA C 308 69.27 6.90 40.64
C ALA C 308 70.75 6.85 40.55
N ILE C 309 71.41 7.74 41.27
CA ILE C 309 72.86 7.84 41.27
C ILE C 309 73.66 6.58 41.64
N THR C 310 73.06 5.65 42.38
CA THR C 310 73.76 4.41 42.75
C THR C 310 73.36 3.37 41.76
N GLY C 311 72.18 2.80 41.99
CA GLY C 311 71.65 1.77 41.14
C GLY C 311 71.04 0.71 42.01
N LEU C 312 70.58 1.09 43.20
CA LEU C 312 69.99 0.12 44.10
C LEU C 312 68.52 0.42 44.28
N ASP C 313 67.77 -0.62 44.65
CA ASP C 313 66.33 -0.54 44.90
C ASP C 313 66.16 -0.59 46.39
N LEU C 314 66.27 0.57 47.02
CA LEU C 314 66.16 0.68 48.46
C LEU C 314 65.07 -0.17 49.06
N VAL C 315 63.87 -0.15 48.49
CA VAL C 315 62.77 -0.95 49.02
C VAL C 315 63.16 -2.42 49.09
N ALA C 316 63.60 -2.97 47.97
CA ALA C 316 63.99 -4.37 47.91
C ALA C 316 65.00 -4.67 49.01
N TRP C 317 65.88 -3.71 49.27
CA TRP C 317 66.89 -3.85 50.32
C TRP C 317 66.22 -3.94 51.71
N GLN C 318 65.09 -3.28 51.91
CA GLN C 318 64.42 -3.38 53.19
C GLN C 318 63.82 -4.74 53.34
N ILE C 319 63.23 -5.24 52.26
CA ILE C 319 62.61 -6.57 52.28
C ILE C 319 63.69 -7.59 52.58
N ARG C 320 64.94 -7.22 52.36
CA ARG C 320 66.04 -8.14 52.60
C ARG C 320 66.45 -8.14 54.04
N VAL C 321 66.98 -7.03 54.51
CA VAL C 321 67.41 -6.93 55.89
C VAL C 321 66.37 -7.49 56.82
N ALA C 322 65.10 -7.23 56.45
CA ALA C 322 63.96 -7.66 57.23
C ALA C 322 63.91 -9.15 57.43
N ARG C 323 64.24 -9.89 56.38
CA ARG C 323 64.23 -11.33 56.47
C ARG C 323 65.48 -11.83 57.24
N GLY C 324 66.60 -11.13 57.11
CA GLY C 324 67.82 -11.56 57.78
C GLY C 324 69.00 -11.06 56.98
N GLU C 325 69.03 -11.45 55.72
CA GLU C 325 70.07 -11.09 54.74
C GLU C 325 70.95 -9.92 55.16
N ALA C 326 72.23 -10.01 54.81
CA ALA C 326 73.16 -8.96 55.17
C ALA C 326 73.29 -8.05 53.99
N LEU C 327 73.84 -6.87 54.24
CA LEU C 327 74.05 -5.86 53.22
C LEU C 327 74.97 -6.41 52.15
N PRO C 328 74.60 -6.23 50.87
CA PRO C 328 75.37 -6.68 49.71
C PRO C 328 76.71 -5.95 49.40
N LEU C 329 76.82 -4.68 49.73
CA LEU C 329 78.04 -3.94 49.46
C LEU C 329 78.70 -3.34 50.68
N THR C 330 80.01 -3.20 50.60
CA THR C 330 80.76 -2.63 51.68
C THR C 330 80.77 -1.13 51.43
N GLN C 331 81.06 -0.35 52.45
CA GLN C 331 81.08 1.09 52.27
C GLN C 331 81.81 1.55 51.04
N GLU C 332 82.99 1.00 50.78
CA GLU C 332 83.79 1.37 49.59
C GLU C 332 83.25 0.73 48.36
N GLN C 333 81.94 0.54 48.26
CA GLN C 333 81.44 -0.09 47.07
C GLN C 333 80.23 0.65 46.62
N VAL C 334 79.61 1.33 47.57
CA VAL C 334 78.44 2.10 47.24
C VAL C 334 78.85 3.09 46.18
N PRO C 335 78.33 2.90 44.97
CA PRO C 335 78.51 3.66 43.75
C PRO C 335 78.03 5.11 43.82
N LEU C 336 78.16 5.81 42.70
CA LEU C 336 77.73 7.18 42.59
C LEU C 336 78.02 7.73 41.19
N ASN C 337 77.67 6.99 40.12
CA ASN C 337 77.91 7.52 38.77
C ASN C 337 76.77 8.50 38.50
N GLY C 338 77.05 9.55 37.72
CA GLY C 338 76.00 10.51 37.37
C GLY C 338 75.31 11.43 38.37
N HIS C 339 74.26 12.10 37.90
CA HIS C 339 73.46 13.06 38.67
C HIS C 339 71.96 12.87 38.48
N ALA C 340 71.19 13.19 39.51
CA ALA C 340 69.76 13.00 39.44
C ALA C 340 69.01 14.08 40.19
N ILE C 341 67.95 14.61 39.58
CA ILE C 341 67.10 15.64 40.18
C ILE C 341 65.64 15.18 40.24
N GLU C 342 64.92 15.59 41.28
CA GLU C 342 63.52 15.19 41.43
C GLU C 342 62.63 16.36 41.84
N VAL C 343 61.36 16.26 41.50
CA VAL C 343 60.40 17.30 41.79
C VAL C 343 59.13 16.65 42.34
N ARG C 344 58.42 17.37 43.21
CA ARG C 344 57.19 16.84 43.79
C ARG C 344 56.01 17.48 43.04
N LEU C 345 55.08 16.68 42.52
CA LEU C 345 53.93 17.21 41.76
C LEU C 345 52.70 17.40 42.66
N TYR C 346 52.50 18.63 43.14
CA TYR C 346 51.40 18.97 44.06
C TYR C 346 50.08 19.54 43.50
N ALA C 347 49.00 19.14 44.14
CA ALA C 347 47.69 19.63 43.80
C ALA C 347 47.61 20.90 44.64
N GLU C 348 48.70 21.65 44.65
CA GLU C 348 48.79 22.88 45.42
C GLU C 348 48.20 24.08 44.69
N ASP C 349 49.03 25.10 44.45
CA ASP C 349 48.62 26.36 43.83
C ASP C 349 49.89 27.23 43.72
N PRO C 350 50.34 27.55 42.49
CA PRO C 350 51.54 28.38 42.36
C PRO C 350 51.43 29.75 43.07
N GLU C 351 50.69 30.66 42.43
CA GLU C 351 50.47 32.01 42.94
C GLU C 351 49.54 32.06 44.13
N GLY C 352 48.48 31.24 44.07
CA GLY C 352 47.49 31.22 45.12
C GLY C 352 47.93 30.96 46.55
N ASP C 353 49.20 31.23 46.85
CA ASP C 353 49.76 31.05 48.20
C ASP C 353 49.73 29.62 48.73
N PHE C 354 49.99 28.65 47.84
CA PHE C 354 50.04 27.25 48.21
C PHE C 354 48.89 26.80 49.09
N LEU C 355 47.68 26.89 48.55
CA LEU C 355 46.46 26.47 49.23
C LEU C 355 46.09 25.15 48.57
N PRO C 356 46.72 24.05 49.01
CA PRO C 356 46.49 22.71 48.49
C PRO C 356 45.05 22.32 48.09
N ALA C 357 44.60 22.84 46.94
CA ALA C 357 43.26 22.56 46.42
C ALA C 357 43.07 21.05 46.26
N SER C 358 41.84 20.62 45.97
CA SER C 358 41.54 19.20 45.80
C SER C 358 40.22 18.92 45.06
N GLY C 359 40.28 18.95 43.73
CA GLY C 359 39.12 18.69 42.91
C GLY C 359 39.10 17.30 42.29
N ARG C 360 39.11 17.23 40.97
CA ARG C 360 39.06 15.92 40.33
C ARG C 360 39.85 15.94 39.02
N LEU C 361 40.82 15.04 38.92
CA LEU C 361 41.70 14.94 37.74
C LEU C 361 41.09 14.77 36.36
N MET C 362 40.84 15.88 35.66
CA MET C 362 40.28 15.81 34.30
C MET C 362 41.32 15.21 33.36
N LEU C 363 42.44 15.92 33.26
CA LEU C 363 43.54 15.54 32.41
C LEU C 363 44.78 15.20 33.21
N TYR C 364 45.45 14.12 32.82
CA TYR C 364 46.68 13.65 33.47
C TYR C 364 47.48 12.89 32.41
N ARG C 365 48.48 13.56 31.83
CA ARG C 365 49.29 12.96 30.77
C ARG C 365 50.76 13.01 31.14
N GLU C 366 51.29 11.89 31.60
CA GLU C 366 52.70 11.81 32.03
C GLU C 366 53.70 11.78 30.87
N ALA C 367 54.84 12.48 30.99
CA ALA C 367 55.86 12.47 29.93
C ALA C 367 56.13 10.99 29.71
N ALA C 368 56.38 10.58 28.47
CA ALA C 368 56.62 9.16 28.27
C ALA C 368 58.02 8.79 28.68
N ALA C 369 58.21 7.51 29.00
CA ALA C 369 59.53 7.03 29.45
C ALA C 369 60.56 7.29 28.36
N GLY C 370 61.85 7.30 28.74
CA GLY C 370 62.88 7.55 27.77
C GLY C 370 64.28 7.65 28.36
N PRO C 371 65.16 8.44 27.74
CA PRO C 371 66.54 8.63 28.18
C PRO C 371 66.79 8.13 29.58
N GLY C 372 66.68 9.01 30.57
CA GLY C 372 66.92 8.58 31.93
C GLY C 372 65.80 9.09 32.80
N ARG C 373 64.59 8.94 32.26
CA ARG C 373 63.35 9.40 32.90
C ARG C 373 62.66 8.40 33.81
N ARG C 374 62.36 8.81 35.02
CA ARG C 374 61.63 7.96 35.96
C ARG C 374 60.50 8.80 36.50
N VAL C 375 59.36 8.17 36.75
CA VAL C 375 58.26 8.90 37.34
C VAL C 375 57.45 7.94 38.16
N ASP C 376 57.45 8.22 39.46
CA ASP C 376 56.75 7.45 40.48
C ASP C 376 55.45 8.22 40.76
N SER C 377 54.31 7.63 40.39
CA SER C 377 53.01 8.27 40.58
C SER C 377 52.09 7.28 41.23
N GLY C 378 50.92 7.79 41.65
CA GLY C 378 49.92 6.98 42.31
C GLY C 378 48.51 7.48 42.07
N VAL C 379 48.36 8.16 40.94
CA VAL C 379 47.09 8.69 40.54
C VAL C 379 46.98 8.32 39.07
N ARG C 380 45.79 8.38 38.51
CA ARG C 380 45.61 8.09 37.10
C ARG C 380 44.46 8.96 36.65
N GLU C 381 44.68 9.70 35.58
CA GLU C 381 43.69 10.61 35.03
C GLU C 381 42.30 10.07 35.31
N GLY C 382 41.42 10.96 35.73
CA GLY C 382 40.05 10.58 36.05
C GLY C 382 39.80 10.35 37.53
N ASP C 383 40.87 10.23 38.30
CA ASP C 383 40.75 10.00 39.71
C ASP C 383 40.25 11.17 40.51
N GLU C 384 39.68 10.85 41.66
CA GLU C 384 39.11 11.79 42.60
C GLU C 384 40.20 12.30 43.58
N VAL C 385 40.60 13.57 43.51
CA VAL C 385 41.63 14.09 44.46
C VAL C 385 41.02 14.39 45.81
N SER C 386 41.27 13.47 46.73
CA SER C 386 40.79 13.52 48.09
C SER C 386 41.18 14.80 48.82
N PRO C 387 40.37 15.21 49.82
CA PRO C 387 40.66 16.41 50.61
C PRO C 387 41.39 15.97 51.90
N PHE C 388 41.13 14.71 52.29
CA PHE C 388 41.67 14.05 53.49
C PHE C 388 43.06 13.45 53.42
N TYR C 389 43.77 13.65 52.31
CA TYR C 389 45.13 13.11 52.10
C TYR C 389 46.12 14.11 51.49
N ASP C 390 47.42 13.78 51.53
CA ASP C 390 48.47 14.65 50.99
C ASP C 390 48.25 14.91 49.50
N PRO C 391 48.12 16.19 49.09
CA PRO C 391 47.89 16.48 47.67
C PRO C 391 49.03 16.15 46.72
N MET C 392 49.78 15.08 46.99
CA MET C 392 50.89 14.69 46.12
C MET C 392 50.49 13.65 45.07
N LEU C 393 50.48 14.05 43.80
CA LEU C 393 50.12 13.17 42.70
C LEU C 393 51.28 12.29 42.17
N ALA C 394 52.45 12.87 42.00
CA ALA C 394 53.58 12.11 41.50
C ALA C 394 54.97 12.69 41.80
N LYS C 395 55.97 11.85 41.61
CA LYS C 395 57.38 12.18 41.81
C LYS C 395 58.02 12.09 40.42
N LEU C 396 58.63 13.17 39.95
CA LEU C 396 59.28 13.21 38.65
C LEU C 396 60.77 13.29 38.87
N ILE C 397 61.51 12.31 38.37
CA ILE C 397 62.96 12.27 38.54
C ILE C 397 63.70 11.99 37.26
N ALA C 398 64.75 12.75 36.99
CA ALA C 398 65.51 12.55 35.77
C ALA C 398 66.94 12.29 36.16
N TRP C 399 67.67 11.53 35.35
CA TRP C 399 69.07 11.28 35.65
C TRP C 399 69.92 11.68 34.45
N GLY C 400 71.18 12.05 34.68
CA GLY C 400 72.07 12.42 33.58
C GLY C 400 73.48 11.98 33.91
N GLU C 401 74.46 12.37 33.10
CA GLU C 401 75.83 12.00 33.40
C GLU C 401 76.44 13.23 34.06
N THR C 402 75.80 14.37 33.81
CA THR C 402 76.19 15.67 34.36
C THR C 402 74.99 16.24 35.11
N ARG C 403 75.13 17.39 35.74
CA ARG C 403 74.00 17.97 36.44
C ARG C 403 73.05 18.57 35.41
N GLU C 404 73.62 19.20 34.39
CA GLU C 404 72.85 19.84 33.33
C GLU C 404 72.00 18.82 32.57
N GLU C 405 72.63 17.72 32.19
CA GLU C 405 71.98 16.62 31.46
C GLU C 405 70.68 16.26 32.16
N ALA C 406 70.75 16.24 33.48
CA ALA C 406 69.61 15.87 34.30
C ALA C 406 68.54 16.95 34.36
N ARG C 407 68.93 18.14 34.77
CA ARG C 407 67.99 19.23 34.88
C ARG C 407 67.34 19.59 33.53
N GLN C 408 68.13 19.58 32.46
CA GLN C 408 67.62 19.89 31.12
C GLN C 408 66.63 18.78 30.68
N ARG C 409 66.94 17.56 31.13
CA ARG C 409 66.15 16.38 30.82
C ARG C 409 64.88 16.37 31.66
N LEU C 410 65.02 16.81 32.91
CA LEU C 410 63.89 16.87 33.83
C LEU C 410 62.94 17.97 33.40
N LEU C 411 63.49 19.07 32.89
CA LEU C 411 62.66 20.19 32.45
C LEU C 411 61.91 19.69 31.22
N ALA C 412 62.50 18.69 30.59
CA ALA C 412 61.94 18.06 29.41
C ALA C 412 60.65 17.39 29.82
N MET C 413 60.78 16.51 30.80
CA MET C 413 59.65 15.76 31.35
C MET C 413 58.53 16.69 31.78
N LEU C 414 58.89 17.76 32.49
CA LEU C 414 57.90 18.71 32.98
C LEU C 414 57.05 19.40 31.93
N ALA C 415 57.57 19.55 30.72
CA ALA C 415 56.76 20.18 29.69
C ALA C 415 55.85 19.12 29.11
N GLU C 416 56.37 17.90 28.98
CA GLU C 416 55.63 16.77 28.40
C GLU C 416 54.46 16.35 29.25
N THR C 417 54.51 16.79 30.49
CA THR C 417 53.47 16.48 31.45
C THR C 417 52.39 17.57 31.45
N SER C 418 51.15 17.13 31.57
CA SER C 418 49.99 18.00 31.58
C SER C 418 48.95 17.45 32.55
N VAL C 419 48.54 18.28 33.51
CA VAL C 419 47.52 17.90 34.48
C VAL C 419 46.49 19.03 34.46
N GLY C 420 45.23 18.70 34.19
CA GLY C 420 44.20 19.72 34.10
C GLY C 420 42.90 19.42 34.82
N GLY C 421 42.27 20.48 35.34
CA GLY C 421 41.02 20.38 36.09
C GLY C 421 41.30 20.42 37.58
N LEU C 422 42.33 21.20 37.95
CA LEU C 422 42.80 21.34 39.33
C LEU C 422 43.97 22.32 39.42
N ARG C 423 44.08 23.05 40.53
CA ARG C 423 45.20 24.00 40.69
C ARG C 423 46.53 23.19 40.90
N THR C 424 47.52 23.40 40.06
CA THR C 424 48.73 22.61 40.23
C THR C 424 50.00 23.37 40.30
N ASN C 425 50.96 22.79 40.98
CA ASN C 425 52.25 23.43 41.11
C ASN C 425 53.11 23.19 39.90
N LEU C 426 52.58 22.41 38.97
CA LEU C 426 53.32 22.08 37.76
C LEU C 426 53.87 23.34 37.07
N ALA C 427 53.09 24.41 37.13
CA ALA C 427 53.45 25.70 36.55
C ALA C 427 54.76 26.08 37.20
N PHE C 428 54.64 26.32 38.51
CA PHE C 428 55.73 26.69 39.39
C PHE C 428 57.00 25.92 39.00
N LEU C 429 57.02 24.63 39.30
CA LEU C 429 58.17 23.76 39.01
C LEU C 429 58.83 24.11 37.73
N ARG C 430 58.05 24.13 36.66
CA ARG C 430 58.65 24.43 35.38
C ARG C 430 59.64 25.60 35.48
N ARG C 431 59.23 26.73 36.05
CA ARG C 431 60.13 27.90 36.12
C ARG C 431 61.23 27.91 37.16
N ILE C 432 61.11 27.05 38.13
CA ILE C 432 62.06 26.95 39.22
C ILE C 432 63.25 26.11 38.79
N LEU C 433 63.07 25.34 37.72
CA LEU C 433 64.12 24.47 37.19
C LEU C 433 64.77 25.14 36.01
N GLY C 434 64.14 26.22 35.56
CA GLY C 434 64.66 26.96 34.42
C GLY C 434 65.18 28.33 34.81
N HIS C 435 65.04 28.65 36.10
CA HIS C 435 65.52 29.90 36.63
C HIS C 435 67.05 29.84 36.73
N PRO C 436 67.78 30.83 36.17
CA PRO C 436 69.25 30.87 36.17
C PRO C 436 69.90 30.50 37.48
N ALA C 437 69.27 30.92 38.57
CA ALA C 437 69.75 30.64 39.93
C ALA C 437 70.03 29.17 40.04
N PHE C 438 69.07 28.38 39.60
CA PHE C 438 69.17 26.94 39.63
C PHE C 438 70.28 26.40 38.73
N ALA C 439 70.67 27.18 37.74
CA ALA C 439 71.74 26.74 36.87
C ALA C 439 72.95 26.58 37.78
N ALA C 440 73.36 27.66 38.43
CA ALA C 440 74.50 27.62 39.34
C ALA C 440 74.04 27.15 40.72
N ALA C 441 74.98 26.71 41.55
CA ALA C 441 74.63 26.23 42.88
C ALA C 441 74.19 27.32 43.86
N GLU C 442 73.33 28.24 43.45
CA GLU C 442 72.85 29.29 44.35
C GLU C 442 71.88 28.72 45.36
N LEU C 443 72.19 27.54 45.89
CA LEU C 443 71.35 26.82 46.83
C LEU C 443 71.51 27.19 48.30
N ASP C 444 70.36 27.31 48.95
CA ASP C 444 70.15 27.61 50.38
C ASP C 444 68.68 27.28 50.69
N THR C 445 68.19 27.56 51.89
CA THR C 445 66.80 27.24 52.19
C THR C 445 65.92 28.45 51.98
N GLY C 446 66.55 29.54 51.57
CA GLY C 446 65.81 30.76 51.34
C GLY C 446 65.54 31.03 49.87
N PHE C 447 66.17 30.21 49.01
CA PHE C 447 66.05 30.29 47.53
C PHE C 447 64.61 30.43 47.04
N ILE C 448 63.74 29.67 47.69
CA ILE C 448 62.34 29.66 47.39
C ILE C 448 61.73 31.03 47.60
N ALA C 449 62.04 31.64 48.72
CA ALA C 449 61.52 32.95 49.02
C ALA C 449 62.30 34.02 48.26
N ARG C 450 63.63 33.88 48.16
CA ARG C 450 64.47 34.88 47.48
C ARG C 450 63.96 35.36 46.12
N HIS C 451 64.06 34.51 45.11
CA HIS C 451 63.58 34.89 43.79
C HIS C 451 62.07 34.74 43.73
N GLN C 452 61.42 35.04 44.86
CA GLN C 452 59.96 34.94 44.98
C GLN C 452 59.22 35.40 43.74
N ASP C 453 59.60 36.59 43.30
CA ASP C 453 58.99 37.23 42.16
C ASP C 453 59.11 36.42 40.86
N ASP C 454 60.33 36.09 40.48
CA ASP C 454 60.55 35.36 39.23
C ASP C 454 59.89 33.99 39.14
N LEU C 455 59.44 33.43 40.27
CA LEU C 455 58.80 32.10 40.29
C LEU C 455 57.31 32.06 40.58
N LEU C 456 56.74 33.20 40.94
CA LEU C 456 55.30 33.26 41.18
C LEU C 456 54.63 34.53 40.59
N PRO C 457 55.11 35.06 39.43
CA PRO C 457 54.48 36.26 38.87
C PRO C 457 52.96 36.38 38.91
N ALA C 458 52.47 37.60 38.73
CA ALA C 458 51.04 37.85 38.75
C ALA C 458 50.44 37.53 37.40
N PRO C 459 49.19 37.01 37.38
CA PRO C 459 48.52 36.67 36.13
C PRO C 459 48.23 37.83 35.19
N GLN C 460 47.26 37.61 34.31
CA GLN C 460 46.77 38.57 33.32
C GLN C 460 46.16 37.79 32.15
N ALA C 461 45.01 38.25 31.66
CA ALA C 461 44.33 37.56 30.56
C ALA C 461 44.99 37.76 29.22
N LEU C 462 46.32 37.58 29.22
CA LEU C 462 47.18 37.69 28.04
C LEU C 462 46.48 37.71 26.66
N PRO C 463 47.27 37.95 25.59
CA PRO C 463 46.84 38.03 24.20
C PRO C 463 45.48 37.55 23.70
N GLU C 464 45.20 38.02 22.49
CA GLU C 464 44.02 37.64 21.75
C GLU C 464 44.73 36.52 21.01
N HIS C 465 46.03 36.71 20.89
CA HIS C 465 46.93 35.75 20.26
C HIS C 465 46.40 34.42 20.72
N PHE C 466 46.16 34.37 22.03
CA PHE C 466 45.64 33.21 22.73
C PHE C 466 44.24 32.88 22.26
N TRP C 467 43.27 33.57 22.86
CA TRP C 467 41.88 33.34 22.54
C TRP C 467 41.69 32.71 21.17
N GLN C 468 42.42 33.25 20.20
CA GLN C 468 42.36 32.77 18.83
C GLN C 468 42.62 31.26 18.76
N ALA C 469 43.85 30.87 19.06
CA ALA C 469 44.20 29.48 18.99
C ALA C 469 43.20 28.66 19.74
N ALA C 470 42.90 29.07 20.97
CA ALA C 470 41.96 28.34 21.82
C ALA C 470 40.58 28.19 21.17
N ALA C 471 40.21 29.18 20.36
CA ALA C 471 38.93 29.13 19.68
C ALA C 471 39.04 28.14 18.54
N GLU C 472 40.08 28.31 17.73
CA GLU C 472 40.31 27.40 16.59
C GLU C 472 40.42 26.00 17.16
N ALA C 473 41.22 25.86 18.21
CA ALA C 473 41.43 24.57 18.87
C ALA C 473 40.09 23.93 19.28
N TRP C 474 39.29 24.69 20.04
CA TRP C 474 37.99 24.22 20.49
C TRP C 474 37.11 23.75 19.30
N LEU C 475 37.03 24.59 18.27
CA LEU C 475 36.22 24.30 17.10
C LEU C 475 36.54 22.90 16.57
N GLN C 476 37.84 22.67 16.35
CA GLN C 476 38.33 21.39 15.82
C GLN C 476 38.30 20.22 16.78
N SER C 477 37.57 20.35 17.90
CA SER C 477 37.50 19.26 18.86
C SER C 477 36.09 18.68 19.06
N GLU C 478 35.17 19.11 18.21
CA GLU C 478 33.81 18.64 18.25
C GLU C 478 33.44 18.40 16.80
N PRO C 479 33.60 17.16 16.32
CA PRO C 479 33.31 16.74 14.95
C PRO C 479 31.97 17.18 14.30
N GLY C 480 31.14 17.89 15.05
CA GLY C 480 29.86 18.32 14.52
C GLY C 480 28.82 17.24 14.81
N HIS C 481 28.85 16.19 13.99
CA HIS C 481 27.95 15.06 14.16
C HIS C 481 27.75 14.50 12.80
N ARG C 482 27.70 13.19 12.72
CA ARG C 482 27.47 12.54 11.47
C ARG C 482 26.27 11.67 11.69
N ARG C 483 25.27 11.86 10.86
CA ARG C 483 24.05 11.08 10.99
C ARG C 483 24.22 9.83 10.11
N ASP C 484 23.84 8.70 10.67
CA ASP C 484 23.95 7.41 10.01
C ASP C 484 23.10 7.32 8.75
N ASP C 485 22.29 8.37 8.52
CA ASP C 485 21.41 8.49 7.34
C ASP C 485 22.34 8.57 6.13
N ASP C 486 23.12 9.67 6.10
CA ASP C 486 24.14 9.98 5.08
C ASP C 486 25.34 10.36 5.94
N PRO C 487 26.21 9.39 6.16
CA PRO C 487 27.40 9.58 6.96
C PRO C 487 28.30 10.59 6.33
N HIS C 488 28.55 10.39 5.04
CA HIS C 488 29.41 11.25 4.25
C HIS C 488 28.95 12.71 4.10
N SER C 489 27.76 13.00 4.63
CA SER C 489 27.18 14.34 4.55
C SER C 489 28.22 15.39 4.74
N PRO C 490 28.19 16.40 3.90
CA PRO C 490 29.20 17.43 4.08
C PRO C 490 28.71 18.47 5.07
N TRP C 491 27.52 18.26 5.64
CA TRP C 491 27.03 19.21 6.63
C TRP C 491 27.71 19.00 8.00
N SER C 492 28.55 17.97 8.09
CA SER C 492 29.26 17.67 9.33
C SER C 492 30.59 18.44 9.41
N ARG C 493 31.14 18.86 8.26
CA ARG C 493 32.40 19.61 8.28
C ARG C 493 32.08 20.95 8.94
N ASN C 494 32.50 21.13 10.19
CA ASN C 494 32.28 22.37 10.93
C ASN C 494 33.33 23.43 10.62
N ASP C 495 33.66 23.58 9.34
CA ASP C 495 34.62 24.57 8.85
C ASP C 495 34.07 26.01 8.73
N GLY C 496 32.83 26.21 9.18
CA GLY C 496 32.19 27.52 9.10
C GLY C 496 31.91 27.98 7.69
N TRP C 497 31.89 27.05 6.73
CA TRP C 497 31.68 27.39 5.32
C TRP C 497 30.57 28.38 5.08
N ARG C 498 30.77 29.22 4.08
CA ARG C 498 29.77 30.21 3.77
C ARG C 498 29.72 30.44 2.27
N SER C 499 28.65 31.08 1.80
CA SER C 499 28.45 31.32 0.39
C SER C 499 29.57 31.88 -0.46
N ALA C 500 29.95 33.13 -0.22
CA ALA C 500 31.04 33.73 -1.02
C ALA C 500 32.06 34.43 -0.18
N LEU C 501 31.65 34.80 1.03
CA LEU C 501 32.49 35.45 2.04
C LEU C 501 33.41 34.40 2.69
N ALA C 502 34.02 34.70 3.82
CA ALA C 502 34.91 33.69 4.40
C ALA C 502 34.25 32.90 5.50
N ARG C 503 34.87 31.77 5.78
CA ARG C 503 34.39 30.85 6.80
C ARG C 503 34.09 31.58 8.10
N GLU C 504 32.83 31.50 8.55
CA GLU C 504 32.40 32.14 9.80
C GLU C 504 32.05 31.11 10.85
N SER C 505 32.59 31.33 12.03
CA SER C 505 32.37 30.47 13.18
C SER C 505 32.34 31.40 14.40
N ASP C 506 31.18 31.53 15.04
CA ASP C 506 31.05 32.39 16.23
C ASP C 506 31.04 31.42 17.37
N LEU C 507 32.00 31.56 18.28
CA LEU C 507 32.09 30.67 19.44
C LEU C 507 31.94 31.40 20.78
N MET C 508 30.98 30.96 21.59
CA MET C 508 30.73 31.56 22.89
C MET C 508 31.55 30.81 23.94
N LEU C 509 32.84 31.13 24.05
CA LEU C 509 33.74 30.44 24.99
C LEU C 509 33.95 31.08 26.36
N ARG C 510 34.79 30.44 27.16
CA ARG C 510 35.14 30.90 28.50
C ARG C 510 36.36 30.19 29.05
N CYS C 511 37.45 30.94 29.23
CA CYS C 511 38.70 30.43 29.82
C CYS C 511 38.83 31.15 31.17
N ARG C 512 39.65 30.62 32.09
CA ARG C 512 39.80 31.22 33.42
C ARG C 512 38.43 31.63 33.93
N ASP C 513 38.25 32.95 34.04
CA ASP C 513 37.00 33.51 34.49
C ASP C 513 36.77 34.82 33.75
N GLU C 514 36.61 34.65 32.43
CA GLU C 514 36.39 35.74 31.50
C GLU C 514 35.92 35.09 30.22
N ARG C 515 34.67 35.38 29.89
CA ARG C 515 34.03 34.83 28.70
C ARG C 515 34.26 35.73 27.51
N ARG C 516 34.37 35.13 26.32
CA ARG C 516 34.55 35.89 25.10
C ARG C 516 33.82 35.19 23.97
N CYS C 517 33.13 35.98 23.15
CA CYS C 517 32.42 35.42 22.01
C CYS C 517 33.41 35.58 20.86
N VAL C 518 34.19 34.53 20.61
CA VAL C 518 35.20 34.54 19.55
C VAL C 518 34.59 34.54 18.12
N ARG C 519 35.09 35.46 17.28
CA ARG C 519 34.63 35.56 15.90
C ARG C 519 35.76 35.01 15.03
N LEU C 520 35.53 33.84 14.45
CA LEU C 520 36.57 33.21 13.64
C LEU C 520 36.29 33.37 12.15
N ARG C 521 36.85 34.40 11.53
CA ARG C 521 36.62 34.64 10.10
C ARG C 521 37.93 34.55 9.30
N HIS C 522 38.36 33.33 8.97
CA HIS C 522 39.59 33.11 8.19
C HIS C 522 39.27 32.85 6.69
N ALA C 523 39.88 33.62 5.79
CA ALA C 523 39.67 33.45 4.34
C ALA C 523 40.73 32.50 3.83
N SER C 524 41.85 32.51 4.55
CA SER C 524 43.01 31.66 4.29
C SER C 524 42.83 30.50 5.25
N PRO C 525 42.15 29.44 4.81
CA PRO C 525 41.91 28.25 5.64
C PRO C 525 43.02 27.72 6.59
N SER C 526 44.23 28.26 6.49
CA SER C 526 45.32 27.84 7.36
C SER C 526 45.19 28.34 8.81
N GLN C 527 46.34 28.74 9.35
CA GLN C 527 46.48 29.28 10.69
C GLN C 527 46.80 28.26 11.77
N TYR C 528 45.82 27.42 12.10
CA TYR C 528 46.00 26.41 13.14
C TYR C 528 45.27 25.12 12.79
N ARG C 529 45.98 24.02 12.64
CA ARG C 529 45.32 22.77 12.36
C ARG C 529 45.63 22.01 13.62
N LEU C 530 45.10 20.81 13.76
CA LEU C 530 45.39 20.06 14.98
C LEU C 530 45.13 18.56 14.90
N ASP C 531 46.18 17.78 15.14
CA ASP C 531 46.01 16.34 15.15
C ASP C 531 46.46 15.77 16.49
N GLY C 532 45.76 14.72 16.91
CA GLY C 532 46.05 14.09 18.17
C GLY C 532 45.85 15.18 19.21
N ASP C 533 46.68 15.14 20.24
CA ASP C 533 46.62 16.13 21.31
C ASP C 533 47.53 17.33 21.00
N ASP C 534 47.64 17.72 19.74
CA ASP C 534 48.52 18.85 19.43
C ASP C 534 48.11 19.85 18.39
N LEU C 535 48.18 21.11 18.78
CA LEU C 535 47.83 22.22 17.92
C LEU C 535 49.06 22.76 17.23
N VAL C 536 49.09 22.63 15.91
CA VAL C 536 50.21 23.10 15.10
C VAL C 536 49.95 24.45 14.47
N SER C 537 50.87 25.39 14.68
CA SER C 537 50.68 26.72 14.14
C SER C 537 51.72 27.13 13.10
N ARG C 538 51.27 27.55 11.91
CA ARG C 538 52.18 28.02 10.83
C ARG C 538 52.36 29.56 10.88
N VAL C 539 52.95 30.02 11.98
CA VAL C 539 53.25 31.44 12.29
C VAL C 539 54.30 32.13 11.37
N ASP C 540 54.04 32.20 10.07
CA ASP C 540 54.96 32.84 9.11
C ASP C 540 56.28 32.14 8.85
N GLY C 541 56.15 30.96 8.26
CA GLY C 541 57.28 30.11 7.92
C GLY C 541 57.79 29.29 9.09
N VAL C 542 57.60 29.84 10.30
CA VAL C 542 58.06 29.21 11.54
C VAL C 542 57.01 28.38 12.28
N THR C 543 56.82 27.16 11.80
CA THR C 543 55.86 26.24 12.38
C THR C 543 56.25 25.87 13.81
N ARG C 544 55.27 25.83 14.72
CA ARG C 544 55.48 25.44 16.12
C ARG C 544 54.26 24.60 16.57
N ARG C 545 54.49 23.58 17.42
CA ARG C 545 53.40 22.72 17.88
C ARG C 545 53.22 22.70 19.39
N SER C 546 52.15 23.33 19.87
CA SER C 546 51.83 23.39 21.29
C SER C 546 50.74 22.38 21.64
N ALA C 547 50.95 21.64 22.73
CA ALA C 547 50.00 20.62 23.16
C ALA C 547 48.67 21.21 23.59
N ALA C 548 47.60 20.48 23.26
CA ALA C 548 46.24 20.86 23.61
C ALA C 548 45.38 19.66 23.32
N LEU C 549 44.42 19.43 24.17
CA LEU C 549 43.53 18.29 24.01
C LEU C 549 42.29 18.55 24.88
N ARG C 550 41.16 17.97 24.49
CA ARG C 550 39.94 18.21 25.23
C ARG C 550 39.51 17.00 26.04
N ARG C 551 38.67 17.28 27.05
CA ARG C 551 38.09 16.29 27.97
C ARG C 551 36.72 16.83 28.42
N GLY C 552 35.62 16.24 27.91
CA GLY C 552 34.30 16.68 28.30
C GLY C 552 33.99 18.06 27.78
N ARG C 553 33.27 18.87 28.56
CA ARG C 553 32.94 20.22 28.12
C ARG C 553 34.14 21.16 28.37
N GLN C 554 35.32 20.58 28.60
CA GLN C 554 36.52 21.36 28.83
C GLN C 554 37.71 21.02 27.92
N LEU C 555 38.39 22.06 27.43
CA LEU C 555 39.54 21.86 26.56
C LEU C 555 40.75 22.51 27.19
N PHE C 556 41.81 21.73 27.39
CA PHE C 556 43.04 22.24 27.97
C PHE C 556 44.03 22.63 26.89
N LEU C 557 44.58 23.83 27.04
CA LEU C 557 45.53 24.35 26.08
C LEU C 557 46.76 24.85 26.80
N GLU C 558 47.89 24.20 26.57
CA GLU C 558 49.10 24.62 27.24
C GLU C 558 49.55 25.86 26.50
N TRP C 559 49.36 27.00 27.17
CA TRP C 559 49.73 28.29 26.61
C TRP C 559 50.75 28.92 27.55
N GLU C 560 52.00 29.02 27.08
CA GLU C 560 53.12 29.61 27.85
C GLU C 560 53.27 28.98 29.21
N GLY C 561 53.79 27.75 29.25
CA GLY C 561 53.99 27.05 30.52
C GLY C 561 52.68 26.63 31.16
N GLU C 562 51.80 27.60 31.39
CA GLU C 562 50.49 27.37 31.98
C GLU C 562 49.71 26.35 31.19
N LEU C 563 48.69 25.82 31.83
CA LEU C 563 47.86 24.84 31.19
C LEU C 563 46.42 25.29 31.44
N LEU C 564 45.98 26.33 30.74
CA LEU C 564 44.62 26.85 30.93
C LEU C 564 43.51 26.02 30.32
N ALA C 565 42.33 26.12 30.91
CA ALA C 565 41.20 25.36 30.40
C ALA C 565 40.12 26.28 29.89
N ILE C 566 39.55 25.89 28.76
CA ILE C 566 38.50 26.67 28.13
C ILE C 566 37.24 25.84 27.99
N GLU C 567 36.08 26.42 28.31
CA GLU C 567 34.83 25.69 28.15
C GLU C 567 33.72 26.55 27.61
N ALA C 568 32.62 25.92 27.17
CA ALA C 568 31.50 26.64 26.58
C ALA C 568 30.53 27.27 27.59
N VAL C 569 30.14 28.51 27.26
CA VAL C 569 29.21 29.35 28.05
C VAL C 569 27.79 28.81 27.86
N ASP C 570 26.93 28.92 28.89
CA ASP C 570 25.54 28.37 28.82
C ASP C 570 24.32 29.32 29.17
N SER D 19 38.96 2.02 -12.57
CA SER D 19 38.16 2.98 -13.38
C SER D 19 39.06 4.06 -13.94
N HIS D 20 40.34 3.74 -14.18
CA HIS D 20 41.34 4.70 -14.69
C HIS D 20 41.08 5.20 -16.11
N MET D 21 39.87 4.99 -16.61
CA MET D 21 39.47 5.43 -17.95
C MET D 21 38.28 6.40 -18.00
N ALA D 22 37.43 6.34 -17.00
CA ALA D 22 36.29 7.25 -16.93
C ALA D 22 36.88 8.59 -16.48
N ILE D 23 38.19 8.71 -16.65
CA ILE D 23 38.89 9.89 -16.23
C ILE D 23 38.84 11.00 -17.23
N LEU D 24 38.86 12.21 -16.72
CA LEU D 24 38.86 13.39 -17.55
C LEU D 24 40.26 14.01 -17.48
N HIS D 25 41.04 13.84 -18.54
CA HIS D 25 42.37 14.43 -18.58
C HIS D 25 42.14 15.84 -19.18
N THR D 26 42.55 16.86 -18.44
CA THR D 26 42.37 18.24 -18.88
C THR D 26 43.16 18.56 -20.15
N GLN D 27 42.78 19.66 -20.77
CA GLN D 27 43.39 20.14 -22.00
C GLN D 27 43.79 21.58 -21.75
N ILE D 28 43.56 22.03 -20.53
CA ILE D 28 43.86 23.41 -20.19
C ILE D 28 45.24 23.58 -19.57
N ASN D 29 45.90 24.65 -19.96
CA ASN D 29 47.20 24.98 -19.41
C ASN D 29 46.97 26.10 -18.41
N PRO D 30 47.12 25.81 -17.12
CA PRO D 30 46.93 26.72 -15.98
C PRO D 30 47.86 27.93 -16.01
N ARG D 31 49.00 27.78 -16.70
CA ARG D 31 50.02 28.83 -16.80
C ARG D 31 49.88 29.70 -18.05
N SER D 32 49.12 29.19 -19.01
CA SER D 32 48.81 29.86 -20.29
C SER D 32 48.52 31.35 -20.05
N ALA D 33 48.74 32.17 -21.07
CA ALA D 33 48.48 33.60 -20.92
C ALA D 33 46.99 33.81 -21.09
N GLU D 34 46.44 33.18 -22.13
CA GLU D 34 45.01 33.27 -22.41
C GLU D 34 44.25 32.86 -21.14
N PHE D 35 44.76 31.83 -20.46
CA PHE D 35 44.16 31.31 -19.23
C PHE D 35 43.99 32.38 -18.14
N ALA D 36 45.11 32.93 -17.69
CA ALA D 36 45.07 33.94 -16.67
C ALA D 36 44.26 35.11 -17.20
N ALA D 37 44.09 35.16 -18.51
CA ALA D 37 43.31 36.23 -19.12
C ALA D 37 41.88 36.16 -18.60
N ASN D 38 41.20 35.10 -18.99
CA ASN D 38 39.82 34.87 -18.58
C ASN D 38 39.77 34.91 -17.07
N ALA D 39 40.61 34.08 -16.46
CA ALA D 39 40.72 33.99 -15.02
C ALA D 39 40.76 35.40 -14.37
N ALA D 40 41.46 36.31 -15.04
CA ALA D 40 41.58 37.69 -14.56
C ALA D 40 40.20 38.29 -14.30
N THR D 41 39.51 38.65 -15.37
CA THR D 41 38.19 39.27 -15.26
C THR D 41 37.13 38.40 -14.58
N MET D 42 37.38 37.10 -14.48
CA MET D 42 36.45 36.19 -13.81
C MET D 42 36.50 36.45 -12.32
N LEU D 43 37.73 36.38 -11.79
CA LEU D 43 38.06 36.60 -10.38
C LEU D 43 37.72 38.05 -10.00
N GLU D 44 37.65 38.92 -11.00
CA GLU D 44 37.33 40.32 -10.81
C GLU D 44 35.80 40.45 -10.55
N GLN D 45 35.00 39.72 -11.34
CA GLN D 45 33.55 39.72 -11.17
C GLN D 45 33.16 39.16 -9.82
N VAL D 46 33.89 38.13 -9.41
CA VAL D 46 33.67 37.46 -8.15
C VAL D 46 33.96 38.46 -7.05
N ASN D 47 34.97 39.30 -7.22
CA ASN D 47 35.32 40.29 -6.20
C ASN D 47 34.33 41.41 -6.17
N ALA D 48 33.59 41.54 -7.25
CA ALA D 48 32.54 42.54 -7.35
C ALA D 48 31.40 42.09 -6.45
N LEU D 49 31.11 40.78 -6.50
CA LEU D 49 30.05 40.18 -5.70
C LEU D 49 30.51 40.20 -4.27
N ARG D 50 31.69 39.62 -4.01
CA ARG D 50 32.20 39.57 -2.65
C ARG D 50 31.97 40.91 -1.97
N THR D 51 32.28 42.00 -2.66
CA THR D 51 32.12 43.33 -2.07
C THR D 51 30.68 43.83 -1.90
N LEU D 52 29.75 43.46 -2.77
CA LEU D 52 28.39 43.92 -2.56
C LEU D 52 27.76 43.21 -1.37
N LEU D 53 27.94 41.90 -1.34
CA LEU D 53 27.40 41.05 -0.27
C LEU D 53 27.82 41.65 1.02
N GLY D 54 29.08 42.01 1.11
CA GLY D 54 29.52 42.61 2.34
C GLY D 54 28.68 43.83 2.62
N ARG D 55 28.41 44.65 1.62
CA ARG D 55 27.62 45.86 1.82
C ARG D 55 26.23 45.48 2.35
N ILE D 56 25.66 44.40 1.82
CA ILE D 56 24.34 43.92 2.21
C ILE D 56 24.27 43.44 3.67
N HIS D 57 25.39 43.03 4.27
CA HIS D 57 25.40 42.56 5.66
C HIS D 57 25.32 43.73 6.60
N GLU D 58 25.23 44.91 6.01
CA GLU D 58 25.16 46.14 6.77
C GLU D 58 23.78 46.31 7.33
N GLY D 59 22.81 45.76 6.62
CA GLY D 59 21.43 45.86 7.05
C GLY D 59 20.89 47.24 6.75
N GLY D 60 20.15 47.79 7.70
CA GLY D 60 19.59 49.11 7.53
C GLY D 60 20.70 50.11 7.74
N GLY D 61 21.95 49.65 7.61
CA GLY D 61 23.09 50.54 7.77
C GLY D 61 23.52 50.90 9.17
N SER D 62 24.83 50.96 9.40
CA SER D 62 25.41 51.29 10.69
C SER D 62 24.45 52.13 11.54
N ALA D 63 23.77 53.04 10.85
CA ALA D 63 22.78 53.95 11.42
C ALA D 63 21.90 53.27 12.45
N ALA D 64 20.75 52.88 11.96
CA ALA D 64 19.82 52.20 12.80
C ALA D 64 20.36 50.84 13.30
N GLN D 65 21.37 50.26 12.63
CA GLN D 65 21.94 48.96 13.03
C GLN D 65 22.44 49.00 14.47
N ALA D 66 23.04 50.14 14.81
CA ALA D 66 23.52 50.38 16.17
C ALA D 66 22.31 50.71 17.07
N ARG D 67 21.40 51.54 16.54
CA ARG D 67 20.15 51.95 17.20
C ARG D 67 19.36 50.66 17.60
N HIS D 68 19.76 49.53 16.99
CA HIS D 68 19.17 48.20 17.18
C HIS D 68 19.80 47.56 18.39
N SER D 69 21.13 47.38 18.34
CA SER D 69 21.82 46.78 19.47
C SER D 69 21.57 47.65 20.71
N ALA D 70 21.08 48.86 20.46
CA ALA D 70 20.75 49.81 21.52
C ALA D 70 19.78 49.15 22.44
N ARG D 71 18.70 48.66 21.86
CA ARG D 71 17.59 47.99 22.57
C ARG D 71 17.94 46.63 23.24
N GLY D 72 19.22 46.24 23.22
CA GLY D 72 19.64 44.97 23.82
C GLY D 72 19.30 43.74 22.98
N LYS D 73 18.99 44.00 21.71
CA LYS D 73 18.62 42.98 20.73
C LYS D 73 19.79 42.56 19.84
N LEU D 74 20.07 41.26 19.81
CA LEU D 74 21.13 40.69 18.98
C LEU D 74 20.77 40.99 17.52
N LEU D 75 21.75 41.24 16.66
CA LEU D 75 21.39 41.51 15.28
C LEU D 75 21.03 40.22 14.57
N VAL D 76 20.20 40.36 13.56
CA VAL D 76 19.72 39.20 12.83
C VAL D 76 20.78 38.20 12.40
N ARG D 77 21.76 38.62 11.61
CA ARG D 77 22.78 37.68 11.18
C ARG D 77 23.53 37.05 12.34
N GLU D 78 23.47 37.69 13.51
CA GLU D 78 24.14 37.19 14.72
C GLU D 78 23.25 36.12 15.34
N ARG D 79 21.96 36.43 15.52
CA ARG D 79 21.02 35.47 16.07
C ARG D 79 21.31 34.18 15.29
N ILE D 80 21.41 34.28 13.96
CA ILE D 80 21.68 33.16 13.09
C ILE D 80 22.90 32.35 13.50
N ASN D 81 24.08 33.00 13.57
CA ASN D 81 25.31 32.29 13.93
C ASN D 81 25.32 31.71 15.34
N ARG D 82 24.58 32.32 16.26
CA ARG D 82 24.49 31.80 17.63
C ARG D 82 23.65 30.55 17.71
N LEU D 83 22.63 30.47 16.86
CA LEU D 83 21.70 29.36 16.81
C LEU D 83 22.23 28.12 16.07
N LEU D 84 23.18 28.34 15.17
CA LEU D 84 23.75 27.26 14.37
C LEU D 84 24.67 26.42 15.20
N ASP D 85 24.94 25.23 14.69
CA ASP D 85 25.86 24.27 15.33
C ASP D 85 27.25 24.90 15.44
N PRO D 86 28.06 24.50 16.44
CA PRO D 86 29.34 25.18 16.41
C PRO D 86 30.11 24.96 15.08
N GLY D 87 30.39 26.07 14.39
CA GLY D 87 31.12 26.04 13.13
C GLY D 87 30.40 25.44 11.93
N SER D 88 29.10 25.25 12.04
CA SER D 88 28.37 24.65 10.93
C SER D 88 28.39 25.54 9.72
N PRO D 89 28.19 24.93 8.53
CA PRO D 89 28.17 25.71 7.30
C PRO D 89 26.84 26.47 7.32
N PHE D 90 26.65 27.28 6.28
CA PHE D 90 25.39 27.99 6.11
C PHE D 90 25.30 28.41 4.65
N LEU D 91 24.24 27.95 4.01
CA LEU D 91 24.00 28.26 2.60
C LEU D 91 22.99 29.36 2.55
N GLU D 92 23.39 30.57 2.21
CA GLU D 92 22.39 31.61 2.21
C GLU D 92 21.52 31.65 0.96
N LEU D 93 20.34 32.22 1.16
CA LEU D 93 19.38 32.33 0.08
C LEU D 93 19.13 33.76 -0.40
N SER D 94 19.26 33.93 -1.72
CA SER D 94 19.07 35.17 -2.43
C SER D 94 19.40 36.31 -1.49
N ALA D 95 20.68 36.67 -1.46
CA ALA D 95 21.17 37.75 -0.60
C ALA D 95 21.08 39.05 -1.36
N LEU D 96 21.19 38.93 -2.67
CA LEU D 96 21.09 40.07 -3.54
C LEU D 96 19.61 40.40 -3.66
N ALA D 97 18.81 39.73 -2.85
CA ALA D 97 17.38 39.95 -2.88
C ALA D 97 17.06 41.45 -2.93
N ALA D 98 16.20 41.81 -3.88
CA ALA D 98 15.72 43.19 -4.07
C ALA D 98 16.82 44.21 -4.21
N HIS D 99 17.88 43.84 -4.92
CA HIS D 99 18.97 44.78 -5.13
C HIS D 99 18.52 45.88 -6.08
N GLU D 100 18.62 47.14 -5.63
CA GLU D 100 18.22 48.24 -6.47
C GLU D 100 16.88 47.95 -7.12
N VAL D 101 15.96 47.44 -6.35
CA VAL D 101 14.65 47.14 -6.89
C VAL D 101 13.68 48.26 -6.51
N TYR D 102 13.43 48.46 -5.23
CA TYR D 102 12.54 49.54 -4.84
C TYR D 102 13.34 50.84 -4.83
N GLY D 103 12.67 51.94 -4.59
CA GLY D 103 13.38 53.21 -4.56
C GLY D 103 14.53 53.20 -3.57
N GLU D 104 14.20 53.00 -2.30
CA GLU D 104 15.17 52.94 -1.20
C GLU D 104 16.09 51.73 -1.29
N GLU D 105 16.87 51.52 -0.23
CA GLU D 105 17.80 50.40 -0.17
C GLU D 105 17.25 49.43 0.87
N VAL D 106 16.78 48.27 0.45
CA VAL D 106 16.23 47.32 1.41
C VAL D 106 17.09 46.07 1.42
N ALA D 107 18.27 46.16 2.03
CA ALA D 107 19.22 45.05 2.07
C ALA D 107 18.69 43.60 2.25
N ALA D 108 19.08 42.70 1.32
CA ALA D 108 18.67 41.28 1.33
C ALA D 108 17.16 41.17 1.60
N ALA D 109 16.45 42.18 1.14
CA ALA D 109 15.00 42.29 1.28
C ALA D 109 14.46 42.31 2.71
N GLY D 110 15.26 42.72 3.68
CA GLY D 110 14.77 42.77 5.05
C GLY D 110 14.48 41.44 5.71
N ILE D 111 15.08 40.39 5.14
CA ILE D 111 14.96 39.01 5.61
C ILE D 111 16.10 38.14 5.10
N VAL D 112 16.79 37.51 6.05
CA VAL D 112 17.93 36.62 5.77
C VAL D 112 17.41 35.21 6.01
N ALA D 113 17.86 34.27 5.21
CA ALA D 113 17.40 32.93 5.43
C ALA D 113 18.30 32.03 4.67
N GLY D 114 18.42 30.83 5.23
CA GLY D 114 19.28 29.82 4.63
C GLY D 114 19.19 28.48 5.32
N ILE D 115 20.10 27.58 4.92
CA ILE D 115 20.16 26.22 5.44
C ILE D 115 21.43 25.94 6.24
N GLY D 116 21.25 25.42 7.44
CA GLY D 116 22.36 25.09 8.31
C GLY D 116 22.00 24.08 9.38
N ARG D 117 23.02 23.49 9.99
CA ARG D 117 22.84 22.50 11.04
C ARG D 117 22.39 23.12 12.35
N VAL D 118 21.36 22.52 12.93
CA VAL D 118 20.89 22.89 14.25
C VAL D 118 20.66 21.52 14.89
N GLU D 119 21.38 21.27 15.98
CA GLU D 119 21.33 20.01 16.68
C GLU D 119 21.37 18.81 15.78
N GLY D 120 22.18 18.91 14.73
CA GLY D 120 22.36 17.80 13.80
C GLY D 120 21.25 17.55 12.79
N VAL D 121 20.48 18.60 12.45
CA VAL D 121 19.41 18.49 11.49
C VAL D 121 19.63 19.58 10.47
N GLU D 122 19.51 19.28 9.17
CA GLU D 122 19.71 20.32 8.16
C GLU D 122 18.44 21.17 8.25
N CYS D 123 18.54 22.41 8.74
CA CYS D 123 17.35 23.23 8.94
C CYS D 123 17.22 24.48 8.13
N MET D 124 15.97 24.90 7.90
CA MET D 124 15.68 26.14 7.20
C MET D 124 15.45 27.20 8.27
N ILE D 125 16.20 28.30 8.17
CA ILE D 125 16.11 29.43 9.10
C ILE D 125 15.74 30.73 8.39
N VAL D 126 14.81 31.46 8.98
CA VAL D 126 14.37 32.71 8.39
C VAL D 126 14.13 33.69 9.52
N GLY D 127 14.72 34.88 9.38
CA GLY D 127 14.57 35.92 10.40
C GLY D 127 14.56 37.26 9.71
N ASN D 128 13.88 38.24 10.30
CA ASN D 128 13.84 39.56 9.66
C ASN D 128 14.87 40.52 10.25
N ASP D 129 15.28 41.50 9.43
CA ASP D 129 16.25 42.49 9.87
C ASP D 129 15.50 43.69 10.35
N ALA D 130 15.31 43.78 11.66
CA ALA D 130 14.58 44.89 12.27
C ALA D 130 15.14 46.26 11.87
N THR D 131 16.37 46.28 11.41
CA THR D 131 16.99 47.52 11.04
C THR D 131 16.61 47.96 9.65
N VAL D 132 16.32 47.01 8.77
CA VAL D 132 15.93 47.36 7.40
C VAL D 132 14.47 47.88 7.30
N LYS D 133 14.35 49.19 7.11
CA LYS D 133 13.07 49.84 7.00
C LYS D 133 12.05 49.22 7.97
N GLY D 134 12.49 49.08 9.21
CA GLY D 134 11.62 48.53 10.24
C GLY D 134 11.24 47.09 10.07
N GLY D 135 12.00 46.35 9.28
CA GLY D 135 11.71 44.93 9.08
C GLY D 135 10.39 44.58 8.42
N THR D 136 9.64 45.61 8.03
CA THR D 136 8.35 45.47 7.37
C THR D 136 8.44 44.69 6.05
N TYR D 137 7.35 44.02 5.67
CA TYR D 137 7.34 43.21 4.47
C TYR D 137 7.19 43.92 3.14
N TYR D 138 8.27 43.99 2.40
CA TYR D 138 8.19 44.61 1.09
C TYR D 138 7.80 43.44 0.20
N PRO D 139 7.29 43.74 -1.00
CA PRO D 139 6.90 42.69 -1.93
C PRO D 139 7.93 41.55 -1.96
N LEU D 140 9.14 41.83 -2.43
CA LEU D 140 10.15 40.80 -2.50
C LEU D 140 10.44 40.13 -1.15
N THR D 141 10.08 40.77 -0.04
CA THR D 141 10.33 40.15 1.27
C THR D 141 9.43 38.91 1.32
N VAL D 142 8.15 39.13 1.04
CA VAL D 142 7.16 38.05 1.01
C VAL D 142 7.59 36.94 0.03
N LYS D 143 8.02 37.30 -1.18
CA LYS D 143 8.44 36.28 -2.13
C LYS D 143 9.63 35.51 -1.61
N LYS D 144 10.53 36.18 -0.89
CA LYS D 144 11.71 35.51 -0.35
C LYS D 144 11.28 34.50 0.71
N HIS D 145 10.52 35.00 1.70
CA HIS D 145 10.01 34.19 2.81
C HIS D 145 9.29 32.94 2.29
N LEU D 146 8.56 33.08 1.19
CA LEU D 146 7.87 31.92 0.63
C LEU D 146 8.88 31.03 -0.07
N ARG D 147 9.82 31.57 -0.85
CA ARG D 147 10.79 30.67 -1.51
C ARG D 147 11.58 29.87 -0.49
N ALA D 148 11.61 30.32 0.78
CA ALA D 148 12.34 29.55 1.79
C ALA D 148 11.50 28.36 2.16
N GLN D 149 10.20 28.56 2.26
CA GLN D 149 9.32 27.47 2.63
C GLN D 149 9.03 26.52 1.48
N ALA D 150 9.55 26.83 0.31
CA ALA D 150 9.33 25.92 -0.79
C ALA D 150 10.45 24.94 -0.55
N ILE D 151 11.67 25.49 -0.52
CA ILE D 151 12.84 24.68 -0.30
C ILE D 151 12.66 23.78 0.90
N ALA D 152 12.03 24.30 1.94
CA ALA D 152 11.80 23.53 3.15
C ALA D 152 10.74 22.43 2.99
N LEU D 153 9.73 22.65 2.17
CA LEU D 153 8.73 21.62 1.97
C LEU D 153 9.21 20.64 0.94
N GLU D 154 9.89 21.16 -0.08
CA GLU D 154 10.41 20.38 -1.19
C GLU D 154 11.47 19.39 -0.75
N ASN D 155 12.26 19.79 0.24
CA ASN D 155 13.32 18.91 0.70
C ASN D 155 13.08 18.42 2.13
N ARG D 156 11.91 18.70 2.71
CA ARG D 156 11.60 18.24 4.05
C ARG D 156 12.59 18.69 5.15
N LEU D 157 12.81 20.00 5.29
CA LEU D 157 13.74 20.52 6.28
C LEU D 157 12.97 21.25 7.34
N PRO D 158 13.11 20.85 8.61
CA PRO D 158 12.35 21.54 9.67
C PRO D 158 12.57 23.09 9.63
N CYS D 159 11.60 23.87 10.06
CA CYS D 159 11.77 25.31 9.94
C CYS D 159 11.83 26.13 11.21
N ILE D 160 12.76 27.09 11.28
CA ILE D 160 12.85 27.99 12.45
C ILE D 160 12.69 29.44 11.98
N TYR D 161 11.61 30.09 12.35
CA TYR D 161 11.43 31.45 11.94
C TYR D 161 11.80 32.33 13.12
N LEU D 162 12.82 33.18 12.93
CA LEU D 162 13.29 34.12 13.97
C LEU D 162 12.57 35.47 13.67
N VAL D 163 11.31 35.54 14.10
CA VAL D 163 10.45 36.69 13.89
C VAL D 163 10.77 37.94 14.66
N ASP D 164 10.88 39.05 13.94
CA ASP D 164 11.21 40.35 14.53
C ASP D 164 10.84 41.36 13.45
N SER D 165 9.60 41.37 13.02
CA SER D 165 9.19 42.30 11.97
C SER D 165 8.11 43.31 12.29
N GLY D 166 8.13 44.42 11.55
CA GLY D 166 7.15 45.46 11.73
C GLY D 166 5.80 44.94 11.26
N GLY D 167 5.40 45.31 10.04
CA GLY D 167 4.15 44.82 9.48
C GLY D 167 4.37 44.46 8.03
N ALA D 168 3.49 44.92 7.17
CA ALA D 168 3.68 44.69 5.77
C ALA D 168 3.90 46.13 5.30
N ASN D 169 4.79 46.33 4.33
CA ASN D 169 5.07 47.67 3.85
C ASN D 169 3.84 48.37 3.29
N LEU D 170 3.05 48.98 4.18
CA LEU D 170 1.81 49.70 3.86
C LEU D 170 1.65 50.40 2.51
N PRO D 171 2.68 51.15 2.09
CA PRO D 171 2.60 51.85 0.81
C PRO D 171 2.38 50.94 -0.40
N ARG D 172 3.02 49.77 -0.39
CA ARG D 172 2.90 48.83 -1.52
C ARG D 172 2.10 47.57 -1.17
N GLN D 173 1.02 47.74 -0.40
CA GLN D 173 0.14 46.66 0.07
C GLN D 173 -0.50 45.82 -1.03
N ASP D 174 -0.81 46.45 -2.15
CA ASP D 174 -1.44 45.74 -3.25
C ASP D 174 -0.55 44.64 -3.82
N GLU D 175 0.75 44.64 -3.54
CA GLU D 175 1.68 43.60 -4.04
C GLU D 175 2.20 42.77 -2.88
N VAL D 176 1.54 42.90 -1.72
CA VAL D 176 1.94 42.23 -0.50
C VAL D 176 0.77 41.49 0.20
N PHE D 177 -0.46 41.98 0.05
CA PHE D 177 -1.55 41.36 0.77
C PHE D 177 -2.46 40.33 0.12
N PRO D 178 -3.19 40.71 -0.95
CA PRO D 178 -4.14 39.85 -1.69
C PRO D 178 -3.72 38.50 -2.32
N ASP D 179 -3.38 38.53 -3.62
CA ASP D 179 -3.00 37.34 -4.41
C ASP D 179 -2.45 36.09 -3.73
N ARG D 180 -2.61 34.97 -4.43
CA ARG D 180 -2.20 33.67 -3.91
C ARG D 180 -0.80 33.64 -3.42
N GLU D 181 0.08 34.14 -4.24
CA GLU D 181 1.51 34.22 -3.98
C GLU D 181 1.92 35.26 -2.93
N HIS D 182 0.98 35.95 -2.30
CA HIS D 182 1.31 37.01 -1.31
C HIS D 182 1.49 36.60 0.16
N PHE D 183 1.58 37.56 1.05
CA PHE D 183 1.71 37.23 2.48
C PHE D 183 0.51 36.33 2.68
N GLY D 184 0.43 35.67 3.80
CA GLY D 184 -0.76 34.87 3.96
C GLY D 184 -0.64 33.55 3.27
N ARG D 185 0.27 33.43 2.32
CA ARG D 185 0.43 32.12 1.73
C ARG D 185 1.52 31.58 2.64
N ILE D 186 1.95 32.45 3.55
CA ILE D 186 3.00 32.13 4.51
C ILE D 186 2.39 31.23 5.57
N PHE D 187 1.17 31.54 5.93
CA PHE D 187 0.49 30.75 6.91
C PHE D 187 0.02 29.50 6.26
N PHE D 188 -0.47 29.62 5.03
CA PHE D 188 -0.93 28.44 4.32
C PHE D 188 0.19 27.42 4.29
N ASN D 189 1.32 27.80 3.70
CA ASN D 189 2.44 26.89 3.64
C ASN D 189 2.80 26.34 5.04
N GLN D 190 2.73 27.19 6.08
CA GLN D 190 3.08 26.78 7.44
C GLN D 190 2.22 25.63 7.93
N ALA D 191 0.90 25.82 7.99
CA ALA D 191 0.02 24.77 8.49
C ALA D 191 0.00 23.51 7.63
N ASN D 192 0.36 23.64 6.36
CA ASN D 192 0.40 22.48 5.49
C ASN D 192 1.67 21.69 5.88
N MET D 193 2.77 22.41 6.04
CA MET D 193 3.99 21.75 6.40
C MET D 193 3.79 21.06 7.74
N SER D 194 3.15 21.75 8.67
CA SER D 194 2.96 21.14 9.96
C SER D 194 2.18 19.86 9.83
N ALA D 195 1.28 19.83 8.85
CA ALA D 195 0.46 18.65 8.64
C ALA D 195 1.29 17.55 8.00
N ARG D 196 2.22 17.94 7.15
CA ARG D 196 3.05 16.96 6.48
C ARG D 196 4.15 16.46 7.43
N GLY D 197 4.15 16.93 8.67
CA GLY D 197 5.15 16.48 9.61
C GLY D 197 6.52 17.14 9.49
N ILE D 198 6.54 18.40 9.09
CA ILE D 198 7.79 19.14 8.98
C ILE D 198 7.72 20.18 10.12
N PRO D 199 8.16 19.82 11.32
CA PRO D 199 8.10 20.77 12.43
C PRO D 199 8.20 22.25 12.08
N GLN D 200 7.41 23.05 12.78
CA GLN D 200 7.37 24.48 12.59
C GLN D 200 7.65 25.28 13.88
N ILE D 201 8.88 25.79 14.09
CA ILE D 201 9.28 26.58 15.29
C ILE D 201 9.40 28.09 15.12
N ALA D 202 8.97 28.82 16.13
CA ALA D 202 9.03 30.26 16.04
C ALA D 202 9.66 30.93 17.25
N VAL D 203 10.54 31.89 17.02
CA VAL D 203 11.18 32.65 18.09
C VAL D 203 10.95 34.12 17.83
N VAL D 204 10.09 34.74 18.61
CA VAL D 204 9.79 36.15 18.44
C VAL D 204 10.77 36.92 19.27
N MET D 205 11.52 37.80 18.61
CA MET D 205 12.53 38.60 19.29
C MET D 205 12.31 40.12 19.10
N GLY D 206 11.09 40.52 18.74
CA GLY D 206 10.81 41.93 18.54
C GLY D 206 9.30 42.19 18.47
N SER D 207 8.89 43.21 17.75
CA SER D 207 7.46 43.44 17.63
C SER D 207 6.99 42.47 16.57
N CYS D 208 5.68 42.27 16.51
CA CYS D 208 5.14 41.32 15.56
C CYS D 208 3.67 41.64 15.42
N THR D 209 3.39 42.84 14.92
CA THR D 209 2.01 43.30 14.78
C THR D 209 1.27 42.74 13.55
N ALA D 210 -0.04 42.55 13.72
CA ALA D 210 -0.94 42.06 12.66
C ALA D 210 -0.51 40.86 11.85
N GLY D 211 0.00 41.15 10.66
CA GLY D 211 0.46 40.11 9.76
C GLY D 211 1.32 39.05 10.40
N GLY D 212 2.58 39.41 10.67
CA GLY D 212 3.52 38.49 11.29
C GLY D 212 3.05 37.90 12.61
N ALA D 213 1.91 38.38 13.12
CA ALA D 213 1.37 37.88 14.38
C ALA D 213 0.97 36.41 14.25
N TYR D 214 0.67 35.96 13.03
CA TYR D 214 0.28 34.56 12.82
C TYR D 214 1.49 33.61 12.76
N VAL D 215 2.65 34.12 12.35
CA VAL D 215 3.84 33.29 12.28
C VAL D 215 4.10 32.57 13.61
N PRO D 216 3.98 33.26 14.75
CA PRO D 216 4.23 32.53 15.99
C PRO D 216 3.02 31.71 16.38
N ALA D 217 1.82 32.26 16.18
CA ALA D 217 0.57 31.58 16.56
C ALA D 217 0.32 30.29 15.82
N MET D 218 0.85 30.20 14.61
CA MET D 218 0.68 29.00 13.81
C MET D 218 1.98 28.25 13.72
N SER D 219 2.49 27.76 14.84
CA SER D 219 3.74 27.04 14.78
C SER D 219 3.84 26.05 15.89
N ASP D 220 4.07 24.78 15.56
CA ASP D 220 4.18 23.72 16.55
C ASP D 220 4.64 24.21 17.94
N GLU D 221 5.82 24.85 17.97
CA GLU D 221 6.44 25.37 19.19
C GLU D 221 6.81 26.84 19.00
N THR D 222 6.57 27.66 20.02
CA THR D 222 6.86 29.10 19.96
C THR D 222 7.65 29.70 21.16
N VAL D 223 8.66 30.54 20.88
CA VAL D 223 9.50 31.16 21.92
C VAL D 223 9.48 32.71 21.90
N MET D 224 9.39 33.33 23.09
CA MET D 224 9.37 34.79 23.24
C MET D 224 10.43 35.39 24.23
N VAL D 225 11.02 36.52 23.86
CA VAL D 225 11.99 37.19 24.72
C VAL D 225 11.17 38.12 25.59
N ARG D 226 11.29 38.03 26.91
CA ARG D 226 10.51 38.92 27.76
C ARG D 226 10.94 40.38 27.64
N GLU D 227 9.97 41.30 27.74
CA GLU D 227 10.25 42.74 27.66
C GLU D 227 10.99 43.05 26.37
N GLN D 228 10.51 42.45 25.30
CA GLN D 228 11.10 42.64 23.97
C GLN D 228 10.07 42.12 22.97
N ALA D 229 9.72 40.86 23.09
CA ALA D 229 8.76 40.30 22.18
C ALA D 229 7.36 40.84 22.45
N THR D 230 6.53 40.84 21.41
CA THR D 230 5.17 41.31 21.52
C THR D 230 4.37 40.78 20.34
N ILE D 231 3.36 39.94 20.61
CA ILE D 231 2.49 39.40 19.57
C ILE D 231 1.06 39.90 19.79
N PHE D 232 0.60 40.83 18.94
CA PHE D 232 -0.76 41.36 19.01
C PHE D 232 -1.24 41.64 17.59
N LEU D 233 -2.51 41.29 17.32
CA LEU D 233 -3.10 41.48 16.00
C LEU D 233 -3.14 42.96 15.62
N ALA D 234 -3.37 43.81 16.62
CA ALA D 234 -3.42 45.25 16.41
C ALA D 234 -2.56 45.93 17.48
N GLY D 235 -1.41 46.48 17.09
CA GLY D 235 -0.53 47.17 18.02
C GLY D 235 -1.17 48.41 18.63
N PRO D 236 -0.51 49.14 19.55
CA PRO D 236 -1.13 50.34 20.13
C PRO D 236 -1.57 51.38 19.08
N PRO D 237 -0.74 51.63 18.02
CA PRO D 237 -1.25 52.61 17.06
C PRO D 237 -2.69 52.24 16.58
N LEU D 238 -2.84 51.12 15.87
CA LEU D 238 -4.15 50.66 15.37
C LEU D 238 -5.22 50.46 16.47
N VAL D 239 -4.83 50.01 17.67
CA VAL D 239 -5.75 49.77 18.79
C VAL D 239 -6.34 51.03 19.42
N LYS D 240 -5.63 52.15 19.29
CA LYS D 240 -6.13 53.43 19.83
C LYS D 240 -7.09 53.94 18.75
N ALA D 241 -6.78 53.58 17.49
CA ALA D 241 -7.57 53.92 16.29
C ALA D 241 -8.91 53.19 16.28
N ALA D 242 -9.05 52.23 17.19
CA ALA D 242 -10.26 51.43 17.36
C ALA D 242 -11.09 52.28 18.30
N THR D 243 -11.92 51.68 19.16
CA THR D 243 -12.68 52.53 20.07
C THR D 243 -11.74 53.04 21.17
N GLY D 244 -11.07 54.15 20.82
CA GLY D 244 -10.13 54.81 21.73
C GLY D 244 -9.13 53.86 22.32
N GLU D 245 -9.10 53.79 23.65
CA GLU D 245 -8.19 52.87 24.31
C GLU D 245 -6.72 53.27 24.09
N VAL D 246 -5.98 53.44 25.18
CA VAL D 246 -4.56 53.77 25.07
C VAL D 246 -3.83 52.81 25.99
N VAL D 247 -3.04 51.91 25.40
CA VAL D 247 -2.29 50.93 26.17
C VAL D 247 -0.88 50.73 25.61
N SER D 248 0.02 50.27 26.47
CA SER D 248 1.41 50.03 26.11
C SER D 248 1.55 48.81 25.24
N ALA D 249 2.70 48.64 24.65
CA ALA D 249 2.87 47.47 23.84
C ALA D 249 2.96 46.23 24.73
N GLU D 250 3.84 46.22 25.74
CA GLU D 250 3.99 45.01 26.56
C GLU D 250 2.73 44.56 27.30
N GLU D 251 1.78 45.45 27.56
CA GLU D 251 0.56 45.04 28.27
C GLU D 251 -0.46 44.50 27.28
N LEU D 252 -0.39 45.03 26.07
CA LEU D 252 -1.28 44.65 25.00
C LEU D 252 -0.99 43.22 24.63
N GLY D 253 0.22 42.96 24.15
CA GLY D 253 0.57 41.60 23.76
C GLY D 253 2.03 41.30 24.07
N GLY D 254 2.37 41.42 25.35
CA GLY D 254 3.74 41.20 25.75
C GLY D 254 4.17 39.75 25.80
N ALA D 255 5.37 39.54 26.33
CA ALA D 255 5.93 38.22 26.46
C ALA D 255 5.26 37.55 27.65
N ASP D 256 4.97 38.33 28.68
CA ASP D 256 4.35 37.77 29.85
C ASP D 256 2.92 37.48 29.65
N VAL D 257 2.29 38.21 28.74
CA VAL D 257 0.85 38.02 28.49
C VAL D 257 0.56 36.70 27.78
N HIS D 258 1.38 36.39 26.78
CA HIS D 258 1.24 35.19 25.98
C HIS D 258 1.99 33.94 26.49
N CYS D 259 2.57 33.98 27.68
CA CYS D 259 3.25 32.78 28.21
C CYS D 259 2.59 32.29 29.50
N LYS D 260 1.99 33.23 30.24
CA LYS D 260 1.32 32.93 31.52
C LYS D 260 -0.21 33.01 31.35
N VAL D 261 -0.69 33.91 30.51
CA VAL D 261 -2.14 34.08 30.34
C VAL D 261 -2.82 33.44 29.12
N SER D 262 -2.59 33.98 27.92
CA SER D 262 -3.18 33.50 26.66
C SER D 262 -2.78 32.08 26.18
N GLY D 263 -1.52 31.85 25.88
CA GLY D 263 -1.14 30.53 25.44
C GLY D 263 -0.69 30.57 24.00
N VAL D 264 -0.48 31.78 23.48
CA VAL D 264 0.00 31.94 22.11
C VAL D 264 1.51 31.72 22.01
N ALA D 265 2.16 31.48 23.15
CA ALA D 265 3.59 31.22 23.18
C ALA D 265 3.80 29.99 24.03
N ASP D 266 4.99 29.40 23.98
CA ASP D 266 5.25 28.19 24.76
C ASP D 266 6.51 28.23 25.62
N HIS D 267 7.51 28.99 25.20
CA HIS D 267 8.73 29.07 25.98
C HIS D 267 9.02 30.50 26.29
N TYR D 268 9.23 30.78 27.57
CA TYR D 268 9.50 32.12 28.09
C TYR D 268 11.00 32.45 28.14
N ALA D 269 11.49 33.17 27.13
CA ALA D 269 12.90 33.50 27.03
C ALA D 269 13.28 34.76 27.76
N GLU D 270 14.47 34.78 28.34
CA GLU D 270 14.97 35.93 29.08
C GLU D 270 15.61 36.95 28.16
N ASP D 271 16.11 36.49 27.01
CA ASP D 271 16.74 37.38 26.02
C ASP D 271 17.05 36.64 24.70
N ASP D 272 17.57 37.37 23.72
CA ASP D 272 17.92 36.78 22.43
C ASP D 272 18.79 35.54 22.54
N ASP D 273 19.83 35.57 23.35
CA ASP D 273 20.71 34.40 23.50
C ASP D 273 19.97 33.20 24.10
N HIS D 274 19.19 33.44 25.15
CA HIS D 274 18.43 32.38 25.81
C HIS D 274 17.52 31.76 24.76
N ALA D 275 16.68 32.66 24.23
CA ALA D 275 15.69 32.38 23.21
C ALA D 275 16.20 31.43 22.14
N LEU D 276 17.41 31.69 21.65
CA LEU D 276 18.00 30.87 20.62
C LEU D 276 18.39 29.50 21.18
N ALA D 277 18.95 29.45 22.38
CA ALA D 277 19.35 28.16 22.94
C ALA D 277 18.14 27.33 23.35
N ILE D 278 17.03 28.03 23.57
CA ILE D 278 15.78 27.39 23.92
C ILE D 278 15.29 26.70 22.67
N ALA D 279 15.38 27.41 21.54
CA ALA D 279 14.98 26.88 20.24
C ALA D 279 15.80 25.64 19.88
N ARG D 280 17.12 25.71 20.04
CA ARG D 280 17.93 24.54 19.72
C ARG D 280 17.31 23.32 20.35
N ARG D 281 17.09 23.38 21.66
CA ARG D 281 16.52 22.24 22.36
C ARG D 281 15.24 21.68 21.71
N CYS D 282 14.41 22.52 21.11
CA CYS D 282 13.19 22.00 20.50
C CYS D 282 13.52 21.18 19.30
N VAL D 283 14.54 21.60 18.58
CA VAL D 283 14.98 20.89 17.40
C VAL D 283 15.65 19.60 17.88
N ALA D 284 16.10 19.63 19.13
CA ALA D 284 16.78 18.48 19.72
C ALA D 284 15.88 17.26 19.86
N ASN D 285 14.69 17.43 20.40
CA ASN D 285 13.79 16.30 20.58
C ASN D 285 12.84 16.10 19.40
N LEU D 286 13.32 16.37 18.19
CA LEU D 286 12.48 16.24 17.03
C LEU D 286 12.34 14.80 16.57
N ASN D 287 13.16 13.93 17.14
CA ASN D 287 13.17 12.52 16.80
C ASN D 287 13.21 12.48 15.28
N TRP D 288 14.01 13.35 14.67
CA TRP D 288 14.11 13.48 13.20
C TRP D 288 15.00 12.48 12.47
N ARG D 289 14.52 11.97 11.35
CA ARG D 289 15.29 11.03 10.52
C ARG D 289 15.17 11.33 9.02
N LYS D 290 16.27 11.18 8.30
CA LYS D 290 16.27 11.51 6.89
C LYS D 290 15.57 10.43 6.10
N GLN D 291 14.84 10.84 5.06
CA GLN D 291 14.10 9.91 4.22
C GLN D 291 14.72 9.66 2.88
N GLY D 292 15.63 10.54 2.45
CA GLY D 292 16.30 10.34 1.19
C GLY D 292 17.06 9.03 1.22
N GLN D 293 17.74 8.66 0.14
CA GLN D 293 18.43 7.38 0.14
C GLN D 293 19.02 6.99 -1.21
N LEU D 294 20.32 7.16 -1.34
CA LEU D 294 21.00 6.82 -2.57
C LEU D 294 22.09 5.89 -2.16
N GLN D 295 22.82 5.39 -3.15
CA GLN D 295 23.96 4.50 -2.92
C GLN D 295 25.19 5.38 -3.00
N CYS D 296 25.35 6.23 -1.98
CA CYS D 296 26.47 7.16 -1.90
C CYS D 296 27.70 6.32 -1.59
N ARG D 297 28.87 6.75 -2.06
CA ARG D 297 30.09 6.00 -1.73
C ARG D 297 31.19 6.93 -1.20
N ALA D 298 32.32 6.38 -0.78
CA ALA D 298 33.40 7.18 -0.23
C ALA D 298 33.64 8.47 -0.99
N PRO D 299 33.60 9.62 -0.32
CA PRO D 299 33.81 10.92 -0.95
C PRO D 299 35.25 11.12 -1.42
N ARG D 300 35.50 11.28 -2.72
CA ARG D 300 36.86 11.52 -3.22
C ARG D 300 36.93 12.89 -3.92
N ALA D 301 37.94 13.72 -3.63
CA ALA D 301 38.00 15.05 -4.25
C ALA D 301 38.37 15.11 -5.77
N PRO D 302 38.14 16.27 -6.45
CA PRO D 302 38.44 16.45 -7.89
C PRO D 302 39.85 16.00 -8.24
N LEU D 303 40.30 16.27 -9.46
CA LEU D 303 41.64 15.89 -9.87
C LEU D 303 42.34 17.14 -10.28
N TYR D 304 41.60 18.24 -10.20
CA TYR D 304 42.15 19.51 -10.55
C TYR D 304 41.55 20.49 -9.60
N PRO D 305 42.35 21.42 -9.11
CA PRO D 305 41.88 22.45 -8.18
C PRO D 305 40.63 23.17 -8.71
N ALA D 306 39.56 23.22 -7.92
CA ALA D 306 38.33 23.84 -8.38
C ALA D 306 38.38 25.34 -8.65
N GLU D 307 39.51 25.99 -8.40
CA GLU D 307 39.64 27.42 -8.69
C GLU D 307 40.18 27.58 -10.09
N GLU D 308 40.74 26.49 -10.65
CA GLU D 308 41.26 26.47 -12.02
C GLU D 308 40.14 26.94 -12.93
N LEU D 309 38.91 26.77 -12.47
CA LEU D 309 37.74 27.17 -13.24
C LEU D 309 37.82 28.62 -13.67
N TYR D 310 38.10 29.52 -12.74
CA TYR D 310 38.17 30.92 -13.08
C TYR D 310 38.75 31.16 -14.50
N GLY D 311 39.75 30.38 -14.89
CA GLY D 311 40.36 30.55 -16.21
C GLY D 311 39.90 29.60 -17.32
N VAL D 312 38.93 28.73 -17.00
CA VAL D 312 38.36 27.74 -17.95
C VAL D 312 37.29 28.46 -18.75
N ILE D 313 36.52 29.28 -18.06
CA ILE D 313 35.45 30.00 -18.70
C ILE D 313 36.03 31.20 -19.44
N PRO D 314 35.94 31.19 -20.78
CA PRO D 314 36.46 32.29 -21.61
C PRO D 314 35.90 33.64 -21.13
N ALA D 315 36.52 34.73 -21.53
CA ALA D 315 36.00 36.01 -21.08
C ALA D 315 35.09 36.60 -22.14
N ASP D 316 35.25 36.15 -23.39
CA ASP D 316 34.42 36.65 -24.47
C ASP D 316 33.14 35.84 -24.53
N SER D 317 32.11 36.37 -23.87
CA SER D 317 30.82 35.71 -23.80
C SER D 317 30.54 34.74 -24.96
N LYS D 318 30.57 35.20 -26.19
CA LYS D 318 30.28 34.34 -27.35
C LYS D 318 31.44 33.46 -27.78
N GLN D 319 32.30 33.06 -26.85
CA GLN D 319 33.46 32.26 -27.22
C GLN D 319 33.27 30.80 -26.75
N PRO D 320 33.30 29.81 -27.66
CA PRO D 320 33.11 28.39 -27.33
C PRO D 320 34.21 27.79 -26.49
N TYR D 321 33.84 26.94 -25.53
CA TYR D 321 34.82 26.26 -24.69
C TYR D 321 34.23 24.91 -24.44
N ASP D 322 35.04 23.96 -23.98
CA ASP D 322 34.51 22.64 -23.72
C ASP D 322 34.04 22.53 -22.25
N VAL D 323 32.74 22.31 -22.06
CA VAL D 323 32.16 22.21 -20.72
C VAL D 323 32.72 21.04 -19.90
N ARG D 324 33.08 19.95 -20.57
CA ARG D 324 33.66 18.78 -19.91
C ARG D 324 34.80 19.23 -18.96
N GLU D 325 35.27 20.48 -19.14
CA GLU D 325 36.35 21.08 -18.34
C GLU D 325 35.87 21.58 -17.01
N VAL D 326 34.64 22.05 -16.99
CA VAL D 326 34.07 22.52 -15.75
C VAL D 326 33.59 21.30 -14.97
N ILE D 327 33.27 20.20 -15.68
CA ILE D 327 32.81 18.93 -15.06
C ILE D 327 33.95 18.22 -14.30
N ALA D 328 35.12 18.16 -14.95
CA ALA D 328 36.31 17.56 -14.37
C ALA D 328 36.71 18.25 -13.07
N ARG D 329 36.22 19.46 -12.82
CA ARG D 329 36.57 20.16 -11.58
C ARG D 329 35.48 20.14 -10.50
N LEU D 330 34.48 19.29 -10.73
CA LEU D 330 33.35 19.16 -9.82
C LEU D 330 33.08 17.74 -9.42
N VAL D 331 33.14 16.82 -10.37
CA VAL D 331 32.88 15.42 -10.03
C VAL D 331 33.99 14.87 -9.13
N ASP D 332 33.75 13.69 -8.55
CA ASP D 332 34.73 13.05 -7.68
C ASP D 332 35.74 12.43 -8.58
N GLY D 333 37.01 12.61 -8.22
CA GLY D 333 38.11 12.07 -8.99
C GLY D 333 37.99 12.30 -10.49
N SER D 334 37.36 13.41 -10.86
CA SER D 334 37.17 13.77 -12.27
C SER D 334 36.90 12.56 -13.13
N GLU D 335 36.08 11.68 -12.57
CA GLU D 335 35.61 10.42 -13.15
C GLU D 335 34.25 10.76 -13.72
N PHE D 336 34.03 10.46 -15.00
CA PHE D 336 32.77 10.80 -15.67
C PHE D 336 32.50 9.84 -16.82
N ASP D 337 31.51 8.99 -16.71
CA ASP D 337 31.28 8.07 -17.82
C ASP D 337 30.26 8.68 -18.79
N GLU D 338 30.69 9.01 -20.01
CA GLU D 338 29.75 9.64 -20.94
C GLU D 338 28.81 8.78 -21.81
N PHE D 339 27.53 9.10 -21.66
CA PHE D 339 26.42 8.50 -22.37
C PHE D 339 26.25 9.16 -23.75
N LYS D 340 25.90 8.35 -24.75
CA LYS D 340 25.75 8.79 -26.14
C LYS D 340 26.87 9.76 -26.34
N ALA D 341 28.04 9.21 -26.10
CA ALA D 341 29.29 9.88 -26.21
C ALA D 341 29.38 10.92 -27.35
N LEU D 342 29.32 10.42 -28.57
CA LEU D 342 29.45 11.21 -29.78
C LEU D 342 28.16 11.27 -30.58
N PHE D 343 27.14 11.92 -30.01
CA PHE D 343 25.84 12.06 -30.68
C PHE D 343 25.17 13.29 -30.09
N GLY D 344 24.75 14.19 -30.97
CA GLY D 344 24.12 15.41 -30.52
C GLY D 344 25.03 15.94 -29.45
N THR D 345 26.27 16.07 -29.86
CA THR D 345 27.32 16.54 -28.99
C THR D 345 27.05 17.89 -28.35
N THR D 346 26.11 18.66 -28.88
CA THR D 346 25.84 19.98 -28.30
C THR D 346 25.32 19.87 -26.87
N LEU D 347 25.09 18.64 -26.44
CA LEU D 347 24.59 18.36 -25.09
C LEU D 347 25.34 17.16 -24.51
N VAL D 348 26.19 17.44 -23.51
CA VAL D 348 26.99 16.43 -22.86
C VAL D 348 26.20 15.80 -21.75
N CYS D 349 26.20 14.47 -21.75
CA CYS D 349 25.45 13.72 -20.75
C CYS D 349 26.26 12.68 -20.07
N GLY D 350 26.18 12.59 -18.74
CA GLY D 350 26.94 11.58 -18.06
C GLY D 350 26.69 11.34 -16.59
N PHE D 351 27.19 10.22 -16.10
CA PHE D 351 27.06 9.85 -14.71
C PHE D 351 28.40 10.14 -14.03
N ALA D 352 28.33 10.39 -12.72
CA ALA D 352 29.50 10.69 -11.89
C ALA D 352 29.07 10.69 -10.42
N HIS D 353 29.98 11.00 -9.52
CA HIS D 353 29.61 11.09 -8.12
C HIS D 353 30.10 12.44 -7.63
N LEU D 354 29.43 13.04 -6.65
CA LEU D 354 29.83 14.33 -6.12
C LEU D 354 29.77 14.31 -4.60
N HIS D 355 30.94 14.22 -3.99
CA HIS D 355 31.05 14.14 -2.54
C HIS D 355 30.31 12.92 -2.09
N GLY D 356 30.53 11.81 -2.76
CA GLY D 356 29.88 10.58 -2.39
C GLY D 356 28.62 10.31 -3.16
N TYR D 357 27.71 11.26 -3.08
CA TYR D 357 26.44 11.18 -3.76
C TYR D 357 26.56 11.02 -5.27
N PRO D 358 25.87 10.03 -5.84
CA PRO D 358 25.88 9.75 -7.28
C PRO D 358 24.92 10.71 -8.05
N ILE D 359 25.40 11.37 -9.11
CA ILE D 359 24.55 12.33 -9.84
C ILE D 359 24.59 12.18 -11.34
N ALA D 360 23.47 12.43 -12.00
CA ALA D 360 23.38 12.36 -13.46
C ALA D 360 23.52 13.82 -14.05
N ILE D 361 24.58 14.10 -14.82
CA ILE D 361 24.79 15.45 -15.33
C ILE D 361 24.33 15.71 -16.73
N LEU D 362 23.87 16.92 -16.98
CA LEU D 362 23.44 17.35 -18.30
C LEU D 362 23.98 18.75 -18.51
N ALA D 363 25.02 18.90 -19.31
CA ALA D 363 25.58 20.24 -19.51
C ALA D 363 25.59 20.65 -20.98
N ASN D 364 25.33 21.94 -21.25
CA ASN D 364 25.30 22.44 -22.64
C ASN D 364 26.67 22.67 -23.27
N ASN D 365 26.80 22.23 -24.51
CA ASN D 365 28.04 22.39 -25.26
C ASN D 365 27.74 23.01 -26.60
N GLY D 366 27.16 24.21 -26.57
CA GLY D 366 26.84 24.90 -27.80
C GLY D 366 25.38 25.17 -28.10
N ILE D 367 24.96 24.76 -29.30
CA ILE D 367 23.59 24.94 -29.80
C ILE D 367 22.75 23.82 -29.18
N LEU D 368 21.76 23.32 -29.89
CA LEU D 368 20.93 22.23 -29.35
C LEU D 368 20.05 21.70 -30.47
N PHE D 369 20.63 20.89 -31.35
CA PHE D 369 19.86 20.33 -32.45
C PHE D 369 18.90 19.25 -31.92
N ALA D 370 18.03 18.72 -32.76
CA ALA D 370 17.06 17.71 -32.30
C ALA D 370 17.70 16.52 -31.60
N GLU D 371 18.85 16.10 -32.07
CA GLU D 371 19.56 14.97 -31.51
C GLU D 371 19.95 15.19 -30.04
N ALA D 372 20.39 16.39 -29.69
CA ALA D 372 20.77 16.67 -28.32
C ALA D 372 19.59 16.56 -27.40
N ALA D 373 18.39 16.86 -27.88
CA ALA D 373 17.21 16.75 -27.02
C ALA D 373 16.83 15.27 -26.83
N GLN D 374 16.78 14.49 -27.91
CA GLN D 374 16.47 13.05 -27.83
C GLN D 374 17.48 12.37 -26.89
N LYS D 375 18.76 12.72 -27.07
CA LYS D 375 19.85 12.18 -26.25
C LYS D 375 19.55 12.56 -24.80
N GLY D 376 19.17 13.83 -24.58
CA GLY D 376 18.86 14.31 -23.24
C GLY D 376 17.62 13.70 -22.59
N ALA D 377 16.63 13.41 -23.41
CA ALA D 377 15.41 12.81 -22.90
C ALA D 377 15.69 11.39 -22.49
N HIS D 378 16.33 10.65 -23.38
CA HIS D 378 16.68 9.26 -23.11
C HIS D 378 17.56 9.17 -21.86
N PHE D 379 18.39 10.16 -21.59
CA PHE D 379 19.23 10.10 -20.39
C PHE D 379 18.36 10.24 -19.11
N ILE D 380 17.57 11.32 -19.05
CA ILE D 380 16.70 11.61 -17.91
C ILE D 380 15.93 10.36 -17.53
N GLU D 381 15.51 9.63 -18.55
CA GLU D 381 14.78 8.38 -18.41
C GLU D 381 15.64 7.43 -17.58
N LEU D 382 16.92 7.30 -17.95
CA LEU D 382 17.84 6.41 -17.23
C LEU D 382 18.03 6.91 -15.83
N ALA D 383 18.19 8.21 -15.71
CA ALA D 383 18.40 8.82 -14.40
C ALA D 383 17.20 8.60 -13.48
N CYS D 384 16.02 8.78 -14.06
CA CYS D 384 14.76 8.65 -13.34
C CYS D 384 14.46 7.23 -12.95
N GLN D 385 14.88 6.27 -13.75
CA GLN D 385 14.62 4.87 -13.45
C GLN D 385 15.54 4.34 -12.38
N ARG D 386 16.67 5.00 -12.14
CA ARG D 386 17.61 4.54 -11.11
C ARG D 386 17.63 5.47 -9.92
N GLY D 387 16.75 6.46 -9.94
CA GLY D 387 16.66 7.42 -8.85
C GLY D 387 17.97 8.08 -8.47
N ILE D 388 18.64 8.58 -9.49
CA ILE D 388 19.92 9.24 -9.39
C ILE D 388 19.53 10.70 -9.57
N PRO D 389 20.00 11.62 -8.70
CA PRO D 389 19.68 13.06 -8.82
C PRO D 389 20.17 13.73 -10.13
N LEU D 390 19.49 14.80 -10.56
CA LEU D 390 19.80 15.54 -11.80
C LEU D 390 20.56 16.82 -11.69
N LEU D 391 21.62 16.95 -12.50
CA LEU D 391 22.43 18.16 -12.51
C LEU D 391 22.50 18.82 -13.91
N PHE D 392 21.92 20.01 -13.97
CA PHE D 392 21.84 20.79 -15.19
C PHE D 392 22.84 21.99 -15.19
N LEU D 393 23.67 22.06 -16.23
CA LEU D 393 24.66 23.10 -16.39
C LEU D 393 24.33 23.90 -17.63
N GLN D 394 23.60 24.99 -17.39
CA GLN D 394 23.10 25.90 -18.40
C GLN D 394 24.02 26.88 -19.03
N ASN D 395 24.23 26.70 -20.34
CA ASN D 395 25.10 27.53 -21.15
C ASN D 395 24.56 27.30 -22.56
N ILE D 396 23.28 27.53 -22.70
CA ILE D 396 22.64 27.33 -23.98
C ILE D 396 22.23 28.68 -24.58
N THR D 397 22.41 28.81 -25.89
CA THR D 397 22.06 30.02 -26.59
C THR D 397 20.73 29.89 -27.31
N GLY D 398 20.20 28.67 -27.41
CA GLY D 398 18.94 28.43 -28.09
C GLY D 398 18.98 27.21 -28.99
N PHE D 399 17.88 26.95 -29.72
CA PHE D 399 17.80 25.80 -30.63
C PHE D 399 18.19 26.23 -32.04
N MET D 400 18.79 25.32 -32.80
CA MET D 400 19.22 25.62 -34.18
C MET D 400 18.03 25.81 -35.11
N VAL D 401 17.93 27.01 -35.69
CA VAL D 401 16.83 27.34 -36.59
C VAL D 401 17.14 26.99 -38.01
N GLY D 402 16.19 27.27 -38.89
CA GLY D 402 16.40 26.98 -40.28
C GLY D 402 15.15 26.35 -40.80
N GLN D 403 15.11 26.05 -42.10
CA GLN D 403 13.94 25.46 -42.76
C GLN D 403 13.86 23.94 -42.73
N LYS D 404 14.99 23.25 -42.86
CA LYS D 404 14.93 21.81 -42.81
C LYS D 404 15.06 21.42 -41.36
N TYR D 405 15.63 22.29 -40.53
CA TYR D 405 15.72 21.98 -39.10
C TYR D 405 14.34 21.98 -38.49
N GLU D 406 13.47 22.90 -38.91
CA GLU D 406 12.11 22.93 -38.37
C GLU D 406 11.23 21.80 -38.95
N ALA D 407 11.35 21.57 -40.26
CA ALA D 407 10.58 20.52 -40.92
C ALA D 407 11.12 19.18 -40.43
N GLY D 408 12.07 19.22 -39.52
CA GLY D 408 12.64 17.98 -39.03
C GLY D 408 12.17 17.61 -37.63
N GLY D 409 11.32 18.45 -37.08
CA GLY D 409 10.79 18.16 -35.77
C GLY D 409 11.56 18.71 -34.61
N ILE D 410 12.51 19.60 -34.86
CA ILE D 410 13.29 20.21 -33.76
C ILE D 410 12.28 20.67 -32.72
N ALA D 411 11.07 20.89 -33.20
CA ALA D 411 10.02 21.34 -32.33
C ALA D 411 9.63 20.21 -31.40
N LYS D 412 9.04 19.17 -31.98
CA LYS D 412 8.56 18.04 -31.22
C LYS D 412 9.65 17.42 -30.38
N HIS D 413 10.84 17.33 -30.95
CA HIS D 413 11.95 16.71 -30.23
C HIS D 413 12.39 17.53 -29.02
N GLY D 414 12.43 18.83 -29.18
CA GLY D 414 12.81 19.66 -28.06
C GLY D 414 11.75 19.51 -27.00
N ALA D 415 10.52 19.16 -27.42
CA ALA D 415 9.37 18.97 -26.51
C ALA D 415 9.54 17.74 -25.65
N LYS D 416 10.16 16.71 -26.22
CA LYS D 416 10.45 15.41 -25.57
C LYS D 416 11.40 15.57 -24.40
N LEU D 417 12.32 16.52 -24.53
CA LEU D 417 13.27 16.82 -23.46
C LEU D 417 12.59 17.63 -22.38
N VAL D 418 11.62 18.45 -22.77
CA VAL D 418 10.90 19.24 -21.79
C VAL D 418 9.94 18.41 -20.93
N THR D 419 9.21 17.46 -21.54
CA THR D 419 8.32 16.65 -20.71
C THR D 419 9.19 15.93 -19.71
N ALA D 420 10.20 15.21 -20.21
CA ALA D 420 11.12 14.48 -19.35
C ALA D 420 11.61 15.31 -18.15
N VAL D 421 12.08 16.53 -18.38
CA VAL D 421 12.54 17.39 -17.29
C VAL D 421 11.38 17.74 -16.36
N ALA D 422 10.28 18.23 -16.91
CA ALA D 422 9.18 18.63 -16.08
C ALA D 422 8.65 17.49 -15.25
N CYS D 423 8.62 16.28 -15.81
CA CYS D 423 8.07 15.12 -15.09
C CYS D 423 9.01 14.39 -14.15
N ALA D 424 10.31 14.59 -14.32
CA ALA D 424 11.35 13.96 -13.51
C ALA D 424 11.23 14.25 -12.05
N ARG D 425 10.94 13.22 -11.26
CA ARG D 425 10.71 13.39 -9.84
C ARG D 425 11.86 13.13 -8.86
N VAL D 426 13.09 12.95 -9.37
CA VAL D 426 14.22 12.80 -8.46
C VAL D 426 14.69 14.25 -8.26
N PRO D 427 15.54 14.51 -7.26
CA PRO D 427 15.97 15.90 -7.06
C PRO D 427 16.73 16.49 -8.21
N LYS D 428 16.32 17.68 -8.63
CA LYS D 428 17.01 18.33 -9.74
C LYS D 428 17.75 19.58 -9.28
N PHE D 429 18.90 19.81 -9.91
CA PHE D 429 19.77 20.92 -9.59
C PHE D 429 20.34 21.69 -10.79
N THR D 430 20.08 22.99 -10.87
CA THR D 430 20.62 23.75 -11.97
C THR D 430 21.54 24.88 -11.55
N VAL D 431 22.60 25.02 -12.35
CA VAL D 431 23.59 26.06 -12.17
C VAL D 431 23.77 26.73 -13.53
N LEU D 432 23.64 28.07 -13.56
CA LEU D 432 23.79 28.86 -14.78
C LEU D 432 25.27 29.19 -14.95
N ILE D 433 25.98 28.52 -15.86
CA ILE D 433 27.42 28.77 -16.05
C ILE D 433 27.77 29.51 -17.37
N GLY D 434 26.73 29.94 -18.08
CA GLY D 434 26.92 30.61 -19.34
C GLY D 434 25.69 31.43 -19.64
N GLY D 435 24.85 30.97 -20.54
CA GLY D 435 23.69 31.77 -20.84
C GLY D 435 22.42 31.01 -20.94
N SER D 436 21.41 31.58 -20.32
CA SER D 436 20.10 31.00 -20.33
C SER D 436 19.34 31.91 -21.28
N PHE D 437 19.11 31.42 -22.49
CA PHE D 437 18.43 32.19 -23.51
C PHE D 437 17.34 31.40 -24.25
N GLY D 438 16.09 31.80 -24.07
CA GLY D 438 14.98 31.15 -24.76
C GLY D 438 14.61 29.73 -24.39
N ALA D 439 14.10 29.00 -25.38
CA ALA D 439 13.68 27.62 -25.23
C ALA D 439 14.69 26.85 -24.40
N GLY D 440 15.97 27.18 -24.60
CA GLY D 440 17.02 26.51 -23.86
C GLY D 440 16.76 26.46 -22.37
N ASN D 441 16.51 27.63 -21.74
CA ASN D 441 16.26 27.75 -20.29
C ASN D 441 15.22 26.76 -19.78
N TYR D 442 14.21 26.49 -20.59
CA TYR D 442 13.19 25.56 -20.19
C TYR D 442 13.64 24.11 -20.39
N GLY D 443 14.25 23.78 -21.53
CA GLY D 443 14.65 22.40 -21.75
C GLY D 443 15.73 21.93 -20.81
N MET D 444 16.40 22.89 -20.19
CA MET D 444 17.50 22.60 -19.27
C MET D 444 17.19 22.87 -17.80
N CYS D 445 15.97 22.55 -17.38
CA CYS D 445 15.56 22.73 -16.00
C CYS D 445 15.75 24.17 -15.48
N GLY D 446 15.02 25.14 -16.06
CA GLY D 446 15.13 26.53 -15.64
C GLY D 446 14.38 26.78 -14.35
N ARG D 447 14.19 28.04 -14.02
CA ARG D 447 13.51 28.37 -12.79
C ARG D 447 12.14 27.71 -12.64
N ALA D 448 11.39 27.71 -13.74
CA ALA D 448 10.02 27.18 -13.75
C ALA D 448 9.82 25.68 -13.66
N TYR D 449 10.88 24.88 -13.69
CA TYR D 449 10.66 23.45 -13.62
C TYR D 449 10.96 22.87 -12.24
N ASP D 450 10.87 23.76 -11.26
CA ASP D 450 11.06 23.39 -9.88
C ASP D 450 12.34 22.62 -9.52
N PRO D 451 13.49 23.17 -9.88
CA PRO D 451 14.64 22.41 -9.48
C PRO D 451 14.70 22.72 -7.97
N ARG D 452 15.19 21.76 -7.17
CA ARG D 452 15.29 21.94 -5.72
C ARG D 452 15.94 23.30 -5.41
N PHE D 453 17.07 23.55 -6.08
CA PHE D 453 17.85 24.77 -5.96
C PHE D 453 18.36 25.14 -7.34
N LEU D 454 18.41 26.43 -7.66
CA LEU D 454 18.96 26.89 -8.96
C LEU D 454 19.87 28.07 -8.70
N TRP D 455 21.12 27.99 -9.16
CA TRP D 455 22.09 29.07 -8.95
C TRP D 455 22.71 29.71 -10.22
N MET D 456 23.38 30.84 -10.00
CA MET D 456 24.01 31.59 -11.08
C MET D 456 25.44 32.08 -10.82
N TRP D 457 26.30 31.92 -11.83
CA TRP D 457 27.71 32.37 -11.79
C TRP D 457 27.63 33.89 -12.09
N PRO D 458 28.71 34.65 -11.87
CA PRO D 458 28.74 36.10 -12.10
C PRO D 458 28.81 36.48 -13.58
N ASN D 459 29.27 35.52 -14.37
CA ASN D 459 29.45 35.65 -15.81
C ASN D 459 28.22 35.32 -16.63
N ALA D 460 27.34 34.49 -16.10
CA ALA D 460 26.17 34.12 -16.86
C ALA D 460 25.09 35.17 -16.95
N ARG D 461 24.45 35.17 -18.11
CA ARG D 461 23.39 36.09 -18.47
C ARG D 461 22.11 35.36 -18.95
N ILE D 462 20.96 35.81 -18.42
CA ILE D 462 19.65 35.20 -18.72
C ILE D 462 18.71 36.19 -19.40
N GLY D 463 18.14 35.76 -20.53
CA GLY D 463 17.23 36.63 -21.26
C GLY D 463 16.35 35.83 -22.19
N VAL D 464 15.22 36.40 -22.63
CA VAL D 464 14.33 35.68 -23.54
C VAL D 464 15.07 35.51 -24.86
N MET D 465 16.00 36.42 -25.16
CA MET D 465 16.84 36.35 -26.37
C MET D 465 17.89 37.43 -26.23
N GLY D 466 18.97 37.31 -27.01
CA GLY D 466 20.05 38.29 -26.96
C GLY D 466 19.56 39.72 -27.12
N GLY D 467 20.41 40.69 -26.80
CA GLY D 467 20.00 42.09 -26.92
C GLY D 467 19.47 42.52 -28.28
N GLU D 468 20.35 42.50 -29.26
CA GLU D 468 20.00 42.88 -30.62
C GLU D 468 19.05 41.85 -31.19
N GLN D 469 19.23 40.58 -30.85
CA GLN D 469 18.40 39.52 -31.38
C GLN D 469 16.92 39.89 -31.27
N ALA D 470 16.52 40.42 -30.13
CA ALA D 470 15.13 40.81 -29.97
C ALA D 470 14.90 42.19 -30.60
N ALA D 471 15.88 43.07 -30.49
CA ALA D 471 15.75 44.40 -31.09
C ALA D 471 15.65 44.20 -32.60
N GLY D 472 16.04 43.01 -33.04
CA GLY D 472 16.00 42.66 -34.45
C GLY D 472 14.57 42.51 -34.90
N VAL D 473 13.89 41.48 -34.41
CA VAL D 473 12.49 41.26 -34.76
C VAL D 473 11.64 42.47 -34.44
N LEU D 474 11.69 42.90 -33.18
CA LEU D 474 10.92 44.04 -32.71
C LEU D 474 10.92 45.26 -33.64
N ALA D 475 12.07 45.58 -34.22
CA ALA D 475 12.18 46.72 -35.12
C ALA D 475 11.80 46.28 -36.50
N GLN D 476 11.99 44.98 -36.74
CA GLN D 476 11.69 44.33 -38.02
C GLN D 476 10.23 44.41 -38.46
N VAL D 477 9.32 43.85 -37.66
CA VAL D 477 7.92 43.92 -38.04
C VAL D 477 7.48 45.40 -38.14
N LYS D 478 8.14 46.27 -37.36
CA LYS D 478 7.86 47.72 -37.34
C LYS D 478 8.03 48.30 -38.75
N ARG D 479 8.88 47.65 -39.54
CA ARG D 479 9.17 48.05 -40.92
C ARG D 479 8.50 47.15 -41.94
N GLU D 480 7.66 46.23 -41.46
CA GLU D 480 6.93 45.35 -42.39
C GLU D 480 5.46 45.74 -42.34
N GLN D 481 5.04 46.26 -41.19
CA GLN D 481 3.67 46.74 -41.00
C GLN D 481 3.69 48.10 -41.69
N ALA D 482 4.87 48.73 -41.71
CA ALA D 482 5.06 50.03 -42.33
C ALA D 482 5.52 49.93 -43.79
N GLU D 483 5.58 48.73 -44.35
CA GLU D 483 5.97 48.62 -45.74
C GLU D 483 4.76 48.19 -46.58
N ARG D 484 3.92 47.33 -46.00
CA ARG D 484 2.70 46.89 -46.69
C ARG D 484 1.68 48.00 -46.41
N ALA D 485 2.20 49.16 -46.01
CA ALA D 485 1.39 50.34 -45.71
C ALA D 485 1.85 51.51 -46.59
N GLY D 486 2.54 51.17 -47.68
CA GLY D 486 2.99 52.18 -48.60
C GLY D 486 4.23 53.00 -48.28
N GLN D 487 5.17 52.44 -47.55
CA GLN D 487 6.41 53.16 -47.26
C GLN D 487 7.39 52.26 -46.50
N GLN D 488 8.32 52.85 -45.77
CA GLN D 488 9.29 52.04 -45.06
C GLN D 488 9.93 52.80 -43.90
N LEU D 489 10.73 52.09 -43.11
CA LEU D 489 11.42 52.68 -41.95
C LEU D 489 12.83 53.11 -42.30
N GLY D 490 13.09 54.40 -42.18
CA GLY D 490 14.42 54.91 -42.49
C GLY D 490 15.34 54.71 -41.31
N VAL D 491 16.63 54.47 -41.58
CA VAL D 491 17.67 54.24 -40.57
C VAL D 491 17.58 55.24 -39.40
N GLU D 492 16.72 56.24 -39.58
CA GLU D 492 16.49 57.31 -38.61
C GLU D 492 15.60 56.90 -37.44
N GLU D 493 14.44 56.31 -37.78
CA GLU D 493 13.43 55.85 -36.82
C GLU D 493 13.64 54.38 -36.39
N GLU D 494 14.24 53.58 -37.27
CA GLU D 494 14.52 52.18 -37.02
C GLU D 494 15.64 52.05 -35.98
N ALA D 495 16.61 52.95 -36.07
CA ALA D 495 17.74 52.98 -35.14
C ALA D 495 17.28 53.47 -33.76
N LYS D 496 16.25 54.31 -33.75
CA LYS D 496 15.69 54.88 -32.51
C LYS D 496 14.73 53.90 -31.84
N ILE D 497 14.41 52.81 -32.54
CA ILE D 497 13.51 51.78 -32.03
C ILE D 497 14.34 50.64 -31.46
N LYS D 498 15.57 50.48 -31.92
CA LYS D 498 16.44 49.42 -31.40
C LYS D 498 17.34 49.93 -30.26
N ALA D 499 17.49 51.24 -30.15
CA ALA D 499 18.34 51.83 -29.11
C ALA D 499 18.02 51.38 -27.70
N PRO D 500 16.75 51.56 -27.31
CA PRO D 500 16.21 51.20 -25.99
C PRO D 500 16.33 49.72 -25.68
N ILE D 501 15.83 48.89 -26.58
CA ILE D 501 15.86 47.44 -26.45
C ILE D 501 17.30 46.99 -26.20
N LEU D 502 18.21 47.37 -27.08
CA LEU D 502 19.59 46.96 -26.93
C LEU D 502 20.14 47.17 -25.53
N GLU D 503 19.80 48.27 -24.88
CA GLU D 503 20.32 48.49 -23.54
C GLU D 503 19.48 47.88 -22.45
N GLN D 504 18.16 47.86 -22.63
CA GLN D 504 17.25 47.27 -21.65
C GLN D 504 17.68 45.81 -21.47
N TYR D 505 17.85 45.09 -22.56
CA TYR D 505 18.26 43.71 -22.46
C TYR D 505 19.60 43.52 -21.76
N GLU D 506 20.59 44.34 -22.08
CA GLU D 506 21.87 44.19 -21.39
C GLU D 506 21.70 44.37 -19.89
N HIS D 507 20.74 45.15 -19.45
CA HIS D 507 20.58 45.32 -18.00
C HIS D 507 19.79 44.21 -17.32
N GLN D 508 18.70 43.76 -17.95
CA GLN D 508 17.86 42.71 -17.38
C GLN D 508 18.42 41.32 -17.59
N GLY D 509 19.69 41.23 -17.97
CA GLY D 509 20.22 39.90 -18.17
C GLY D 509 21.33 39.60 -17.17
N HIS D 510 21.66 40.61 -16.38
CA HIS D 510 22.74 40.45 -15.42
C HIS D 510 22.38 39.87 -14.08
N PRO D 511 23.21 38.91 -13.62
CA PRO D 511 23.00 38.25 -12.33
C PRO D 511 22.40 39.12 -11.23
N TYR D 512 22.96 40.30 -10.99
CA TYR D 512 22.38 41.09 -9.94
C TYR D 512 20.91 41.37 -10.22
N TYR D 513 20.59 41.69 -11.47
CA TYR D 513 19.20 42.00 -11.77
C TYR D 513 18.30 40.80 -11.57
N SER D 514 18.85 39.60 -11.80
CA SER D 514 18.11 38.36 -11.66
C SER D 514 17.92 37.98 -10.21
N SER D 515 19.06 37.77 -9.53
CA SER D 515 19.06 37.36 -8.14
C SER D 515 18.29 38.33 -7.22
N ALA D 516 18.09 39.57 -7.68
CA ALA D 516 17.37 40.57 -6.88
C ALA D 516 15.88 40.24 -6.79
N ARG D 517 15.39 39.62 -7.85
CA ARG D 517 13.99 39.27 -8.02
C ARG D 517 13.73 37.79 -7.76
N LEU D 518 14.75 37.14 -7.18
CA LEU D 518 14.68 35.73 -6.83
C LEU D 518 14.52 34.76 -7.99
N TRP D 519 14.83 35.20 -9.20
CA TRP D 519 14.76 34.30 -10.35
C TRP D 519 15.74 33.15 -10.12
N ASP D 520 16.47 33.22 -9.02
CA ASP D 520 17.43 32.20 -8.66
C ASP D 520 17.69 32.33 -7.20
N ASP D 521 18.21 31.25 -6.63
CA ASP D 521 18.51 31.21 -5.22
C ASP D 521 19.85 31.84 -4.88
N GLY D 522 20.30 32.71 -5.78
CA GLY D 522 21.56 33.40 -5.56
C GLY D 522 22.63 33.25 -6.62
N VAL D 523 23.64 34.12 -6.50
CA VAL D 523 24.82 34.14 -7.38
C VAL D 523 25.95 33.51 -6.53
N ILE D 524 26.74 32.61 -7.14
CA ILE D 524 27.80 31.96 -6.40
C ILE D 524 29.20 32.06 -7.00
N ASP D 525 30.20 31.67 -6.21
CA ASP D 525 31.60 31.71 -6.61
C ASP D 525 31.88 30.52 -7.50
N PRO D 526 32.09 30.75 -8.79
CA PRO D 526 32.37 29.63 -9.69
C PRO D 526 33.26 28.53 -9.08
N ALA D 527 34.27 28.90 -8.29
CA ALA D 527 35.14 27.87 -7.74
C ALA D 527 34.61 27.17 -6.50
N GLN D 528 33.42 27.54 -6.05
CA GLN D 528 32.81 26.91 -4.87
C GLN D 528 31.67 26.01 -5.30
N THR D 529 31.26 26.18 -6.56
CA THR D 529 30.20 25.40 -7.13
C THR D 529 30.08 24.00 -6.51
N ARG D 530 31.12 23.17 -6.66
CA ARG D 530 31.08 21.81 -6.11
C ARG D 530 30.64 21.79 -4.65
N GLU D 531 31.23 22.66 -3.82
CA GLU D 531 30.92 22.78 -2.37
C GLU D 531 29.44 23.03 -2.06
N VAL D 532 28.82 23.86 -2.88
CA VAL D 532 27.42 24.19 -2.72
C VAL D 532 26.60 22.96 -3.08
N LEU D 533 26.91 22.39 -4.24
CA LEU D 533 26.19 21.23 -4.71
C LEU D 533 26.17 20.10 -3.70
N ALA D 534 27.32 19.72 -3.16
CA ALA D 534 27.26 18.65 -2.15
C ALA D 534 26.32 19.09 -1.00
N LEU D 535 26.51 20.30 -0.45
CA LEU D 535 25.65 20.73 0.63
C LEU D 535 24.18 20.57 0.29
N ALA D 536 23.83 21.02 -0.91
CA ALA D 536 22.46 21.00 -1.45
C ALA D 536 21.92 19.59 -1.48
N LEU D 537 22.63 18.75 -2.22
CA LEU D 537 22.30 17.34 -2.35
C LEU D 537 21.98 16.73 -1.01
N SER D 538 22.97 16.72 -0.13
CA SER D 538 22.81 16.16 1.19
C SER D 538 21.50 16.65 1.78
N ALA D 539 21.31 17.97 1.78
CA ALA D 539 20.12 18.61 2.33
C ALA D 539 18.80 18.22 1.72
N ALA D 540 18.81 17.70 0.51
CA ALA D 540 17.56 17.28 -0.15
C ALA D 540 17.30 15.82 0.06
N LEU D 541 18.15 15.20 0.84
CA LEU D 541 17.98 13.81 1.12
C LEU D 541 17.22 13.75 2.43
N ASN D 542 16.85 14.91 2.94
CA ASN D 542 16.08 14.92 4.16
C ASN D 542 14.72 14.38 3.73
N ALA D 543 14.47 14.44 2.42
CA ALA D 543 13.19 14.00 1.88
C ALA D 543 13.40 13.00 0.76
N PRO D 544 12.50 11.99 0.69
CA PRO D 544 12.43 10.87 -0.25
C PRO D 544 12.43 11.15 -1.74
N ILE D 545 13.16 10.28 -2.44
CA ILE D 545 13.29 10.36 -3.87
C ILE D 545 12.11 9.54 -4.34
N GLU D 546 11.12 10.22 -4.93
CA GLU D 546 9.86 9.62 -5.42
C GLU D 546 9.96 8.98 -6.78
N PRO D 547 9.14 7.96 -7.04
CA PRO D 547 9.25 7.38 -8.38
C PRO D 547 8.76 8.44 -9.32
N THR D 548 9.11 8.34 -10.60
CA THR D 548 8.72 9.35 -11.59
C THR D 548 7.65 8.88 -12.61
N ALA D 549 6.74 9.75 -13.04
CA ALA D 549 5.73 9.34 -14.01
C ALA D 549 5.68 10.31 -15.15
N PHE D 550 6.01 9.83 -16.34
CA PHE D 550 6.03 10.71 -17.51
C PHE D 550 4.71 10.96 -18.14
N GLY D 551 4.59 12.11 -18.79
CA GLY D 551 3.35 12.43 -19.49
C GLY D 551 3.44 11.64 -20.77
N VAL D 552 2.72 12.04 -21.80
CA VAL D 552 2.83 11.29 -23.04
C VAL D 552 3.99 11.94 -23.84
N PHE D 553 4.82 11.13 -24.49
CA PHE D 553 5.95 11.66 -25.25
C PHE D 553 5.54 11.77 -26.72
N ARG D 554 5.54 12.97 -27.27
CA ARG D 554 5.16 13.06 -28.67
C ARG D 554 6.33 12.52 -29.48
N MET D 555 6.20 11.28 -29.96
CA MET D 555 7.27 10.66 -30.75
C MET D 555 7.18 11.21 -32.15
N TYR E 5 82.36 27.98 30.35
CA TYR E 5 81.33 26.99 29.79
C TYR E 5 79.88 27.52 29.48
N ARG E 6 79.37 27.37 28.24
CA ARG E 6 77.99 27.83 27.89
C ARG E 6 77.02 26.70 27.62
N SER E 7 75.72 26.94 27.80
CA SER E 7 74.75 25.87 27.57
C SER E 7 73.72 26.11 26.50
N ILE E 8 73.32 25.02 25.85
CA ILE E 8 72.35 25.02 24.75
C ILE E 8 70.95 24.59 25.20
N GLN E 9 69.95 25.41 24.85
CA GLN E 9 68.54 25.16 25.16
C GLN E 9 67.82 24.58 23.92
N ARG E 10 68.19 25.08 22.74
CA ARG E 10 67.64 24.60 21.46
C ARG E 10 68.75 24.59 20.44
N LEU E 11 69.00 23.43 19.86
CA LEU E 11 70.05 23.27 18.86
C LEU E 11 69.41 23.29 17.47
N LEU E 12 69.75 24.27 16.62
CA LEU E 12 69.17 24.30 15.27
C LEU E 12 69.93 23.34 14.36
N VAL E 13 69.17 22.49 13.66
CA VAL E 13 69.68 21.47 12.76
C VAL E 13 69.68 21.99 11.30
N ALA E 14 70.72 22.70 10.89
CA ALA E 14 70.83 23.26 9.54
C ALA E 14 71.13 22.16 8.53
N ASN E 15 70.09 21.39 8.21
CA ASN E 15 70.23 20.27 7.30
C ASN E 15 68.87 19.53 7.26
N ARG E 16 68.83 18.42 6.53
CA ARG E 16 67.61 17.62 6.35
C ARG E 16 67.96 16.16 6.38
N GLY E 17 67.01 15.37 5.94
CA GLY E 17 67.23 13.95 5.87
C GLY E 17 67.70 13.28 7.15
N GLU E 18 67.88 11.96 7.05
CA GLU E 18 68.27 11.09 8.15
C GLU E 18 69.32 11.65 9.09
N ILE E 19 70.11 12.61 8.63
CA ILE E 19 71.13 13.16 9.50
C ILE E 19 70.56 14.23 10.38
N ALA E 20 69.48 14.86 9.98
CA ALA E 20 68.91 15.85 10.85
C ALA E 20 68.11 15.07 11.90
N CYS E 21 67.61 13.89 11.53
CA CYS E 21 66.82 13.05 12.46
C CYS E 21 67.77 12.39 13.42
N ARG E 22 68.91 12.00 12.88
CA ARG E 22 69.99 11.37 13.60
C ARG E 22 70.53 12.31 14.69
N VAL E 23 70.58 13.62 14.42
CA VAL E 23 71.06 14.57 15.42
C VAL E 23 69.87 14.97 16.29
N MET E 24 68.66 14.91 15.73
CA MET E 24 67.44 15.24 16.48
C MET E 24 67.38 14.30 17.68
N ARG E 25 67.45 13.00 17.37
CA ARG E 25 67.42 11.94 18.37
C ARG E 25 68.28 12.33 19.55
N SER E 26 69.53 12.68 19.30
CA SER E 26 70.47 13.03 20.36
C SER E 26 70.10 14.28 21.11
N ALA E 27 69.81 15.35 20.40
CA ALA E 27 69.43 16.57 21.06
C ALA E 27 68.31 16.25 22.02
N ARG E 28 67.31 15.51 21.54
CA ARG E 28 66.13 15.11 22.33
C ARG E 28 66.48 14.28 23.55
N ALA E 29 67.27 13.25 23.35
CA ALA E 29 67.69 12.39 24.44
C ALA E 29 68.49 13.19 25.49
N LEU E 30 69.01 14.35 25.09
CA LEU E 30 69.79 15.21 25.98
C LEU E 30 68.97 16.26 26.66
N GLY E 31 67.69 16.30 26.33
CA GLY E 31 66.80 17.28 26.92
C GLY E 31 66.95 18.63 26.25
N ILE E 32 67.41 18.62 24.99
CA ILE E 32 67.59 19.84 24.22
C ILE E 32 66.63 19.99 23.05
N GLY E 33 66.00 21.15 22.96
CA GLY E 33 65.04 21.39 21.90
C GLY E 33 65.65 21.40 20.51
N SER E 34 65.05 20.63 19.60
CA SER E 34 65.51 20.54 18.21
C SER E 34 64.67 21.41 17.25
N VAL E 35 65.33 22.33 16.58
CA VAL E 35 64.69 23.23 15.63
C VAL E 35 65.28 22.98 14.25
N ALA E 36 64.53 22.32 13.38
CA ALA E 36 65.04 22.05 12.03
C ALA E 36 64.56 23.15 11.10
N VAL E 37 65.30 23.37 10.00
CA VAL E 37 64.92 24.36 9.00
C VAL E 37 64.62 23.51 7.77
N HIS E 38 63.75 24.01 6.90
CA HIS E 38 63.40 23.25 5.70
C HIS E 38 63.25 24.10 4.44
N SER E 39 63.46 23.45 3.32
CA SER E 39 63.31 24.11 2.04
C SER E 39 61.81 24.25 1.89
N ASP E 40 61.36 24.58 0.69
CA ASP E 40 59.93 24.67 0.52
C ASP E 40 59.45 23.25 0.25
N ILE E 41 60.14 22.54 -0.64
CA ILE E 41 59.73 21.18 -0.96
C ILE E 41 59.89 20.18 0.16
N ASP E 42 60.05 20.68 1.38
CA ASP E 42 60.19 19.79 2.52
C ASP E 42 59.32 20.20 3.70
N ARG E 43 58.19 20.85 3.43
CA ARG E 43 57.26 21.25 4.48
C ARG E 43 56.57 20.00 5.04
N HIS E 44 56.58 18.96 4.21
CA HIS E 44 55.99 17.65 4.49
C HIS E 44 56.99 16.75 5.19
N ALA E 45 58.25 16.95 4.85
CA ALA E 45 59.37 16.17 5.34
C ALA E 45 59.29 15.58 6.73
N ARG E 46 60.10 14.56 6.96
CA ARG E 46 60.18 13.86 8.24
C ARG E 46 60.93 14.67 9.34
N HIS E 47 62.11 15.18 9.00
CA HIS E 47 62.89 15.99 9.92
C HIS E 47 62.16 17.27 10.35
N VAL E 48 61.03 17.58 9.71
CA VAL E 48 60.26 18.77 10.04
C VAL E 48 59.18 18.36 11.04
N ALA E 49 58.94 17.06 11.12
CA ALA E 49 57.96 16.54 12.05
C ALA E 49 58.69 16.42 13.37
N GLU E 50 59.77 15.63 13.33
CA GLU E 50 60.61 15.37 14.48
C GLU E 50 61.27 16.60 15.16
N ALA E 51 61.05 17.78 14.59
CA ALA E 51 61.59 19.03 15.15
C ALA E 51 60.54 19.62 16.08
N ASP E 52 61.02 20.40 17.04
CA ASP E 52 60.18 21.04 18.04
C ASP E 52 59.63 22.29 17.38
N ILE E 53 60.51 23.04 16.73
CA ILE E 53 60.08 24.20 15.99
C ILE E 53 60.80 24.05 14.68
N ALA E 54 60.22 24.62 13.64
CA ALA E 54 60.80 24.53 12.32
C ALA E 54 60.59 25.82 11.55
N VAL E 55 61.57 26.15 10.71
CA VAL E 55 61.53 27.37 9.92
C VAL E 55 61.61 27.13 8.42
N ASP E 56 60.92 27.98 7.67
CA ASP E 56 60.85 27.94 6.20
C ASP E 56 61.99 28.76 5.55
N LEU E 57 62.89 28.08 4.83
CA LEU E 57 64.00 28.75 4.15
C LEU E 57 63.58 29.02 2.72
N GLY E 58 64.53 28.84 1.78
CA GLY E 58 64.28 29.06 0.37
C GLY E 58 63.21 28.18 -0.28
N GLY E 59 63.38 27.97 -1.58
CA GLY E 59 62.43 27.19 -2.35
C GLY E 59 62.78 25.73 -2.56
N ALA E 60 63.26 25.40 -3.75
CA ALA E 60 63.55 24.01 -4.07
C ALA E 60 64.99 23.56 -4.14
N LYS E 61 65.72 23.99 -5.16
CA LYS E 61 67.12 23.58 -5.30
C LYS E 61 67.89 23.76 -3.99
N PRO E 62 68.95 22.96 -3.78
CA PRO E 62 69.78 23.04 -2.58
C PRO E 62 70.45 24.40 -2.43
N ALA E 63 70.68 25.07 -3.55
CA ALA E 63 71.31 26.38 -3.56
C ALA E 63 70.48 27.47 -2.84
N ASP E 64 69.30 27.75 -3.36
CA ASP E 64 68.40 28.77 -2.82
C ASP E 64 67.75 28.42 -1.48
N SER E 65 68.21 27.32 -0.86
CA SER E 65 67.63 26.92 0.42
C SER E 65 68.65 26.56 1.49
N TYR E 66 68.80 25.27 1.78
CA TYR E 66 69.72 24.82 2.82
C TYR E 66 71.13 25.41 2.73
N LEU E 67 71.46 26.01 1.59
CA LEU E 67 72.78 26.61 1.41
C LEU E 67 72.83 28.08 1.83
N ARG E 68 71.67 28.73 1.92
CA ARG E 68 71.61 30.14 2.31
C ARG E 68 71.86 30.32 3.81
N GLY E 69 73.13 30.54 4.16
CA GLY E 69 73.51 30.72 5.55
C GLY E 69 72.94 32.00 6.14
N ASP E 70 72.73 33.00 5.30
CA ASP E 70 72.15 34.27 5.76
C ASP E 70 70.81 34.00 6.47
N ARG E 71 70.00 33.11 5.88
CA ARG E 71 68.70 32.77 6.44
C ARG E 71 68.79 31.76 7.56
N ILE E 72 69.61 30.72 7.39
CA ILE E 72 69.75 29.71 8.42
C ILE E 72 70.20 30.37 9.72
N ILE E 73 71.21 31.24 9.67
CA ILE E 73 71.71 31.92 10.88
C ILE E 73 70.69 32.91 11.40
N ALA E 74 69.84 33.39 10.53
CA ALA E 74 68.81 34.32 10.92
C ALA E 74 67.68 33.54 11.60
N ALA E 75 67.26 32.47 10.95
CA ALA E 75 66.19 31.60 11.44
C ALA E 75 66.54 31.07 12.81
N ALA E 76 67.66 30.35 12.92
CA ALA E 76 68.10 29.79 14.19
C ALA E 76 68.15 30.90 15.24
N LEU E 77 68.53 32.11 14.81
CA LEU E 77 68.64 33.24 15.73
C LEU E 77 67.26 33.64 16.28
N ALA E 78 66.28 33.80 15.40
CA ALA E 78 64.94 34.20 15.83
C ALA E 78 64.16 33.01 16.37
N SER E 79 64.71 31.81 16.22
CA SER E 79 64.07 30.57 16.68
C SER E 79 64.36 30.26 18.17
N GLY E 80 65.31 30.99 18.74
CA GLY E 80 65.66 30.81 20.14
C GLY E 80 66.72 29.74 20.37
N ALA E 81 67.43 29.34 19.31
CA ALA E 81 68.48 28.32 19.42
C ALA E 81 69.83 29.02 19.57
N GLN E 82 70.73 28.48 20.38
CA GLN E 82 72.03 29.14 20.57
C GLN E 82 73.16 28.30 20.07
N ALA E 83 72.83 27.42 19.13
CA ALA E 83 73.83 26.56 18.55
C ALA E 83 73.33 26.03 17.21
N ILE E 84 74.27 25.87 16.28
CA ILE E 84 73.91 25.35 14.98
C ILE E 84 74.77 24.13 14.63
N HIS E 85 74.08 23.07 14.24
CA HIS E 85 74.72 21.81 13.86
C HIS E 85 74.54 21.68 12.36
N PRO E 86 75.62 21.72 11.59
CA PRO E 86 75.50 21.60 10.14
C PRO E 86 75.34 20.22 9.51
N GLY E 87 75.49 19.18 10.30
CA GLY E 87 75.37 17.86 9.73
C GLY E 87 76.50 17.75 8.74
N TYR E 88 76.39 16.83 7.81
CA TYR E 88 77.46 16.68 6.85
C TYR E 88 76.95 17.18 5.48
N GLY E 89 77.87 17.58 4.62
CA GLY E 89 77.45 18.08 3.32
C GLY E 89 77.11 19.55 3.43
N PHE E 90 76.31 20.07 2.50
CA PHE E 90 75.88 21.49 2.42
C PHE E 90 76.85 22.55 2.98
N LEU E 91 76.59 23.06 4.19
CA LEU E 91 77.47 24.08 4.78
C LEU E 91 78.47 23.62 5.84
N SER E 92 78.63 22.30 5.96
CA SER E 92 79.53 21.69 6.95
C SER E 92 80.98 22.18 6.91
N GLU E 93 81.49 22.44 5.71
CA GLU E 93 82.88 22.86 5.53
C GLU E 93 83.13 24.13 4.70
N ASN E 94 83.28 25.26 5.38
CA ASN E 94 83.57 26.56 4.73
C ASN E 94 83.52 27.66 5.80
N ALA E 95 84.70 27.98 6.34
CA ALA E 95 84.84 29.01 7.40
C ALA E 95 83.73 30.05 7.34
N ASP E 96 83.59 30.60 6.15
CA ASP E 96 82.59 31.61 5.86
C ASP E 96 81.34 31.42 6.70
N PHE E 97 80.88 30.17 6.78
CA PHE E 97 79.69 29.85 7.58
C PHE E 97 80.05 30.01 9.05
N ALA E 98 80.80 29.04 9.55
CA ALA E 98 81.23 29.00 10.93
C ALA E 98 81.63 30.38 11.39
N ARG E 99 82.34 31.08 10.51
CA ARG E 99 82.82 32.43 10.75
C ARG E 99 81.65 33.37 11.12
N ALA E 100 80.74 33.60 10.16
CA ALA E 100 79.58 34.47 10.40
C ALA E 100 78.55 33.80 11.32
N CYS E 101 78.68 32.48 11.48
CA CYS E 101 77.79 31.72 12.33
C CYS E 101 78.19 31.93 13.77
N GLU E 102 79.51 31.92 14.00
CA GLU E 102 80.11 32.10 15.31
C GLU E 102 80.15 33.61 15.61
N GLU E 103 80.08 34.39 14.56
CA GLU E 103 80.13 35.80 14.70
C GLU E 103 78.71 36.32 14.86
N ALA E 104 77.75 35.43 15.05
CA ALA E 104 76.36 35.83 15.23
C ALA E 104 75.88 35.44 16.62
N GLY E 105 76.81 34.97 17.43
CA GLY E 105 76.49 34.57 18.80
C GLY E 105 76.29 33.08 18.99
N LEU E 106 75.90 32.41 17.91
CA LEU E 106 75.65 31.00 17.92
C LEU E 106 76.91 30.17 18.09
N LEU E 107 76.78 29.01 18.72
CA LEU E 107 77.92 28.13 18.90
C LEU E 107 77.93 27.19 17.68
N PHE E 108 79.03 27.19 16.93
CA PHE E 108 79.12 26.36 15.75
C PHE E 108 79.64 24.98 16.10
N LEU E 109 78.75 23.99 16.09
CA LEU E 109 79.14 22.62 16.39
C LEU E 109 80.08 22.09 15.35
N GLY E 110 81.38 22.35 15.53
CA GLY E 110 82.38 21.92 14.59
C GLY E 110 83.72 22.60 14.79
N PRO E 111 84.68 22.39 13.89
CA PRO E 111 85.99 23.02 14.03
C PRO E 111 85.90 24.54 13.92
N PRO E 112 86.94 25.25 14.36
CA PRO E 112 86.90 26.70 14.26
C PRO E 112 87.10 27.02 12.77
N ALA E 113 86.70 28.21 12.31
CA ALA E 113 86.88 28.56 10.88
C ALA E 113 88.27 28.19 10.37
N ALA E 114 89.30 28.76 11.00
CA ALA E 114 90.69 28.52 10.63
C ALA E 114 90.91 27.11 10.10
N ALA E 115 90.68 26.12 10.97
CA ALA E 115 90.86 24.69 10.66
C ALA E 115 90.02 24.09 9.54
N ILE E 116 88.86 24.67 9.26
CA ILE E 116 88.00 24.16 8.20
C ILE E 116 88.55 24.46 6.81
N ASP E 117 88.74 25.74 6.48
CA ASP E 117 89.30 26.15 5.17
C ASP E 117 90.76 25.73 5.08
N ALA E 118 91.30 25.24 6.20
CA ALA E 118 92.67 24.77 6.25
C ALA E 118 92.68 23.61 5.26
N MET E 119 91.89 22.59 5.54
CA MET E 119 91.79 21.41 4.69
C MET E 119 91.01 21.73 3.40
N GLY E 120 90.86 23.03 3.12
CA GLY E 120 90.13 23.47 1.93
C GLY E 120 90.91 23.34 0.64
N SER E 121 92.25 23.48 0.72
CA SER E 121 93.13 23.37 -0.44
C SER E 121 94.19 22.31 -0.21
N LYS E 122 94.37 21.43 -1.20
CA LYS E 122 95.33 20.35 -1.11
C LYS E 122 96.74 20.91 -0.85
N SER E 123 96.93 22.22 -1.08
CA SER E 123 98.24 22.87 -0.88
C SER E 123 98.48 23.17 0.60
N ALA E 124 97.60 23.98 1.17
CA ALA E 124 97.70 24.34 2.58
C ALA E 124 97.80 23.10 3.47
N ALA E 125 97.04 22.06 3.11
CA ALA E 125 97.03 20.81 3.85
C ALA E 125 98.35 20.03 3.74
N LYS E 126 98.76 19.71 2.51
CA LYS E 126 100.00 18.95 2.32
C LYS E 126 101.13 19.69 3.04
N ALA E 127 100.86 20.94 3.42
CA ALA E 127 101.79 21.80 4.14
C ALA E 127 101.93 21.40 5.61
N LEU E 128 100.82 21.53 6.34
CA LEU E 128 100.81 21.20 7.75
C LEU E 128 101.07 19.73 8.00
N MET E 129 100.40 18.87 7.24
CA MET E 129 100.54 17.42 7.40
C MET E 129 101.98 16.99 7.14
N GLU E 130 102.64 17.67 6.22
CA GLU E 130 104.04 17.35 5.98
C GLU E 130 104.82 17.82 7.23
N GLU E 131 104.59 19.06 7.65
CA GLU E 131 105.27 19.57 8.84
C GLU E 131 104.55 19.12 10.11
N ALA E 132 103.89 17.98 10.04
CA ALA E 132 103.19 17.53 11.22
C ALA E 132 103.54 16.12 11.59
N GLY E 133 104.17 15.38 10.69
CA GLY E 133 104.52 14.01 11.01
C GLY E 133 103.44 13.04 10.53
N VAL E 134 102.77 13.47 9.47
CA VAL E 134 101.71 12.71 8.85
C VAL E 134 102.23 12.28 7.48
N PRO E 135 102.64 11.01 7.35
CA PRO E 135 103.16 10.55 6.05
C PRO E 135 102.24 10.88 4.87
N LEU E 136 102.86 11.37 3.81
CA LEU E 136 102.18 11.74 2.58
C LEU E 136 102.55 10.74 1.50
N VAL E 137 102.07 10.94 0.28
CA VAL E 137 102.42 10.02 -0.79
C VAL E 137 103.70 10.53 -1.48
N PRO E 138 104.69 9.64 -1.65
CA PRO E 138 105.98 9.94 -2.27
C PRO E 138 105.83 10.30 -3.73
N GLY E 139 106.63 11.25 -4.18
CA GLY E 139 106.53 11.64 -5.57
C GLY E 139 107.51 12.74 -5.84
N TYR E 140 107.74 13.02 -7.10
CA TYR E 140 108.66 14.05 -7.44
C TYR E 140 107.86 15.14 -8.12
N HIS E 141 108.40 16.34 -8.13
CA HIS E 141 107.67 17.44 -8.74
C HIS E 141 108.62 18.59 -8.97
N GLY E 142 108.08 19.64 -9.60
CA GLY E 142 108.84 20.84 -9.89
C GLY E 142 109.97 20.71 -10.89
N GLU E 143 111.18 20.48 -10.39
CA GLU E 143 112.38 20.35 -11.23
C GLU E 143 112.44 18.99 -11.96
N ALA E 144 111.75 18.89 -13.11
CA ALA E 144 111.69 17.65 -13.93
C ALA E 144 112.99 17.25 -14.63
N GLN E 145 114.05 17.03 -13.84
CA GLN E 145 115.36 16.63 -14.31
C GLN E 145 115.36 15.72 -15.53
N ASP E 146 115.92 14.52 -15.39
CA ASP E 146 116.00 13.57 -16.51
C ASP E 146 116.12 12.11 -16.07
N LEU E 147 116.58 11.26 -17.00
CA LEU E 147 116.76 9.82 -16.78
C LEU E 147 117.71 9.54 -15.62
N GLU E 148 118.08 10.60 -14.90
CA GLU E 148 119.00 10.54 -13.75
C GLU E 148 118.27 10.69 -12.44
N THR E 149 117.95 11.93 -12.11
CA THR E 149 117.25 12.25 -10.87
C THR E 149 115.95 11.46 -10.77
N PHE E 150 115.30 11.22 -11.92
CA PHE E 150 114.07 10.43 -11.91
C PHE E 150 114.41 9.00 -11.49
N ARG E 151 115.65 8.57 -11.70
CA ARG E 151 116.07 7.23 -11.33
C ARG E 151 116.23 7.12 -9.80
N ARG E 152 116.89 8.10 -9.18
CA ARG E 152 117.08 8.07 -7.73
C ARG E 152 115.83 8.52 -7.00
N GLU E 153 114.92 9.21 -7.68
CA GLU E 153 113.67 9.66 -7.07
C GLU E 153 112.66 8.51 -7.10
N ALA E 154 112.57 7.84 -8.24
CA ALA E 154 111.69 6.69 -8.38
C ALA E 154 112.22 5.73 -7.34
N GLY E 155 113.49 5.89 -6.99
CA GLY E 155 114.11 5.05 -6.00
C GLY E 155 113.40 5.15 -4.66
N ARG E 156 113.50 6.28 -3.97
CA ARG E 156 112.79 6.34 -2.70
C ARG E 156 111.30 6.43 -3.00
N ILE E 157 110.68 5.30 -3.30
CA ILE E 157 109.25 5.30 -3.60
C ILE E 157 108.61 3.91 -3.63
N GLY E 158 109.39 2.89 -3.98
CA GLY E 158 108.85 1.53 -4.09
C GLY E 158 108.48 1.47 -5.57
N TYR E 159 109.31 0.81 -6.36
CA TYR E 159 109.10 0.85 -7.81
C TYR E 159 107.71 0.79 -8.45
N PRO E 160 106.72 0.10 -7.86
CA PRO E 160 105.51 0.27 -8.70
C PRO E 160 105.06 1.76 -8.63
N VAL E 161 105.65 2.59 -9.51
CA VAL E 161 105.45 4.04 -9.60
C VAL E 161 104.94 4.57 -10.94
N LEU E 162 104.09 5.58 -10.85
CA LEU E 162 103.40 6.23 -11.96
C LEU E 162 104.11 7.51 -12.42
N LEU E 163 103.76 8.02 -13.61
CA LEU E 163 104.35 9.24 -14.21
C LEU E 163 103.26 10.13 -14.84
N LYS E 164 103.25 11.43 -14.56
CA LYS E 164 102.25 12.35 -15.12
C LYS E 164 102.94 13.47 -15.89
N ALA E 165 102.33 14.65 -15.89
CA ALA E 165 102.88 15.78 -16.62
C ALA E 165 102.53 17.10 -15.93
N ALA E 166 102.62 18.21 -16.68
CA ALA E 166 102.26 19.55 -16.17
C ALA E 166 100.94 19.98 -16.87
N ALA E 167 100.51 19.19 -17.86
CA ALA E 167 99.27 19.43 -18.61
C ALA E 167 98.23 18.37 -18.21
N MET E 174 100.83 10.61 -18.44
CA MET E 174 100.28 9.52 -17.63
C MET E 174 100.81 8.19 -18.21
N LYS E 175 101.52 7.41 -17.39
CA LYS E 175 102.10 6.12 -17.80
C LYS E 175 102.82 5.47 -16.64
N VAL E 176 102.47 4.24 -16.30
CA VAL E 176 103.12 3.56 -15.18
C VAL E 176 104.31 2.70 -15.59
N VAL E 177 105.24 2.53 -14.66
CA VAL E 177 106.45 1.74 -14.85
C VAL E 177 106.74 1.04 -13.56
N GLU E 178 106.59 -0.27 -13.54
CA GLU E 178 106.85 -0.95 -12.30
C GLU E 178 108.24 -1.58 -12.17
N ARG E 179 108.88 -1.88 -13.28
CA ARG E 179 110.22 -2.49 -13.20
C ARG E 179 111.27 -1.42 -12.89
N GLU E 180 112.53 -1.84 -12.86
CA GLU E 180 113.61 -0.91 -12.63
C GLU E 180 113.96 -0.30 -13.99
N ALA E 181 114.60 -1.08 -14.85
CA ALA E 181 115.03 -0.62 -16.17
C ALA E 181 113.94 -0.16 -17.14
N GLU E 182 112.76 -0.76 -17.08
CA GLU E 182 111.69 -0.35 -18.00
C GLU E 182 111.33 1.12 -17.91
N LEU E 183 111.84 1.80 -16.88
CA LEU E 183 111.56 3.22 -16.67
C LEU E 183 112.22 4.07 -17.75
N ALA E 184 113.11 3.43 -18.49
CA ALA E 184 113.85 4.07 -19.56
C ALA E 184 112.96 4.87 -20.50
N GLU E 185 112.76 4.30 -21.69
CA GLU E 185 111.94 4.90 -22.74
C GLU E 185 110.53 5.20 -22.27
N ALA E 186 110.13 4.51 -21.20
CA ALA E 186 108.80 4.65 -20.61
C ALA E 186 108.70 6.02 -19.94
N LEU E 187 109.83 6.75 -19.96
CA LEU E 187 109.91 8.09 -19.39
C LEU E 187 109.99 9.09 -20.55
N SER E 188 111.13 9.06 -21.22
CA SER E 188 111.39 9.92 -22.34
C SER E 188 110.19 10.02 -23.29
N SER E 189 109.52 8.92 -23.57
CA SER E 189 108.39 8.95 -24.51
C SER E 189 107.20 9.81 -24.07
N ALA E 190 107.50 10.91 -23.40
CA ALA E 190 106.49 11.84 -22.93
C ALA E 190 106.85 13.28 -23.37
N GLN E 191 105.97 13.95 -24.12
CA GLN E 191 106.19 15.36 -24.57
C GLN E 191 104.94 16.25 -24.79
N ARG E 192 104.91 16.97 -25.91
CA ARG E 192 103.78 17.86 -26.27
C ARG E 192 103.20 18.61 -25.07
N ALA E 201 106.62 20.79 -21.40
CA ALA E 201 106.39 19.35 -21.24
C ALA E 201 107.38 18.64 -20.28
N ARG E 202 107.26 18.93 -18.98
CA ARG E 202 108.10 18.38 -17.90
C ARG E 202 107.39 17.20 -17.20
N MET E 203 108.04 16.04 -17.15
CA MET E 203 107.44 14.83 -16.56
C MET E 203 107.41 14.81 -15.03
N LEU E 204 106.44 14.10 -14.45
CA LEU E 204 106.20 13.96 -12.98
C LEU E 204 106.28 12.49 -12.48
N VAL E 205 106.58 12.27 -11.18
CA VAL E 205 106.67 10.91 -10.55
C VAL E 205 105.75 10.77 -9.35
N GLU E 206 104.81 9.83 -9.40
CA GLU E 206 103.83 9.63 -8.35
C GLU E 206 103.90 8.21 -7.83
N LYS E 207 104.10 8.04 -6.53
CA LYS E 207 104.16 6.71 -5.96
C LYS E 207 102.84 5.97 -6.15
N TYR E 208 102.82 5.00 -7.05
CA TYR E 208 101.62 4.20 -7.33
C TYR E 208 101.39 3.19 -6.20
N LEU E 209 100.15 3.12 -5.70
CA LEU E 209 99.79 2.20 -4.62
C LEU E 209 99.12 0.94 -5.16
N LEU E 210 99.43 -0.21 -4.55
CA LEU E 210 98.88 -1.49 -4.98
C LEU E 210 97.78 -2.01 -4.07
N LYS E 211 96.63 -2.32 -4.66
CA LYS E 211 95.50 -2.85 -3.90
C LYS E 211 95.33 -1.98 -2.67
N PRO E 212 95.07 -0.68 -2.86
CA PRO E 212 94.90 0.24 -1.74
C PRO E 212 93.56 0.09 -1.04
N ARG E 213 93.59 0.20 0.28
CA ARG E 213 92.38 0.10 1.10
C ARG E 213 92.17 1.44 1.79
N HIS E 214 91.17 2.19 1.34
CA HIS E 214 90.86 3.48 1.94
C HIS E 214 90.36 3.22 3.38
N VAL E 215 91.25 3.47 4.33
CA VAL E 215 91.00 3.28 5.76
C VAL E 215 90.97 4.65 6.42
N GLU E 216 89.95 4.99 7.21
CA GLU E 216 89.94 6.33 7.83
C GLU E 216 90.01 6.27 9.34
N ILE E 217 90.05 7.43 9.98
CA ILE E 217 90.11 7.47 11.42
C ILE E 217 89.24 8.57 11.96
N GLN E 218 88.52 8.24 13.01
CA GLN E 218 87.64 9.21 13.64
C GLN E 218 88.45 9.80 14.73
N VAL E 219 88.31 11.10 14.92
CA VAL E 219 89.06 11.72 15.97
C VAL E 219 88.18 12.76 16.64
N PHE E 220 88.50 13.10 17.88
CA PHE E 220 87.71 14.05 18.62
C PHE E 220 88.60 14.86 19.54
N ALA E 221 88.30 16.14 19.63
CA ALA E 221 89.06 17.05 20.47
C ALA E 221 88.05 17.91 21.21
N ASP E 222 88.52 18.76 22.11
CA ASP E 222 87.63 19.62 22.86
C ASP E 222 88.24 21.00 22.93
N ARG E 223 87.58 21.90 23.62
CA ARG E 223 88.12 23.25 23.76
C ARG E 223 89.31 23.28 24.77
N HIS E 224 89.84 22.11 25.13
CA HIS E 224 90.95 22.04 26.11
C HIS E 224 92.11 21.18 25.66
N GLY E 225 92.50 21.28 24.40
CA GLY E 225 93.65 20.50 23.96
C GLY E 225 93.57 18.98 23.93
N HIS E 226 92.72 18.39 24.76
CA HIS E 226 92.55 16.94 24.74
C HIS E 226 92.22 16.51 23.30
N CYS E 227 92.55 15.28 22.92
CA CYS E 227 92.26 14.80 21.58
C CYS E 227 92.68 13.36 21.28
N LEU E 228 91.71 12.46 21.26
CA LEU E 228 92.02 11.06 21.01
C LEU E 228 91.36 10.55 19.75
N TYR E 229 91.78 9.37 19.31
CA TYR E 229 91.22 8.76 18.12
C TYR E 229 90.32 7.58 18.49
N LEU E 230 89.11 7.53 17.91
CA LEU E 230 88.16 6.45 18.21
C LEU E 230 88.28 5.28 17.23
N ASN E 231 89.48 4.78 17.02
CA ASN E 231 89.70 3.68 16.09
C ASN E 231 89.49 4.05 14.63
N GLU E 232 89.40 3.06 13.75
CA GLU E 232 89.25 3.32 12.32
C GLU E 232 88.08 2.64 11.58
N ARG E 233 88.11 2.73 10.26
CA ARG E 233 87.07 2.15 9.42
C ARG E 233 87.65 1.80 8.06
N ASP E 234 87.08 0.81 7.40
CA ASP E 234 87.55 0.42 6.08
C ASP E 234 86.43 0.65 5.07
N CYS E 235 86.40 1.86 4.50
CA CYS E 235 85.40 2.26 3.53
C CYS E 235 85.99 2.14 2.13
N SER E 236 86.36 0.94 1.75
CA SER E 236 86.96 0.78 0.45
C SER E 236 85.94 0.51 -0.65
N ILE E 237 85.13 -0.54 -0.51
CA ILE E 237 84.13 -0.91 -1.51
C ILE E 237 83.30 0.31 -1.95
N GLN E 238 83.72 0.99 -3.01
CA GLN E 238 82.98 2.17 -3.43
C GLN E 238 82.64 2.27 -4.90
N ARG E 239 81.44 2.80 -5.16
CA ARG E 239 80.82 3.01 -6.48
C ARG E 239 81.50 4.18 -7.14
N ARG E 240 82.30 3.91 -8.18
CA ARG E 240 83.02 4.98 -8.89
C ARG E 240 83.11 6.20 -7.94
N HIS E 241 83.91 6.06 -6.89
CA HIS E 241 84.11 7.11 -5.90
C HIS E 241 82.78 7.63 -5.31
N GLN E 242 82.37 6.96 -4.24
CA GLN E 242 81.17 7.21 -3.44
C GLN E 242 81.18 6.02 -2.47
N LYS E 243 81.33 6.27 -1.17
CA LYS E 243 81.35 5.20 -0.18
C LYS E 243 80.05 4.37 -0.19
N VAL E 244 80.15 3.07 0.10
CA VAL E 244 78.95 2.24 0.09
C VAL E 244 78.89 1.17 1.17
N VAL E 245 80.03 0.60 1.54
CA VAL E 245 80.07 -0.44 2.57
C VAL E 245 81.26 -0.20 3.51
N GLU E 246 81.01 0.45 4.64
CA GLU E 246 82.08 0.74 5.60
C GLU E 246 81.95 -0.21 6.77
N GLU E 247 83.05 -0.49 7.45
CA GLU E 247 83.05 -1.37 8.62
C GLU E 247 84.03 -0.90 9.67
N ALA E 248 83.85 -1.35 10.90
CA ALA E 248 84.74 -0.94 11.96
C ALA E 248 84.85 -2.09 12.94
N PRO E 249 86.08 -2.50 13.30
CA PRO E 249 87.37 -1.96 12.86
C PRO E 249 87.61 -2.34 11.40
N ALA E 250 88.87 -2.30 10.96
CA ALA E 250 89.19 -2.66 9.58
C ALA E 250 89.78 -4.07 9.59
N PRO E 251 89.29 -4.95 8.70
CA PRO E 251 89.76 -6.33 8.61
C PRO E 251 91.23 -6.56 8.83
N GLY E 252 92.04 -6.33 7.81
CA GLY E 252 93.47 -6.56 7.95
C GLY E 252 94.15 -6.08 9.24
N LEU E 253 94.79 -4.90 9.14
CA LEU E 253 95.57 -4.20 10.18
C LEU E 253 95.65 -4.69 11.63
N GLY E 254 96.90 -4.92 12.06
CA GLY E 254 97.16 -5.40 13.39
C GLY E 254 97.22 -4.36 14.48
N ALA E 255 97.17 -4.84 15.71
CA ALA E 255 97.21 -4.02 16.91
C ALA E 255 98.07 -2.77 16.77
N GLU E 256 99.31 -2.94 16.33
CA GLU E 256 100.22 -1.81 16.18
C GLU E 256 99.89 -0.87 15.04
N LEU E 257 99.63 -1.43 13.86
CA LEU E 257 99.29 -0.59 12.72
C LEU E 257 98.10 0.30 13.09
N ARG E 258 97.27 -0.17 14.02
CA ARG E 258 96.10 0.57 14.48
C ARG E 258 96.72 1.80 15.11
N ARG E 259 97.10 1.67 16.37
CA ARG E 259 97.74 2.74 17.09
C ARG E 259 98.71 3.54 16.23
N ALA E 260 99.18 2.92 15.15
CA ALA E 260 100.11 3.57 14.26
C ALA E 260 99.50 4.79 13.62
N MET E 261 98.58 4.54 12.70
CA MET E 261 97.88 5.59 11.98
C MET E 261 97.00 6.38 12.97
N GLY E 262 96.68 5.75 14.09
CA GLY E 262 95.83 6.38 15.09
C GLY E 262 96.40 7.71 15.54
N GLU E 263 97.60 7.66 16.09
CA GLU E 263 98.27 8.86 16.56
C GLU E 263 98.62 9.74 15.37
N ALA E 264 98.87 9.10 14.23
CA ALA E 264 99.22 9.81 12.99
C ALA E 264 98.14 10.83 12.66
N ALA E 265 96.89 10.44 12.85
CA ALA E 265 95.77 11.31 12.57
C ALA E 265 95.75 12.39 13.64
N VAL E 266 95.71 11.95 14.88
CA VAL E 266 95.70 12.84 16.05
C VAL E 266 96.77 13.90 15.92
N ARG E 267 97.80 13.57 15.15
CA ARG E 267 98.94 14.45 14.91
C ARG E 267 98.46 15.59 14.03
N ALA E 268 97.93 15.22 12.87
CA ALA E 268 97.42 16.17 11.93
C ALA E 268 96.24 16.90 12.55
N ALA E 269 95.80 16.40 13.71
CA ALA E 269 94.69 16.98 14.45
C ALA E 269 95.13 18.21 15.24
N GLN E 270 96.19 18.05 16.04
CA GLN E 270 96.79 19.13 16.85
C GLN E 270 97.26 20.18 15.85
N ALA E 271 97.76 19.65 14.74
CA ALA E 271 98.26 20.47 13.66
C ALA E 271 97.40 21.71 13.52
N ILE E 272 96.19 21.50 12.99
CA ILE E 272 95.27 22.58 12.74
C ILE E 272 94.48 23.10 13.95
N GLY E 273 94.81 22.60 15.15
CA GLY E 273 94.13 23.04 16.38
C GLY E 273 92.63 22.82 16.30
N TYR E 274 92.28 21.56 16.12
CA TYR E 274 90.92 21.12 15.95
C TYR E 274 90.03 21.13 17.17
N VAL E 275 88.74 21.36 16.96
CA VAL E 275 87.80 21.36 18.07
C VAL E 275 86.80 20.20 18.04
N GLY E 276 85.88 20.19 17.09
CA GLY E 276 84.88 19.10 17.04
C GLY E 276 85.42 17.71 16.74
N ALA E 277 84.63 16.89 16.05
CA ALA E 277 85.08 15.55 15.66
C ALA E 277 85.50 15.63 14.20
N GLY E 278 86.00 14.55 13.64
CA GLY E 278 86.40 14.62 12.26
C GLY E 278 87.11 13.35 11.90
N THR E 279 87.29 13.14 10.62
CA THR E 279 87.95 11.93 10.15
C THR E 279 89.18 12.29 9.34
N VAL E 280 90.22 11.43 9.39
CA VAL E 280 91.47 11.60 8.60
C VAL E 280 91.53 10.47 7.60
N GLU E 281 91.11 10.72 6.38
CA GLU E 281 91.12 9.65 5.43
C GLU E 281 92.53 9.36 5.01
N PHE E 282 92.88 8.08 5.08
CA PHE E 282 94.20 7.54 4.74
C PHE E 282 94.04 6.57 3.57
N LEU E 283 95.15 6.05 3.06
CA LEU E 283 95.09 5.12 1.96
C LEU E 283 96.18 4.09 2.15
N LEU E 284 95.87 2.99 2.81
CA LEU E 284 96.87 1.95 3.07
C LEU E 284 97.01 1.02 1.90
N ASP E 285 98.23 0.52 1.66
CA ASP E 285 98.44 -0.41 0.55
C ASP E 285 99.08 -1.71 1.04
N GLU E 286 99.02 -2.74 0.21
CA GLU E 286 99.56 -4.04 0.55
C GLU E 286 100.87 -3.98 1.31
N ARG E 287 101.87 -3.40 0.68
CA ARG E 287 103.19 -3.25 1.25
C ARG E 287 103.11 -2.95 2.75
N GLY E 288 102.02 -2.33 3.18
CA GLY E 288 101.85 -2.02 4.58
C GLY E 288 102.12 -0.58 4.99
N GLN E 289 101.99 0.36 4.06
CA GLN E 289 102.23 1.76 4.36
C GLN E 289 100.99 2.59 4.10
N PHE E 290 100.73 3.52 5.00
CA PHE E 290 99.58 4.38 4.86
C PHE E 290 100.01 5.78 4.49
N PHE E 291 99.14 6.48 3.77
CA PHE E 291 99.42 7.84 3.35
C PHE E 291 98.20 8.71 3.50
N PHE E 292 98.39 9.92 4.01
CA PHE E 292 97.30 10.85 4.18
C PHE E 292 96.66 11.22 2.81
N MET E 293 95.33 11.25 2.74
CA MET E 293 94.60 11.58 1.51
C MET E 293 93.92 12.93 1.59
N GLU E 294 93.28 13.20 2.72
CA GLU E 294 92.60 14.45 3.00
C GLU E 294 91.88 14.35 4.32
N MET E 295 91.19 15.42 4.71
CA MET E 295 90.48 15.38 5.97
C MET E 295 89.14 16.09 5.89
N ASN E 296 88.14 15.53 6.58
CA ASN E 296 86.78 16.09 6.62
C ASN E 296 86.57 16.74 7.95
N THR E 297 86.35 18.04 7.95
CA THR E 297 86.14 18.75 9.18
C THR E 297 84.65 18.77 9.59
N ARG E 298 84.04 17.58 9.48
CA ARG E 298 82.62 17.34 9.79
C ARG E 298 82.43 15.96 10.42
N LEU E 299 81.20 15.65 10.80
CA LEU E 299 80.99 14.34 11.34
C LEU E 299 80.93 13.54 10.08
N GLN E 300 81.59 12.40 10.05
CA GLN E 300 81.57 11.59 8.84
C GLN E 300 80.29 10.80 8.62
N VAL E 301 79.94 10.66 7.35
CA VAL E 301 78.75 9.96 6.91
C VAL E 301 78.45 8.65 7.64
N GLU E 302 79.48 7.82 7.74
CA GLU E 302 79.38 6.51 8.35
C GLU E 302 79.89 6.42 9.78
N HIS E 303 79.62 7.46 10.58
CA HIS E 303 80.07 7.43 11.96
C HIS E 303 79.38 6.34 12.77
N PRO E 304 78.20 5.87 12.32
CA PRO E 304 77.51 4.83 13.08
C PRO E 304 78.39 3.64 13.39
N VAL E 305 78.92 2.97 12.37
CA VAL E 305 79.76 1.81 12.62
C VAL E 305 80.83 2.05 13.66
N THR E 306 81.30 3.27 13.82
CA THR E 306 82.32 3.47 14.82
C THR E 306 81.70 3.74 16.20
N GLU E 307 80.43 4.11 16.24
CA GLU E 307 79.77 4.29 17.52
C GLU E 307 79.55 2.84 17.98
N ALA E 308 79.26 1.98 17.00
CA ALA E 308 79.02 0.56 17.20
C ALA E 308 80.06 -0.09 18.05
N ILE E 309 81.23 -0.24 17.44
CA ILE E 309 82.32 -0.88 18.11
C ILE E 309 82.75 -0.30 19.45
N THR E 310 82.50 0.98 19.70
CA THR E 310 82.86 1.54 21.01
C THR E 310 81.66 1.48 21.94
N GLY E 311 80.80 2.47 21.77
CA GLY E 311 79.60 2.56 22.56
C GLY E 311 79.40 4.01 22.85
N LEU E 312 79.79 4.88 21.93
CA LEU E 312 79.65 6.30 22.17
C LEU E 312 78.71 7.00 21.20
N ASP E 313 78.05 8.05 21.68
CA ASP E 313 77.16 8.83 20.81
C ASP E 313 77.90 10.08 20.40
N LEU E 314 78.65 9.97 19.31
CA LEU E 314 79.44 11.06 18.81
C LEU E 314 78.70 12.37 18.77
N VAL E 315 77.46 12.37 18.27
CA VAL E 315 76.67 13.59 18.23
C VAL E 315 76.65 14.24 19.59
N ALA E 316 76.19 13.46 20.57
CA ALA E 316 76.10 13.91 21.94
C ALA E 316 77.40 14.56 22.33
N TRP E 317 78.51 13.91 21.98
CA TRP E 317 79.85 14.41 22.28
C TRP E 317 80.09 15.80 21.68
N GLN E 318 79.56 16.06 20.49
CA GLN E 318 79.74 17.39 19.89
C GLN E 318 78.98 18.42 20.69
N ILE E 319 77.75 18.08 21.06
CA ILE E 319 76.92 18.99 21.82
C ILE E 319 77.59 19.30 23.15
N ARG E 320 78.59 18.50 23.49
CA ARG E 320 79.28 18.71 24.73
C ARG E 320 80.51 19.60 24.56
N VAL E 321 81.45 19.20 23.71
CA VAL E 321 82.65 20.00 23.48
C VAL E 321 82.23 21.42 23.21
N ALA E 322 81.14 21.50 22.46
CA ALA E 322 80.55 22.75 22.04
C ALA E 322 80.29 23.65 23.21
N ARG E 323 79.75 23.07 24.28
CA ARG E 323 79.45 23.80 25.50
C ARG E 323 80.73 24.13 26.29
N GLY E 324 81.74 23.29 26.20
CA GLY E 324 82.95 23.56 26.92
C GLY E 324 83.49 22.25 27.39
N GLU E 325 82.64 21.51 28.07
CA GLU E 325 82.94 20.19 28.62
C GLU E 325 84.16 19.52 27.98
N ALA E 326 84.87 18.70 28.74
CA ALA E 326 86.06 18.05 28.20
C ALA E 326 85.82 16.60 27.83
N LEU E 327 86.75 16.02 27.10
CA LEU E 327 86.63 14.64 26.69
C LEU E 327 86.57 13.70 27.90
N PRO E 328 85.58 12.78 27.93
CA PRO E 328 85.32 11.78 28.96
C PRO E 328 86.22 10.55 28.99
N LEU E 329 86.98 10.31 27.93
CA LEU E 329 87.85 9.14 27.91
C LEU E 329 89.28 9.51 27.52
N THR E 330 90.27 8.83 28.11
CA THR E 330 91.68 9.07 27.78
C THR E 330 92.02 8.11 26.65
N GLN E 331 92.96 8.49 25.81
CA GLN E 331 93.33 7.64 24.70
C GLN E 331 93.26 6.16 25.03
N GLU E 332 93.83 5.75 26.16
CA GLU E 332 93.80 4.33 26.49
C GLU E 332 92.55 3.89 27.16
N GLN E 333 91.41 4.41 26.71
CA GLN E 333 90.08 4.05 27.27
C GLN E 333 89.05 3.75 26.19
N VAL E 334 89.14 4.44 25.06
CA VAL E 334 88.18 4.18 24.00
C VAL E 334 88.28 2.71 23.75
N PRO E 335 87.17 1.99 23.95
CA PRO E 335 87.03 0.55 23.78
C PRO E 335 86.98 0.12 22.34
N LEU E 336 86.68 -1.15 22.16
CA LEU E 336 86.60 -1.71 20.83
C LEU E 336 86.08 -3.13 20.88
N ASN E 337 84.96 -3.34 21.55
CA ASN E 337 84.36 -4.67 21.63
C ASN E 337 83.83 -4.93 20.22
N GLY E 338 83.77 -6.19 19.81
CA GLY E 338 83.18 -6.61 18.53
C GLY E 338 83.38 -5.95 17.19
N HIS E 339 82.51 -6.22 16.23
CA HIS E 339 82.67 -5.67 14.87
C HIS E 339 81.35 -5.20 14.22
N ALA E 340 81.41 -4.12 13.44
CA ALA E 340 80.22 -3.59 12.81
C ALA E 340 80.40 -3.23 11.36
N ILE E 341 79.35 -3.47 10.59
CA ILE E 341 79.31 -3.20 9.16
C ILE E 341 78.10 -2.32 8.80
N GLU E 342 78.29 -1.41 7.86
CA GLU E 342 77.20 -0.52 7.44
C GLU E 342 76.99 -0.48 5.93
N VAL E 343 75.76 -0.19 5.50
CA VAL E 343 75.42 -0.11 4.09
C VAL E 343 74.62 1.19 3.82
N ARG E 344 74.74 1.76 2.61
CA ARG E 344 73.99 2.97 2.27
C ARG E 344 72.87 2.60 1.26
N LEU E 345 71.61 2.87 1.64
CA LEU E 345 70.39 2.56 0.85
C LEU E 345 69.97 3.73 -0.05
N TYR E 346 70.45 3.67 -1.29
CA TYR E 346 70.20 4.71 -2.28
C TYR E 346 69.06 4.48 -3.28
N ALA E 347 68.50 5.60 -3.72
CA ALA E 347 67.44 5.62 -4.71
C ALA E 347 68.20 5.65 -6.04
N GLU E 348 69.26 4.84 -6.13
CA GLU E 348 70.09 4.78 -7.34
C GLU E 348 69.61 3.86 -8.43
N ASP E 349 70.36 2.77 -8.64
CA ASP E 349 70.04 1.82 -9.70
C ASP E 349 71.15 0.77 -9.73
N PRO E 350 70.81 -0.52 -9.55
CA PRO E 350 71.86 -1.55 -9.58
C PRO E 350 72.57 -1.62 -10.95
N GLU E 351 71.88 -2.25 -11.90
CA GLU E 351 72.40 -2.45 -13.25
C GLU E 351 72.33 -1.21 -14.13
N GLY E 352 71.30 -0.39 -13.94
CA GLY E 352 71.14 0.81 -14.76
C GLY E 352 72.30 1.79 -14.67
N ASP E 353 73.43 1.27 -14.20
CA ASP E 353 74.67 2.03 -14.04
C ASP E 353 74.51 3.30 -13.23
N PHE E 354 73.98 3.07 -12.03
CA PHE E 354 73.72 4.05 -11.00
C PHE E 354 73.26 5.44 -11.46
N LEU E 355 72.04 5.47 -12.02
CA LEU E 355 71.39 6.69 -12.49
C LEU E 355 70.41 7.01 -11.36
N PRO E 356 70.85 7.75 -10.33
CA PRO E 356 70.03 8.15 -9.18
C PRO E 356 68.60 8.60 -9.47
N ALA E 357 67.74 7.65 -9.82
CA ALA E 357 66.34 7.89 -10.12
C ALA E 357 65.72 8.68 -8.96
N SER E 358 64.51 9.20 -9.17
CA SER E 358 63.83 10.00 -8.14
C SER E 358 62.33 9.96 -8.30
N GLY E 359 61.69 8.93 -7.77
CA GLY E 359 60.24 8.81 -7.86
C GLY E 359 59.51 9.09 -6.54
N ARG E 360 58.69 8.11 -6.12
CA ARG E 360 57.91 8.27 -4.89
C ARG E 360 57.79 6.94 -4.15
N LEU E 361 58.12 6.99 -2.86
CA LEU E 361 58.10 5.81 -2.03
C LEU E 361 56.75 5.17 -1.88
N MET E 362 56.52 4.09 -2.62
CA MET E 362 55.26 3.36 -2.54
C MET E 362 55.28 2.43 -1.34
N LEU E 363 56.25 1.52 -1.35
CA LEU E 363 56.41 0.55 -0.28
C LEU E 363 57.73 0.83 0.42
N TYR E 364 57.76 0.71 1.75
CA TYR E 364 59.00 0.94 2.50
C TYR E 364 58.91 0.29 3.89
N ARG E 365 59.36 -0.96 3.97
CA ARG E 365 59.31 -1.70 5.22
C ARG E 365 60.73 -1.97 5.68
N GLU E 366 61.16 -1.28 6.72
CA GLU E 366 62.50 -1.47 7.28
C GLU E 366 62.55 -2.73 8.14
N ALA E 367 63.66 -3.43 8.13
CA ALA E 367 63.79 -4.62 8.96
C ALA E 367 63.42 -4.23 10.40
N ALA E 368 62.86 -5.15 11.17
CA ALA E 368 62.48 -4.83 12.56
C ALA E 368 63.69 -4.87 13.50
N ALA E 369 63.71 -3.95 14.47
CA ALA E 369 64.84 -3.89 15.40
C ALA E 369 65.13 -5.28 15.98
N GLY E 370 66.33 -5.52 16.47
CA GLY E 370 66.62 -6.83 17.00
C GLY E 370 68.03 -7.02 17.51
N PRO E 371 68.54 -8.27 17.57
CA PRO E 371 69.87 -8.64 18.04
C PRO E 371 70.81 -7.46 18.18
N GLY E 372 71.33 -6.97 17.06
CA GLY E 372 72.23 -5.87 17.15
C GLY E 372 72.01 -5.12 15.87
N ARG E 373 70.76 -4.83 15.61
CA ARG E 373 70.41 -4.12 14.39
C ARG E 373 70.13 -2.66 14.63
N ARG E 374 70.73 -1.78 13.85
CA ARG E 374 70.48 -0.35 13.97
C ARG E 374 70.08 0.16 12.60
N VAL E 375 69.20 1.16 12.53
CA VAL E 375 68.79 1.73 11.25
C VAL E 375 68.53 3.19 11.42
N ASP E 376 69.37 3.96 10.74
CA ASP E 376 69.32 5.42 10.70
C ASP E 376 68.62 5.74 9.39
N SER E 377 67.39 6.21 9.43
CA SER E 377 66.71 6.55 8.19
C SER E 377 66.10 7.93 8.36
N GLY E 378 65.70 8.53 7.24
CA GLY E 378 65.11 9.85 7.29
C GLY E 378 63.96 9.94 6.34
N VAL E 379 63.42 8.78 5.99
CA VAL E 379 62.31 8.71 5.06
C VAL E 379 61.22 7.84 5.68
N ARG E 380 60.00 7.93 5.16
CA ARG E 380 58.90 7.09 5.62
C ARG E 380 57.99 6.78 4.42
N GLU E 381 57.67 5.48 4.24
CA GLU E 381 56.84 5.03 3.12
C GLU E 381 55.83 6.12 2.74
N GLY E 382 55.60 6.26 1.45
CA GLY E 382 54.65 7.26 1.00
C GLY E 382 55.22 8.64 0.86
N ASP E 383 56.51 8.83 1.12
CA ASP E 383 57.07 10.16 0.96
C ASP E 383 57.67 10.34 -0.44
N GLU E 384 57.63 11.56 -0.95
CA GLU E 384 58.14 11.79 -2.29
C GLU E 384 59.66 11.99 -2.29
N VAL E 385 60.34 11.21 -3.13
CA VAL E 385 61.80 11.29 -3.27
C VAL E 385 62.20 12.39 -4.24
N SER E 386 62.65 13.50 -3.66
CA SER E 386 63.05 14.67 -4.43
C SER E 386 64.23 14.43 -5.37
N PRO E 387 64.30 15.20 -6.46
CA PRO E 387 65.42 15.00 -7.35
C PRO E 387 66.51 16.05 -7.05
N PHE E 388 66.15 17.13 -6.33
CA PHE E 388 67.11 18.19 -5.96
C PHE E 388 68.04 17.84 -4.79
N TYR E 389 67.92 16.64 -4.21
CA TYR E 389 68.78 16.25 -3.06
C TYR E 389 69.38 14.84 -3.19
N ASP E 390 70.39 14.58 -2.34
CA ASP E 390 71.11 13.30 -2.31
C ASP E 390 70.17 12.10 -2.16
N PRO E 391 70.11 11.20 -3.14
CA PRO E 391 69.24 10.02 -3.11
C PRO E 391 69.42 8.94 -2.04
N MET E 392 69.90 9.29 -0.85
CA MET E 392 70.06 8.28 0.19
C MET E 392 68.86 8.18 1.11
N LEU E 393 68.27 7.00 1.16
CA LEU E 393 67.11 6.77 1.99
C LEU E 393 67.44 6.42 3.45
N ALA E 394 68.31 5.43 3.66
CA ALA E 394 68.65 5.03 5.02
C ALA E 394 70.02 4.44 5.10
N LYS E 395 70.49 4.24 6.32
CA LYS E 395 71.79 3.62 6.63
C LYS E 395 71.42 2.38 7.44
N LEU E 396 71.83 1.22 6.95
CA LEU E 396 71.54 -0.01 7.65
C LEU E 396 72.83 -0.53 8.28
N ILE E 397 72.86 -0.53 9.62
CA ILE E 397 74.00 -0.98 10.42
C ILE E 397 73.73 -2.20 11.28
N ALA E 398 74.71 -3.10 11.29
CA ALA E 398 74.59 -4.35 12.03
C ALA E 398 75.86 -4.59 12.85
N TRP E 399 75.72 -5.19 14.02
CA TRP E 399 76.89 -5.49 14.82
C TRP E 399 76.94 -6.92 15.25
N GLY E 400 78.15 -7.39 15.53
CA GLY E 400 78.36 -8.75 15.97
C GLY E 400 79.52 -8.88 16.94
N GLU E 401 79.78 -10.09 17.37
CA GLU E 401 80.87 -10.30 18.29
C GLU E 401 82.07 -10.52 17.40
N THR E 402 81.82 -11.13 16.25
CA THR E 402 82.85 -11.41 15.25
C THR E 402 82.45 -10.64 14.01
N ARG E 403 83.25 -10.66 12.96
CA ARG E 403 82.89 -9.90 11.77
C ARG E 403 81.86 -10.68 10.99
N GLU E 404 81.95 -11.99 11.05
CA GLU E 404 81.05 -12.90 10.38
C GLU E 404 79.60 -12.74 10.88
N GLU E 405 79.46 -12.60 12.20
CA GLU E 405 78.15 -12.47 12.79
C GLU E 405 77.51 -11.12 12.53
N ALA E 406 78.33 -10.13 12.15
CA ALA E 406 77.83 -8.78 11.82
C ALA E 406 77.30 -8.82 10.40
N ARG E 407 78.09 -9.38 9.50
CA ARG E 407 77.73 -9.52 8.10
C ARG E 407 76.50 -10.43 7.91
N GLN E 408 76.49 -11.57 8.61
CA GLN E 408 75.38 -12.50 8.50
C GLN E 408 74.10 -11.89 9.03
N ARG E 409 74.23 -11.05 10.05
CA ARG E 409 73.09 -10.37 10.64
C ARG E 409 72.63 -9.21 9.76
N LEU E 410 73.59 -8.54 9.13
CA LEU E 410 73.33 -7.41 8.25
C LEU E 410 72.69 -7.87 6.98
N LEU E 411 72.94 -9.12 6.61
CA LEU E 411 72.37 -9.71 5.42
C LEU E 411 70.93 -10.06 5.73
N ALA E 412 70.72 -10.34 7.00
CA ALA E 412 69.42 -10.66 7.51
C ALA E 412 68.53 -9.40 7.38
N MET E 413 69.02 -8.25 7.84
CA MET E 413 68.27 -6.99 7.76
C MET E 413 67.89 -6.56 6.35
N LEU E 414 68.82 -6.74 5.42
CA LEU E 414 68.59 -6.36 4.04
C LEU E 414 67.54 -7.20 3.32
N ALA E 415 67.30 -8.41 3.81
CA ALA E 415 66.29 -9.26 3.19
C ALA E 415 64.93 -8.92 3.80
N GLU E 416 64.93 -8.48 5.04
CA GLU E 416 63.71 -8.12 5.74
C GLU E 416 63.20 -6.77 5.24
N THR E 417 64.15 -5.96 4.74
CA THR E 417 63.85 -4.63 4.22
C THR E 417 63.37 -4.68 2.76
N SER E 418 62.37 -3.87 2.46
CA SER E 418 61.82 -3.87 1.11
C SER E 418 61.36 -2.46 0.75
N VAL E 419 61.81 -1.98 -0.41
CA VAL E 419 61.40 -0.67 -0.89
C VAL E 419 60.88 -0.84 -2.32
N GLY E 420 59.67 -0.34 -2.58
CA GLY E 420 59.07 -0.47 -3.90
C GLY E 420 58.43 0.81 -4.47
N GLY E 421 58.58 1.01 -5.78
CA GLY E 421 58.02 2.20 -6.44
C GLY E 421 59.09 3.16 -6.90
N LEU E 422 60.30 2.62 -7.11
CA LEU E 422 61.48 3.39 -7.57
C LEU E 422 62.72 2.46 -7.69
N ARG E 423 63.72 2.88 -8.47
CA ARG E 423 64.92 2.06 -8.66
C ARG E 423 65.72 2.09 -7.36
N THR E 424 66.18 0.93 -6.90
CA THR E 424 66.94 0.87 -5.66
C THR E 424 68.19 0.08 -5.76
N ASN E 425 69.16 0.43 -4.92
CA ASN E 425 70.40 -0.31 -4.89
C ASN E 425 70.33 -1.42 -3.85
N LEU E 426 69.16 -1.59 -3.22
CA LEU E 426 69.02 -2.65 -2.21
C LEU E 426 69.34 -3.99 -2.87
N ALA E 427 69.10 -4.07 -4.18
CA ALA E 427 69.35 -5.28 -4.98
C ALA E 427 70.81 -5.58 -4.93
N PHE E 428 71.57 -4.57 -5.32
CA PHE E 428 73.02 -4.61 -5.33
C PHE E 428 73.60 -5.04 -3.97
N LEU E 429 73.39 -4.20 -2.96
CA LEU E 429 73.87 -4.44 -1.59
C LEU E 429 73.63 -5.88 -1.14
N ARG E 430 72.42 -6.37 -1.35
CA ARG E 430 72.08 -7.72 -0.98
C ARG E 430 73.20 -8.69 -1.41
N ARG E 431 73.53 -8.74 -2.71
CA ARG E 431 74.57 -9.69 -3.20
C ARG E 431 76.05 -9.33 -3.07
N ILE E 432 76.35 -8.11 -2.64
CA ILE E 432 77.74 -7.73 -2.45
C ILE E 432 78.20 -8.09 -1.02
N LEU E 433 77.25 -8.30 -0.11
CA LEU E 433 77.64 -8.69 1.25
C LEU E 433 77.61 -10.19 1.30
N GLY E 434 76.99 -10.77 0.28
CA GLY E 434 76.87 -12.21 0.16
C GLY E 434 77.84 -12.80 -0.85
N HIS E 435 78.65 -11.90 -1.41
CA HIS E 435 79.67 -12.27 -2.38
C HIS E 435 80.84 -12.85 -1.55
N PRO E 436 81.23 -14.10 -1.83
CA PRO E 436 82.30 -14.79 -1.14
C PRO E 436 83.56 -14.01 -1.01
N ALA E 437 83.68 -12.99 -1.84
CA ALA E 437 84.88 -12.14 -1.76
C ALA E 437 84.84 -11.30 -0.47
N PHE E 438 83.63 -10.88 -0.08
CA PHE E 438 83.47 -10.09 1.13
C PHE E 438 83.76 -10.98 2.34
N ALA E 439 83.63 -12.30 2.20
CA ALA E 439 83.91 -13.23 3.31
C ALA E 439 85.33 -12.98 3.73
N ALA E 440 86.21 -13.17 2.77
CA ALA E 440 87.62 -12.96 2.96
C ALA E 440 87.90 -11.44 2.91
N ALA E 441 88.98 -11.00 3.55
CA ALA E 441 89.32 -9.59 3.55
C ALA E 441 89.78 -9.08 2.20
N GLU E 442 89.19 -9.60 1.13
CA GLU E 442 89.56 -9.20 -0.22
C GLU E 442 89.18 -7.75 -0.53
N LEU E 443 89.60 -6.84 0.36
CA LEU E 443 89.30 -5.42 0.23
C LEU E 443 90.39 -4.55 -0.36
N ASP E 444 89.96 -3.66 -1.24
CA ASP E 444 90.79 -2.65 -1.91
C ASP E 444 89.78 -1.68 -2.54
N THR E 445 90.21 -0.65 -3.27
CA THR E 445 89.21 0.26 -3.83
C THR E 445 88.71 -0.15 -5.20
N GLY E 446 89.16 -1.30 -5.67
CA GLY E 446 88.74 -1.74 -6.99
C GLY E 446 87.75 -2.87 -6.91
N PHE E 447 87.49 -3.34 -5.70
CA PHE E 447 86.56 -4.44 -5.45
C PHE E 447 85.24 -4.24 -6.18
N ILE E 448 84.73 -3.01 -6.11
CA ILE E 448 83.48 -2.67 -6.75
C ILE E 448 83.49 -3.03 -8.24
N ALA E 449 84.52 -2.58 -8.94
CA ALA E 449 84.64 -2.86 -10.36
C ALA E 449 85.14 -4.28 -10.65
N ARG E 450 86.10 -4.79 -9.87
CA ARG E 450 86.60 -6.13 -10.11
C ARG E 450 85.52 -7.18 -10.31
N HIS E 451 84.83 -7.53 -9.24
CA HIS E 451 83.79 -8.55 -9.29
C HIS E 451 82.48 -7.97 -9.86
N GLN E 452 82.63 -6.96 -10.71
CA GLN E 452 81.53 -6.23 -11.34
C GLN E 452 80.40 -7.09 -11.94
N ASP E 453 80.73 -8.20 -12.60
CA ASP E 453 79.67 -8.99 -13.20
C ASP E 453 78.88 -9.78 -12.15
N ASP E 454 79.57 -10.29 -11.15
CA ASP E 454 78.92 -11.03 -10.07
C ASP E 454 77.92 -10.17 -9.29
N LEU E 455 78.13 -8.85 -9.25
CA LEU E 455 77.29 -7.91 -8.51
C LEU E 455 76.27 -7.15 -9.36
N LEU E 456 76.41 -7.19 -10.67
CA LEU E 456 75.47 -6.49 -11.55
C LEU E 456 74.96 -7.34 -12.75
N PRO E 457 74.59 -8.62 -12.54
CA PRO E 457 74.11 -9.42 -13.68
C PRO E 457 73.06 -8.76 -14.58
N ALA E 458 72.78 -9.43 -15.69
CA ALA E 458 71.81 -8.91 -16.63
C ALA E 458 70.47 -9.54 -16.32
N PRO E 459 69.40 -8.73 -16.36
CA PRO E 459 68.06 -9.25 -16.08
C PRO E 459 67.57 -10.34 -17.05
N GLN E 460 66.25 -10.51 -17.11
CA GLN E 460 65.60 -11.51 -17.95
C GLN E 460 64.26 -11.77 -17.31
N ALA E 461 63.21 -11.89 -18.14
CA ALA E 461 61.83 -12.12 -17.68
C ALA E 461 61.58 -13.48 -16.98
N LEU E 462 62.56 -13.89 -16.17
CA LEU E 462 62.55 -15.15 -15.42
C LEU E 462 61.20 -15.84 -15.30
N PRO E 463 61.25 -17.14 -15.02
CA PRO E 463 60.12 -18.04 -14.85
C PRO E 463 58.67 -17.56 -15.02
N GLU E 464 57.82 -18.55 -15.15
CA GLU E 464 56.38 -18.37 -15.21
C GLU E 464 56.17 -18.88 -13.79
N HIS E 465 57.22 -19.55 -13.32
CA HIS E 465 57.32 -20.08 -11.98
C HIS E 465 56.81 -18.89 -11.19
N PHE E 466 57.43 -17.76 -11.51
CA PHE E 466 57.13 -16.44 -10.92
C PHE E 466 55.71 -16.01 -11.28
N TRP E 467 55.51 -15.61 -12.54
CA TRP E 467 54.19 -15.15 -13.01
C TRP E 467 53.04 -15.88 -12.28
N GLN E 468 53.21 -17.18 -12.05
CA GLN E 468 52.24 -18.02 -11.35
C GLN E 468 51.94 -17.39 -9.99
N ALA E 469 53.00 -17.30 -9.20
CA ALA E 469 52.93 -16.72 -7.87
C ALA E 469 52.36 -15.30 -7.90
N ALA E 470 52.95 -14.43 -8.70
CA ALA E 470 52.48 -13.05 -8.78
C ALA E 470 50.96 -12.91 -9.04
N ALA E 471 50.39 -13.85 -9.77
CA ALA E 471 48.98 -13.80 -10.08
C ALA E 471 48.14 -14.28 -8.93
N GLU E 472 48.49 -15.47 -8.40
CA GLU E 472 47.78 -16.03 -7.26
C GLU E 472 47.81 -14.91 -6.23
N ALA E 473 49.00 -14.35 -6.08
CA ALA E 473 49.29 -13.26 -5.15
C ALA E 473 48.30 -12.14 -5.38
N TRP E 474 48.32 -11.63 -6.61
CA TRP E 474 47.42 -10.54 -7.01
C TRP E 474 45.94 -10.86 -6.66
N LEU E 475 45.46 -12.04 -7.09
CA LEU E 475 44.08 -12.46 -6.85
C LEU E 475 43.67 -12.24 -5.39
N GLN E 476 44.49 -12.75 -4.48
CA GLN E 476 44.15 -12.61 -3.09
C GLN E 476 44.54 -11.28 -2.47
N SER E 477 44.65 -10.23 -3.28
CA SER E 477 44.97 -8.90 -2.75
C SER E 477 43.77 -7.90 -2.84
N GLU E 478 42.66 -8.33 -3.46
CA GLU E 478 41.42 -7.51 -3.58
C GLU E 478 40.22 -8.38 -3.19
N PRO E 479 39.74 -8.28 -1.93
CA PRO E 479 38.60 -9.05 -1.40
C PRO E 479 37.36 -9.15 -2.27
N GLY E 480 37.44 -8.57 -3.46
CA GLY E 480 36.32 -8.59 -4.35
C GLY E 480 35.45 -7.41 -3.98
N HIS E 481 34.57 -7.62 -3.00
CA HIS E 481 33.70 -6.56 -2.53
C HIS E 481 32.59 -7.20 -1.78
N ARG E 482 32.22 -6.58 -0.65
CA ARG E 482 31.15 -7.07 0.20
C ARG E 482 30.04 -6.06 0.26
N ARG E 483 28.85 -6.49 -0.14
CA ARG E 483 27.67 -5.64 -0.15
C ARG E 483 27.06 -5.60 1.22
N ASP E 484 26.75 -4.40 1.70
CA ASP E 484 26.15 -4.23 3.01
C ASP E 484 24.77 -4.84 2.95
N ASP E 485 24.34 -5.16 1.74
CA ASP E 485 23.05 -5.78 1.49
C ASP E 485 23.01 -7.10 2.27
N ASP E 486 23.94 -7.99 1.92
CA ASP E 486 24.14 -9.28 2.62
C ASP E 486 25.66 -9.37 2.59
N PRO E 487 26.28 -9.19 3.75
CA PRO E 487 27.74 -9.23 3.86
C PRO E 487 28.23 -10.63 3.53
N HIS E 488 27.62 -11.55 4.26
CA HIS E 488 27.87 -12.96 4.20
C HIS E 488 27.77 -13.51 2.78
N SER E 489 27.44 -12.62 1.87
CA SER E 489 27.29 -12.97 0.46
C SER E 489 28.40 -13.94 0.05
N PRO E 490 28.07 -15.05 -0.63
CA PRO E 490 29.10 -15.98 -1.06
C PRO E 490 29.71 -15.50 -2.40
N TRP E 491 29.17 -14.43 -2.99
CA TRP E 491 29.71 -13.89 -4.22
C TRP E 491 30.88 -12.94 -4.02
N SER E 492 31.43 -12.92 -2.82
CA SER E 492 32.58 -12.09 -2.51
C SER E 492 33.86 -12.94 -2.66
N ARG E 493 33.71 -14.25 -2.42
CA ARG E 493 34.81 -15.23 -2.52
C ARG E 493 35.40 -15.19 -3.91
N ASN E 494 36.43 -14.39 -4.13
CA ASN E 494 37.06 -14.37 -5.44
C ASN E 494 37.91 -15.65 -5.73
N ASP E 495 37.41 -16.82 -5.31
CA ASP E 495 38.21 -17.98 -5.57
C ASP E 495 38.07 -18.51 -6.98
N GLY E 496 37.29 -17.82 -7.80
CA GLY E 496 37.13 -18.26 -9.19
C GLY E 496 36.28 -19.52 -9.37
N TRP E 497 35.35 -19.72 -8.45
CA TRP E 497 34.45 -20.86 -8.42
C TRP E 497 33.69 -21.04 -9.73
N ARG E 498 33.45 -22.30 -10.10
CA ARG E 498 32.69 -22.64 -11.30
C ARG E 498 31.84 -23.86 -10.97
N SER E 499 30.90 -24.22 -11.82
CA SER E 499 30.06 -25.34 -11.45
C SER E 499 30.55 -26.80 -11.37
N ALA E 500 31.44 -27.24 -12.26
CA ALA E 500 31.96 -28.62 -12.22
C ALA E 500 33.44 -28.70 -12.57
N LEU E 501 33.90 -27.69 -13.31
CA LEU E 501 35.28 -27.51 -13.76
C LEU E 501 36.15 -26.96 -12.61
N ALA E 502 37.37 -26.54 -12.92
CA ALA E 502 38.30 -26.02 -11.88
C ALA E 502 38.04 -24.55 -11.63
N ARG E 503 38.58 -24.02 -10.53
CA ARG E 503 38.43 -22.59 -10.22
C ARG E 503 39.11 -21.87 -11.42
N GLU E 504 38.31 -21.04 -12.12
CA GLU E 504 38.74 -20.27 -13.30
C GLU E 504 38.85 -18.78 -12.92
N SER E 505 40.05 -18.25 -13.05
CA SER E 505 40.31 -16.85 -12.75
C SER E 505 41.27 -16.37 -13.85
N ASP E 506 40.79 -15.45 -14.67
CA ASP E 506 41.64 -14.90 -15.69
C ASP E 506 42.04 -13.48 -15.22
N LEU E 507 43.34 -13.23 -15.14
CA LEU E 507 43.85 -11.91 -14.70
C LEU E 507 44.89 -11.32 -15.71
N MET E 508 44.59 -10.12 -16.21
CA MET E 508 45.45 -9.41 -17.18
C MET E 508 46.48 -8.51 -16.47
N LEU E 509 47.51 -9.12 -15.86
CA LEU E 509 48.49 -8.34 -15.11
C LEU E 509 49.63 -7.70 -15.91
N ARG E 510 50.57 -7.08 -15.19
CA ARG E 510 51.68 -6.36 -15.82
C ARG E 510 52.84 -6.16 -14.83
N CYS E 511 53.95 -6.86 -15.04
CA CYS E 511 55.16 -6.71 -14.19
C CYS E 511 56.28 -6.11 -15.03
N ARG E 512 57.16 -5.32 -14.41
CA ARG E 512 58.27 -4.65 -15.14
C ARG E 512 57.69 -3.92 -16.39
N ASP E 513 58.03 -4.41 -17.59
CA ASP E 513 57.53 -3.87 -18.86
C ASP E 513 57.21 -5.09 -19.76
N GLU E 514 56.24 -5.89 -19.32
CA GLU E 514 55.84 -7.12 -20.00
C GLU E 514 54.49 -7.58 -19.43
N ARG E 515 53.46 -7.46 -20.24
CA ARG E 515 52.09 -7.86 -19.85
C ARG E 515 51.83 -9.36 -20.03
N ARG E 516 50.91 -9.90 -19.23
CA ARG E 516 50.56 -11.32 -19.26
C ARG E 516 49.11 -11.58 -18.90
N CYS E 517 48.44 -12.42 -19.69
CA CYS E 517 47.05 -12.83 -19.42
C CYS E 517 47.22 -14.13 -18.63
N VAL E 518 47.36 -13.99 -17.32
CA VAL E 518 47.55 -15.11 -16.42
C VAL E 518 46.30 -16.00 -16.33
N ARG E 519 46.49 -17.30 -16.52
CA ARG E 519 45.38 -18.26 -16.48
C ARG E 519 45.52 -19.08 -15.21
N LEU E 520 44.58 -18.88 -14.27
CA LEU E 520 44.57 -19.59 -12.98
C LEU E 520 43.55 -20.72 -12.85
N ARG E 521 43.85 -21.92 -13.36
CA ARG E 521 42.90 -23.04 -13.22
C ARG E 521 43.42 -24.15 -12.30
N HIS E 522 43.38 -23.90 -11.00
CA HIS E 522 43.83 -24.91 -10.04
C HIS E 522 42.58 -25.68 -9.51
N ALA E 523 42.63 -27.02 -9.56
CA ALA E 523 41.54 -27.87 -9.05
C ALA E 523 41.95 -28.33 -7.64
N SER E 524 43.25 -28.17 -7.37
CA SER E 524 43.90 -28.47 -6.09
C SER E 524 44.02 -27.08 -5.46
N PRO E 525 42.97 -26.61 -4.77
CA PRO E 525 42.96 -25.29 -4.12
C PRO E 525 44.22 -24.80 -3.41
N SER E 526 45.17 -25.69 -3.17
CA SER E 526 46.44 -25.30 -2.50
C SER E 526 47.32 -24.40 -3.39
N GLN E 527 48.64 -24.64 -3.34
CA GLN E 527 49.69 -23.91 -4.09
C GLN E 527 50.22 -22.76 -3.27
N TYR E 528 49.48 -21.66 -3.27
CA TYR E 528 49.87 -20.47 -2.55
C TYR E 528 48.72 -19.93 -1.72
N ARG E 529 49.02 -19.63 -0.48
CA ARG E 529 48.07 -19.07 0.46
C ARG E 529 48.67 -17.69 0.73
N LEU E 530 47.94 -16.79 1.34
CA LEU E 530 48.49 -15.47 1.56
C LEU E 530 48.08 -14.82 2.87
N ASP E 531 49.02 -14.69 3.77
CA ASP E 531 48.73 -14.13 5.07
C ASP E 531 49.49 -12.84 5.29
N GLY E 532 48.79 -11.79 5.66
CA GLY E 532 49.47 -10.54 5.90
C GLY E 532 50.28 -10.20 4.68
N ASP E 533 51.47 -9.65 4.90
CA ASP E 533 52.37 -9.27 3.82
C ASP E 533 53.28 -10.45 3.45
N ASP E 534 52.73 -11.67 3.43
CA ASP E 534 53.53 -12.87 3.13
C ASP E 534 52.90 -13.97 2.25
N LEU E 535 53.56 -14.34 1.15
CA LEU E 535 53.04 -15.42 0.30
C LEU E 535 53.70 -16.75 0.64
N VAL E 536 52.91 -17.63 1.22
CA VAL E 536 53.31 -18.96 1.66
C VAL E 536 53.18 -20.01 0.57
N SER E 537 54.29 -20.62 0.19
CA SER E 537 54.28 -21.63 -0.87
C SER E 537 54.49 -23.09 -0.44
N ARG E 538 53.58 -23.97 -0.85
CA ARG E 538 53.62 -25.41 -0.55
C ARG E 538 54.29 -26.23 -1.69
N VAL E 539 55.48 -25.79 -2.11
CA VAL E 539 56.22 -26.41 -3.22
C VAL E 539 56.73 -27.83 -2.98
N ASP E 540 55.82 -28.77 -2.72
CA ASP E 540 56.20 -30.19 -2.55
C ASP E 540 56.81 -30.64 -1.18
N GLY E 541 56.03 -30.42 -0.12
CA GLY E 541 56.43 -30.76 1.25
C GLY E 541 57.36 -29.75 1.86
N VAL E 542 58.01 -29.00 0.97
CA VAL E 542 58.97 -28.00 1.34
C VAL E 542 58.39 -26.58 1.22
N THR E 543 57.61 -26.20 2.21
CA THR E 543 56.99 -24.89 2.23
C THR E 543 57.98 -23.78 2.51
N ARG E 544 57.87 -22.66 1.81
CA ARG E 544 58.76 -21.51 2.02
C ARG E 544 57.90 -20.29 2.05
N ARG E 545 58.36 -19.23 2.69
CA ARG E 545 57.58 -18.00 2.77
C ARG E 545 58.32 -16.83 2.14
N SER E 546 57.75 -16.21 1.14
CA SER E 546 58.40 -15.05 0.54
C SER E 546 57.47 -13.88 0.73
N ALA E 547 58.05 -12.73 1.07
CA ALA E 547 57.26 -11.52 1.32
C ALA E 547 56.59 -11.03 0.05
N ALA E 548 55.40 -10.47 0.22
CA ALA E 548 54.60 -9.96 -0.89
C ALA E 548 53.55 -9.07 -0.27
N LEU E 549 53.48 -7.81 -0.71
CA LEU E 549 52.46 -6.91 -0.20
C LEU E 549 52.00 -5.97 -1.31
N ARG E 550 50.77 -5.51 -1.20
CA ARG E 550 50.29 -4.65 -2.24
C ARG E 550 50.09 -3.23 -1.68
N ARG E 551 50.08 -2.27 -2.61
CA ARG E 551 49.92 -0.84 -2.34
C ARG E 551 49.32 -0.23 -3.63
N GLY E 552 48.05 0.14 -3.59
CA GLY E 552 47.44 0.71 -4.79
C GLY E 552 47.32 -0.28 -5.92
N ARG E 553 47.33 0.22 -7.16
CA ARG E 553 47.20 -0.69 -8.30
C ARG E 553 48.49 -1.47 -8.49
N GLN E 554 49.42 -1.33 -7.53
CA GLN E 554 50.70 -2.05 -7.61
C GLN E 554 50.89 -3.05 -6.46
N LEU E 555 51.42 -4.24 -6.80
CA LEU E 555 51.69 -5.31 -5.82
C LEU E 555 53.15 -5.69 -5.90
N PHE E 556 53.87 -5.48 -4.81
CA PHE E 556 55.28 -5.82 -4.84
C PHE E 556 55.53 -7.20 -4.26
N LEU E 557 56.24 -8.00 -5.02
CA LEU E 557 56.52 -9.33 -4.60
C LEU E 557 58.01 -9.52 -4.66
N GLU E 558 58.66 -9.86 -3.55
CA GLU E 558 60.11 -10.04 -3.61
C GLU E 558 60.41 -11.45 -4.14
N TRP E 559 60.95 -11.44 -5.35
CA TRP E 559 61.29 -12.62 -6.13
C TRP E 559 62.81 -12.74 -6.32
N GLU E 560 63.44 -13.63 -5.55
CA GLU E 560 64.88 -13.89 -5.58
C GLU E 560 65.64 -12.57 -5.55
N GLY E 561 65.86 -12.08 -4.34
CA GLY E 561 66.56 -10.82 -4.15
C GLY E 561 65.77 -9.62 -4.62
N GLU E 562 65.52 -9.53 -5.92
CA GLU E 562 64.80 -8.40 -6.51
C GLU E 562 63.40 -8.24 -5.88
N LEU E 563 62.79 -7.07 -6.10
CA LEU E 563 61.45 -6.76 -5.58
C LEU E 563 60.61 -6.17 -6.70
N LEU E 564 60.17 -7.04 -7.62
CA LEU E 564 59.37 -6.62 -8.76
C LEU E 564 57.99 -6.10 -8.43
N ALA E 565 57.55 -5.12 -9.21
CA ALA E 565 56.22 -4.52 -9.03
C ALA E 565 55.30 -4.99 -10.14
N ILE E 566 54.14 -5.49 -9.73
CA ILE E 566 53.13 -6.04 -10.65
C ILE E 566 51.82 -5.24 -10.56
N GLU E 567 51.28 -4.77 -11.70
CA GLU E 567 50.02 -3.98 -11.71
C GLU E 567 49.00 -4.34 -12.81
N ALA E 568 47.78 -3.80 -12.68
CA ALA E 568 46.71 -4.08 -13.62
C ALA E 568 46.76 -3.32 -14.97
N VAL E 569 46.59 -4.05 -16.07
CA VAL E 569 46.57 -3.54 -17.47
C VAL E 569 45.22 -2.81 -17.76
N ASP E 570 45.25 -1.71 -18.53
CA ASP E 570 44.00 -0.97 -18.86
C ASP E 570 43.82 -0.80 -20.38
N SER F 19 23.27 -25.07 21.20
CA SER F 19 22.40 -25.89 20.31
C SER F 19 23.04 -27.24 19.95
N HIS F 20 23.86 -27.77 20.86
CA HIS F 20 24.56 -29.05 20.64
C HIS F 20 23.61 -30.25 20.51
N MET F 21 22.29 -29.98 20.48
CA MET F 21 21.27 -31.03 20.34
C MET F 21 20.59 -31.03 18.95
N ALA F 22 20.69 -29.89 18.28
CA ALA F 22 20.15 -29.70 16.93
C ALA F 22 21.13 -30.30 15.93
N ILE F 23 22.12 -31.04 16.45
CA ILE F 23 23.15 -31.67 15.63
C ILE F 23 22.74 -33.00 15.02
N LEU F 24 23.24 -33.27 13.84
CA LEU F 24 22.92 -34.53 13.21
C LEU F 24 24.16 -35.40 13.30
N HIS F 25 24.09 -36.46 14.10
CA HIS F 25 25.19 -37.39 14.28
C HIS F 25 25.09 -38.41 13.16
N THR F 26 26.08 -38.45 12.29
CA THR F 26 26.05 -39.39 11.19
C THR F 26 26.10 -40.83 11.71
N GLN F 27 25.86 -41.76 10.81
CA GLN F 27 25.92 -43.20 11.09
C GLN F 27 26.60 -43.78 9.86
N ILE F 28 27.18 -42.89 9.07
CA ILE F 28 27.89 -43.24 7.84
C ILE F 28 29.30 -43.58 8.20
N ASN F 29 29.79 -44.72 7.73
CA ASN F 29 31.20 -44.97 7.96
C ASN F 29 31.89 -44.68 6.64
N PRO F 30 32.69 -43.58 6.59
CA PRO F 30 33.42 -43.16 5.39
C PRO F 30 34.44 -44.20 4.92
N ARG F 31 34.77 -45.12 5.85
CA ARG F 31 35.75 -46.19 5.65
C ARG F 31 35.14 -47.50 5.14
N SER F 32 33.87 -47.76 5.45
CA SER F 32 33.17 -48.99 5.04
C SER F 32 33.32 -49.36 3.59
N ALA F 33 33.07 -50.63 3.29
CA ALA F 33 33.17 -51.13 1.93
C ALA F 33 31.99 -50.57 1.14
N GLU F 34 30.80 -50.83 1.67
CA GLU F 34 29.57 -50.36 1.08
C GLU F 34 29.74 -48.92 0.62
N PHE F 35 30.26 -48.08 1.52
CA PHE F 35 30.47 -46.66 1.28
C PHE F 35 31.27 -46.33 0.03
N ALA F 36 32.49 -46.83 -0.01
CA ALA F 36 33.33 -46.59 -1.18
C ALA F 36 32.67 -47.18 -2.45
N ALA F 37 31.81 -48.19 -2.28
CA ALA F 37 31.12 -48.80 -3.40
C ALA F 37 30.29 -47.74 -4.10
N ASN F 38 29.37 -47.14 -3.35
CA ASN F 38 28.49 -46.09 -3.85
C ASN F 38 29.36 -44.98 -4.38
N ALA F 39 30.18 -44.47 -3.45
CA ALA F 39 31.13 -43.38 -3.68
C ALA F 39 31.78 -43.53 -5.03
N ALA F 40 32.08 -44.78 -5.34
CA ALA F 40 32.70 -45.16 -6.59
C ALA F 40 31.85 -44.79 -7.81
N THR F 41 30.72 -45.48 -7.99
CA THR F 41 29.82 -45.22 -9.13
C THR F 41 29.34 -43.77 -9.22
N MET F 42 29.23 -43.11 -8.06
CA MET F 42 28.80 -41.70 -7.96
C MET F 42 29.82 -40.78 -8.62
N LEU F 43 31.04 -40.92 -8.11
CA LEU F 43 32.21 -40.20 -8.57
C LEU F 43 32.51 -40.43 -10.07
N GLU F 44 32.17 -41.62 -10.57
CA GLU F 44 32.39 -41.98 -11.96
C GLU F 44 31.47 -41.10 -12.75
N GLN F 45 30.25 -40.99 -12.25
CA GLN F 45 29.20 -40.22 -12.89
C GLN F 45 29.56 -38.75 -12.98
N VAL F 46 30.25 -38.27 -11.95
CA VAL F 46 30.70 -36.88 -11.91
C VAL F 46 31.79 -36.60 -12.92
N ASN F 47 32.65 -37.59 -13.14
CA ASN F 47 33.73 -37.44 -14.12
C ASN F 47 33.13 -37.54 -15.51
N ALA F 48 31.99 -38.25 -15.63
CA ALA F 48 31.27 -38.45 -16.90
C ALA F 48 30.74 -37.10 -17.33
N LEU F 49 30.24 -36.37 -16.34
CA LEU F 49 29.71 -35.03 -16.54
C LEU F 49 30.87 -34.04 -16.72
N ARG F 50 31.92 -34.17 -15.88
CA ARG F 50 33.11 -33.29 -15.93
C ARG F 50 33.69 -33.17 -17.34
N THR F 51 33.83 -34.35 -17.94
CA THR F 51 34.36 -34.56 -19.30
C THR F 51 33.42 -34.09 -20.45
N LEU F 52 32.11 -34.31 -20.32
CA LEU F 52 31.21 -33.85 -21.37
C LEU F 52 31.21 -32.31 -21.30
N LEU F 53 31.15 -31.77 -20.08
CA LEU F 53 31.15 -30.33 -19.85
C LEU F 53 32.32 -29.69 -20.55
N GLY F 54 33.47 -30.33 -20.49
CA GLY F 54 34.61 -29.77 -21.20
C GLY F 54 34.38 -29.71 -22.71
N ARG F 55 33.87 -30.80 -23.29
CA ARG F 55 33.64 -30.87 -24.73
C ARG F 55 32.75 -29.73 -25.19
N ILE F 56 31.75 -29.41 -24.39
CA ILE F 56 30.81 -28.36 -24.74
C ILE F 56 31.45 -26.96 -24.63
N HIS F 57 32.56 -26.88 -23.93
CA HIS F 57 33.23 -25.61 -23.82
C HIS F 57 33.95 -25.38 -25.12
N GLU F 58 33.85 -26.37 -26.01
CA GLU F 58 34.49 -26.32 -27.34
C GLU F 58 33.81 -25.35 -28.25
N GLY F 59 32.51 -25.23 -28.09
CA GLY F 59 31.76 -24.34 -28.95
C GLY F 59 31.59 -25.01 -30.28
N GLY F 60 31.77 -24.25 -31.35
CA GLY F 60 31.63 -24.80 -32.69
C GLY F 60 32.84 -25.58 -33.13
N GLY F 61 33.62 -26.04 -32.16
CA GLY F 61 34.81 -26.83 -32.44
C GLY F 61 36.04 -26.04 -32.84
N SER F 62 37.21 -26.55 -32.42
CA SER F 62 38.52 -25.96 -32.71
C SER F 62 38.53 -25.28 -34.08
N ALA F 63 37.79 -25.91 -34.98
CA ALA F 63 37.64 -25.47 -36.36
C ALA F 63 37.31 -23.99 -36.51
N ALA F 64 36.02 -23.69 -36.67
CA ALA F 64 35.58 -22.32 -36.83
C ALA F 64 35.94 -21.49 -35.58
N GLN F 65 36.06 -22.16 -34.43
CA GLN F 65 36.44 -21.44 -33.22
C GLN F 65 37.70 -20.62 -33.46
N ALA F 66 38.70 -21.23 -34.08
CA ALA F 66 39.92 -20.52 -34.37
C ALA F 66 39.61 -19.46 -35.40
N ARG F 67 38.72 -19.80 -36.32
CA ARG F 67 38.28 -18.90 -37.39
C ARG F 67 37.64 -17.63 -36.82
N HIS F 68 37.21 -17.73 -35.57
CA HIS F 68 36.58 -16.62 -34.87
C HIS F 68 37.71 -15.69 -34.46
N SER F 69 38.55 -16.18 -33.56
CA SER F 69 39.66 -15.42 -33.06
C SER F 69 40.37 -14.72 -34.20
N ALA F 70 40.31 -15.32 -35.38
CA ALA F 70 40.97 -14.73 -36.55
C ALA F 70 40.37 -13.37 -36.90
N ARG F 71 39.05 -13.22 -36.77
CA ARG F 71 38.42 -11.95 -37.08
C ARG F 71 38.74 -10.91 -35.98
N GLY F 72 39.53 -11.31 -34.98
CA GLY F 72 39.88 -10.39 -33.92
C GLY F 72 38.83 -10.29 -32.83
N LYS F 73 38.02 -11.32 -32.72
CA LYS F 73 36.95 -11.35 -31.74
C LYS F 73 37.28 -12.26 -30.57
N LEU F 74 37.24 -11.71 -29.36
CA LEU F 74 37.43 -12.50 -28.15
C LEU F 74 36.39 -13.61 -28.20
N LEU F 75 36.70 -14.79 -27.70
CA LEU F 75 35.73 -15.88 -27.73
C LEU F 75 34.66 -15.65 -26.67
N VAL F 76 33.52 -16.32 -26.82
CA VAL F 76 32.39 -16.16 -25.90
C VAL F 76 32.68 -16.27 -24.40
N ARG F 77 33.11 -17.47 -23.97
CA ARG F 77 33.39 -17.74 -22.57
C ARG F 77 34.49 -16.87 -22.00
N GLU F 78 35.32 -16.30 -22.88
CA GLU F 78 36.41 -15.41 -22.44
C GLU F 78 35.84 -14.00 -22.24
N ARG F 79 34.96 -13.58 -23.14
CA ARG F 79 34.34 -12.27 -22.98
C ARG F 79 33.79 -12.28 -21.55
N ILE F 80 33.13 -13.37 -21.13
CA ILE F 80 32.56 -13.42 -19.80
C ILE F 80 33.57 -13.31 -18.68
N ASN F 81 34.62 -14.09 -18.75
CA ASN F 81 35.66 -14.05 -17.72
C ASN F 81 36.20 -12.64 -17.57
N ARG F 82 36.38 -11.95 -18.70
CA ARG F 82 36.90 -10.58 -18.71
C ARG F 82 35.93 -9.60 -18.08
N LEU F 83 34.64 -9.82 -18.34
CA LEU F 83 33.59 -8.95 -17.83
C LEU F 83 33.39 -9.07 -16.34
N LEU F 84 33.45 -10.29 -15.82
CA LEU F 84 33.24 -10.48 -14.40
C LEU F 84 34.25 -9.76 -13.53
N ASP F 85 34.00 -9.73 -12.22
CA ASP F 85 34.89 -9.08 -11.23
C ASP F 85 36.05 -10.02 -10.91
N PRO F 86 37.27 -9.48 -10.68
CA PRO F 86 38.43 -10.32 -10.36
C PRO F 86 38.10 -11.61 -9.57
N GLY F 87 38.17 -12.76 -10.23
CA GLY F 87 37.90 -14.03 -9.56
C GLY F 87 36.51 -14.31 -9.04
N SER F 88 35.55 -13.49 -9.46
CA SER F 88 34.18 -13.70 -9.04
C SER F 88 33.76 -15.06 -9.52
N PRO F 89 32.78 -15.65 -8.84
CA PRO F 89 32.31 -16.96 -9.24
C PRO F 89 31.36 -16.80 -10.41
N PHE F 90 30.92 -17.91 -10.95
CA PHE F 90 30.00 -17.84 -12.06
C PHE F 90 29.17 -19.13 -12.08
N LEU F 91 27.87 -18.91 -11.99
CA LEU F 91 26.92 -19.97 -11.99
C LEU F 91 26.41 -20.14 -13.40
N GLU F 92 26.86 -21.15 -14.13
CA GLU F 92 26.38 -21.35 -15.49
C GLU F 92 25.01 -22.10 -15.55
N LEU F 93 24.16 -21.70 -16.49
CA LEU F 93 22.85 -22.31 -16.62
C LEU F 93 22.78 -23.26 -17.83
N SER F 94 22.08 -24.38 -17.63
CA SER F 94 21.89 -25.38 -18.66
C SER F 94 23.06 -25.43 -19.61
N ALA F 95 24.13 -26.06 -19.18
CA ALA F 95 25.31 -26.15 -20.02
C ALA F 95 25.05 -27.27 -21.03
N LEU F 96 24.30 -28.28 -20.60
CA LEU F 96 23.96 -29.42 -21.44
C LEU F 96 22.85 -29.08 -22.44
N ALA F 97 22.55 -27.78 -22.54
CA ALA F 97 21.51 -27.31 -23.43
C ALA F 97 21.59 -27.92 -24.78
N ALA F 98 20.47 -28.43 -25.26
CA ALA F 98 20.41 -28.99 -26.61
C ALA F 98 21.39 -30.11 -26.89
N HIS F 99 21.71 -30.86 -25.86
CA HIS F 99 22.65 -31.93 -26.02
C HIS F 99 22.06 -33.14 -26.76
N GLU F 100 22.65 -33.53 -27.89
CA GLU F 100 22.14 -34.69 -28.62
C GLU F 100 20.65 -34.46 -28.89
N VAL F 101 20.31 -33.22 -29.17
CA VAL F 101 18.95 -32.88 -29.42
C VAL F 101 18.73 -32.65 -30.88
N TYR F 102 19.32 -31.62 -31.46
CA TYR F 102 19.12 -31.46 -32.88
C TYR F 102 20.05 -32.43 -33.57
N GLY F 103 19.89 -32.59 -34.88
CA GLY F 103 20.76 -33.50 -35.60
C GLY F 103 22.22 -33.23 -35.30
N GLU F 104 22.64 -32.03 -35.69
CA GLU F 104 24.00 -31.56 -35.49
C GLU F 104 24.40 -31.43 -34.01
N GLU F 105 25.55 -30.85 -33.76
CA GLU F 105 26.00 -30.63 -32.40
C GLU F 105 25.90 -29.13 -32.21
N VAL F 106 25.16 -28.67 -31.21
CA VAL F 106 25.05 -27.24 -30.96
C VAL F 106 25.39 -26.89 -29.53
N ALA F 107 26.68 -26.90 -29.23
CA ALA F 107 27.21 -26.65 -27.90
C ALA F 107 26.52 -25.62 -27.04
N ALA F 108 26.04 -26.08 -25.89
CA ALA F 108 25.37 -25.19 -24.95
C ALA F 108 24.32 -24.38 -25.68
N ALA F 109 23.74 -25.00 -26.69
CA ALA F 109 22.72 -24.41 -27.52
C ALA F 109 23.12 -23.06 -28.10
N GLY F 110 24.40 -22.89 -28.40
CA GLY F 110 24.83 -21.64 -29.00
C GLY F 110 24.71 -20.37 -28.20
N ILE F 111 24.67 -20.51 -26.89
CA ILE F 111 24.58 -19.36 -26.02
C ILE F 111 24.81 -19.81 -24.58
N VAL F 112 25.73 -19.10 -23.92
CA VAL F 112 26.11 -19.40 -22.56
C VAL F 112 25.60 -18.27 -21.70
N ALA F 113 24.99 -18.62 -20.59
CA ALA F 113 24.46 -17.62 -19.71
C ALA F 113 24.69 -18.08 -18.32
N GLY F 114 24.62 -17.16 -17.37
CA GLY F 114 24.83 -17.51 -15.99
C GLY F 114 24.94 -16.27 -15.13
N ILE F 115 25.05 -16.44 -13.81
CA ILE F 115 25.11 -15.32 -12.89
C ILE F 115 26.48 -15.09 -12.34
N GLY F 116 26.94 -13.85 -12.43
CA GLY F 116 28.26 -13.54 -11.91
C GLY F 116 28.38 -12.12 -11.43
N ARG F 117 29.30 -11.84 -10.50
CA ARG F 117 29.50 -10.49 -9.97
C ARG F 117 30.13 -9.58 -11.03
N VAL F 118 29.62 -8.35 -11.11
CA VAL F 118 30.10 -7.31 -12.01
C VAL F 118 29.85 -6.01 -11.23
N GLU F 119 30.93 -5.38 -10.82
CA GLU F 119 30.83 -4.15 -10.05
C GLU F 119 30.01 -4.29 -8.80
N GLY F 120 30.17 -5.44 -8.15
CA GLY F 120 29.46 -5.73 -6.91
C GLY F 120 27.95 -5.92 -7.03
N VAL F 121 27.51 -6.48 -8.13
CA VAL F 121 26.09 -6.70 -8.32
C VAL F 121 25.96 -8.08 -8.94
N GLU F 122 25.13 -8.98 -8.38
CA GLU F 122 24.96 -10.33 -8.96
C GLU F 122 24.20 -10.16 -10.27
N CYS F 123 24.87 -10.35 -11.42
CA CYS F 123 24.23 -10.16 -12.72
C CYS F 123 24.00 -11.37 -13.57
N MET F 124 22.98 -11.23 -14.41
CA MET F 124 22.58 -12.23 -15.36
C MET F 124 23.24 -11.78 -16.65
N ILE F 125 24.09 -12.66 -17.18
CA ILE F 125 24.88 -12.45 -18.39
C ILE F 125 24.54 -13.48 -19.44
N VAL F 126 24.21 -12.99 -20.62
CA VAL F 126 23.85 -13.85 -21.73
C VAL F 126 24.61 -13.45 -22.96
N GLY F 127 25.35 -14.40 -23.54
CA GLY F 127 26.13 -14.12 -24.73
C GLY F 127 26.01 -15.31 -25.67
N ASN F 128 26.14 -15.07 -26.97
CA ASN F 128 26.03 -16.17 -27.92
C ASN F 128 27.40 -16.56 -28.48
N ASP F 129 27.47 -17.81 -28.91
CA ASP F 129 28.69 -18.34 -29.43
C ASP F 129 28.63 -18.25 -30.89
N ALA F 130 29.15 -17.16 -31.43
CA ALA F 130 29.11 -16.98 -32.87
C ALA F 130 29.70 -18.21 -33.57
N THR F 131 30.39 -19.06 -32.81
CA THR F 131 31.01 -20.25 -33.39
C THR F 131 30.04 -21.39 -33.56
N VAL F 132 29.03 -21.50 -32.69
CA VAL F 132 28.07 -22.58 -32.83
C VAL F 132 27.10 -22.21 -33.95
N LYS F 133 27.11 -23.00 -35.02
CA LYS F 133 26.27 -22.80 -36.20
C LYS F 133 25.93 -21.33 -36.44
N GLY F 134 26.94 -20.46 -36.42
CA GLY F 134 26.72 -19.04 -36.65
C GLY F 134 26.01 -18.30 -35.53
N GLY F 135 26.02 -18.89 -34.35
CA GLY F 135 25.37 -18.20 -33.27
C GLY F 135 23.90 -17.97 -33.52
N THR F 136 23.35 -18.57 -34.56
CA THR F 136 21.93 -18.39 -34.80
C THR F 136 21.09 -19.11 -33.75
N TYR F 137 19.82 -18.75 -33.69
CA TYR F 137 18.92 -19.31 -32.72
C TYR F 137 18.16 -20.58 -33.09
N TYR F 138 18.56 -21.71 -32.52
CA TYR F 138 17.81 -22.96 -32.74
C TYR F 138 16.74 -22.80 -31.70
N PRO F 139 15.71 -23.63 -31.75
CA PRO F 139 14.65 -23.48 -30.74
C PRO F 139 15.17 -23.44 -29.29
N LEU F 140 15.99 -24.42 -28.90
CA LEU F 140 16.49 -24.46 -27.56
C LEU F 140 17.27 -23.22 -27.19
N THR F 141 17.83 -22.53 -28.19
CA THR F 141 18.60 -21.28 -27.94
C THR F 141 17.65 -20.25 -27.35
N VAL F 142 16.49 -20.12 -27.98
CA VAL F 142 15.47 -19.20 -27.53
C VAL F 142 14.96 -19.64 -26.15
N LYS F 143 14.70 -20.95 -25.99
CA LYS F 143 14.23 -21.52 -24.71
C LYS F 143 15.17 -21.15 -23.54
N LYS F 144 16.48 -21.26 -23.80
CA LYS F 144 17.50 -20.95 -22.80
C LYS F 144 17.63 -19.44 -22.64
N HIS F 145 17.66 -18.69 -23.72
CA HIS F 145 17.79 -17.26 -23.56
C HIS F 145 16.66 -16.75 -22.67
N LEU F 146 15.48 -17.27 -22.94
CA LEU F 146 14.30 -16.91 -22.21
C LEU F 146 14.37 -17.32 -20.77
N ARG F 147 14.78 -18.56 -20.55
CA ARG F 147 14.89 -19.08 -19.21
C ARG F 147 15.78 -18.21 -18.33
N ALA F 148 16.71 -17.46 -18.95
CA ALA F 148 17.61 -16.62 -18.18
C ALA F 148 16.85 -15.36 -17.74
N GLN F 149 16.14 -14.74 -18.67
CA GLN F 149 15.42 -13.53 -18.33
C GLN F 149 14.39 -13.80 -17.27
N ALA F 150 14.06 -15.08 -17.08
CA ALA F 150 13.09 -15.50 -16.08
C ALA F 150 13.82 -15.42 -14.76
N ILE F 151 15.01 -16.00 -14.72
CA ILE F 151 15.80 -15.98 -13.51
C ILE F 151 16.16 -14.52 -13.20
N ALA F 152 16.23 -13.70 -14.25
CA ALA F 152 16.57 -12.26 -14.14
C ALA F 152 15.45 -11.48 -13.46
N LEU F 153 14.25 -11.75 -13.93
CA LEU F 153 13.02 -11.14 -13.43
C LEU F 153 12.68 -11.66 -12.05
N GLU F 154 12.51 -12.97 -11.96
CA GLU F 154 12.15 -13.63 -10.71
C GLU F 154 13.05 -13.25 -9.54
N ASN F 155 14.32 -12.94 -9.83
CA ASN F 155 15.27 -12.62 -8.77
C ASN F 155 15.81 -11.20 -8.83
N ARG F 156 15.34 -10.41 -9.80
CA ARG F 156 15.76 -9.02 -9.97
C ARG F 156 17.26 -8.85 -10.14
N LEU F 157 17.86 -9.43 -11.17
CA LEU F 157 19.28 -9.24 -11.36
C LEU F 157 19.39 -8.45 -12.64
N PRO F 158 20.14 -7.34 -12.65
CA PRO F 158 20.24 -6.57 -13.90
C PRO F 158 20.70 -7.52 -15.03
N CYS F 159 20.48 -7.14 -16.28
CA CYS F 159 20.86 -8.02 -17.40
C CYS F 159 21.94 -7.50 -18.37
N ILE F 160 22.97 -8.31 -18.63
CA ILE F 160 24.01 -7.91 -19.59
C ILE F 160 23.90 -8.86 -20.80
N TYR F 161 23.54 -8.35 -21.98
CA TYR F 161 23.47 -9.23 -23.12
C TYR F 161 24.66 -8.94 -24.01
N LEU F 162 25.43 -9.99 -24.29
CA LEU F 162 26.62 -9.96 -25.14
C LEU F 162 26.24 -10.53 -26.51
N VAL F 163 25.51 -9.71 -27.29
CA VAL F 163 25.02 -10.15 -28.58
C VAL F 163 26.02 -10.22 -29.69
N ASP F 164 26.03 -11.39 -30.31
CA ASP F 164 26.92 -11.73 -31.39
C ASP F 164 26.27 -12.89 -32.12
N SER F 165 25.11 -12.69 -32.70
CA SER F 165 24.52 -13.80 -33.44
C SER F 165 24.07 -13.49 -34.80
N GLY F 166 23.85 -14.58 -35.54
CA GLY F 166 23.37 -14.45 -36.89
C GLY F 166 21.92 -14.07 -36.77
N GLY F 167 21.03 -14.99 -37.07
CA GLY F 167 19.63 -14.68 -36.94
C GLY F 167 18.94 -15.78 -36.18
N ALA F 168 17.84 -16.24 -36.73
CA ALA F 168 17.12 -17.33 -36.14
C ALA F 168 17.41 -18.46 -37.11
N ASN F 169 17.63 -19.66 -36.62
CA ASN F 169 17.92 -20.79 -37.49
C ASN F 169 16.77 -21.06 -38.43
N LEU F 170 16.79 -20.36 -39.56
CA LEU F 170 15.78 -20.46 -40.58
C LEU F 170 15.10 -21.80 -40.86
N PRO F 171 15.87 -22.89 -40.96
CA PRO F 171 15.21 -24.17 -41.23
C PRO F 171 14.19 -24.64 -40.20
N ARG F 172 14.43 -24.35 -38.92
CA ARG F 172 13.53 -24.74 -37.83
C ARG F 172 12.69 -23.58 -37.24
N GLN F 173 12.42 -22.55 -38.05
CA GLN F 173 11.65 -21.35 -37.60
C GLN F 173 10.29 -21.60 -37.01
N ASP F 174 9.55 -22.59 -37.49
CA ASP F 174 8.23 -22.84 -36.95
C ASP F 174 8.25 -23.10 -35.45
N GLU F 175 9.44 -23.15 -34.87
CA GLU F 175 9.59 -23.39 -33.44
C GLU F 175 10.53 -22.33 -32.85
N VAL F 176 10.61 -21.20 -33.53
CA VAL F 176 11.49 -20.14 -33.08
C VAL F 176 10.87 -18.78 -33.19
N PHE F 177 9.89 -18.64 -34.08
CA PHE F 177 9.29 -17.34 -34.32
C PHE F 177 7.87 -16.99 -33.88
N PRO F 178 6.87 -17.82 -34.18
CA PRO F 178 5.50 -17.54 -33.80
C PRO F 178 5.14 -17.44 -32.31
N ASP F 179 4.67 -18.55 -31.73
CA ASP F 179 4.19 -18.64 -30.33
C ASP F 179 4.69 -17.74 -29.21
N ARG F 180 3.86 -17.65 -28.17
CA ARG F 180 4.10 -16.84 -26.96
C ARG F 180 5.52 -16.91 -26.44
N GLU F 181 5.98 -18.11 -26.11
CA GLU F 181 7.33 -18.34 -25.59
C GLU F 181 8.46 -18.58 -26.63
N HIS F 182 8.31 -18.00 -27.82
CA HIS F 182 9.32 -18.12 -28.86
C HIS F 182 10.11 -16.82 -28.91
N PHE F 183 10.96 -16.64 -29.91
CA PHE F 183 11.74 -15.42 -30.04
C PHE F 183 10.73 -14.31 -29.87
N GLY F 184 11.19 -13.09 -29.77
CA GLY F 184 10.21 -12.04 -29.67
C GLY F 184 9.59 -11.95 -28.30
N ARG F 185 9.68 -13.01 -27.52
CA ARG F 185 9.15 -12.92 -26.17
C ARG F 185 10.37 -12.39 -25.46
N ILE F 186 11.48 -12.39 -26.19
CA ILE F 186 12.74 -11.91 -25.66
C ILE F 186 12.62 -10.43 -25.41
N PHE F 187 12.05 -9.74 -26.38
CA PHE F 187 11.86 -8.30 -26.33
C PHE F 187 10.80 -7.98 -25.29
N PHE F 188 9.76 -8.78 -25.27
CA PHE F 188 8.69 -8.57 -24.31
C PHE F 188 9.32 -8.45 -22.98
N ASN F 189 9.94 -9.54 -22.54
CA ASN F 189 10.59 -9.60 -21.25
C ASN F 189 11.52 -8.46 -20.97
N GLN F 190 12.21 -7.99 -22.01
CA GLN F 190 13.16 -6.89 -21.84
C GLN F 190 12.48 -5.56 -21.54
N ALA F 191 11.41 -5.27 -22.26
CA ALA F 191 10.67 -4.02 -22.07
C ALA F 191 10.03 -4.00 -20.73
N ASN F 192 9.59 -5.17 -20.29
CA ASN F 192 8.96 -5.32 -18.97
C ASN F 192 9.96 -5.18 -17.84
N MET F 193 11.12 -5.84 -17.92
CA MET F 193 12.10 -5.69 -16.87
C MET F 193 12.58 -4.25 -16.80
N SER F 194 12.74 -3.62 -17.96
CA SER F 194 13.18 -2.22 -18.03
C SER F 194 12.20 -1.33 -17.33
N ALA F 195 10.94 -1.74 -17.37
CA ALA F 195 9.82 -1.03 -16.74
C ALA F 195 9.82 -1.25 -15.21
N ARG F 196 10.17 -2.48 -14.82
CA ARG F 196 10.21 -2.81 -13.42
C ARG F 196 11.56 -2.39 -12.87
N GLY F 197 12.28 -1.53 -13.58
CA GLY F 197 13.56 -1.07 -13.09
C GLY F 197 14.71 -2.06 -12.89
N ILE F 198 14.82 -3.07 -13.76
CA ILE F 198 15.92 -4.04 -13.68
C ILE F 198 16.64 -3.62 -14.96
N PRO F 199 17.60 -2.71 -14.86
CA PRO F 199 18.27 -2.29 -16.09
C PRO F 199 18.57 -3.38 -17.10
N GLN F 200 18.57 -2.97 -18.38
CA GLN F 200 18.83 -3.82 -19.55
C GLN F 200 20.02 -3.25 -20.31
N ILE F 201 21.13 -3.96 -20.25
CA ILE F 201 22.35 -3.54 -20.90
C ILE F 201 22.82 -4.44 -22.06
N ALA F 202 23.28 -3.83 -23.15
CA ALA F 202 23.69 -4.60 -24.31
C ALA F 202 25.04 -4.31 -24.90
N VAL F 203 25.72 -5.38 -25.28
CA VAL F 203 27.04 -5.24 -25.89
C VAL F 203 27.05 -5.95 -27.25
N VAL F 204 27.14 -5.17 -28.32
CA VAL F 204 27.14 -5.72 -29.67
C VAL F 204 28.55 -5.95 -30.11
N MET F 205 28.94 -7.20 -30.23
CA MET F 205 30.29 -7.52 -30.61
C MET F 205 30.34 -8.45 -31.84
N GLY F 206 29.35 -8.34 -32.71
CA GLY F 206 29.31 -9.18 -33.89
C GLY F 206 28.21 -8.81 -34.86
N SER F 207 27.69 -9.81 -35.55
CA SER F 207 26.60 -9.56 -36.50
C SER F 207 25.38 -9.46 -35.63
N CYS F 208 24.41 -8.70 -36.11
CA CYS F 208 23.19 -8.50 -35.35
C CYS F 208 22.10 -8.28 -36.38
N THR F 209 21.77 -9.31 -37.14
CA THR F 209 20.74 -9.18 -38.17
C THR F 209 19.31 -9.45 -37.70
N ALA F 210 18.38 -8.65 -38.23
CA ALA F 210 16.95 -8.74 -37.95
C ALA F 210 16.48 -9.05 -36.54
N GLY F 211 16.18 -10.32 -36.27
CA GLY F 211 15.72 -10.69 -34.94
C GLY F 211 16.50 -10.04 -33.80
N GLY F 212 17.68 -10.58 -33.53
CA GLY F 212 18.54 -10.09 -32.46
C GLY F 212 18.87 -8.63 -32.65
N ALA F 213 18.28 -8.04 -33.68
CA ALA F 213 18.51 -6.65 -33.95
C ALA F 213 17.86 -5.84 -32.85
N TYR F 214 16.79 -6.37 -32.28
CA TYR F 214 16.13 -5.62 -31.26
C TYR F 214 16.75 -5.70 -29.87
N VAL F 215 17.51 -6.75 -29.58
CA VAL F 215 18.09 -6.84 -28.25
C VAL F 215 18.90 -5.59 -28.00
N PRO F 216 19.68 -5.12 -28.99
CA PRO F 216 20.46 -3.90 -28.74
C PRO F 216 19.63 -2.64 -28.79
N ALA F 217 18.60 -2.58 -29.65
CA ALA F 217 17.77 -1.38 -29.74
C ALA F 217 16.81 -1.18 -28.53
N MET F 218 16.40 -2.28 -27.92
CA MET F 218 15.53 -2.23 -26.75
C MET F 218 16.34 -2.54 -25.49
N SER F 219 17.16 -1.58 -25.05
CA SER F 219 17.99 -1.80 -23.84
C SER F 219 18.48 -0.47 -23.32
N ASP F 220 18.13 -0.17 -22.07
CA ASP F 220 18.51 1.10 -21.46
C ASP F 220 19.79 1.72 -22.05
N GLU F 221 20.85 0.89 -22.09
CA GLU F 221 22.18 1.25 -22.59
C GLU F 221 22.70 0.20 -23.58
N THR F 222 23.35 0.66 -24.65
CA THR F 222 23.92 -0.17 -25.72
C THR F 222 25.39 0.17 -26.06
N VAL F 223 26.19 -0.85 -26.35
CA VAL F 223 27.58 -0.63 -26.72
C VAL F 223 28.02 -1.43 -27.96
N MET F 224 28.75 -0.75 -28.85
CA MET F 224 29.21 -1.38 -30.08
C MET F 224 30.70 -1.32 -30.35
N VAL F 225 31.25 -2.42 -30.85
CA VAL F 225 32.68 -2.57 -31.19
C VAL F 225 32.88 -2.13 -32.65
N ARG F 226 33.63 -1.04 -32.87
CA ARG F 226 33.82 -0.51 -34.23
C ARG F 226 34.44 -1.46 -35.21
N GLU F 227 33.92 -1.43 -36.43
CA GLU F 227 34.46 -2.27 -37.47
C GLU F 227 34.36 -3.72 -37.06
N GLN F 228 33.18 -4.08 -36.58
CA GLN F 228 32.93 -5.45 -36.15
C GLN F 228 31.47 -5.63 -35.82
N ALA F 229 30.93 -4.74 -35.00
CA ALA F 229 29.53 -4.83 -34.65
C ALA F 229 28.65 -4.23 -35.74
N THR F 230 27.47 -4.81 -35.91
CA THR F 230 26.55 -4.37 -36.92
C THR F 230 25.14 -4.68 -36.47
N ILE F 231 24.31 -3.64 -36.34
CA ILE F 231 22.90 -3.84 -35.99
C ILE F 231 22.06 -3.34 -37.18
N PHE F 232 21.50 -4.25 -37.98
CA PHE F 232 20.62 -3.85 -39.09
C PHE F 232 19.42 -4.80 -39.15
N LEU F 233 18.22 -4.27 -39.42
CA LEU F 233 17.02 -5.09 -39.48
C LEU F 233 17.09 -6.05 -40.63
N ALA F 234 17.83 -5.66 -41.64
CA ALA F 234 18.00 -6.48 -42.81
C ALA F 234 19.43 -6.29 -43.30
N GLY F 235 20.25 -7.34 -43.16
CA GLY F 235 21.63 -7.26 -43.60
C GLY F 235 21.71 -7.21 -45.11
N PRO F 236 22.91 -7.09 -45.67
CA PRO F 236 23.08 -7.03 -47.13
C PRO F 236 22.44 -8.19 -47.90
N PRO F 237 22.42 -9.42 -47.32
CA PRO F 237 21.81 -10.51 -48.08
C PRO F 237 20.40 -10.04 -48.43
N LEU F 238 19.58 -9.95 -47.39
CA LEU F 238 18.20 -9.51 -47.51
C LEU F 238 18.02 -8.19 -48.25
N VAL F 239 18.80 -7.16 -47.91
CA VAL F 239 18.65 -5.85 -48.55
C VAL F 239 18.93 -5.81 -50.03
N LYS F 240 19.71 -6.78 -50.55
CA LYS F 240 19.96 -6.82 -52.00
C LYS F 240 18.73 -7.50 -52.59
N ALA F 241 18.16 -8.44 -51.81
CA ALA F 241 16.96 -9.19 -52.18
C ALA F 241 15.76 -8.27 -52.10
N ALA F 242 16.05 -7.02 -51.73
CA ALA F 242 15.07 -5.93 -51.60
C ALA F 242 15.12 -5.19 -52.92
N THR F 243 14.91 -3.87 -52.89
CA THR F 243 14.99 -3.09 -54.13
C THR F 243 16.47 -3.15 -54.52
N GLY F 244 16.90 -4.28 -55.09
CA GLY F 244 18.28 -4.48 -55.52
C GLY F 244 19.24 -3.90 -54.50
N GLU F 245 19.93 -2.82 -54.86
CA GLU F 245 20.83 -2.16 -53.93
C GLU F 245 21.92 -3.10 -53.43
N VAL F 246 23.16 -2.63 -53.49
CA VAL F 246 24.27 -3.44 -53.03
C VAL F 246 25.22 -2.56 -52.21
N VAL F 247 25.32 -2.86 -50.91
CA VAL F 247 26.21 -2.13 -50.01
C VAL F 247 26.75 -3.03 -48.89
N SER F 248 27.89 -2.63 -48.34
CA SER F 248 28.60 -3.38 -47.32
C SER F 248 27.96 -3.44 -45.96
N ALA F 249 28.47 -4.33 -45.11
CA ALA F 249 27.97 -4.50 -43.77
C ALA F 249 28.18 -3.23 -42.93
N GLU F 250 29.43 -2.78 -42.80
CA GLU F 250 29.73 -1.60 -42.00
C GLU F 250 29.08 -0.32 -42.51
N GLU F 251 28.68 -0.31 -43.76
CA GLU F 251 28.05 0.85 -44.34
C GLU F 251 26.59 0.88 -43.92
N LEU F 252 25.94 -0.27 -44.10
CA LEU F 252 24.54 -0.48 -43.78
C LEU F 252 24.22 -0.15 -42.34
N GLY F 253 24.83 -0.90 -41.44
CA GLY F 253 24.60 -0.70 -40.02
C GLY F 253 25.79 -1.04 -39.15
N GLY F 254 26.90 -0.36 -39.37
CA GLY F 254 28.08 -0.63 -38.59
C GLY F 254 28.11 0.03 -37.24
N ALA F 255 29.30 0.11 -36.65
CA ALA F 255 29.45 0.75 -35.36
C ALA F 255 29.42 2.27 -35.47
N ASP F 256 29.94 2.82 -36.56
CA ASP F 256 29.97 4.27 -36.74
C ASP F 256 28.69 4.86 -37.23
N VAL F 257 27.90 4.04 -37.88
CA VAL F 257 26.62 4.48 -38.38
C VAL F 257 25.68 4.71 -37.21
N HIS F 258 25.66 3.77 -36.26
CA HIS F 258 24.78 3.84 -35.10
C HIS F 258 25.25 4.57 -33.84
N CYS F 259 26.47 5.08 -33.83
CA CYS F 259 26.97 5.78 -32.64
C CYS F 259 27.10 7.26 -32.90
N LYS F 260 27.32 7.58 -34.16
CA LYS F 260 27.50 8.97 -34.62
C LYS F 260 26.26 9.53 -35.28
N VAL F 261 25.50 8.67 -35.97
CA VAL F 261 24.30 9.11 -36.69
C VAL F 261 22.90 8.79 -36.21
N SER F 262 22.53 7.50 -36.23
CA SER F 262 21.19 7.08 -35.81
C SER F 262 20.91 7.21 -34.33
N GLY F 263 21.73 6.57 -33.52
CA GLY F 263 21.49 6.67 -32.11
C GLY F 263 20.91 5.38 -31.58
N VAL F 264 21.20 4.29 -32.30
CA VAL F 264 20.73 2.98 -31.87
C VAL F 264 21.75 2.40 -30.88
N ALA F 265 22.92 3.02 -30.80
CA ALA F 265 23.99 2.60 -29.90
C ALA F 265 24.23 3.78 -28.95
N ASP F 266 24.91 3.56 -27.83
CA ASP F 266 25.16 4.67 -26.90
C ASP F 266 26.65 4.82 -26.64
N HIS F 267 27.34 3.69 -26.75
CA HIS F 267 28.76 3.67 -26.53
C HIS F 267 29.60 3.04 -27.65
N TYR F 268 30.56 3.85 -28.07
CA TYR F 268 31.52 3.56 -29.13
C TYR F 268 32.77 2.82 -28.62
N ALA F 269 32.78 1.49 -28.68
CA ALA F 269 33.93 0.77 -28.18
C ALA F 269 34.99 0.41 -29.23
N GLU F 270 36.24 0.32 -28.79
CA GLU F 270 37.38 0.02 -29.66
C GLU F 270 37.60 -1.44 -30.02
N ASP F 271 37.16 -2.33 -29.16
CA ASP F 271 37.32 -3.75 -29.38
C ASP F 271 36.64 -4.53 -28.27
N ASP F 272 36.58 -5.84 -28.42
CA ASP F 272 35.96 -6.70 -27.42
C ASP F 272 36.35 -6.34 -26.01
N ASP F 273 37.66 -6.21 -25.75
CA ASP F 273 38.09 -5.89 -24.39
C ASP F 273 37.63 -4.52 -23.94
N HIS F 274 37.70 -3.53 -24.81
CA HIS F 274 37.24 -2.21 -24.42
C HIS F 274 35.75 -2.26 -24.12
N ALA F 275 34.99 -2.82 -25.07
CA ALA F 275 33.54 -2.94 -24.96
C ALA F 275 33.12 -3.44 -23.60
N LEU F 276 33.74 -4.53 -23.15
CA LEU F 276 33.43 -5.12 -21.86
C LEU F 276 33.69 -4.15 -20.72
N ALA F 277 34.68 -3.29 -20.91
CA ALA F 277 35.12 -2.28 -19.92
C ALA F 277 34.14 -1.17 -19.74
N ILE F 278 33.55 -0.81 -20.87
CA ILE F 278 32.54 0.23 -20.92
C ILE F 278 31.35 -0.37 -20.20
N ALA F 279 31.02 -1.61 -20.56
CA ALA F 279 29.94 -2.35 -19.93
C ALA F 279 30.03 -2.24 -18.41
N ARG F 280 31.07 -2.85 -17.85
CA ARG F 280 31.24 -2.79 -16.42
C ARG F 280 30.91 -1.39 -15.90
N ARG F 281 31.50 -0.36 -16.49
CA ARG F 281 31.25 1.02 -16.05
C ARG F 281 29.76 1.42 -15.96
N CYS F 282 28.92 0.83 -16.81
CA CYS F 282 27.49 1.12 -16.78
C CYS F 282 26.93 0.50 -15.53
N VAL F 283 27.28 -0.78 -15.30
CA VAL F 283 26.83 -1.54 -14.12
C VAL F 283 27.29 -0.86 -12.82
N ALA F 284 28.16 0.13 -12.99
CA ALA F 284 28.75 0.91 -11.89
C ALA F 284 27.90 2.05 -11.39
N ASN F 285 27.20 2.68 -12.30
CA ASN F 285 26.39 3.81 -11.94
C ASN F 285 24.95 3.35 -11.93
N LEU F 286 24.72 2.19 -11.34
CA LEU F 286 23.36 1.70 -11.27
C LEU F 286 22.62 2.05 -9.99
N ASN F 287 23.30 2.72 -9.06
CA ASN F 287 22.66 3.07 -7.82
C ASN F 287 21.85 1.87 -7.36
N TRP F 288 22.44 0.68 -7.47
CA TRP F 288 21.74 -0.55 -7.13
C TRP F 288 21.80 -0.94 -5.67
N ARG F 289 20.67 -1.41 -5.17
CA ARG F 289 20.54 -1.80 -3.78
C ARG F 289 19.79 -3.12 -3.79
N LYS F 290 20.13 -4.06 -2.91
CA LYS F 290 19.42 -5.33 -2.90
C LYS F 290 18.12 -5.19 -2.15
N GLN F 291 17.09 -5.96 -2.55
CA GLN F 291 15.75 -5.89 -1.98
C GLN F 291 15.41 -6.94 -0.95
N GLY F 292 16.06 -8.09 -1.04
CA GLY F 292 15.79 -9.14 -0.09
C GLY F 292 15.90 -8.66 1.34
N GLN F 293 15.76 -9.59 2.28
CA GLN F 293 15.84 -9.21 3.67
C GLN F 293 15.54 -10.41 4.55
N LEU F 294 16.56 -11.10 5.04
CA LEU F 294 16.36 -12.22 5.92
C LEU F 294 17.16 -11.95 7.15
N GLN F 295 17.01 -12.78 8.16
CA GLN F 295 17.81 -12.64 9.35
C GLN F 295 18.88 -13.74 9.26
N CYS F 296 19.90 -13.43 8.45
CA CYS F 296 21.02 -14.32 8.20
C CYS F 296 21.95 -14.18 9.35
N ARG F 297 22.64 -15.25 9.68
CA ARG F 297 23.54 -15.22 10.79
C ARG F 297 24.91 -15.49 10.26
N ALA F 298 25.90 -15.49 11.14
CA ALA F 298 27.24 -15.77 10.73
C ALA F 298 27.23 -17.18 10.13
N PRO F 299 27.91 -17.38 8.99
CA PRO F 299 28.04 -18.63 8.23
C PRO F 299 29.00 -19.63 8.86
N ARG F 300 28.49 -20.80 9.26
CA ARG F 300 29.31 -21.85 9.88
C ARG F 300 29.34 -23.04 8.92
N ALA F 301 30.51 -23.62 8.63
CA ALA F 301 30.59 -24.76 7.70
C ALA F 301 29.91 -26.00 8.26
N PRO F 302 29.60 -27.02 7.42
CA PRO F 302 28.94 -28.23 7.94
C PRO F 302 29.83 -29.02 8.95
N LEU F 303 29.37 -30.17 9.44
CA LEU F 303 30.17 -30.95 10.38
C LEU F 303 30.84 -32.12 9.68
N TYR F 304 30.59 -32.30 8.39
CA TYR F 304 31.19 -33.40 7.69
C TYR F 304 31.51 -33.07 6.26
N PRO F 305 32.69 -33.50 5.79
CA PRO F 305 33.13 -33.25 4.41
C PRO F 305 31.96 -33.36 3.42
N ALA F 306 31.79 -32.33 2.60
CA ALA F 306 30.70 -32.33 1.65
C ALA F 306 30.86 -33.42 0.61
N GLU F 307 32.06 -33.94 0.44
CA GLU F 307 32.22 -34.98 -0.56
C GLU F 307 31.81 -36.34 -0.05
N GLU F 308 31.69 -36.45 1.27
CA GLU F 308 31.28 -37.71 1.85
C GLU F 308 30.01 -38.14 1.16
N LEU F 309 29.33 -37.16 0.58
CA LEU F 309 28.08 -37.47 -0.08
C LEU F 309 28.20 -38.55 -1.11
N TYR F 310 29.26 -38.52 -1.92
CA TYR F 310 29.41 -39.53 -2.97
C TYR F 310 29.07 -40.91 -2.46
N GLY F 311 29.42 -41.16 -1.19
CA GLY F 311 29.20 -42.46 -0.56
C GLY F 311 27.95 -42.59 0.29
N VAL F 312 27.18 -41.52 0.41
CA VAL F 312 25.92 -41.52 1.16
C VAL F 312 24.82 -42.07 0.25
N ILE F 313 24.91 -41.72 -1.04
CA ILE F 313 23.97 -42.11 -2.07
C ILE F 313 24.20 -43.53 -2.61
N PRO F 314 23.29 -44.48 -2.29
CA PRO F 314 23.40 -45.86 -2.77
C PRO F 314 23.67 -45.86 -4.26
N ALA F 315 24.24 -46.93 -4.76
CA ALA F 315 24.45 -46.96 -6.19
C ALA F 315 23.24 -47.74 -6.71
N ASP F 316 22.65 -48.51 -5.80
CA ASP F 316 21.49 -49.33 -6.10
C ASP F 316 20.30 -48.41 -6.18
N SER F 317 19.92 -48.06 -7.40
CA SER F 317 18.79 -47.16 -7.66
C SER F 317 17.69 -47.14 -6.60
N LYS F 318 17.07 -48.30 -6.37
CA LYS F 318 16.00 -48.31 -5.40
C LYS F 318 16.26 -49.00 -4.08
N GLN F 319 17.40 -48.66 -3.48
CA GLN F 319 17.81 -49.17 -2.15
C GLN F 319 17.65 -47.94 -1.23
N PRO F 320 16.71 -47.98 -0.26
CA PRO F 320 16.42 -46.90 0.68
C PRO F 320 17.56 -46.44 1.52
N TYR F 321 17.69 -45.11 1.71
CA TYR F 321 18.72 -44.49 2.55
C TYR F 321 18.10 -43.34 3.29
N ASP F 322 18.77 -42.84 4.33
CA ASP F 322 18.21 -41.74 5.10
C ASP F 322 18.72 -40.38 4.64
N VAL F 323 17.81 -39.56 4.17
CA VAL F 323 18.16 -38.23 3.67
C VAL F 323 18.82 -37.34 4.70
N ARG F 324 18.42 -37.44 5.97
CA ARG F 324 19.01 -36.59 7.00
C ARG F 324 20.52 -36.60 6.89
N GLU F 325 21.06 -37.62 6.23
CA GLU F 325 22.50 -37.74 6.06
C GLU F 325 22.97 -36.76 5.00
N VAL F 326 22.08 -36.54 4.03
CA VAL F 326 22.32 -35.62 2.95
C VAL F 326 22.24 -34.19 3.54
N ILE F 327 21.20 -33.94 4.32
CA ILE F 327 21.00 -32.62 4.93
C ILE F 327 22.18 -32.24 5.79
N ALA F 328 22.65 -33.22 6.56
CA ALA F 328 23.77 -33.05 7.47
C ALA F 328 25.02 -32.51 6.78
N ARG F 329 25.16 -32.77 5.49
CA ARG F 329 26.33 -32.29 4.78
C ARG F 329 26.18 -30.97 4.01
N LEU F 330 25.04 -30.29 4.18
CA LEU F 330 24.82 -29.02 3.50
C LEU F 330 24.52 -27.89 4.46
N VAL F 331 23.71 -28.17 5.47
CA VAL F 331 23.36 -27.15 6.44
C VAL F 331 24.58 -26.63 7.20
N ASP F 332 24.45 -25.51 7.90
CA ASP F 332 25.58 -24.95 8.65
C ASP F 332 25.66 -25.73 9.95
N GLY F 333 26.89 -26.09 10.34
CA GLY F 333 27.14 -26.84 11.57
C GLY F 333 26.25 -28.05 11.78
N SER F 334 25.83 -28.66 10.67
CA SER F 334 24.93 -29.81 10.66
C SER F 334 23.88 -29.79 11.75
N GLU F 335 23.33 -28.59 11.94
CA GLU F 335 22.28 -28.33 12.90
C GLU F 335 20.99 -28.34 12.11
N PHE F 336 20.03 -29.19 12.53
CA PHE F 336 18.73 -29.33 11.85
C PHE F 336 17.60 -29.53 12.86
N ASP F 337 16.68 -28.59 12.89
CA ASP F 337 15.54 -28.65 13.80
C ASP F 337 14.30 -29.28 13.11
N GLU F 338 14.06 -30.53 13.43
CA GLU F 338 13.00 -31.23 12.75
C GLU F 338 11.54 -31.20 13.22
N PHE F 339 10.71 -30.72 12.29
CA PHE F 339 9.26 -30.62 12.45
C PHE F 339 8.55 -31.96 12.30
N LYS F 340 7.46 -32.12 13.06
CA LYS F 340 6.68 -33.34 13.10
C LYS F 340 7.66 -34.41 12.82
N ALA F 341 8.66 -34.43 13.70
CA ALA F 341 9.76 -35.37 13.65
C ALA F 341 9.34 -36.80 13.25
N LEU F 342 8.50 -37.42 14.07
CA LEU F 342 8.05 -38.79 13.87
C LEU F 342 6.60 -38.89 13.43
N PHE F 343 6.26 -38.33 12.27
CA PHE F 343 4.88 -38.37 11.74
C PHE F 343 5.00 -38.32 10.23
N GLY F 344 4.37 -39.27 9.52
CA GLY F 344 4.50 -39.29 8.06
C GLY F 344 5.98 -39.18 7.69
N THR F 345 6.75 -40.01 8.38
CA THR F 345 8.19 -40.09 8.25
C THR F 345 8.71 -40.12 6.80
N THR F 346 7.86 -40.47 5.85
CA THR F 346 8.30 -40.53 4.46
C THR F 346 8.76 -39.16 3.94
N LEU F 347 8.40 -38.14 4.71
CA LEU F 347 8.73 -36.78 4.37
C LEU F 347 9.38 -36.16 5.58
N VAL F 348 10.61 -35.66 5.34
CA VAL F 348 11.46 -35.00 6.34
C VAL F 348 11.34 -33.48 6.26
N CYS F 349 11.02 -32.85 7.38
CA CYS F 349 10.91 -31.41 7.34
C CYS F 349 11.67 -30.78 8.48
N GLY F 350 12.24 -29.59 8.26
CA GLY F 350 12.99 -28.92 9.32
C GLY F 350 13.60 -27.57 8.98
N PHE F 351 14.10 -26.90 10.01
CA PHE F 351 14.71 -25.60 9.83
C PHE F 351 16.19 -25.69 10.10
N ALA F 352 16.95 -24.76 9.54
CA ALA F 352 18.40 -24.67 9.71
C ALA F 352 18.90 -23.57 8.81
N HIS F 353 20.21 -23.40 8.75
CA HIS F 353 20.72 -22.39 7.84
C HIS F 353 21.74 -22.92 6.86
N LEU F 354 22.01 -22.11 5.84
CA LEU F 354 22.95 -22.47 4.80
C LEU F 354 23.73 -21.21 4.52
N HIS F 355 25.00 -21.20 4.91
CA HIS F 355 25.85 -20.05 4.68
C HIS F 355 25.24 -18.82 5.34
N GLY F 356 24.66 -18.99 6.50
CA GLY F 356 24.09 -17.82 7.12
C GLY F 356 22.61 -17.68 6.85
N TYR F 357 22.18 -17.74 5.60
CA TYR F 357 20.75 -17.58 5.32
C TYR F 357 19.87 -18.69 5.86
N PRO F 358 18.81 -18.32 6.64
CA PRO F 358 17.89 -19.30 7.22
C PRO F 358 17.05 -19.99 6.13
N ILE F 359 16.86 -21.30 6.20
CA ILE F 359 16.08 -22.01 5.16
C ILE F 359 15.18 -23.12 5.69
N ALA F 360 14.08 -23.41 5.01
CA ALA F 360 13.21 -24.46 5.51
C ALA F 360 13.36 -25.61 4.55
N ILE F 361 13.67 -26.80 5.05
CA ILE F 361 13.88 -27.99 4.20
C ILE F 361 12.74 -29.01 4.15
N LEU F 362 12.54 -29.57 2.96
CA LEU F 362 11.53 -30.58 2.74
C LEU F 362 12.19 -31.62 1.84
N ALA F 363 12.64 -32.71 2.45
CA ALA F 363 13.31 -33.81 1.73
C ALA F 363 12.55 -35.14 1.82
N ASN F 364 12.41 -35.83 0.69
CA ASN F 364 11.70 -37.10 0.68
C ASN F 364 12.47 -38.22 1.30
N ASN F 365 11.75 -39.02 2.09
CA ASN F 365 12.37 -40.16 2.70
C ASN F 365 11.50 -41.38 2.49
N GLY F 366 11.26 -41.67 1.21
CA GLY F 366 10.47 -42.83 0.88
C GLY F 366 9.27 -42.50 0.03
N ILE F 367 8.16 -43.15 0.38
CA ILE F 367 6.89 -43.00 -0.32
C ILE F 367 6.34 -41.61 0.02
N LEU F 368 5.02 -41.53 0.19
CA LEU F 368 4.34 -40.28 0.54
C LEU F 368 2.89 -40.58 0.85
N PHE F 369 2.61 -41.04 2.06
CA PHE F 369 1.25 -41.35 2.45
C PHE F 369 0.60 -40.05 2.87
N ALA F 370 -0.71 -40.05 3.06
CA ALA F 370 -1.41 -38.82 3.44
C ALA F 370 -0.64 -38.00 4.45
N GLU F 371 -0.30 -38.64 5.57
CA GLU F 371 0.44 -37.98 6.64
C GLU F 371 1.47 -36.99 6.16
N ALA F 372 2.35 -37.50 5.29
CA ALA F 372 3.46 -36.74 4.79
C ALA F 372 3.01 -35.43 4.24
N ALA F 373 2.04 -35.53 3.33
CA ALA F 373 1.48 -34.35 2.66
C ALA F 373 1.06 -33.29 3.66
N GLN F 374 0.21 -33.69 4.61
CA GLN F 374 -0.27 -32.82 5.67
C GLN F 374 0.92 -32.22 6.43
N LYS F 375 1.89 -33.08 6.78
CA LYS F 375 3.09 -32.64 7.50
C LYS F 375 3.68 -31.51 6.69
N GLY F 376 3.89 -31.79 5.40
CA GLY F 376 4.46 -30.80 4.49
C GLY F 376 3.68 -29.51 4.28
N ALA F 377 2.38 -29.63 4.09
CA ALA F 377 1.57 -28.45 3.89
C ALA F 377 1.73 -27.58 5.09
N HIS F 378 1.60 -28.21 6.23
CA HIS F 378 1.69 -27.51 7.49
C HIS F 378 3.05 -26.83 7.67
N PHE F 379 4.13 -27.47 7.24
CA PHE F 379 5.45 -26.90 7.37
C PHE F 379 5.60 -25.64 6.48
N ILE F 380 5.20 -25.76 5.23
CA ILE F 380 5.22 -24.66 4.28
C ILE F 380 4.52 -23.47 4.88
N GLU F 381 3.35 -23.69 5.48
CA GLU F 381 2.57 -22.62 6.10
C GLU F 381 3.44 -21.84 7.07
N LEU F 382 4.23 -22.57 7.86
CA LEU F 382 5.11 -21.94 8.81
C LEU F 382 6.28 -21.21 8.16
N ALA F 383 6.89 -21.82 7.14
CA ALA F 383 8.00 -21.16 6.47
C ALA F 383 7.48 -19.91 5.73
N CYS F 384 6.27 -20.03 5.18
CA CYS F 384 5.65 -18.95 4.44
C CYS F 384 5.27 -17.79 5.32
N GLN F 385 5.03 -18.08 6.60
CA GLN F 385 4.64 -17.06 7.59
C GLN F 385 5.82 -16.34 8.24
N ARG F 386 6.99 -16.94 8.14
CA ARG F 386 8.16 -16.37 8.74
C ARG F 386 9.10 -15.85 7.67
N GLY F 387 8.69 -16.01 6.40
CA GLY F 387 9.48 -15.53 5.27
C GLY F 387 10.82 -16.19 5.06
N ILE F 388 10.82 -17.48 5.31
CA ILE F 388 12.02 -18.26 5.18
C ILE F 388 11.93 -19.02 3.86
N PRO F 389 13.01 -19.01 3.08
CA PRO F 389 13.03 -19.71 1.80
C PRO F 389 12.90 -21.23 1.93
N LEU F 390 12.24 -21.88 0.96
CA LEU F 390 12.11 -23.33 1.04
C LEU F 390 13.01 -24.14 0.11
N LEU F 391 13.55 -25.24 0.61
CA LEU F 391 14.42 -26.10 -0.20
C LEU F 391 13.81 -27.48 -0.31
N PHE F 392 13.56 -27.91 -1.54
CA PHE F 392 12.98 -29.21 -1.73
C PHE F 392 14.05 -30.16 -2.19
N LEU F 393 14.04 -31.36 -1.60
CA LEU F 393 14.97 -32.43 -1.96
C LEU F 393 14.21 -33.68 -2.44
N GLN F 394 14.01 -33.76 -3.76
CA GLN F 394 13.24 -34.85 -4.37
C GLN F 394 13.97 -36.15 -4.53
N ASN F 395 13.27 -37.19 -4.12
CA ASN F 395 13.74 -38.56 -4.19
C ASN F 395 12.43 -39.28 -3.88
N ILE F 396 11.42 -38.90 -4.66
CA ILE F 396 10.09 -39.44 -4.51
C ILE F 396 9.75 -40.43 -5.61
N THR F 397 9.31 -41.62 -5.21
CA THR F 397 8.93 -42.65 -6.16
C THR F 397 7.41 -42.57 -6.46
N GLY F 398 6.67 -41.83 -5.63
CA GLY F 398 5.24 -41.68 -5.84
C GLY F 398 4.41 -41.71 -4.57
N PHE F 399 3.09 -41.66 -4.76
CA PHE F 399 2.14 -41.70 -3.65
C PHE F 399 1.64 -43.11 -3.39
N MET F 400 1.73 -43.57 -2.16
CA MET F 400 1.28 -44.92 -1.89
C MET F 400 -0.15 -45.11 -2.42
N VAL F 401 -0.33 -46.13 -3.26
CA VAL F 401 -1.63 -46.46 -3.87
C VAL F 401 -2.32 -47.60 -3.12
N GLY F 402 -3.57 -47.91 -3.49
CA GLY F 402 -4.27 -48.97 -2.80
C GLY F 402 -5.72 -48.63 -2.67
N GLN F 403 -6.51 -49.51 -2.08
CA GLN F 403 -7.94 -49.22 -1.95
C GLN F 403 -8.26 -48.40 -0.71
N LYS F 404 -7.56 -48.68 0.39
CA LYS F 404 -7.78 -47.96 1.64
C LYS F 404 -7.09 -46.61 1.55
N TYR F 405 -5.82 -46.63 1.11
CA TYR F 405 -5.06 -45.41 1.00
C TYR F 405 -5.81 -44.39 0.14
N GLU F 406 -6.57 -44.89 -0.85
CA GLU F 406 -7.33 -44.02 -1.75
C GLU F 406 -8.65 -43.55 -1.16
N ALA F 407 -9.35 -44.46 -0.48
CA ALA F 407 -10.62 -44.13 0.16
C ALA F 407 -10.32 -43.32 1.43
N GLY F 408 -9.04 -43.07 1.66
CA GLY F 408 -8.60 -42.30 2.80
C GLY F 408 -8.22 -40.87 2.42
N GLY F 409 -8.44 -40.52 1.15
CA GLY F 409 -8.16 -39.18 0.67
C GLY F 409 -6.74 -38.88 0.31
N ILE F 410 -5.90 -39.92 0.11
CA ILE F 410 -4.51 -39.66 -0.25
C ILE F 410 -4.53 -38.81 -1.50
N ALA F 411 -5.74 -38.65 -2.00
CA ALA F 411 -5.96 -37.86 -3.16
C ALA F 411 -5.97 -36.39 -2.74
N LYS F 412 -6.98 -36.02 -1.96
CA LYS F 412 -7.12 -34.64 -1.54
C LYS F 412 -6.02 -34.19 -0.59
N HIS F 413 -5.43 -35.12 0.15
CA HIS F 413 -4.38 -34.69 1.06
C HIS F 413 -3.20 -34.25 0.25
N GLY F 414 -2.90 -35.01 -0.79
CA GLY F 414 -1.76 -34.67 -1.62
C GLY F 414 -1.93 -33.28 -2.18
N ALA F 415 -3.18 -32.94 -2.52
CA ALA F 415 -3.55 -31.65 -3.11
C ALA F 415 -3.30 -30.48 -2.16
N LYS F 416 -3.51 -30.70 -0.87
CA LYS F 416 -3.27 -29.64 0.10
C LYS F 416 -1.79 -29.28 -0.06
N LEU F 417 -0.94 -30.30 -0.26
CA LEU F 417 0.49 -30.03 -0.40
C LEU F 417 0.82 -29.13 -1.57
N VAL F 418 0.23 -29.44 -2.72
CA VAL F 418 0.49 -28.69 -3.94
C VAL F 418 0.03 -27.24 -3.87
N THR F 419 -1.14 -27.03 -3.29
CA THR F 419 -1.66 -25.68 -3.22
C THR F 419 -0.56 -24.90 -2.48
N ALA F 420 -0.19 -25.40 -1.32
CA ALA F 420 0.84 -24.78 -0.50
C ALA F 420 2.10 -24.41 -1.29
N VAL F 421 2.63 -25.39 -1.97
CA VAL F 421 3.82 -25.20 -2.76
C VAL F 421 3.52 -24.23 -3.89
N ALA F 422 2.50 -24.55 -4.67
CA ALA F 422 2.12 -23.72 -5.79
C ALA F 422 1.97 -22.27 -5.42
N CYS F 423 1.43 -22.02 -4.24
CA CYS F 423 1.19 -20.65 -3.80
C CYS F 423 2.33 -19.93 -3.08
N ALA F 424 3.16 -20.67 -2.36
CA ALA F 424 4.24 -20.05 -1.60
C ALA F 424 4.97 -18.98 -2.40
N ARG F 425 5.07 -17.76 -1.86
CA ARG F 425 5.77 -16.65 -2.54
C ARG F 425 7.15 -16.32 -1.96
N VAL F 426 7.67 -17.24 -1.17
CA VAL F 426 9.00 -17.07 -0.60
C VAL F 426 9.91 -17.75 -1.63
N PRO F 427 11.18 -17.35 -1.70
CA PRO F 427 12.05 -18.00 -2.67
C PRO F 427 12.01 -19.53 -2.51
N LYS F 428 11.85 -20.26 -3.61
CA LYS F 428 11.80 -21.73 -3.54
C LYS F 428 12.96 -22.35 -4.35
N PHE F 429 13.63 -23.38 -3.82
CA PHE F 429 14.75 -24.02 -4.52
C PHE F 429 14.62 -25.54 -4.57
N THR F 430 14.83 -26.10 -5.75
CA THR F 430 14.69 -27.53 -5.96
C THR F 430 15.92 -28.28 -6.52
N VAL F 431 16.31 -29.38 -5.88
CA VAL F 431 17.43 -30.19 -6.34
C VAL F 431 16.96 -31.64 -6.42
N LEU F 432 17.20 -32.31 -7.55
CA LEU F 432 16.77 -33.70 -7.72
C LEU F 432 17.86 -34.66 -7.32
N ILE F 433 17.80 -35.19 -6.10
CA ILE F 433 18.83 -36.10 -5.64
C ILE F 433 18.41 -37.55 -5.58
N GLY F 434 17.33 -37.89 -6.29
CA GLY F 434 16.83 -39.26 -6.35
C GLY F 434 15.99 -39.51 -7.60
N GLY F 435 14.67 -39.56 -7.42
CA GLY F 435 13.79 -39.75 -8.55
C GLY F 435 12.54 -38.89 -8.49
N SER F 436 12.22 -38.23 -9.60
CA SER F 436 11.01 -37.42 -9.67
C SER F 436 10.14 -38.25 -10.57
N PHE F 437 9.20 -38.93 -9.97
CA PHE F 437 8.33 -39.78 -10.73
C PHE F 437 6.89 -39.56 -10.32
N GLY F 438 6.08 -39.06 -11.25
CA GLY F 438 4.66 -38.83 -10.99
C GLY F 438 4.24 -37.68 -10.08
N ALA F 439 3.05 -37.81 -9.50
CA ALA F 439 2.52 -36.80 -8.61
C ALA F 439 3.68 -36.24 -7.78
N GLY F 440 4.59 -37.13 -7.37
CA GLY F 440 5.73 -36.71 -6.57
C GLY F 440 6.39 -35.44 -7.05
N ASN F 441 6.85 -35.44 -8.31
CA ASN F 441 7.52 -34.28 -8.88
C ASN F 441 6.78 -32.98 -8.58
N TYR F 442 5.46 -33.01 -8.72
CA TYR F 442 4.65 -31.81 -8.48
C TYR F 442 4.62 -31.38 -7.01
N GLY F 443 4.17 -32.26 -6.15
CA GLY F 443 4.13 -31.89 -4.75
C GLY F 443 5.43 -31.43 -4.15
N MET F 444 6.54 -31.72 -4.82
CA MET F 444 7.84 -31.33 -4.27
C MET F 444 8.46 -30.16 -5.00
N CYS F 445 7.60 -29.29 -5.53
CA CYS F 445 8.07 -28.13 -6.25
C CYS F 445 8.96 -28.53 -7.42
N GLY F 446 8.32 -29.13 -8.43
CA GLY F 446 9.00 -29.57 -9.63
C GLY F 446 9.23 -28.41 -10.56
N ARG F 447 9.56 -28.66 -11.81
CA ARG F 447 9.81 -27.56 -12.69
C ARG F 447 8.64 -26.59 -12.81
N ALA F 448 7.44 -27.13 -12.94
CA ALA F 448 6.22 -26.34 -13.11
C ALA F 448 5.79 -25.43 -11.98
N TYR F 449 6.56 -25.35 -10.91
CA TYR F 449 6.12 -24.51 -9.83
C TYR F 449 7.03 -23.34 -9.52
N ASP F 450 7.70 -22.91 -10.56
CA ASP F 450 8.53 -21.76 -10.43
C ASP F 450 9.53 -21.70 -9.32
N PRO F 451 10.31 -22.77 -9.13
CA PRO F 451 11.28 -22.59 -8.04
C PRO F 451 12.25 -21.60 -8.72
N ARG F 452 12.86 -20.67 -7.99
CA ARG F 452 13.75 -19.69 -8.64
C ARG F 452 14.84 -20.43 -9.42
N PHE F 453 15.28 -21.58 -8.88
CA PHE F 453 16.29 -22.47 -9.49
C PHE F 453 15.92 -23.94 -9.22
N LEU F 454 16.25 -24.83 -10.16
CA LEU F 454 16.01 -26.29 -9.99
C LEU F 454 17.19 -27.04 -10.58
N TRP F 455 17.86 -27.84 -9.75
CA TRP F 455 19.04 -28.60 -10.18
C TRP F 455 18.96 -30.12 -10.12
N MET F 456 19.84 -30.77 -10.86
CA MET F 456 19.83 -32.21 -10.87
C MET F 456 21.18 -32.85 -10.64
N TRP F 457 21.21 -33.84 -9.75
CA TRP F 457 22.42 -34.59 -9.45
C TRP F 457 22.55 -35.55 -10.66
N PRO F 458 23.74 -36.11 -10.84
CA PRO F 458 23.89 -37.01 -11.99
C PRO F 458 23.19 -38.37 -11.88
N ASN F 459 22.93 -38.79 -10.65
CA ASN F 459 22.29 -40.08 -10.37
C ASN F 459 20.76 -40.01 -10.37
N ALA F 460 20.23 -38.80 -10.44
CA ALA F 460 18.79 -38.60 -10.42
C ALA F 460 18.16 -38.98 -11.75
N ARG F 461 16.98 -39.60 -11.69
CA ARG F 461 16.24 -40.02 -12.88
C ARG F 461 14.80 -39.46 -12.82
N ILE F 462 14.36 -38.74 -13.86
CA ILE F 462 13.01 -38.13 -13.88
C ILE F 462 12.09 -38.57 -15.04
N GLY F 463 10.90 -39.02 -14.66
CA GLY F 463 9.92 -39.49 -15.64
C GLY F 463 8.50 -39.58 -15.07
N VAL F 464 7.51 -39.69 -15.95
CA VAL F 464 6.08 -39.78 -15.56
C VAL F 464 5.84 -40.93 -14.59
N MET F 465 6.66 -41.98 -14.71
CA MET F 465 6.59 -43.14 -13.84
C MET F 465 7.64 -44.07 -14.35
N GLY F 466 7.94 -45.11 -13.58
CA GLY F 466 8.94 -46.08 -13.97
C GLY F 466 8.92 -46.68 -15.38
N GLY F 467 10.04 -47.30 -15.77
CA GLY F 467 10.14 -47.90 -17.09
C GLY F 467 9.05 -48.92 -17.40
N GLU F 468 9.07 -50.06 -16.70
CA GLU F 468 8.07 -51.11 -16.95
C GLU F 468 6.75 -50.70 -16.32
N GLN F 469 6.78 -49.72 -15.41
CA GLN F 469 5.55 -49.25 -14.78
C GLN F 469 4.59 -48.85 -15.87
N ALA F 470 5.06 -47.97 -16.75
CA ALA F 470 4.26 -47.48 -17.87
C ALA F 470 4.00 -48.64 -18.80
N ALA F 471 5.07 -49.36 -19.13
CA ALA F 471 4.97 -50.49 -20.02
C ALA F 471 3.93 -51.45 -19.46
N GLY F 472 3.77 -51.44 -18.14
CA GLY F 472 2.81 -52.30 -17.49
C GLY F 472 1.40 -51.93 -17.89
N VAL F 473 0.96 -50.74 -17.49
CA VAL F 473 -0.39 -50.30 -17.82
C VAL F 473 -0.60 -50.21 -19.32
N LEU F 474 0.29 -49.50 -20.02
CA LEU F 474 0.13 -49.32 -21.47
C LEU F 474 -0.07 -50.67 -22.23
N ALA F 475 0.54 -51.75 -21.71
CA ALA F 475 0.42 -53.09 -22.31
C ALA F 475 -0.82 -53.80 -21.82
N GLN F 476 -1.16 -53.57 -20.56
CA GLN F 476 -2.32 -54.22 -20.01
C GLN F 476 -3.64 -53.79 -20.66
N VAL F 477 -3.84 -52.49 -20.90
CA VAL F 477 -5.10 -52.09 -21.53
C VAL F 477 -5.17 -52.81 -22.88
N LYS F 478 -4.04 -52.92 -23.57
CA LYS F 478 -4.05 -53.58 -24.87
C LYS F 478 -4.66 -54.99 -24.80
N ARG F 479 -4.53 -55.66 -23.64
CA ARG F 479 -5.11 -57.00 -23.48
C ARG F 479 -6.39 -56.99 -22.65
N GLU F 480 -7.04 -55.84 -22.64
CA GLU F 480 -8.30 -55.67 -21.92
C GLU F 480 -9.30 -55.23 -22.97
N GLN F 481 -8.80 -54.50 -23.95
CA GLN F 481 -9.62 -54.03 -25.06
C GLN F 481 -9.73 -55.24 -25.97
N ALA F 482 -8.67 -56.03 -25.97
CA ALA F 482 -8.64 -57.22 -26.80
C ALA F 482 -9.15 -58.45 -26.04
N GLU F 483 -9.62 -58.25 -24.82
CA GLU F 483 -10.14 -59.37 -24.07
C GLU F 483 -11.65 -59.30 -24.16
N ARG F 484 -12.19 -58.11 -23.96
CA ARG F 484 -13.62 -57.94 -24.04
C ARG F 484 -13.91 -57.89 -25.54
N ALA F 485 -12.91 -58.30 -26.32
CA ALA F 485 -12.99 -58.33 -27.78
C ALA F 485 -12.86 -59.79 -28.22
N GLY F 486 -13.25 -60.68 -27.32
CA GLY F 486 -13.21 -62.11 -27.62
C GLY F 486 -11.85 -62.70 -27.93
N GLN F 487 -10.77 -62.15 -27.37
CA GLN F 487 -9.45 -62.71 -27.61
C GLN F 487 -8.53 -62.36 -26.46
N GLN F 488 -7.23 -62.56 -26.66
CA GLN F 488 -6.27 -62.23 -25.63
C GLN F 488 -4.94 -61.89 -26.31
N LEU F 489 -4.00 -61.33 -25.56
CA LEU F 489 -2.71 -61.02 -26.13
C LEU F 489 -1.67 -62.01 -25.59
N GLY F 490 -1.14 -62.83 -26.51
CA GLY F 490 -0.15 -63.83 -26.18
C GLY F 490 1.17 -63.14 -25.87
N VAL F 491 1.94 -63.69 -24.94
CA VAL F 491 3.18 -63.05 -24.56
C VAL F 491 4.07 -62.68 -25.77
N GLU F 492 3.57 -63.00 -26.96
CA GLU F 492 4.25 -62.71 -28.21
C GLU F 492 4.14 -61.23 -28.55
N GLU F 493 2.90 -60.74 -28.66
CA GLU F 493 2.63 -59.34 -29.00
C GLU F 493 2.72 -58.46 -27.75
N GLU F 494 2.45 -59.08 -26.60
CA GLU F 494 2.49 -58.41 -25.32
C GLU F 494 3.94 -57.95 -25.10
N ALA F 495 4.87 -58.89 -25.28
CA ALA F 495 6.29 -58.61 -25.09
C ALA F 495 6.82 -57.58 -26.10
N LYS F 496 6.19 -57.49 -27.26
CA LYS F 496 6.62 -56.54 -28.31
C LYS F 496 6.01 -55.15 -28.10
N ILE F 497 4.99 -55.09 -27.24
CA ILE F 497 4.30 -53.84 -26.92
C ILE F 497 5.00 -53.22 -25.70
N LYS F 498 5.78 -54.02 -24.99
CA LYS F 498 6.49 -53.58 -23.81
C LYS F 498 7.95 -53.18 -24.11
N ALA F 499 8.59 -53.93 -25.00
CA ALA F 499 9.99 -53.70 -25.36
C ALA F 499 10.41 -52.26 -25.54
N PRO F 500 9.79 -51.56 -26.51
CA PRO F 500 10.04 -50.17 -26.89
C PRO F 500 9.91 -49.18 -25.74
N ILE F 501 8.82 -49.32 -25.00
CA ILE F 501 8.54 -48.44 -23.89
C ILE F 501 9.59 -48.60 -22.78
N LEU F 502 9.94 -49.84 -22.44
CA LEU F 502 10.94 -50.12 -21.40
C LEU F 502 12.23 -49.32 -21.62
N GLU F 503 12.64 -49.25 -22.88
CA GLU F 503 13.86 -48.55 -23.26
C GLU F 503 13.64 -47.05 -23.36
N GLN F 504 12.55 -46.69 -24.00
CA GLN F 504 12.23 -45.29 -24.16
C GLN F 504 12.36 -44.57 -22.82
N TYR F 505 11.73 -45.12 -21.79
CA TYR F 505 11.79 -44.50 -20.47
C TYR F 505 13.19 -44.45 -19.87
N GLU F 506 13.94 -45.54 -19.99
CA GLU F 506 15.29 -45.55 -19.47
C GLU F 506 16.05 -44.34 -20.02
N HIS F 507 15.82 -44.08 -21.30
CA HIS F 507 16.43 -43.01 -22.05
C HIS F 507 15.97 -41.62 -21.61
N GLN F 508 14.67 -41.40 -21.66
CA GLN F 508 14.08 -40.10 -21.30
C GLN F 508 14.07 -39.83 -19.82
N GLY F 509 14.94 -40.50 -19.09
CA GLY F 509 14.97 -40.30 -17.66
C GLY F 509 16.33 -39.87 -17.17
N HIS F 510 17.30 -39.89 -18.06
CA HIS F 510 18.63 -39.51 -17.66
C HIS F 510 18.91 -38.01 -17.70
N PRO F 511 19.61 -37.48 -16.68
CA PRO F 511 20.01 -36.09 -16.48
C PRO F 511 20.39 -35.36 -17.76
N TYR F 512 21.20 -35.97 -18.61
CA TYR F 512 21.55 -35.34 -19.88
C TYR F 512 20.25 -35.05 -20.66
N TYR F 513 19.43 -36.08 -20.87
CA TYR F 513 18.17 -35.93 -21.62
C TYR F 513 17.35 -34.76 -21.10
N SER F 514 17.32 -34.62 -19.77
CA SER F 514 16.58 -33.56 -19.06
C SER F 514 17.26 -32.20 -19.26
N SER F 515 18.43 -32.05 -18.69
CA SER F 515 19.13 -30.81 -18.82
C SER F 515 19.30 -30.37 -20.28
N ALA F 516 19.22 -31.26 -21.27
CA ALA F 516 19.42 -30.77 -22.64
C ALA F 516 18.21 -30.04 -23.12
N ARG F 517 17.07 -30.33 -22.48
CA ARG F 517 15.79 -29.72 -22.81
C ARG F 517 15.41 -28.62 -21.80
N LEU F 518 16.30 -28.33 -20.86
CA LEU F 518 16.09 -27.28 -19.86
C LEU F 518 15.07 -27.55 -18.78
N TRP F 519 14.64 -28.79 -18.64
CA TRP F 519 13.70 -29.14 -17.59
C TRP F 519 14.39 -28.90 -16.22
N ASP F 520 15.61 -28.41 -16.28
CA ASP F 520 16.41 -28.14 -15.09
C ASP F 520 17.49 -27.13 -15.51
N ASP F 521 17.88 -26.26 -14.58
CA ASP F 521 18.89 -25.26 -14.89
C ASP F 521 20.29 -25.87 -14.84
N GLY F 522 20.32 -27.19 -15.07
CA GLY F 522 21.56 -27.95 -15.09
C GLY F 522 21.77 -29.17 -14.16
N VAL F 523 22.82 -29.94 -14.47
CA VAL F 523 23.20 -31.11 -13.67
C VAL F 523 24.38 -30.58 -12.88
N ILE F 524 24.45 -30.89 -11.60
CA ILE F 524 25.54 -30.37 -10.80
C ILE F 524 26.30 -31.44 -10.05
N ASP F 525 27.37 -31.01 -9.38
CA ASP F 525 28.18 -31.93 -8.59
C ASP F 525 27.61 -32.19 -7.19
N PRO F 526 27.01 -33.38 -6.96
CA PRO F 526 26.44 -33.66 -5.63
C PRO F 526 27.18 -33.02 -4.48
N ALA F 527 28.50 -33.13 -4.53
CA ALA F 527 29.38 -32.63 -3.47
C ALA F 527 29.58 -31.12 -3.41
N GLN F 528 28.94 -30.42 -4.33
CA GLN F 528 29.06 -28.98 -4.38
C GLN F 528 27.68 -28.32 -4.10
N THR F 529 26.62 -29.14 -4.04
CA THR F 529 25.25 -28.68 -3.79
C THR F 529 25.19 -27.44 -2.88
N ARG F 530 25.77 -27.54 -1.67
CA ARG F 530 25.76 -26.43 -0.71
C ARG F 530 26.29 -25.15 -1.33
N GLU F 531 27.45 -25.27 -1.95
CA GLU F 531 28.14 -24.16 -2.61
C GLU F 531 27.28 -23.41 -3.61
N VAL F 532 26.42 -24.14 -4.31
CA VAL F 532 25.54 -23.57 -5.31
C VAL F 532 24.27 -23.03 -4.68
N LEU F 533 23.82 -23.70 -3.64
CA LEU F 533 22.63 -23.27 -2.95
C LEU F 533 22.88 -21.91 -2.33
N ALA F 534 24.01 -21.73 -1.65
CA ALA F 534 24.25 -20.43 -1.06
C ALA F 534 24.35 -19.40 -2.16
N LEU F 535 25.06 -19.70 -3.25
CA LEU F 535 25.17 -18.72 -4.34
C LEU F 535 23.78 -18.23 -4.75
N ALA F 536 22.94 -19.18 -5.13
CA ALA F 536 21.58 -18.89 -5.57
C ALA F 536 20.84 -17.99 -4.61
N LEU F 537 20.68 -18.50 -3.40
CA LEU F 537 19.98 -17.80 -2.37
C LEU F 537 20.37 -16.34 -2.38
N SER F 538 21.66 -16.08 -2.16
CA SER F 538 22.19 -14.73 -2.13
C SER F 538 21.67 -13.92 -3.32
N ALA F 539 21.85 -14.46 -4.51
CA ALA F 539 21.38 -13.79 -5.72
C ALA F 539 19.87 -13.52 -5.71
N ALA F 540 19.11 -14.46 -5.14
CA ALA F 540 17.64 -14.38 -5.06
C ALA F 540 17.19 -13.30 -4.10
N LEU F 541 18.16 -12.76 -3.36
CA LEU F 541 17.86 -11.73 -2.42
C LEU F 541 18.04 -10.35 -3.04
N ASN F 542 18.26 -10.31 -4.33
CA ASN F 542 18.36 -9.02 -4.99
C ASN F 542 16.91 -8.55 -5.08
N ALA F 543 15.98 -9.51 -4.94
CA ALA F 543 14.54 -9.25 -5.03
C ALA F 543 13.77 -9.59 -3.73
N PRO F 544 12.84 -8.71 -3.32
CA PRO F 544 12.03 -8.86 -2.12
C PRO F 544 11.34 -10.21 -1.94
N ILE F 545 11.19 -10.63 -0.69
CA ILE F 545 10.47 -11.87 -0.42
C ILE F 545 9.07 -11.34 -0.20
N GLU F 546 8.15 -11.80 -1.02
CA GLU F 546 6.77 -11.33 -0.95
C GLU F 546 5.90 -12.05 0.07
N PRO F 547 4.77 -11.42 0.42
CA PRO F 547 3.89 -12.06 1.39
C PRO F 547 3.22 -13.14 0.56
N THR F 548 2.76 -14.22 1.19
CA THR F 548 2.11 -15.32 0.48
C THR F 548 0.55 -15.40 0.63
N ALA F 549 -0.15 -15.74 -0.45
CA ALA F 549 -1.61 -15.82 -0.40
C ALA F 549 -2.02 -17.18 -0.88
N PHE F 550 -2.61 -17.98 0.01
CA PHE F 550 -3.02 -19.34 -0.31
C PHE F 550 -4.38 -19.51 -0.91
N GLY F 551 -4.47 -20.45 -1.84
CA GLY F 551 -5.75 -20.69 -2.47
C GLY F 551 -6.70 -21.31 -1.48
N VAL F 552 -7.61 -22.12 -1.97
CA VAL F 552 -8.53 -22.77 -1.07
C VAL F 552 -7.85 -24.07 -0.73
N PHE F 553 -7.94 -24.51 0.51
CA PHE F 553 -7.33 -25.78 0.88
C PHE F 553 -8.43 -26.82 1.04
N ARG F 554 -8.38 -27.89 0.26
CA ARG F 554 -9.40 -28.90 0.39
C ARG F 554 -9.10 -29.63 1.65
N MET F 555 -9.94 -29.43 2.66
CA MET F 555 -9.81 -30.07 3.98
C MET F 555 -10.43 -31.49 3.95
N TYR G 5 -94.81 2.99 -5.23
CA TYR G 5 -93.41 3.05 -5.80
C TYR G 5 -92.22 3.15 -4.81
N ARG G 6 -91.48 2.05 -4.56
CA ARG G 6 -90.32 2.07 -3.65
C ARG G 6 -89.00 2.50 -4.37
N SER G 7 -88.02 3.02 -3.62
CA SER G 7 -86.74 3.45 -4.19
C SER G 7 -85.55 2.67 -3.62
N ILE G 8 -84.68 2.18 -4.51
CA ILE G 8 -83.50 1.40 -4.12
C ILE G 8 -82.25 2.29 -4.28
N GLN G 9 -81.42 2.31 -3.23
CA GLN G 9 -80.20 3.12 -3.24
C GLN G 9 -79.00 2.19 -3.12
N ARG G 10 -79.23 0.96 -2.68
CA ARG G 10 -78.16 -0.03 -2.57
C ARG G 10 -78.80 -1.38 -2.88
N LEU G 11 -78.35 -2.05 -3.92
CA LEU G 11 -78.90 -3.36 -4.22
C LEU G 11 -77.84 -4.41 -3.91
N LEU G 12 -78.23 -5.46 -3.19
CA LEU G 12 -77.29 -6.53 -2.87
C LEU G 12 -77.39 -7.71 -3.82
N VAL G 13 -76.23 -8.09 -4.32
CA VAL G 13 -76.05 -9.17 -5.27
C VAL G 13 -75.80 -10.47 -4.54
N ALA G 14 -76.87 -11.18 -4.22
CA ALA G 14 -76.73 -12.43 -3.50
C ALA G 14 -76.21 -13.53 -4.38
N ASN G 15 -74.93 -13.48 -4.76
CA ASN G 15 -74.34 -14.51 -5.63
C ASN G 15 -72.85 -14.14 -5.94
N ARG G 16 -72.18 -14.95 -6.74
CA ARG G 16 -70.79 -14.69 -7.06
C ARG G 16 -70.67 -14.69 -8.57
N GLY G 17 -69.45 -14.82 -9.05
CA GLY G 17 -69.21 -14.88 -10.48
C GLY G 17 -69.78 -13.84 -11.44
N GLU G 18 -69.47 -14.08 -12.71
CA GLU G 18 -69.84 -13.23 -13.83
C GLU G 18 -71.25 -12.66 -13.79
N ILE G 19 -72.13 -13.33 -13.05
CA ILE G 19 -73.48 -12.85 -12.97
C ILE G 19 -73.55 -11.72 -11.98
N ALA G 20 -72.74 -11.82 -10.94
CA ALA G 20 -72.69 -10.80 -9.93
C ALA G 20 -72.09 -9.55 -10.60
N CYS G 21 -71.11 -9.74 -11.45
CA CYS G 21 -70.52 -8.58 -12.10
C CYS G 21 -71.45 -8.08 -13.14
N ARG G 22 -72.25 -8.99 -13.68
CA ARG G 22 -73.22 -8.67 -14.70
C ARG G 22 -74.29 -7.72 -14.13
N VAL G 23 -74.81 -8.06 -12.95
CA VAL G 23 -75.85 -7.29 -12.27
C VAL G 23 -75.25 -5.99 -11.71
N MET G 24 -74.06 -6.09 -11.12
CA MET G 24 -73.33 -4.92 -10.60
C MET G 24 -73.31 -3.89 -11.74
N ARG G 25 -72.76 -4.30 -12.89
CA ARG G 25 -72.63 -3.46 -14.08
C ARG G 25 -73.89 -2.61 -14.23
N SER G 26 -75.05 -3.25 -14.20
CA SER G 26 -76.33 -2.56 -14.34
C SER G 26 -76.52 -1.53 -13.24
N ALA G 27 -76.59 -2.02 -11.99
CA ALA G 27 -76.80 -1.13 -10.85
C ALA G 27 -75.98 0.15 -11.04
N ARG G 28 -74.67 0.02 -11.25
CA ARG G 28 -73.77 1.19 -11.43
C ARG G 28 -74.24 2.12 -12.51
N ALA G 29 -74.69 1.52 -13.59
CA ALA G 29 -75.18 2.28 -14.72
C ALA G 29 -76.38 3.16 -14.26
N LEU G 30 -77.20 2.62 -13.35
CA LEU G 30 -78.37 3.33 -12.84
C LEU G 30 -78.09 4.27 -11.65
N GLY G 31 -76.82 4.38 -11.25
CA GLY G 31 -76.45 5.21 -10.13
C GLY G 31 -76.79 4.56 -8.80
N ILE G 32 -76.97 3.24 -8.81
CA ILE G 32 -77.32 2.42 -7.63
C ILE G 32 -76.12 1.65 -7.04
N GLY G 33 -75.96 1.73 -5.72
CA GLY G 33 -74.85 1.03 -5.09
C GLY G 33 -74.93 -0.49 -5.10
N SER G 34 -73.81 -1.13 -5.43
CA SER G 34 -73.74 -2.57 -5.48
C SER G 34 -73.01 -3.16 -4.25
N VAL G 35 -73.69 -4.05 -3.54
CA VAL G 35 -73.09 -4.67 -2.38
C VAL G 35 -73.10 -6.17 -2.58
N ALA G 36 -71.96 -6.80 -2.85
CA ALA G 36 -72.02 -8.25 -3.04
C ALA G 36 -71.72 -8.88 -1.74
N VAL G 37 -71.85 -10.19 -1.70
CA VAL G 37 -71.54 -10.94 -0.50
C VAL G 37 -70.52 -11.93 -0.99
N HIS G 38 -69.69 -12.45 -0.09
CA HIS G 38 -68.67 -13.41 -0.49
C HIS G 38 -68.50 -14.54 0.49
N SER G 39 -68.05 -15.68 0.01
CA SER G 39 -67.81 -16.78 0.93
C SER G 39 -66.39 -16.50 1.38
N ASP G 40 -65.81 -17.45 2.08
CA ASP G 40 -64.44 -17.26 2.53
C ASP G 40 -63.47 -17.29 1.34
N ILE G 41 -63.44 -18.41 0.62
CA ILE G 41 -62.52 -18.58 -0.50
C ILE G 41 -62.83 -17.63 -1.67
N ASP G 42 -63.45 -16.50 -1.35
CA ASP G 42 -63.85 -15.49 -2.34
C ASP G 42 -63.42 -14.08 -1.89
N ARG G 43 -62.69 -14.00 -0.79
CA ARG G 43 -62.26 -12.70 -0.31
C ARG G 43 -61.44 -12.01 -1.36
N HIS G 44 -60.91 -12.81 -2.27
CA HIS G 44 -60.09 -12.36 -3.37
C HIS G 44 -60.87 -12.11 -4.70
N ALA G 45 -62.04 -12.73 -4.84
CA ALA G 45 -62.88 -12.63 -6.03
C ALA G 45 -63.09 -11.30 -6.70
N ARG G 46 -63.46 -11.39 -7.97
CA ARG G 46 -63.73 -10.23 -8.78
C ARG G 46 -64.94 -9.42 -8.30
N HIS G 47 -66.12 -10.03 -8.28
CA HIS G 47 -67.31 -9.30 -7.85
C HIS G 47 -67.14 -8.66 -6.49
N VAL G 48 -66.18 -9.14 -5.70
CA VAL G 48 -65.97 -8.58 -4.39
C VAL G 48 -65.20 -7.30 -4.62
N ALA G 49 -64.65 -7.16 -5.81
CA ALA G 49 -63.91 -5.97 -6.12
C ALA G 49 -64.84 -4.95 -6.72
N GLU G 50 -65.57 -5.36 -7.74
CA GLU G 50 -66.49 -4.46 -8.44
C GLU G 50 -67.66 -3.96 -7.56
N ALA G 51 -67.72 -4.42 -6.31
CA ALA G 51 -68.79 -3.99 -5.42
C ALA G 51 -68.35 -2.72 -4.67
N ASP G 52 -69.30 -2.04 -4.03
CA ASP G 52 -68.96 -0.83 -3.28
C ASP G 52 -68.82 -1.18 -1.84
N ILE G 53 -69.57 -2.19 -1.44
CA ILE G 53 -69.54 -2.70 -0.10
C ILE G 53 -69.68 -4.19 -0.29
N ALA G 54 -69.05 -4.96 0.58
CA ALA G 54 -69.10 -6.40 0.45
C ALA G 54 -69.13 -7.02 1.82
N VAL G 55 -69.87 -8.12 1.97
CA VAL G 55 -70.00 -8.82 3.26
C VAL G 55 -69.47 -10.27 3.31
N ASP G 56 -68.87 -10.68 4.42
CA ASP G 56 -68.37 -12.04 4.46
C ASP G 56 -69.40 -13.02 4.93
N LEU G 57 -69.60 -14.07 4.13
CA LEU G 57 -70.54 -15.15 4.40
C LEU G 57 -69.78 -16.32 5.03
N GLY G 58 -70.32 -17.53 4.89
CA GLY G 58 -69.67 -18.70 5.47
C GLY G 58 -68.29 -18.95 4.90
N GLY G 59 -67.90 -20.22 4.87
CA GLY G 59 -66.59 -20.60 4.37
C GLY G 59 -66.41 -20.93 2.89
N ALA G 60 -66.10 -22.19 2.59
CA ALA G 60 -65.85 -22.68 1.22
C ALA G 60 -67.02 -23.32 0.45
N LYS G 61 -67.49 -24.48 0.89
CA LYS G 61 -68.61 -25.12 0.20
C LYS G 61 -69.75 -24.14 -0.09
N PRO G 62 -70.57 -24.40 -1.14
CA PRO G 62 -71.69 -23.52 -1.53
C PRO G 62 -72.81 -23.61 -0.50
N ALA G 63 -72.81 -24.73 0.23
CA ALA G 63 -73.76 -25.03 1.29
C ALA G 63 -73.60 -24.00 2.43
N ASP G 64 -72.47 -24.11 3.12
CA ASP G 64 -72.13 -23.26 4.25
C ASP G 64 -71.72 -21.81 3.90
N SER G 65 -72.10 -21.35 2.69
CA SER G 65 -71.79 -20.01 2.17
C SER G 65 -72.99 -19.35 1.51
N TYR G 66 -72.94 -19.23 0.18
CA TYR G 66 -74.00 -18.60 -0.60
C TYR G 66 -75.40 -19.10 -0.39
N LEU G 67 -75.52 -20.28 0.17
CA LEU G 67 -76.84 -20.83 0.41
C LEU G 67 -77.48 -20.32 1.70
N ARG G 68 -76.68 -19.86 2.65
CA ARG G 68 -77.21 -19.37 3.92
C ARG G 68 -77.95 -18.05 3.77
N GLY G 69 -79.25 -18.14 3.53
CA GLY G 69 -80.05 -16.94 3.36
C GLY G 69 -80.15 -16.15 4.65
N ASP G 70 -80.00 -16.86 5.75
CA ASP G 70 -80.06 -16.22 7.05
C ASP G 70 -79.06 -15.05 7.13
N ARG G 71 -77.83 -15.31 6.70
CA ARG G 71 -76.77 -14.32 6.76
C ARG G 71 -76.83 -13.30 5.64
N ILE G 72 -77.17 -13.74 4.44
CA ILE G 72 -77.27 -12.84 3.30
C ILE G 72 -78.35 -11.83 3.54
N ILE G 73 -79.45 -12.30 4.10
CA ILE G 73 -80.58 -11.41 4.40
C ILE G 73 -80.21 -10.44 5.53
N ALA G 74 -79.35 -10.92 6.43
CA ALA G 74 -78.87 -10.16 7.57
C ALA G 74 -77.80 -9.18 7.11
N ALA G 75 -76.91 -9.70 6.27
CA ALA G 75 -75.81 -8.93 5.70
C ALA G 75 -76.36 -7.78 4.86
N ALA G 76 -77.30 -8.08 3.97
CA ALA G 76 -77.91 -7.06 3.11
C ALA G 76 -78.65 -6.04 3.95
N LEU G 77 -79.19 -6.53 5.05
CA LEU G 77 -79.98 -5.78 6.03
C LEU G 77 -79.14 -4.73 6.78
N ALA G 78 -77.91 -5.08 7.13
CA ALA G 78 -77.01 -4.17 7.84
C ALA G 78 -76.02 -3.41 6.91
N SER G 79 -76.00 -3.77 5.62
CA SER G 79 -75.11 -3.15 4.61
C SER G 79 -75.71 -1.90 3.97
N GLY G 80 -76.97 -1.65 4.26
CA GLY G 80 -77.63 -0.46 3.74
C GLY G 80 -78.44 -0.71 2.50
N ALA G 81 -78.64 -1.99 2.15
CA ALA G 81 -79.38 -2.38 0.93
C ALA G 81 -80.86 -2.58 1.17
N GLN G 82 -81.71 -2.10 0.23
CA GLN G 82 -83.18 -2.27 0.32
C GLN G 82 -83.75 -3.26 -0.70
N ALA G 83 -82.87 -4.06 -1.30
CA ALA G 83 -83.22 -5.07 -2.31
C ALA G 83 -82.12 -6.10 -2.55
N ILE G 84 -82.55 -7.33 -2.78
CA ILE G 84 -81.65 -8.43 -3.07
C ILE G 84 -81.95 -8.89 -4.49
N HIS G 85 -80.92 -9.34 -5.20
CA HIS G 85 -81.08 -9.87 -6.55
C HIS G 85 -80.40 -11.24 -6.44
N PRO G 86 -81.17 -12.31 -6.54
CA PRO G 86 -80.66 -13.67 -6.43
C PRO G 86 -79.80 -14.18 -7.51
N GLY G 87 -79.85 -13.54 -8.68
CA GLY G 87 -79.03 -14.03 -9.77
C GLY G 87 -79.57 -15.39 -10.16
N TYR G 88 -78.80 -16.18 -10.90
CA TYR G 88 -79.30 -17.48 -11.26
C TYR G 88 -78.72 -18.49 -10.33
N GLY G 89 -79.37 -19.63 -10.19
CA GLY G 89 -78.84 -20.64 -9.29
C GLY G 89 -78.90 -20.27 -7.81
N PHE G 90 -78.11 -20.98 -6.99
CA PHE G 90 -78.04 -20.77 -5.54
C PHE G 90 -79.39 -20.60 -4.82
N LEU G 91 -79.84 -19.36 -4.63
CA LEU G 91 -81.13 -19.13 -3.96
C LEU G 91 -82.23 -18.43 -4.77
N SER G 92 -82.08 -18.30 -6.09
CA SER G 92 -83.09 -17.63 -6.92
C SER G 92 -84.44 -18.32 -7.00
N GLU G 93 -84.45 -19.62 -6.73
CA GLU G 93 -85.68 -20.36 -6.82
C GLU G 93 -86.07 -21.18 -5.57
N ASN G 94 -86.81 -20.57 -4.64
CA ASN G 94 -87.34 -21.24 -3.43
C ASN G 94 -88.02 -20.22 -2.48
N ALA G 95 -89.37 -20.25 -2.48
CA ALA G 95 -90.22 -19.34 -1.69
C ALA G 95 -89.56 -19.01 -0.37
N ASP G 96 -89.13 -20.08 0.28
CA ASP G 96 -88.43 -20.03 1.54
C ASP G 96 -87.67 -18.69 1.64
N PHE G 97 -86.69 -18.50 0.76
CA PHE G 97 -85.90 -17.29 0.74
C PHE G 97 -86.76 -16.05 0.47
N ALA G 98 -87.20 -15.86 -0.77
CA ALA G 98 -88.01 -14.69 -1.13
C ALA G 98 -89.05 -14.38 -0.09
N ARG G 99 -89.57 -15.42 0.54
CA ARG G 99 -90.59 -15.32 1.59
C ARG G 99 -89.96 -14.54 2.75
N ALA G 100 -88.92 -15.10 3.36
CA ALA G 100 -88.23 -14.46 4.49
C ALA G 100 -87.43 -13.23 4.07
N CYS G 101 -87.16 -13.13 2.77
CA CYS G 101 -86.41 -12.01 2.19
C CYS G 101 -87.25 -10.76 2.12
N GLU G 102 -88.47 -10.92 1.63
CA GLU G 102 -89.36 -9.79 1.53
C GLU G 102 -90.06 -9.65 2.87
N GLU G 103 -89.89 -10.67 3.72
CA GLU G 103 -90.45 -10.65 5.06
C GLU G 103 -89.50 -9.83 5.94
N ALA G 104 -88.34 -9.45 5.38
CA ALA G 104 -87.32 -8.67 6.09
C ALA G 104 -87.29 -7.20 5.70
N GLY G 105 -88.24 -6.78 4.88
CA GLY G 105 -88.29 -5.39 4.49
C GLY G 105 -87.67 -5.15 3.15
N LEU G 106 -86.90 -6.13 2.69
CA LEU G 106 -86.24 -5.98 1.40
C LEU G 106 -87.04 -6.46 0.20
N LEU G 107 -86.85 -5.74 -0.91
CA LEU G 107 -87.49 -6.05 -2.18
C LEU G 107 -86.72 -7.23 -2.80
N PHE G 108 -87.42 -8.33 -3.10
CA PHE G 108 -86.79 -9.48 -3.72
C PHE G 108 -86.99 -9.41 -5.24
N LEU G 109 -85.97 -8.97 -5.95
CA LEU G 109 -86.05 -8.86 -7.38
C LEU G 109 -86.33 -10.23 -8.02
N GLY G 110 -87.61 -10.58 -8.11
CA GLY G 110 -87.99 -11.86 -8.67
C GLY G 110 -89.48 -12.08 -8.55
N PRO G 111 -89.94 -13.33 -8.75
CA PRO G 111 -91.35 -13.70 -8.66
C PRO G 111 -91.82 -13.70 -7.20
N PRO G 112 -93.14 -13.66 -6.96
CA PRO G 112 -93.59 -13.68 -5.56
C PRO G 112 -93.32 -15.11 -5.09
N ALA G 113 -93.12 -15.29 -3.78
CA ALA G 113 -92.85 -16.63 -3.24
C ALA G 113 -93.75 -17.65 -3.92
N ALA G 114 -95.05 -17.42 -3.78
CA ALA G 114 -96.06 -18.30 -4.35
C ALA G 114 -95.67 -18.80 -5.75
N ALA G 115 -95.56 -17.86 -6.69
CA ALA G 115 -95.22 -18.19 -8.07
C ALA G 115 -93.98 -19.05 -8.18
N ILE G 116 -93.00 -18.83 -7.32
CA ILE G 116 -91.76 -19.60 -7.41
C ILE G 116 -91.90 -21.11 -7.08
N ASP G 117 -92.48 -21.44 -5.92
CA ASP G 117 -92.65 -22.84 -5.51
C ASP G 117 -93.71 -23.48 -6.38
N ALA G 118 -94.39 -22.64 -7.13
CA ALA G 118 -95.40 -23.10 -8.04
C ALA G 118 -94.70 -24.13 -8.95
N MET G 119 -93.82 -23.63 -9.81
CA MET G 119 -93.09 -24.51 -10.72
C MET G 119 -92.08 -25.36 -9.96
N GLY G 120 -92.35 -25.59 -8.67
CA GLY G 120 -91.43 -26.37 -7.86
C GLY G 120 -91.61 -27.86 -8.09
N SER G 121 -92.86 -28.26 -8.30
CA SER G 121 -93.16 -29.66 -8.54
C SER G 121 -93.95 -29.75 -9.84
N LYS G 122 -93.53 -30.66 -10.72
CA LYS G 122 -94.15 -30.88 -12.03
C LYS G 122 -95.64 -31.14 -11.89
N SER G 123 -96.01 -31.52 -10.67
CA SER G 123 -97.38 -31.80 -10.30
C SER G 123 -98.11 -30.48 -10.34
N ALA G 124 -97.73 -29.62 -9.41
CA ALA G 124 -98.31 -28.30 -9.30
C ALA G 124 -98.42 -27.60 -10.65
N ALA G 125 -97.33 -27.64 -11.42
CA ALA G 125 -97.23 -27.00 -12.74
C ALA G 125 -98.13 -27.62 -13.80
N LYS G 126 -98.02 -28.93 -13.99
CA LYS G 126 -98.84 -29.65 -14.95
C LYS G 126 -100.27 -29.22 -14.80
N ALA G 127 -100.59 -28.79 -13.58
CA ALA G 127 -101.92 -28.32 -13.21
C ALA G 127 -102.23 -26.95 -13.81
N LEU G 128 -101.39 -25.98 -13.49
CA LEU G 128 -101.55 -24.61 -13.99
C LEU G 128 -101.50 -24.53 -15.50
N MET G 129 -100.47 -25.14 -16.09
CA MET G 129 -100.29 -25.15 -17.55
C MET G 129 -101.48 -25.81 -18.25
N GLU G 130 -102.02 -26.82 -17.58
CA GLU G 130 -103.19 -27.58 -18.01
C GLU G 130 -104.33 -26.60 -18.26
N GLU G 131 -104.89 -26.15 -17.16
CA GLU G 131 -105.99 -25.22 -17.23
C GLU G 131 -105.53 -23.80 -17.55
N ALA G 132 -104.46 -23.68 -18.32
CA ALA G 132 -104.00 -22.34 -18.62
C ALA G 132 -104.08 -22.05 -20.08
N GLY G 133 -103.93 -23.11 -20.89
CA GLY G 133 -103.98 -22.93 -22.33
C GLY G 133 -102.57 -23.05 -22.89
N VAL G 134 -101.79 -23.81 -22.12
CA VAL G 134 -100.40 -24.08 -22.41
C VAL G 134 -100.37 -25.59 -22.67
N PRO G 135 -100.17 -25.97 -23.94
CA PRO G 135 -100.13 -27.38 -24.31
C PRO G 135 -99.04 -28.16 -23.61
N LEU G 136 -99.35 -29.38 -23.19
CA LEU G 136 -98.37 -30.25 -22.55
C LEU G 136 -98.12 -31.40 -23.47
N VAL G 137 -97.45 -32.42 -22.98
CA VAL G 137 -97.19 -33.57 -23.85
C VAL G 137 -98.15 -34.68 -23.54
N PRO G 138 -98.71 -35.30 -24.57
CA PRO G 138 -99.65 -36.38 -24.35
C PRO G 138 -99.03 -37.67 -23.92
N GLY G 139 -99.87 -38.47 -23.30
CA GLY G 139 -99.44 -39.76 -22.81
C GLY G 139 -100.56 -40.38 -22.00
N TYR G 140 -100.32 -41.60 -21.54
CA TYR G 140 -101.31 -42.30 -20.76
C TYR G 140 -100.65 -42.94 -19.54
N HIS G 141 -101.44 -43.17 -18.48
CA HIS G 141 -100.92 -43.80 -17.28
C HIS G 141 -102.00 -44.18 -16.32
N GLY G 142 -101.57 -44.52 -15.12
CA GLY G 142 -102.50 -44.95 -14.11
C GLY G 142 -103.07 -46.28 -14.49
N GLU G 143 -104.19 -46.24 -15.20
CA GLU G 143 -104.93 -47.41 -15.64
C GLU G 143 -104.33 -48.19 -16.85
N ALA G 144 -103.27 -48.99 -16.62
CA ALA G 144 -102.60 -49.74 -17.70
C ALA G 144 -103.31 -50.97 -18.24
N GLN G 145 -104.49 -50.75 -18.82
CA GLN G 145 -105.36 -51.79 -19.40
C GLN G 145 -104.60 -52.88 -20.15
N ASP G 146 -104.83 -52.97 -21.47
CA ASP G 146 -104.20 -54.00 -22.30
C ASP G 146 -103.93 -53.60 -23.76
N LEU G 147 -103.62 -54.60 -24.57
CA LEU G 147 -103.33 -54.41 -25.99
C LEU G 147 -104.48 -53.71 -26.69
N GLU G 148 -105.40 -53.15 -25.92
CA GLU G 148 -106.55 -52.44 -26.46
C GLU G 148 -106.48 -50.93 -26.21
N THR G 149 -106.79 -50.52 -24.99
CA THR G 149 -106.76 -49.09 -24.63
C THR G 149 -105.42 -48.52 -25.06
N PHE G 150 -104.39 -49.36 -24.96
CA PHE G 150 -103.05 -48.97 -25.34
C PHE G 150 -103.07 -48.60 -26.80
N ARG G 151 -103.83 -49.33 -27.60
CA ARG G 151 -103.83 -48.93 -28.97
C ARG G 151 -104.67 -47.70 -29.17
N ARG G 152 -105.80 -47.58 -28.47
CA ARG G 152 -106.65 -46.41 -28.61
C ARG G 152 -105.94 -45.16 -28.10
N GLU G 153 -105.14 -45.34 -27.07
CA GLU G 153 -104.40 -44.23 -26.49
C GLU G 153 -103.14 -43.90 -27.29
N ALA G 154 -102.39 -44.95 -27.66
CA ALA G 154 -101.18 -44.80 -28.44
C ALA G 154 -101.63 -43.97 -29.60
N GLY G 155 -102.93 -44.06 -29.88
CA GLY G 155 -103.53 -43.33 -30.97
C GLY G 155 -103.56 -41.82 -30.82
N ARG G 156 -104.32 -41.31 -29.86
CA ARG G 156 -104.36 -39.86 -29.69
C ARG G 156 -102.99 -39.47 -29.17
N ILE G 157 -101.95 -39.58 -29.99
CA ILE G 157 -100.60 -39.27 -29.54
C ILE G 157 -99.56 -38.95 -30.65
N GLY G 158 -99.62 -39.65 -31.77
CA GLY G 158 -98.65 -39.45 -32.85
C GLY G 158 -97.75 -40.64 -32.66
N TYR G 159 -98.08 -41.74 -33.32
CA TYR G 159 -97.37 -42.97 -33.10
C TYR G 159 -95.91 -42.95 -32.80
N PRO G 160 -95.20 -41.87 -33.12
CA PRO G 160 -93.84 -42.12 -32.68
C PRO G 160 -93.94 -42.00 -31.12
N VAL G 161 -94.29 -43.10 -30.42
CA VAL G 161 -94.46 -43.11 -28.95
C VAL G 161 -93.62 -44.14 -28.18
N LEU G 162 -93.31 -43.79 -26.93
CA LEU G 162 -92.49 -44.65 -26.10
C LEU G 162 -93.29 -45.32 -25.01
N LEU G 163 -92.63 -46.26 -24.33
CA LEU G 163 -93.22 -47.04 -23.25
C LEU G 163 -92.33 -47.09 -22.00
N LYS G 164 -92.96 -47.03 -20.84
CA LYS G 164 -92.25 -47.09 -19.56
C LYS G 164 -92.97 -48.10 -18.65
N ALA G 165 -92.99 -47.78 -17.36
CA ALA G 165 -93.65 -48.64 -16.38
C ALA G 165 -93.73 -47.94 -15.03
N ALA G 166 -93.94 -48.74 -13.98
CA ALA G 166 -94.04 -48.23 -12.61
C ALA G 166 -92.67 -48.12 -11.90
N ALA G 167 -91.70 -48.90 -12.39
CA ALA G 167 -90.35 -48.91 -11.83
C ALA G 167 -89.47 -47.86 -12.50
N MET G 174 -89.38 -49.14 -20.42
CA MET G 174 -88.51 -48.39 -21.30
C MET G 174 -88.44 -49.12 -22.66
N LYS G 175 -89.22 -48.66 -23.64
CA LYS G 175 -89.26 -49.26 -24.99
C LYS G 175 -90.07 -48.40 -26.00
N VAL G 176 -89.43 -47.97 -27.10
CA VAL G 176 -90.09 -47.14 -28.09
C VAL G 176 -90.80 -47.96 -29.14
N VAL G 177 -91.90 -47.43 -29.65
CA VAL G 177 -92.70 -48.09 -30.66
C VAL G 177 -93.16 -47.01 -31.63
N GLU G 178 -92.73 -47.11 -32.87
CA GLU G 178 -93.03 -46.13 -33.93
C GLU G 178 -94.11 -46.55 -34.93
N ARG G 179 -94.14 -47.82 -35.30
CA ARG G 179 -95.11 -48.33 -36.25
C ARG G 179 -96.40 -48.59 -35.52
N GLU G 180 -97.41 -49.03 -36.25
CA GLU G 180 -98.68 -49.33 -35.62
C GLU G 180 -98.62 -50.74 -35.08
N ALA G 181 -98.69 -51.71 -35.98
CA ALA G 181 -98.66 -53.12 -35.63
C ALA G 181 -97.53 -53.49 -34.72
N GLU G 182 -96.37 -52.91 -34.98
CA GLU G 182 -95.19 -53.18 -34.19
C GLU G 182 -95.38 -53.05 -32.68
N LEU G 183 -96.49 -52.44 -32.26
CA LEU G 183 -96.78 -52.24 -30.83
C LEU G 183 -97.25 -53.47 -30.05
N ALA G 184 -97.56 -54.54 -30.76
CA ALA G 184 -98.04 -55.75 -30.11
C ALA G 184 -97.04 -56.24 -29.08
N GLU G 185 -96.17 -57.16 -29.49
CA GLU G 185 -95.16 -57.74 -28.59
C GLU G 185 -94.30 -56.69 -27.93
N ALA G 186 -94.17 -55.56 -28.63
CA ALA G 186 -93.36 -54.43 -28.17
C ALA G 186 -93.93 -53.91 -26.87
N LEU G 187 -95.11 -54.41 -26.52
CA LEU G 187 -95.78 -54.03 -25.29
C LEU G 187 -95.71 -55.16 -24.26
N SER G 188 -96.43 -56.24 -24.54
CA SER G 188 -96.48 -57.40 -23.65
C SER G 188 -95.12 -57.86 -23.19
N SER G 189 -94.09 -57.64 -24.00
CA SER G 189 -92.74 -58.04 -23.62
C SER G 189 -92.12 -57.20 -22.48
N ALA G 190 -92.95 -56.74 -21.55
CA ALA G 190 -92.52 -55.93 -20.39
C ALA G 190 -93.09 -56.59 -19.10
N GLN G 191 -92.22 -56.97 -18.15
CA GLN G 191 -92.64 -57.66 -16.91
C GLN G 191 -91.88 -57.31 -15.59
N ARG G 192 -91.59 -58.30 -14.74
CA ARG G 192 -90.88 -58.09 -13.47
C ARG G 192 -91.09 -56.75 -12.75
N ALA G 201 -96.21 -54.68 -12.28
CA ALA G 201 -95.68 -54.57 -13.64
C ALA G 201 -96.68 -53.97 -14.66
N ARG G 202 -97.14 -52.76 -14.37
CA ARG G 202 -98.08 -52.03 -15.23
C ARG G 202 -97.29 -51.06 -16.13
N MET G 203 -97.46 -51.14 -17.44
CA MET G 203 -96.72 -50.24 -18.33
C MET G 203 -97.37 -48.87 -18.57
N LEU G 204 -96.54 -47.96 -19.08
CA LEU G 204 -96.90 -46.57 -19.36
C LEU G 204 -96.71 -46.21 -20.83
N VAL G 205 -97.32 -45.10 -21.26
CA VAL G 205 -97.15 -44.62 -22.63
C VAL G 205 -97.02 -43.09 -22.74
N GLU G 206 -95.86 -42.68 -23.26
CA GLU G 206 -95.43 -41.30 -23.39
C GLU G 206 -95.24 -40.88 -24.84
N LYS G 207 -95.83 -39.76 -25.21
CA LYS G 207 -95.69 -39.24 -26.57
C LYS G 207 -94.21 -38.92 -26.87
N TYR G 208 -93.46 -39.84 -27.46
CA TYR G 208 -92.05 -39.56 -27.77
C TYR G 208 -92.03 -38.51 -28.89
N LEU G 209 -91.02 -37.65 -28.91
CA LEU G 209 -90.91 -36.59 -29.91
C LEU G 209 -89.68 -36.76 -30.84
N LEU G 210 -89.82 -36.35 -32.10
CA LEU G 210 -88.74 -36.46 -33.10
C LEU G 210 -87.82 -35.24 -33.25
N LYS G 211 -86.51 -35.45 -33.29
CA LYS G 211 -85.58 -34.35 -33.47
C LYS G 211 -86.09 -33.11 -32.75
N PRO G 212 -86.32 -33.21 -31.44
CA PRO G 212 -86.81 -32.06 -30.69
C PRO G 212 -85.81 -30.92 -30.54
N ARG G 213 -86.30 -29.69 -30.61
CA ARG G 213 -85.46 -28.51 -30.43
C ARG G 213 -85.94 -27.75 -29.18
N HIS G 214 -85.07 -27.64 -28.19
CA HIS G 214 -85.41 -26.93 -26.97
C HIS G 214 -85.41 -25.43 -27.30
N VAL G 215 -86.63 -24.84 -27.34
CA VAL G 215 -86.82 -23.40 -27.59
C VAL G 215 -87.44 -22.83 -26.32
N GLU G 216 -86.97 -21.69 -25.85
CA GLU G 216 -87.56 -21.14 -24.66
C GLU G 216 -88.03 -19.75 -24.98
N ILE G 217 -88.74 -19.14 -24.03
CA ILE G 217 -89.26 -17.80 -24.21
C ILE G 217 -89.06 -16.94 -23.00
N GLN G 218 -88.55 -15.73 -23.26
CA GLN G 218 -88.29 -14.73 -22.22
C GLN G 218 -89.60 -14.03 -22.00
N VAL G 219 -89.86 -13.73 -20.75
CA VAL G 219 -91.08 -13.08 -20.38
C VAL G 219 -90.74 -12.00 -19.36
N PHE G 220 -91.60 -10.98 -19.29
CA PHE G 220 -91.42 -9.86 -18.37
C PHE G 220 -92.77 -9.24 -17.95
N ALA G 221 -93.03 -9.23 -16.63
CA ALA G 221 -94.25 -8.66 -16.06
C ALA G 221 -93.78 -7.60 -15.07
N ASP G 222 -94.73 -6.96 -14.40
CA ASP G 222 -94.37 -5.98 -13.41
C ASP G 222 -95.49 -6.03 -12.41
N ARG G 223 -95.47 -5.11 -11.46
CA ARG G 223 -96.49 -5.03 -10.40
C ARG G 223 -97.83 -4.43 -10.89
N HIS G 224 -98.05 -4.41 -12.21
CA HIS G 224 -99.27 -3.81 -12.76
C HIS G 224 -99.96 -4.58 -13.89
N GLY G 225 -99.94 -5.92 -13.84
CA GLY G 225 -100.61 -6.70 -14.88
C GLY G 225 -100.01 -6.85 -16.27
N HIS G 226 -99.33 -5.84 -16.81
CA HIS G 226 -98.72 -5.95 -18.14
C HIS G 226 -97.94 -7.25 -18.16
N CYS G 227 -97.59 -7.71 -19.33
CA CYS G 227 -96.80 -8.95 -19.42
C CYS G 227 -96.46 -9.33 -20.84
N LEU G 228 -95.39 -8.77 -21.42
CA LEU G 228 -95.03 -9.10 -22.80
C LEU G 228 -93.92 -10.13 -22.84
N TYR G 229 -93.73 -10.79 -23.98
CA TYR G 229 -92.66 -11.78 -24.15
C TYR G 229 -91.59 -11.18 -25.07
N LEU G 230 -90.33 -11.38 -24.72
CA LEU G 230 -89.25 -10.81 -25.49
C LEU G 230 -88.65 -11.78 -26.50
N ASN G 231 -89.50 -12.39 -27.32
CA ASN G 231 -89.07 -13.34 -28.33
C ASN G 231 -88.59 -14.63 -27.69
N GLU G 232 -87.76 -15.38 -28.39
CA GLU G 232 -87.28 -16.64 -27.84
C GLU G 232 -85.78 -16.93 -28.07
N ARG G 233 -85.39 -18.18 -27.87
CA ARG G 233 -84.02 -18.57 -28.05
C ARG G 233 -84.02 -20.05 -28.29
N ASP G 234 -82.98 -20.56 -28.95
CA ASP G 234 -82.87 -21.99 -29.18
C ASP G 234 -81.63 -22.59 -28.53
N CYS G 235 -81.83 -23.17 -27.36
CA CYS G 235 -80.73 -23.77 -26.63
C CYS G 235 -80.77 -25.27 -26.85
N SER G 236 -80.46 -25.73 -28.06
CA SER G 236 -80.54 -27.15 -28.28
C SER G 236 -79.23 -27.89 -28.15
N ILE G 237 -78.20 -27.35 -28.75
CA ILE G 237 -76.90 -27.99 -28.70
C ILE G 237 -76.46 -28.14 -27.25
N GLN G 238 -76.60 -29.32 -26.65
CA GLN G 238 -76.18 -29.44 -25.26
C GLN G 238 -75.55 -30.75 -24.80
N ARG G 239 -74.55 -30.62 -23.92
CA ARG G 239 -73.78 -31.75 -23.34
C ARG G 239 -74.56 -32.46 -22.27
N ARG G 240 -74.83 -33.75 -22.49
CA ARG G 240 -75.56 -34.51 -21.50
C ARG G 240 -76.36 -33.54 -20.64
N HIS G 241 -77.34 -32.91 -21.25
CA HIS G 241 -78.20 -31.94 -20.59
C HIS G 241 -77.35 -30.95 -19.82
N GLN G 242 -77.12 -29.83 -20.47
CA GLN G 242 -76.33 -28.70 -19.95
C GLN G 242 -76.22 -27.82 -21.19
N LYS G 243 -76.90 -26.69 -21.17
CA LYS G 243 -76.88 -25.78 -22.31
C LYS G 243 -75.43 -25.37 -22.65
N VAL G 244 -75.12 -25.24 -23.95
CA VAL G 244 -73.78 -24.86 -24.45
C VAL G 244 -73.77 -23.71 -25.44
N VAL G 245 -74.72 -23.69 -26.36
CA VAL G 245 -74.79 -22.64 -27.36
C VAL G 245 -76.22 -22.24 -27.66
N GLU G 246 -76.60 -21.07 -27.18
CA GLU G 246 -77.95 -20.58 -27.40
C GLU G 246 -77.87 -19.51 -28.47
N GLU G 247 -79.01 -19.19 -29.08
CA GLU G 247 -79.06 -18.16 -30.11
C GLU G 247 -80.45 -17.56 -30.13
N ALA G 248 -80.53 -16.37 -30.69
CA ALA G 248 -81.80 -15.67 -30.79
C ALA G 248 -81.83 -14.70 -31.99
N PRO G 249 -82.89 -14.75 -32.82
CA PRO G 249 -84.06 -15.65 -32.71
C PRO G 249 -83.75 -17.16 -32.87
N ALA G 250 -84.76 -18.02 -32.92
CA ALA G 250 -84.52 -19.44 -33.10
C ALA G 250 -84.62 -19.63 -34.57
N PRO G 251 -83.64 -20.30 -35.15
CA PRO G 251 -83.48 -20.63 -36.56
C PRO G 251 -84.74 -20.95 -37.39
N GLY G 252 -85.26 -22.17 -37.28
CA GLY G 252 -86.45 -22.54 -38.05
C GLY G 252 -87.65 -21.63 -37.94
N LEU G 253 -88.59 -22.02 -37.07
CA LEU G 253 -89.86 -21.31 -36.84
C LEU G 253 -90.14 -19.93 -37.47
N GLY G 254 -91.35 -19.86 -38.06
CA GLY G 254 -91.82 -18.67 -38.74
C GLY G 254 -92.65 -17.69 -37.94
N ALA G 255 -92.66 -16.46 -38.41
CA ALA G 255 -93.38 -15.37 -37.78
C ALA G 255 -94.61 -15.82 -37.02
N GLU G 256 -95.35 -16.76 -37.57
CA GLU G 256 -96.53 -17.22 -36.87
C GLU G 256 -96.15 -18.05 -35.66
N LEU G 257 -95.38 -19.11 -35.86
CA LEU G 257 -95.02 -19.98 -34.74
C LEU G 257 -94.36 -19.23 -33.58
N ARG G 258 -93.81 -18.05 -33.86
CA ARG G 258 -93.17 -17.24 -32.81
C ARG G 258 -94.29 -16.73 -31.93
N ARG G 259 -95.04 -15.75 -32.42
CA ARG G 259 -96.14 -15.20 -31.65
C ARG G 259 -97.05 -16.31 -31.13
N ALA G 260 -96.82 -17.52 -31.64
CA ALA G 260 -97.58 -18.70 -31.23
C ALA G 260 -97.23 -19.05 -29.80
N MET G 261 -96.05 -19.63 -29.66
CA MET G 261 -95.54 -20.02 -28.37
C MET G 261 -95.37 -18.77 -27.53
N GLY G 262 -95.19 -17.62 -28.18
CA GLY G 262 -95.01 -16.37 -27.47
C GLY G 262 -96.11 -16.06 -26.47
N GLU G 263 -97.33 -16.03 -26.99
CA GLU G 263 -98.49 -15.77 -26.17
C GLU G 263 -98.73 -16.95 -25.24
N ALA G 264 -98.49 -18.16 -25.75
CA ALA G 264 -98.67 -19.40 -24.97
C ALA G 264 -97.87 -19.39 -23.68
N ALA G 265 -96.72 -18.71 -23.73
CA ALA G 265 -95.87 -18.61 -22.56
C ALA G 265 -96.53 -17.60 -21.65
N VAL G 266 -96.61 -16.36 -22.13
CA VAL G 266 -97.20 -15.28 -21.38
C VAL G 266 -98.56 -15.68 -20.79
N ARG G 267 -99.07 -16.81 -21.25
CA ARG G 267 -100.33 -17.35 -20.78
C ARG G 267 -100.05 -18.02 -19.45
N ALA G 268 -99.12 -18.96 -19.48
CA ALA G 268 -98.71 -19.70 -18.29
C ALA G 268 -98.11 -18.70 -17.29
N ALA G 269 -97.82 -17.50 -17.80
CA ALA G 269 -97.25 -16.38 -17.03
C ALA G 269 -98.29 -15.78 -16.10
N GLN G 270 -99.40 -15.34 -16.67
CA GLN G 270 -100.47 -14.77 -15.90
C GLN G 270 -101.03 -15.89 -15.04
N ALA G 271 -100.89 -17.14 -15.50
CA ALA G 271 -101.36 -18.29 -14.75
C ALA G 271 -100.91 -18.24 -13.28
N ILE G 272 -99.60 -18.08 -13.03
CA ILE G 272 -99.09 -18.02 -11.65
C ILE G 272 -98.96 -16.59 -11.07
N GLY G 273 -99.40 -15.59 -11.85
CA GLY G 273 -99.36 -14.20 -11.43
C GLY G 273 -97.92 -13.79 -11.22
N TYR G 274 -97.16 -13.76 -12.30
CA TYR G 274 -95.73 -13.46 -12.23
C TYR G 274 -95.32 -11.98 -12.15
N VAL G 275 -94.30 -11.75 -11.33
CA VAL G 275 -93.72 -10.43 -11.09
C VAL G 275 -92.55 -10.19 -12.04
N GLY G 276 -91.36 -10.67 -11.66
CA GLY G 276 -90.11 -10.47 -12.42
C GLY G 276 -89.99 -10.96 -13.85
N ALA G 277 -88.77 -11.25 -14.29
CA ALA G 277 -88.58 -11.77 -15.64
C ALA G 277 -88.52 -13.28 -15.46
N GLY G 278 -88.50 -14.00 -16.56
CA GLY G 278 -88.47 -15.46 -16.49
C GLY G 278 -88.53 -16.11 -17.86
N THR G 279 -88.16 -17.38 -17.95
CA THR G 279 -88.17 -18.06 -19.22
C THR G 279 -89.06 -19.31 -19.17
N VAL G 280 -89.79 -19.58 -20.23
CA VAL G 280 -90.60 -20.79 -20.22
C VAL G 280 -90.03 -21.69 -21.24
N GLU G 281 -89.49 -22.79 -20.76
CA GLU G 281 -88.86 -23.71 -21.65
C GLU G 281 -89.84 -24.67 -22.26
N PHE G 282 -89.81 -24.73 -23.59
CA PHE G 282 -90.65 -25.61 -24.39
C PHE G 282 -89.76 -26.58 -25.17
N LEU G 283 -90.38 -27.54 -25.85
CA LEU G 283 -89.60 -28.50 -26.62
C LEU G 283 -90.29 -28.74 -27.97
N LEU G 284 -89.99 -27.92 -28.98
CA LEU G 284 -90.60 -28.02 -30.32
C LEU G 284 -90.12 -29.27 -31.10
N ASP G 285 -91.00 -29.84 -31.92
CA ASP G 285 -90.70 -31.06 -32.68
C ASP G 285 -90.78 -30.83 -34.21
N GLU G 286 -90.20 -31.73 -35.01
CA GLU G 286 -90.24 -31.60 -36.45
C GLU G 286 -91.68 -31.36 -36.89
N ARG G 287 -92.56 -32.31 -36.58
CA ARG G 287 -93.98 -32.23 -36.96
C ARG G 287 -94.58 -30.84 -36.80
N GLY G 288 -93.99 -29.97 -35.97
CA GLY G 288 -94.49 -28.61 -35.80
C GLY G 288 -95.33 -28.22 -34.59
N GLN G 289 -95.23 -28.98 -33.50
CA GLN G 289 -96.01 -28.71 -32.27
C GLN G 289 -95.12 -28.56 -31.01
N PHE G 290 -95.35 -27.52 -30.23
CA PHE G 290 -94.54 -27.32 -29.06
C PHE G 290 -95.17 -27.85 -27.81
N PHE G 291 -94.32 -28.03 -26.81
CA PHE G 291 -94.73 -28.57 -25.52
C PHE G 291 -94.00 -27.87 -24.36
N PHE G 292 -94.72 -27.57 -23.29
CA PHE G 292 -94.13 -26.95 -22.10
C PHE G 292 -93.28 -27.96 -21.36
N MET G 293 -92.10 -27.57 -20.95
CA MET G 293 -91.21 -28.47 -20.24
C MET G 293 -91.06 -28.12 -18.79
N GLU G 294 -90.83 -26.85 -18.54
CA GLU G 294 -90.71 -26.39 -17.18
C GLU G 294 -90.62 -24.88 -17.23
N MET G 295 -90.50 -24.28 -16.06
CA MET G 295 -90.42 -22.85 -16.04
C MET G 295 -89.37 -22.43 -15.02
N ASN G 296 -88.53 -21.45 -15.42
CA ASN G 296 -87.47 -20.91 -14.56
C ASN G 296 -87.90 -19.55 -14.07
N THR G 297 -88.13 -19.49 -12.77
CA THR G 297 -88.59 -18.31 -12.12
C THR G 297 -87.46 -17.36 -11.72
N ARG G 298 -86.58 -17.08 -12.68
CA ARG G 298 -85.43 -16.20 -12.47
C ARG G 298 -84.97 -15.67 -13.82
N LEU G 299 -83.85 -14.95 -13.87
CA LEU G 299 -83.35 -14.46 -15.14
C LEU G 299 -82.59 -15.68 -15.62
N GLN G 300 -82.68 -16.05 -16.89
CA GLN G 300 -81.93 -17.24 -17.30
C GLN G 300 -80.49 -16.90 -17.72
N VAL G 301 -79.62 -17.88 -17.52
CA VAL G 301 -78.20 -17.80 -17.80
C VAL G 301 -77.85 -17.03 -19.07
N GLU G 302 -78.50 -17.47 -20.17
CA GLU G 302 -78.32 -16.96 -21.53
C GLU G 302 -79.18 -15.79 -21.94
N HIS G 303 -79.41 -14.89 -20.98
CA HIS G 303 -80.22 -13.71 -21.24
C HIS G 303 -79.58 -12.72 -22.21
N PRO G 304 -78.24 -12.73 -22.35
CA PRO G 304 -77.66 -11.75 -23.26
C PRO G 304 -78.13 -11.81 -24.72
N VAL G 305 -78.24 -13.01 -25.29
CA VAL G 305 -78.69 -13.16 -26.68
C VAL G 305 -80.00 -12.44 -26.94
N THR G 306 -80.90 -12.50 -25.97
CA THR G 306 -82.20 -11.86 -26.05
C THR G 306 -82.05 -10.34 -25.96
N GLU G 307 -81.12 -9.89 -25.13
CA GLU G 307 -80.86 -8.47 -24.98
C GLU G 307 -80.28 -8.00 -26.32
N ALA G 308 -79.43 -8.83 -26.87
CA ALA G 308 -78.77 -8.49 -28.12
C ALA G 308 -79.77 -8.17 -29.19
N ILE G 309 -80.61 -9.14 -29.53
CA ILE G 309 -81.58 -8.94 -30.60
C ILE G 309 -82.58 -7.83 -30.35
N THR G 310 -82.97 -7.59 -29.10
CA THR G 310 -83.91 -6.51 -28.78
C THR G 310 -83.19 -5.15 -28.73
N GLY G 311 -82.67 -4.86 -27.53
CA GLY G 311 -81.94 -3.64 -27.31
C GLY G 311 -82.23 -3.27 -25.89
N LEU G 312 -82.61 -4.30 -25.11
CA LEU G 312 -83.00 -4.15 -23.71
C LEU G 312 -82.05 -4.66 -22.61
N ASP G 313 -81.99 -3.91 -21.50
CA ASP G 313 -81.17 -4.27 -20.35
C ASP G 313 -82.04 -5.07 -19.39
N LEU G 314 -82.24 -6.36 -19.69
CA LEU G 314 -83.06 -7.26 -18.86
C LEU G 314 -82.94 -7.02 -17.36
N VAL G 315 -81.72 -6.97 -16.80
CA VAL G 315 -81.60 -6.75 -15.36
C VAL G 315 -82.10 -5.36 -14.97
N ALA G 316 -81.72 -4.31 -15.72
CA ALA G 316 -82.18 -2.95 -15.40
C ALA G 316 -83.72 -2.96 -15.24
N TRP G 317 -84.40 -3.71 -16.10
CA TRP G 317 -85.86 -3.83 -16.02
C TRP G 317 -86.25 -4.40 -14.66
N GLN G 318 -85.58 -5.48 -14.22
CA GLN G 318 -85.91 -6.09 -12.93
C GLN G 318 -85.84 -5.07 -11.81
N ILE G 319 -84.81 -4.23 -11.85
CA ILE G 319 -84.62 -3.19 -10.85
C ILE G 319 -85.73 -2.14 -10.96
N ARG G 320 -86.47 -2.17 -12.04
CA ARG G 320 -87.55 -1.22 -12.14
C ARG G 320 -88.89 -1.83 -11.71
N VAL G 321 -89.17 -3.10 -12.11
CA VAL G 321 -90.41 -3.82 -11.72
C VAL G 321 -90.48 -3.93 -10.22
N ALA G 322 -89.31 -4.08 -9.60
CA ALA G 322 -89.23 -4.17 -8.16
C ALA G 322 -89.54 -2.82 -7.53
N ARG G 323 -89.10 -1.73 -8.16
CA ARG G 323 -89.38 -0.40 -7.64
C ARG G 323 -90.89 -0.22 -7.68
N GLY G 324 -91.44 -0.35 -8.87
CA GLY G 324 -92.87 -0.20 -9.00
C GLY G 324 -93.07 -0.09 -10.49
N GLU G 325 -92.28 0.80 -11.08
CA GLU G 325 -92.30 1.07 -12.52
C GLU G 325 -93.05 0.02 -13.40
N ALA G 326 -93.71 0.49 -14.45
CA ALA G 326 -94.46 -0.40 -15.34
C ALA G 326 -93.66 -0.62 -16.63
N LEU G 327 -93.84 -1.76 -17.30
CA LEU G 327 -93.07 -2.07 -18.54
C LEU G 327 -93.18 -0.93 -19.55
N PRO G 328 -92.04 -0.49 -20.12
CA PRO G 328 -91.94 0.60 -21.10
C PRO G 328 -92.32 0.24 -22.56
N LEU G 329 -92.53 -1.04 -22.82
CA LEU G 329 -92.88 -1.50 -24.16
C LEU G 329 -94.08 -2.40 -24.18
N THR G 330 -94.99 -2.17 -25.13
CA THR G 330 -96.19 -2.99 -25.28
C THR G 330 -95.82 -4.21 -26.10
N GLN G 331 -96.54 -5.30 -25.92
CA GLN G 331 -96.19 -6.48 -26.68
C GLN G 331 -95.77 -6.18 -28.14
N GLU G 332 -96.56 -5.34 -28.84
CA GLU G 332 -96.29 -4.97 -30.23
C GLU G 332 -95.24 -3.89 -30.36
N GLN G 333 -94.17 -4.02 -29.59
CA GLN G 333 -93.07 -3.06 -29.61
C GLN G 333 -91.74 -3.72 -29.40
N VAL G 334 -91.78 -4.87 -28.74
CA VAL G 334 -90.57 -5.66 -28.46
C VAL G 334 -89.92 -5.91 -29.81
N PRO G 335 -88.77 -5.27 -30.06
CA PRO G 335 -88.04 -5.43 -31.33
C PRO G 335 -87.46 -6.81 -31.56
N LEU G 336 -86.77 -6.92 -32.69
CA LEU G 336 -86.12 -8.15 -33.11
C LEU G 336 -85.22 -7.89 -34.34
N ASN G 337 -84.38 -6.84 -34.27
CA ASN G 337 -83.42 -6.52 -35.37
C ASN G 337 -82.31 -7.54 -35.24
N GLY G 338 -81.70 -7.96 -36.36
CA GLY G 338 -80.60 -8.92 -36.33
C GLY G 338 -80.62 -10.28 -35.62
N HIS G 339 -79.42 -10.83 -35.39
CA HIS G 339 -79.30 -12.15 -34.78
C HIS G 339 -78.12 -12.21 -33.79
N ALA G 340 -78.21 -13.11 -32.81
CA ALA G 340 -77.17 -13.27 -31.82
C ALA G 340 -76.92 -14.72 -31.33
N ILE G 341 -75.66 -15.10 -31.27
CA ILE G 341 -75.27 -16.44 -30.82
C ILE G 341 -74.44 -16.28 -29.54
N GLU G 342 -74.46 -17.29 -28.68
CA GLU G 342 -73.71 -17.27 -27.42
C GLU G 342 -73.15 -18.64 -27.01
N VAL G 343 -71.99 -18.63 -26.34
CA VAL G 343 -71.35 -19.85 -25.89
C VAL G 343 -70.93 -19.72 -24.44
N ARG G 344 -70.82 -20.84 -23.75
CA ARG G 344 -70.43 -20.84 -22.34
C ARG G 344 -69.00 -21.38 -22.19
N LEU G 345 -68.08 -20.57 -21.64
CA LEU G 345 -66.70 -20.99 -21.47
C LEU G 345 -66.47 -21.70 -20.15
N TYR G 346 -66.41 -23.03 -20.22
CA TYR G 346 -66.23 -23.86 -19.03
C TYR G 346 -64.79 -24.37 -18.72
N ALA G 347 -64.55 -24.63 -17.43
CA ALA G 347 -63.29 -25.17 -16.95
C ALA G 347 -63.52 -26.66 -16.97
N GLU G 348 -64.09 -27.14 -18.07
CA GLU G 348 -64.43 -28.55 -18.27
C GLU G 348 -63.26 -29.38 -18.82
N ASP G 349 -63.48 -29.90 -20.03
CA ASP G 349 -62.51 -30.74 -20.76
C ASP G 349 -63.24 -31.19 -22.02
N PRO G 350 -62.70 -30.87 -23.20
CA PRO G 350 -63.37 -31.29 -24.42
C PRO G 350 -63.43 -32.83 -24.55
N GLU G 351 -62.27 -33.42 -24.83
CA GLU G 351 -62.09 -34.85 -25.02
C GLU G 351 -62.20 -35.68 -23.73
N GLY G 352 -61.67 -35.17 -22.64
CA GLY G 352 -61.69 -35.88 -21.36
C GLY G 352 -63.04 -36.20 -20.71
N ASP G 353 -64.09 -36.41 -21.52
CA ASP G 353 -65.43 -36.76 -21.03
C ASP G 353 -66.04 -35.72 -20.09
N PHE G 354 -65.75 -34.45 -20.37
CA PHE G 354 -66.25 -33.33 -19.58
C PHE G 354 -66.17 -33.52 -18.06
N LEU G 355 -64.92 -33.56 -17.59
CA LEU G 355 -64.57 -33.70 -16.19
C LEU G 355 -64.16 -32.29 -15.74
N PRO G 356 -65.15 -31.43 -15.37
CA PRO G 356 -64.91 -30.06 -14.92
C PRO G 356 -63.70 -29.83 -14.02
N ALA G 357 -62.52 -29.94 -14.63
CA ALA G 357 -61.26 -29.75 -13.93
C ALA G 357 -61.29 -28.45 -13.13
N SER G 358 -60.28 -28.23 -12.29
CA SER G 358 -60.22 -27.02 -11.45
C SER G 358 -58.83 -26.71 -10.94
N GLY G 359 -58.11 -25.88 -11.67
CA GLY G 359 -56.77 -25.48 -11.26
C GLY G 359 -56.62 -23.99 -11.01
N ARG G 360 -55.71 -23.35 -11.72
CA ARG G 360 -55.44 -21.92 -11.57
C ARG G 360 -55.26 -21.23 -12.92
N LEU G 361 -56.03 -20.20 -13.19
CA LEU G 361 -55.91 -19.49 -14.47
C LEU G 361 -54.55 -18.82 -14.71
N MET G 362 -53.65 -19.49 -15.43
CA MET G 362 -52.34 -18.90 -15.71
C MET G 362 -52.51 -17.84 -16.78
N LEU G 363 -53.10 -18.23 -17.91
CA LEU G 363 -53.33 -17.33 -19.04
C LEU G 363 -54.83 -17.12 -19.32
N TYR G 364 -55.22 -15.86 -19.54
CA TYR G 364 -56.62 -15.52 -19.80
C TYR G 364 -56.63 -14.25 -20.64
N ARG G 365 -56.76 -14.38 -21.95
CA ARG G 365 -56.78 -13.22 -22.84
C ARG G 365 -58.13 -13.17 -23.59
N GLU G 366 -58.99 -12.24 -23.21
CA GLU G 366 -60.30 -12.11 -23.84
C GLU G 366 -60.17 -11.37 -25.15
N ALA G 367 -60.88 -11.82 -26.18
CA ALA G 367 -60.83 -11.15 -27.47
C ALA G 367 -61.15 -9.68 -27.21
N ALA G 368 -60.61 -8.77 -28.04
CA ALA G 368 -60.85 -7.34 -27.85
C ALA G 368 -62.26 -7.00 -28.27
N ALA G 369 -62.92 -6.09 -27.55
CA ALA G 369 -64.28 -5.76 -27.94
C ALA G 369 -64.22 -5.11 -29.30
N GLY G 370 -65.38 -5.00 -29.96
CA GLY G 370 -65.44 -4.40 -31.28
C GLY G 370 -66.77 -4.55 -32.01
N PRO G 371 -66.75 -4.87 -33.32
CA PRO G 371 -67.89 -5.06 -34.22
C PRO G 371 -69.22 -5.16 -33.51
N GLY G 372 -69.61 -6.38 -33.18
CA GLY G 372 -70.85 -6.60 -32.46
C GLY G 372 -70.55 -7.64 -31.41
N ARG G 373 -69.40 -7.45 -30.77
CA ARG G 373 -68.95 -8.38 -29.76
C ARG G 373 -69.15 -7.97 -28.29
N ARG G 374 -69.65 -8.93 -27.52
CA ARG G 374 -69.90 -8.79 -26.07
C ARG G 374 -69.36 -10.02 -25.33
N VAL G 375 -68.85 -9.76 -24.12
CA VAL G 375 -68.35 -10.80 -23.22
C VAL G 375 -68.56 -10.41 -21.76
N ASP G 376 -69.36 -11.26 -21.12
CA ASP G 376 -69.72 -11.16 -19.72
C ASP G 376 -68.78 -12.21 -19.15
N SER G 377 -67.90 -11.80 -18.25
CA SER G 377 -66.93 -12.73 -17.64
C SER G 377 -66.91 -12.40 -16.19
N GLY G 378 -66.43 -13.34 -15.38
CA GLY G 378 -66.38 -13.11 -13.96
C GLY G 378 -65.06 -13.53 -13.36
N VAL G 379 -64.04 -13.56 -14.21
CA VAL G 379 -62.74 -13.94 -13.75
C VAL G 379 -61.68 -13.05 -14.37
N ARG G 380 -60.45 -13.20 -13.90
CA ARG G 380 -59.38 -12.41 -14.42
C ARG G 380 -58.13 -13.25 -14.36
N GLU G 381 -57.29 -13.12 -15.38
CA GLU G 381 -56.06 -13.87 -15.46
C GLU G 381 -55.42 -13.95 -14.11
N GLY G 382 -55.00 -15.16 -13.73
CA GLY G 382 -54.36 -15.34 -12.46
C GLY G 382 -55.28 -15.75 -11.33
N ASP G 383 -56.58 -15.67 -11.51
CA ASP G 383 -57.43 -16.04 -10.40
C ASP G 383 -57.45 -17.55 -10.21
N GLU G 384 -57.82 -18.00 -9.01
CA GLU G 384 -57.84 -19.42 -8.81
C GLU G 384 -59.24 -20.00 -9.05
N VAL G 385 -59.27 -21.02 -9.91
CA VAL G 385 -60.52 -21.70 -10.29
C VAL G 385 -61.00 -22.67 -9.21
N SER G 386 -61.96 -22.24 -8.40
CA SER G 386 -62.49 -23.06 -7.31
C SER G 386 -63.16 -24.36 -7.70
N PRO G 387 -63.08 -25.38 -6.84
CA PRO G 387 -63.70 -26.66 -7.14
C PRO G 387 -65.10 -26.72 -6.50
N PHE G 388 -65.40 -25.76 -5.62
CA PHE G 388 -66.69 -25.69 -4.93
C PHE G 388 -67.73 -24.86 -5.65
N TYR G 389 -67.40 -24.42 -6.87
CA TYR G 389 -68.30 -23.59 -7.68
C TYR G 389 -68.37 -24.01 -9.16
N ASP G 390 -69.40 -23.57 -9.89
CA ASP G 390 -69.55 -23.96 -11.29
C ASP G 390 -68.42 -23.48 -12.18
N PRO G 391 -67.79 -24.40 -12.89
CA PRO G 391 -66.67 -24.08 -13.77
C PRO G 391 -66.89 -23.10 -14.92
N MET G 392 -67.86 -22.21 -14.83
CA MET G 392 -68.06 -21.28 -15.93
C MET G 392 -67.27 -19.98 -15.84
N LEU G 393 -66.23 -19.88 -16.66
CA LEU G 393 -65.38 -18.69 -16.69
C LEU G 393 -66.05 -17.46 -17.30
N ALA G 394 -66.65 -17.63 -18.46
CA ALA G 394 -67.28 -16.50 -19.10
C ALA G 394 -68.32 -16.88 -20.16
N LYS G 395 -69.16 -15.90 -20.52
CA LYS G 395 -70.22 -15.98 -21.52
C LYS G 395 -69.71 -15.14 -22.71
N LEU G 396 -69.57 -15.74 -23.90
CA LEU G 396 -69.07 -15.03 -25.11
C LEU G 396 -70.21 -14.86 -26.10
N ILE G 397 -70.57 -13.61 -26.38
CA ILE G 397 -71.69 -13.35 -27.28
C ILE G 397 -71.44 -12.37 -28.40
N ALA G 398 -72.05 -12.63 -29.55
CA ALA G 398 -71.87 -11.74 -30.67
C ALA G 398 -73.13 -11.62 -31.48
N TRP G 399 -73.32 -10.47 -32.12
CA TRP G 399 -74.49 -10.24 -32.97
C TRP G 399 -74.09 -9.81 -34.38
N GLY G 400 -75.01 -10.01 -35.33
CA GLY G 400 -74.80 -9.61 -36.72
C GLY G 400 -76.13 -9.15 -37.29
N GLU G 401 -76.20 -8.85 -38.58
CA GLU G 401 -77.49 -8.45 -39.12
C GLU G 401 -78.12 -9.72 -39.69
N THR G 402 -77.30 -10.74 -39.80
CA THR G 402 -77.70 -12.04 -40.32
C THR G 402 -77.19 -13.03 -39.32
N ARG G 403 -77.43 -14.31 -39.55
CA ARG G 403 -76.94 -15.32 -38.62
C ARG G 403 -75.49 -15.65 -38.82
N GLU G 404 -75.07 -15.84 -40.06
CA GLU G 404 -73.66 -16.15 -40.26
C GLU G 404 -72.83 -14.95 -39.81
N GLU G 405 -73.33 -13.73 -40.03
CA GLU G 405 -72.60 -12.52 -39.65
C GLU G 405 -72.31 -12.64 -38.17
N ALA G 406 -73.20 -13.31 -37.47
CA ALA G 406 -73.01 -13.51 -36.06
C ALA G 406 -71.99 -14.60 -35.90
N ARG G 407 -72.37 -15.81 -36.26
CA ARG G 407 -71.50 -16.97 -36.14
C ARG G 407 -70.06 -16.75 -36.59
N GLN G 408 -69.88 -16.08 -37.74
CA GLN G 408 -68.54 -15.81 -38.28
C GLN G 408 -67.79 -14.84 -37.38
N ARG G 409 -68.56 -13.97 -36.74
CA ARG G 409 -68.00 -12.98 -35.85
C ARG G 409 -67.66 -13.56 -34.48
N LEU G 410 -68.46 -14.51 -34.02
CA LEU G 410 -68.24 -15.16 -32.74
C LEU G 410 -67.16 -16.18 -32.85
N LEU G 411 -66.98 -16.73 -34.05
CA LEU G 411 -65.93 -17.71 -34.26
C LEU G 411 -64.60 -16.96 -34.28
N ALA G 412 -64.69 -15.67 -34.60
CA ALA G 412 -63.54 -14.77 -34.61
C ALA G 412 -63.07 -14.62 -33.14
N MET G 413 -64.02 -14.24 -32.26
CA MET G 413 -63.78 -14.06 -30.83
C MET G 413 -63.14 -15.27 -30.19
N LEU G 414 -63.67 -16.45 -30.49
CA LEU G 414 -63.14 -17.69 -29.94
C LEU G 414 -61.71 -17.92 -30.35
N ALA G 415 -61.28 -17.25 -31.42
CA ALA G 415 -59.93 -17.40 -31.91
C ALA G 415 -58.95 -16.45 -31.22
N GLU G 416 -59.43 -15.24 -30.90
CA GLU G 416 -58.60 -14.25 -30.23
C GLU G 416 -58.52 -14.52 -28.74
N THR G 417 -59.41 -15.36 -28.25
CA THR G 417 -59.43 -15.71 -26.83
C THR G 417 -58.56 -16.91 -26.51
N SER G 418 -57.86 -16.82 -25.39
CA SER G 418 -56.99 -17.91 -25.01
C SER G 418 -56.91 -18.05 -23.51
N VAL G 419 -57.06 -19.28 -23.05
CA VAL G 419 -56.99 -19.59 -21.64
C VAL G 419 -56.01 -20.73 -21.51
N GLY G 420 -55.04 -20.59 -20.60
CA GLY G 420 -54.06 -21.64 -20.41
C GLY G 420 -53.74 -21.99 -18.97
N GLY G 421 -53.43 -23.27 -18.74
CA GLY G 421 -53.11 -23.75 -17.40
C GLY G 421 -54.33 -24.33 -16.72
N LEU G 422 -55.08 -25.13 -17.46
CA LEU G 422 -56.32 -25.71 -16.96
C LEU G 422 -57.05 -26.37 -18.11
N ARG G 423 -57.74 -27.49 -17.89
CA ARG G 423 -58.49 -28.12 -18.98
C ARG G 423 -59.68 -27.18 -19.38
N THR G 424 -59.81 -26.84 -20.66
CA THR G 424 -60.90 -25.95 -21.14
C THR G 424 -61.70 -26.48 -22.34
N ASN G 425 -62.95 -26.08 -22.41
CA ASN G 425 -63.77 -26.53 -23.51
C ASN G 425 -63.69 -25.52 -24.64
N LEU G 426 -62.83 -24.53 -24.51
CA LEU G 426 -62.70 -23.51 -25.56
C LEU G 426 -62.25 -24.14 -26.86
N ALA G 427 -61.63 -25.31 -26.77
CA ALA G 427 -61.16 -26.03 -27.96
C ALA G 427 -62.42 -26.55 -28.67
N PHE G 428 -63.24 -27.21 -27.87
CA PHE G 428 -64.52 -27.80 -28.24
C PHE G 428 -65.38 -26.80 -29.00
N LEU G 429 -65.79 -25.75 -28.31
CA LEU G 429 -66.60 -24.69 -28.88
C LEU G 429 -66.08 -24.26 -30.24
N ARG G 430 -64.81 -23.87 -30.30
CA ARG G 430 -64.24 -23.44 -31.58
C ARG G 430 -64.73 -24.37 -32.69
N ARG G 431 -64.60 -25.68 -32.46
CA ARG G 431 -64.97 -26.72 -33.42
C ARG G 431 -66.45 -26.96 -33.74
N ILE G 432 -67.35 -26.55 -32.85
CA ILE G 432 -68.79 -26.78 -33.07
C ILE G 432 -69.48 -25.56 -33.67
N LEU G 433 -68.79 -24.43 -33.68
CA LEU G 433 -69.36 -23.24 -34.27
C LEU G 433 -68.93 -23.27 -35.73
N GLY G 434 -67.88 -24.02 -36.00
CA GLY G 434 -67.41 -24.13 -37.37
C GLY G 434 -67.87 -25.39 -38.08
N HIS G 435 -68.54 -26.27 -37.35
CA HIS G 435 -69.03 -27.51 -37.92
C HIS G 435 -70.10 -27.16 -38.95
N PRO G 436 -70.00 -27.73 -40.17
CA PRO G 436 -70.98 -27.46 -41.23
C PRO G 436 -72.43 -27.67 -40.81
N ALA G 437 -72.63 -28.62 -39.92
CA ALA G 437 -73.96 -28.90 -39.42
C ALA G 437 -74.53 -27.65 -38.82
N PHE G 438 -73.68 -26.90 -38.13
CA PHE G 438 -74.09 -25.66 -37.50
C PHE G 438 -74.39 -24.59 -38.56
N ALA G 439 -73.77 -24.68 -39.72
CA ALA G 439 -74.08 -23.69 -40.74
C ALA G 439 -75.58 -23.74 -40.99
N ALA G 440 -76.06 -24.92 -41.39
CA ALA G 440 -77.49 -25.14 -41.65
C ALA G 440 -78.19 -25.44 -40.33
N ALA G 441 -79.50 -25.23 -40.28
CA ALA G 441 -80.26 -25.45 -39.06
C ALA G 441 -80.40 -26.90 -38.57
N GLU G 442 -79.39 -27.75 -38.77
CA GLU G 442 -79.52 -29.13 -38.31
C GLU G 442 -79.55 -29.24 -36.79
N LEU G 443 -80.39 -28.41 -36.16
CA LEU G 443 -80.53 -28.34 -34.70
C LEU G 443 -81.60 -29.22 -34.05
N ASP G 444 -81.23 -29.77 -32.92
CA ASP G 444 -82.09 -30.62 -32.10
C ASP G 444 -81.29 -30.82 -30.82
N THR G 445 -81.70 -31.73 -29.95
CA THR G 445 -80.94 -31.92 -28.72
C THR G 445 -80.04 -33.15 -28.76
N GLY G 446 -79.95 -33.78 -29.92
CA GLY G 446 -79.09 -34.94 -30.02
C GLY G 446 -77.82 -34.52 -30.73
N PHE G 447 -77.82 -33.27 -31.22
CA PHE G 447 -76.70 -32.65 -31.97
C PHE G 447 -75.32 -32.94 -31.45
N ILE G 448 -75.09 -32.58 -30.20
CA ILE G 448 -73.78 -32.82 -29.65
C ILE G 448 -73.44 -34.27 -29.62
N ALA G 449 -74.46 -35.10 -29.59
CA ALA G 449 -74.28 -36.53 -29.57
C ALA G 449 -73.91 -36.98 -30.99
N ARG G 450 -74.75 -36.60 -31.94
CA ARG G 450 -74.58 -36.95 -33.35
C ARG G 450 -73.19 -36.78 -33.92
N HIS G 451 -72.77 -35.54 -34.19
CA HIS G 451 -71.46 -35.34 -34.76
C HIS G 451 -70.37 -35.53 -33.71
N GLN G 452 -70.61 -36.46 -32.81
CA GLN G 452 -69.69 -36.79 -31.72
C GLN G 452 -68.20 -36.76 -32.13
N ASP G 453 -67.81 -37.63 -33.04
CA ASP G 453 -66.42 -37.73 -33.47
C ASP G 453 -65.85 -36.44 -34.02
N ASP G 454 -66.64 -35.76 -34.82
CA ASP G 454 -66.25 -34.50 -35.44
C ASP G 454 -65.84 -33.41 -34.44
N LEU G 455 -66.43 -33.41 -33.26
CA LEU G 455 -66.11 -32.39 -32.27
C LEU G 455 -65.28 -32.81 -31.06
N LEU G 456 -64.97 -34.09 -30.95
CA LEU G 456 -64.16 -34.58 -29.84
C LEU G 456 -63.07 -35.53 -30.31
N PRO G 457 -62.42 -35.22 -31.44
CA PRO G 457 -61.37 -36.09 -31.98
C PRO G 457 -60.38 -36.60 -30.94
N ALA G 458 -59.61 -37.60 -31.35
CA ALA G 458 -58.59 -38.20 -30.49
C ALA G 458 -57.29 -37.44 -30.61
N PRO G 459 -56.58 -37.25 -29.49
CA PRO G 459 -55.31 -36.53 -29.53
C PRO G 459 -54.24 -37.21 -30.41
N GLN G 460 -53.02 -36.69 -30.34
CA GLN G 460 -51.87 -37.18 -31.11
C GLN G 460 -50.78 -36.14 -30.96
N ALA G 461 -49.58 -36.55 -30.58
CA ALA G 461 -48.47 -35.60 -30.41
C ALA G 461 -47.98 -34.98 -31.71
N LEU G 462 -48.94 -34.47 -32.51
CA LEU G 462 -48.69 -33.83 -33.82
C LEU G 462 -47.21 -33.47 -34.13
N PRO G 463 -46.86 -33.38 -35.43
CA PRO G 463 -45.54 -33.07 -36.00
C PRO G 463 -44.41 -32.47 -35.17
N GLU G 464 -43.24 -32.42 -35.81
CA GLU G 464 -42.04 -31.82 -35.25
C GLU G 464 -42.28 -30.39 -35.70
N HIS G 465 -43.14 -30.29 -36.73
CA HIS G 465 -43.57 -29.02 -37.31
C HIS G 465 -43.77 -28.14 -36.08
N PHE G 466 -44.43 -28.73 -35.08
CA PHE G 466 -44.73 -28.09 -33.80
C PHE G 466 -43.46 -27.88 -33.00
N TRP G 467 -42.98 -28.96 -32.38
CA TRP G 467 -41.78 -28.85 -31.56
C TRP G 467 -40.86 -27.73 -31.97
N GLN G 468 -40.49 -27.70 -33.25
CA GLN G 468 -39.60 -26.65 -33.72
C GLN G 468 -40.10 -25.26 -33.37
N ALA G 469 -41.33 -24.94 -33.76
CA ALA G 469 -41.86 -23.64 -33.44
C ALA G 469 -41.86 -23.46 -31.94
N ALA G 470 -42.46 -24.38 -31.22
CA ALA G 470 -42.51 -24.24 -29.78
C ALA G 470 -41.14 -23.97 -29.14
N ALA G 471 -40.10 -24.63 -29.66
CA ALA G 471 -38.78 -24.43 -29.09
C ALA G 471 -38.36 -23.03 -29.39
N GLU G 472 -38.34 -22.69 -30.67
CA GLU G 472 -37.95 -21.37 -31.10
C GLU G 472 -38.68 -20.32 -30.27
N ALA G 473 -39.98 -20.52 -30.08
CA ALA G 473 -40.80 -19.58 -29.35
C ALA G 473 -40.32 -19.40 -27.93
N TRP G 474 -40.18 -20.52 -27.23
CA TRP G 474 -39.74 -20.50 -25.85
C TRP G 474 -38.35 -19.86 -25.70
N LEU G 475 -37.49 -20.09 -26.68
CA LEU G 475 -36.15 -19.53 -26.67
C LEU G 475 -36.24 -18.02 -26.68
N GLN G 476 -37.05 -17.51 -27.61
CA GLN G 476 -37.24 -16.07 -27.76
C GLN G 476 -38.04 -15.50 -26.64
N SER G 477 -38.27 -16.31 -25.60
CA SER G 477 -39.08 -15.89 -24.45
C SER G 477 -38.28 -15.57 -23.18
N GLU G 478 -36.97 -15.83 -23.19
CA GLU G 478 -36.10 -15.56 -22.04
C GLU G 478 -34.92 -14.79 -22.54
N PRO G 479 -34.94 -13.46 -22.40
CA PRO G 479 -33.91 -12.49 -22.81
C PRO G 479 -32.48 -12.85 -22.42
N GLY G 480 -32.34 -13.96 -21.72
CA GLY G 480 -31.03 -14.40 -21.29
C GLY G 480 -30.70 -13.76 -19.95
N HIS G 481 -30.09 -12.59 -20.02
CA HIS G 481 -29.73 -11.88 -18.82
C HIS G 481 -28.96 -10.67 -19.20
N ARG G 482 -29.27 -9.58 -18.53
CA ARG G 482 -28.59 -8.33 -18.79
C ARG G 482 -27.86 -7.89 -17.52
N ARG G 483 -26.52 -7.94 -17.52
CA ARG G 483 -25.74 -7.54 -16.35
C ARG G 483 -25.59 -6.03 -16.37
N ASP G 484 -25.83 -5.44 -15.20
CA ASP G 484 -25.76 -4.01 -14.99
C ASP G 484 -24.33 -3.52 -15.11
N ASP G 485 -23.40 -4.48 -15.14
CA ASP G 485 -21.97 -4.20 -15.27
C ASP G 485 -21.71 -3.65 -16.68
N ASP G 486 -22.20 -4.40 -17.67
CA ASP G 486 -22.15 -4.06 -19.08
C ASP G 486 -23.54 -4.46 -19.58
N PRO G 487 -24.44 -3.49 -19.73
CA PRO G 487 -25.81 -3.73 -20.18
C PRO G 487 -25.84 -4.24 -21.62
N HIS G 488 -25.16 -3.49 -22.47
CA HIS G 488 -25.02 -3.73 -23.88
C HIS G 488 -24.24 -5.03 -24.23
N SER G 489 -23.84 -5.79 -23.21
CA SER G 489 -23.08 -7.04 -23.40
C SER G 489 -23.69 -7.86 -24.49
N PRO G 490 -22.86 -8.42 -25.36
CA PRO G 490 -23.41 -9.23 -26.44
C PRO G 490 -23.68 -10.61 -25.89
N TRP G 491 -23.15 -10.97 -24.72
CA TRP G 491 -23.44 -12.30 -24.24
C TRP G 491 -24.88 -12.47 -23.82
N SER G 492 -25.67 -11.44 -24.08
CA SER G 492 -27.10 -11.44 -23.75
C SER G 492 -27.88 -12.08 -24.90
N ARG G 493 -27.48 -11.79 -26.14
CA ARG G 493 -28.18 -12.33 -27.31
C ARG G 493 -28.14 -13.83 -27.17
N ASN G 494 -29.27 -14.48 -26.93
CA ASN G 494 -29.25 -15.94 -26.87
C ASN G 494 -29.52 -16.56 -28.29
N ASP G 495 -28.92 -15.91 -29.31
CA ASP G 495 -29.05 -16.32 -30.71
C ASP G 495 -28.48 -17.68 -30.93
N GLY G 496 -27.73 -18.15 -29.95
CA GLY G 496 -27.08 -19.43 -30.06
C GLY G 496 -25.80 -19.32 -30.89
N TRP G 497 -25.29 -18.11 -31.02
CA TRP G 497 -24.08 -17.84 -31.80
C TRP G 497 -22.94 -18.83 -31.59
N ARG G 498 -22.31 -19.19 -32.70
CA ARG G 498 -21.18 -20.10 -32.70
C ARG G 498 -20.12 -19.59 -33.68
N SER G 499 -18.88 -20.05 -33.54
CA SER G 499 -17.80 -19.56 -34.40
C SER G 499 -17.81 -19.68 -35.92
N ALA G 500 -18.09 -20.87 -36.44
CA ALA G 500 -18.07 -21.06 -37.89
C ALA G 500 -19.32 -21.69 -38.38
N LEU G 501 -19.75 -22.68 -37.60
CA LEU G 501 -20.95 -23.48 -37.85
C LEU G 501 -22.22 -22.65 -37.65
N ALA G 502 -23.36 -23.32 -37.54
CA ALA G 502 -24.63 -22.63 -37.39
C ALA G 502 -24.98 -22.34 -35.96
N ARG G 503 -25.88 -21.38 -35.78
CA ARG G 503 -26.37 -21.01 -34.46
C ARG G 503 -26.86 -22.32 -33.81
N GLU G 504 -26.36 -22.66 -32.62
CA GLU G 504 -26.80 -23.87 -31.92
C GLU G 504 -27.49 -23.53 -30.59
N SER G 505 -28.69 -24.08 -30.42
CA SER G 505 -29.47 -23.91 -29.19
C SER G 505 -30.05 -25.27 -28.87
N ASP G 506 -29.68 -25.83 -27.73
CA ASP G 506 -30.18 -27.12 -27.31
C ASP G 506 -31.11 -26.79 -26.17
N LEU G 507 -32.39 -27.17 -26.30
CA LEU G 507 -33.42 -26.89 -25.29
C LEU G 507 -34.14 -28.18 -24.83
N MET G 508 -34.16 -28.44 -23.53
CA MET G 508 -34.86 -29.63 -23.02
C MET G 508 -36.26 -29.24 -22.52
N LEU G 509 -37.18 -29.10 -23.46
CA LEU G 509 -38.57 -28.71 -23.18
C LEU G 509 -39.48 -29.86 -22.72
N ARG G 510 -40.78 -29.56 -22.62
CA ARG G 510 -41.79 -30.53 -22.22
C ARG G 510 -43.21 -29.99 -22.43
N CYS G 511 -43.89 -30.50 -23.45
CA CYS G 511 -45.27 -30.09 -23.72
C CYS G 511 -46.18 -31.27 -23.40
N ARG G 512 -47.44 -30.99 -23.08
CA ARG G 512 -48.40 -32.03 -22.73
C ARG G 512 -47.78 -32.95 -21.69
N ASP G 513 -47.47 -34.16 -22.13
CA ASP G 513 -46.89 -35.17 -21.28
C ASP G 513 -45.92 -35.90 -22.17
N GLU G 514 -44.94 -35.19 -22.72
CA GLU G 514 -43.95 -35.78 -23.63
C GLU G 514 -42.77 -34.80 -23.74
N ARG G 515 -41.61 -35.15 -23.21
CA ARG G 515 -40.48 -34.23 -23.31
C ARG G 515 -39.53 -34.56 -24.45
N ARG G 516 -38.92 -33.51 -25.03
CA ARG G 516 -37.98 -33.65 -26.14
C ARG G 516 -36.85 -32.65 -25.98
N CYS G 517 -35.66 -33.03 -26.41
CA CYS G 517 -34.53 -32.12 -26.36
C CYS G 517 -34.49 -31.67 -27.83
N VAL G 518 -35.14 -30.57 -28.15
CA VAL G 518 -35.08 -30.18 -29.54
C VAL G 518 -33.77 -29.45 -29.84
N ARG G 519 -33.22 -29.76 -31.00
CA ARG G 519 -31.98 -29.16 -31.41
C ARG G 519 -32.29 -28.08 -32.44
N LEU G 520 -31.95 -26.85 -32.14
CA LEU G 520 -32.23 -25.75 -33.05
C LEU G 520 -31.00 -25.22 -33.74
N ARG G 521 -30.66 -25.81 -34.89
CA ARG G 521 -29.49 -25.36 -35.63
C ARG G 521 -29.88 -24.65 -36.93
N HIS G 522 -30.26 -23.38 -36.82
CA HIS G 522 -30.61 -22.60 -37.99
C HIS G 522 -29.41 -21.80 -38.56
N ALA G 523 -29.09 -22.04 -39.83
CA ALA G 523 -27.99 -21.37 -40.51
C ALA G 523 -28.51 -20.06 -41.14
N SER G 524 -29.77 -20.10 -41.57
CA SER G 524 -30.47 -18.94 -42.15
C SER G 524 -31.32 -18.36 -41.02
N PRO G 525 -30.80 -17.34 -40.32
CA PRO G 525 -31.44 -16.63 -39.19
C PRO G 525 -32.98 -16.57 -39.03
N SER G 526 -33.72 -16.56 -40.15
CA SER G 526 -35.19 -16.48 -40.10
C SER G 526 -35.91 -17.67 -39.47
N GLN G 527 -37.03 -18.06 -40.11
CA GLN G 527 -37.87 -19.16 -39.66
C GLN G 527 -39.04 -18.62 -38.82
N TYR G 528 -38.74 -18.21 -37.60
CA TYR G 528 -39.72 -17.65 -36.69
C TYR G 528 -39.20 -16.49 -35.89
N ARG G 529 -39.85 -15.34 -36.02
CA ARG G 529 -39.50 -14.16 -35.22
C ARG G 529 -40.65 -14.13 -34.20
N LEU G 530 -40.60 -13.18 -33.29
CA LEU G 530 -41.61 -13.19 -32.28
C LEU G 530 -41.80 -11.84 -31.65
N ASP G 531 -42.88 -11.15 -32.02
CA ASP G 531 -43.16 -9.84 -31.43
C ASP G 531 -44.49 -9.86 -30.67
N GLY G 532 -44.47 -9.32 -29.46
CA GLY G 532 -45.65 -9.32 -28.63
C GLY G 532 -45.98 -10.75 -28.25
N ASP G 533 -47.27 -11.01 -28.14
CA ASP G 533 -47.72 -12.34 -27.80
C ASP G 533 -48.04 -13.02 -29.12
N ASP G 534 -47.12 -12.86 -30.07
CA ASP G 534 -47.29 -13.41 -31.41
C ASP G 534 -46.07 -13.95 -32.15
N LEU G 535 -46.15 -15.22 -32.54
CA LEU G 535 -45.09 -15.90 -33.27
C LEU G 535 -45.34 -15.84 -34.79
N VAL G 536 -44.57 -15.00 -35.47
CA VAL G 536 -44.70 -14.83 -36.92
C VAL G 536 -43.83 -15.78 -37.72
N SER G 537 -44.44 -16.63 -38.53
CA SER G 537 -43.68 -17.59 -39.33
C SER G 537 -43.68 -17.31 -40.83
N ARG G 538 -42.49 -17.27 -41.42
CA ARG G 538 -42.37 -17.01 -42.84
C ARG G 538 -42.10 -18.29 -43.64
N VAL G 539 -43.07 -19.21 -43.61
CA VAL G 539 -42.99 -20.50 -44.31
C VAL G 539 -43.26 -20.48 -45.84
N ASP G 540 -42.24 -20.10 -46.62
CA ASP G 540 -42.27 -20.04 -48.10
C ASP G 540 -43.00 -18.88 -48.74
N GLY G 541 -42.64 -17.66 -48.36
CA GLY G 541 -43.31 -16.51 -48.92
C GLY G 541 -44.64 -16.29 -48.23
N VAL G 542 -45.25 -17.35 -47.70
CA VAL G 542 -46.53 -17.26 -46.98
C VAL G 542 -46.37 -17.07 -45.48
N THR G 543 -46.27 -15.80 -45.07
CA THR G 543 -46.11 -15.46 -43.66
C THR G 543 -47.44 -15.64 -42.94
N ARG G 544 -47.44 -16.33 -41.81
CA ARG G 544 -48.64 -16.55 -41.00
C ARG G 544 -48.28 -16.24 -39.55
N ARG G 545 -49.16 -15.58 -38.81
CA ARG G 545 -48.85 -15.24 -37.41
C ARG G 545 -49.77 -15.93 -36.42
N SER G 546 -49.18 -16.82 -35.62
CA SER G 546 -49.89 -17.63 -34.61
C SER G 546 -49.71 -17.10 -33.19
N ALA G 547 -50.79 -16.94 -32.44
CA ALA G 547 -50.71 -16.46 -31.06
C ALA G 547 -49.86 -17.39 -30.18
N ALA G 548 -49.04 -16.81 -29.32
CA ALA G 548 -48.16 -17.56 -28.42
C ALA G 548 -47.59 -16.62 -27.38
N LEU G 549 -47.64 -17.04 -26.14
CA LEU G 549 -47.11 -16.20 -25.09
C LEU G 549 -46.79 -17.01 -23.86
N ARG G 550 -45.82 -16.51 -23.11
CA ARG G 550 -45.34 -17.18 -21.92
C ARG G 550 -45.87 -16.53 -20.63
N ARG G 551 -45.88 -17.35 -19.57
CA ARG G 551 -46.34 -17.01 -18.21
C ARG G 551 -45.59 -17.92 -17.24
N GLY G 552 -44.55 -17.43 -16.56
CA GLY G 552 -43.80 -18.29 -15.63
C GLY G 552 -42.96 -19.34 -16.33
N ARG G 553 -42.76 -20.51 -15.72
CA ARG G 553 -41.97 -21.53 -16.40
C ARG G 553 -42.76 -22.19 -17.55
N GLN G 554 -43.91 -21.61 -17.88
CA GLN G 554 -44.81 -22.11 -18.93
C GLN G 554 -45.03 -21.18 -20.13
N LEU G 555 -44.98 -21.75 -21.33
CA LEU G 555 -45.20 -21.03 -22.56
C LEU G 555 -46.41 -21.56 -23.30
N PHE G 556 -47.39 -20.68 -23.50
CA PHE G 556 -48.63 -21.01 -24.17
C PHE G 556 -48.62 -20.70 -25.67
N LEU G 557 -48.78 -21.77 -26.43
CA LEU G 557 -48.73 -21.75 -27.88
C LEU G 557 -50.01 -22.24 -28.55
N GLU G 558 -50.64 -21.37 -29.33
CA GLU G 558 -51.87 -21.75 -30.01
C GLU G 558 -51.52 -22.51 -31.27
N TRP G 559 -51.57 -23.82 -31.18
CA TRP G 559 -51.25 -24.70 -32.29
C TRP G 559 -52.46 -25.49 -32.77
N GLU G 560 -53.08 -25.04 -33.85
CA GLU G 560 -54.24 -25.72 -34.40
C GLU G 560 -55.41 -25.80 -33.41
N GLY G 561 -56.08 -24.67 -33.22
CA GLY G 561 -57.22 -24.62 -32.32
C GLY G 561 -56.89 -24.79 -30.86
N GLU G 562 -56.39 -25.97 -30.48
CA GLU G 562 -56.04 -26.21 -29.10
C GLU G 562 -55.06 -25.12 -28.62
N LEU G 563 -54.71 -25.13 -27.34
CA LEU G 563 -53.78 -24.15 -26.79
C LEU G 563 -52.82 -24.97 -25.93
N LEU G 564 -51.73 -25.44 -26.53
CA LEU G 564 -50.77 -26.27 -25.82
C LEU G 564 -49.83 -25.56 -24.86
N ALA G 565 -49.53 -26.23 -23.75
CA ALA G 565 -48.64 -25.68 -22.73
C ALA G 565 -47.25 -26.33 -22.82
N ILE G 566 -46.20 -25.50 -22.90
CA ILE G 566 -44.84 -25.99 -23.00
C ILE G 566 -43.92 -25.47 -21.86
N GLU G 567 -43.29 -26.37 -21.10
CA GLU G 567 -42.42 -25.95 -19.99
C GLU G 567 -41.02 -26.59 -19.90
N ALA G 568 -40.19 -26.03 -19.03
CA ALA G 568 -38.81 -26.48 -18.82
C ALA G 568 -38.64 -27.79 -18.01
N VAL G 569 -37.88 -28.76 -18.55
CA VAL G 569 -37.56 -30.05 -17.89
C VAL G 569 -36.48 -29.87 -16.80
N ASP G 570 -36.66 -30.49 -15.62
CA ASP G 570 -35.68 -30.37 -14.52
C ASP G 570 -35.17 -31.72 -13.93
N SER H 19 -21.60 13.52 -35.69
CA SER H 19 -20.50 12.57 -36.00
C SER H 19 -20.51 12.17 -37.48
N HIS H 20 -21.28 12.86 -38.30
CA HIS H 20 -21.37 12.54 -39.74
C HIS H 20 -20.10 12.83 -40.55
N MET H 21 -19.00 13.19 -39.86
CA MET H 21 -17.70 13.48 -40.51
C MET H 21 -16.80 12.26 -40.23
N ALA H 22 -17.01 11.65 -39.08
CA ALA H 22 -16.22 10.50 -38.68
C ALA H 22 -16.60 9.26 -39.48
N ILE H 23 -17.38 9.45 -40.53
CA ILE H 23 -17.82 8.33 -41.36
C ILE H 23 -16.85 7.88 -42.43
N LEU H 24 -16.94 6.59 -42.74
CA LEU H 24 -16.10 6.03 -43.75
C LEU H 24 -16.99 5.70 -44.90
N HIS H 25 -16.91 6.49 -45.97
CA HIS H 25 -17.71 6.26 -47.19
C HIS H 25 -16.95 5.25 -48.01
N THR H 26 -17.52 4.06 -48.21
CA THR H 26 -16.79 3.02 -48.92
C THR H 26 -16.40 3.47 -50.32
N GLN H 27 -15.48 2.73 -50.94
CA GLN H 27 -15.02 3.03 -52.28
C GLN H 27 -15.10 1.71 -53.01
N ILE H 28 -15.66 0.72 -52.34
CA ILE H 28 -15.80 -0.61 -52.90
C ILE H 28 -17.15 -0.82 -53.57
N ASN H 29 -17.11 -1.49 -54.70
CA ASN H 29 -18.32 -1.78 -55.41
C ASN H 29 -18.66 -3.26 -55.25
N PRO H 30 -19.64 -3.59 -54.41
CA PRO H 30 -20.05 -4.97 -54.15
C PRO H 30 -20.53 -5.75 -55.35
N ARG H 31 -20.82 -5.03 -56.43
CA ARG H 31 -21.31 -5.65 -57.66
C ARG H 31 -20.17 -5.90 -58.65
N SER H 32 -19.08 -5.16 -58.47
CA SER H 32 -17.89 -5.27 -59.32
C SER H 32 -17.59 -6.73 -59.63
N ALA H 33 -16.89 -6.99 -60.72
CA ALA H 33 -16.57 -8.36 -61.05
C ALA H 33 -15.37 -8.77 -60.21
N GLU H 34 -14.46 -7.80 -60.02
CA GLU H 34 -13.26 -8.00 -59.25
C GLU H 34 -13.70 -8.40 -57.86
N PHE H 35 -14.68 -7.68 -57.33
CA PHE H 35 -15.22 -7.97 -56.00
C PHE H 35 -15.61 -9.44 -55.89
N ALA H 36 -16.56 -9.83 -56.72
CA ALA H 36 -17.08 -11.20 -56.73
C ALA H 36 -15.95 -12.19 -56.86
N ALA H 37 -14.97 -11.82 -57.63
CA ALA H 37 -13.86 -12.69 -57.81
C ALA H 37 -13.22 -12.94 -56.45
N ASN H 38 -12.80 -11.88 -55.77
CA ASN H 38 -12.16 -11.98 -54.46
C ASN H 38 -13.05 -12.73 -53.52
N ALA H 39 -14.26 -12.21 -53.42
CA ALA H 39 -15.28 -12.77 -52.55
C ALA H 39 -15.40 -14.27 -52.81
N ALA H 40 -15.26 -14.65 -54.08
CA ALA H 40 -15.33 -16.05 -54.46
C ALA H 40 -14.35 -16.88 -53.66
N THR H 41 -13.10 -16.86 -54.09
CA THR H 41 -12.05 -17.61 -53.42
C THR H 41 -12.13 -17.48 -51.91
N MET H 42 -12.52 -16.32 -51.40
CA MET H 42 -12.58 -16.14 -49.97
C MET H 42 -13.61 -17.07 -49.33
N LEU H 43 -14.84 -17.00 -49.82
CA LEU H 43 -15.91 -17.84 -49.29
C LEU H 43 -15.49 -19.30 -49.39
N GLU H 44 -14.83 -19.64 -50.48
CA GLU H 44 -14.41 -21.03 -50.67
C GLU H 44 -13.53 -21.45 -49.49
N GLN H 45 -12.66 -20.54 -49.09
CA GLN H 45 -11.72 -20.79 -48.00
C GLN H 45 -12.48 -21.03 -46.73
N VAL H 46 -13.56 -20.26 -46.58
CA VAL H 46 -14.38 -20.34 -45.40
C VAL H 46 -15.16 -21.63 -45.37
N ASN H 47 -15.56 -22.10 -46.53
CA ASN H 47 -16.27 -23.34 -46.56
C ASN H 47 -15.27 -24.45 -46.30
N ALA H 48 -14.03 -24.18 -46.68
CA ALA H 48 -12.93 -25.14 -46.49
C ALA H 48 -12.83 -25.44 -45.02
N LEU H 49 -12.89 -24.38 -44.24
CA LEU H 49 -12.79 -24.48 -42.81
C LEU H 49 -14.07 -25.00 -42.25
N ARG H 50 -15.20 -24.53 -42.77
CA ARG H 50 -16.48 -24.98 -42.23
C ARG H 50 -16.50 -26.52 -42.16
N THR H 51 -16.16 -27.15 -43.28
CA THR H 51 -16.19 -28.61 -43.35
C THR H 51 -15.25 -29.32 -42.40
N LEU H 52 -14.00 -28.88 -42.34
CA LEU H 52 -13.07 -29.53 -41.45
C LEU H 52 -13.53 -29.43 -39.99
N LEU H 53 -14.01 -28.27 -39.57
CA LEU H 53 -14.47 -28.09 -38.19
C LEU H 53 -15.54 -29.12 -37.97
N GLY H 54 -16.28 -29.41 -39.04
CA GLY H 54 -17.33 -30.40 -38.94
C GLY H 54 -16.77 -31.77 -38.64
N ARG H 55 -15.73 -32.15 -39.38
CA ARG H 55 -15.09 -33.45 -39.17
C ARG H 55 -14.57 -33.47 -37.73
N ILE H 56 -14.00 -32.37 -37.27
CA ILE H 56 -13.47 -32.34 -35.92
C ILE H 56 -14.56 -32.52 -34.86
N HIS H 57 -15.78 -32.12 -35.14
CA HIS H 57 -16.86 -32.27 -34.18
C HIS H 57 -17.14 -33.74 -33.95
N GLU H 58 -16.54 -34.58 -34.80
CA GLU H 58 -16.72 -36.03 -34.78
C GLU H 58 -16.08 -36.75 -33.61
N GLY H 59 -15.05 -36.13 -33.05
CA GLY H 59 -14.37 -36.73 -31.93
C GLY H 59 -13.56 -37.92 -32.38
N GLY H 60 -13.56 -38.96 -31.57
CA GLY H 60 -12.83 -40.16 -31.93
C GLY H 60 -13.55 -40.97 -33.00
N GLY H 61 -14.36 -40.28 -33.80
CA GLY H 61 -15.10 -40.95 -34.87
C GLY H 61 -16.29 -41.74 -34.38
N SER H 62 -17.40 -41.62 -35.12
CA SER H 62 -18.65 -42.31 -34.80
C SER H 62 -18.41 -43.70 -34.23
N ALA H 63 -17.22 -44.24 -34.50
CA ALA H 63 -16.81 -45.54 -34.00
C ALA H 63 -16.89 -45.58 -32.44
N ALA H 64 -15.84 -45.13 -31.77
CA ALA H 64 -15.81 -45.13 -30.30
C ALA H 64 -16.81 -44.15 -29.70
N GLN H 65 -17.16 -43.13 -30.48
CA GLN H 65 -18.10 -42.11 -30.03
C GLN H 65 -19.41 -42.77 -29.60
N ALA H 66 -19.91 -43.70 -30.41
CA ALA H 66 -21.16 -44.43 -30.12
C ALA H 66 -20.86 -45.40 -29.00
N ARG H 67 -19.65 -45.95 -29.05
CA ARG H 67 -19.18 -46.87 -28.03
C ARG H 67 -19.23 -46.10 -26.68
N HIS H 68 -19.28 -44.77 -26.74
CA HIS H 68 -19.35 -43.91 -25.54
C HIS H 68 -20.76 -43.79 -25.00
N SER H 69 -21.65 -43.25 -25.82
CA SER H 69 -23.05 -43.09 -25.44
C SER H 69 -23.61 -44.42 -24.94
N ALA H 70 -22.93 -45.50 -25.29
CA ALA H 70 -23.30 -46.84 -24.88
C ALA H 70 -23.23 -46.98 -23.36
N ARG H 71 -22.14 -46.47 -22.79
CA ARG H 71 -21.92 -46.49 -21.36
C ARG H 71 -22.90 -45.53 -20.60
N GLY H 72 -23.82 -44.91 -21.33
CA GLY H 72 -24.78 -43.98 -20.74
C GLY H 72 -24.20 -42.61 -20.46
N LYS H 73 -23.05 -42.35 -21.06
CA LYS H 73 -22.33 -41.08 -20.91
C LYS H 73 -22.69 -40.05 -22.02
N LEU H 74 -22.98 -38.81 -21.63
CA LEU H 74 -23.31 -37.73 -22.55
C LEU H 74 -22.03 -37.36 -23.30
N LEU H 75 -22.12 -36.95 -24.58
CA LEU H 75 -20.91 -36.60 -25.34
C LEU H 75 -20.34 -35.28 -24.91
N VAL H 76 -19.03 -35.15 -24.97
CA VAL H 76 -18.39 -33.92 -24.52
C VAL H 76 -19.03 -32.65 -25.02
N ARG H 77 -19.17 -32.53 -26.34
CA ARG H 77 -19.77 -31.34 -26.97
C ARG H 77 -21.24 -31.11 -26.55
N GLU H 78 -21.91 -32.18 -26.12
CA GLU H 78 -23.28 -32.06 -25.68
C GLU H 78 -23.35 -31.72 -24.19
N ARG H 79 -22.37 -32.17 -23.41
CA ARG H 79 -22.33 -31.80 -21.98
C ARG H 79 -22.33 -30.27 -21.90
N ILE H 80 -21.52 -29.64 -22.77
CA ILE H 80 -21.41 -28.19 -22.85
C ILE H 80 -22.71 -27.54 -23.22
N ASN H 81 -23.23 -27.84 -24.40
CA ASN H 81 -24.50 -27.24 -24.81
C ASN H 81 -25.59 -27.31 -23.69
N ARG H 82 -25.53 -28.35 -22.85
CA ARG H 82 -26.50 -28.53 -21.76
C ARG H 82 -26.17 -27.66 -20.55
N LEU H 83 -24.88 -27.51 -20.28
CA LEU H 83 -24.46 -26.69 -19.15
C LEU H 83 -24.59 -25.19 -19.44
N LEU H 84 -24.52 -24.82 -20.71
CA LEU H 84 -24.65 -23.41 -21.07
C LEU H 84 -26.04 -22.85 -20.70
N ASP H 85 -26.16 -21.54 -20.85
CA ASP H 85 -27.41 -20.84 -20.60
C ASP H 85 -28.22 -21.05 -21.87
N PRO H 86 -29.52 -21.23 -21.76
CA PRO H 86 -30.32 -21.42 -22.97
C PRO H 86 -29.99 -20.47 -24.12
N GLY H 87 -29.52 -21.04 -25.22
CA GLY H 87 -29.23 -20.22 -26.38
C GLY H 87 -28.06 -19.27 -26.24
N SER H 88 -27.31 -19.35 -25.14
CA SER H 88 -26.14 -18.48 -24.99
C SER H 88 -25.15 -18.75 -26.11
N PRO H 89 -24.31 -17.78 -26.42
CA PRO H 89 -23.35 -18.02 -27.48
C PRO H 89 -22.24 -18.88 -26.89
N PHE H 90 -21.27 -19.24 -27.72
CA PHE H 90 -20.10 -20.02 -27.27
C PHE H 90 -18.88 -19.80 -28.20
N LEU H 91 -17.85 -19.23 -27.62
CA LEU H 91 -16.63 -18.95 -28.35
C LEU H 91 -15.68 -20.10 -28.10
N GLU H 92 -15.52 -20.97 -29.12
CA GLU H 92 -14.62 -22.12 -29.04
C GLU H 92 -13.13 -21.74 -29.27
N LEU H 93 -12.21 -22.42 -28.60
CA LEU H 93 -10.81 -22.09 -28.75
C LEU H 93 -10.04 -23.18 -29.41
N SER H 94 -9.15 -22.76 -30.29
CA SER H 94 -8.28 -23.64 -31.06
C SER H 94 -8.93 -25.00 -31.23
N ALA H 95 -9.77 -25.12 -32.24
CA ALA H 95 -10.46 -26.38 -32.49
C ALA H 95 -9.65 -27.22 -33.48
N LEU H 96 -8.87 -26.55 -34.29
CA LEU H 96 -8.02 -27.22 -35.24
C LEU H 96 -6.85 -27.79 -34.44
N ALA H 97 -6.98 -27.75 -33.13
CA ALA H 97 -5.91 -28.21 -32.28
C ALA H 97 -5.39 -29.56 -32.70
N ALA H 98 -4.07 -29.63 -32.83
CA ALA H 98 -3.38 -30.89 -33.18
C ALA H 98 -3.72 -31.49 -34.54
N HIS H 99 -4.10 -30.62 -35.45
CA HIS H 99 -4.47 -31.03 -36.80
C HIS H 99 -3.29 -31.60 -37.58
N GLU H 100 -3.37 -32.89 -37.89
CA GLU H 100 -2.31 -33.56 -38.64
C GLU H 100 -1.02 -33.24 -38.01
N VAL H 101 -0.97 -33.29 -36.69
CA VAL H 101 0.30 -33.02 -36.05
C VAL H 101 0.83 -34.30 -35.51
N TYR H 102 0.04 -35.03 -34.74
CA TYR H 102 0.55 -36.28 -34.20
C TYR H 102 0.27 -37.32 -35.27
N GLY H 103 0.87 -38.51 -35.15
CA GLY H 103 0.66 -39.56 -36.14
C GLY H 103 -0.81 -39.81 -36.47
N GLU H 104 -1.57 -40.20 -35.45
CA GLU H 104 -3.01 -40.49 -35.56
C GLU H 104 -3.81 -39.18 -35.67
N GLU H 105 -5.13 -39.31 -35.67
CA GLU H 105 -5.97 -38.12 -35.70
C GLU H 105 -6.40 -37.98 -34.25
N VAL H 106 -6.29 -36.78 -33.68
CA VAL H 106 -6.70 -36.60 -32.30
C VAL H 106 -7.55 -35.36 -32.12
N ALA H 107 -8.74 -35.46 -32.66
CA ALA H 107 -9.76 -34.42 -32.67
C ALA H 107 -9.67 -33.28 -31.63
N ALA H 108 -9.64 -32.05 -32.14
CA ALA H 108 -9.58 -30.87 -31.30
C ALA H 108 -8.69 -31.13 -30.08
N ALA H 109 -7.63 -31.89 -30.32
CA ALA H 109 -6.65 -32.24 -29.31
C ALA H 109 -7.24 -33.00 -28.15
N GLY H 110 -8.39 -33.64 -28.34
CA GLY H 110 -9.04 -34.39 -27.25
C GLY H 110 -9.54 -33.61 -26.02
N ILE H 111 -9.83 -32.31 -26.23
CA ILE H 111 -10.31 -31.41 -25.17
C ILE H 111 -10.97 -30.22 -25.86
N VAL H 112 -12.23 -29.98 -25.53
CA VAL H 112 -12.96 -28.86 -26.11
C VAL H 112 -12.99 -27.76 -25.04
N ALA H 113 -12.74 -26.52 -25.42
CA ALA H 113 -12.76 -25.46 -24.44
C ALA H 113 -13.26 -24.26 -25.12
N GLY H 114 -13.85 -23.36 -24.33
CA GLY H 114 -14.41 -22.10 -24.83
C GLY H 114 -15.12 -21.28 -23.76
N ILE H 115 -15.57 -20.08 -24.10
CA ILE H 115 -16.24 -19.30 -23.09
C ILE H 115 -17.70 -19.17 -23.42
N GLY H 116 -18.52 -19.27 -22.40
CA GLY H 116 -19.95 -19.16 -22.58
C GLY H 116 -20.71 -18.83 -21.29
N ARG H 117 -21.86 -18.16 -21.45
CA ARG H 117 -22.68 -17.79 -20.30
C ARG H 117 -23.13 -19.05 -19.52
N VAL H 118 -23.05 -18.97 -18.20
CA VAL H 118 -23.49 -20.04 -17.32
C VAL H 118 -23.96 -19.22 -16.11
N GLU H 119 -25.27 -19.14 -15.94
CA GLU H 119 -25.90 -18.39 -14.87
C GLU H 119 -25.55 -16.91 -14.97
N GLY H 120 -25.56 -16.38 -16.18
CA GLY H 120 -25.26 -14.98 -16.33
C GLY H 120 -23.84 -14.56 -16.02
N VAL H 121 -22.90 -15.49 -16.12
CA VAL H 121 -21.49 -15.17 -15.86
C VAL H 121 -20.73 -15.70 -17.10
N GLU H 122 -19.85 -14.91 -17.73
CA GLU H 122 -19.14 -15.47 -18.87
C GLU H 122 -18.04 -16.42 -18.31
N CYS H 123 -18.15 -17.72 -18.59
CA CYS H 123 -17.16 -18.68 -18.07
C CYS H 123 -16.34 -19.50 -19.02
N MET H 124 -15.25 -20.01 -18.45
CA MET H 124 -14.32 -20.87 -19.17
C MET H 124 -14.67 -22.32 -18.87
N ILE H 125 -14.97 -23.05 -19.94
CA ILE H 125 -15.31 -24.44 -19.85
C ILE H 125 -14.21 -25.23 -20.54
N VAL H 126 -13.85 -26.32 -19.91
CA VAL H 126 -12.81 -27.18 -20.42
C VAL H 126 -13.28 -28.60 -20.19
N GLY H 127 -13.46 -29.34 -21.29
CA GLY H 127 -13.90 -30.71 -21.16
C GLY H 127 -13.13 -31.66 -22.08
N ASN H 128 -12.92 -32.89 -21.61
CA ASN H 128 -12.20 -33.84 -22.42
C ASN H 128 -13.15 -34.74 -23.17
N ASP H 129 -12.63 -35.22 -24.28
CA ASP H 129 -13.32 -36.10 -25.17
C ASP H 129 -12.80 -37.49 -24.86
N ALA H 130 -13.54 -38.25 -24.04
CA ALA H 130 -13.06 -39.59 -23.72
C ALA H 130 -13.08 -40.49 -24.96
N THR H 131 -13.67 -39.99 -26.06
CA THR H 131 -13.70 -40.77 -27.28
C THR H 131 -12.34 -40.66 -28.01
N VAL H 132 -11.67 -39.49 -27.91
CA VAL H 132 -10.36 -39.23 -28.55
C VAL H 132 -9.22 -39.92 -27.80
N LYS H 133 -8.59 -40.88 -28.47
CA LYS H 133 -7.48 -41.67 -27.94
C LYS H 133 -7.59 -41.80 -26.42
N GLY H 134 -8.74 -42.28 -25.96
CA GLY H 134 -8.98 -42.45 -24.53
C GLY H 134 -9.02 -41.19 -23.65
N GLY H 135 -9.18 -40.01 -24.25
CA GLY H 135 -9.24 -38.78 -23.47
C GLY H 135 -7.88 -38.39 -22.90
N THR H 136 -6.87 -39.23 -23.14
CA THR H 136 -5.51 -38.96 -22.67
C THR H 136 -4.93 -37.64 -23.11
N TYR H 137 -3.95 -37.16 -22.35
CA TYR H 137 -3.30 -35.89 -22.64
C TYR H 137 -2.13 -35.98 -23.59
N TYR H 138 -2.33 -35.54 -24.83
CA TYR H 138 -1.23 -35.50 -25.81
C TYR H 138 -0.53 -34.15 -25.51
N PRO H 139 0.71 -33.97 -25.98
CA PRO H 139 1.40 -32.70 -25.71
C PRO H 139 0.57 -31.49 -25.96
N LEU H 140 -0.01 -31.38 -27.14
CA LEU H 140 -0.82 -30.22 -27.38
C LEU H 140 -2.03 -30.12 -26.42
N THR H 141 -2.61 -31.26 -26.07
CA THR H 141 -3.77 -31.29 -25.18
C THR H 141 -3.46 -30.44 -23.96
N VAL H 142 -2.32 -30.74 -23.37
CA VAL H 142 -1.86 -30.02 -22.20
C VAL H 142 -1.72 -28.54 -22.58
N LYS H 143 -1.07 -28.27 -23.71
CA LYS H 143 -0.88 -26.89 -24.11
C LYS H 143 -2.19 -26.16 -24.28
N LYS H 144 -3.23 -26.87 -24.78
CA LYS H 144 -4.56 -26.26 -24.99
C LYS H 144 -5.24 -26.00 -23.64
N HIS H 145 -5.20 -27.00 -22.75
CA HIS H 145 -5.81 -26.87 -21.42
C HIS H 145 -5.19 -25.65 -20.72
N LEU H 146 -3.89 -25.49 -20.86
CA LEU H 146 -3.20 -24.37 -20.24
C LEU H 146 -3.50 -23.02 -20.88
N ARG H 147 -3.55 -22.92 -22.23
CA ARG H 147 -3.87 -21.63 -22.88
C ARG H 147 -5.28 -21.21 -22.48
N ALA H 148 -6.11 -22.16 -22.04
CA ALA H 148 -7.46 -21.80 -21.62
C ALA H 148 -7.35 -21.12 -20.25
N GLN H 149 -6.54 -21.72 -19.37
CA GLN H 149 -6.35 -21.21 -18.03
C GLN H 149 -5.75 -19.84 -17.97
N ALA H 150 -5.08 -19.49 -19.06
CA ALA H 150 -4.44 -18.19 -19.17
C ALA H 150 -5.52 -17.17 -19.52
N ILE H 151 -6.31 -17.47 -20.53
CA ILE H 151 -7.35 -16.55 -20.89
C ILE H 151 -8.23 -16.39 -19.67
N ALA H 152 -8.34 -17.46 -18.88
CA ALA H 152 -9.17 -17.44 -17.68
C ALA H 152 -8.61 -16.55 -16.60
N LEU H 153 -7.31 -16.64 -16.38
CA LEU H 153 -6.68 -15.83 -15.35
C LEU H 153 -6.42 -14.40 -15.78
N GLU H 154 -6.26 -14.22 -17.09
CA GLU H 154 -5.97 -12.95 -17.73
C GLU H 154 -7.21 -12.07 -17.93
N ASN H 155 -8.37 -12.72 -17.97
CA ASN H 155 -9.63 -12.05 -18.19
C ASN H 155 -10.62 -12.32 -17.07
N ARG H 156 -10.16 -12.97 -16.01
CA ARG H 156 -11.00 -13.22 -14.84
C ARG H 156 -12.28 -13.99 -15.10
N LEU H 157 -12.19 -15.15 -15.71
CA LEU H 157 -13.37 -15.94 -16.00
C LEU H 157 -13.34 -17.11 -15.09
N PRO H 158 -14.42 -17.34 -14.36
CA PRO H 158 -14.36 -18.49 -13.47
C PRO H 158 -14.29 -19.73 -14.35
N CYS H 159 -13.73 -20.82 -13.83
CA CYS H 159 -13.54 -22.08 -14.59
C CYS H 159 -14.33 -23.37 -14.27
N ILE H 160 -14.92 -23.98 -15.29
CA ILE H 160 -15.62 -25.24 -15.10
C ILE H 160 -14.87 -26.36 -15.90
N TYR H 161 -14.24 -27.27 -15.17
CA TYR H 161 -13.49 -28.38 -15.76
C TYR H 161 -14.39 -29.60 -15.84
N LEU H 162 -14.73 -30.02 -17.05
CA LEU H 162 -15.57 -31.19 -17.25
C LEU H 162 -14.65 -32.38 -17.53
N VAL H 163 -14.05 -32.83 -16.44
CA VAL H 163 -13.08 -33.90 -16.40
C VAL H 163 -13.60 -35.29 -16.76
N ASP H 164 -12.96 -35.91 -17.75
CA ASP H 164 -13.33 -37.26 -18.21
C ASP H 164 -12.16 -37.78 -19.04
N SER H 165 -10.97 -37.76 -18.44
CA SER H 165 -9.77 -38.20 -19.15
C SER H 165 -9.04 -39.39 -18.59
N GLY H 166 -8.37 -40.13 -19.47
CA GLY H 166 -7.61 -41.27 -19.03
C GLY H 166 -6.48 -40.71 -18.18
N GLY H 167 -5.34 -40.44 -18.81
CA GLY H 167 -4.22 -39.87 -18.08
C GLY H 167 -3.44 -39.03 -19.07
N ALA H 168 -2.12 -39.16 -19.09
CA ALA H 168 -1.27 -38.45 -20.04
C ALA H 168 -0.77 -39.52 -21.05
N ASN H 169 -0.86 -39.22 -22.37
CA ASN H 169 -0.43 -40.15 -23.45
C ASN H 169 0.97 -40.73 -23.16
N LEU H 170 1.01 -41.84 -22.41
CA LEU H 170 2.25 -42.51 -22.00
C LEU H 170 3.39 -42.57 -23.04
N PRO H 171 3.07 -42.86 -24.31
CA PRO H 171 4.13 -42.91 -25.33
C PRO H 171 4.93 -41.58 -25.45
N ARG H 172 4.24 -40.45 -25.31
CA ARG H 172 4.88 -39.13 -25.42
C ARG H 172 5.02 -38.38 -24.09
N GLN H 173 5.26 -39.09 -23.00
CA GLN H 173 5.39 -38.45 -21.69
C GLN H 173 6.41 -37.34 -21.57
N ASP H 174 7.51 -37.47 -22.28
CA ASP H 174 8.59 -36.50 -22.22
C ASP H 174 8.23 -35.10 -22.67
N GLU H 175 7.09 -34.96 -23.35
CA GLU H 175 6.59 -33.68 -23.87
C GLU H 175 5.25 -33.38 -23.18
N VAL H 176 5.02 -34.01 -22.03
CA VAL H 176 3.77 -33.85 -21.31
C VAL H 176 3.88 -33.82 -19.79
N PHE H 177 5.00 -34.25 -19.24
CA PHE H 177 5.10 -34.32 -17.79
C PHE H 177 6.01 -33.38 -17.03
N PRO H 178 7.31 -33.44 -17.31
CA PRO H 178 8.27 -32.57 -16.61
C PRO H 178 8.13 -31.04 -16.71
N ASP H 179 8.84 -30.44 -17.67
CA ASP H 179 8.92 -28.99 -17.89
C ASP H 179 7.81 -28.09 -17.32
N ARG H 180 8.20 -26.82 -17.11
CA ARG H 180 7.37 -25.76 -16.56
C ARG H 180 6.01 -25.61 -17.20
N GLU H 181 6.00 -25.58 -18.52
CA GLU H 181 4.82 -25.45 -19.35
C GLU H 181 4.07 -26.77 -19.57
N HIS H 182 4.43 -27.82 -18.82
CA HIS H 182 3.80 -29.13 -18.98
C HIS H 182 2.59 -29.42 -18.10
N PHE H 183 2.14 -30.68 -18.04
CA PHE H 183 1.00 -31.05 -17.20
C PHE H 183 1.50 -30.65 -15.84
N GLY H 184 0.62 -30.46 -14.87
CA GLY H 184 1.15 -30.07 -13.57
C GLY H 184 1.23 -28.56 -13.41
N ARG H 185 1.31 -27.87 -14.54
CA ARG H 185 1.29 -26.42 -14.51
C ARG H 185 -0.20 -26.14 -14.48
N ILE H 186 -0.97 -27.20 -14.74
CA ILE H 186 -2.42 -27.17 -14.74
C ILE H 186 -2.94 -26.99 -13.32
N PHE H 187 -2.27 -27.64 -12.39
CA PHE H 187 -2.65 -27.54 -11.00
C PHE H 187 -2.07 -26.23 -10.49
N PHE H 188 -0.83 -25.93 -10.89
CA PHE H 188 -0.27 -24.66 -10.45
C PHE H 188 -1.21 -23.50 -10.74
N ASN H 189 -1.67 -23.35 -11.99
CA ASN H 189 -2.61 -22.28 -12.38
C ASN H 189 -3.93 -22.34 -11.59
N GLN H 190 -4.43 -23.57 -11.38
CA GLN H 190 -5.67 -23.78 -10.65
C GLN H 190 -5.54 -23.17 -9.27
N ALA H 191 -4.60 -23.62 -8.46
CA ALA H 191 -4.45 -23.08 -7.12
C ALA H 191 -4.17 -21.60 -7.05
N ASN H 192 -3.54 -21.05 -8.08
CA ASN H 192 -3.25 -19.62 -8.08
C ASN H 192 -4.48 -18.85 -8.39
N MET H 193 -5.30 -19.40 -9.26
CA MET H 193 -6.58 -18.77 -9.58
C MET H 193 -7.51 -18.81 -8.33
N SER H 194 -7.56 -19.95 -7.66
CA SER H 194 -8.40 -20.09 -6.50
C SER H 194 -7.96 -19.03 -5.54
N ALA H 195 -6.66 -18.76 -5.55
CA ALA H 195 -6.11 -17.81 -4.63
C ALA H 195 -6.43 -16.41 -5.03
N ARG H 196 -6.46 -16.15 -6.33
CA ARG H 196 -6.78 -14.81 -6.80
C ARG H 196 -8.30 -14.65 -6.92
N GLY H 197 -9.06 -15.54 -6.27
CA GLY H 197 -10.52 -15.43 -6.25
C GLY H 197 -11.31 -15.66 -7.53
N ILE H 198 -10.74 -16.50 -8.37
CA ILE H 198 -11.34 -16.88 -9.64
C ILE H 198 -11.79 -18.34 -9.45
N PRO H 199 -12.98 -18.55 -8.86
CA PRO H 199 -13.53 -19.87 -8.60
C PRO H 199 -13.13 -20.98 -9.56
N GLN H 200 -12.82 -22.13 -8.97
CA GLN H 200 -12.41 -23.34 -9.67
C GLN H 200 -13.35 -24.55 -9.43
N ILE H 201 -14.23 -24.82 -10.40
CA ILE H 201 -15.20 -25.90 -10.33
C ILE H 201 -14.84 -27.14 -11.12
N ALA H 202 -15.23 -28.31 -10.62
CA ALA H 202 -14.93 -29.56 -11.32
C ALA H 202 -16.09 -30.56 -11.37
N VAL H 203 -16.34 -31.08 -12.58
CA VAL H 203 -17.40 -32.02 -12.86
C VAL H 203 -16.80 -33.31 -13.43
N VAL H 204 -16.70 -34.34 -12.58
CA VAL H 204 -16.16 -35.66 -12.92
C VAL H 204 -17.21 -36.59 -13.57
N MET H 205 -17.09 -36.88 -14.86
CA MET H 205 -18.05 -37.76 -15.53
C MET H 205 -17.46 -38.98 -16.26
N GLY H 206 -16.32 -39.48 -15.77
CA GLY H 206 -15.68 -40.63 -16.40
C GLY H 206 -14.53 -41.08 -15.54
N SER H 207 -13.49 -41.68 -16.12
CA SER H 207 -12.33 -42.10 -15.33
C SER H 207 -11.45 -40.86 -15.11
N CYS H 208 -10.58 -40.90 -14.10
CA CYS H 208 -9.69 -39.78 -13.79
C CYS H 208 -8.50 -40.32 -13.11
N THR H 209 -7.71 -41.08 -13.86
CA THR H 209 -6.51 -41.71 -13.34
C THR H 209 -5.34 -40.73 -13.13
N ALA H 210 -4.62 -40.94 -12.02
CA ALA H 210 -3.46 -40.15 -11.58
C ALA H 210 -3.38 -38.69 -12.00
N GLY H 211 -2.83 -38.44 -13.18
CA GLY H 211 -2.68 -37.08 -13.65
C GLY H 211 -3.91 -36.25 -13.38
N GLY H 212 -5.00 -36.61 -14.05
CA GLY H 212 -6.23 -35.88 -13.89
C GLY H 212 -6.90 -35.99 -12.55
N ALA H 213 -6.38 -36.86 -11.68
CA ALA H 213 -6.97 -37.05 -10.36
C ALA H 213 -6.95 -35.75 -9.61
N TYR H 214 -6.00 -34.89 -9.97
CA TYR H 214 -5.83 -33.60 -9.33
C TYR H 214 -6.77 -32.49 -9.78
N VAL H 215 -7.14 -32.45 -11.05
CA VAL H 215 -8.05 -31.39 -11.47
C VAL H 215 -9.26 -31.33 -10.54
N PRO H 216 -9.82 -32.48 -10.13
CA PRO H 216 -10.99 -32.42 -9.23
C PRO H 216 -10.61 -32.23 -7.73
N ALA H 217 -9.46 -32.77 -7.32
CA ALA H 217 -9.03 -32.66 -5.93
C ALA H 217 -8.68 -31.23 -5.61
N MET H 218 -8.15 -30.51 -6.60
CA MET H 218 -7.77 -29.12 -6.40
C MET H 218 -8.79 -28.18 -7.00
N SER H 219 -9.97 -28.08 -6.40
CA SER H 219 -10.97 -27.21 -6.96
C SER H 219 -11.98 -26.81 -5.94
N ASP H 220 -12.22 -25.52 -5.85
CA ASP H 220 -13.17 -24.97 -4.89
C ASP H 220 -14.31 -25.97 -4.64
N GLU H 221 -15.01 -26.35 -5.71
CA GLU H 221 -16.13 -27.29 -5.65
C GLU H 221 -16.00 -28.42 -6.71
N THR H 222 -16.28 -29.67 -6.32
CA THR H 222 -16.20 -30.85 -7.23
C THR H 222 -17.45 -31.76 -7.30
N VAL H 223 -17.82 -32.23 -8.49
CA VAL H 223 -18.99 -33.09 -8.66
C VAL H 223 -18.69 -34.43 -9.36
N MET H 224 -19.25 -35.51 -8.85
CA MET H 224 -19.07 -36.84 -9.42
C MET H 224 -20.37 -37.55 -9.88
N VAL H 225 -20.29 -38.25 -11.00
CA VAL H 225 -21.42 -38.98 -11.52
C VAL H 225 -21.31 -40.36 -10.96
N ARG H 226 -22.30 -40.75 -10.18
CA ARG H 226 -22.27 -42.06 -9.58
C ARG H 226 -22.22 -43.23 -10.55
N GLU H 227 -21.43 -44.25 -10.22
CA GLU H 227 -21.33 -45.45 -11.05
C GLU H 227 -20.87 -45.04 -12.42
N GLN H 228 -19.85 -44.19 -12.44
CA GLN H 228 -19.34 -43.69 -13.69
C GLN H 228 -18.11 -42.85 -13.44
N ALA H 229 -18.12 -42.03 -12.41
CA ALA H 229 -16.94 -41.23 -12.13
C ALA H 229 -15.95 -42.04 -11.26
N THR H 230 -14.66 -41.75 -11.40
CA THR H 230 -13.62 -42.45 -10.65
C THR H 230 -12.38 -41.56 -10.47
N ILE H 231 -12.12 -41.11 -9.25
CA ILE H 231 -10.93 -40.29 -9.01
C ILE H 231 -10.02 -41.18 -8.18
N PHE H 232 -8.85 -41.50 -8.68
CA PHE H 232 -7.89 -42.29 -7.92
C PHE H 232 -6.49 -42.03 -8.45
N LEU H 233 -5.50 -41.94 -7.55
CA LEU H 233 -4.11 -41.70 -7.97
C LEU H 233 -3.54 -42.83 -8.81
N ALA H 234 -4.03 -44.04 -8.55
CA ALA H 234 -3.59 -45.21 -9.30
C ALA H 234 -4.83 -46.08 -9.53
N GLY H 235 -5.20 -46.20 -10.81
CA GLY H 235 -6.36 -47.01 -11.17
C GLY H 235 -6.02 -48.47 -11.01
N PRO H 236 -6.96 -49.41 -11.24
CA PRO H 236 -6.69 -50.85 -11.11
C PRO H 236 -5.42 -51.29 -11.84
N PRO H 237 -5.11 -50.66 -12.99
CA PRO H 237 -3.90 -51.04 -13.71
C PRO H 237 -2.70 -51.01 -12.76
N LEU H 238 -2.28 -49.79 -12.43
CA LEU H 238 -1.15 -49.55 -11.54
C LEU H 238 -1.27 -50.18 -10.16
N VAL H 239 -2.49 -50.16 -9.59
CA VAL H 239 -2.74 -50.71 -8.26
C VAL H 239 -2.44 -52.21 -8.12
N LYS H 240 -2.63 -52.97 -9.20
CA LYS H 240 -2.35 -54.42 -9.20
C LYS H 240 -0.84 -54.58 -9.41
N ALA H 241 -0.27 -53.65 -10.19
CA ALA H 241 1.16 -53.60 -10.50
C ALA H 241 1.97 -53.07 -9.30
N ALA H 242 1.30 -52.69 -8.22
CA ALA H 242 1.98 -52.24 -6.99
C ALA H 242 1.92 -53.50 -6.15
N THR H 243 1.66 -53.37 -4.86
CA THR H 243 1.60 -54.54 -3.99
C THR H 243 0.43 -55.50 -4.34
N GLY H 244 0.52 -56.16 -5.50
CA GLY H 244 -0.52 -57.09 -5.91
C GLY H 244 -1.86 -56.41 -5.82
N GLU H 245 -2.77 -56.99 -5.05
CA GLU H 245 -4.10 -56.42 -4.86
C GLU H 245 -4.86 -56.26 -6.19
N VAL H 246 -6.09 -56.77 -6.24
CA VAL H 246 -6.86 -56.57 -7.43
C VAL H 246 -8.20 -56.08 -6.96
N VAL H 247 -8.52 -54.87 -7.41
CA VAL H 247 -9.74 -54.19 -7.03
C VAL H 247 -10.45 -53.58 -8.24
N SER H 248 -11.77 -53.48 -8.16
CA SER H 248 -12.59 -52.88 -9.22
C SER H 248 -12.38 -51.38 -9.18
N ALA H 249 -12.79 -50.68 -10.23
CA ALA H 249 -12.64 -49.24 -10.25
C ALA H 249 -13.59 -48.60 -9.22
N GLU H 250 -14.85 -48.99 -9.25
CA GLU H 250 -15.86 -48.45 -8.36
C GLU H 250 -15.44 -48.52 -6.90
N GLU H 251 -14.77 -49.60 -6.54
CA GLU H 251 -14.29 -49.82 -5.17
C GLU H 251 -13.12 -48.90 -4.82
N LEU H 252 -12.08 -48.94 -5.66
CA LEU H 252 -10.87 -48.15 -5.44
C LEU H 252 -11.18 -46.67 -5.27
N GLY H 253 -11.81 -46.06 -6.28
CA GLY H 253 -12.14 -44.66 -6.22
C GLY H 253 -13.43 -44.28 -6.94
N GLY H 254 -14.52 -44.91 -6.52
CA GLY H 254 -15.81 -44.64 -7.12
C GLY H 254 -16.44 -43.34 -6.67
N ALA H 255 -17.64 -43.05 -7.17
CA ALA H 255 -18.33 -41.82 -6.83
C ALA H 255 -18.79 -41.85 -5.39
N ASP H 256 -19.18 -43.02 -4.93
CA ASP H 256 -19.65 -43.16 -3.56
C ASP H 256 -18.54 -43.21 -2.53
N VAL H 257 -17.33 -43.52 -2.97
CA VAL H 257 -16.22 -43.59 -2.05
C VAL H 257 -15.74 -42.18 -1.70
N HIS H 258 -15.75 -41.26 -2.66
CA HIS H 258 -15.31 -39.89 -2.41
C HIS H 258 -16.44 -38.90 -2.14
N CYS H 259 -17.65 -39.41 -1.96
CA CYS H 259 -18.78 -38.55 -1.71
C CYS H 259 -19.26 -38.78 -0.30
N LYS H 260 -19.11 -40.02 0.18
CA LYS H 260 -19.55 -40.40 1.52
C LYS H 260 -18.41 -40.78 2.48
N VAL H 261 -17.29 -41.20 1.91
CA VAL H 261 -16.11 -41.63 2.64
C VAL H 261 -15.01 -40.56 2.90
N SER H 262 -14.11 -40.37 1.92
CA SER H 262 -12.96 -39.44 1.97
C SER H 262 -13.21 -37.92 1.92
N GLY H 263 -13.89 -37.44 0.90
CA GLY H 263 -14.15 -36.01 0.83
C GLY H 263 -13.49 -35.33 -0.35
N VAL H 264 -13.04 -36.11 -1.33
CA VAL H 264 -12.41 -35.57 -2.53
C VAL H 264 -13.41 -34.93 -3.45
N ALA H 265 -14.69 -35.22 -3.24
CA ALA H 265 -15.79 -34.68 -4.04
C ALA H 265 -16.71 -33.90 -3.10
N ASP H 266 -17.74 -33.26 -3.66
CA ASP H 266 -18.67 -32.45 -2.84
C ASP H 266 -20.18 -32.69 -3.14
N HIS H 267 -20.48 -32.91 -4.42
CA HIS H 267 -21.85 -33.16 -4.78
C HIS H 267 -21.96 -34.51 -5.46
N TYR H 268 -22.93 -35.29 -5.01
CA TYR H 268 -23.20 -36.63 -5.52
C TYR H 268 -24.26 -36.54 -6.64
N ALA H 269 -23.83 -36.66 -7.90
CA ALA H 269 -24.80 -36.54 -8.98
C ALA H 269 -25.25 -37.88 -9.52
N GLU H 270 -26.51 -37.92 -9.92
CA GLU H 270 -27.13 -39.13 -10.46
C GLU H 270 -26.72 -39.54 -11.88
N ASP H 271 -26.26 -38.57 -12.66
CA ASP H 271 -25.81 -38.81 -14.04
C ASP H 271 -25.37 -37.52 -14.74
N ASP H 272 -24.75 -37.67 -15.90
CA ASP H 272 -24.29 -36.52 -16.68
C ASP H 272 -25.23 -35.30 -16.61
N ASP H 273 -26.51 -35.52 -16.90
CA ASP H 273 -27.45 -34.43 -16.86
C ASP H 273 -27.49 -33.82 -15.48
N HIS H 274 -27.64 -34.64 -14.46
CA HIS H 274 -27.72 -34.13 -13.09
C HIS H 274 -26.48 -33.30 -12.76
N ALA H 275 -25.32 -33.96 -12.80
CA ALA H 275 -24.09 -33.31 -12.46
C ALA H 275 -23.88 -31.99 -13.18
N LEU H 276 -24.36 -31.83 -14.40
CA LEU H 276 -24.16 -30.55 -15.03
C LEU H 276 -25.07 -29.52 -14.37
N ALA H 277 -26.24 -30.00 -13.93
CA ALA H 277 -27.25 -29.15 -13.29
C ALA H 277 -26.82 -28.60 -11.96
N ILE H 278 -26.04 -29.45 -11.29
CA ILE H 278 -25.44 -29.20 -10.00
C ILE H 278 -24.35 -28.16 -10.20
N ALA H 279 -23.60 -28.34 -11.28
CA ALA H 279 -22.53 -27.44 -11.63
C ALA H 279 -23.15 -26.09 -11.83
N ARG H 280 -24.19 -26.02 -12.67
CA ARG H 280 -24.87 -24.77 -12.92
C ARG H 280 -25.06 -24.07 -11.62
N ARG H 281 -25.74 -24.73 -10.71
CA ARG H 281 -26.02 -24.16 -9.41
C ARG H 281 -24.81 -23.64 -8.62
N CYS H 282 -23.63 -24.19 -8.84
CA CYS H 282 -22.44 -23.71 -8.14
C CYS H 282 -22.03 -22.34 -8.62
N VAL H 283 -22.06 -22.15 -9.93
CA VAL H 283 -21.75 -20.87 -10.51
C VAL H 283 -22.84 -19.86 -10.16
N ALA H 284 -23.95 -20.32 -9.60
CA ALA H 284 -25.04 -19.42 -9.26
C ALA H 284 -24.87 -18.70 -7.93
N ASN H 285 -24.19 -19.34 -6.98
CA ASN H 285 -23.98 -18.75 -5.68
C ASN H 285 -22.56 -18.29 -5.60
N LEU H 286 -22.14 -17.62 -6.65
CA LEU H 286 -20.79 -17.14 -6.73
C LEU H 286 -20.64 -15.71 -6.33
N ASN H 287 -21.77 -15.00 -6.23
CA ASN H 287 -21.76 -13.59 -5.83
C ASN H 287 -20.78 -12.82 -6.71
N TRP H 288 -20.72 -13.22 -7.98
CA TRP H 288 -19.79 -12.63 -8.97
C TRP H 288 -20.18 -11.28 -9.57
N ARG H 289 -19.21 -10.37 -9.68
CA ARG H 289 -19.40 -9.04 -10.22
C ARG H 289 -18.22 -8.69 -11.09
N LYS H 290 -18.50 -8.11 -12.24
CA LYS H 290 -17.44 -7.76 -13.17
C LYS H 290 -16.67 -6.56 -12.66
N GLN H 291 -15.39 -6.51 -12.97
CA GLN H 291 -14.53 -5.44 -12.49
C GLN H 291 -13.96 -4.57 -13.58
N GLY H 292 -14.13 -4.94 -14.82
CA GLY H 292 -13.62 -4.06 -15.84
C GLY H 292 -14.56 -2.88 -15.81
N GLN H 293 -14.38 -1.92 -16.71
CA GLN H 293 -15.26 -0.77 -16.74
C GLN H 293 -14.81 0.29 -17.70
N LEU H 294 -15.60 0.49 -18.74
CA LEU H 294 -15.27 1.49 -19.74
C LEU H 294 -16.49 2.36 -19.88
N GLN H 295 -16.41 3.31 -20.81
CA GLN H 295 -17.51 4.22 -21.09
C GLN H 295 -18.20 3.70 -22.30
N CYS H 296 -18.78 2.51 -22.18
CA CYS H 296 -19.48 1.89 -23.29
C CYS H 296 -20.63 2.78 -23.67
N ARG H 297 -21.05 2.75 -24.92
CA ARG H 297 -22.15 3.56 -25.33
C ARG H 297 -23.13 2.78 -26.14
N ALA H 298 -24.19 3.46 -26.57
CA ALA H 298 -25.26 2.86 -27.36
C ALA H 298 -24.71 1.97 -28.49
N PRO H 299 -24.94 0.65 -28.42
CA PRO H 299 -24.44 -0.26 -29.47
C PRO H 299 -25.18 -0.02 -30.76
N ARG H 300 -24.47 0.45 -31.80
CA ARG H 300 -25.08 0.69 -33.11
C ARG H 300 -24.33 -0.13 -34.18
N ALA H 301 -25.05 -0.82 -35.07
CA ALA H 301 -24.38 -1.64 -36.07
C ALA H 301 -23.58 -0.87 -37.14
N PRO H 302 -22.69 -1.57 -37.87
CA PRO H 302 -21.88 -0.93 -38.91
C PRO H 302 -22.76 -0.20 -39.90
N LEU H 303 -22.25 0.04 -41.10
CA LEU H 303 -23.02 0.72 -42.13
C LEU H 303 -22.85 -0.06 -43.43
N TYR H 304 -22.12 -1.17 -43.37
CA TYR H 304 -21.87 -1.99 -44.53
C TYR H 304 -21.92 -3.41 -44.04
N PRO H 305 -22.76 -4.23 -44.66
CA PRO H 305 -22.87 -5.63 -44.24
C PRO H 305 -21.48 -6.23 -43.98
N ALA H 306 -21.31 -6.91 -42.84
CA ALA H 306 -20.01 -7.50 -42.51
C ALA H 306 -19.56 -8.62 -43.45
N GLU H 307 -20.44 -9.14 -44.31
CA GLU H 307 -20.05 -10.22 -45.21
C GLU H 307 -19.33 -9.66 -46.40
N GLU H 308 -19.63 -8.40 -46.70
CA GLU H 308 -19.00 -7.74 -47.84
C GLU H 308 -17.49 -7.90 -47.76
N LEU H 309 -17.00 -8.14 -46.56
CA LEU H 309 -15.57 -8.28 -46.42
C LEU H 309 -15.04 -9.32 -47.37
N TYR H 310 -15.73 -10.44 -47.49
CA TYR H 310 -15.27 -11.46 -48.40
C TYR H 310 -14.63 -10.88 -49.66
N GLY H 311 -15.26 -9.83 -50.23
CA GLY H 311 -14.73 -9.24 -51.45
C GLY H 311 -13.77 -8.05 -51.31
N VAL H 312 -13.58 -7.57 -50.10
CA VAL H 312 -12.70 -6.43 -49.88
C VAL H 312 -11.29 -6.92 -49.99
N ILE H 313 -11.06 -8.08 -49.39
CA ILE H 313 -9.77 -8.75 -49.36
C ILE H 313 -9.39 -9.34 -50.72
N PRO H 314 -8.33 -8.83 -51.39
CA PRO H 314 -7.84 -9.30 -52.70
C PRO H 314 -7.58 -10.81 -52.69
N ALA H 315 -7.69 -11.49 -53.83
CA ALA H 315 -7.42 -12.93 -53.81
C ALA H 315 -5.91 -13.07 -53.99
N ASP H 316 -5.29 -12.04 -54.57
CA ASP H 316 -3.84 -12.02 -54.76
C ASP H 316 -3.15 -11.57 -53.47
N SER H 317 -2.63 -12.54 -52.74
CA SER H 317 -1.98 -12.26 -51.47
C SER H 317 -1.10 -11.01 -51.44
N LYS H 318 -0.33 -10.72 -52.45
CA LYS H 318 0.48 -9.53 -52.38
C LYS H 318 -0.14 -8.36 -53.11
N GLN H 319 -1.46 -8.32 -53.11
CA GLN H 319 -2.18 -7.28 -53.81
C GLN H 319 -2.62 -6.21 -52.81
N PRO H 320 -2.15 -4.97 -52.98
CA PRO H 320 -2.48 -3.84 -52.09
C PRO H 320 -3.93 -3.39 -52.04
N TYR H 321 -4.53 -3.34 -50.85
CA TYR H 321 -5.92 -2.85 -50.66
C TYR H 321 -5.97 -1.93 -49.48
N ASP H 322 -6.99 -1.07 -49.38
CA ASP H 322 -7.05 -0.14 -48.24
C ASP H 322 -7.77 -0.74 -47.04
N VAL H 323 -7.07 -0.82 -45.90
CA VAL H 323 -7.65 -1.43 -44.69
C VAL H 323 -8.81 -0.70 -44.08
N ARG H 324 -8.87 0.61 -44.35
CA ARG H 324 -9.94 1.44 -43.85
C ARG H 324 -11.27 0.78 -44.20
N GLU H 325 -11.27 -0.04 -45.25
CA GLU H 325 -12.49 -0.73 -45.67
C GLU H 325 -12.87 -1.89 -44.75
N VAL H 326 -11.88 -2.58 -44.16
CA VAL H 326 -12.19 -3.69 -43.24
C VAL H 326 -12.66 -3.05 -41.95
N ILE H 327 -12.18 -1.84 -41.68
CA ILE H 327 -12.57 -1.12 -40.47
C ILE H 327 -14.03 -0.66 -40.54
N ALA H 328 -14.41 -0.04 -41.65
CA ALA H 328 -15.77 0.41 -41.77
C ALA H 328 -16.77 -0.73 -41.65
N ARG H 329 -16.32 -1.98 -41.73
CA ARG H 329 -17.26 -3.09 -41.62
C ARG H 329 -17.31 -3.76 -40.24
N LEU H 330 -16.54 -3.21 -39.29
CA LEU H 330 -16.47 -3.75 -37.92
C LEU H 330 -16.82 -2.74 -36.85
N VAL H 331 -16.56 -1.47 -37.12
CA VAL H 331 -16.88 -0.42 -36.17
C VAL H 331 -18.34 -0.11 -36.17
N ASP H 332 -18.75 0.61 -35.13
CA ASP H 332 -20.13 0.97 -35.03
C ASP H 332 -20.36 2.20 -35.89
N GLY H 333 -21.46 2.17 -36.61
CA GLY H 333 -21.85 3.26 -37.46
C GLY H 333 -20.75 3.67 -38.41
N SER H 334 -19.82 2.76 -38.65
CA SER H 334 -18.72 3.05 -39.55
C SER H 334 -18.10 4.38 -39.22
N GLU H 335 -18.14 4.75 -37.95
CA GLU H 335 -17.54 6.01 -37.52
C GLU H 335 -16.17 5.62 -36.95
N PHE H 336 -15.12 6.28 -37.46
CA PHE H 336 -13.72 6.04 -37.11
C PHE H 336 -12.96 7.35 -37.23
N ASP H 337 -12.37 7.79 -36.13
CA ASP H 337 -11.64 9.05 -36.13
C ASP H 337 -10.12 8.76 -36.17
N GLU H 338 -9.50 9.16 -37.29
CA GLU H 338 -8.09 8.85 -37.49
C GLU H 338 -7.00 9.83 -37.04
N PHE H 339 -6.16 9.28 -36.18
CA PHE H 339 -4.98 9.89 -35.57
C PHE H 339 -3.82 9.97 -36.59
N LYS H 340 -3.10 11.09 -36.56
CA LYS H 340 -1.98 11.32 -37.49
C LYS H 340 -2.43 10.76 -38.82
N ALA H 341 -3.54 11.34 -39.29
CA ALA H 341 -4.20 10.99 -40.52
C ALA H 341 -3.28 10.66 -41.71
N LEU H 342 -2.52 11.68 -42.08
CA LEU H 342 -1.62 11.64 -43.21
C LEU H 342 -0.13 11.66 -42.81
N PHE H 343 0.34 10.65 -42.07
CA PHE H 343 1.75 10.58 -41.62
C PHE H 343 2.07 9.11 -41.41
N GLY H 344 3.12 8.63 -42.06
CA GLY H 344 3.47 7.22 -41.93
C GLY H 344 2.17 6.47 -42.17
N THR H 345 1.59 6.77 -43.30
CA THR H 345 0.33 6.18 -43.65
C THR H 345 0.41 4.69 -43.81
N THR H 346 1.60 4.13 -43.67
CA THR H 346 1.74 2.68 -43.75
C THR H 346 0.95 2.00 -42.59
N LEU H 347 0.61 2.78 -41.58
CA LEU H 347 -0.12 2.29 -40.40
C LEU H 347 -1.21 3.26 -40.08
N VAL H 348 -2.44 2.75 -40.08
CA VAL H 348 -3.67 3.48 -39.77
C VAL H 348 -3.95 3.41 -38.27
N CYS H 349 -4.22 4.55 -37.66
CA CYS H 349 -4.49 4.58 -36.24
C CYS H 349 -5.75 5.34 -36.02
N GLY H 350 -6.62 4.86 -35.14
CA GLY H 350 -7.86 5.56 -34.94
C GLY H 350 -8.74 5.10 -33.80
N PHE H 351 -9.74 5.91 -33.50
CA PHE H 351 -10.65 5.63 -32.42
C PHE H 351 -12.04 5.36 -32.93
N ALA H 352 -12.81 4.58 -32.17
CA ALA H 352 -14.17 4.25 -32.54
C ALA H 352 -14.72 3.32 -31.49
N HIS H 353 -15.93 2.81 -31.71
CA HIS H 353 -16.50 1.88 -30.75
C HIS H 353 -16.89 0.60 -31.44
N LEU H 354 -17.04 -0.44 -30.62
CA LEU H 354 -17.41 -1.77 -31.10
C LEU H 354 -18.49 -2.35 -30.18
N HIS H 355 -19.71 -2.43 -30.70
CA HIS H 355 -20.85 -2.93 -29.97
C HIS H 355 -20.89 -2.24 -28.61
N GLY H 356 -20.68 -0.93 -28.64
CA GLY H 356 -20.70 -0.13 -27.43
C GLY H 356 -19.32 0.18 -26.92
N TYR H 357 -18.58 -0.87 -26.57
CA TYR H 357 -17.22 -0.76 -26.04
C TYR H 357 -16.30 0.07 -26.92
N PRO H 358 -15.67 1.13 -26.35
CA PRO H 358 -14.75 1.97 -27.11
C PRO H 358 -13.40 1.28 -27.33
N ILE H 359 -12.85 1.38 -28.55
CA ILE H 359 -11.57 0.75 -28.88
C ILE H 359 -10.58 1.63 -29.66
N ALA H 360 -9.30 1.37 -29.48
CA ALA H 360 -8.26 2.09 -30.19
C ALA H 360 -7.75 1.08 -31.22
N ILE H 361 -7.75 1.44 -32.50
CA ILE H 361 -7.30 0.50 -33.52
C ILE H 361 -5.92 0.81 -34.16
N LEU H 362 -5.21 -0.24 -34.53
CA LEU H 362 -3.90 -0.12 -35.18
C LEU H 362 -3.87 -1.18 -36.28
N ALA H 363 -4.05 -0.73 -37.54
CA ALA H 363 -4.09 -1.65 -38.67
C ALA H 363 -3.08 -1.32 -39.72
N ASN H 364 -2.47 -2.40 -40.22
CA ASN H 364 -1.46 -2.33 -41.23
C ASN H 364 -2.00 -1.92 -42.57
N ASN H 365 -1.26 -1.05 -43.26
CA ASN H 365 -1.62 -0.63 -44.62
C ASN H 365 -0.31 -0.66 -45.41
N GLY H 366 0.37 -1.80 -45.41
CA GLY H 366 1.61 -1.95 -46.16
C GLY H 366 2.96 -2.23 -45.52
N ILE H 367 3.93 -1.37 -45.87
CA ILE H 367 5.29 -1.42 -45.39
C ILE H 367 5.20 -0.98 -43.97
N LEU H 368 6.23 -0.27 -43.52
CA LEU H 368 6.29 0.23 -42.15
C LEU H 368 7.62 0.97 -41.92
N PHE H 369 7.66 2.22 -42.37
CA PHE H 369 8.85 3.01 -42.20
C PHE H 369 8.86 3.48 -40.77
N ALA H 370 9.94 4.13 -40.39
CA ALA H 370 10.09 4.62 -39.05
C ALA H 370 8.94 5.44 -38.53
N GLU H 371 8.44 6.38 -39.33
CA GLU H 371 7.33 7.21 -38.86
C GLU H 371 6.07 6.44 -38.48
N ALA H 372 5.88 5.26 -39.08
CA ALA H 372 4.74 4.39 -38.83
C ALA H 372 4.79 3.95 -37.39
N ALA H 373 5.99 3.66 -36.92
CA ALA H 373 6.16 3.23 -35.54
C ALA H 373 5.91 4.36 -34.57
N GLN H 374 6.55 5.51 -34.78
CA GLN H 374 6.36 6.67 -33.89
C GLN H 374 4.91 6.98 -33.79
N LYS H 375 4.25 7.01 -34.93
CA LYS H 375 2.81 7.28 -35.00
C LYS H 375 2.13 6.22 -34.12
N GLY H 376 2.46 4.96 -34.34
CA GLY H 376 1.85 3.90 -33.55
C GLY H 376 2.17 3.92 -32.06
N ALA H 377 3.39 4.29 -31.70
CA ALA H 377 3.81 4.33 -30.29
C ALA H 377 3.07 5.43 -29.58
N HIS H 378 3.01 6.58 -30.23
CA HIS H 378 2.34 7.73 -29.70
C HIS H 378 0.85 7.44 -29.49
N PHE H 379 0.22 6.71 -30.39
CA PHE H 379 -1.20 6.38 -30.27
C PHE H 379 -1.41 5.50 -29.02
N ILE H 380 -0.62 4.44 -28.93
CA ILE H 380 -0.70 3.50 -27.82
C ILE H 380 -0.53 4.24 -26.55
N GLU H 381 0.21 5.34 -26.56
CA GLU H 381 0.36 6.11 -25.33
C GLU H 381 -0.94 6.83 -24.99
N LEU H 382 -1.72 7.22 -26.01
CA LEU H 382 -2.97 7.88 -25.72
C LEU H 382 -4.02 6.90 -25.27
N ALA H 383 -4.02 5.69 -25.83
CA ALA H 383 -5.00 4.65 -25.44
C ALA H 383 -4.78 4.18 -24.03
N CYS H 384 -3.51 3.89 -23.73
CA CYS H 384 -3.09 3.41 -22.41
C CYS H 384 -3.36 4.43 -21.35
N GLN H 385 -3.52 5.68 -21.78
CA GLN H 385 -3.74 6.79 -20.87
C GLN H 385 -5.20 6.94 -20.54
N ARG H 386 -6.04 6.53 -21.49
CA ARG H 386 -7.48 6.67 -21.36
C ARG H 386 -8.15 5.36 -21.04
N GLY H 387 -7.37 4.29 -20.96
CA GLY H 387 -7.92 2.98 -20.64
C GLY H 387 -8.89 2.39 -21.65
N ILE H 388 -8.49 2.51 -22.90
CA ILE H 388 -9.25 2.07 -24.04
C ILE H 388 -8.56 0.81 -24.56
N PRO H 389 -9.31 -0.28 -24.80
CA PRO H 389 -8.78 -1.55 -25.30
C PRO H 389 -8.06 -1.39 -26.64
N LEU H 390 -7.01 -2.18 -26.86
CA LEU H 390 -6.26 -2.08 -28.10
C LEU H 390 -6.62 -3.18 -29.07
N LEU H 391 -6.87 -2.82 -30.32
CA LEU H 391 -7.20 -3.78 -31.38
C LEU H 391 -6.19 -3.71 -32.51
N PHE H 392 -5.47 -4.82 -32.74
CA PHE H 392 -4.46 -4.89 -33.77
C PHE H 392 -4.94 -5.70 -34.97
N LEU H 393 -4.79 -5.15 -36.18
CA LEU H 393 -5.18 -5.83 -37.42
C LEU H 393 -3.93 -5.95 -38.28
N GLN H 394 -3.33 -7.14 -38.20
CA GLN H 394 -2.08 -7.46 -38.87
C GLN H 394 -2.18 -7.90 -40.30
N ASN H 395 -1.38 -7.23 -41.12
CA ASN H 395 -1.21 -7.51 -42.53
C ASN H 395 0.03 -6.73 -42.87
N ILE H 396 1.10 -7.15 -42.20
CA ILE H 396 2.44 -6.56 -42.30
C ILE H 396 3.42 -7.51 -43.01
N THR H 397 4.08 -6.98 -44.02
CA THR H 397 5.03 -7.73 -44.80
C THR H 397 6.46 -7.56 -44.29
N GLY H 398 6.70 -6.51 -43.50
CA GLY H 398 8.03 -6.27 -42.95
C GLY H 398 8.38 -4.80 -42.85
N PHE H 399 9.59 -4.52 -42.34
CA PHE H 399 10.04 -3.15 -42.20
C PHE H 399 10.86 -2.79 -43.40
N MET H 400 10.65 -1.56 -43.84
CA MET H 400 11.33 -0.98 -44.98
C MET H 400 12.83 -0.98 -44.72
N VAL H 401 13.58 -1.74 -45.50
CA VAL H 401 15.03 -1.76 -45.27
C VAL H 401 15.78 -0.98 -46.34
N GLY H 402 17.09 -0.95 -46.21
CA GLY H 402 17.87 -0.20 -47.16
C GLY H 402 19.02 0.42 -46.37
N GLN H 403 19.87 1.18 -47.04
CA GLN H 403 21.02 1.80 -46.37
C GLN H 403 20.65 3.04 -45.58
N LYS H 404 19.81 3.89 -46.18
CA LYS H 404 19.44 5.09 -45.49
C LYS H 404 18.43 4.77 -44.43
N TYR H 405 17.48 3.91 -44.76
CA TYR H 405 16.45 3.56 -43.81
C TYR H 405 17.00 2.98 -42.53
N GLU H 406 18.10 2.23 -42.63
CA GLU H 406 18.70 1.64 -41.42
C GLU H 406 19.56 2.64 -40.69
N ALA H 407 20.11 3.56 -41.45
CA ALA H 407 20.95 4.61 -40.93
C ALA H 407 20.06 5.68 -40.27
N GLY H 408 18.77 5.58 -40.49
CA GLY H 408 17.90 6.57 -39.89
C GLY H 408 17.31 6.13 -38.57
N GLY H 409 17.54 4.88 -38.19
CA GLY H 409 17.02 4.41 -36.94
C GLY H 409 15.72 3.66 -37.11
N ILE H 410 15.45 3.16 -38.31
CA ILE H 410 14.22 2.42 -38.54
C ILE H 410 14.33 1.25 -37.57
N ALA H 411 15.47 1.20 -36.93
CA ALA H 411 15.75 0.16 -35.97
C ALA H 411 15.21 0.54 -34.59
N LYS H 412 15.67 1.69 -34.10
CA LYS H 412 15.30 2.19 -32.78
C LYS H 412 13.89 2.67 -32.71
N HIS H 413 13.40 3.21 -33.82
CA HIS H 413 12.05 3.71 -33.83
C HIS H 413 11.11 2.52 -33.76
N GLY H 414 11.50 1.40 -34.38
CA GLY H 414 10.67 0.20 -34.38
C GLY H 414 10.62 -0.39 -33.00
N ALA H 415 11.69 -0.10 -32.27
CA ALA H 415 11.88 -0.52 -30.91
C ALA H 415 10.84 0.18 -30.07
N LYS H 416 10.67 1.49 -30.32
CA LYS H 416 9.70 2.35 -29.63
C LYS H 416 8.34 1.71 -29.67
N LEU H 417 7.95 1.20 -30.84
CA LEU H 417 6.65 0.55 -31.01
C LEU H 417 6.47 -0.69 -30.14
N VAL H 418 7.48 -1.57 -30.13
CA VAL H 418 7.42 -2.79 -29.33
C VAL H 418 7.33 -2.57 -27.82
N THR H 419 8.12 -1.62 -27.31
CA THR H 419 8.08 -1.30 -25.89
C THR H 419 6.63 -0.99 -25.55
N ALA H 420 6.08 0.01 -26.24
CA ALA H 420 4.70 0.43 -26.05
C ALA H 420 3.76 -0.74 -26.07
N VAL H 421 3.90 -1.59 -27.07
CA VAL H 421 3.03 -2.75 -27.19
C VAL H 421 3.20 -3.79 -26.12
N ALA H 422 4.44 -4.12 -25.79
CA ALA H 422 4.68 -5.12 -24.76
C ALA H 422 4.25 -4.60 -23.40
N CYS H 423 4.38 -3.28 -23.18
CA CYS H 423 4.02 -2.62 -21.91
C CYS H 423 2.54 -2.27 -21.68
N ALA H 424 1.77 -2.11 -22.75
CA ALA H 424 0.35 -1.76 -22.63
C ALA H 424 -0.42 -2.71 -21.77
N ARG H 425 -1.04 -2.19 -20.72
CA ARG H 425 -1.77 -3.02 -19.80
C ARG H 425 -3.27 -3.03 -20.06
N VAL H 426 -3.72 -2.26 -21.03
CA VAL H 426 -5.14 -2.28 -21.29
C VAL H 426 -5.35 -3.60 -22.01
N PRO H 427 -6.61 -3.95 -22.27
CA PRO H 427 -6.80 -5.21 -22.98
C PRO H 427 -6.36 -5.13 -24.45
N LYS H 428 -5.49 -6.06 -24.85
CA LYS H 428 -5.00 -6.14 -26.22
C LYS H 428 -5.68 -7.28 -27.06
N PHE H 429 -6.03 -6.99 -28.31
CA PHE H 429 -6.67 -7.97 -29.19
C PHE H 429 -6.10 -7.96 -30.59
N THR H 430 -5.76 -9.14 -31.07
CA THR H 430 -5.20 -9.27 -32.41
C THR H 430 -5.93 -10.22 -33.35
N VAL H 431 -6.01 -9.78 -34.59
CA VAL H 431 -6.66 -10.52 -35.65
C VAL H 431 -5.71 -10.50 -36.88
N LEU H 432 -5.32 -11.68 -37.36
CA LEU H 432 -4.46 -11.74 -38.53
C LEU H 432 -5.34 -11.65 -39.77
N ILE H 433 -5.28 -10.55 -40.50
CA ILE H 433 -6.10 -10.43 -41.70
C ILE H 433 -5.27 -10.34 -42.99
N GLY H 434 -3.99 -10.70 -42.87
CA GLY H 434 -3.12 -10.66 -44.02
C GLY H 434 -1.90 -11.51 -43.71
N GLY H 435 -0.79 -10.87 -43.42
CA GLY H 435 0.38 -11.65 -43.13
C GLY H 435 1.22 -11.16 -41.99
N SER H 436 1.67 -12.09 -41.17
CA SER H 436 2.52 -11.71 -40.07
C SER H 436 3.89 -12.21 -40.48
N PHE H 437 4.77 -11.27 -40.79
CA PHE H 437 6.12 -11.59 -41.23
C PHE H 437 7.22 -10.81 -40.55
N GLY H 438 8.18 -11.51 -39.96
CA GLY H 438 9.29 -10.81 -39.34
C GLY H 438 8.95 -9.85 -38.21
N ALA H 439 9.81 -8.87 -37.98
CA ALA H 439 9.59 -7.95 -36.87
C ALA H 439 8.18 -7.45 -36.87
N GLY H 440 7.50 -7.58 -37.99
CA GLY H 440 6.13 -7.12 -38.01
C GLY H 440 5.25 -7.78 -36.93
N ASN H 441 5.21 -9.11 -36.91
CA ASN H 441 4.38 -9.82 -35.96
C ASN H 441 4.56 -9.28 -34.57
N TYR H 442 5.80 -9.03 -34.21
CA TYR H 442 6.07 -8.51 -32.88
C TYR H 442 5.58 -7.09 -32.61
N GLY H 443 5.79 -6.19 -33.56
CA GLY H 443 5.38 -4.80 -33.37
C GLY H 443 3.88 -4.59 -33.40
N MET H 444 3.15 -5.60 -33.84
CA MET H 444 1.70 -5.51 -33.90
C MET H 444 1.02 -6.45 -32.90
N CYS H 445 1.55 -6.53 -31.70
CA CYS H 445 1.01 -7.44 -30.69
C CYS H 445 0.75 -8.83 -31.25
N GLY H 446 1.83 -9.59 -31.50
CA GLY H 446 1.74 -10.95 -32.01
C GLY H 446 1.46 -11.92 -30.87
N ARG H 447 1.66 -13.22 -31.08
CA ARG H 447 1.37 -14.16 -30.01
C ARG H 447 2.13 -13.98 -28.70
N ALA H 448 3.38 -13.55 -28.81
CA ALA H 448 4.23 -13.39 -27.63
C ALA H 448 4.01 -12.13 -26.81
N TYR H 449 3.06 -11.29 -27.21
CA TYR H 449 2.83 -10.07 -26.46
C TYR H 449 1.59 -10.12 -25.61
N ASP H 450 1.17 -11.37 -25.41
CA ASP H 450 0.00 -11.69 -24.62
C ASP H 450 -1.28 -10.90 -24.92
N PRO H 451 -1.80 -11.03 -26.15
CA PRO H 451 -3.03 -10.28 -26.34
C PRO H 451 -4.03 -11.20 -25.63
N ARG H 452 -5.15 -10.66 -25.15
CA ARG H 452 -6.16 -11.47 -24.46
C ARG H 452 -6.47 -12.65 -25.36
N PHE H 453 -6.74 -12.31 -26.63
CA PHE H 453 -7.02 -13.29 -27.67
C PHE H 453 -6.35 -12.87 -28.95
N LEU H 454 -5.89 -13.85 -29.72
CA LEU H 454 -5.29 -13.56 -31.04
C LEU H 454 -5.98 -14.48 -32.04
N TRP H 455 -6.49 -13.92 -33.16
CA TRP H 455 -7.17 -14.76 -34.13
C TRP H 455 -6.60 -14.69 -35.53
N MET H 456 -6.96 -15.70 -36.33
CA MET H 456 -6.44 -15.77 -37.69
C MET H 456 -7.53 -15.96 -38.71
N TRP H 457 -7.46 -15.18 -39.79
CA TRP H 457 -8.41 -15.28 -40.88
C TRP H 457 -7.94 -16.47 -41.72
N PRO H 458 -8.76 -16.94 -42.67
CA PRO H 458 -8.42 -18.08 -43.54
C PRO H 458 -7.36 -17.75 -44.59
N ASN H 459 -7.38 -16.50 -45.01
CA ASN H 459 -6.50 -15.99 -46.02
C ASN H 459 -5.15 -15.54 -45.49
N ALA H 460 -5.04 -15.41 -44.18
CA ALA H 460 -3.77 -14.94 -43.65
C ALA H 460 -2.73 -16.03 -43.57
N ARG H 461 -1.48 -15.61 -43.65
CA ARG H 461 -0.40 -16.55 -43.60
C ARG H 461 0.70 -15.96 -42.69
N ILE H 462 1.34 -16.81 -41.90
CA ILE H 462 2.35 -16.34 -40.96
C ILE H 462 3.69 -17.08 -41.06
N GLY H 463 4.79 -16.36 -40.92
CA GLY H 463 6.11 -16.95 -40.99
C GLY H 463 7.21 -15.93 -40.74
N VAL H 464 8.41 -16.38 -40.41
CA VAL H 464 9.52 -15.46 -40.14
C VAL H 464 9.84 -14.50 -41.29
N MET H 465 9.59 -14.96 -42.51
CA MET H 465 9.78 -14.18 -43.72
C MET H 465 9.33 -15.06 -44.88
N GLY H 466 9.07 -14.45 -46.02
CA GLY H 466 8.60 -15.21 -47.19
C GLY H 466 9.20 -16.56 -47.54
N GLY H 467 8.51 -17.31 -48.40
CA GLY H 467 9.00 -18.61 -48.83
C GLY H 467 10.40 -18.53 -49.43
N GLU H 468 10.54 -17.84 -50.56
CA GLU H 468 11.81 -17.68 -51.26
C GLU H 468 12.67 -16.57 -50.64
N GLN H 469 12.08 -15.80 -49.74
CA GLN H 469 12.80 -14.74 -49.05
C GLN H 469 13.90 -15.36 -48.21
N ALA H 470 13.54 -16.41 -47.46
CA ALA H 470 14.53 -17.08 -46.64
C ALA H 470 15.41 -18.00 -47.50
N ALA H 471 14.81 -18.72 -48.46
CA ALA H 471 15.58 -19.61 -49.36
C ALA H 471 16.60 -18.75 -50.09
N GLY H 472 16.36 -17.45 -50.06
CA GLY H 472 17.27 -16.53 -50.69
C GLY H 472 18.50 -16.47 -49.83
N VAL H 473 18.41 -15.87 -48.65
CA VAL H 473 19.58 -15.74 -47.78
C VAL H 473 20.21 -17.10 -47.48
N LEU H 474 19.41 -18.04 -46.96
CA LEU H 474 19.92 -19.35 -46.59
C LEU H 474 20.76 -20.00 -47.70
N ALA H 475 20.43 -19.74 -48.96
CA ALA H 475 21.18 -20.31 -50.07
C ALA H 475 22.26 -19.35 -50.51
N GLN H 476 22.08 -18.08 -50.22
CA GLN H 476 23.05 -17.05 -50.55
C GLN H 476 24.31 -17.23 -49.76
N VAL H 477 24.17 -17.56 -48.49
CA VAL H 477 25.34 -17.77 -47.65
C VAL H 477 26.10 -19.00 -48.13
N LYS H 478 25.38 -20.09 -48.38
CA LYS H 478 26.05 -21.31 -48.85
C LYS H 478 26.99 -21.05 -50.03
N ARG H 479 26.72 -20.05 -50.86
CA ARG H 479 27.61 -19.77 -51.98
C ARG H 479 28.43 -18.50 -51.73
N GLU H 480 28.71 -18.26 -50.45
CA GLU H 480 29.47 -17.13 -49.99
C GLU H 480 30.56 -17.76 -49.16
N GLN H 481 30.25 -18.91 -48.59
CA GLN H 481 31.21 -19.63 -47.80
C GLN H 481 31.98 -20.47 -48.80
N ALA H 482 31.30 -20.88 -49.86
CA ALA H 482 31.99 -21.69 -50.83
C ALA H 482 32.59 -20.79 -51.88
N GLU H 483 32.53 -19.49 -51.65
CA GLU H 483 33.10 -18.56 -52.60
C GLU H 483 34.47 -18.18 -52.11
N ARG H 484 34.57 -17.88 -50.83
CA ARG H 484 35.86 -17.54 -50.25
C ARG H 484 36.50 -18.87 -49.88
N ALA H 485 35.98 -19.92 -50.49
CA ALA H 485 36.47 -21.26 -50.29
C ALA H 485 36.96 -21.75 -51.64
N GLY H 486 37.28 -20.79 -52.50
CA GLY H 486 37.80 -21.10 -53.83
C GLY H 486 36.87 -21.79 -54.78
N GLN H 487 35.56 -21.57 -54.61
CA GLN H 487 34.55 -22.20 -55.46
C GLN H 487 33.33 -21.31 -55.71
N GLN H 488 32.32 -21.89 -56.34
CA GLN H 488 31.06 -21.22 -56.64
C GLN H 488 29.96 -22.24 -56.59
N LEU H 489 28.74 -21.80 -56.32
CA LEU H 489 27.63 -22.73 -56.24
C LEU H 489 26.94 -22.74 -57.56
N GLY H 490 26.89 -23.91 -58.19
CA GLY H 490 26.24 -24.06 -59.49
C GLY H 490 24.75 -24.12 -59.35
N VAL H 491 24.00 -23.43 -60.21
CA VAL H 491 22.55 -23.42 -60.10
C VAL H 491 22.01 -24.82 -59.93
N GLU H 492 22.90 -25.78 -59.86
CA GLU H 492 22.47 -27.14 -59.66
C GLU H 492 22.20 -27.46 -58.20
N GLU H 493 23.15 -27.20 -57.30
CA GLU H 493 22.90 -27.49 -55.88
C GLU H 493 22.20 -26.33 -55.22
N GLU H 494 22.41 -25.13 -55.75
CA GLU H 494 21.77 -23.98 -55.15
C GLU H 494 20.30 -24.12 -55.35
N ALA H 495 19.90 -24.70 -56.46
CA ALA H 495 18.49 -24.87 -56.71
C ALA H 495 17.91 -26.03 -55.92
N LYS H 496 18.75 -26.99 -55.51
CA LYS H 496 18.26 -28.12 -54.72
C LYS H 496 18.37 -27.74 -53.25
N ILE H 497 18.94 -26.55 -53.04
CA ILE H 497 19.14 -25.95 -51.73
C ILE H 497 17.93 -25.10 -51.33
N LYS H 498 17.30 -24.45 -52.31
CA LYS H 498 16.14 -23.61 -52.06
C LYS H 498 14.86 -24.33 -52.28
N ALA H 499 14.90 -25.44 -53.01
CA ALA H 499 13.70 -26.21 -53.29
C ALA H 499 12.89 -26.66 -52.05
N PRO H 500 13.52 -27.39 -51.11
CA PRO H 500 12.81 -27.86 -49.91
C PRO H 500 12.41 -26.76 -48.91
N ILE H 501 13.13 -25.65 -48.92
CA ILE H 501 12.79 -24.55 -48.04
C ILE H 501 11.55 -23.85 -48.64
N LEU H 502 11.55 -23.63 -49.95
CA LEU H 502 10.44 -22.96 -50.61
C LEU H 502 9.11 -23.59 -50.35
N GLU H 503 9.11 -24.91 -50.16
CA GLU H 503 7.86 -25.58 -49.87
C GLU H 503 7.61 -25.65 -48.38
N GLN H 504 8.66 -25.86 -47.60
CA GLN H 504 8.50 -25.93 -46.14
C GLN H 504 7.79 -24.66 -45.65
N TYR H 505 8.20 -23.52 -46.15
CA TYR H 505 7.58 -22.28 -45.78
C TYR H 505 6.14 -22.17 -46.19
N GLU H 506 5.85 -22.63 -47.39
CA GLU H 506 4.49 -22.59 -47.91
C GLU H 506 3.54 -23.35 -46.99
N HIS H 507 4.04 -24.47 -46.49
CA HIS H 507 3.27 -25.34 -45.65
C HIS H 507 3.07 -24.88 -44.19
N GLN H 508 4.12 -24.35 -43.59
CA GLN H 508 4.08 -23.90 -42.20
C GLN H 508 3.65 -22.44 -42.07
N GLY H 509 3.05 -21.90 -43.12
CA GLY H 509 2.59 -20.52 -43.08
C GLY H 509 1.07 -20.48 -43.07
N HIS H 510 0.47 -21.63 -43.36
CA HIS H 510 -0.98 -21.78 -43.42
C HIS H 510 -1.72 -21.89 -42.08
N PRO H 511 -2.87 -21.22 -41.98
CA PRO H 511 -3.73 -21.20 -40.79
C PRO H 511 -3.87 -22.52 -40.06
N TYR H 512 -4.21 -23.59 -40.77
CA TYR H 512 -4.40 -24.85 -40.08
C TYR H 512 -3.14 -25.24 -39.32
N TYR H 513 -1.99 -25.12 -39.97
CA TYR H 513 -0.74 -25.51 -39.32
C TYR H 513 -0.51 -24.65 -38.08
N SER H 514 -0.97 -23.40 -38.12
CA SER H 514 -0.84 -22.46 -36.99
C SER H 514 -1.81 -22.84 -35.88
N SER H 515 -3.12 -22.79 -36.14
CA SER H 515 -4.14 -23.16 -35.13
C SER H 515 -3.93 -24.57 -34.54
N ALA H 516 -3.30 -25.47 -35.30
CA ALA H 516 -3.05 -26.83 -34.86
C ALA H 516 -2.08 -26.85 -33.71
N ARG H 517 -1.21 -25.85 -33.69
CA ARG H 517 -0.16 -25.68 -32.70
C ARG H 517 -0.46 -24.64 -31.65
N LEU H 518 -1.62 -24.01 -31.75
CA LEU H 518 -2.08 -22.98 -30.83
C LEU H 518 -1.41 -21.60 -30.86
N TRP H 519 -0.72 -21.28 -31.96
CA TRP H 519 -0.09 -19.95 -32.13
C TRP H 519 -1.22 -18.99 -32.39
N ASP H 520 -2.41 -19.42 -32.08
CA ASP H 520 -3.59 -18.62 -32.28
C ASP H 520 -4.75 -19.35 -31.58
N ASP H 521 -5.71 -18.59 -31.09
CA ASP H 521 -6.84 -19.19 -30.41
C ASP H 521 -7.90 -19.52 -31.44
N GLY H 522 -7.43 -19.79 -32.66
CA GLY H 522 -8.33 -20.19 -33.72
C GLY H 522 -8.38 -19.37 -35.00
N VAL H 523 -8.90 -20.03 -36.04
CA VAL H 523 -9.11 -19.47 -37.37
C VAL H 523 -10.60 -19.14 -37.35
N ILE H 524 -10.97 -17.96 -37.85
CA ILE H 524 -12.37 -17.52 -37.84
C ILE H 524 -12.94 -17.13 -39.20
N ASP H 525 -14.25 -16.86 -39.19
CA ASP H 525 -14.94 -16.46 -40.39
C ASP H 525 -14.83 -14.94 -40.51
N PRO H 526 -13.97 -14.48 -41.42
CA PRO H 526 -13.74 -13.06 -41.67
C PRO H 526 -14.98 -12.17 -41.51
N ALA H 527 -16.14 -12.72 -41.87
CA ALA H 527 -17.37 -11.97 -41.79
C ALA H 527 -18.03 -11.97 -40.42
N GLN H 528 -17.44 -12.73 -39.50
CA GLN H 528 -17.93 -12.82 -38.12
C GLN H 528 -17.07 -11.98 -37.17
N THR H 529 -15.91 -11.56 -37.69
CA THR H 529 -14.98 -10.73 -36.95
C THR H 529 -15.63 -9.86 -35.86
N ARG H 530 -16.34 -8.82 -36.28
CA ARG H 530 -17.02 -7.90 -35.38
C ARG H 530 -17.78 -8.60 -34.27
N GLU H 531 -18.42 -9.72 -34.60
CA GLU H 531 -19.19 -10.50 -33.64
C GLU H 531 -18.33 -11.20 -32.57
N VAL H 532 -17.13 -11.63 -32.96
CA VAL H 532 -16.23 -12.29 -32.01
C VAL H 532 -15.53 -11.27 -31.12
N LEU H 533 -15.18 -10.12 -31.69
CA LEU H 533 -14.53 -9.07 -30.93
C LEU H 533 -15.47 -8.52 -29.86
N ALA H 534 -16.75 -8.36 -30.18
CA ALA H 534 -17.67 -7.88 -29.16
C ALA H 534 -17.64 -8.86 -28.00
N LEU H 535 -17.82 -10.14 -28.28
CA LEU H 535 -17.81 -11.17 -27.23
C LEU H 535 -16.55 -11.16 -26.38
N ALA H 536 -15.39 -11.10 -27.04
CA ALA H 536 -14.11 -11.10 -26.33
C ALA H 536 -13.97 -9.92 -25.38
N LEU H 537 -14.20 -8.73 -25.93
CA LEU H 537 -14.11 -7.50 -25.17
C LEU H 537 -14.91 -7.66 -23.89
N SER H 538 -16.22 -7.82 -24.03
CA SER H 538 -17.09 -8.00 -22.87
C SER H 538 -16.50 -9.02 -21.85
N ALA H 539 -16.09 -10.17 -22.38
CA ALA H 539 -15.51 -11.24 -21.57
C ALA H 539 -14.27 -10.79 -20.82
N ALA H 540 -13.56 -9.81 -21.37
CA ALA H 540 -12.33 -9.32 -20.73
C ALA H 540 -12.63 -8.19 -19.76
N LEU H 541 -13.92 -7.87 -19.68
CA LEU H 541 -14.36 -6.83 -18.78
C LEU H 541 -14.75 -7.43 -17.42
N ASN H 542 -14.56 -8.74 -17.26
CA ASN H 542 -14.85 -9.38 -15.97
C ASN H 542 -13.61 -9.05 -15.17
N ALA H 543 -12.60 -8.59 -15.87
CA ALA H 543 -11.33 -8.27 -15.26
C ALA H 543 -10.86 -6.84 -15.51
N PRO H 544 -10.58 -6.13 -14.40
CA PRO H 544 -10.12 -4.76 -14.27
C PRO H 544 -9.15 -4.32 -15.34
N ILE H 545 -9.28 -3.06 -15.74
CA ILE H 545 -8.40 -2.48 -16.75
C ILE H 545 -7.34 -1.78 -15.90
N GLU H 546 -6.18 -2.41 -15.85
CA GLU H 546 -5.03 -1.98 -15.07
C GLU H 546 -4.26 -0.79 -15.65
N PRO H 547 -3.65 0.08 -14.78
CA PRO H 547 -2.92 1.20 -15.36
C PRO H 547 -1.66 0.69 -16.03
N THR H 548 -1.11 1.49 -16.96
CA THR H 548 0.06 1.10 -17.75
C THR H 548 1.40 1.74 -17.35
N ALA H 549 2.46 0.92 -17.30
CA ALA H 549 3.80 1.39 -16.93
C ALA H 549 4.76 1.13 -18.07
N PHE H 550 5.34 2.20 -18.62
CA PHE H 550 6.26 2.06 -19.72
C PHE H 550 7.68 1.94 -19.28
N GLY H 551 8.44 1.16 -20.04
CA GLY H 551 9.85 0.95 -19.76
C GLY H 551 10.59 2.17 -20.26
N VAL H 552 11.86 2.01 -20.58
CA VAL H 552 12.58 3.15 -21.09
C VAL H 552 12.34 3.18 -22.60
N PHE H 553 12.23 4.39 -23.14
CA PHE H 553 11.99 4.58 -24.57
C PHE H 553 13.25 5.02 -25.28
N ARG H 554 13.70 4.21 -26.23
CA ARG H 554 14.91 4.52 -26.96
C ARG H 554 14.63 5.67 -27.89
N MET H 555 14.97 6.87 -27.48
CA MET H 555 14.74 8.07 -28.28
C MET H 555 15.69 8.21 -29.46
N TYR I 5 -76.53 -19.29 -52.28
CA TYR I 5 -75.67 -18.48 -51.35
C TYR I 5 -74.36 -19.14 -50.85
N ARG I 6 -73.21 -18.53 -51.13
CA ARG I 6 -71.90 -19.05 -50.69
C ARG I 6 -71.30 -18.20 -49.59
N SER I 7 -70.45 -18.77 -48.76
CA SER I 7 -69.87 -18.03 -47.62
C SER I 7 -68.35 -17.81 -47.65
N ILE I 8 -67.89 -16.62 -47.27
CA ILE I 8 -66.45 -16.37 -47.27
C ILE I 8 -65.83 -16.49 -45.87
N GLN I 9 -64.74 -17.27 -45.82
CA GLN I 9 -63.96 -17.54 -44.61
C GLN I 9 -62.77 -16.61 -44.56
N ARG I 10 -62.19 -16.36 -45.72
CA ARG I 10 -61.06 -15.48 -45.78
C ARG I 10 -61.17 -14.81 -47.10
N LEU I 11 -61.10 -13.49 -47.07
CA LEU I 11 -61.16 -12.73 -48.28
C LEU I 11 -59.72 -12.33 -48.58
N LEU I 12 -59.22 -12.56 -49.79
CA LEU I 12 -57.86 -12.15 -50.12
C LEU I 12 -57.90 -10.76 -50.75
N VAL I 13 -57.03 -9.86 -50.32
CA VAL I 13 -57.04 -8.54 -50.91
C VAL I 13 -55.83 -8.35 -51.79
N ALA I 14 -56.03 -8.63 -53.06
CA ALA I 14 -54.99 -8.53 -54.05
C ALA I 14 -54.71 -7.07 -54.30
N ASN I 15 -54.00 -6.46 -53.37
CA ASN I 15 -53.68 -5.05 -53.53
C ASN I 15 -52.83 -4.64 -52.36
N ARG I 16 -52.37 -3.39 -52.42
CA ARG I 16 -51.51 -2.81 -51.39
C ARG I 16 -52.04 -1.47 -50.90
N GLY I 17 -51.28 -0.82 -50.02
CA GLY I 17 -51.63 0.49 -49.50
C GLY I 17 -52.99 0.69 -48.87
N GLU I 18 -53.28 1.94 -48.57
CA GLU I 18 -54.53 2.36 -47.91
C GLU I 18 -55.83 1.71 -48.29
N ILE I 19 -55.84 1.10 -49.47
CA ILE I 19 -57.02 0.44 -50.00
C ILE I 19 -57.16 -0.97 -49.45
N ALA I 20 -56.03 -1.62 -49.20
CA ALA I 20 -56.00 -2.96 -48.63
C ALA I 20 -56.37 -2.83 -47.18
N CYS I 21 -55.86 -1.79 -46.54
CA CYS I 21 -56.17 -1.54 -45.13
C CYS I 21 -57.63 -1.17 -44.99
N ARG I 22 -58.13 -0.52 -46.03
CA ARG I 22 -59.51 -0.08 -46.12
C ARG I 22 -60.43 -1.28 -46.15
N VAL I 23 -60.14 -2.22 -47.02
CA VAL I 23 -60.99 -3.39 -47.14
C VAL I 23 -60.77 -4.40 -46.03
N MET I 24 -59.54 -4.46 -45.53
CA MET I 24 -59.22 -5.38 -44.46
C MET I 24 -60.08 -4.94 -43.28
N ARG I 25 -60.03 -3.65 -42.97
CA ARG I 25 -60.80 -3.08 -41.86
C ARG I 25 -62.24 -3.65 -41.86
N SER I 26 -62.89 -3.62 -43.02
CA SER I 26 -64.26 -4.15 -43.18
C SER I 26 -64.28 -5.66 -43.02
N ALA I 27 -63.38 -6.32 -43.73
CA ALA I 27 -63.27 -7.76 -43.65
C ALA I 27 -63.33 -8.16 -42.17
N ARG I 28 -62.46 -7.54 -41.39
CA ARG I 28 -62.34 -7.80 -39.94
C ARG I 28 -63.64 -7.56 -39.20
N ALA I 29 -64.17 -6.37 -39.37
CA ALA I 29 -65.41 -6.00 -38.75
C ALA I 29 -66.49 -7.08 -38.99
N LEU I 30 -66.38 -7.78 -40.12
CA LEU I 30 -67.37 -8.80 -40.48
C LEU I 30 -67.05 -10.20 -39.98
N GLY I 31 -65.98 -10.30 -39.21
CA GLY I 31 -65.56 -11.58 -38.69
C GLY I 31 -64.95 -12.42 -39.80
N ILE I 32 -64.48 -11.75 -40.85
CA ILE I 32 -63.88 -12.43 -41.99
C ILE I 32 -62.36 -12.26 -42.03
N GLY I 33 -61.64 -13.35 -42.25
CA GLY I 33 -60.19 -13.30 -42.30
C GLY I 33 -59.68 -12.55 -43.52
N SER I 34 -58.69 -11.70 -43.31
CA SER I 34 -58.13 -10.94 -44.40
C SER I 34 -56.69 -11.39 -44.71
N VAL I 35 -56.49 -11.81 -45.96
CA VAL I 35 -55.23 -12.30 -46.52
C VAL I 35 -54.68 -11.32 -47.56
N ALA I 36 -53.71 -10.47 -47.23
CA ALA I 36 -53.20 -9.57 -48.26
C ALA I 36 -52.01 -10.27 -48.91
N VAL I 37 -51.63 -9.80 -50.09
CA VAL I 37 -50.49 -10.40 -50.75
C VAL I 37 -49.54 -9.23 -50.88
N HIS I 38 -48.26 -9.52 -50.90
CA HIS I 38 -47.26 -8.47 -51.00
C HIS I 38 -46.20 -8.66 -52.09
N SER I 39 -45.63 -7.55 -52.50
CA SER I 39 -44.58 -7.56 -53.48
C SER I 39 -43.36 -7.81 -52.63
N ASP I 40 -42.21 -7.82 -53.27
CA ASP I 40 -40.96 -8.01 -52.59
C ASP I 40 -40.71 -6.80 -51.68
N ILE I 41 -40.70 -5.61 -52.29
CA ILE I 41 -40.46 -4.33 -51.60
C ILE I 41 -41.53 -3.89 -50.64
N ASP I 42 -42.35 -4.84 -50.19
CA ASP I 42 -43.41 -4.50 -49.26
C ASP I 42 -43.61 -5.55 -48.13
N ARG I 43 -42.57 -6.34 -47.83
CA ARG I 43 -42.64 -7.32 -46.73
C ARG I 43 -42.66 -6.56 -45.39
N HIS I 44 -42.37 -5.28 -45.46
CA HIS I 44 -42.37 -4.40 -44.31
C HIS I 44 -43.71 -3.67 -44.26
N ALA I 45 -44.38 -3.57 -45.40
CA ALA I 45 -45.65 -2.86 -45.56
C ALA I 45 -46.72 -2.92 -44.48
N ARG I 46 -47.56 -1.90 -44.46
CA ARG I 46 -48.63 -1.81 -43.49
C ARG I 46 -49.68 -2.89 -43.70
N HIS I 47 -50.21 -3.01 -44.90
CA HIS I 47 -51.26 -3.99 -45.17
C HIS I 47 -50.85 -5.44 -44.96
N VAL I 48 -49.55 -5.66 -44.86
CA VAL I 48 -49.05 -7.01 -44.66
C VAL I 48 -49.15 -7.26 -43.13
N ALA I 49 -49.08 -6.17 -42.35
CA ALA I 49 -49.18 -6.27 -40.90
C ALA I 49 -50.66 -6.52 -40.61
N GLU I 50 -51.53 -5.62 -41.07
CA GLU I 50 -52.99 -5.72 -40.87
C GLU I 50 -53.66 -7.00 -41.40
N ALA I 51 -52.89 -7.80 -42.12
CA ALA I 51 -53.36 -9.05 -42.69
C ALA I 51 -53.19 -10.16 -41.67
N ASP I 52 -54.06 -11.14 -41.71
CA ASP I 52 -53.97 -12.25 -40.78
C ASP I 52 -53.00 -13.29 -41.32
N ILE I 53 -52.99 -13.43 -42.64
CA ILE I 53 -52.09 -14.34 -43.34
C ILE I 53 -51.68 -13.54 -44.60
N ALA I 54 -50.43 -13.66 -45.05
CA ALA I 54 -49.98 -12.89 -46.23
C ALA I 54 -48.92 -13.59 -47.07
N VAL I 55 -49.10 -13.52 -48.40
CA VAL I 55 -48.18 -14.17 -49.35
C VAL I 55 -47.22 -13.26 -50.15
N ASP I 56 -46.02 -13.79 -50.44
CA ASP I 56 -44.96 -13.09 -51.18
C ASP I 56 -45.17 -13.28 -52.70
N LEU I 57 -45.33 -12.19 -53.43
CA LEU I 57 -45.51 -12.26 -54.85
C LEU I 57 -44.18 -12.13 -55.57
N GLY I 58 -44.15 -11.28 -56.59
CA GLY I 58 -42.94 -11.06 -57.35
C GLY I 58 -41.95 -10.17 -56.65
N GLY I 59 -41.22 -9.40 -57.44
CA GLY I 59 -40.19 -8.52 -56.92
C GLY I 59 -40.65 -7.10 -56.68
N ALA I 60 -40.06 -6.12 -57.33
CA ALA I 60 -40.45 -4.73 -57.08
C ALA I 60 -41.49 -4.14 -58.00
N LYS I 61 -41.17 -4.04 -59.28
CA LYS I 61 -42.07 -3.50 -60.27
C LYS I 61 -43.53 -3.93 -60.03
N PRO I 62 -44.52 -3.08 -60.40
CA PRO I 62 -45.92 -3.47 -60.19
C PRO I 62 -46.27 -4.59 -61.18
N ALA I 63 -45.52 -4.66 -62.27
CA ALA I 63 -45.75 -5.70 -63.27
C ALA I 63 -45.32 -7.05 -62.69
N ASP I 64 -44.04 -7.19 -62.41
CA ASP I 64 -43.45 -8.39 -61.82
C ASP I 64 -44.14 -8.90 -60.55
N SER I 65 -45.10 -8.13 -60.03
CA SER I 65 -45.77 -8.52 -58.78
C SER I 65 -47.30 -8.44 -58.74
N TYR I 66 -47.81 -7.48 -57.97
CA TYR I 66 -49.24 -7.31 -57.81
C TYR I 66 -50.06 -7.53 -59.09
N LEU I 67 -49.40 -7.49 -60.25
CA LEU I 67 -50.10 -7.70 -61.50
C LEU I 67 -50.11 -9.16 -61.93
N ARG I 68 -49.21 -9.98 -61.37
CA ARG I 68 -49.16 -11.40 -61.72
C ARG I 68 -50.38 -12.11 -61.18
N GLY I 69 -51.46 -12.16 -61.97
CA GLY I 69 -52.71 -12.80 -61.56
C GLY I 69 -52.61 -14.30 -61.35
N ASP I 70 -51.63 -14.91 -62.03
CA ASP I 70 -51.42 -16.35 -61.89
C ASP I 70 -50.97 -16.70 -60.46
N ARG I 71 -50.13 -15.87 -59.86
CA ARG I 71 -49.67 -16.14 -58.50
C ARG I 71 -50.66 -15.64 -57.48
N ILE I 72 -51.22 -14.46 -57.72
CA ILE I 72 -52.21 -13.88 -56.81
C ILE I 72 -53.31 -14.91 -56.63
N ILE I 73 -53.73 -15.49 -57.74
CA ILE I 73 -54.80 -16.46 -57.77
C ILE I 73 -54.42 -17.77 -57.07
N ALA I 74 -53.16 -18.15 -57.18
CA ALA I 74 -52.67 -19.37 -56.57
C ALA I 74 -52.48 -19.12 -55.09
N ALA I 75 -51.86 -17.99 -54.77
CA ALA I 75 -51.64 -17.60 -53.39
C ALA I 75 -52.99 -17.68 -52.73
N ALA I 76 -53.92 -16.88 -53.21
CA ALA I 76 -55.25 -16.88 -52.64
C ALA I 76 -55.78 -18.27 -52.45
N LEU I 77 -55.59 -19.13 -53.44
CA LEU I 77 -56.15 -20.48 -53.28
C LEU I 77 -55.47 -21.36 -52.25
N ALA I 78 -54.16 -21.20 -52.12
CA ALA I 78 -53.34 -21.97 -51.17
C ALA I 78 -53.39 -21.34 -49.79
N SER I 79 -53.89 -20.10 -49.74
CA SER I 79 -54.01 -19.30 -48.52
C SER I 79 -55.30 -19.61 -47.76
N GLY I 80 -56.19 -20.34 -48.40
CA GLY I 80 -57.43 -20.70 -47.77
C GLY I 80 -58.54 -19.68 -47.91
N ALA I 81 -58.43 -18.73 -48.84
CA ALA I 81 -59.51 -17.76 -48.97
C ALA I 81 -60.52 -18.32 -49.94
N GLN I 82 -61.71 -17.73 -49.97
CA GLN I 82 -62.76 -18.21 -50.86
C GLN I 82 -63.20 -17.11 -51.79
N ALA I 83 -62.55 -15.95 -51.69
CA ALA I 83 -62.88 -14.78 -52.53
C ALA I 83 -61.70 -13.83 -52.66
N ILE I 84 -61.75 -12.97 -53.67
CA ILE I 84 -60.70 -12.00 -53.89
C ILE I 84 -61.34 -10.64 -54.09
N HIS I 85 -60.69 -9.61 -53.58
CA HIS I 85 -61.13 -8.22 -53.76
C HIS I 85 -59.93 -7.57 -54.46
N PRO I 86 -60.13 -7.08 -55.69
CA PRO I 86 -58.99 -6.46 -56.37
C PRO I 86 -58.70 -5.01 -56.00
N GLY I 87 -59.58 -4.39 -55.22
CA GLY I 87 -59.35 -3.00 -54.85
C GLY I 87 -59.39 -2.15 -56.11
N TYR I 88 -58.86 -0.93 -56.09
CA TYR I 88 -58.89 -0.12 -57.30
C TYR I 88 -57.55 -0.20 -58.02
N GLY I 89 -57.56 -0.05 -59.34
CA GLY I 89 -56.32 -0.13 -60.09
C GLY I 89 -55.81 -1.56 -60.30
N PHE I 90 -54.51 -1.75 -60.45
CA PHE I 90 -53.93 -3.08 -60.65
C PHE I 90 -54.78 -3.93 -61.54
N LEU I 91 -55.37 -5.02 -61.02
CA LEU I 91 -56.21 -5.94 -61.81
C LEU I 91 -57.71 -5.88 -61.58
N SER I 92 -58.21 -4.76 -61.09
CA SER I 92 -59.63 -4.59 -60.81
C SER I 92 -60.55 -4.48 -62.04
N GLU I 93 -59.95 -4.19 -63.19
CA GLU I 93 -60.70 -4.04 -64.42
C GLU I 93 -60.09 -4.74 -65.62
N ASN I 94 -60.42 -6.03 -65.79
CA ASN I 94 -59.97 -6.87 -66.90
C ASN I 94 -60.46 -8.33 -66.83
N ALA I 95 -61.48 -8.65 -67.64
CA ALA I 95 -62.08 -9.99 -67.68
C ALA I 95 -61.05 -11.08 -67.36
N ASP I 96 -59.99 -11.12 -68.17
CA ASP I 96 -58.92 -12.12 -68.02
C ASP I 96 -58.72 -12.53 -66.58
N PHE I 97 -58.70 -11.58 -65.66
CA PHE I 97 -58.53 -11.93 -64.26
C PHE I 97 -59.84 -12.55 -63.78
N ALA I 98 -60.85 -11.73 -63.54
CA ALA I 98 -62.14 -12.19 -63.05
C ALA I 98 -62.49 -13.51 -63.66
N ARG I 99 -62.19 -13.65 -64.95
CA ARG I 99 -62.49 -14.88 -65.65
C ARG I 99 -61.75 -16.05 -65.01
N ALA I 100 -60.43 -16.09 -65.19
CA ALA I 100 -59.65 -17.19 -64.64
C ALA I 100 -59.70 -17.18 -63.12
N CYS I 101 -60.19 -16.07 -62.59
CA CYS I 101 -60.29 -15.93 -61.16
C CYS I 101 -61.51 -16.65 -60.66
N GLU I 102 -62.60 -16.49 -61.39
CA GLU I 102 -63.86 -17.12 -61.04
C GLU I 102 -63.75 -18.54 -61.59
N GLU I 103 -62.84 -18.72 -62.53
CA GLU I 103 -62.61 -20.03 -63.12
C GLU I 103 -61.72 -20.85 -62.19
N ALA I 104 -61.38 -20.28 -61.02
CA ALA I 104 -60.53 -20.95 -60.03
C ALA I 104 -61.30 -21.43 -58.79
N GLY I 105 -62.60 -21.13 -58.75
CA GLY I 105 -63.44 -21.53 -57.64
C GLY I 105 -63.74 -20.37 -56.71
N LEU I 106 -62.93 -19.31 -56.83
CA LEU I 106 -63.07 -18.12 -55.98
C LEU I 106 -64.07 -17.11 -56.52
N LEU I 107 -64.69 -16.36 -55.62
CA LEU I 107 -65.67 -15.37 -56.04
C LEU I 107 -64.99 -14.03 -56.20
N PHE I 108 -65.11 -13.48 -57.40
CA PHE I 108 -64.50 -12.21 -57.72
C PHE I 108 -65.41 -11.07 -57.29
N LEU I 109 -64.97 -10.32 -56.29
CA LEU I 109 -65.73 -9.17 -55.82
C LEU I 109 -65.69 -8.03 -56.85
N GLY I 110 -66.61 -8.12 -57.81
CA GLY I 110 -66.67 -7.15 -58.87
C GLY I 110 -67.71 -7.60 -59.90
N PRO I 111 -67.74 -6.94 -61.06
CA PRO I 111 -68.69 -7.29 -62.14
C PRO I 111 -68.23 -8.59 -62.76
N PRO I 112 -69.11 -9.27 -63.49
CA PRO I 112 -68.62 -10.52 -64.09
C PRO I 112 -67.80 -10.14 -65.30
N ALA I 113 -67.00 -11.09 -65.76
CA ALA I 113 -66.12 -10.87 -66.91
C ALA I 113 -66.76 -9.93 -67.88
N ALA I 114 -67.76 -10.46 -68.57
CA ALA I 114 -68.48 -9.74 -69.59
C ALA I 114 -68.57 -8.22 -69.40
N ALA I 115 -69.16 -7.81 -68.27
CA ALA I 115 -69.37 -6.40 -67.94
C ALA I 115 -68.12 -5.58 -67.79
N ILE I 116 -67.03 -6.23 -67.41
CA ILE I 116 -65.77 -5.53 -67.22
C ILE I 116 -65.21 -5.05 -68.53
N ASP I 117 -64.76 -5.96 -69.38
CA ASP I 117 -64.19 -5.54 -70.66
C ASP I 117 -65.22 -4.86 -71.53
N ALA I 118 -66.47 -4.85 -71.07
CA ALA I 118 -67.53 -4.18 -71.80
C ALA I 118 -67.11 -2.71 -71.91
N MET I 119 -67.02 -2.03 -70.78
CA MET I 119 -66.61 -0.63 -70.81
C MET I 119 -65.10 -0.57 -71.04
N GLY I 120 -64.57 -1.56 -71.75
CA GLY I 120 -63.15 -1.64 -72.05
C GLY I 120 -62.78 -0.83 -73.26
N SER I 121 -63.70 -0.67 -74.21
CA SER I 121 -63.44 0.14 -75.40
C SER I 121 -64.61 1.11 -75.57
N LYS I 122 -64.27 2.38 -75.85
CA LYS I 122 -65.26 3.45 -75.98
C LYS I 122 -66.35 3.06 -76.99
N SER I 123 -65.98 2.23 -77.96
CA SER I 123 -66.91 1.79 -78.98
C SER I 123 -68.00 0.95 -78.36
N ALA I 124 -67.60 -0.20 -77.84
CA ALA I 124 -68.51 -1.15 -77.22
C ALA I 124 -69.44 -0.48 -76.23
N ALA I 125 -68.91 0.51 -75.53
CA ALA I 125 -69.68 1.23 -74.54
C ALA I 125 -70.67 2.18 -75.17
N LYS I 126 -70.14 3.07 -75.99
CA LYS I 126 -70.95 4.05 -76.67
C LYS I 126 -72.19 3.37 -77.20
N ALA I 127 -72.03 2.09 -77.49
CA ALA I 127 -73.10 1.27 -78.03
C ALA I 127 -74.17 0.90 -77.01
N LEU I 128 -73.73 0.41 -75.87
CA LEU I 128 -74.66 0.03 -74.83
C LEU I 128 -75.40 1.22 -74.30
N MET I 129 -74.65 2.29 -74.03
CA MET I 129 -75.20 3.55 -73.50
C MET I 129 -76.19 4.18 -74.48
N GLU I 130 -75.77 4.27 -75.73
CA GLU I 130 -76.61 4.83 -76.76
C GLU I 130 -77.93 4.05 -76.71
N GLU I 131 -77.86 2.72 -76.88
CA GLU I 131 -79.07 1.88 -76.85
C GLU I 131 -79.52 1.50 -75.42
N ALA I 132 -79.24 2.39 -74.47
CA ALA I 132 -79.62 2.13 -73.10
C ALA I 132 -80.51 3.23 -72.62
N GLY I 133 -80.35 4.42 -73.19
CA GLY I 133 -81.19 5.52 -72.77
C GLY I 133 -80.42 6.45 -71.86
N VAL I 134 -79.13 6.51 -72.12
CA VAL I 134 -78.29 7.38 -71.33
C VAL I 134 -77.62 8.31 -72.32
N PRO I 135 -77.99 9.60 -72.27
CA PRO I 135 -77.43 10.60 -73.17
C PRO I 135 -75.91 10.57 -73.32
N LEU I 136 -75.47 10.67 -74.56
CA LEU I 136 -74.05 10.69 -74.89
C LEU I 136 -73.80 12.14 -75.33
N VAL I 137 -72.57 12.41 -75.78
CA VAL I 137 -72.23 13.75 -76.22
C VAL I 137 -72.37 13.85 -77.77
N PRO I 138 -73.30 14.70 -78.29
CA PRO I 138 -73.39 14.78 -79.76
C PRO I 138 -72.16 15.28 -80.57
N GLY I 139 -72.09 14.84 -81.85
CA GLY I 139 -71.01 15.20 -82.75
C GLY I 139 -71.12 14.67 -84.18
N LEU I 209 -68.41 21.67 -74.65
CA LEU I 209 -69.04 21.84 -73.35
C LEU I 209 -68.50 23.07 -72.62
N LEU I 210 -69.41 23.84 -72.00
CA LEU I 210 -69.10 25.08 -71.26
C LEU I 210 -68.90 24.85 -69.75
N LYS I 211 -67.75 25.28 -69.20
CA LYS I 211 -67.39 25.09 -67.77
C LYS I 211 -68.02 23.77 -67.28
N PRO I 212 -67.50 22.64 -67.78
CA PRO I 212 -67.96 21.28 -67.46
C PRO I 212 -67.64 20.88 -66.03
N ARG I 213 -68.60 20.22 -65.39
CA ARG I 213 -68.40 19.75 -64.01
C ARG I 213 -68.49 18.20 -63.90
N HIS I 214 -67.33 17.56 -63.81
CA HIS I 214 -67.24 16.10 -63.69
C HIS I 214 -68.02 15.56 -62.45
N VAL I 215 -69.23 15.06 -62.68
CA VAL I 215 -70.05 14.54 -61.60
C VAL I 215 -70.25 13.08 -61.83
N GLU I 216 -70.12 12.26 -60.80
CA GLU I 216 -70.34 10.84 -61.03
C GLU I 216 -71.49 10.29 -60.19
N ILE I 217 -71.80 9.01 -60.42
CA ILE I 217 -72.88 8.31 -59.72
C ILE I 217 -72.47 6.91 -59.23
N GLN I 218 -72.77 6.63 -57.96
CA GLN I 218 -72.45 5.32 -57.34
C GLN I 218 -73.62 4.40 -57.59
N VAL I 219 -73.30 3.18 -58.03
CA VAL I 219 -74.31 2.18 -58.29
C VAL I 219 -73.96 0.95 -57.52
N PHE I 220 -75.00 0.16 -57.27
CA PHE I 220 -74.85 -1.06 -56.54
C PHE I 220 -75.98 -1.98 -56.97
N ALA I 221 -75.62 -3.20 -57.35
CA ALA I 221 -76.59 -4.21 -57.75
C ALA I 221 -76.16 -5.49 -57.10
N ASP I 222 -77.00 -6.50 -57.19
CA ASP I 222 -76.67 -7.78 -56.59
C ASP I 222 -76.94 -8.89 -57.58
N ARG I 223 -76.76 -10.13 -57.13
CA ARG I 223 -77.02 -11.28 -57.98
C ARG I 223 -78.53 -11.50 -58.11
N HIS I 224 -79.31 -10.43 -57.85
CA HIS I 224 -80.76 -10.54 -57.92
C HIS I 224 -81.52 -9.42 -58.62
N GLY I 225 -80.92 -8.87 -59.68
CA GLY I 225 -81.58 -7.82 -60.44
C GLY I 225 -81.68 -6.44 -59.82
N HIS I 226 -81.90 -6.39 -58.50
CA HIS I 226 -82.00 -5.11 -57.79
C HIS I 226 -80.78 -4.27 -58.16
N CYS I 227 -80.89 -2.96 -58.08
CA CYS I 227 -79.77 -2.09 -58.43
C CYS I 227 -80.08 -0.63 -58.11
N LEU I 228 -79.62 -0.15 -56.94
CA LEU I 228 -79.89 1.22 -56.52
C LEU I 228 -78.71 2.15 -56.82
N TYR I 229 -78.97 3.45 -56.86
CA TYR I 229 -77.89 4.42 -57.07
C TYR I 229 -77.72 5.14 -55.74
N LEU I 230 -76.50 5.26 -55.22
CA LEU I 230 -76.30 5.92 -53.92
C LEU I 230 -75.93 7.38 -54.05
N ASN I 231 -76.71 8.10 -54.85
CA ASN I 231 -76.50 9.52 -55.10
C ASN I 231 -75.22 9.82 -55.87
N GLU I 232 -74.78 11.09 -55.90
CA GLU I 232 -73.62 11.48 -56.73
C GLU I 232 -72.36 12.07 -56.08
N ARG I 233 -71.51 12.63 -56.93
CA ARG I 233 -70.26 13.23 -56.47
C ARG I 233 -69.74 14.25 -57.46
N ASP I 234 -69.02 15.24 -56.95
CA ASP I 234 -68.43 16.25 -57.80
C ASP I 234 -66.91 16.30 -57.69
N CYS I 235 -66.28 15.59 -58.60
CA CYS I 235 -64.82 15.46 -58.68
C CYS I 235 -64.23 16.33 -59.80
N SER I 236 -64.52 17.63 -59.78
CA SER I 236 -64.03 18.49 -60.83
C SER I 236 -62.61 19.01 -60.61
N ILE I 237 -62.31 19.54 -59.43
CA ILE I 237 -60.98 20.07 -59.11
C ILE I 237 -59.92 19.02 -59.43
N GLN I 238 -59.39 19.01 -60.66
CA GLN I 238 -58.42 17.99 -61.05
C GLN I 238 -57.11 18.53 -61.66
N ARG I 239 -56.00 18.02 -61.14
CA ARG I 239 -54.67 18.39 -61.62
C ARG I 239 -54.41 17.69 -62.93
N ARG I 240 -54.32 18.46 -64.02
CA ARG I 240 -54.03 17.88 -65.32
C ARG I 240 -54.59 16.46 -65.26
N HIS I 241 -55.92 16.39 -65.17
CA HIS I 241 -56.67 15.13 -65.08
C HIS I 241 -56.06 14.07 -64.12
N GLN I 242 -56.63 14.10 -62.92
CA GLN I 242 -56.33 13.25 -61.77
C GLN I 242 -57.13 13.93 -60.66
N LYS I 243 -58.17 13.25 -60.19
CA LYS I 243 -59.05 13.77 -59.14
C LYS I 243 -58.21 14.24 -57.96
N VAL I 244 -58.62 15.34 -57.30
CA VAL I 244 -57.94 15.91 -56.11
C VAL I 244 -58.92 16.19 -54.94
N VAL I 245 -60.07 16.75 -55.28
CA VAL I 245 -61.07 17.05 -54.29
C VAL I 245 -62.48 16.66 -54.76
N GLU I 246 -62.93 15.53 -54.25
CA GLU I 246 -64.23 14.93 -54.56
C GLU I 246 -65.16 15.27 -53.41
N GLU I 247 -66.46 15.34 -53.64
CA GLU I 247 -67.38 15.66 -52.54
C GLU I 247 -68.76 15.16 -52.84
N ALA I 248 -69.62 15.16 -51.83
CA ALA I 248 -70.98 14.69 -52.01
C ALA I 248 -71.89 15.18 -50.87
N PRO I 249 -73.11 15.66 -51.21
CA PRO I 249 -73.66 15.77 -52.56
C PRO I 249 -72.83 16.65 -53.50
N ALA I 250 -73.33 16.88 -54.72
CA ALA I 250 -72.62 17.74 -55.64
C ALA I 250 -73.30 19.11 -55.50
N PRO I 251 -72.50 20.18 -55.35
CA PRO I 251 -72.86 21.60 -55.20
C PRO I 251 -74.18 22.02 -55.83
N GLY I 252 -74.10 22.51 -57.06
CA GLY I 252 -75.29 22.95 -57.76
C GLY I 252 -76.52 22.04 -57.79
N LEU I 253 -76.59 21.15 -58.79
CA LEU I 253 -77.73 20.25 -59.07
C LEU I 253 -78.84 20.04 -58.07
N GLY I 254 -80.05 20.32 -58.56
CA GLY I 254 -81.24 20.23 -57.75
C GLY I 254 -81.91 18.88 -57.71
N ALA I 255 -82.75 18.72 -56.70
CA ALA I 255 -83.53 17.51 -56.45
C ALA I 255 -83.81 16.66 -57.69
N GLU I 256 -84.39 17.27 -58.73
CA GLU I 256 -84.72 16.57 -59.97
C GLU I 256 -83.48 16.15 -60.76
N LEU I 257 -82.53 17.06 -60.97
CA LEU I 257 -81.33 16.70 -61.73
C LEU I 257 -80.59 15.56 -61.08
N ARG I 258 -80.86 15.34 -59.79
CA ARG I 258 -80.22 14.25 -59.04
C ARG I 258 -80.87 12.97 -59.55
N ARG I 259 -82.06 12.66 -59.06
CA ARG I 259 -82.77 11.48 -59.51
C ARG I 259 -82.72 11.33 -61.04
N ALA I 260 -82.30 12.40 -61.72
CA ALA I 260 -82.16 12.46 -63.18
C ALA I 260 -81.05 11.55 -63.64
N MET I 261 -79.83 12.05 -63.44
CA MET I 261 -78.61 11.36 -63.78
C MET I 261 -78.57 10.04 -62.99
N GLY I 262 -79.23 10.02 -61.83
CA GLY I 262 -79.27 8.85 -60.97
C GLY I 262 -79.81 7.58 -61.61
N GLU I 263 -81.01 7.68 -62.15
CA GLU I 263 -81.63 6.55 -62.82
C GLU I 263 -80.90 6.32 -64.14
N ALA I 264 -80.41 7.40 -64.75
CA ALA I 264 -79.67 7.33 -66.02
C ALA I 264 -78.40 6.47 -65.94
N ALA I 265 -77.84 6.34 -64.73
CA ALA I 265 -76.66 5.52 -64.50
C ALA I 265 -77.17 4.09 -64.33
N VAL I 266 -78.11 3.88 -63.41
CA VAL I 266 -78.71 2.57 -63.17
C VAL I 266 -79.28 1.93 -64.43
N ARG I 267 -79.47 2.76 -65.45
CA ARG I 267 -80.01 2.33 -66.72
C ARG I 267 -78.82 1.66 -67.40
N ALA I 268 -77.71 2.39 -67.47
CA ALA I 268 -76.45 1.92 -68.06
C ALA I 268 -75.97 0.74 -67.24
N ALA I 269 -76.57 0.60 -66.07
CA ALA I 269 -76.28 -0.44 -65.10
C ALA I 269 -76.86 -1.76 -65.58
N GLN I 270 -78.20 -1.79 -65.71
CA GLN I 270 -78.96 -2.96 -66.17
C GLN I 270 -78.44 -3.33 -67.56
N ALA I 271 -77.91 -2.32 -68.25
CA ALA I 271 -77.34 -2.45 -69.59
C ALA I 271 -76.34 -3.60 -69.61
N ILE I 272 -75.20 -3.45 -68.95
CA ILE I 272 -74.23 -4.53 -68.95
C ILE I 272 -74.57 -5.70 -68.03
N GLY I 273 -75.68 -5.61 -67.29
CA GLY I 273 -76.10 -6.67 -66.36
C GLY I 273 -75.13 -6.74 -65.18
N TYR I 274 -74.91 -5.58 -64.55
CA TYR I 274 -73.97 -5.37 -63.44
C TYR I 274 -74.16 -6.12 -62.11
N VAL I 275 -73.05 -6.50 -61.48
CA VAL I 275 -73.08 -7.22 -60.22
C VAL I 275 -72.67 -6.39 -59.04
N GLY I 276 -71.38 -6.08 -58.94
CA GLY I 276 -70.89 -5.31 -57.80
C GLY I 276 -71.25 -3.84 -57.68
N ALA I 277 -70.26 -3.05 -57.27
CA ALA I 277 -70.42 -1.61 -57.12
C ALA I 277 -69.67 -0.98 -58.28
N GLY I 278 -69.87 0.31 -58.48
CA GLY I 278 -69.18 0.93 -59.59
C GLY I 278 -69.73 2.31 -59.76
N THR I 279 -69.01 3.11 -60.53
CA THR I 279 -69.37 4.48 -60.75
C THR I 279 -69.57 4.78 -62.23
N VAL I 280 -70.47 5.72 -62.50
CA VAL I 280 -70.84 6.18 -63.85
C VAL I 280 -70.34 7.62 -64.01
N GLU I 281 -69.13 7.81 -64.52
CA GLU I 281 -68.63 9.17 -64.68
C GLU I 281 -69.42 9.93 -65.74
N PHE I 282 -70.03 11.03 -65.30
CA PHE I 282 -70.80 11.93 -66.15
C PHE I 282 -70.01 13.26 -66.33
N LEU I 283 -70.51 14.13 -67.21
CA LEU I 283 -69.89 15.44 -67.44
C LEU I 283 -70.97 16.50 -67.79
N LEU I 284 -71.61 17.08 -66.77
CA LEU I 284 -72.65 18.09 -67.01
C LEU I 284 -72.06 19.50 -67.15
N ASP I 285 -72.78 20.33 -67.90
CA ASP I 285 -72.34 21.71 -68.18
C ASP I 285 -73.34 22.78 -67.78
N GLU I 286 -72.90 24.03 -67.93
CA GLU I 286 -73.68 25.22 -67.62
C GLU I 286 -75.14 25.08 -68.04
N ARG I 287 -75.37 24.94 -69.35
CA ARG I 287 -76.71 24.83 -69.91
C ARG I 287 -77.61 23.83 -69.18
N GLY I 288 -77.00 22.94 -68.40
CA GLY I 288 -77.79 22.00 -67.61
C GLY I 288 -78.02 20.58 -68.09
N GLN I 289 -77.10 20.04 -68.89
CA GLN I 289 -77.25 18.68 -69.38
C GLN I 289 -76.01 17.85 -69.08
N PHE I 290 -76.21 16.58 -68.79
CA PHE I 290 -75.10 15.67 -68.49
C PHE I 290 -74.86 14.65 -69.60
N PHE I 291 -73.62 14.15 -69.71
CA PHE I 291 -73.27 13.17 -70.74
C PHE I 291 -72.35 12.12 -70.22
N PHE I 292 -72.61 10.87 -70.61
CA PHE I 292 -71.79 9.76 -70.17
C PHE I 292 -70.36 10.00 -70.69
N MET I 293 -69.36 9.77 -69.84
CA MET I 293 -67.95 9.92 -70.22
C MET I 293 -67.24 8.55 -70.25
N GLU I 294 -67.55 7.72 -69.26
CA GLU I 294 -67.04 6.36 -69.18
C GLU I 294 -67.50 5.76 -67.85
N MET I 295 -67.17 4.51 -67.59
CA MET I 295 -67.59 3.91 -66.34
C MET I 295 -66.50 3.02 -65.73
N ASN I 296 -66.46 2.98 -64.40
CA ASN I 296 -65.48 2.18 -63.69
C ASN I 296 -66.15 0.98 -63.05
N THR I 297 -65.73 -0.20 -63.49
CA THR I 297 -66.24 -1.49 -62.98
C THR I 297 -65.48 -1.91 -61.70
N ARG I 298 -65.30 -0.94 -60.81
CA ARG I 298 -64.60 -1.12 -59.55
C ARG I 298 -65.19 -0.15 -58.52
N LEU I 299 -64.72 -0.26 -57.28
CA LEU I 299 -65.17 0.65 -56.22
C LEU I 299 -64.38 1.90 -56.58
N GLN I 300 -65.00 3.07 -56.57
CA GLN I 300 -64.17 4.21 -56.93
C GLN I 300 -63.24 4.67 -55.80
N VAL I 301 -62.15 5.30 -56.22
CA VAL I 301 -61.10 5.87 -55.36
C VAL I 301 -61.66 6.56 -54.14
N GLU I 302 -62.56 7.49 -54.43
CA GLU I 302 -63.23 8.37 -53.48
C GLU I 302 -64.59 7.95 -52.95
N HIS I 303 -64.74 6.66 -52.62
CA HIS I 303 -66.00 6.13 -52.06
C HIS I 303 -66.32 6.62 -50.66
N PRO I 304 -65.31 7.13 -49.92
CA PRO I 304 -65.53 7.63 -48.57
C PRO I 304 -66.68 8.63 -48.51
N VAL I 305 -66.48 9.76 -49.17
CA VAL I 305 -67.46 10.83 -49.23
C VAL I 305 -68.90 10.34 -49.39
N THR I 306 -69.09 9.34 -50.24
CA THR I 306 -70.40 8.74 -50.53
C THR I 306 -70.92 7.94 -49.32
N GLU I 307 -70.04 7.19 -48.65
CA GLU I 307 -70.44 6.43 -47.47
C GLU I 307 -70.80 7.44 -46.39
N ALA I 308 -70.11 8.58 -46.45
CA ALA I 308 -70.24 9.71 -45.52
C ALA I 308 -71.67 10.14 -45.44
N ILE I 309 -72.11 10.73 -46.54
CA ILE I 309 -73.45 11.26 -46.68
C ILE I 309 -74.60 10.27 -46.54
N THR I 310 -74.33 8.99 -46.77
CA THR I 310 -75.35 7.94 -46.64
C THR I 310 -75.31 7.35 -45.23
N GLY I 311 -74.34 6.48 -45.02
CA GLY I 311 -74.16 5.84 -43.74
C GLY I 311 -74.04 4.39 -44.04
N LEU I 312 -73.43 4.06 -45.17
CA LEU I 312 -73.30 2.66 -45.52
C LEU I 312 -71.85 2.34 -45.80
N ASP I 313 -71.46 1.10 -45.50
CA ASP I 313 -70.09 0.66 -45.74
C ASP I 313 -70.00 -0.09 -47.05
N LEU I 314 -69.76 0.67 -48.12
CA LEU I 314 -69.68 0.09 -49.44
C LEU I 314 -69.02 -1.28 -49.53
N VAL I 315 -67.75 -1.41 -49.13
CA VAL I 315 -67.09 -2.71 -49.25
C VAL I 315 -67.80 -3.84 -48.52
N ALA I 316 -68.43 -3.51 -47.40
CA ALA I 316 -69.19 -4.50 -46.63
C ALA I 316 -70.26 -5.03 -47.58
N TRP I 317 -70.93 -4.12 -48.26
CA TRP I 317 -71.99 -4.46 -49.22
C TRP I 317 -71.45 -5.36 -50.35
N GLN I 318 -70.18 -5.16 -50.69
CA GLN I 318 -69.55 -5.95 -51.72
C GLN I 318 -69.43 -7.39 -51.28
N ILE I 319 -68.95 -7.58 -50.06
CA ILE I 319 -68.77 -8.90 -49.46
C ILE I 319 -70.11 -9.60 -49.34
N ARG I 320 -71.18 -8.80 -49.34
CA ARG I 320 -72.54 -9.32 -49.22
C ARG I 320 -73.05 -9.83 -50.60
N VAL I 321 -73.14 -8.91 -51.57
CA VAL I 321 -73.60 -9.25 -52.92
C VAL I 321 -72.90 -10.51 -53.44
N ALA I 322 -71.60 -10.58 -53.22
CA ALA I 322 -70.79 -11.70 -53.66
C ALA I 322 -71.21 -13.01 -53.04
N ARG I 323 -71.71 -12.95 -51.82
CA ARG I 323 -72.18 -14.15 -51.16
C ARG I 323 -73.44 -14.64 -51.88
N GLY I 324 -74.35 -13.70 -52.11
CA GLY I 324 -75.62 -13.96 -52.76
C GLY I 324 -76.52 -12.85 -52.26
N GLU I 325 -76.54 -12.70 -50.93
CA GLU I 325 -77.31 -11.70 -50.19
C GLU I 325 -77.85 -10.61 -51.12
N ALA I 326 -79.08 -10.18 -50.86
CA ALA I 326 -79.70 -9.16 -51.67
C ALA I 326 -79.47 -7.78 -51.05
N LEU I 327 -79.66 -6.72 -51.84
CA LEU I 327 -79.52 -5.34 -51.36
C LEU I 327 -80.58 -4.99 -50.29
N PRO I 328 -80.13 -4.44 -49.14
CA PRO I 328 -80.97 -4.04 -47.99
C PRO I 328 -81.91 -2.86 -48.18
N LEU I 329 -81.57 -1.97 -49.09
CA LEU I 329 -82.36 -0.79 -49.36
C LEU I 329 -83.00 -0.77 -50.73
N THR I 330 -84.20 -0.19 -50.78
CA THR I 330 -84.89 -0.03 -52.03
C THR I 330 -84.51 1.40 -52.44
N GLN I 331 -84.38 1.64 -53.74
CA GLN I 331 -83.98 2.95 -54.25
C GLN I 331 -84.45 4.14 -53.41
N GLU I 332 -85.74 4.15 -53.06
CA GLU I 332 -86.32 5.23 -52.27
C GLU I 332 -86.08 5.05 -50.79
N GLN I 333 -84.86 4.62 -50.46
CA GLN I 333 -84.43 4.42 -49.07
C GLN I 333 -83.01 4.84 -48.91
N VAL I 334 -82.30 4.90 -50.03
CA VAL I 334 -80.93 5.31 -50.02
C VAL I 334 -80.85 6.75 -49.52
N PRO I 335 -80.42 6.89 -48.25
CA PRO I 335 -80.25 8.13 -47.49
C PRO I 335 -79.36 9.20 -48.12
N LEU I 336 -79.33 10.37 -47.47
CA LEU I 336 -78.47 11.46 -47.92
C LEU I 336 -78.49 12.68 -46.98
N ASN I 337 -78.15 12.52 -45.69
CA ASN I 337 -78.11 13.69 -44.80
C ASN I 337 -76.71 14.28 -44.85
N GLY I 338 -76.62 15.57 -44.58
CA GLY I 338 -75.33 16.22 -44.55
C GLY I 338 -74.54 16.26 -45.84
N HIS I 339 -73.30 16.71 -45.69
CA HIS I 339 -72.36 16.87 -46.79
C HIS I 339 -70.97 16.40 -46.36
N ALA I 340 -70.20 15.89 -47.31
CA ALA I 340 -68.85 15.40 -47.04
C ALA I 340 -67.85 15.89 -48.12
N ILE I 341 -66.60 16.08 -47.71
CA ILE I 341 -65.56 16.52 -48.64
C ILE I 341 -64.28 15.65 -48.44
N GLU I 342 -63.59 15.33 -49.53
CA GLU I 342 -62.40 14.49 -49.47
C GLU I 342 -61.23 15.09 -50.26
N VAL I 343 -60.01 14.78 -49.82
CA VAL I 343 -58.78 15.24 -50.50
C VAL I 343 -57.83 14.04 -50.61
N ARG I 344 -56.94 14.06 -51.59
CA ARG I 344 -55.98 12.98 -51.76
C ARG I 344 -54.61 13.51 -51.31
N LEU I 345 -53.94 12.80 -50.38
CA LEU I 345 -52.64 13.24 -49.87
C LEU I 345 -51.47 12.60 -50.65
N TYR I 346 -50.98 13.28 -51.70
CA TYR I 346 -49.89 12.76 -52.54
C TYR I 346 -48.45 13.20 -52.22
N ALA I 347 -47.54 12.30 -52.52
CA ALA I 347 -46.12 12.52 -52.34
C ALA I 347 -45.67 13.19 -53.62
N GLU I 348 -46.49 14.13 -54.10
CA GLU I 348 -46.17 14.82 -55.34
C GLU I 348 -45.28 16.03 -55.13
N ASP I 349 -45.83 17.22 -55.30
CA ASP I 349 -45.05 18.44 -55.16
C ASP I 349 -45.95 19.57 -55.61
N PRO I 350 -46.23 20.54 -54.71
CA PRO I 350 -47.11 21.67 -55.09
C PRO I 350 -46.62 22.52 -56.29
N GLU I 351 -45.57 23.30 -56.07
CA GLU I 351 -45.00 24.18 -57.10
C GLU I 351 -44.10 23.47 -58.10
N GLY I 352 -43.35 22.49 -57.63
CA GLY I 352 -42.43 21.75 -58.50
C GLY I 352 -43.10 21.06 -59.69
N ASP I 353 -44.31 21.51 -60.00
CA ASP I 353 -45.15 21.01 -61.10
C ASP I 353 -45.47 19.52 -61.08
N PHE I 354 -45.96 19.09 -59.92
CA PHE I 354 -46.39 17.72 -59.66
C PHE I 354 -45.47 16.65 -60.21
N LEU I 355 -44.27 16.60 -59.67
CA LEU I 355 -43.25 15.61 -60.02
C LEU I 355 -43.28 14.65 -58.80
N PRO I 356 -44.05 13.54 -58.90
CA PRO I 356 -44.24 12.51 -57.86
C PRO I 356 -43.00 12.04 -57.09
N ALA I 357 -42.42 12.91 -56.25
CA ALA I 357 -41.22 12.56 -55.46
C ALA I 357 -41.44 11.26 -54.69
N SER I 358 -40.35 10.61 -54.28
CA SER I 358 -40.43 9.34 -53.54
C SER I 358 -39.20 9.07 -52.69
N GLY I 359 -39.24 9.57 -51.46
CA GLY I 359 -38.16 9.35 -50.51
C GLY I 359 -38.61 8.51 -49.31
N ARG I 360 -38.43 9.00 -48.08
CA ARG I 360 -38.89 8.24 -46.93
C ARG I 360 -39.53 9.13 -45.87
N LEU I 361 -40.68 8.69 -45.39
CA LEU I 361 -41.47 9.42 -44.41
C LEU I 361 -40.84 9.68 -43.05
N MET I 362 -40.23 10.85 -42.90
CA MET I 362 -39.60 11.22 -41.64
C MET I 362 -40.67 11.45 -40.60
N LEU I 363 -41.50 12.44 -40.87
CA LEU I 363 -42.60 12.82 -39.99
C LEU I 363 -43.95 12.56 -40.67
N TYR I 364 -44.90 12.01 -39.91
CA TYR I 364 -46.25 11.69 -40.39
C TYR I 364 -47.19 11.75 -39.19
N ARG I 365 -47.86 12.87 -39.03
CA ARG I 365 -48.77 13.08 -37.92
C ARG I 365 -50.16 13.30 -38.50
N GLU I 366 -51.05 12.32 -38.40
CA GLU I 366 -52.42 12.48 -38.90
C GLU I 366 -53.26 13.28 -37.88
N ALA I 367 -54.18 14.13 -38.32
CA ALA I 367 -55.02 14.90 -37.38
C ALA I 367 -55.78 13.90 -36.54
N ALA I 368 -56.01 14.25 -35.27
CA ALA I 368 -56.71 13.34 -34.38
C ALA I 368 -58.18 13.17 -34.73
N ALA I 369 -58.69 11.97 -34.44
CA ALA I 369 -60.09 11.62 -34.69
C ALA I 369 -60.98 12.66 -34.00
N GLY I 370 -62.16 12.94 -34.53
CA GLY I 370 -63.00 13.94 -33.89
C GLY I 370 -64.40 14.13 -34.47
N PRO I 371 -64.92 15.39 -34.45
CA PRO I 371 -66.27 15.78 -34.95
C PRO I 371 -66.88 14.74 -35.91
N GLY I 372 -66.44 14.82 -37.16
CA GLY I 372 -66.92 13.90 -38.17
C GLY I 372 -65.73 13.71 -39.09
N ARG I 373 -64.58 13.55 -38.47
CA ARG I 373 -63.34 13.39 -39.19
C ARG I 373 -63.03 11.93 -39.43
N ARG I 374 -62.60 11.62 -40.64
CA ARG I 374 -62.23 10.26 -41.00
C ARG I 374 -61.00 10.32 -41.88
N VAL I 375 -60.05 9.40 -41.67
CA VAL I 375 -58.87 9.34 -42.56
C VAL I 375 -58.55 7.90 -42.87
N ASP I 376 -58.46 7.65 -44.18
CA ASP I 376 -58.14 6.35 -44.75
C ASP I 376 -56.69 6.53 -45.18
N SER I 377 -55.77 5.89 -44.47
CA SER I 377 -54.34 5.97 -44.76
C SER I 377 -53.76 4.60 -44.90
N GLY I 378 -52.58 4.52 -45.50
CA GLY I 378 -51.95 3.23 -45.71
C GLY I 378 -50.45 3.28 -45.54
N VAL I 379 -50.05 4.15 -44.64
CA VAL I 379 -48.65 4.34 -44.38
C VAL I 379 -48.58 4.67 -42.89
N ARG I 380 -47.37 4.70 -42.35
CA ARG I 380 -47.17 5.09 -40.96
C ARG I 380 -45.78 5.71 -40.89
N GLU I 381 -45.66 6.81 -40.16
CA GLU I 381 -44.39 7.53 -40.02
C GLU I 381 -43.22 6.56 -40.03
N GLY I 382 -42.15 6.90 -40.73
CA GLY I 382 -41.01 5.99 -40.78
C GLY I 382 -41.02 4.99 -41.94
N ASP I 383 -42.10 4.99 -42.73
CA ASP I 383 -42.23 4.07 -43.86
C ASP I 383 -41.50 4.54 -45.10
N GLU I 384 -41.06 3.57 -45.88
CA GLU I 384 -40.33 3.84 -47.09
C GLU I 384 -41.34 4.11 -48.23
N VAL I 385 -41.33 5.34 -48.79
CA VAL I 385 -42.24 5.70 -49.90
C VAL I 385 -41.66 5.24 -51.22
N SER I 386 -42.18 4.12 -51.70
CA SER I 386 -41.69 3.53 -52.93
C SER I 386 -41.89 4.35 -54.20
N PRO I 387 -41.05 4.07 -55.19
CA PRO I 387 -41.08 4.74 -56.48
C PRO I 387 -41.97 3.96 -57.46
N PHE I 388 -41.95 2.65 -57.33
CA PHE I 388 -42.74 1.78 -58.19
C PHE I 388 -44.24 1.85 -57.97
N TYR I 389 -44.73 2.62 -56.98
CA TYR I 389 -46.18 2.67 -56.71
C TYR I 389 -46.79 4.07 -56.66
N ASP I 390 -48.12 4.14 -56.72
CA ASP I 390 -48.81 5.43 -56.70
C ASP I 390 -48.52 6.21 -55.43
N PRO I 391 -47.92 7.41 -55.57
CA PRO I 391 -47.57 8.26 -54.43
C PRO I 391 -48.69 8.79 -53.52
N MET I 392 -49.75 8.01 -53.29
CA MET I 392 -50.82 8.46 -52.41
C MET I 392 -50.66 7.93 -50.98
N LEU I 393 -50.42 8.82 -50.02
CA LEU I 393 -50.27 8.46 -48.61
C LEU I 393 -51.60 8.17 -47.87
N ALA I 394 -52.57 9.06 -48.04
CA ALA I 394 -53.83 8.85 -47.37
C ALA I 394 -54.95 9.68 -47.97
N LYS I 395 -56.17 9.38 -47.55
CA LYS I 395 -57.39 10.09 -47.99
C LYS I 395 -58.01 10.74 -46.74
N LEU I 396 -58.18 12.07 -46.74
CA LEU I 396 -58.77 12.81 -45.58
C LEU I 396 -60.15 13.29 -45.91
N ILE I 397 -61.13 12.80 -45.16
CA ILE I 397 -62.53 13.15 -45.39
C ILE I 397 -63.19 13.74 -44.14
N ALA I 398 -63.96 14.80 -44.32
CA ALA I 398 -64.65 15.39 -43.20
C ALA I 398 -66.08 15.67 -43.61
N TRP I 399 -67.01 15.47 -42.68
CA TRP I 399 -68.39 15.73 -42.99
C TRP I 399 -68.99 16.77 -42.04
N GLY I 400 -70.15 17.26 -42.43
CA GLY I 400 -70.88 18.22 -41.63
C GLY I 400 -72.37 18.10 -41.89
N GLU I 401 -73.12 19.03 -41.32
CA GLU I 401 -74.55 19.05 -41.52
C GLU I 401 -74.81 20.07 -42.63
N THR I 402 -73.78 20.87 -42.93
CA THR I 402 -73.79 21.91 -43.97
C THR I 402 -72.58 21.64 -44.87
N ARG I 403 -72.41 22.47 -45.91
CA ARG I 403 -71.27 22.36 -46.83
C ARG I 403 -70.01 23.02 -46.26
N GLU I 404 -70.14 24.23 -45.70
CA GLU I 404 -68.97 24.87 -45.17
C GLU I 404 -68.54 24.21 -43.85
N GLU I 405 -69.50 23.59 -43.12
CA GLU I 405 -69.20 22.91 -41.85
C GLU I 405 -68.23 21.72 -42.09
N ALA I 406 -68.33 21.15 -43.29
CA ALA I 406 -67.45 20.07 -43.72
C ALA I 406 -66.13 20.71 -44.20
N ARG I 407 -66.20 21.74 -45.06
CA ARG I 407 -64.98 22.40 -45.55
C ARG I 407 -64.13 23.03 -44.45
N GLN I 408 -64.78 23.72 -43.52
CA GLN I 408 -64.09 24.38 -42.40
C GLN I 408 -63.43 23.34 -41.48
N ARG I 409 -64.12 22.20 -41.32
CA ARG I 409 -63.65 21.09 -40.50
C ARG I 409 -62.55 20.27 -41.20
N LEU I 410 -62.67 20.11 -42.53
CA LEU I 410 -61.68 19.39 -43.32
C LEU I 410 -60.39 20.20 -43.40
N LEU I 411 -60.50 21.53 -43.27
CA LEU I 411 -59.32 22.41 -43.29
C LEU I 411 -58.70 22.42 -41.88
N ALA I 412 -59.49 21.97 -40.91
CA ALA I 412 -59.02 21.85 -39.55
C ALA I 412 -58.02 20.70 -39.61
N MET I 413 -58.51 19.54 -40.06
CA MET I 413 -57.72 18.32 -40.20
C MET I 413 -56.41 18.49 -41.00
N LEU I 414 -56.46 19.26 -42.08
CA LEU I 414 -55.30 19.51 -42.94
C LEU I 414 -54.21 20.36 -42.27
N ALA I 415 -54.60 21.08 -41.21
CA ALA I 415 -53.67 21.93 -40.46
C ALA I 415 -53.03 21.14 -39.32
N GLU I 416 -53.82 20.25 -38.70
CA GLU I 416 -53.35 19.39 -37.60
C GLU I 416 -52.48 18.25 -38.17
N THR I 417 -52.56 18.09 -39.50
CA THR I 417 -51.82 17.09 -40.28
C THR I 417 -50.43 17.61 -40.76
N SER I 418 -49.42 16.77 -40.61
CA SER I 418 -48.09 17.18 -40.98
C SER I 418 -47.26 15.99 -41.42
N VAL I 419 -46.63 16.11 -42.57
CA VAL I 419 -45.77 15.06 -43.10
C VAL I 419 -44.47 15.77 -43.48
N GLY I 420 -43.34 15.25 -43.02
CA GLY I 420 -42.04 15.86 -43.30
C GLY I 420 -40.97 14.88 -43.75
N GLY I 421 -40.04 15.36 -44.59
CA GLY I 421 -38.96 14.52 -45.11
C GLY I 421 -39.26 14.02 -46.52
N LEU I 422 -39.93 14.87 -47.30
CA LEU I 422 -40.32 14.57 -48.67
C LEU I 422 -41.16 15.71 -49.24
N ARG I 423 -41.30 15.73 -50.56
CA ARG I 423 -42.12 16.77 -51.20
C ARG I 423 -43.66 16.44 -51.08
N THR I 424 -44.43 17.31 -50.42
CA THR I 424 -45.87 17.04 -50.23
C THR I 424 -46.80 18.01 -50.91
N ASN I 425 -47.98 17.48 -51.23
CA ASN I 425 -49.03 18.28 -51.85
C ASN I 425 -49.96 18.77 -50.71
N LEU I 426 -49.57 18.50 -49.47
CA LEU I 426 -50.37 18.94 -48.33
C LEU I 426 -50.43 20.46 -48.30
N ALA I 427 -49.31 21.08 -48.72
CA ALA I 427 -49.17 22.52 -48.79
C ALA I 427 -50.28 23.08 -49.70
N PHE I 428 -50.27 22.65 -50.95
CA PHE I 428 -51.25 23.06 -51.97
C PHE I 428 -52.72 22.83 -51.51
N LEU I 429 -53.03 21.62 -51.04
CA LEU I 429 -54.37 21.26 -50.59
C LEU I 429 -54.94 22.24 -49.57
N ARG I 430 -54.13 22.61 -48.58
CA ARG I 430 -54.59 23.53 -47.54
C ARG I 430 -55.12 24.87 -48.13
N ARG I 431 -54.39 25.43 -49.08
CA ARG I 431 -54.78 26.70 -49.70
C ARG I 431 -55.92 26.64 -50.75
N ILE I 432 -56.17 25.45 -51.28
CA ILE I 432 -57.22 25.32 -52.28
C ILE I 432 -58.57 25.04 -51.62
N LEU I 433 -58.55 24.73 -50.32
CA LEU I 433 -59.80 24.48 -49.59
C LEU I 433 -60.13 25.79 -48.89
N GLY I 434 -59.10 26.64 -48.82
CA GLY I 434 -59.21 27.93 -48.19
C GLY I 434 -59.31 29.04 -49.22
N HIS I 435 -59.32 28.69 -50.50
CA HIS I 435 -59.45 29.72 -51.54
C HIS I 435 -60.98 30.06 -51.59
N PRO I 436 -61.32 31.36 -51.72
CA PRO I 436 -62.71 31.85 -51.75
C PRO I 436 -63.53 31.24 -52.87
N ALA I 437 -62.84 30.94 -53.99
CA ALA I 437 -63.50 30.35 -55.16
C ALA I 437 -64.19 29.05 -54.73
N PHE I 438 -63.53 28.32 -53.85
CA PHE I 438 -64.04 27.08 -53.34
C PHE I 438 -65.28 27.28 -52.46
N ALA I 439 -65.34 28.39 -51.73
CA ALA I 439 -66.49 28.67 -50.87
C ALA I 439 -67.73 28.63 -51.75
N ALA I 440 -67.71 29.46 -52.80
CA ALA I 440 -68.81 29.54 -53.78
C ALA I 440 -68.72 28.33 -54.72
N ALA I 441 -69.86 27.91 -55.28
CA ALA I 441 -69.91 26.77 -56.20
C ALA I 441 -69.18 27.00 -57.56
N GLU I 442 -68.06 27.74 -57.54
CA GLU I 442 -67.26 28.09 -58.76
C GLU I 442 -66.54 26.87 -59.37
N LEU I 443 -67.29 25.77 -59.55
CA LEU I 443 -66.81 24.48 -60.08
C LEU I 443 -66.92 24.18 -61.58
N ASP I 444 -65.83 23.61 -62.08
CA ASP I 444 -65.67 23.17 -63.47
C ASP I 444 -64.45 22.25 -63.44
N THR I 445 -63.92 21.89 -64.60
CA THR I 445 -62.74 21.03 -64.64
C THR I 445 -61.51 21.92 -64.98
N GLY I 446 -61.74 23.25 -64.94
CA GLY I 446 -60.71 24.21 -65.22
C GLY I 446 -60.25 25.02 -64.02
N PHE I 447 -60.98 24.90 -62.90
CA PHE I 447 -60.68 25.59 -61.62
C PHE I 447 -59.25 25.41 -61.13
N ILE I 448 -58.76 24.19 -61.22
CA ILE I 448 -57.41 23.89 -60.81
C ILE I 448 -56.42 24.71 -61.67
N ALA I 449 -56.74 24.91 -62.95
CA ALA I 449 -55.89 25.67 -63.84
C ALA I 449 -56.11 27.16 -63.64
N ARG I 450 -57.38 27.56 -63.60
CA ARG I 450 -57.77 28.95 -63.44
C ARG I 450 -57.03 29.74 -62.37
N HIS I 451 -57.40 29.55 -61.09
CA HIS I 451 -56.75 30.27 -60.01
C HIS I 451 -55.33 29.73 -59.79
N GLN I 452 -54.69 29.35 -60.90
CA GLN I 452 -53.34 28.81 -60.96
C GLN I 452 -52.34 29.46 -59.99
N ASP I 453 -52.18 30.77 -60.06
CA ASP I 453 -51.23 31.48 -59.17
C ASP I 453 -51.58 31.48 -57.68
N ASP I 454 -52.85 31.76 -57.34
CA ASP I 454 -53.28 31.78 -55.94
C ASP I 454 -53.01 30.45 -55.21
N LEU I 455 -52.93 29.35 -55.98
CA LEU I 455 -52.73 28.01 -55.41
C LEU I 455 -51.31 27.40 -55.49
N LEU I 456 -50.42 28.00 -56.28
CA LEU I 456 -49.06 27.48 -56.34
C LEU I 456 -48.02 28.60 -56.38
N PRO I 457 -48.21 29.66 -55.56
CA PRO I 457 -47.30 30.82 -55.49
C PRO I 457 -45.80 30.49 -55.59
N ALA I 458 -44.98 31.51 -55.82
CA ALA I 458 -43.55 31.32 -55.94
C ALA I 458 -42.98 31.40 -54.52
N PRO I 459 -41.97 30.57 -54.20
CA PRO I 459 -41.35 30.58 -52.87
C PRO I 459 -40.63 31.90 -52.51
N GLN I 460 -39.78 31.87 -51.46
CA GLN I 460 -39.04 33.05 -50.99
C GLN I 460 -38.44 32.72 -49.61
N ALA I 461 -37.16 33.04 -49.40
CA ALA I 461 -36.49 32.73 -48.13
C ALA I 461 -37.07 33.54 -46.99
N LEU I 462 -38.41 33.63 -46.94
CA LEU I 462 -39.19 34.41 -45.95
C LEU I 462 -38.40 34.85 -44.69
N PRO I 463 -38.91 35.89 -44.01
CA PRO I 463 -38.34 36.49 -42.80
C PRO I 463 -37.17 35.86 -42.02
N GLU I 464 -36.63 36.68 -41.14
CA GLU I 464 -35.56 36.31 -40.23
C GLU I 464 -36.47 35.97 -39.04
N HIS I 465 -37.64 36.56 -39.10
CA HIS I 465 -38.74 36.40 -38.19
C HIS I 465 -38.79 34.87 -37.95
N PHE I 466 -38.68 34.11 -39.05
CA PHE I 466 -38.66 32.62 -39.07
C PHE I 466 -37.35 32.13 -38.47
N TRP I 467 -36.27 32.30 -39.24
CA TRP I 467 -34.96 31.85 -38.82
C TRP I 467 -34.72 31.85 -37.30
N GLN I 468 -35.17 32.89 -36.60
CA GLN I 468 -34.97 32.92 -35.15
C GLN I 468 -35.85 31.86 -34.46
N ALA I 469 -37.12 31.76 -34.85
CA ALA I 469 -38.01 30.76 -34.25
C ALA I 469 -37.44 29.36 -34.45
N ALA I 470 -37.07 29.02 -35.67
CA ALA I 470 -36.52 27.69 -35.92
C ALA I 470 -35.20 27.49 -35.18
N ALA I 471 -34.48 28.57 -34.88
CA ALA I 471 -33.23 28.45 -34.16
C ALA I 471 -33.53 28.17 -32.70
N GLU I 472 -34.43 28.97 -32.12
CA GLU I 472 -34.81 28.78 -30.72
C GLU I 472 -35.35 27.36 -30.63
N ALA I 473 -36.23 27.02 -31.58
CA ALA I 473 -36.86 25.72 -31.65
C ALA I 473 -35.83 24.59 -31.62
N TRP I 474 -34.89 24.66 -32.55
CA TRP I 474 -33.83 23.66 -32.64
C TRP I 474 -33.00 23.54 -31.35
N LEU I 475 -32.64 24.67 -30.76
CA LEU I 475 -31.81 24.67 -29.55
C LEU I 475 -32.53 23.88 -28.46
N GLN I 476 -33.84 24.10 -28.37
CA GLN I 476 -34.66 23.43 -27.38
C GLN I 476 -35.05 22.00 -27.72
N SER I 477 -34.39 21.41 -28.73
CA SER I 477 -34.68 20.03 -29.13
C SER I 477 -33.58 19.01 -28.82
N GLU I 478 -32.47 19.47 -28.25
CA GLU I 478 -31.37 18.58 -27.84
C GLU I 478 -31.02 18.97 -26.41
N PRO I 479 -31.41 18.13 -25.42
CA PRO I 479 -31.18 18.30 -23.98
C PRO I 479 -29.74 18.62 -23.54
N GLY I 480 -28.84 18.66 -24.51
CA GLY I 480 -27.44 18.92 -24.22
C GLY I 480 -26.77 17.58 -24.00
N HIS I 481 -27.01 17.00 -22.83
CA HIS I 481 -26.47 15.70 -22.47
C HIS I 481 -26.44 15.67 -20.99
N ARG I 482 -26.82 14.54 -20.42
CA ARG I 482 -26.80 14.45 -18.98
C ARG I 482 -25.91 13.27 -18.58
N ARG I 483 -24.89 13.55 -17.78
CA ARG I 483 -23.97 12.52 -17.32
C ARG I 483 -24.47 11.80 -16.04
N ASP I 484 -24.31 10.49 -16.04
CA ASP I 484 -24.70 9.64 -14.92
C ASP I 484 -23.80 9.94 -13.74
N ASP I 485 -22.72 10.67 -14.03
CA ASP I 485 -21.72 11.12 -13.07
C ASP I 485 -22.48 11.93 -12.03
N ASP I 486 -23.11 13.01 -12.49
CA ASP I 486 -23.98 13.88 -11.67
C ASP I 486 -25.04 14.40 -12.64
N PRO I 487 -26.23 13.76 -12.64
CA PRO I 487 -27.36 14.11 -13.51
C PRO I 487 -27.89 15.50 -13.30
N HIS I 488 -28.04 15.86 -12.06
CA HIS I 488 -28.58 17.15 -11.76
C HIS I 488 -27.67 18.32 -12.18
N SER I 489 -26.54 17.98 -12.77
CA SER I 489 -25.53 18.94 -13.26
C SER I 489 -26.14 20.08 -14.04
N PRO I 490 -25.78 21.32 -13.67
CA PRO I 490 -26.33 22.47 -14.40
C PRO I 490 -25.69 22.63 -15.79
N TRP I 491 -24.63 21.88 -16.08
CA TRP I 491 -24.00 22.00 -17.40
C TRP I 491 -24.84 21.39 -18.50
N SER I 492 -25.99 20.82 -18.13
CA SER I 492 -26.88 20.22 -19.12
C SER I 492 -27.84 21.29 -19.69
N ARG I 493 -28.09 22.35 -18.91
CA ARG I 493 -28.98 23.41 -19.36
C ARG I 493 -28.33 24.12 -20.53
N ASN I 494 -28.92 23.94 -21.70
CA ASN I 494 -28.42 24.58 -22.89
C ASN I 494 -29.02 26.00 -23.09
N ASP I 495 -29.32 26.72 -21.99
CA ASP I 495 -29.87 28.09 -22.11
C ASP I 495 -28.85 29.14 -22.58
N GLY I 496 -27.65 28.70 -22.96
CA GLY I 496 -26.62 29.63 -23.39
C GLY I 496 -26.15 30.60 -22.31
N TRP I 497 -26.24 30.20 -21.05
CA TRP I 497 -25.83 31.05 -19.93
C TRP I 497 -24.44 31.62 -20.10
N ARG I 498 -24.29 32.86 -19.66
CA ARG I 498 -23.01 33.58 -19.70
C ARG I 498 -22.85 34.35 -18.41
N SER I 499 -21.63 34.74 -18.11
CA SER I 499 -21.33 35.44 -16.89
C SER I 499 -22.05 36.74 -16.50
N ALA I 500 -22.14 37.71 -17.41
CA ALA I 500 -22.80 38.99 -17.10
C ALA I 500 -23.67 39.57 -18.23
N LEU I 501 -23.33 39.24 -19.48
CA LEU I 501 -24.09 39.69 -20.65
C LEU I 501 -25.24 38.72 -20.80
N ALA I 502 -25.84 38.62 -21.98
CA ALA I 502 -26.97 37.72 -22.09
C ALA I 502 -26.68 36.36 -22.68
N ARG I 503 -27.64 35.46 -22.52
CA ARG I 503 -27.55 34.10 -23.04
C ARG I 503 -27.09 34.17 -24.48
N GLU I 504 -25.95 33.55 -24.79
CA GLU I 504 -25.39 33.51 -26.14
C GLU I 504 -25.29 32.07 -26.64
N SER I 505 -26.05 31.81 -27.71
CA SER I 505 -26.12 30.50 -28.34
C SER I 505 -25.88 30.76 -29.84
N ASP I 506 -24.79 30.24 -30.42
CA ASP I 506 -24.53 30.44 -31.86
C ASP I 506 -24.74 29.10 -32.57
N LEU I 507 -25.73 29.08 -33.46
CA LEU I 507 -26.11 27.87 -34.14
C LEU I 507 -25.87 27.83 -35.65
N MET I 508 -25.16 26.81 -36.09
CA MET I 508 -24.83 26.56 -37.51
C MET I 508 -25.97 25.77 -38.17
N LEU I 509 -27.08 26.43 -38.51
CA LEU I 509 -28.25 25.77 -39.11
C LEU I 509 -28.35 25.74 -40.64
N ARG I 510 -29.44 25.15 -41.14
CA ARG I 510 -29.66 25.04 -42.57
C ARG I 510 -31.09 24.58 -42.87
N CYS I 511 -31.90 25.48 -43.43
CA CYS I 511 -33.29 25.17 -43.83
C CYS I 511 -33.24 25.11 -45.35
N ARG I 512 -34.25 24.48 -45.99
CA ARG I 512 -34.27 24.34 -47.46
C ARG I 512 -32.86 24.12 -48.01
N ASP I 513 -32.40 25.04 -48.86
CA ASP I 513 -31.04 24.99 -49.45
C ASP I 513 -30.40 26.35 -49.15
N GLU I 514 -30.15 26.65 -47.88
CA GLU I 514 -29.55 27.91 -47.48
C GLU I 514 -29.18 27.78 -46.00
N ARG I 515 -27.88 27.83 -45.74
CA ARG I 515 -27.33 27.71 -44.37
C ARG I 515 -27.12 29.09 -43.69
N ARG I 516 -27.52 29.20 -42.42
CA ARG I 516 -27.40 30.46 -41.68
C ARG I 516 -26.84 30.22 -40.31
N CYS I 517 -25.87 31.02 -39.89
CA CYS I 517 -25.33 30.89 -38.53
C CYS I 517 -26.15 31.89 -37.69
N VAL I 518 -27.19 31.34 -37.04
CA VAL I 518 -28.08 32.12 -36.20
C VAL I 518 -27.38 32.58 -34.90
N ARG I 519 -27.58 33.84 -34.55
CA ARG I 519 -27.01 34.44 -33.36
C ARG I 519 -28.18 34.66 -32.40
N LEU I 520 -28.23 33.82 -31.37
CA LEU I 520 -29.30 33.85 -30.36
C LEU I 520 -28.88 34.58 -29.07
N ARG I 521 -28.93 35.92 -29.04
CA ARG I 521 -28.57 36.64 -27.81
C ARG I 521 -29.83 37.18 -27.10
N HIS I 522 -30.58 36.32 -26.40
CA HIS I 522 -31.79 36.79 -25.72
C HIS I 522 -31.49 37.27 -24.28
N ALA I 523 -31.83 38.54 -24.00
CA ALA I 523 -31.61 39.15 -22.67
C ALA I 523 -32.81 38.84 -21.75
N SER I 524 -34.00 38.90 -22.35
CA SER I 524 -35.22 38.57 -21.66
C SER I 524 -35.47 37.11 -22.08
N PRO I 525 -35.12 36.13 -21.19
CA PRO I 525 -35.27 34.69 -21.42
C PRO I 525 -36.51 34.18 -22.20
N SER I 526 -37.53 35.02 -22.31
CA SER I 526 -38.77 34.72 -23.03
C SER I 526 -38.58 34.43 -24.53
N GLN I 527 -39.56 34.92 -25.30
CA GLN I 527 -39.64 34.81 -26.76
C GLN I 527 -40.44 33.59 -27.22
N TYR I 528 -39.83 32.42 -27.03
CA TYR I 528 -40.45 31.16 -27.42
C TYR I 528 -40.14 30.03 -26.43
N ARG I 529 -41.21 29.34 -26.00
CA ARG I 529 -41.07 28.19 -25.12
C ARG I 529 -41.30 27.05 -26.10
N LEU I 530 -41.20 25.81 -25.65
CA LEU I 530 -41.43 24.67 -26.54
C LEU I 530 -41.80 23.47 -25.68
N ASP I 531 -43.06 23.06 -25.73
CA ASP I 531 -43.45 21.89 -24.96
C ASP I 531 -44.17 20.93 -25.91
N GLY I 532 -43.91 19.64 -25.75
CA GLY I 532 -44.51 18.67 -26.64
C GLY I 532 -44.06 18.99 -28.05
N ASP I 533 -44.90 18.78 -29.06
CA ASP I 533 -44.48 19.10 -30.41
C ASP I 533 -45.08 20.45 -30.83
N ASP I 534 -45.03 21.42 -29.90
CA ASP I 534 -45.57 22.75 -30.16
C ASP I 534 -44.74 23.93 -29.70
N LEU I 535 -44.43 24.83 -30.65
CA LEU I 535 -43.67 26.03 -30.36
C LEU I 535 -44.63 27.16 -29.99
N VAL I 536 -44.69 27.50 -28.71
CA VAL I 536 -45.57 28.54 -28.18
C VAL I 536 -44.82 29.90 -28.01
N SER I 537 -45.29 30.91 -28.73
CA SER I 537 -44.68 32.26 -28.72
C SER I 537 -45.56 33.39 -28.18
N ARG I 538 -45.01 34.20 -27.27
CA ARG I 538 -45.79 35.30 -26.72
C ARG I 538 -45.40 36.62 -27.40
N VAL I 539 -45.90 36.80 -28.63
CA VAL I 539 -45.63 37.99 -29.43
C VAL I 539 -46.44 39.24 -29.03
N ASP I 540 -45.99 39.95 -28.00
CA ASP I 540 -46.66 41.19 -27.55
C ASP I 540 -48.03 40.98 -26.94
N GLY I 541 -48.14 40.07 -25.98
CA GLY I 541 -49.43 39.84 -25.34
C GLY I 541 -50.28 38.84 -26.07
N VAL I 542 -50.05 38.75 -27.38
CA VAL I 542 -50.80 37.84 -28.21
C VAL I 542 -49.99 36.56 -28.40
N THR I 543 -50.30 35.60 -27.52
CA THR I 543 -49.68 34.27 -27.50
C THR I 543 -50.32 33.39 -28.62
N ARG I 544 -49.48 32.67 -29.39
CA ARG I 544 -49.96 31.81 -30.45
C ARG I 544 -49.02 30.62 -30.52
N ARG I 545 -49.54 29.41 -30.72
CA ARG I 545 -48.65 28.26 -30.79
C ARG I 545 -48.69 27.50 -32.09
N SER I 546 -47.53 27.48 -32.75
CA SER I 546 -47.37 26.80 -34.01
C SER I 546 -46.63 25.47 -33.81
N ALA I 547 -47.15 24.44 -34.46
CA ALA I 547 -46.57 23.12 -34.37
C ALA I 547 -45.11 23.10 -34.84
N ALA I 548 -44.29 22.30 -34.15
CA ALA I 548 -42.89 22.16 -34.50
C ALA I 548 -42.38 20.95 -33.75
N LEU I 549 -41.67 20.08 -34.44
CA LEU I 549 -41.13 18.90 -33.80
C LEU I 549 -39.90 18.43 -34.53
N ARG I 550 -39.15 17.54 -33.89
CA ARG I 550 -37.93 17.06 -34.51
C ARG I 550 -37.87 15.55 -34.61
N ARG I 551 -37.08 15.10 -35.58
CA ARG I 551 -36.83 13.68 -35.87
C ARG I 551 -35.45 13.60 -36.54
N GLY I 552 -34.50 12.97 -35.87
CA GLY I 552 -33.16 12.85 -36.43
C GLY I 552 -32.46 14.19 -36.45
N ARG I 553 -31.48 14.37 -37.33
CA ARG I 553 -30.82 15.67 -37.36
C ARG I 553 -31.72 16.71 -38.06
N GLN I 554 -33.01 16.38 -38.20
CA GLN I 554 -33.97 17.27 -38.86
C GLN I 554 -35.09 17.76 -37.99
N LEU I 555 -35.36 19.04 -38.08
CA LEU I 555 -36.43 19.64 -37.30
C LEU I 555 -37.49 20.19 -38.22
N PHE I 556 -38.71 19.65 -38.11
CA PHE I 556 -39.80 20.14 -38.93
C PHE I 556 -40.59 21.21 -38.20
N LEU I 557 -40.67 22.36 -38.85
CA LEU I 557 -41.34 23.50 -38.28
C LEU I 557 -42.41 24.00 -39.25
N GLU I 558 -43.69 23.92 -38.89
CA GLU I 558 -44.72 24.40 -39.80
C GLU I 558 -44.77 25.92 -39.70
N TRP I 559 -44.30 26.53 -40.78
CA TRP I 559 -44.21 27.98 -40.90
C TRP I 559 -45.08 28.48 -42.06
N GLU I 560 -46.24 29.05 -41.75
CA GLU I 560 -47.12 29.57 -42.81
C GLU I 560 -47.61 28.51 -43.77
N GLY I 561 -48.47 27.59 -43.33
CA GLY I 561 -48.96 26.52 -44.19
C GLY I 561 -47.88 25.46 -44.47
N GLU I 562 -46.77 25.91 -45.06
CA GLU I 562 -45.60 25.08 -45.40
C GLU I 562 -45.11 24.33 -44.17
N LEU I 563 -44.24 23.36 -44.39
CA LEU I 563 -43.69 22.61 -43.28
C LEU I 563 -42.20 22.44 -43.54
N LEU I 564 -41.46 23.52 -43.36
CA LEU I 564 -40.01 23.54 -43.60
C LEU I 564 -39.18 22.64 -42.69
N ALA I 565 -38.14 22.07 -43.29
CA ALA I 565 -37.23 21.17 -42.59
C ALA I 565 -35.87 21.84 -42.35
N ILE I 566 -35.47 21.90 -41.08
CA ILE I 566 -34.20 22.51 -40.66
C ILE I 566 -33.24 21.44 -40.05
N GLU I 567 -31.99 21.40 -40.51
CA GLU I 567 -30.96 20.46 -39.99
C GLU I 567 -29.57 21.11 -39.84
N ALA I 568 -28.67 20.50 -39.05
CA ALA I 568 -27.35 21.09 -38.83
C ALA I 568 -26.26 21.00 -39.92
N VAL I 569 -25.50 22.09 -40.07
CA VAL I 569 -24.40 22.20 -41.06
C VAL I 569 -23.26 21.28 -40.62
N ASP I 570 -22.47 20.80 -41.58
CA ASP I 570 -21.37 19.88 -41.26
C ASP I 570 -20.05 20.18 -42.01
N LYS I 617 8.49 -7.37 -49.52
CA LYS I 617 7.53 -8.10 -50.34
C LYS I 617 6.22 -7.29 -50.44
N SER J 19 -39.05 19.14 6.65
CA SER J 19 -37.92 20.11 6.80
C SER J 19 -38.44 21.54 6.81
N HIS J 20 -39.71 21.70 7.17
CA HIS J 20 -40.37 23.02 7.22
C HIS J 20 -39.84 23.96 8.31
N MET J 21 -38.76 23.56 8.98
CA MET J 21 -38.15 24.35 10.05
C MET J 21 -36.79 24.90 9.66
N ALA J 22 -36.12 24.19 8.77
CA ALA J 22 -34.81 24.59 8.29
C ALA J 22 -35.04 25.71 7.32
N ILE J 23 -36.27 26.21 7.27
CA ILE J 23 -36.60 27.26 6.35
C ILE J 23 -36.18 28.60 6.88
N LEU J 24 -35.72 29.45 5.97
CA LEU J 24 -35.29 30.79 6.36
C LEU J 24 -36.41 31.73 5.93
N HIS J 25 -37.19 32.25 6.86
CA HIS J 25 -38.26 33.15 6.46
C HIS J 25 -37.61 34.50 6.37
N THR J 26 -37.85 35.24 5.27
CA THR J 26 -37.20 36.54 5.11
C THR J 26 -37.77 37.60 6.03
N GLN J 27 -37.01 38.66 6.21
CA GLN J 27 -37.42 39.74 7.09
C GLN J 27 -37.30 41.04 6.29
N ILE J 28 -37.06 40.94 4.97
CA ILE J 28 -36.95 42.13 4.13
C ILE J 28 -38.18 42.35 3.25
N ASN J 29 -38.50 43.61 3.03
CA ASN J 29 -39.63 43.95 2.20
C ASN J 29 -39.15 44.41 0.85
N PRO J 30 -39.51 43.69 -0.21
CA PRO J 30 -39.14 43.98 -1.60
C PRO J 30 -39.73 45.27 -2.11
N ARG J 31 -40.75 45.77 -1.42
CA ARG J 31 -41.38 46.99 -1.84
C ARG J 31 -40.92 48.22 -1.05
N SER J 32 -40.33 48.01 0.13
CA SER J 32 -39.81 49.09 0.99
C SER J 32 -39.05 50.11 0.15
N ALA J 33 -38.90 51.34 0.61
CA ALA J 33 -38.16 52.29 -0.21
C ALA J 33 -36.69 52.17 0.10
N GLU J 34 -36.35 51.95 1.36
CA GLU J 34 -34.96 51.81 1.71
C GLU J 34 -34.42 50.68 0.81
N PHE J 35 -35.28 49.71 0.47
CA PHE J 35 -34.91 48.55 -0.38
C PHE J 35 -34.58 48.90 -1.82
N ALA J 36 -35.52 49.52 -2.52
CA ALA J 36 -35.30 49.93 -3.90
C ALA J 36 -34.12 50.87 -3.92
N ALA J 37 -33.83 51.40 -2.76
CA ALA J 37 -32.71 52.32 -2.61
C ALA J 37 -31.41 51.58 -2.92
N ASN J 38 -31.13 50.56 -2.12
CA ASN J 38 -29.93 49.78 -2.30
C ASN J 38 -29.94 49.13 -3.68
N ALA J 39 -31.02 48.40 -3.98
CA ALA J 39 -31.16 47.71 -5.28
C ALA J 39 -30.87 48.66 -6.42
N ALA J 40 -31.18 49.93 -6.25
CA ALA J 40 -30.92 50.93 -7.28
C ALA J 40 -29.42 51.03 -7.55
N THR J 41 -28.69 51.55 -6.56
CA THR J 41 -27.25 51.73 -6.65
C THR J 41 -26.50 50.43 -6.90
N MET J 42 -27.13 49.30 -6.57
CA MET J 42 -26.53 47.99 -6.80
C MET J 42 -26.56 47.67 -8.29
N LEU J 43 -27.76 47.73 -8.86
CA LEU J 43 -28.01 47.47 -10.28
C LEU J 43 -27.28 48.49 -11.17
N GLU J 44 -26.92 49.61 -10.58
CA GLU J 44 -26.22 50.64 -11.31
C GLU J 44 -24.79 50.17 -11.52
N GLN J 45 -24.28 49.49 -10.51
CA GLN J 45 -22.93 48.94 -10.52
C GLN J 45 -22.80 47.76 -11.45
N VAL J 46 -23.81 46.91 -11.44
CA VAL J 46 -23.84 45.75 -12.30
C VAL J 46 -23.93 46.20 -13.77
N ASN J 47 -24.74 47.21 -14.07
CA ASN J 47 -24.82 47.68 -15.44
C ASN J 47 -23.52 48.39 -15.82
N ALA J 48 -22.78 48.83 -14.80
CA ALA J 48 -21.50 49.48 -15.05
C ALA J 48 -20.53 48.40 -15.52
N LEU J 49 -20.60 47.24 -14.87
CA LEU J 49 -19.74 46.11 -15.21
C LEU J 49 -20.20 45.55 -16.54
N ARG J 50 -21.50 45.41 -16.67
CA ARG J 50 -22.08 44.88 -17.88
C ARG J 50 -21.52 45.60 -19.09
N THR J 51 -21.62 46.92 -19.11
CA THR J 51 -21.16 47.63 -20.29
C THR J 51 -19.64 47.68 -20.42
N LEU J 52 -18.91 47.46 -19.34
CA LEU J 52 -17.46 47.42 -19.45
C LEU J 52 -17.09 46.12 -20.17
N LEU J 53 -17.77 45.04 -19.77
CA LEU J 53 -17.56 43.73 -20.35
C LEU J 53 -17.79 43.76 -21.84
N GLY J 54 -18.81 44.48 -22.28
CA GLY J 54 -19.08 44.55 -23.69
C GLY J 54 -17.91 45.22 -24.38
N ARG J 55 -17.34 46.22 -23.74
CA ARG J 55 -16.22 46.91 -24.31
C ARG J 55 -15.08 45.90 -24.56
N ILE J 56 -14.82 45.07 -23.55
CA ILE J 56 -13.74 44.11 -23.64
C ILE J 56 -13.96 42.97 -24.63
N HIS J 57 -15.19 42.76 -25.05
CA HIS J 57 -15.51 41.71 -26.00
C HIS J 57 -15.17 42.23 -27.39
N GLU J 58 -14.66 43.45 -27.45
CA GLU J 58 -14.31 44.05 -28.73
C GLU J 58 -12.92 43.61 -29.18
N GLY J 59 -12.06 43.25 -28.20
CA GLY J 59 -10.72 42.79 -28.51
C GLY J 59 -9.80 43.93 -28.82
N GLY J 60 -9.02 43.80 -29.87
CA GLY J 60 -8.13 44.89 -30.24
C GLY J 60 -8.86 45.98 -31.02
N GLY J 61 -10.13 46.23 -30.71
CA GLY J 61 -10.87 47.28 -31.41
C GLY J 61 -11.27 46.98 -32.83
N SER J 62 -12.52 47.30 -33.18
CA SER J 62 -13.09 47.06 -34.52
C SER J 62 -12.01 47.11 -35.57
N ALA J 63 -11.06 48.01 -35.34
CA ALA J 63 -9.90 48.22 -36.18
C ALA J 63 -9.31 46.88 -36.61
N ALA J 64 -8.29 46.46 -35.87
CA ALA J 64 -7.61 45.20 -36.12
C ALA J 64 -8.61 44.03 -36.22
N GLN J 65 -9.52 43.94 -35.27
CA GLN J 65 -10.52 42.87 -35.23
C GLN J 65 -11.07 42.50 -36.59
N ALA J 66 -11.35 43.50 -37.39
CA ALA J 66 -11.88 43.24 -38.70
C ALA J 66 -10.77 42.80 -39.63
N ARG J 67 -9.61 43.41 -39.47
CA ARG J 67 -8.45 43.08 -40.28
C ARG J 67 -8.12 41.60 -40.05
N HIS J 68 -8.75 41.06 -39.02
CA HIS J 68 -8.59 39.67 -38.61
C HIS J 68 -9.47 38.83 -39.53
N SER J 69 -10.78 38.99 -39.39
CA SER J 69 -11.73 38.24 -40.22
C SER J 69 -11.34 38.36 -41.68
N ALA J 70 -10.57 39.38 -42.01
CA ALA J 70 -10.11 39.58 -43.36
C ALA J 70 -9.29 38.37 -43.78
N ARG J 71 -8.37 37.94 -42.90
CA ARG J 71 -7.49 36.78 -43.15
C ARG J 71 -8.27 35.45 -43.29
N GLY J 72 -9.59 35.54 -43.09
CA GLY J 72 -10.47 34.38 -43.18
C GLY J 72 -10.47 33.63 -41.86
N LYS J 73 -9.94 34.29 -40.83
CA LYS J 73 -9.82 33.75 -39.46
C LYS J 73 -11.03 34.05 -38.58
N LEU J 74 -11.61 33.01 -37.99
CA LEU J 74 -12.74 33.16 -37.09
C LEU J 74 -12.20 33.90 -35.87
N LEU J 75 -12.98 34.80 -35.28
CA LEU J 75 -12.48 35.54 -34.10
C LEU J 75 -12.50 34.64 -32.88
N VAL J 76 -11.66 34.96 -31.90
CA VAL J 76 -11.56 34.14 -30.70
C VAL J 76 -12.86 33.70 -30.06
N ARG J 77 -13.61 34.68 -29.57
CA ARG J 77 -14.84 34.40 -28.89
C ARG J 77 -15.79 33.68 -29.74
N GLU J 78 -15.53 33.62 -31.04
CA GLU J 78 -16.39 32.93 -32.00
C GLU J 78 -15.97 31.49 -32.05
N ARG J 79 -14.67 31.27 -32.19
CA ARG J 79 -14.17 29.92 -32.25
C ARG J 79 -14.74 29.18 -31.04
N ILE J 80 -14.68 29.81 -29.88
CA ILE J 80 -15.22 29.21 -28.67
C ILE J 80 -16.64 28.72 -28.78
N ASN J 81 -17.58 29.62 -29.06
CA ASN J 81 -19.01 29.33 -29.18
C ASN J 81 -19.30 28.30 -30.23
N ARG J 82 -18.42 28.24 -31.22
CA ARG J 82 -18.56 27.26 -32.28
C ARG J 82 -18.21 25.91 -31.68
N LEU J 83 -17.10 25.87 -30.92
CA LEU J 83 -16.59 24.64 -30.27
C LEU J 83 -17.50 24.00 -29.19
N LEU J 84 -18.15 24.84 -28.38
CA LEU J 84 -18.99 24.34 -27.30
C LEU J 84 -20.15 23.57 -27.83
N ASP J 85 -20.81 22.87 -26.93
CA ASP J 85 -21.95 22.10 -27.33
C ASP J 85 -23.12 23.03 -27.50
N PRO J 86 -23.98 22.73 -28.47
CA PRO J 86 -25.13 23.57 -28.72
C PRO J 86 -25.80 24.08 -27.45
N GLY J 87 -25.73 25.40 -27.28
CA GLY J 87 -26.35 26.08 -26.15
C GLY J 87 -25.75 25.88 -24.79
N SER J 88 -24.59 25.25 -24.71
CA SER J 88 -23.96 25.05 -23.42
C SER J 88 -23.66 26.37 -22.71
N PRO J 89 -23.46 26.32 -21.38
CA PRO J 89 -23.14 27.56 -20.68
C PRO J 89 -21.62 27.74 -20.82
N PHE J 90 -21.16 28.92 -20.43
CA PHE J 90 -19.75 29.19 -20.43
C PHE J 90 -19.38 30.19 -19.33
N LEU J 91 -18.49 29.74 -18.46
CA LEU J 91 -18.06 30.47 -17.30
C LEU J 91 -16.76 31.11 -17.64
N GLU J 92 -16.76 32.40 -17.94
CA GLU J 92 -15.49 33.05 -18.24
C GLU J 92 -14.63 33.34 -17.02
N LEU J 93 -13.34 33.40 -17.26
CA LEU J 93 -12.45 33.68 -16.19
C LEU J 93 -11.83 35.02 -16.43
N SER J 94 -11.66 35.78 -15.36
CA SER J 94 -11.04 37.08 -15.43
C SER J 94 -11.14 37.76 -16.78
N ALA J 95 -12.28 38.39 -17.04
CA ALA J 95 -12.53 39.13 -18.28
C ALA J 95 -11.85 40.51 -18.16
N LEU J 96 -12.03 41.11 -16.99
CA LEU J 96 -11.45 42.41 -16.68
C LEU J 96 -9.93 42.25 -16.55
N ALA J 97 -9.41 41.17 -17.10
CA ALA J 97 -8.00 40.89 -17.04
C ALA J 97 -7.14 42.06 -17.59
N ALA J 98 -6.21 42.57 -16.77
CA ALA J 98 -5.31 43.64 -17.18
C ALA J 98 -6.02 44.91 -17.59
N HIS J 99 -7.07 45.23 -16.84
CA HIS J 99 -7.85 46.42 -17.10
C HIS J 99 -7.13 47.65 -16.60
N GLU J 100 -6.84 48.59 -17.49
CA GLU J 100 -6.17 49.81 -17.07
C GLU J 100 -4.93 49.43 -16.30
N VAL J 101 -4.23 48.42 -16.78
CA VAL J 101 -3.02 47.99 -16.10
C VAL J 101 -1.82 48.37 -16.95
N TYR J 102 -1.80 47.95 -18.20
CA TYR J 102 -0.68 48.27 -19.08
C TYR J 102 -0.93 49.65 -19.67
N GLY J 103 0.12 50.28 -20.19
CA GLY J 103 -0.07 51.59 -20.76
C GLY J 103 -1.28 51.59 -21.67
N GLU J 104 -1.19 50.85 -22.77
CA GLU J 104 -2.29 50.77 -23.71
C GLU J 104 -3.40 49.84 -23.24
N GLU J 105 -4.28 49.48 -24.17
CA GLU J 105 -5.41 48.59 -23.90
C GLU J 105 -5.04 47.18 -24.32
N VAL J 106 -5.38 46.23 -23.47
CA VAL J 106 -5.09 44.84 -23.75
C VAL J 106 -6.27 44.03 -23.27
N ALA J 107 -7.36 44.12 -24.03
CA ALA J 107 -8.60 43.45 -23.69
C ALA J 107 -8.43 42.03 -23.17
N ALA J 108 -9.06 41.75 -22.02
CA ALA J 108 -9.01 40.43 -21.36
C ALA J 108 -7.60 39.83 -21.40
N ALA J 109 -6.63 40.73 -21.38
CA ALA J 109 -5.24 40.36 -21.42
C ALA J 109 -4.89 39.45 -22.57
N GLY J 110 -5.45 39.75 -23.74
CA GLY J 110 -5.15 38.97 -24.94
C GLY J 110 -5.38 37.47 -24.95
N ILE J 111 -6.23 36.99 -24.05
CA ILE J 111 -6.54 35.58 -24.00
C ILE J 111 -7.85 35.43 -23.25
N VAL J 112 -8.77 34.66 -23.82
CA VAL J 112 -10.07 34.39 -23.20
C VAL J 112 -10.00 32.97 -22.68
N ALA J 113 -10.56 32.73 -21.50
CA ALA J 113 -10.50 31.39 -20.95
C ALA J 113 -11.70 31.16 -20.11
N GLY J 114 -12.16 29.91 -20.08
CA GLY J 114 -13.33 29.58 -19.30
C GLY J 114 -13.69 28.12 -19.42
N ILE J 115 -14.76 27.71 -18.72
CA ILE J 115 -15.22 26.32 -18.71
C ILE J 115 -16.52 26.09 -19.46
N GLY J 116 -16.55 25.12 -20.36
CA GLY J 116 -17.78 24.87 -21.08
C GLY J 116 -17.86 23.44 -21.55
N ARG J 117 -19.08 22.92 -21.71
CA ARG J 117 -19.29 21.55 -22.15
C ARG J 117 -18.81 21.32 -23.59
N VAL J 118 -17.96 20.30 -23.81
CA VAL J 118 -17.53 19.94 -25.15
C VAL J 118 -17.74 18.45 -25.14
N GLU J 119 -18.59 17.96 -26.03
CA GLU J 119 -18.89 16.55 -26.10
C GLU J 119 -19.28 15.90 -24.78
N GLY J 120 -20.03 16.65 -23.99
CA GLY J 120 -20.50 16.12 -22.73
C GLY J 120 -19.48 16.08 -21.63
N VAL J 121 -18.39 16.83 -21.77
CA VAL J 121 -17.34 16.90 -20.74
C VAL J 121 -17.12 18.37 -20.33
N GLU J 122 -17.04 18.65 -19.03
CA GLU J 122 -16.82 20.03 -18.62
C GLU J 122 -15.35 20.32 -18.97
N CYS J 123 -15.08 21.19 -19.94
CA CYS J 123 -13.70 21.44 -20.32
C CYS J 123 -13.20 22.85 -20.11
N MET J 124 -11.89 22.93 -19.88
CA MET J 124 -11.18 24.19 -19.70
C MET J 124 -10.68 24.54 -21.11
N ILE J 125 -10.97 25.76 -21.55
CA ILE J 125 -10.64 26.23 -22.88
C ILE J 125 -9.89 27.57 -22.78
N VAL J 126 -8.86 27.74 -23.60
CA VAL J 126 -8.12 28.98 -23.65
C VAL J 126 -7.65 29.20 -25.09
N GLY J 127 -7.89 30.42 -25.60
CA GLY J 127 -7.49 30.80 -26.94
C GLY J 127 -7.08 32.25 -26.86
N ASN J 128 -6.06 32.65 -27.61
CA ASN J 128 -5.66 34.04 -27.52
C ASN J 128 -6.33 34.86 -28.58
N ASP J 129 -6.38 36.17 -28.37
CA ASP J 129 -7.01 37.10 -29.30
C ASP J 129 -5.96 37.68 -30.21
N ALA J 130 -5.68 37.05 -31.35
CA ALA J 130 -4.63 37.59 -32.21
C ALA J 130 -4.78 39.12 -32.40
N THR J 131 -6.00 39.64 -32.25
CA THR J 131 -6.26 41.08 -32.44
C THR J 131 -5.63 41.97 -31.37
N VAL J 132 -5.59 41.46 -30.15
CA VAL J 132 -5.00 42.18 -29.05
C VAL J 132 -3.50 42.19 -29.20
N LYS J 133 -2.91 43.37 -29.38
CA LYS J 133 -1.45 43.48 -29.52
C LYS J 133 -0.79 42.25 -30.12
N GLY J 134 -1.30 41.83 -31.28
CA GLY J 134 -0.72 40.68 -31.97
C GLY J 134 -0.75 39.38 -31.22
N GLY J 135 -1.63 39.30 -30.26
CA GLY J 135 -1.74 38.10 -29.47
C GLY J 135 -0.58 37.85 -28.52
N THR J 136 0.49 38.63 -28.63
CA THR J 136 1.65 38.43 -27.76
C THR J 136 1.29 38.35 -26.28
N TYR J 137 2.14 37.67 -25.52
CA TYR J 137 1.94 37.48 -24.08
C TYR J 137 2.48 38.57 -23.18
N TYR J 138 1.58 39.45 -22.73
CA TYR J 138 1.93 40.51 -21.79
C TYR J 138 2.01 39.75 -20.45
N PRO J 139 2.73 40.27 -19.43
CA PRO J 139 2.84 39.56 -18.14
C PRO J 139 1.53 38.95 -17.61
N LEU J 140 0.46 39.71 -17.61
CA LEU J 140 -0.77 39.17 -17.12
C LEU J 140 -1.35 38.13 -18.05
N THR J 141 -1.04 38.17 -19.34
CA THR J 141 -1.59 37.15 -20.21
C THR J 141 -1.09 35.79 -19.70
N VAL J 142 0.16 35.77 -19.24
CA VAL J 142 0.81 34.57 -18.69
C VAL J 142 0.16 34.16 -17.37
N LYS J 143 -0.02 35.11 -16.47
CA LYS J 143 -0.66 34.80 -15.22
C LYS J 143 -2.03 34.18 -15.47
N LYS J 144 -2.70 34.61 -16.53
CA LYS J 144 -4.05 34.12 -16.86
C LYS J 144 -3.98 32.71 -17.38
N HIS J 145 -3.19 32.52 -18.42
CA HIS J 145 -3.06 31.21 -19.03
C HIS J 145 -2.80 30.24 -17.91
N LEU J 146 -1.86 30.61 -17.03
CA LEU J 146 -1.49 29.75 -15.92
C LEU J 146 -2.62 29.53 -14.94
N ARG J 147 -3.21 30.60 -14.43
CA ARG J 147 -4.33 30.43 -13.51
C ARG J 147 -5.40 29.49 -14.11
N ALA J 148 -5.44 29.39 -15.44
CA ALA J 148 -6.44 28.55 -16.10
C ALA J 148 -6.10 27.08 -15.92
N GLN J 149 -4.82 26.76 -16.04
CA GLN J 149 -4.39 25.39 -15.92
C GLN J 149 -4.42 24.92 -14.48
N ALA J 150 -4.54 25.85 -13.54
CA ALA J 150 -4.62 25.52 -12.12
C ALA J 150 -6.04 25.03 -11.97
N ILE J 151 -7.00 25.86 -12.37
CA ILE J 151 -8.38 25.47 -12.31
C ILE J 151 -8.53 24.12 -12.99
N ALA J 152 -7.75 23.87 -14.04
CA ALA J 152 -7.82 22.61 -14.78
C ALA J 152 -7.23 21.39 -14.05
N LEU J 153 -6.10 21.58 -13.38
CA LEU J 153 -5.41 20.54 -12.59
C LEU J 153 -6.20 20.16 -11.33
N GLU J 154 -6.57 21.21 -10.60
CA GLU J 154 -7.29 21.14 -9.34
C GLU J 154 -8.66 20.59 -9.49
N ASN J 155 -9.23 20.69 -10.68
CA ASN J 155 -10.58 20.23 -10.85
C ASN J 155 -10.69 19.17 -11.91
N ARG J 156 -9.54 18.68 -12.35
CA ARG J 156 -9.48 17.62 -13.35
C ARG J 156 -10.34 17.84 -14.59
N LEU J 157 -10.11 18.94 -15.31
CA LEU J 157 -10.87 19.23 -16.54
C LEU J 157 -9.91 19.09 -17.74
N PRO J 158 -10.27 18.27 -18.76
CA PRO J 158 -9.36 18.15 -19.91
C PRO J 158 -9.11 19.51 -20.53
N CYS J 159 -8.09 19.63 -21.36
CA CYS J 159 -7.78 20.94 -21.90
C CYS J 159 -7.82 21.12 -23.40
N ILE J 160 -8.36 22.26 -23.84
CA ILE J 160 -8.41 22.66 -25.24
C ILE J 160 -7.72 24.03 -25.35
N TYR J 161 -6.55 24.06 -25.99
CA TYR J 161 -5.78 25.28 -26.18
C TYR J 161 -6.00 25.76 -27.65
N LEU J 162 -6.74 26.85 -27.85
CA LEU J 162 -7.01 27.36 -29.20
C LEU J 162 -5.94 28.40 -29.53
N VAL J 163 -4.78 27.86 -29.92
CA VAL J 163 -3.56 28.61 -30.23
C VAL J 163 -3.54 29.55 -31.43
N ASP J 164 -3.26 30.82 -31.17
CA ASP J 164 -3.18 31.85 -32.22
C ASP J 164 -2.44 33.09 -31.67
N SER J 165 -1.17 32.93 -31.29
CA SER J 165 -0.44 34.08 -30.77
C SER J 165 0.88 34.42 -31.43
N GLY J 166 1.30 35.66 -31.20
CA GLY J 166 2.58 36.10 -31.70
C GLY J 166 3.59 35.36 -30.85
N GLY J 167 4.22 36.06 -29.92
CA GLY J 167 5.19 35.40 -29.07
C GLY J 167 4.97 35.97 -27.71
N ALA J 168 6.05 36.41 -27.08
CA ALA J 168 5.94 37.02 -25.76
C ALA J 168 6.21 38.50 -25.93
N ASN J 169 5.38 39.37 -25.34
CA ASN J 169 5.57 40.82 -25.45
C ASN J 169 7.03 41.19 -25.10
N LEU J 170 7.90 41.16 -26.12
CA LEU J 170 9.35 41.41 -25.99
C LEU J 170 9.83 42.59 -25.13
N PRO J 171 9.11 43.71 -25.15
CA PRO J 171 9.48 44.88 -24.37
C PRO J 171 9.42 44.64 -22.89
N ARG J 172 8.49 43.79 -22.49
CA ARG J 172 8.31 43.46 -21.08
C ARG J 172 8.74 42.01 -20.71
N GLN J 173 9.71 41.45 -21.42
CA GLN J 173 10.20 40.08 -21.18
C GLN J 173 10.60 39.73 -19.73
N ASP J 174 11.23 40.69 -19.06
CA ASP J 174 11.69 40.48 -17.69
C ASP J 174 10.62 40.00 -16.72
N GLU J 175 9.34 40.11 -17.10
CA GLU J 175 8.28 39.67 -16.22
C GLU J 175 7.41 38.72 -17.03
N VAL J 176 8.04 38.06 -18.00
CA VAL J 176 7.32 37.12 -18.83
C VAL J 176 8.15 35.86 -19.12
N PHE J 177 9.47 35.92 -19.00
CA PHE J 177 10.28 34.73 -19.32
C PHE J 177 10.88 33.86 -18.22
N PRO J 178 11.70 34.45 -17.34
CA PRO J 178 12.41 33.83 -16.22
C PRO J 178 11.67 33.03 -15.16
N ASP J 179 11.42 33.69 -14.03
CA ASP J 179 10.79 33.10 -12.85
C ASP J 179 9.89 31.88 -12.99
N ARG J 180 9.68 31.24 -11.84
CA ARG J 180 8.90 30.01 -11.74
C ARG J 180 7.55 30.06 -12.37
N GLU J 181 6.69 30.96 -11.96
CA GLU J 181 5.41 30.94 -12.60
C GLU J 181 5.29 31.97 -13.77
N HIS J 182 6.30 32.04 -14.61
CA HIS J 182 6.23 32.91 -15.80
C HIS J 182 5.90 31.94 -16.94
N PHE J 183 6.13 32.36 -18.16
CA PHE J 183 5.88 31.49 -19.31
C PHE J 183 6.74 30.26 -19.05
N GLY J 184 6.57 29.22 -19.86
CA GLY J 184 7.39 28.05 -19.64
C GLY J 184 6.85 27.24 -18.50
N ARG J 185 6.10 27.89 -17.61
CA ARG J 185 5.49 27.16 -16.51
C ARG J 185 4.27 26.54 -17.19
N ILE J 186 3.96 27.04 -18.39
CA ILE J 186 2.80 26.54 -19.16
C ILE J 186 3.12 25.15 -19.59
N PHE J 187 4.32 24.98 -20.12
CA PHE J 187 4.73 23.69 -20.59
C PHE J 187 4.86 22.79 -19.42
N PHE J 188 5.36 23.31 -18.31
CA PHE J 188 5.50 22.48 -17.13
C PHE J 188 4.11 21.90 -16.79
N ASN J 189 3.17 22.78 -16.46
CA ASN J 189 1.84 22.32 -16.12
C ASN J 189 1.29 21.30 -17.12
N GLN J 190 1.49 21.54 -18.40
CA GLN J 190 0.97 20.65 -19.42
C GLN J 190 1.43 19.24 -19.32
N ALA J 191 2.75 19.06 -19.34
CA ALA J 191 3.34 17.71 -19.31
C ALA J 191 2.95 17.00 -18.04
N ASN J 192 2.75 17.77 -16.99
CA ASN J 192 2.33 17.14 -15.78
C ASN J 192 0.89 16.71 -15.92
N MET J 193 0.01 17.61 -16.28
CA MET J 193 -1.37 17.23 -16.43
C MET J 193 -1.46 16.06 -17.40
N SER J 194 -0.63 16.05 -18.44
CA SER J 194 -0.67 14.96 -19.39
C SER J 194 -0.31 13.67 -18.70
N ALA J 195 0.51 13.76 -17.67
CA ALA J 195 0.93 12.56 -16.95
C ALA J 195 -0.10 12.12 -15.91
N ARG J 196 -0.85 13.06 -15.38
CA ARG J 196 -1.86 12.71 -14.40
C ARG J 196 -3.13 12.31 -15.13
N GLY J 197 -3.00 12.05 -16.43
CA GLY J 197 -4.13 11.67 -17.25
C GLY J 197 -5.22 12.69 -17.55
N ILE J 198 -4.88 13.97 -17.70
CA ILE J 198 -5.84 15.06 -18.02
C ILE J 198 -5.57 15.50 -19.45
N PRO J 199 -6.18 14.86 -20.45
CA PRO J 199 -5.95 15.22 -21.86
C PRO J 199 -5.55 16.65 -22.14
N GLN J 200 -4.58 16.84 -23.01
CA GLN J 200 -4.13 18.16 -23.38
C GLN J 200 -4.27 18.34 -24.89
N ILE J 201 -5.30 19.07 -25.35
CA ILE J 201 -5.46 19.23 -26.80
C ILE J 201 -5.07 20.57 -27.36
N ALA J 202 -4.67 20.60 -28.61
CA ALA J 202 -4.25 21.87 -29.15
C ALA J 202 -4.66 22.11 -30.60
N VAL J 203 -5.23 23.28 -30.84
CA VAL J 203 -5.66 23.65 -32.17
C VAL J 203 -5.04 24.97 -32.53
N VAL J 204 -4.08 24.89 -33.42
CA VAL J 204 -3.38 26.06 -33.86
C VAL J 204 -4.08 26.67 -35.01
N MET J 205 -4.53 27.89 -34.80
CA MET J 205 -5.28 28.63 -35.80
C MET J 205 -4.59 29.92 -36.23
N GLY J 206 -3.27 29.96 -36.18
CA GLY J 206 -2.56 31.16 -36.59
C GLY J 206 -1.05 31.05 -36.51
N SER J 207 -0.40 32.14 -36.11
CA SER J 207 1.05 32.17 -35.96
C SER J 207 1.30 31.54 -34.61
N CYS J 208 2.47 30.95 -34.47
CA CYS J 208 2.78 30.28 -33.24
C CYS J 208 4.28 30.18 -33.22
N THR J 209 4.92 31.33 -33.04
CA THR J 209 6.37 31.35 -33.05
C THR J 209 7.00 31.32 -31.67
N ALA J 210 8.18 30.71 -31.67
CA ALA J 210 9.01 30.56 -30.50
C ALA J 210 8.36 29.90 -29.31
N GLY J 211 8.00 30.74 -28.35
CA GLY J 211 7.40 30.26 -27.12
C GLY J 211 6.20 29.33 -27.22
N GLY J 212 5.10 29.88 -27.72
CA GLY J 212 3.88 29.11 -27.89
C GLY J 212 4.07 27.95 -28.84
N ALA J 213 5.30 27.79 -29.35
CA ALA J 213 5.64 26.70 -30.28
C ALA J 213 5.57 25.37 -29.56
N TYR J 214 5.63 25.44 -28.24
CA TYR J 214 5.56 24.23 -27.46
C TYR J 214 4.15 23.86 -27.13
N VAL J 215 3.29 24.84 -26.92
CA VAL J 215 1.93 24.56 -26.60
C VAL J 215 1.38 23.50 -27.54
N PRO J 216 1.65 23.59 -28.83
CA PRO J 216 1.08 22.49 -29.58
C PRO J 216 2.05 21.29 -29.62
N ALA J 217 3.33 21.57 -29.59
CA ALA J 217 4.35 20.51 -29.63
C ALA J 217 4.20 19.57 -28.44
N MET J 218 3.76 20.13 -27.33
CA MET J 218 3.59 19.35 -26.12
C MET J 218 2.16 19.18 -25.72
N SER J 219 1.43 18.41 -26.51
CA SER J 219 0.05 18.16 -26.21
C SER J 219 -0.36 16.86 -26.85
N ASP J 220 -1.05 16.02 -26.07
CA ASP J 220 -1.52 14.70 -26.53
C ASP J 220 -1.97 14.63 -28.01
N GLU J 221 -2.91 15.50 -28.41
CA GLU J 221 -3.39 15.58 -29.80
C GLU J 221 -3.29 17.03 -30.30
N THR J 222 -2.93 17.20 -31.56
CA THR J 222 -2.75 18.53 -32.13
C THR J 222 -3.33 18.72 -33.52
N VAL J 223 -4.00 19.87 -33.70
CA VAL J 223 -4.64 20.23 -34.97
C VAL J 223 -4.21 21.59 -35.58
N MET J 224 -3.99 21.60 -36.89
CA MET J 224 -3.60 22.82 -37.54
C MET J 224 -4.48 23.17 -38.73
N VAL J 225 -4.58 24.46 -38.97
CA VAL J 225 -5.36 24.96 -40.08
C VAL J 225 -4.38 25.15 -41.23
N ARG J 226 -4.68 24.59 -42.39
CA ARG J 226 -3.79 24.72 -43.55
C ARG J 226 -3.71 26.16 -44.04
N GLU J 227 -2.53 26.58 -44.54
CA GLU J 227 -2.32 27.94 -45.07
C GLU J 227 -2.78 28.97 -44.06
N GLN J 228 -2.48 28.70 -42.80
CA GLN J 228 -2.89 29.60 -41.73
C GLN J 228 -2.11 29.29 -40.44
N ALA J 229 -1.99 28.02 -40.09
CA ALA J 229 -1.27 27.70 -38.88
C ALA J 229 0.20 27.58 -39.20
N THR J 230 1.01 27.97 -38.23
CA THR J 230 2.45 27.88 -38.41
C THR J 230 3.14 27.72 -37.07
N ILE J 231 3.80 26.57 -36.91
CA ILE J 231 4.54 26.27 -35.71
C ILE J 231 6.02 26.17 -36.04
N PHE J 232 6.80 27.15 -35.65
CA PHE J 232 8.25 27.09 -35.87
C PHE J 232 8.92 27.75 -34.67
N LEU J 233 10.10 27.26 -34.32
CA LEU J 233 10.83 27.79 -33.18
C LEU J 233 11.32 29.20 -33.46
N ALA J 234 11.67 29.45 -34.72
CA ALA J 234 12.11 30.77 -35.11
C ALA J 234 11.39 31.15 -36.39
N GLY J 235 10.49 32.13 -36.32
CA GLY J 235 9.79 32.55 -37.50
C GLY J 235 10.81 33.13 -38.47
N PRO J 236 10.42 33.52 -39.69
CA PRO J 236 11.46 34.08 -40.57
C PRO J 236 12.15 35.39 -40.12
N PRO J 237 11.50 36.22 -39.26
CA PRO J 237 12.23 37.43 -38.87
C PRO J 237 13.51 36.92 -38.20
N LEU J 238 13.31 36.09 -37.17
CA LEU J 238 14.37 35.45 -36.40
C LEU J 238 15.31 34.60 -37.28
N VAL J 239 14.75 33.75 -38.16
CA VAL J 239 15.57 32.88 -39.02
C VAL J 239 16.44 33.57 -40.07
N LYS J 240 16.08 34.78 -40.48
CA LYS J 240 16.92 35.54 -41.44
C LYS J 240 18.08 36.15 -40.65
N ALA J 241 17.78 36.61 -39.43
CA ALA J 241 18.79 37.20 -38.55
C ALA J 241 19.71 36.09 -38.02
N ALA J 242 19.42 34.85 -38.40
CA ALA J 242 20.23 33.70 -38.01
C ALA J 242 21.21 33.65 -39.16
N THR J 243 21.72 32.48 -39.51
CA THR J 243 22.66 32.44 -40.62
C THR J 243 21.90 32.75 -41.94
N GLY J 244 21.71 34.05 -42.17
CA GLY J 244 21.04 34.55 -43.38
C GLY J 244 19.77 33.84 -43.75
N GLU J 245 19.74 33.31 -44.98
CA GLU J 245 18.60 32.59 -45.50
C GLU J 245 17.26 33.35 -45.33
N VAL J 246 16.44 33.34 -46.37
CA VAL J 246 15.13 33.99 -46.34
C VAL J 246 14.10 33.00 -46.88
N VAL J 247 13.16 32.63 -46.02
CA VAL J 247 12.11 31.68 -46.36
C VAL J 247 10.76 32.21 -45.89
N SER J 248 9.69 31.67 -46.47
CA SER J 248 8.31 32.06 -46.15
C SER J 248 7.85 31.41 -44.87
N ALA J 249 6.76 31.91 -44.34
CA ALA J 249 6.23 31.33 -43.13
C ALA J 249 5.74 29.92 -43.36
N GLU J 250 4.88 29.72 -44.35
CA GLU J 250 4.33 28.38 -44.61
C GLU J 250 5.36 27.36 -45.09
N GLU J 251 6.50 27.78 -45.59
CA GLU J 251 7.48 26.81 -46.04
C GLU J 251 8.30 26.35 -44.83
N LEU J 252 8.61 27.30 -43.93
CA LEU J 252 9.38 27.07 -42.69
C LEU J 252 8.70 26.10 -41.71
N GLY J 253 7.46 26.40 -41.32
CA GLY J 253 6.71 25.55 -40.41
C GLY J 253 5.19 25.67 -40.60
N GLY J 254 4.77 25.50 -41.85
CA GLY J 254 3.36 25.63 -42.15
C GLY J 254 2.54 24.49 -41.67
N ALA J 255 1.31 24.46 -42.16
CA ALA J 255 0.37 23.44 -41.80
C ALA J 255 0.70 22.11 -42.48
N ASP J 256 1.26 22.18 -43.67
CA ASP J 256 1.57 20.96 -44.36
C ASP J 256 2.95 20.39 -44.05
N VAL J 257 3.81 21.22 -43.48
CA VAL J 257 5.14 20.77 -43.10
C VAL J 257 4.99 19.83 -41.90
N HIS J 258 4.25 20.29 -40.89
CA HIS J 258 4.08 19.54 -39.68
C HIS J 258 2.99 18.52 -39.71
N CYS J 259 2.39 18.23 -40.85
CA CYS J 259 1.31 17.22 -40.88
C CYS J 259 1.61 16.04 -41.79
N LYS J 260 2.54 16.27 -42.71
CA LYS J 260 2.95 15.26 -43.69
C LYS J 260 4.42 14.89 -43.50
N VAL J 261 5.22 15.86 -43.07
CA VAL J 261 6.67 15.66 -42.87
C VAL J 261 7.14 15.44 -41.41
N SER J 262 7.15 16.49 -40.58
CA SER J 262 7.64 16.35 -39.19
C SER J 262 6.82 15.47 -38.24
N GLY J 263 5.60 15.86 -37.96
CA GLY J 263 4.80 15.05 -37.05
C GLY J 263 4.51 15.86 -35.81
N VAL J 264 4.74 17.18 -35.86
CA VAL J 264 4.48 18.03 -34.72
C VAL J 264 3.01 18.24 -34.50
N ALA J 265 2.19 17.86 -35.48
CA ALA J 265 0.72 17.99 -35.41
C ALA J 265 0.09 16.63 -35.71
N ASP J 266 -1.23 16.50 -35.58
CA ASP J 266 -1.85 15.22 -35.84
C ASP J 266 -3.06 15.26 -36.73
N HIS J 267 -3.70 16.41 -36.80
CA HIS J 267 -4.85 16.53 -37.67
C HIS J 267 -4.76 17.72 -38.62
N TYR J 268 -4.97 17.42 -39.90
CA TYR J 268 -4.90 18.41 -40.98
C TYR J 268 -6.27 19.07 -41.20
N ALA J 269 -6.49 20.24 -40.60
CA ALA J 269 -7.77 20.92 -40.73
C ALA J 269 -7.82 21.87 -41.92
N GLU J 270 -8.99 21.95 -42.56
CA GLU J 270 -9.19 22.82 -43.73
C GLU J 270 -9.25 24.30 -43.38
N ASP J 271 -9.77 24.61 -42.20
CA ASP J 271 -9.85 25.97 -41.68
C ASP J 271 -10.52 26.01 -40.30
N ASP J 272 -10.68 27.21 -39.77
CA ASP J 272 -11.23 27.39 -38.42
C ASP J 272 -12.45 26.57 -38.04
N ASP J 273 -13.50 26.61 -38.83
CA ASP J 273 -14.68 25.82 -38.54
C ASP J 273 -14.28 24.34 -38.47
N HIS J 274 -13.57 23.87 -39.49
CA HIS J 274 -13.16 22.47 -39.52
C HIS J 274 -12.33 22.14 -38.28
N ALA J 275 -11.31 22.95 -38.07
CA ALA J 275 -10.38 22.79 -36.96
C ALA J 275 -11.08 22.52 -35.63
N LEU J 276 -12.13 23.26 -35.36
CA LEU J 276 -12.82 23.09 -34.10
C LEU J 276 -13.66 21.86 -34.09
N ALA J 277 -14.06 21.40 -35.27
CA ALA J 277 -14.89 20.19 -35.36
C ALA J 277 -14.05 18.95 -35.17
N ILE J 278 -12.82 19.04 -35.66
CA ILE J 278 -11.82 17.99 -35.53
C ILE J 278 -11.63 17.87 -34.04
N ALA J 279 -11.44 19.03 -33.40
CA ALA J 279 -11.26 19.15 -31.96
C ALA J 279 -12.40 18.49 -31.18
N ARG J 280 -13.63 18.84 -31.51
CA ARG J 280 -14.73 18.23 -30.81
C ARG J 280 -14.52 16.72 -30.76
N ARG J 281 -14.24 16.13 -31.93
CA ARG J 281 -14.06 14.67 -32.02
C ARG J 281 -13.01 14.05 -31.08
N CYS J 282 -11.94 14.77 -30.75
CA CYS J 282 -10.93 14.22 -29.86
C CYS J 282 -11.54 14.02 -28.50
N VAL J 283 -12.21 15.06 -28.01
CA VAL J 283 -12.85 15.02 -26.68
C VAL J 283 -13.93 13.97 -26.69
N ALA J 284 -14.21 13.47 -27.89
CA ALA J 284 -15.23 12.47 -28.12
C ALA J 284 -14.79 11.11 -27.68
N ASN J 285 -13.55 10.77 -27.98
CA ASN J 285 -13.08 9.46 -27.59
C ASN J 285 -12.13 9.58 -26.41
N LEU J 286 -12.52 10.28 -25.36
CA LEU J 286 -11.65 10.41 -24.21
C LEU J 286 -11.93 9.38 -23.14
N ASN J 287 -12.95 8.56 -23.37
CA ASN J 287 -13.36 7.51 -22.42
C ASN J 287 -13.46 8.15 -21.05
N TRP J 288 -13.83 9.42 -21.02
CA TRP J 288 -13.88 10.21 -19.80
C TRP J 288 -14.98 9.94 -18.79
N ARG J 289 -14.62 9.87 -17.50
CA ARG J 289 -15.57 9.63 -16.41
C ARG J 289 -15.29 10.54 -15.22
N LYS J 290 -16.33 11.14 -14.66
CA LYS J 290 -16.15 12.03 -13.52
C LYS J 290 -15.70 11.27 -12.28
N GLN J 291 -14.86 11.91 -11.47
CA GLN J 291 -14.28 11.31 -10.27
C GLN J 291 -14.81 11.73 -8.89
N GLY J 292 -15.38 12.92 -8.83
CA GLY J 292 -15.91 13.39 -7.56
C GLY J 292 -17.07 12.48 -7.21
N GLN J 293 -17.78 12.79 -6.15
CA GLN J 293 -18.93 11.98 -5.75
C GLN J 293 -19.47 12.49 -4.41
N LEU J 294 -20.65 13.06 -4.47
CA LEU J 294 -21.33 13.59 -3.31
C LEU J 294 -22.66 12.91 -3.37
N GLN J 295 -23.45 13.09 -2.31
CA GLN J 295 -24.79 12.54 -2.28
C GLN J 295 -25.67 13.75 -2.58
N CYS J 296 -25.74 14.15 -3.84
CA CYS J 296 -26.59 15.27 -4.18
C CYS J 296 -28.02 14.76 -4.30
N ARG J 297 -28.98 15.63 -4.09
CA ARG J 297 -30.38 15.23 -4.18
C ARG J 297 -31.06 15.99 -5.33
N ALA J 298 -32.38 15.85 -5.46
CA ALA J 298 -33.08 16.53 -6.52
C ALA J 298 -32.91 18.00 -6.28
N PRO J 299 -32.63 18.77 -7.33
CA PRO J 299 -32.42 20.21 -7.24
C PRO J 299 -33.71 20.99 -7.16
N ARG J 300 -33.88 21.76 -6.08
CA ARG J 300 -35.08 22.59 -5.87
C ARG J 300 -34.65 24.03 -5.77
N ALA J 301 -35.36 24.91 -6.44
CA ALA J 301 -35.02 26.32 -6.44
C ALA J 301 -35.16 27.04 -5.08
N PRO J 302 -34.59 28.27 -4.96
CA PRO J 302 -34.67 29.02 -3.71
C PRO J 302 -36.11 29.29 -3.38
N LEU J 303 -36.35 30.17 -2.42
CA LEU J 303 -37.69 30.51 -2.00
C LEU J 303 -38.00 31.97 -2.27
N TYR J 304 -36.99 32.71 -2.67
CA TYR J 304 -37.16 34.12 -2.97
C TYR J 304 -36.30 34.44 -4.17
N PRO J 305 -36.89 35.15 -5.14
CA PRO J 305 -36.20 35.54 -6.37
C PRO J 305 -34.74 35.93 -6.09
N ALA J 306 -33.84 35.34 -6.85
CA ALA J 306 -32.44 35.64 -6.63
C ALA J 306 -32.10 37.11 -6.89
N GLU J 307 -32.89 37.81 -7.71
CA GLU J 307 -32.62 39.21 -8.01
C GLU J 307 -32.87 40.13 -6.85
N GLU J 308 -33.62 39.63 -5.86
CA GLU J 308 -33.96 40.38 -4.64
C GLU J 308 -32.70 40.73 -3.84
N LEU J 309 -31.59 40.07 -4.17
CA LEU J 309 -30.32 40.33 -3.49
C LEU J 309 -29.96 41.82 -3.68
N TYR J 310 -30.04 42.32 -4.92
CA TYR J 310 -29.73 43.71 -5.17
C TYR J 310 -30.13 44.62 -4.02
N GLY J 311 -31.34 44.42 -3.52
CA GLY J 311 -31.82 45.26 -2.43
C GLY J 311 -31.46 44.79 -1.04
N VAL J 312 -30.95 43.56 -0.91
CA VAL J 312 -30.53 42.98 0.38
C VAL J 312 -29.28 43.71 0.89
N ILE J 313 -28.32 43.91 -0.01
CA ILE J 313 -27.05 44.59 0.27
C ILE J 313 -27.28 46.08 0.48
N PRO J 314 -26.99 46.61 1.69
CA PRO J 314 -27.17 48.03 1.95
C PRO J 314 -26.26 48.77 1.00
N ALA J 315 -26.54 50.04 0.76
CA ALA J 315 -25.70 50.79 -0.16
C ALA J 315 -24.54 51.41 0.62
N ASP J 316 -24.78 51.68 1.91
CA ASP J 316 -23.73 52.26 2.70
C ASP J 316 -22.76 51.18 3.12
N SER J 317 -21.65 51.10 2.41
CA SER J 317 -20.65 50.11 2.71
C SER J 317 -20.52 49.75 4.19
N LYS J 318 -20.43 50.72 5.11
CA LYS J 318 -20.29 50.44 6.56
C LYS J 318 -21.63 50.19 7.32
N GLN J 319 -22.64 49.72 6.60
CA GLN J 319 -23.99 49.49 7.14
C GLN J 319 -24.31 48.02 7.43
N PRO J 320 -24.46 47.67 8.71
CA PRO J 320 -24.76 46.30 9.18
C PRO J 320 -26.05 45.68 8.63
N TYR J 321 -26.00 44.43 8.14
CA TYR J 321 -27.17 43.70 7.63
C TYR J 321 -27.03 42.22 7.90
N ASP J 322 -28.12 41.47 7.83
CA ASP J 322 -28.08 40.02 8.10
C ASP J 322 -27.75 39.18 6.87
N VAL J 323 -26.62 38.49 6.92
CA VAL J 323 -26.19 37.67 5.80
C VAL J 323 -27.12 36.49 5.49
N ARG J 324 -27.84 35.95 6.48
CA ARG J 324 -28.76 34.82 6.21
C ARG J 324 -29.68 35.13 5.06
N GLU J 325 -29.92 36.43 4.85
CA GLU J 325 -30.81 36.90 3.80
C GLU J 325 -30.23 36.65 2.44
N VAL J 326 -28.91 36.56 2.37
CA VAL J 326 -28.29 36.29 1.09
C VAL J 326 -28.21 34.76 0.97
N ILE J 327 -28.10 34.09 2.12
CA ILE J 327 -28.02 32.65 2.13
C ILE J 327 -29.36 32.11 1.67
N ALA J 328 -30.42 32.70 2.22
CA ALA J 328 -31.76 32.30 1.87
C ALA J 328 -32.01 32.34 0.36
N ARG J 329 -31.33 33.23 -0.36
CA ARG J 329 -31.55 33.35 -1.80
C ARG J 329 -30.64 32.52 -2.71
N LEU J 330 -29.78 31.68 -2.13
CA LEU J 330 -28.85 30.85 -2.92
C LEU J 330 -29.02 29.34 -2.80
N VAL J 331 -29.32 28.90 -1.58
CA VAL J 331 -29.54 27.49 -1.24
C VAL J 331 -30.85 26.98 -1.83
N ASP J 332 -31.04 25.67 -1.78
CA ASP J 332 -32.27 25.10 -2.32
C ASP J 332 -33.40 25.16 -1.29
N GLY J 333 -34.57 25.59 -1.76
CA GLY J 333 -35.73 25.72 -0.90
C GLY J 333 -35.47 26.61 0.30
N SER J 334 -34.42 27.42 0.21
CA SER J 334 -34.01 28.32 1.27
C SER J 334 -34.07 27.63 2.62
N GLU J 335 -33.56 26.39 2.63
CA GLU J 335 -33.47 25.56 3.82
C GLU J 335 -31.98 25.65 4.20
N PHE J 336 -31.71 25.93 5.48
CA PHE J 336 -30.36 26.13 6.01
C PHE J 336 -30.33 25.64 7.45
N ASP J 337 -29.53 24.63 7.74
CA ASP J 337 -29.41 24.08 9.10
C ASP J 337 -28.24 24.72 9.88
N GLU J 338 -28.53 25.64 10.81
CA GLU J 338 -27.46 26.31 11.51
C GLU J 338 -26.76 25.70 12.72
N PHE J 339 -25.44 25.59 12.58
CA PHE J 339 -24.48 25.06 13.55
C PHE J 339 -24.09 26.19 14.53
N LYS J 340 -23.92 25.82 15.81
CA LYS J 340 -23.59 26.75 16.89
C LYS J 340 -24.33 28.01 16.60
N ALA J 341 -25.62 27.79 16.43
CA ALA J 341 -26.58 28.81 16.14
C ALA J 341 -26.26 30.18 16.79
N LEU J 342 -26.28 30.17 18.11
CA LEU J 342 -26.08 31.35 18.93
C LEU J 342 -24.77 31.38 19.68
N PHE J 343 -23.66 31.35 18.96
CA PHE J 343 -22.32 31.39 19.57
C PHE J 343 -21.40 32.07 18.56
N GLY J 344 -20.70 33.11 18.99
CA GLY J 344 -19.82 33.81 18.08
C GLY J 344 -20.66 34.04 16.86
N THR J 345 -21.79 34.68 17.09
CA THR J 345 -22.72 34.96 16.02
C THR J 345 -22.10 35.74 14.91
N THR J 346 -20.94 36.34 15.16
CA THR J 346 -20.23 37.12 14.14
C THR J 346 -19.95 36.30 12.89
N LEU J 347 -19.98 34.98 13.01
CA LEU J 347 -19.76 34.08 11.87
C LEU J 347 -20.88 33.10 11.84
N VAL J 348 -21.65 33.11 10.75
CA VAL J 348 -22.76 32.18 10.59
C VAL J 348 -22.29 30.91 9.85
N CYS J 349 -22.70 29.75 10.36
CA CYS J 349 -22.28 28.50 9.73
C CYS J 349 -23.41 27.56 9.62
N GLY J 350 -23.44 26.80 8.52
CA GLY J 350 -24.51 25.84 8.31
C GLY J 350 -24.44 24.95 7.10
N PHE J 351 -25.31 23.95 7.07
CA PHE J 351 -25.38 23.02 5.95
C PHE J 351 -26.62 23.35 5.14
N ALA J 352 -26.60 22.92 3.86
CA ALA J 352 -27.69 23.14 2.91
C ALA J 352 -27.28 22.50 1.62
N HIS J 353 -28.10 22.71 0.59
CA HIS J 353 -27.79 22.19 -0.74
C HIS J 353 -27.91 23.28 -1.78
N LEU J 354 -27.23 23.07 -2.89
CA LEU J 354 -27.21 24.09 -3.89
C LEU J 354 -27.25 23.42 -5.24
N HIS J 355 -28.46 23.36 -5.80
CA HIS J 355 -28.70 22.76 -7.11
C HIS J 355 -28.51 21.25 -7.02
N GLY J 356 -28.72 20.69 -5.84
CA GLY J 356 -28.53 19.28 -5.64
C GLY J 356 -27.38 19.08 -4.67
N TYR J 357 -26.19 19.44 -5.13
CA TYR J 357 -24.96 19.31 -4.34
C TYR J 357 -25.06 19.82 -2.90
N PRO J 358 -24.57 19.05 -1.90
CA PRO J 358 -24.60 19.48 -0.49
C PRO J 358 -23.39 20.38 -0.20
N ILE J 359 -23.60 21.49 0.51
CA ILE J 359 -22.52 22.47 0.80
C ILE J 359 -22.45 22.94 2.26
N ALA J 360 -21.27 23.23 2.77
CA ALA J 360 -21.20 23.71 4.14
C ALA J 360 -20.85 25.15 3.97
N ILE J 361 -21.63 26.03 4.60
CA ILE J 361 -21.44 27.46 4.46
C ILE J 361 -20.82 28.18 5.64
N LEU J 362 -20.10 29.25 5.29
CA LEU J 362 -19.45 30.11 6.25
C LEU J 362 -19.53 31.51 5.73
N ALA J 363 -20.44 32.29 6.27
CA ALA J 363 -20.60 33.68 5.88
C ALA J 363 -20.41 34.63 7.06
N ASN J 364 -19.65 35.67 6.80
CA ASN J 364 -19.36 36.63 7.82
C ASN J 364 -20.56 37.44 8.15
N ASN J 365 -20.63 37.82 9.41
CA ASN J 365 -21.67 38.68 9.90
C ASN J 365 -21.16 39.62 10.97
N GLY J 366 -20.26 40.50 10.53
CA GLY J 366 -19.70 41.50 11.41
C GLY J 366 -18.21 41.47 11.61
N ILE J 367 -17.85 41.46 12.89
CA ILE J 367 -16.48 41.44 13.40
C ILE J 367 -16.04 39.99 13.36
N LEU J 368 -15.33 39.55 14.38
CA LEU J 368 -14.88 38.18 14.39
C LEU J 368 -14.05 37.90 15.66
N PHE J 369 -14.65 37.81 16.86
CA PHE J 369 -13.83 37.54 18.06
C PHE J 369 -13.51 36.05 18.17
N ALA J 370 -12.71 35.65 19.15
CA ALA J 370 -12.29 34.25 19.25
C ALA J 370 -13.39 33.23 19.01
N GLU J 371 -14.50 33.38 19.71
CA GLU J 371 -15.63 32.46 19.58
C GLU J 371 -15.93 32.13 18.12
N ALA J 372 -16.02 33.17 17.28
CA ALA J 372 -16.34 32.95 15.88
C ALA J 372 -15.37 32.01 15.18
N ALA J 373 -14.08 32.17 15.44
CA ALA J 373 -13.09 31.33 14.80
C ALA J 373 -13.23 29.90 15.25
N GLN J 374 -13.24 29.65 16.57
CA GLN J 374 -13.38 28.27 17.06
C GLN J 374 -14.62 27.66 16.42
N LYS J 375 -15.71 28.43 16.42
CA LYS J 375 -16.99 28.02 15.84
C LYS J 375 -16.69 27.55 14.41
N GLY J 376 -16.03 28.40 13.62
CA GLY J 376 -15.69 28.08 12.25
C GLY J 376 -14.69 26.95 12.01
N ALA J 377 -13.76 26.75 12.95
CA ALA J 377 -12.77 25.69 12.82
C ALA J 377 -13.46 24.38 13.16
N HIS J 378 -14.30 24.40 14.18
CA HIS J 378 -15.02 23.20 14.52
C HIS J 378 -15.93 22.82 13.36
N PHE J 379 -16.55 23.79 12.71
CA PHE J 379 -17.44 23.47 11.60
C PHE J 379 -16.67 22.82 10.46
N ILE J 380 -15.58 23.45 10.02
CA ILE J 380 -14.75 22.90 8.94
C ILE J 380 -14.39 21.43 9.23
N GLU J 381 -14.15 21.12 10.50
CA GLU J 381 -13.86 19.77 10.90
C GLU J 381 -15.01 18.91 10.44
N LEU J 382 -16.21 19.22 10.88
CA LEU J 382 -17.38 18.42 10.51
C LEU J 382 -17.54 18.22 9.01
N ALA J 383 -17.39 19.25 8.19
CA ALA J 383 -17.58 19.04 6.77
C ALA J 383 -16.39 18.31 6.18
N CYS J 384 -15.21 18.60 6.69
CA CYS J 384 -14.04 17.92 6.17
C CYS J 384 -14.15 16.44 6.44
N GLN J 385 -14.90 16.08 7.47
CA GLN J 385 -15.05 14.68 7.84
C GLN J 385 -16.11 14.00 6.99
N ARG J 386 -17.04 14.77 6.42
CA ARG J 386 -18.09 14.15 5.62
C ARG J 386 -17.89 14.44 4.14
N GLY J 387 -16.80 15.11 3.82
CA GLY J 387 -16.54 15.40 2.42
C GLY J 387 -17.60 16.19 1.70
N ILE J 388 -17.96 17.28 2.35
CA ILE J 388 -18.96 18.19 1.85
C ILE J 388 -18.18 19.43 1.48
N PRO J 389 -18.45 20.00 0.30
CA PRO J 389 -17.74 21.20 -0.15
C PRO J 389 -17.92 22.47 0.76
N LEU J 390 -16.90 23.31 0.81
CA LEU J 390 -16.95 24.52 1.64
C LEU J 390 -17.20 25.83 0.90
N LEU J 391 -18.16 26.59 1.38
CA LEU J 391 -18.47 27.87 0.75
C LEU J 391 -18.31 29.08 1.70
N PHE J 392 -17.36 29.96 1.37
CA PHE J 392 -17.07 31.13 2.20
C PHE J 392 -17.62 32.41 1.57
N LEU J 393 -18.33 33.17 2.40
CA LEU J 393 -18.93 34.42 2.00
C LEU J 393 -18.28 35.53 2.79
N GLN J 394 -17.26 36.15 2.20
CA GLN J 394 -16.50 37.20 2.85
C GLN J 394 -17.15 38.57 2.91
N ASN J 395 -17.22 39.10 4.13
CA ASN J 395 -17.78 40.42 4.42
C ASN J 395 -17.17 40.77 5.78
N ILE J 396 -15.86 40.57 5.86
CA ILE J 396 -15.10 40.79 7.08
C ILE J 396 -14.32 42.09 7.17
N THR J 397 -14.47 42.79 8.30
CA THR J 397 -13.74 44.05 8.51
C THR J 397 -12.45 43.83 9.31
N GLY J 398 -12.38 42.68 9.99
CA GLY J 398 -11.21 42.35 10.76
C GLY J 398 -11.55 41.60 12.04
N PHE J 399 -10.52 41.36 12.86
CA PHE J 399 -10.66 40.69 14.15
C PHE J 399 -10.79 41.76 15.26
N MET J 400 -11.59 41.46 16.28
CA MET J 400 -11.82 42.38 17.38
C MET J 400 -10.53 42.70 18.11
N VAL J 401 -10.12 43.98 18.13
CA VAL J 401 -8.89 44.47 18.80
C VAL J 401 -9.20 44.83 20.25
N GLY J 402 -8.18 45.00 21.06
CA GLY J 402 -8.45 45.34 22.43
C GLY J 402 -7.31 44.85 23.26
N GLN J 403 -7.35 45.20 24.53
CA GLN J 403 -6.29 44.80 25.43
C GLN J 403 -6.63 43.44 25.98
N LYS J 404 -7.91 43.26 26.28
CA LYS J 404 -8.39 42.00 26.84
C LYS J 404 -8.55 40.98 25.71
N TYR J 405 -9.14 41.40 24.60
CA TYR J 405 -9.36 40.50 23.48
C TYR J 405 -8.05 39.86 22.99
N GLU J 406 -6.96 40.59 23.19
CA GLU J 406 -5.63 40.11 22.79
C GLU J 406 -5.07 39.09 23.78
N ALA J 407 -5.15 39.44 25.07
CA ALA J 407 -4.66 38.61 26.17
C ALA J 407 -5.52 37.38 26.35
N GLY J 408 -6.55 37.26 25.53
CA GLY J 408 -7.46 36.13 25.61
C GLY J 408 -7.22 35.10 24.53
N GLY J 409 -6.33 35.44 23.60
CA GLY J 409 -5.99 34.53 22.54
C GLY J 409 -6.65 34.76 21.22
N ILE J 410 -7.19 35.96 21.00
CA ILE J 410 -7.85 36.23 19.72
C ILE J 410 -6.80 35.97 18.66
N ALA J 411 -5.57 35.80 19.08
CA ALA J 411 -4.50 35.54 18.14
C ALA J 411 -4.46 34.05 17.80
N LYS J 412 -4.27 33.22 18.81
CA LYS J 412 -4.18 31.77 18.61
C LYS J 412 -5.49 31.15 18.24
N HIS J 413 -6.57 31.85 18.52
CA HIS J 413 -7.84 31.30 18.14
C HIS J 413 -8.11 31.59 16.65
N GLY J 414 -7.70 32.76 16.17
CA GLY J 414 -7.93 33.08 14.78
C GLY J 414 -7.11 32.14 13.95
N ALA J 415 -6.01 31.71 14.55
CA ALA J 415 -5.08 30.79 13.92
C ALA J 415 -5.60 29.36 13.76
N LYS J 416 -6.41 28.87 14.70
CA LYS J 416 -6.96 27.52 14.57
C LYS J 416 -7.83 27.52 13.31
N LEU J 417 -8.50 28.64 13.06
CA LEU J 417 -9.38 28.79 11.91
C LEU J 417 -8.63 28.60 10.58
N VAL J 418 -7.49 29.24 10.43
CA VAL J 418 -6.70 29.12 9.20
C VAL J 418 -6.01 27.80 8.97
N THR J 419 -5.59 27.13 10.04
CA THR J 419 -4.95 25.85 9.89
C THR J 419 -6.06 25.04 9.28
N ALA J 420 -7.23 25.12 9.91
CA ALA J 420 -8.38 24.42 9.38
C ALA J 420 -8.66 24.71 7.88
N VAL J 421 -8.75 25.99 7.52
CA VAL J 421 -9.05 26.39 6.15
C VAL J 421 -7.95 25.97 5.21
N ALA J 422 -6.71 26.25 5.58
CA ALA J 422 -5.60 25.89 4.72
C ALA J 422 -5.49 24.39 4.44
N CYS J 423 -5.80 23.57 5.44
CA CYS J 423 -5.71 22.12 5.32
C CYS J 423 -6.87 21.44 4.63
N ALA J 424 -8.06 22.02 4.71
CA ALA J 424 -9.24 21.41 4.12
C ALA J 424 -9.03 21.00 2.69
N ARG J 425 -9.22 19.71 2.41
CA ARG J 425 -9.01 19.17 1.07
C ARG J 425 -10.29 18.88 0.29
N VAL J 426 -11.43 19.38 0.77
CA VAL J 426 -12.67 19.21 0.02
C VAL J 426 -12.68 20.47 -0.84
N PRO J 427 -13.53 20.51 -1.88
CA PRO J 427 -13.63 21.69 -2.75
C PRO J 427 -13.98 22.91 -1.92
N LYS J 428 -13.15 23.95 -2.04
CA LYS J 428 -13.37 25.22 -1.34
C LYS J 428 -13.87 26.28 -2.35
N PHE J 429 -14.87 27.07 -1.97
CA PHE J 429 -15.45 28.09 -2.82
C PHE J 429 -15.61 29.40 -2.11
N THR J 430 -15.11 30.46 -2.72
CA THR J 430 -15.18 31.81 -2.16
C THR J 430 -15.84 32.88 -3.03
N VAL J 431 -16.70 33.70 -2.41
CA VAL J 431 -17.41 34.81 -3.07
C VAL J 431 -17.25 36.03 -2.13
N LEU J 432 -16.75 37.14 -2.67
CA LEU J 432 -16.56 38.35 -1.87
C LEU J 432 -17.80 39.19 -2.02
N ILE J 433 -18.59 39.31 -0.96
CA ILE J 433 -19.83 40.08 -1.08
C ILE J 433 -19.81 41.24 -0.14
N GLY J 434 -18.67 41.49 0.45
CA GLY J 434 -18.60 42.59 1.37
C GLY J 434 -17.23 43.14 1.30
N GLY J 435 -16.49 42.98 2.39
CA GLY J 435 -15.14 43.47 2.43
C GLY J 435 -14.12 42.45 2.88
N SER J 436 -13.03 42.36 2.13
CA SER J 436 -11.93 41.48 2.49
C SER J 436 -10.83 42.41 2.97
N PHE J 437 -10.63 42.45 4.30
CA PHE J 437 -9.65 43.29 4.95
C PHE J 437 -8.86 42.59 6.04
N GLY J 438 -7.54 42.68 5.96
CA GLY J 438 -6.71 42.09 6.98
C GLY J 438 -6.83 40.61 7.16
N ALA J 439 -6.45 40.17 8.36
CA ALA J 439 -6.45 38.78 8.71
C ALA J 439 -7.77 38.15 8.31
N GLY J 440 -8.79 38.96 8.16
CA GLY J 440 -10.09 38.44 7.79
C GLY J 440 -10.01 37.64 6.51
N ASN J 441 -9.45 38.24 5.48
CA ASN J 441 -9.33 37.58 4.19
C ASN J 441 -8.72 36.20 4.26
N TYR J 442 -7.70 36.02 5.07
CA TYR J 442 -7.08 34.71 5.20
C TYR J 442 -7.96 33.69 5.90
N GLY J 443 -8.46 34.03 7.09
CA GLY J 443 -9.29 33.11 7.85
C GLY J 443 -10.55 32.64 7.14
N MET J 444 -10.92 33.32 6.05
CA MET J 444 -12.12 33.01 5.26
C MET J 444 -11.78 32.52 3.87
N CYS J 445 -10.74 31.72 3.75
CA CYS J 445 -10.34 31.21 2.45
C CYS J 445 -10.25 32.32 1.40
N GLY J 446 -9.21 33.14 1.49
CA GLY J 446 -9.01 34.24 0.55
C GLY J 446 -8.25 33.68 -0.64
N ARG J 447 -7.73 34.55 -1.49
CA ARG J 447 -7.04 34.06 -2.67
C ARG J 447 -5.96 33.03 -2.40
N ALA J 448 -5.20 33.26 -1.34
CA ALA J 448 -4.09 32.41 -0.97
C ALA J 448 -4.37 31.02 -0.46
N TYR J 449 -5.63 30.67 -0.23
CA TYR J 449 -5.92 29.34 0.30
C TYR J 449 -6.41 28.34 -0.67
N ASP J 450 -6.13 28.61 -1.93
CA ASP J 450 -6.48 27.73 -3.02
C ASP J 450 -7.97 27.40 -3.16
N PRO J 451 -8.87 28.37 -2.96
CA PRO J 451 -10.22 27.89 -3.17
C PRO J 451 -10.28 27.52 -4.66
N ARG J 452 -10.96 26.44 -5.03
CA ARG J 452 -11.03 26.00 -6.43
C ARG J 452 -11.35 27.18 -7.37
N PHE J 453 -12.20 28.11 -6.90
CA PHE J 453 -12.63 29.35 -7.59
C PHE J 453 -12.85 30.48 -6.58
N LEU J 454 -12.51 31.72 -6.94
CA LEU J 454 -12.72 32.86 -6.04
C LEU J 454 -13.36 34.03 -6.78
N TRP J 455 -14.57 34.40 -6.41
CA TRP J 455 -15.29 35.49 -7.08
C TRP J 455 -15.62 36.75 -6.26
N MET J 456 -15.84 37.84 -7.00
CA MET J 456 -16.15 39.12 -6.41
C MET J 456 -17.40 39.83 -6.91
N TRP J 457 -18.14 40.41 -5.96
CA TRP J 457 -19.32 41.19 -6.24
C TRP J 457 -18.80 42.56 -6.59
N PRO J 458 -19.61 43.36 -7.26
CA PRO J 458 -19.13 44.68 -7.62
C PRO J 458 -19.16 45.68 -6.48
N ASN J 459 -19.86 45.35 -5.42
CA ASN J 459 -19.93 46.25 -4.29
C ASN J 459 -18.85 45.94 -3.26
N ALA J 460 -18.15 44.82 -3.44
CA ALA J 460 -17.14 44.45 -2.47
C ALA J 460 -15.81 45.08 -2.73
N ARG J 461 -15.13 45.45 -1.65
CA ARG J 461 -13.81 46.07 -1.71
C ARG J 461 -12.74 45.33 -0.87
N ILE J 462 -11.55 45.11 -1.44
CA ILE J 462 -10.48 44.38 -0.73
C ILE J 462 -9.15 45.15 -0.54
N GLY J 463 -8.63 45.11 0.69
CA GLY J 463 -7.36 45.79 1.00
C GLY J 463 -6.73 45.28 2.28
N VAL J 464 -5.42 45.50 2.49
CA VAL J 464 -4.79 45.02 3.71
C VAL J 464 -5.44 45.66 4.93
N MET J 465 -6.09 46.80 4.69
CA MET J 465 -6.86 47.53 5.72
C MET J 465 -7.55 48.76 5.14
N GLY J 466 -8.55 49.29 5.85
CA GLY J 466 -9.27 50.45 5.37
C GLY J 466 -8.42 51.61 4.84
N GLY J 467 -9.05 52.58 4.18
CA GLY J 467 -8.29 53.71 3.64
C GLY J 467 -7.51 54.54 4.66
N GLU J 468 -8.24 55.24 5.52
CA GLU J 468 -7.63 56.08 6.54
C GLU J 468 -7.06 55.26 7.69
N GLN J 469 -7.53 54.03 7.84
CA GLN J 469 -7.03 53.17 8.90
C GLN J 469 -5.51 53.02 8.72
N ALA J 470 -5.07 52.85 7.47
CA ALA J 470 -3.64 52.69 7.11
C ALA J 470 -2.92 54.04 7.15
N ALA J 471 -3.64 55.09 6.79
CA ALA J 471 -3.13 56.47 6.82
C ALA J 471 -2.99 56.86 8.28
N GLY J 472 -3.87 56.26 9.10
CA GLY J 472 -3.85 56.49 10.52
C GLY J 472 -2.48 56.10 11.01
N VAL J 473 -2.16 54.79 11.04
CA VAL J 473 -0.86 54.31 11.52
C VAL J 473 0.40 54.75 10.74
N LEU J 474 0.39 54.72 9.40
CA LEU J 474 1.58 55.16 8.60
C LEU J 474 1.98 56.61 8.86
N ALA J 475 1.00 57.45 9.21
CA ALA J 475 1.25 58.86 9.53
C ALA J 475 1.49 58.97 11.05
N GLN J 476 0.94 58.03 11.80
CA GLN J 476 1.09 57.96 13.25
C GLN J 476 2.52 57.76 13.68
N VAL J 477 3.16 56.69 13.22
CA VAL J 477 4.55 56.46 13.59
C VAL J 477 5.43 57.63 13.13
N LYS J 478 5.05 58.32 12.04
CA LYS J 478 5.81 59.50 11.53
C LYS J 478 5.95 60.60 12.60
N ARG J 479 4.94 60.70 13.46
CA ARG J 479 4.91 61.69 14.55
C ARG J 479 5.26 61.09 15.92
N GLU J 480 5.88 59.89 15.93
CA GLU J 480 6.32 59.24 17.17
C GLU J 480 7.84 59.07 17.02
N GLN J 481 8.29 59.07 15.77
CA GLN J 481 9.71 58.96 15.43
C GLN J 481 10.23 60.38 15.53
N ALA J 482 9.38 61.31 15.08
CA ALA J 482 9.66 62.73 15.08
C ALA J 482 9.27 63.40 16.42
N GLU J 483 8.83 62.60 17.40
CA GLU J 483 8.44 63.12 18.72
C GLU J 483 9.50 62.74 19.74
N ARG J 484 10.01 61.51 19.65
CA ARG J 484 11.07 61.11 20.54
C ARG J 484 12.35 61.62 19.84
N ALA J 485 12.14 62.58 18.93
CA ALA J 485 13.17 63.24 18.13
C ALA J 485 13.16 64.75 18.41
N GLY J 486 12.56 65.12 19.54
CA GLY J 486 12.49 66.51 19.96
C GLY J 486 11.61 67.39 19.11
N GLN J 487 10.72 66.77 18.33
CA GLN J 487 9.81 67.49 17.41
C GLN J 487 8.39 66.91 17.49
N GLN J 488 7.54 67.34 16.57
CA GLN J 488 6.17 66.87 16.46
C GLN J 488 5.77 67.20 15.04
N LEU J 489 4.78 66.49 14.49
CA LEU J 489 4.37 66.80 13.12
C LEU J 489 3.11 67.68 13.12
N GLY J 490 3.24 68.87 12.55
CA GLY J 490 2.15 69.83 12.50
C GLY J 490 1.08 69.47 11.50
N VAL J 491 -0.17 69.81 11.82
CA VAL J 491 -1.36 69.56 10.99
C VAL J 491 -1.13 69.73 9.50
N GLU J 492 -0.01 70.30 9.12
CA GLU J 492 0.27 70.49 7.70
C GLU J 492 1.17 69.46 7.00
N GLU J 493 2.02 68.76 7.77
CA GLU J 493 2.91 67.72 7.24
C GLU J 493 2.30 66.31 7.40
N GLU J 494 1.43 66.15 8.42
CA GLU J 494 0.76 64.86 8.69
C GLU J 494 -0.50 64.72 7.80
N ALA J 495 -1.04 65.86 7.34
CA ALA J 495 -2.21 65.84 6.47
C ALA J 495 -1.74 65.60 5.03
N LYS J 496 -0.45 65.82 4.76
CA LYS J 496 0.16 65.59 3.44
C LYS J 496 0.75 64.17 3.33
N ILE J 497 0.91 63.47 4.47
CA ILE J 497 1.43 62.08 4.48
C ILE J 497 0.24 61.13 4.43
N LYS J 498 -0.93 61.61 4.82
CA LYS J 498 -2.14 60.81 4.82
C LYS J 498 -3.01 60.95 3.55
N ALA J 499 -3.12 62.15 2.97
CA ALA J 499 -3.98 62.37 1.79
C ALA J 499 -3.74 61.47 0.56
N PRO J 500 -2.48 61.13 0.24
CA PRO J 500 -2.20 60.27 -0.91
C PRO J 500 -2.53 58.80 -0.60
N ILE J 501 -2.33 58.39 0.66
CA ILE J 501 -2.62 57.02 1.07
C ILE J 501 -4.14 56.87 1.12
N LEU J 502 -4.82 57.87 1.66
CA LEU J 502 -6.30 57.87 1.73
C LEU J 502 -6.95 57.49 0.39
N GLU J 503 -6.36 57.95 -0.72
CA GLU J 503 -6.94 57.65 -2.03
C GLU J 503 -6.35 56.41 -2.68
N GLN J 504 -5.06 56.19 -2.42
CA GLN J 504 -4.35 55.04 -2.94
C GLN J 504 -5.21 53.81 -2.60
N TYR J 505 -5.62 53.71 -1.34
CA TYR J 505 -6.46 52.59 -0.89
C TYR J 505 -7.84 52.51 -1.54
N GLU J 506 -8.48 53.67 -1.70
CA GLU J 506 -9.80 53.70 -2.31
C GLU J 506 -9.76 53.10 -3.71
N HIS J 507 -8.70 53.40 -4.43
CA HIS J 507 -8.57 52.91 -5.79
C HIS J 507 -8.09 51.45 -5.91
N GLN J 508 -7.09 51.06 -5.13
CA GLN J 508 -6.56 49.70 -5.14
C GLN J 508 -7.46 48.77 -4.31
N GLY J 509 -8.72 49.17 -4.13
CA GLY J 509 -9.69 48.37 -3.39
C GLY J 509 -10.87 47.94 -4.26
N HIS J 510 -10.96 48.55 -5.44
CA HIS J 510 -12.05 48.28 -6.38
C HIS J 510 -11.94 47.01 -7.18
N PRO J 511 -13.07 46.26 -7.31
CA PRO J 511 -13.17 45.00 -8.05
C PRO J 511 -12.39 44.99 -9.35
N TYR J 512 -12.52 46.03 -10.18
CA TYR J 512 -11.78 46.02 -11.43
C TYR J 512 -10.29 46.00 -11.11
N TYR J 513 -9.87 46.78 -10.11
CA TYR J 513 -8.45 46.80 -9.76
C TYR J 513 -7.97 45.39 -9.46
N SER J 514 -8.78 44.71 -8.65
CA SER J 514 -8.57 43.35 -8.22
C SER J 514 -8.57 42.39 -9.39
N SER J 515 -9.76 42.20 -9.95
CA SER J 515 -9.96 41.31 -11.07
C SER J 515 -9.03 41.54 -12.27
N ALA J 516 -8.48 42.76 -12.41
CA ALA J 516 -7.58 43.06 -13.53
C ALA J 516 -6.24 42.38 -13.35
N ARG J 517 -5.89 42.12 -12.09
CA ARG J 517 -4.64 41.47 -11.65
C ARG J 517 -4.82 39.98 -11.27
N LEU J 518 -6.00 39.46 -11.57
CA LEU J 518 -6.36 38.06 -11.34
C LEU J 518 -6.42 37.65 -9.86
N TRP J 519 -6.63 38.61 -8.97
CA TRP J 519 -6.74 38.28 -7.55
C TRP J 519 -8.08 37.63 -7.30
N ASP J 520 -8.78 37.35 -8.37
CA ASP J 520 -10.07 36.68 -8.30
C ASP J 520 -10.34 36.21 -9.72
N ASP J 521 -11.19 35.22 -9.84
CA ASP J 521 -11.48 34.67 -11.15
C ASP J 521 -12.62 35.43 -11.82
N GLY J 522 -12.81 36.68 -11.36
CA GLY J 522 -13.81 37.54 -11.96
C GLY J 522 -14.79 38.24 -11.03
N VAL J 523 -15.41 39.30 -11.55
CA VAL J 523 -16.40 40.04 -10.80
C VAL J 523 -17.64 39.50 -11.40
N ILE J 524 -18.62 39.20 -10.56
CA ILE J 524 -19.87 38.57 -10.99
C ILE J 524 -21.12 39.40 -10.71
N ASP J 525 -22.27 38.89 -11.14
CA ASP J 525 -23.57 39.55 -10.91
C ASP J 525 -24.18 39.03 -9.61
N PRO J 526 -24.22 39.87 -8.55
CA PRO J 526 -24.79 39.38 -7.30
C PRO J 526 -25.92 38.40 -7.52
N ALA J 527 -26.78 38.74 -8.46
CA ALA J 527 -27.97 37.96 -8.81
C ALA J 527 -27.77 36.59 -9.46
N GLN J 528 -26.56 36.26 -9.86
CA GLN J 528 -26.37 34.97 -10.47
C GLN J 528 -25.50 34.11 -9.61
N THR J 529 -25.06 34.64 -8.48
CA THR J 529 -24.21 33.86 -7.62
C THR J 529 -24.61 32.40 -7.63
N ARG J 530 -25.83 32.10 -7.22
CA ARG J 530 -26.25 30.70 -7.19
C ARG J 530 -25.99 29.90 -8.44
N GLU J 531 -26.26 30.47 -9.60
CA GLU J 531 -26.05 29.75 -10.86
C GLU J 531 -24.58 29.46 -11.19
N VAL J 532 -23.71 30.38 -10.75
CA VAL J 532 -22.27 30.22 -10.96
C VAL J 532 -21.80 29.11 -10.06
N LEU J 533 -22.07 29.26 -8.77
CA LEU J 533 -21.63 28.26 -7.84
C LEU J 533 -22.14 26.90 -8.31
N ALA J 534 -23.37 26.81 -8.76
CA ALA J 534 -23.86 25.52 -9.23
C ALA J 534 -22.89 24.98 -10.27
N LEU J 535 -22.62 25.79 -11.31
CA LEU J 535 -21.71 25.37 -12.38
C LEU J 535 -20.34 24.94 -11.89
N ALA J 536 -19.72 25.79 -11.07
CA ALA J 536 -18.37 25.51 -10.54
C ALA J 536 -18.29 24.16 -9.82
N LEU J 537 -19.17 23.98 -8.85
CA LEU J 537 -19.25 22.78 -8.06
C LEU J 537 -19.20 21.58 -8.95
N SER J 538 -20.20 21.45 -9.82
CA SER J 538 -20.26 20.31 -10.73
C SER J 538 -18.94 20.11 -11.44
N ALA J 539 -18.41 21.20 -11.98
CA ALA J 539 -17.14 21.16 -12.69
C ALA J 539 -16.07 20.58 -11.83
N ALA J 540 -16.04 20.99 -10.58
CA ALA J 540 -15.04 20.53 -9.60
C ALA J 540 -15.21 19.06 -9.22
N LEU J 541 -16.28 18.46 -9.72
CA LEU J 541 -16.54 17.07 -9.42
C LEU J 541 -15.98 16.16 -10.48
N ASN J 542 -15.26 16.73 -11.44
CA ASN J 542 -14.62 15.87 -12.44
C ASN J 542 -13.43 15.33 -11.65
N ALA J 543 -13.11 15.97 -10.52
CA ALA J 543 -12.00 15.54 -9.71
C ALA J 543 -12.44 15.12 -8.33
N PRO J 544 -11.92 13.99 -7.85
CA PRO J 544 -12.19 13.37 -6.55
C PRO J 544 -12.11 14.29 -5.35
N ILE J 545 -12.91 13.94 -4.35
CA ILE J 545 -12.94 14.68 -3.11
C ILE J 545 -12.00 13.94 -2.18
N GLU J 546 -10.86 14.62 -1.92
CA GLU J 546 -9.75 14.14 -1.11
C GLU J 546 -9.97 14.07 0.38
N PRO J 547 -9.37 13.10 1.04
CA PRO J 547 -9.58 13.09 2.48
C PRO J 547 -8.61 14.15 3.03
N THR J 548 -8.99 14.84 4.12
CA THR J 548 -8.15 15.91 4.70
C THR J 548 -7.29 15.56 5.93
N ALA J 549 -6.09 16.14 5.97
CA ALA J 549 -5.14 15.91 7.05
C ALA J 549 -4.83 17.24 7.71
N PHE J 550 -5.12 17.36 8.99
CA PHE J 550 -4.88 18.63 9.65
C PHE J 550 -3.50 18.82 10.19
N GLY J 551 -3.09 20.08 10.27
CA GLY J 551 -1.78 20.42 10.82
C GLY J 551 -1.93 20.31 12.33
N VAL J 552 -1.11 21.00 13.09
CA VAL J 552 -1.24 20.96 14.54
C VAL J 552 -2.15 22.12 14.90
N PHE J 553 -3.04 21.92 15.86
CA PHE J 553 -3.92 23.00 16.25
C PHE J 553 -3.42 23.57 17.54
N ARG J 554 -3.11 24.86 17.55
CA ARG J 554 -2.65 25.42 18.79
C ARG J 554 -3.88 25.62 19.65
N MET J 555 -4.05 24.75 20.64
CA MET J 555 -5.19 24.82 21.55
C MET J 555 -4.99 26.01 22.50
N TYR K 5 -75.70 36.09 -45.94
CA TYR K 5 -75.03 35.04 -45.10
C TYR K 5 -73.45 35.17 -44.90
N ARG K 6 -73.01 35.53 -43.68
CA ARG K 6 -71.56 35.70 -43.37
C ARG K 6 -70.88 34.45 -42.79
N SER K 7 -69.55 34.36 -42.90
CA SER K 7 -68.84 33.20 -42.38
C SER K 7 -67.74 33.57 -41.39
N ILE K 8 -67.66 32.77 -40.30
CA ILE K 8 -66.68 32.94 -39.20
C ILE K 8 -65.52 31.90 -39.25
N GLN K 9 -64.28 32.41 -39.28
CA GLN K 9 -63.05 31.57 -39.28
C GLN K 9 -62.47 31.45 -37.87
N ARG K 10 -62.50 32.56 -37.13
CA ARG K 10 -62.00 32.62 -35.75
C ARG K 10 -63.03 33.32 -34.89
N LEU K 11 -63.56 32.63 -33.88
CA LEU K 11 -64.52 33.23 -32.99
C LEU K 11 -63.74 33.61 -31.74
N LEU K 12 -63.65 34.92 -31.39
CA LEU K 12 -62.96 35.33 -30.15
C LEU K 12 -63.93 35.23 -28.95
N VAL K 13 -63.51 34.52 -27.90
CA VAL K 13 -64.32 34.33 -26.70
C VAL K 13 -63.95 35.38 -25.63
N ALA K 14 -64.72 36.47 -25.61
CA ALA K 14 -64.56 37.58 -24.65
C ALA K 14 -65.08 37.15 -23.24
N ASN K 15 -64.32 36.25 -22.60
CA ASN K 15 -64.65 35.74 -21.27
C ASN K 15 -63.55 34.77 -20.82
N ARG K 16 -63.76 34.18 -19.65
CA ARG K 16 -62.81 33.25 -19.10
C ARG K 16 -63.56 32.05 -18.52
N GLY K 17 -62.82 31.20 -17.82
CA GLY K 17 -63.40 30.03 -17.17
C GLY K 17 -64.27 29.12 -17.97
N GLU K 18 -64.80 28.13 -17.26
CA GLU K 18 -65.66 27.08 -17.77
C GLU K 18 -66.52 27.43 -18.97
N ILE K 19 -66.90 28.69 -19.08
CA ILE K 19 -67.76 29.09 -20.18
C ILE K 19 -67.01 29.37 -21.46
N ALA K 20 -65.76 29.80 -21.35
CA ALA K 20 -64.96 30.08 -22.54
C ALA K 20 -64.44 28.73 -23.10
N CYS K 21 -64.25 27.74 -22.21
CA CYS K 21 -63.79 26.38 -22.57
C CYS K 21 -65.00 25.59 -23.14
N ARG K 22 -66.19 25.98 -22.68
CA ARG K 22 -67.47 25.42 -23.10
C ARG K 22 -67.83 25.94 -24.51
N VAL K 23 -67.48 27.20 -24.81
CA VAL K 23 -67.73 27.80 -26.14
C VAL K 23 -66.56 27.38 -27.08
N MET K 24 -65.38 27.21 -26.49
CA MET K 24 -64.18 26.79 -27.22
C MET K 24 -64.45 25.41 -27.83
N ARG K 25 -64.98 24.50 -26.99
CA ARG K 25 -65.32 23.11 -27.37
C ARG K 25 -66.19 23.06 -28.64
N SER K 26 -67.21 23.92 -28.69
CA SER K 26 -68.09 23.97 -29.83
C SER K 26 -67.45 24.58 -31.07
N ALA K 27 -66.83 25.76 -30.95
CA ALA K 27 -66.18 26.38 -32.11
C ALA K 27 -65.25 25.37 -32.82
N ARG K 28 -64.47 24.66 -32.01
CA ARG K 28 -63.50 23.62 -32.41
C ARG K 28 -64.21 22.47 -33.15
N ALA K 29 -65.28 21.96 -32.53
CA ALA K 29 -66.07 20.91 -33.14
C ALA K 29 -66.60 21.38 -34.53
N LEU K 30 -66.84 22.69 -34.67
CA LEU K 30 -67.35 23.27 -35.90
C LEU K 30 -66.27 23.64 -36.90
N GLY K 31 -65.02 23.37 -36.56
CA GLY K 31 -63.93 23.69 -37.46
C GLY K 31 -63.52 25.16 -37.42
N ILE K 32 -63.96 25.86 -36.37
CA ILE K 32 -63.64 27.27 -36.19
C ILE K 32 -62.52 27.53 -35.19
N GLY K 33 -61.57 28.40 -35.58
CA GLY K 33 -60.47 28.77 -34.70
C GLY K 33 -60.97 29.58 -33.49
N SER K 34 -60.55 29.15 -32.28
CA SER K 34 -60.92 29.79 -30.99
C SER K 34 -59.81 30.73 -30.41
N VAL K 35 -60.08 32.04 -30.42
CA VAL K 35 -59.14 33.02 -29.85
C VAL K 35 -59.69 33.41 -28.47
N ALA K 36 -58.90 33.23 -27.42
CA ALA K 36 -59.38 33.62 -26.12
C ALA K 36 -58.64 34.90 -25.72
N VAL K 37 -59.25 35.60 -24.78
CA VAL K 37 -58.72 36.84 -24.26
C VAL K 37 -58.47 36.50 -22.78
N HIS K 38 -57.41 37.06 -22.22
CA HIS K 38 -57.06 36.82 -20.81
C HIS K 38 -56.59 38.08 -20.03
N SER K 39 -56.90 38.13 -18.73
CA SER K 39 -56.47 39.24 -17.91
C SER K 39 -55.01 38.89 -17.62
N ASP K 40 -54.37 39.64 -16.77
CA ASP K 40 -52.97 39.34 -16.46
C ASP K 40 -52.85 38.08 -15.63
N ILE K 41 -53.67 38.03 -14.59
CA ILE K 41 -53.71 36.92 -13.65
C ILE K 41 -54.28 35.61 -14.23
N ASP K 42 -54.35 35.52 -15.56
CA ASP K 42 -54.88 34.32 -16.21
C ASP K 42 -53.99 33.87 -17.38
N ARG K 43 -52.76 34.35 -17.42
CA ARG K 43 -51.84 33.93 -18.48
C ARG K 43 -51.63 32.43 -18.34
N HIS K 44 -51.87 31.91 -17.13
CA HIS K 44 -51.73 30.49 -16.76
C HIS K 44 -53.02 29.66 -16.94
N ALA K 45 -54.17 30.35 -16.94
CA ALA K 45 -55.51 29.73 -17.03
C ALA K 45 -55.76 28.71 -18.11
N ARG K 46 -56.75 27.86 -17.86
CA ARG K 46 -57.13 26.80 -18.76
C ARG K 46 -57.61 27.32 -20.12
N HIS K 47 -58.57 28.23 -20.13
CA HIS K 47 -59.10 28.78 -21.37
C HIS K 47 -58.04 29.45 -22.28
N VAL K 48 -56.84 29.71 -21.77
CA VAL K 48 -55.81 30.33 -22.61
C VAL K 48 -55.03 29.23 -23.29
N ALA K 49 -55.15 28.04 -22.70
CA ALA K 49 -54.52 26.85 -23.21
C ALA K 49 -55.35 26.41 -24.41
N GLU K 50 -56.60 26.05 -24.13
CA GLU K 50 -57.55 25.58 -25.13
C GLU K 50 -57.88 26.56 -26.26
N ALA K 51 -57.21 27.72 -26.26
CA ALA K 51 -57.40 28.75 -27.27
C ALA K 51 -56.30 28.62 -28.32
N ASP K 52 -56.67 28.79 -29.58
CA ASP K 52 -55.72 28.69 -30.71
C ASP K 52 -54.72 29.80 -30.54
N ILE K 53 -55.26 31.02 -30.39
CA ILE K 53 -54.46 32.23 -30.16
C ILE K 53 -55.15 32.95 -29.01
N ALA K 54 -54.34 33.56 -28.14
CA ALA K 54 -54.88 34.29 -26.98
C ALA K 54 -54.19 35.65 -26.88
N VAL K 55 -54.94 36.61 -26.33
CA VAL K 55 -54.48 37.98 -26.18
C VAL K 55 -54.55 38.51 -24.75
N ASP K 56 -53.52 39.30 -24.34
CA ASP K 56 -53.44 39.90 -23.00
C ASP K 56 -54.13 41.28 -22.86
N LEU K 57 -55.19 41.30 -22.05
CA LEU K 57 -55.95 42.52 -21.78
C LEU K 57 -55.28 43.24 -20.62
N GLY K 58 -56.12 43.62 -19.65
CA GLY K 58 -55.67 44.34 -18.47
C GLY K 58 -54.90 43.54 -17.44
N GLY K 59 -54.91 44.07 -16.22
CA GLY K 59 -54.21 43.46 -15.13
C GLY K 59 -55.00 42.43 -14.36
N ALA K 60 -55.34 42.77 -13.13
CA ALA K 60 -56.04 41.86 -12.22
C ALA K 60 -57.57 41.91 -12.12
N LYS K 61 -58.11 42.94 -11.44
CA LYS K 61 -59.55 43.08 -11.27
C LYS K 61 -60.35 42.94 -12.57
N PRO K 62 -61.62 42.48 -12.47
CA PRO K 62 -62.52 42.29 -13.62
C PRO K 62 -62.73 43.59 -14.40
N ALA K 63 -62.58 44.71 -13.71
CA ALA K 63 -62.76 46.01 -14.30
C ALA K 63 -61.77 46.32 -15.40
N ASP K 64 -60.54 46.60 -15.00
CA ASP K 64 -59.49 46.95 -15.95
C ASP K 64 -58.97 45.83 -16.85
N SER K 65 -59.77 44.78 -17.02
CA SER K 65 -59.42 43.66 -17.90
C SER K 65 -60.61 43.14 -18.74
N TYR K 66 -61.20 42.02 -18.30
CA TYR K 66 -62.32 41.39 -18.99
C TYR K 66 -63.50 42.29 -19.33
N LEU K 67 -63.61 43.44 -18.67
CA LEU K 67 -64.70 44.35 -18.97
C LEU K 67 -64.27 45.53 -19.88
N ARG K 68 -62.98 45.60 -20.21
CA ARG K 68 -62.47 46.66 -21.10
C ARG K 68 -62.81 46.37 -22.58
N GLY K 69 -63.99 46.86 -23.02
CA GLY K 69 -64.46 46.65 -24.39
C GLY K 69 -63.60 47.22 -25.50
N ASP K 70 -62.90 48.31 -25.19
CA ASP K 70 -62.01 48.94 -26.17
C ASP K 70 -60.90 47.99 -26.58
N ARG K 71 -60.31 47.27 -25.61
CA ARG K 71 -59.21 46.34 -25.92
C ARG K 71 -59.71 45.00 -26.48
N ILE K 72 -60.82 44.45 -25.94
CA ILE K 72 -61.41 43.17 -26.42
C ILE K 72 -61.74 43.26 -27.93
N ILE K 73 -62.35 44.38 -28.30
CA ILE K 73 -62.74 44.65 -29.68
C ILE K 73 -61.55 44.92 -30.59
N ALA K 74 -60.46 45.46 -30.06
CA ALA K 74 -59.25 45.75 -30.85
C ALA K 74 -58.43 44.46 -30.95
N ALA K 75 -58.53 43.67 -29.87
CA ALA K 75 -57.88 42.37 -29.72
C ALA K 75 -58.42 41.42 -30.79
N ALA K 76 -59.67 41.02 -30.63
CA ALA K 76 -60.28 40.13 -31.60
C ALA K 76 -60.07 40.68 -33.01
N LEU K 77 -60.14 42.00 -33.17
CA LEU K 77 -59.95 42.56 -34.50
C LEU K 77 -58.51 42.39 -35.00
N ALA K 78 -57.52 42.50 -34.12
CA ALA K 78 -56.13 42.33 -34.55
C ALA K 78 -55.74 40.83 -34.51
N SER K 79 -56.61 40.02 -33.89
CA SER K 79 -56.45 38.55 -33.75
C SER K 79 -56.88 37.76 -34.98
N GLY K 80 -57.75 38.35 -35.80
CA GLY K 80 -58.22 37.68 -36.99
C GLY K 80 -59.56 37.01 -36.75
N ALA K 81 -60.24 37.43 -35.71
CA ALA K 81 -61.54 36.87 -35.43
C ALA K 81 -62.58 37.78 -36.12
N GLN K 82 -63.70 37.20 -36.53
CA GLN K 82 -64.76 37.95 -37.20
C GLN K 82 -66.05 37.88 -36.39
N ALA K 83 -65.92 37.51 -35.13
CA ALA K 83 -67.09 37.43 -34.27
C ALA K 83 -66.64 37.36 -32.82
N ILE K 84 -67.49 37.80 -31.92
CA ILE K 84 -67.14 37.72 -30.53
C ILE K 84 -68.33 37.04 -29.91
N HIS K 85 -68.06 36.22 -28.91
CA HIS K 85 -69.10 35.53 -28.17
C HIS K 85 -68.84 35.99 -26.73
N PRO K 86 -69.75 36.82 -26.17
CA PRO K 86 -69.73 37.41 -24.82
C PRO K 86 -69.67 36.48 -23.62
N GLY K 87 -70.34 35.35 -23.75
CA GLY K 87 -70.40 34.43 -22.62
C GLY K 87 -71.50 34.98 -21.72
N TYR K 88 -71.59 34.50 -20.48
CA TYR K 88 -72.61 35.02 -19.58
C TYR K 88 -71.88 35.97 -18.59
N GLY K 89 -72.60 36.98 -18.08
CA GLY K 89 -71.99 37.96 -17.18
C GLY K 89 -71.12 38.97 -17.93
N PHE K 90 -70.05 39.41 -17.29
CA PHE K 90 -69.14 40.37 -17.92
C PHE K 90 -69.80 41.38 -18.89
N LEU K 91 -69.53 41.25 -20.19
CA LEU K 91 -70.08 42.17 -21.19
C LEU K 91 -71.18 41.57 -22.03
N SER K 92 -71.89 40.59 -21.47
CA SER K 92 -72.97 39.94 -22.22
C SER K 92 -74.23 40.80 -22.47
N GLU K 93 -74.57 41.63 -21.49
CA GLU K 93 -75.77 42.44 -21.60
C GLU K 93 -75.50 43.93 -21.40
N ASN K 94 -75.33 44.64 -22.54
CA ASN K 94 -75.07 46.09 -22.60
C ASN K 94 -74.87 46.53 -24.06
N ALA K 95 -75.93 47.01 -24.68
CA ALA K 95 -75.84 47.45 -26.06
C ALA K 95 -74.54 48.18 -26.35
N ASP K 96 -74.11 49.03 -25.42
CA ASP K 96 -72.86 49.79 -25.60
C ASP K 96 -71.78 48.92 -26.26
N PHE K 97 -71.54 47.73 -25.71
CA PHE K 97 -70.53 46.85 -26.29
C PHE K 97 -71.05 46.35 -27.64
N ALA K 98 -72.11 45.53 -27.62
CA ALA K 98 -72.74 44.98 -28.83
C ALA K 98 -72.75 46.02 -29.96
N ARG K 99 -73.00 47.26 -29.56
CA ARG K 99 -73.06 48.42 -30.44
C ARG K 99 -71.70 48.73 -31.06
N ALA K 100 -70.73 49.07 -30.21
CA ALA K 100 -69.39 49.37 -30.71
C ALA K 100 -68.66 48.08 -31.17
N CYS K 101 -69.29 46.94 -30.90
CA CYS K 101 -68.77 45.59 -31.24
C CYS K 101 -69.12 45.28 -32.72
N GLU K 102 -70.40 45.48 -33.03
CA GLU K 102 -70.97 45.25 -34.35
C GLU K 102 -70.58 46.42 -35.28
N GLU K 103 -70.28 47.57 -34.69
CA GLU K 103 -69.88 48.72 -35.50
C GLU K 103 -68.37 48.69 -35.79
N ALA K 104 -67.75 47.56 -35.48
CA ALA K 104 -66.31 47.35 -35.69
C ALA K 104 -66.09 46.35 -36.83
N GLY K 105 -67.19 45.80 -37.32
CA GLY K 105 -67.15 44.82 -38.40
C GLY K 105 -67.48 43.43 -37.86
N LEU K 106 -67.33 43.30 -36.54
CA LEU K 106 -67.54 42.05 -35.85
C LEU K 106 -69.01 41.72 -35.63
N LEU K 107 -69.35 40.43 -35.78
CA LEU K 107 -70.71 39.94 -35.56
C LEU K 107 -70.84 39.62 -34.06
N PHE K 108 -71.74 40.33 -33.40
CA PHE K 108 -71.94 40.13 -31.98
C PHE K 108 -72.93 38.97 -31.70
N LEU K 109 -72.40 37.81 -31.28
CA LEU K 109 -73.21 36.63 -30.95
C LEU K 109 -74.15 36.91 -29.77
N GLY K 110 -75.21 37.64 -30.07
CA GLY K 110 -76.21 37.99 -29.07
C GLY K 110 -77.35 38.79 -29.73
N PRO K 111 -78.37 39.21 -28.95
CA PRO K 111 -79.43 39.99 -29.62
C PRO K 111 -78.86 41.34 -30.09
N PRO K 112 -79.65 42.10 -30.86
CA PRO K 112 -79.16 43.40 -31.33
C PRO K 112 -79.04 44.39 -30.14
N ALA K 113 -78.31 45.50 -30.30
CA ALA K 113 -78.18 46.52 -29.23
C ALA K 113 -79.58 46.77 -28.65
N ALA K 114 -80.49 47.18 -29.55
CA ALA K 114 -81.89 47.45 -29.27
C ALA K 114 -82.44 46.58 -28.13
N ALA K 115 -82.65 45.30 -28.45
CA ALA K 115 -83.18 44.26 -27.54
C ALA K 115 -82.44 43.99 -26.22
N ILE K 116 -81.14 44.31 -26.18
CA ILE K 116 -80.31 44.11 -24.98
C ILE K 116 -80.70 45.11 -23.86
N ASP K 117 -80.49 46.41 -24.10
CA ASP K 117 -80.84 47.46 -23.11
C ASP K 117 -82.35 47.64 -22.91
N ALA K 118 -83.16 46.93 -23.72
CA ALA K 118 -84.63 46.97 -23.60
C ALA K 118 -84.91 46.37 -22.22
N MET K 119 -84.39 45.16 -21.99
CA MET K 119 -84.54 44.44 -20.70
C MET K 119 -83.59 45.02 -19.64
N GLY K 120 -83.08 46.24 -19.90
CA GLY K 120 -82.14 46.92 -19.01
C GLY K 120 -82.76 47.68 -17.85
N SER K 121 -84.03 48.10 -18.02
CA SER K 121 -84.79 48.79 -16.98
C SER K 121 -86.17 48.11 -16.88
N LYS K 122 -86.58 47.80 -15.65
CA LYS K 122 -87.86 47.13 -15.34
C LYS K 122 -89.07 47.92 -15.87
N SER K 123 -88.81 49.18 -16.25
CA SER K 123 -89.83 50.11 -16.79
C SER K 123 -90.07 49.86 -18.27
N ALA K 124 -89.01 50.03 -19.07
CA ALA K 124 -89.09 49.82 -20.49
C ALA K 124 -89.61 48.39 -20.73
N ALA K 125 -89.13 47.44 -19.90
CA ALA K 125 -89.51 46.01 -19.97
C ALA K 125 -91.00 45.74 -19.67
N LYS K 126 -91.46 46.07 -18.45
CA LYS K 126 -92.87 45.83 -18.10
C LYS K 126 -93.81 46.51 -19.11
N ALA K 127 -93.24 47.45 -19.88
CA ALA K 127 -93.92 48.22 -20.93
C ALA K 127 -94.28 47.34 -22.12
N LEU K 128 -93.25 46.76 -22.74
CA LEU K 128 -93.49 45.90 -23.88
C LEU K 128 -94.08 44.55 -23.47
N MET K 129 -93.78 44.07 -22.25
CA MET K 129 -94.32 42.80 -21.76
C MET K 129 -95.81 42.95 -21.42
N GLU K 130 -96.19 44.14 -20.93
CA GLU K 130 -97.61 44.37 -20.65
C GLU K 130 -98.30 44.38 -22.04
N GLU K 131 -97.73 45.15 -22.98
CA GLU K 131 -98.27 45.26 -24.33
C GLU K 131 -97.83 44.12 -25.25
N ALA K 132 -97.53 42.96 -24.67
CA ALA K 132 -97.08 41.80 -25.46
C ALA K 132 -97.91 40.54 -25.25
N GLY K 133 -98.70 40.50 -24.19
CA GLY K 133 -99.48 39.30 -23.96
C GLY K 133 -98.66 38.40 -23.08
N VAL K 134 -97.85 39.04 -22.25
CA VAL K 134 -96.96 38.40 -21.28
C VAL K 134 -97.45 38.74 -19.86
N PRO K 135 -98.13 37.79 -19.18
CA PRO K 135 -98.64 38.02 -17.82
C PRO K 135 -97.60 38.64 -16.83
N LEU K 136 -97.91 39.81 -16.23
CA LEU K 136 -97.00 40.45 -15.27
C LEU K 136 -97.62 40.16 -13.89
N VAL K 137 -97.11 40.74 -12.81
CA VAL K 137 -97.67 40.52 -11.44
C VAL K 137 -98.71 41.61 -11.05
N PRO K 138 -99.93 41.19 -10.58
CA PRO K 138 -100.94 42.18 -10.19
C PRO K 138 -100.47 43.08 -9.02
N GLY K 139 -100.94 44.34 -9.00
CA GLY K 139 -100.57 45.28 -7.93
C GLY K 139 -101.14 46.69 -8.06
N LEU K 209 -97.42 35.97 -3.81
CA LEU K 209 -97.23 34.64 -4.42
C LEU K 209 -96.89 33.57 -3.38
N LEU K 210 -97.66 32.48 -3.34
CA LEU K 210 -97.40 31.39 -2.37
C LEU K 210 -96.50 30.27 -2.91
N LYS K 211 -95.47 29.92 -2.12
CA LYS K 211 -94.49 28.89 -2.48
C LYS K 211 -94.24 28.91 -3.99
N PRO K 212 -93.75 30.06 -4.53
CA PRO K 212 -93.48 30.20 -5.97
C PRO K 212 -92.21 29.46 -6.43
N ARG K 213 -92.32 28.89 -7.63
CA ARG K 213 -91.25 28.11 -8.26
C ARG K 213 -90.62 28.87 -9.43
N HIS K 214 -89.33 29.26 -9.28
CA HIS K 214 -88.57 29.99 -10.32
C HIS K 214 -88.40 29.10 -11.56
N VAL K 215 -89.29 29.26 -12.55
CA VAL K 215 -89.28 28.51 -13.83
C VAL K 215 -88.90 29.44 -15.00
N GLU K 216 -87.91 29.05 -15.79
CA GLU K 216 -87.51 29.88 -16.93
C GLU K 216 -87.74 29.21 -18.27
N ILE K 217 -87.69 29.99 -19.35
CA ILE K 217 -87.87 29.46 -20.70
C ILE K 217 -86.70 29.83 -21.56
N GLN K 218 -86.24 28.82 -22.28
CA GLN K 218 -85.12 28.92 -23.22
C GLN K 218 -85.79 29.21 -24.54
N VAL K 219 -85.29 30.20 -25.26
CA VAL K 219 -85.87 30.49 -26.55
C VAL K 219 -84.79 30.88 -27.55
N PHE K 220 -85.08 30.64 -28.82
CA PHE K 220 -84.11 30.91 -29.86
C PHE K 220 -84.76 31.47 -31.11
N ALA K 221 -84.17 32.55 -31.62
CA ALA K 221 -84.65 33.21 -32.83
C ALA K 221 -83.43 33.35 -33.73
N ASP K 222 -83.63 33.70 -35.00
CA ASP K 222 -82.51 33.89 -35.93
C ASP K 222 -82.69 35.20 -36.65
N ARG K 223 -81.89 35.44 -37.69
CA ARG K 223 -82.02 36.68 -38.45
C ARG K 223 -83.17 36.60 -39.46
N HIS K 224 -84.06 35.61 -39.30
CA HIS K 224 -85.15 35.43 -40.25
C HIS K 224 -86.56 35.31 -39.60
N GLY K 225 -86.81 36.07 -38.53
CA GLY K 225 -88.10 36.08 -37.84
C GLY K 225 -88.53 34.86 -37.05
N HIS K 226 -88.04 33.68 -37.43
CA HIS K 226 -88.39 32.42 -36.75
C HIS K 226 -88.00 32.51 -35.27
N CYS K 227 -88.66 31.71 -34.42
CA CYS K 227 -88.40 31.74 -32.98
C CYS K 227 -89.20 30.72 -32.16
N LEU K 228 -88.54 29.67 -31.68
CA LEU K 228 -89.24 28.69 -30.87
C LEU K 228 -88.62 28.56 -29.50
N TYR K 229 -89.40 28.00 -28.57
CA TYR K 229 -88.94 27.78 -27.20
C TYR K 229 -88.47 26.35 -27.05
N LEU K 230 -87.30 26.20 -26.46
CA LEU K 230 -86.72 24.89 -26.26
C LEU K 230 -87.09 24.39 -24.84
N ASN K 231 -88.39 24.48 -24.55
CA ASN K 231 -88.94 24.04 -23.27
C ASN K 231 -88.42 24.88 -22.07
N GLU K 232 -88.62 24.42 -20.83
CA GLU K 232 -88.21 25.20 -19.66
C GLU K 232 -87.29 24.53 -18.63
N ARG K 233 -87.11 25.18 -17.48
CA ARG K 233 -86.24 24.65 -16.43
C ARG K 233 -86.74 25.12 -15.07
N ASP K 234 -86.53 24.30 -14.02
CA ASP K 234 -86.94 24.69 -12.67
C ASP K 234 -85.73 24.99 -11.75
N CYS K 235 -85.36 26.27 -11.76
CA CYS K 235 -84.24 26.86 -11.02
C CYS K 235 -84.73 27.53 -9.73
N SER K 236 -85.39 26.75 -8.86
CA SER K 236 -85.93 27.25 -7.60
C SER K 236 -84.93 27.22 -6.41
N ILE K 237 -84.44 26.03 -6.06
CA ILE K 237 -83.50 25.84 -4.94
C ILE K 237 -82.29 26.75 -5.04
N GLN K 238 -82.33 27.91 -4.35
CA GLN K 238 -81.21 28.85 -4.40
C GLN K 238 -80.79 29.54 -3.11
N ARG K 239 -79.48 29.76 -3.01
CA ARG K 239 -78.85 30.42 -1.86
C ARG K 239 -79.18 31.89 -1.98
N ARG K 240 -79.73 32.46 -0.90
CA ARG K 240 -80.07 33.89 -0.87
C ARG K 240 -79.92 34.44 -2.30
N HIS K 241 -80.85 34.07 -3.18
CA HIS K 241 -80.82 34.55 -4.56
C HIS K 241 -79.48 34.28 -5.23
N GLN K 242 -79.41 33.12 -5.85
CA GLN K 242 -78.24 32.64 -6.55
C GLN K 242 -78.59 31.17 -6.80
N LYS K 243 -78.88 30.85 -8.06
CA LYS K 243 -79.27 29.48 -8.49
C LYS K 243 -78.22 28.43 -8.17
N VAL K 244 -78.66 27.25 -7.75
CA VAL K 244 -77.71 26.18 -7.45
C VAL K 244 -78.08 24.81 -7.99
N VAL K 245 -79.38 24.54 -8.11
CA VAL K 245 -79.81 23.26 -8.65
C VAL K 245 -80.95 23.44 -9.66
N GLU K 246 -80.60 23.48 -10.94
CA GLU K 246 -81.60 23.64 -11.99
C GLU K 246 -81.92 22.28 -12.57
N GLU K 247 -83.12 22.13 -13.10
CA GLU K 247 -83.49 20.86 -13.73
C GLU K 247 -84.35 21.12 -14.96
N ALA K 248 -84.43 20.14 -15.85
CA ALA K 248 -85.23 20.26 -17.07
C ALA K 248 -85.75 18.86 -17.47
N PRO K 249 -87.06 18.71 -17.71
CA PRO K 249 -88.12 19.74 -17.65
C PRO K 249 -88.33 20.20 -16.19
N ALA K 250 -89.44 20.87 -15.89
CA ALA K 250 -89.73 21.30 -14.52
C ALA K 250 -90.72 20.28 -13.93
N PRO K 251 -90.38 19.67 -12.76
CA PRO K 251 -91.20 18.67 -12.07
C PRO K 251 -92.72 18.80 -12.22
N GLY K 252 -93.34 19.72 -11.49
CA GLY K 252 -94.79 19.88 -11.58
C GLY K 252 -95.45 19.98 -12.96
N LEU K 253 -95.62 21.22 -13.44
CA LEU K 253 -96.30 21.61 -14.69
C LEU K 253 -96.71 20.60 -15.79
N GLY K 254 -98.01 20.63 -16.13
CA GLY K 254 -98.58 19.76 -17.14
C GLY K 254 -98.32 20.17 -18.59
N ALA K 255 -98.56 19.23 -19.48
CA ALA K 255 -98.38 19.41 -20.91
C ALA K 255 -98.81 20.81 -21.40
N GLU K 256 -100.05 21.20 -21.12
CA GLU K 256 -100.53 22.50 -21.56
C GLU K 256 -99.81 23.67 -20.86
N LEU K 257 -99.64 23.59 -19.53
CA LEU K 257 -98.98 24.67 -18.79
C LEU K 257 -97.61 24.89 -19.41
N ARG K 258 -97.11 23.84 -20.07
CA ARG K 258 -95.83 23.91 -20.76
C ARG K 258 -96.06 24.85 -21.97
N ARG K 259 -96.77 24.36 -22.98
CA ARG K 259 -97.04 25.18 -24.15
C ARG K 259 -97.53 26.57 -23.76
N ALA K 260 -98.10 26.68 -22.57
CA ALA K 260 -98.63 27.93 -22.07
C ALA K 260 -97.55 29.00 -22.00
N MET K 261 -96.71 28.90 -20.96
CA MET K 261 -95.61 29.84 -20.74
C MET K 261 -94.63 29.76 -21.92
N GLY K 262 -94.64 28.63 -22.62
CA GLY K 262 -93.75 28.45 -23.77
C GLY K 262 -93.92 29.56 -24.79
N GLU K 263 -95.15 29.70 -25.33
CA GLU K 263 -95.42 30.75 -26.30
C GLU K 263 -95.37 32.08 -25.59
N ALA K 264 -95.94 32.15 -24.37
CA ALA K 264 -95.95 33.38 -23.57
C ALA K 264 -94.56 34.05 -23.60
N ALA K 265 -93.50 33.25 -23.52
CA ALA K 265 -92.13 33.77 -23.55
C ALA K 265 -91.79 34.22 -24.97
N VAL K 266 -91.99 33.32 -25.93
CA VAL K 266 -91.71 33.61 -27.33
C VAL K 266 -92.49 34.84 -27.82
N ARG K 267 -93.53 35.25 -27.06
CA ARG K 267 -94.34 36.42 -27.42
C ARG K 267 -93.45 37.61 -27.13
N ALA K 268 -93.05 37.72 -25.86
CA ALA K 268 -92.19 38.79 -25.39
C ALA K 268 -90.89 38.79 -26.21
N ALA K 269 -90.64 37.65 -26.87
CA ALA K 269 -89.46 37.42 -27.71
C ALA K 269 -89.48 38.30 -28.96
N GLN K 270 -90.57 38.14 -29.73
CA GLN K 270 -90.74 38.90 -30.94
C GLN K 270 -90.91 40.33 -30.45
N ALA K 271 -91.44 40.46 -29.23
CA ALA K 271 -91.64 41.77 -28.61
C ALA K 271 -90.43 42.67 -28.87
N ILE K 272 -89.29 42.27 -28.32
CA ILE K 272 -88.08 43.05 -28.51
C ILE K 272 -87.36 42.82 -29.85
N GLY K 273 -87.89 41.90 -30.67
CA GLY K 273 -87.29 41.57 -31.96
C GLY K 273 -85.94 40.88 -31.76
N TYR K 274 -85.97 39.76 -31.04
CA TYR K 274 -84.77 39.00 -30.67
C TYR K 274 -84.02 38.18 -31.71
N VAL K 275 -82.68 38.21 -31.64
CA VAL K 275 -81.82 37.47 -32.56
C VAL K 275 -81.26 36.18 -31.92
N GLY K 276 -80.24 36.31 -31.06
CA GLY K 276 -79.65 35.13 -30.43
C GLY K 276 -80.59 34.26 -29.60
N ALA K 277 -80.02 33.65 -28.56
CA ALA K 277 -80.79 32.81 -27.65
C ALA K 277 -80.95 33.58 -26.33
N GLY K 278 -81.83 33.10 -25.45
CA GLY K 278 -82.03 33.79 -24.20
C GLY K 278 -83.10 33.10 -23.38
N THR K 279 -83.20 33.50 -22.13
CA THR K 279 -84.17 32.90 -21.24
C THR K 279 -85.14 33.93 -20.72
N VAL K 280 -86.41 33.57 -20.63
CA VAL K 280 -87.38 34.50 -20.09
C VAL K 280 -87.74 34.00 -18.70
N GLU K 281 -87.27 34.71 -17.69
CA GLU K 281 -87.50 34.36 -16.29
C GLU K 281 -88.99 34.54 -15.90
N PHE K 282 -89.59 33.48 -15.34
CA PHE K 282 -90.99 33.46 -14.89
C PHE K 282 -91.02 33.04 -13.40
N LEU K 283 -92.15 33.21 -12.73
CA LEU K 283 -92.29 32.76 -11.34
C LEU K 283 -93.71 32.25 -11.17
N LEU K 284 -93.87 30.93 -11.31
CA LEU K 284 -95.16 30.27 -11.16
C LEU K 284 -95.41 29.94 -9.68
N ASP K 285 -96.68 29.95 -9.26
CA ASP K 285 -97.01 29.65 -7.87
C ASP K 285 -98.08 28.58 -7.73
N GLU K 286 -98.27 28.11 -6.49
CA GLU K 286 -99.24 27.05 -6.18
C GLU K 286 -100.59 27.17 -6.88
N ARG K 287 -101.20 28.37 -6.87
CA ARG K 287 -102.52 28.61 -7.51
C ARG K 287 -102.54 28.28 -9.01
N GLY K 288 -101.37 28.18 -9.63
CA GLY K 288 -101.31 27.81 -11.05
C GLY K 288 -101.08 28.90 -12.07
N GLN K 289 -100.53 30.02 -11.60
CA GLN K 289 -100.29 31.17 -12.46
C GLN K 289 -98.84 31.63 -12.49
N PHE K 290 -98.38 31.91 -13.71
CA PHE K 290 -97.02 32.37 -13.91
C PHE K 290 -96.94 33.85 -14.23
N PHE K 291 -95.82 34.45 -13.84
CA PHE K 291 -95.61 35.87 -14.05
C PHE K 291 -94.18 36.16 -14.49
N PHE K 292 -94.06 37.02 -15.51
CA PHE K 292 -92.77 37.42 -16.07
C PHE K 292 -91.99 38.15 -14.98
N MET K 293 -90.71 37.78 -14.81
CA MET K 293 -89.86 38.41 -13.78
C MET K 293 -88.89 39.38 -14.47
N GLU K 294 -88.19 38.88 -15.48
CA GLU K 294 -87.25 39.66 -16.30
C GLU K 294 -86.74 38.74 -17.41
N MET K 295 -85.76 39.23 -18.16
CA MET K 295 -85.26 38.42 -19.22
C MET K 295 -83.78 38.67 -19.47
N ASN K 296 -83.07 37.58 -19.70
CA ASN K 296 -81.64 37.64 -19.97
C ASN K 296 -81.34 37.50 -21.46
N THR K 297 -80.66 38.53 -21.96
CA THR K 297 -80.26 38.59 -23.35
C THR K 297 -78.87 37.92 -23.65
N ARG K 298 -78.60 36.78 -22.95
CA ARG K 298 -77.39 35.94 -23.13
C ARG K 298 -77.79 34.47 -22.99
N LEU K 299 -76.85 33.58 -23.30
CA LEU K 299 -77.11 32.16 -23.17
C LEU K 299 -77.13 32.00 -21.64
N GLN K 300 -78.13 31.30 -21.09
CA GLN K 300 -78.13 31.16 -19.63
C GLN K 300 -77.06 30.21 -19.09
N VAL K 301 -76.60 30.54 -17.88
CA VAL K 301 -75.57 29.80 -17.16
C VAL K 301 -75.83 28.29 -17.09
N GLU K 302 -77.09 27.91 -16.87
CA GLU K 302 -77.50 26.53 -16.73
C GLU K 302 -78.11 25.91 -17.98
N HIS K 303 -77.59 26.29 -19.14
CA HIS K 303 -78.13 25.76 -20.40
C HIS K 303 -77.88 24.25 -20.62
N PRO K 304 -76.79 23.69 -20.05
CA PRO K 304 -76.56 22.26 -20.27
C PRO K 304 -77.74 21.36 -20.02
N VAL K 305 -78.45 21.52 -18.91
CA VAL K 305 -79.60 20.64 -18.68
C VAL K 305 -80.68 20.74 -19.77
N THR K 306 -80.81 21.92 -20.37
CA THR K 306 -81.80 22.11 -21.42
C THR K 306 -81.30 21.38 -22.68
N GLU K 307 -79.97 21.36 -22.90
CA GLU K 307 -79.38 20.65 -24.05
C GLU K 307 -79.54 19.14 -23.81
N ALA K 308 -79.50 18.75 -22.54
CA ALA K 308 -79.64 17.36 -22.12
C ALA K 308 -80.96 16.83 -22.63
N ILE K 309 -82.08 17.40 -22.18
CA ILE K 309 -83.42 16.93 -22.59
C ILE K 309 -83.78 16.97 -24.07
N THR K 310 -83.12 17.80 -24.87
CA THR K 310 -83.42 17.81 -26.31
C THR K 310 -82.37 16.99 -27.09
N GLY K 311 -81.23 17.63 -27.32
CA GLY K 311 -80.13 17.03 -28.04
C GLY K 311 -79.50 18.13 -28.91
N LEU K 312 -79.66 19.37 -28.46
CA LEU K 312 -79.16 20.53 -29.18
C LEU K 312 -77.96 21.17 -28.53
N ASP K 313 -76.95 21.51 -29.33
CA ASP K 313 -75.76 22.18 -28.82
C ASP K 313 -76.04 23.69 -29.02
N LEU K 314 -76.69 24.28 -28.00
CA LEU K 314 -77.08 25.69 -28.03
C LEU K 314 -76.02 26.64 -28.56
N VAL K 315 -74.80 26.54 -28.02
CA VAL K 315 -73.69 27.38 -28.47
C VAL K 315 -73.54 27.31 -30.01
N ALA K 316 -73.48 26.08 -30.55
CA ALA K 316 -73.34 25.85 -31.98
C ALA K 316 -74.41 26.60 -32.76
N TRP K 317 -75.62 26.60 -32.21
CA TRP K 317 -76.75 27.29 -32.80
C TRP K 317 -76.49 28.81 -32.88
N GLN K 318 -75.87 29.37 -31.83
CA GLN K 318 -75.53 30.79 -31.78
C GLN K 318 -74.65 31.21 -32.94
N ILE K 319 -73.66 30.38 -33.26
CA ILE K 319 -72.72 30.63 -34.36
C ILE K 319 -73.39 30.45 -35.72
N ARG K 320 -74.55 29.79 -35.66
CA ARG K 320 -75.37 29.54 -36.84
C ARG K 320 -76.23 30.77 -37.17
N VAL K 321 -77.07 31.18 -36.21
CA VAL K 321 -77.95 32.36 -36.37
C VAL K 321 -77.09 33.56 -36.74
N ALA K 322 -75.90 33.58 -36.14
CA ALA K 322 -74.85 34.61 -36.31
C ALA K 322 -74.41 34.82 -37.76
N ARG K 323 -74.17 33.71 -38.45
CA ARG K 323 -73.76 33.72 -39.85
C ARG K 323 -74.94 34.14 -40.78
N GLY K 324 -76.16 33.68 -40.47
CA GLY K 324 -77.35 33.97 -41.26
C GLY K 324 -78.32 32.81 -41.06
N GLU K 325 -77.81 31.60 -41.28
CA GLU K 325 -78.51 30.32 -41.11
C GLU K 325 -79.82 30.45 -40.31
N ALA K 326 -80.81 29.65 -40.68
CA ALA K 326 -82.05 29.72 -39.93
C ALA K 326 -82.19 28.50 -39.04
N LEU K 327 -83.08 28.63 -38.08
CA LEU K 327 -83.35 27.55 -37.13
C LEU K 327 -83.74 26.27 -37.86
N PRO K 328 -83.10 25.14 -37.52
CA PRO K 328 -83.40 23.84 -38.13
C PRO K 328 -84.68 23.12 -37.69
N LEU K 329 -85.18 23.40 -36.48
CA LEU K 329 -86.40 22.74 -36.01
C LEU K 329 -87.66 23.64 -35.89
N THR K 330 -88.86 23.13 -36.27
CA THR K 330 -90.10 23.93 -36.15
C THR K 330 -90.53 23.77 -34.70
N GLN K 331 -91.42 24.63 -34.23
CA GLN K 331 -91.85 24.56 -32.82
C GLN K 331 -92.29 23.17 -32.39
N GLU K 332 -93.10 22.50 -33.21
CA GLU K 332 -93.56 21.16 -32.84
C GLU K 332 -92.55 20.12 -33.30
N GLN K 333 -91.27 20.45 -33.10
CA GLN K 333 -90.16 19.56 -33.44
C GLN K 333 -89.18 19.47 -32.25
N VAL K 334 -88.94 20.59 -31.56
CA VAL K 334 -88.03 20.56 -30.40
C VAL K 334 -88.53 19.44 -29.45
N PRO K 335 -87.71 18.37 -29.31
CA PRO K 335 -87.91 17.15 -28.51
C PRO K 335 -87.91 17.35 -27.01
N LEU K 336 -88.12 16.26 -26.28
CA LEU K 336 -88.14 16.31 -24.82
C LEU K 336 -88.12 14.93 -24.20
N ASN K 337 -87.19 14.07 -24.65
CA ASN K 337 -87.07 12.73 -24.07
C ASN K 337 -86.28 12.88 -22.74
N GLY K 338 -86.59 12.05 -21.74
CA GLY K 338 -85.88 12.08 -20.45
C GLY K 338 -85.78 13.33 -19.55
N HIS K 339 -85.04 13.19 -18.44
CA HIS K 339 -84.85 14.26 -17.40
C HIS K 339 -83.35 14.62 -17.11
N ALA K 340 -83.03 15.92 -17.01
CA ALA K 340 -81.66 16.37 -16.72
C ALA K 340 -81.67 17.25 -15.47
N ILE K 341 -80.64 17.07 -14.63
CA ILE K 341 -80.47 17.80 -13.35
C ILE K 341 -79.03 18.39 -13.33
N GLU K 342 -78.85 19.61 -12.83
CA GLU K 342 -77.53 20.20 -12.78
C GLU K 342 -77.24 20.87 -11.45
N VAL K 343 -75.94 20.97 -11.12
CA VAL K 343 -75.46 21.61 -9.88
C VAL K 343 -74.29 22.58 -10.21
N ARG K 344 -74.12 23.62 -9.38
CA ARG K 344 -73.03 24.60 -9.53
C ARG K 344 -71.97 24.31 -8.43
N LEU K 345 -70.73 24.01 -8.87
CA LEU K 345 -69.61 23.66 -7.99
C LEU K 345 -68.82 24.92 -7.53
N TYR K 346 -69.14 25.40 -6.33
CA TYR K 346 -68.51 26.62 -5.79
C TYR K 346 -67.38 26.53 -4.76
N ALA K 347 -66.49 27.51 -4.86
CA ALA K 347 -65.39 27.66 -3.95
C ALA K 347 -65.99 28.52 -2.84
N GLU K 348 -67.19 28.16 -2.36
CA GLU K 348 -67.87 28.95 -1.31
C GLU K 348 -67.62 28.46 0.11
N ASP K 349 -68.63 27.85 0.70
CA ASP K 349 -68.52 27.37 2.08
C ASP K 349 -69.92 26.87 2.45
N PRO K 350 -70.06 25.58 2.79
CA PRO K 350 -71.40 25.08 3.15
C PRO K 350 -72.00 25.75 4.41
N GLU K 351 -71.41 25.49 5.58
CA GLU K 351 -71.91 26.07 6.83
C GLU K 351 -71.33 27.44 7.19
N GLY K 352 -70.10 27.73 6.74
CA GLY K 352 -69.52 29.03 7.05
C GLY K 352 -70.28 30.21 6.45
N ASP K 353 -71.57 30.04 6.17
CA ASP K 353 -72.46 31.07 5.59
C ASP K 353 -72.05 31.72 4.26
N PHE K 354 -71.78 30.84 3.30
CA PHE K 354 -71.37 31.18 1.95
C PHE K 354 -70.46 32.36 1.84
N LEU K 355 -69.23 32.09 2.27
CA LEU K 355 -68.13 33.03 2.26
C LEU K 355 -67.21 32.55 1.12
N PRO K 356 -67.50 32.98 -0.12
CA PRO K 356 -66.71 32.58 -1.29
C PRO K 356 -65.19 32.67 -1.08
N ALA K 357 -64.67 31.74 -0.29
CA ALA K 357 -63.24 31.69 -0.02
C ALA K 357 -62.53 31.54 -1.39
N SER K 358 -61.20 31.62 -1.39
CA SER K 358 -60.45 31.51 -2.64
C SER K 358 -58.95 31.29 -2.43
N GLY K 359 -58.58 30.02 -2.33
CA GLY K 359 -57.18 29.64 -2.15
C GLY K 359 -56.53 29.03 -3.37
N ARG K 360 -56.18 27.76 -3.28
CA ARG K 360 -55.54 27.07 -4.39
C ARG K 360 -55.96 25.63 -4.47
N LEU K 361 -56.34 25.19 -5.67
CA LEU K 361 -56.78 23.82 -5.87
C LEU K 361 -55.69 22.77 -5.67
N MET K 362 -55.70 22.09 -4.52
CA MET K 362 -54.70 21.04 -4.27
C MET K 362 -55.16 19.77 -4.94
N LEU K 363 -56.37 19.33 -4.57
CA LEU K 363 -56.94 18.12 -5.12
C LEU K 363 -58.20 18.49 -5.92
N TYR K 364 -58.35 17.82 -7.06
CA TYR K 364 -59.47 18.03 -7.95
C TYR K 364 -59.66 16.79 -8.82
N ARG K 365 -60.61 15.95 -8.46
CA ARG K 365 -60.89 14.71 -9.21
C ARG K 365 -62.35 14.59 -9.70
N GLU K 366 -62.64 15.03 -10.93
CA GLU K 366 -64.00 14.94 -11.46
C GLU K 366 -64.34 13.47 -11.67
N ALA K 367 -65.56 13.06 -11.34
CA ALA K 367 -65.91 11.67 -11.56
C ALA K 367 -65.70 11.38 -13.05
N ALA K 368 -65.45 10.11 -13.35
CA ALA K 368 -65.21 9.69 -14.73
C ALA K 368 -66.52 9.74 -15.51
N ALA K 369 -66.44 10.08 -16.80
CA ALA K 369 -67.64 10.15 -17.62
C ALA K 369 -68.28 8.76 -17.67
N GLY K 370 -69.54 8.69 -18.07
CA GLY K 370 -70.20 7.39 -18.12
C GLY K 370 -71.67 7.43 -18.49
N PRO K 371 -72.50 6.56 -17.87
CA PRO K 371 -73.94 6.48 -18.12
C PRO K 371 -74.46 7.65 -18.96
N GLY K 372 -74.88 8.69 -18.24
CA GLY K 372 -75.37 9.89 -18.88
C GLY K 372 -74.76 11.01 -18.08
N ARG K 373 -73.45 10.94 -17.86
CA ARG K 373 -72.69 11.93 -17.07
C ARG K 373 -72.08 13.07 -17.88
N ARG K 374 -72.36 14.32 -17.52
CA ARG K 374 -71.70 15.45 -18.19
C ARG K 374 -71.05 16.34 -17.14
N VAL K 375 -69.95 16.99 -17.51
CA VAL K 375 -69.29 17.88 -16.58
C VAL K 375 -68.59 18.95 -17.37
N ASP K 376 -69.05 20.18 -17.14
CA ASP K 376 -68.48 21.39 -17.75
C ASP K 376 -67.65 22.05 -16.64
N SER K 377 -66.32 22.14 -16.84
CA SER K 377 -65.38 22.74 -15.88
C SER K 377 -64.41 23.71 -16.58
N GLY K 378 -63.81 24.63 -15.82
CA GLY K 378 -62.89 25.56 -16.44
C GLY K 378 -61.65 25.67 -15.59
N VAL K 379 -61.39 24.64 -14.81
CA VAL K 379 -60.25 24.62 -13.91
C VAL K 379 -59.62 23.22 -13.90
N ARG K 380 -58.36 23.15 -13.49
CA ARG K 380 -57.68 21.88 -13.42
C ARG K 380 -56.89 21.84 -12.13
N GLU K 381 -56.95 20.72 -11.42
CA GLU K 381 -56.23 20.56 -10.15
C GLU K 381 -54.88 21.27 -10.21
N GLY K 382 -54.52 21.91 -9.10
CA GLY K 382 -53.27 22.62 -9.05
C GLY K 382 -53.39 24.06 -9.48
N ASP K 383 -54.52 24.44 -10.07
CA ASP K 383 -54.57 25.81 -10.48
C ASP K 383 -54.95 26.75 -9.35
N GLU K 384 -54.55 28.00 -9.55
CA GLU K 384 -54.74 29.12 -8.63
C GLU K 384 -56.19 29.65 -8.67
N VAL K 385 -56.92 29.51 -7.54
CA VAL K 385 -58.32 29.98 -7.43
C VAL K 385 -58.35 31.49 -7.11
N SER K 386 -58.63 32.28 -8.15
CA SER K 386 -58.63 33.74 -8.07
C SER K 386 -59.67 34.36 -7.11
N PRO K 387 -59.35 35.56 -6.58
CA PRO K 387 -60.22 36.29 -5.66
C PRO K 387 -61.12 37.27 -6.43
N PHE K 388 -60.58 37.79 -7.54
CA PHE K 388 -61.24 38.77 -8.42
C PHE K 388 -62.30 38.23 -9.37
N TYR K 389 -62.66 36.95 -9.26
CA TYR K 389 -63.68 36.42 -10.17
C TYR K 389 -64.64 35.43 -9.48
N ASP K 390 -65.70 35.09 -10.22
CA ASP K 390 -66.74 34.16 -9.79
C ASP K 390 -66.16 32.84 -9.25
N PRO K 391 -66.30 32.54 -7.94
CA PRO K 391 -65.74 31.26 -7.48
C PRO K 391 -66.45 29.95 -7.86
N MET K 392 -66.80 29.82 -9.14
CA MET K 392 -67.44 28.62 -9.68
C MET K 392 -66.42 27.78 -10.46
N LEU K 393 -66.11 26.62 -9.91
CA LEU K 393 -65.15 25.71 -10.53
C LEU K 393 -65.79 24.90 -11.66
N ALA K 394 -66.85 24.13 -11.35
CA ALA K 394 -67.53 23.29 -12.34
C ALA K 394 -69.05 23.24 -12.27
N LYS K 395 -69.64 22.68 -13.32
CA LYS K 395 -71.07 22.47 -13.41
C LYS K 395 -71.21 20.97 -13.68
N LEU K 396 -71.87 20.27 -12.75
CA LEU K 396 -72.07 18.82 -12.87
C LEU K 396 -73.52 18.47 -13.31
N ILE K 397 -73.66 18.06 -14.58
CA ILE K 397 -74.95 17.71 -15.21
C ILE K 397 -75.15 16.18 -15.42
N ALA K 398 -76.26 15.64 -14.91
CA ALA K 398 -76.58 14.22 -15.07
C ALA K 398 -77.93 14.02 -15.75
N TRP K 399 -78.05 12.97 -16.53
CA TRP K 399 -79.27 12.69 -17.25
C TRP K 399 -79.82 11.29 -17.01
N GLY K 400 -81.15 11.14 -17.14
CA GLY K 400 -81.77 9.85 -16.98
C GLY K 400 -82.99 9.73 -17.88
N GLU K 401 -83.66 8.60 -17.81
CA GLU K 401 -84.84 8.43 -18.64
C GLU K 401 -86.04 8.87 -17.81
N THR K 402 -85.82 8.92 -16.48
CA THR K 402 -86.82 9.34 -15.46
C THR K 402 -86.15 10.44 -14.60
N ARG K 403 -86.86 10.98 -13.59
CA ARG K 403 -86.30 12.05 -12.73
C ARG K 403 -85.38 11.46 -11.69
N GLU K 404 -85.77 10.30 -11.17
CA GLU K 404 -84.99 9.55 -10.15
C GLU K 404 -83.67 8.91 -10.71
N GLU K 405 -83.67 8.56 -12.00
CA GLU K 405 -82.49 7.98 -12.67
C GLU K 405 -81.38 9.05 -12.78
N ALA K 406 -81.79 10.30 -13.04
CA ALA K 406 -80.86 11.43 -13.18
C ALA K 406 -80.28 11.84 -11.82
N ARG K 407 -81.17 12.09 -10.86
CA ARG K 407 -80.74 12.48 -9.50
C ARG K 407 -79.81 11.42 -8.84
N GLN K 408 -80.22 10.15 -8.89
CA GLN K 408 -79.48 9.04 -8.31
C GLN K 408 -78.14 8.88 -8.99
N ARG K 409 -78.11 9.19 -10.28
CA ARG K 409 -76.90 9.11 -11.07
C ARG K 409 -76.05 10.38 -10.89
N LEU K 410 -76.70 11.52 -10.60
CA LEU K 410 -75.97 12.77 -10.39
C LEU K 410 -75.36 12.76 -9.00
N LEU K 411 -76.01 12.02 -8.11
CA LEU K 411 -75.56 11.84 -6.74
C LEU K 411 -74.27 11.02 -6.78
N ALA K 412 -74.24 10.09 -7.73
CA ALA K 412 -73.11 9.21 -7.96
C ALA K 412 -71.93 10.11 -8.28
N MET K 413 -72.09 10.94 -9.31
CA MET K 413 -71.07 11.90 -9.76
C MET K 413 -70.49 12.73 -8.64
N LEU K 414 -71.39 13.23 -7.80
CA LEU K 414 -71.01 14.07 -6.68
C LEU K 414 -70.19 13.34 -5.59
N ALA K 415 -70.33 12.01 -5.47
CA ALA K 415 -69.52 11.29 -4.48
C ALA K 415 -68.18 10.80 -5.09
N GLU K 416 -68.15 10.70 -6.43
CA GLU K 416 -66.95 10.30 -7.20
C GLU K 416 -66.03 11.53 -7.40
N THR K 417 -66.61 12.71 -7.15
CA THR K 417 -65.92 14.00 -7.26
C THR K 417 -65.33 14.50 -5.93
N SER K 418 -64.09 14.98 -5.98
CA SER K 418 -63.40 15.43 -4.79
C SER K 418 -62.48 16.62 -5.02
N VAL K 419 -62.72 17.69 -4.28
CA VAL K 419 -61.88 18.86 -4.40
C VAL K 419 -61.31 19.08 -3.03
N GLY K 420 -60.00 19.28 -2.96
CA GLY K 420 -59.33 19.50 -1.68
C GLY K 420 -58.33 20.65 -1.67
N GLY K 421 -58.26 21.34 -0.52
CA GLY K 421 -57.35 22.46 -0.37
C GLY K 421 -58.04 23.81 -0.43
N LEU K 422 -59.32 23.83 -0.04
CA LEU K 422 -60.12 25.05 0.00
C LEU K 422 -61.52 24.71 0.46
N ARG K 423 -62.29 25.76 0.70
CA ARG K 423 -63.66 25.64 1.15
C ARG K 423 -64.62 25.36 -0.06
N THR K 424 -65.37 24.26 0.01
CA THR K 424 -66.26 23.87 -1.09
C THR K 424 -67.67 23.60 -0.67
N ASN K 425 -68.58 23.77 -1.62
CA ASN K 425 -69.99 23.53 -1.36
C ASN K 425 -70.32 22.11 -1.78
N LEU K 426 -69.30 21.34 -2.16
CA LEU K 426 -69.57 19.98 -2.63
C LEU K 426 -70.21 19.10 -1.55
N ALA K 427 -69.95 19.44 -0.30
CA ALA K 427 -70.52 18.68 0.82
C ALA K 427 -72.00 19.04 0.91
N PHE K 428 -72.28 20.33 0.82
CA PHE K 428 -73.64 20.89 0.85
C PHE K 428 -74.49 20.17 -0.23
N LEU K 429 -74.07 20.31 -1.49
CA LEU K 429 -74.73 19.71 -2.66
C LEU K 429 -75.02 18.23 -2.46
N ARG K 430 -74.03 17.52 -1.95
CA ARG K 430 -74.11 16.10 -1.64
C ARG K 430 -75.44 15.73 -0.95
N ARG K 431 -75.73 16.35 0.20
CA ARG K 431 -76.96 16.09 1.00
C ARG K 431 -78.26 16.86 0.65
N ILE K 432 -78.20 17.75 -0.35
CA ILE K 432 -79.37 18.52 -0.77
C ILE K 432 -80.09 17.75 -1.88
N LEU K 433 -79.33 16.90 -2.59
CA LEU K 433 -79.84 16.04 -3.69
C LEU K 433 -80.32 14.71 -3.12
N GLY K 434 -79.86 14.41 -1.91
CA GLY K 434 -80.22 13.19 -1.19
C GLY K 434 -81.20 13.44 -0.05
N HIS K 435 -81.62 14.70 0.06
CA HIS K 435 -82.59 15.21 1.03
C HIS K 435 -83.99 14.73 0.56
N PRO K 436 -84.69 13.88 1.34
CA PRO K 436 -86.04 13.37 0.97
C PRO K 436 -87.01 14.39 0.39
N ALA K 437 -86.78 15.67 0.71
CA ALA K 437 -87.59 16.79 0.22
C ALA K 437 -87.43 16.92 -1.29
N PHE K 438 -86.19 16.75 -1.76
CA PHE K 438 -85.89 16.84 -3.18
C PHE K 438 -86.47 15.62 -3.95
N ALA K 439 -86.67 14.51 -3.26
CA ALA K 439 -87.24 13.30 -3.85
C ALA K 439 -88.59 13.74 -4.45
N ALA K 440 -89.51 14.16 -3.57
CA ALA K 440 -90.83 14.65 -4.00
C ALA K 440 -90.69 16.10 -4.53
N ALA K 441 -91.62 16.53 -5.38
CA ALA K 441 -91.58 17.86 -6.01
C ALA K 441 -91.80 19.04 -5.04
N GLU K 442 -91.29 18.94 -3.81
CA GLU K 442 -91.45 20.02 -2.81
C GLU K 442 -90.63 21.27 -3.13
N LEU K 443 -90.76 21.73 -4.38
CA LEU K 443 -90.02 22.89 -4.87
C LEU K 443 -90.74 24.27 -4.82
N ASP K 444 -89.96 25.29 -4.39
CA ASP K 444 -90.37 26.69 -4.26
C ASP K 444 -89.06 27.47 -4.14
N THR K 445 -89.10 28.78 -3.90
CA THR K 445 -87.86 29.54 -3.77
C THR K 445 -87.41 29.72 -2.30
N GLY K 446 -88.11 29.01 -1.40
CA GLY K 446 -87.79 29.04 0.02
C GLY K 446 -87.19 27.75 0.57
N PHE K 447 -87.26 26.63 -0.18
CA PHE K 447 -86.72 25.31 0.23
C PHE K 447 -85.25 25.35 0.76
N ILE K 448 -84.46 26.28 0.21
CA ILE K 448 -83.05 26.50 0.58
C ILE K 448 -83.00 26.87 2.08
N ALA K 449 -83.81 27.86 2.45
CA ALA K 449 -83.87 28.31 3.84
C ALA K 449 -84.66 27.33 4.71
N ARG K 450 -85.78 26.85 4.18
CA ARG K 450 -86.65 25.92 4.90
C ARG K 450 -85.88 24.83 5.63
N HIS K 451 -85.48 23.77 4.94
CA HIS K 451 -84.77 22.69 5.61
C HIS K 451 -83.32 23.04 5.83
N GLN K 452 -83.08 24.31 6.15
CA GLN K 452 -81.73 24.87 6.40
C GLN K 452 -80.84 24.01 7.33
N ASP K 453 -81.45 23.40 8.35
CA ASP K 453 -80.71 22.56 9.29
C ASP K 453 -80.21 21.26 8.65
N ASP K 454 -81.12 20.46 8.09
CA ASP K 454 -80.75 19.19 7.44
C ASP K 454 -79.70 19.35 6.28
N LEU K 455 -79.48 20.59 5.80
CA LEU K 455 -78.52 20.84 4.72
C LEU K 455 -77.24 21.56 5.15
N LEU K 456 -77.22 22.14 6.35
CA LEU K 456 -76.02 22.84 6.81
C LEU K 456 -75.62 22.52 8.25
N PRO K 457 -75.74 21.25 8.70
CA PRO K 457 -75.42 20.79 10.07
C PRO K 457 -74.20 21.41 10.74
N ALA K 458 -74.12 21.29 12.07
CA ALA K 458 -72.99 21.84 12.80
C ALA K 458 -71.91 20.75 12.85
N PRO K 459 -70.62 21.14 12.66
CA PRO K 459 -69.52 20.16 12.69
C PRO K 459 -69.31 19.39 14.01
N GLN K 460 -68.12 18.83 14.17
CA GLN K 460 -67.77 18.07 15.38
C GLN K 460 -66.59 17.19 15.02
N ALA K 461 -65.61 17.14 15.92
CA ALA K 461 -64.39 16.35 15.72
C ALA K 461 -64.64 14.85 15.74
N LEU K 462 -65.69 14.42 15.04
CA LEU K 462 -66.09 13.00 14.95
C LEU K 462 -65.04 11.97 15.38
N PRO K 463 -65.52 10.80 15.83
CA PRO K 463 -64.70 9.68 16.32
C PRO K 463 -63.19 9.62 16.08
N GLU K 464 -62.60 8.63 16.74
CA GLU K 464 -61.19 8.31 16.61
C GLU K 464 -61.32 7.27 15.49
N HIS K 465 -62.55 6.77 15.38
CA HIS K 465 -62.99 5.83 14.35
C HIS K 465 -62.15 6.34 13.20
N PHE K 466 -62.41 7.62 12.92
CA PHE K 466 -61.78 8.39 11.88
C PHE K 466 -60.29 8.44 12.10
N TRP K 467 -59.86 9.25 13.08
CA TRP K 467 -58.43 9.39 13.36
C TRP K 467 -57.61 8.14 12.98
N GLN K 468 -58.11 6.96 13.37
CA GLN K 468 -57.44 5.70 13.08
C GLN K 468 -57.13 5.59 11.60
N ALA K 469 -58.20 5.60 10.82
CA ALA K 469 -58.07 5.53 9.38
C ALA K 469 -57.02 6.54 8.99
N ALA K 470 -57.38 7.81 9.17
CA ALA K 470 -56.52 8.94 8.84
C ALA K 470 -55.03 8.70 9.06
N ALA K 471 -54.68 8.02 10.14
CA ALA K 471 -53.27 7.78 10.42
C ALA K 471 -52.72 6.66 9.58
N GLU K 472 -53.44 5.53 9.61
CA GLU K 472 -53.02 4.36 8.85
C GLU K 472 -52.83 4.85 7.44
N ALA K 473 -53.78 5.65 6.98
CA ALA K 473 -53.75 6.21 5.64
C ALA K 473 -52.49 7.02 5.40
N TRP K 474 -52.25 7.99 6.27
CA TRP K 474 -51.07 8.85 6.15
C TRP K 474 -49.83 7.99 6.04
N LEU K 475 -49.67 7.08 7.01
CA LEU K 475 -48.51 6.18 7.08
C LEU K 475 -48.23 5.51 5.73
N GLN K 476 -49.28 4.92 5.17
CA GLN K 476 -49.24 4.21 3.91
C GLN K 476 -49.09 5.11 2.67
N SER K 477 -48.85 6.41 2.84
CA SER K 477 -48.69 7.28 1.67
C SER K 477 -47.30 7.94 1.54
N GLU K 478 -46.34 7.45 2.33
CA GLU K 478 -44.94 7.90 2.33
C GLU K 478 -44.04 6.67 2.39
N PRO K 479 -43.57 6.21 1.22
CA PRO K 479 -42.70 5.04 1.02
C PRO K 479 -41.53 4.80 2.02
N GLY K 480 -41.24 5.79 2.85
CA GLY K 480 -40.12 5.68 3.77
C GLY K 480 -38.91 6.27 3.05
N HIS K 481 -38.20 5.43 2.32
CA HIS K 481 -37.07 5.90 1.55
C HIS K 481 -36.33 4.68 1.15
N ARG K 482 -35.96 4.63 -0.13
CA ARG K 482 -35.21 3.51 -0.67
C ARG K 482 -33.85 4.01 -1.12
N ARG K 483 -32.82 3.47 -0.48
CA ARG K 483 -31.45 3.82 -0.79
C ARG K 483 -31.02 3.07 -2.03
N ASP K 484 -30.42 3.79 -2.95
CA ASP K 484 -29.93 3.21 -4.18
C ASP K 484 -28.80 2.29 -3.79
N ASP K 485 -28.28 2.46 -2.57
CA ASP K 485 -27.20 1.65 -2.02
C ASP K 485 -27.66 0.20 -2.13
N ASP K 486 -28.79 -0.11 -1.49
CA ASP K 486 -29.41 -1.43 -1.59
C ASP K 486 -30.87 -1.09 -1.50
N PRO K 487 -31.54 -1.09 -2.64
CA PRO K 487 -32.95 -0.81 -2.85
C PRO K 487 -33.76 -1.74 -2.04
N HIS K 488 -33.40 -3.02 -2.22
CA HIS K 488 -34.03 -4.18 -1.57
C HIS K 488 -34.08 -4.13 0.00
N SER K 489 -33.41 -3.13 0.57
CA SER K 489 -33.29 -2.88 2.00
C SER K 489 -34.61 -3.09 2.71
N PRO K 490 -34.65 -3.95 3.73
CA PRO K 490 -35.91 -4.15 4.43
C PRO K 490 -36.23 -2.98 5.36
N TRP K 491 -35.32 -2.02 5.47
CA TRP K 491 -35.54 -0.84 6.32
C TRP K 491 -36.43 0.22 5.66
N SER K 492 -37.05 -0.11 4.53
CA SER K 492 -37.90 0.85 3.82
C SER K 492 -39.36 0.59 4.19
N ARG K 493 -39.64 -0.65 4.61
CA ARG K 493 -40.96 -1.12 4.98
C ARG K 493 -41.42 -0.41 6.21
N ASN K 494 -42.18 0.65 6.04
CA ASN K 494 -42.68 1.41 7.19
C ASN K 494 -43.80 0.72 7.93
N ASP K 495 -43.71 -0.60 8.07
CA ASP K 495 -44.76 -1.30 8.77
C ASP K 495 -44.68 -1.14 10.28
N GLY K 496 -43.66 -0.39 10.74
CA GLY K 496 -43.50 -0.16 12.17
C GLY K 496 -43.01 -1.40 12.92
N TRP K 497 -42.30 -2.25 12.22
CA TRP K 497 -41.78 -3.48 12.79
C TRP K 497 -41.04 -3.32 14.13
N ARG K 498 -41.18 -4.32 14.96
CA ARG K 498 -40.53 -4.31 16.25
C ARG K 498 -40.14 -5.72 16.64
N SER K 499 -39.23 -5.85 17.59
CA SER K 499 -38.73 -7.15 18.08
C SER K 499 -39.68 -8.35 18.37
N ALA K 500 -40.60 -8.18 19.33
CA ALA K 500 -41.57 -9.23 19.72
C ALA K 500 -42.99 -8.74 20.00
N LEU K 501 -43.15 -7.44 20.26
CA LEU K 501 -44.43 -6.76 20.52
C LEU K 501 -45.03 -6.39 19.17
N ALA K 502 -46.12 -5.61 19.12
CA ALA K 502 -46.70 -5.28 17.81
C ALA K 502 -46.07 -4.10 17.12
N ARG K 503 -46.37 -3.95 15.83
CA ARG K 503 -45.83 -2.87 15.04
C ARG K 503 -46.23 -1.54 15.64
N GLU K 504 -45.23 -0.74 16.02
CA GLU K 504 -45.46 0.59 16.60
C GLU K 504 -45.10 1.73 15.62
N SER K 505 -46.11 2.51 15.26
CA SER K 505 -45.93 3.66 14.39
C SER K 505 -46.52 4.80 15.24
N ASP K 506 -45.71 5.82 15.53
CA ASP K 506 -46.20 6.95 16.30
C ASP K 506 -46.20 8.10 15.32
N LEU K 507 -47.35 8.71 15.09
CA LEU K 507 -47.38 9.80 14.11
C LEU K 507 -48.09 11.09 14.61
N MET K 508 -47.42 12.23 14.43
CA MET K 508 -47.88 13.59 14.83
C MET K 508 -48.75 14.24 13.73
N LEU K 509 -50.02 13.83 13.62
CA LEU K 509 -50.89 14.38 12.60
C LEU K 509 -51.61 15.64 13.00
N ARG K 510 -52.47 16.12 12.10
CA ARG K 510 -53.21 17.35 12.34
C ARG K 510 -54.30 17.41 11.29
N CYS K 511 -55.55 17.37 11.73
CA CYS K 511 -56.70 17.47 10.81
C CYS K 511 -57.50 18.73 11.19
N ARG K 512 -58.27 19.29 10.24
CA ARG K 512 -59.02 20.53 10.50
C ARG K 512 -58.04 21.37 11.31
N ASP K 513 -58.38 21.76 12.55
CA ASP K 513 -57.39 22.45 13.37
C ASP K 513 -57.51 21.83 14.74
N GLU K 514 -56.97 20.62 14.81
CA GLU K 514 -56.98 19.78 16.00
C GLU K 514 -55.88 18.80 15.73
N ARG K 515 -54.72 18.99 16.35
CA ARG K 515 -53.61 18.06 16.16
C ARG K 515 -53.67 16.89 17.19
N ARG K 516 -53.26 15.69 16.77
CA ARG K 516 -53.28 14.50 17.64
C ARG K 516 -52.13 13.54 17.32
N CYS K 517 -51.46 13.07 18.37
CA CYS K 517 -50.35 12.11 18.27
C CYS K 517 -51.03 10.74 18.27
N VAL K 518 -51.20 10.20 17.07
CA VAL K 518 -51.83 8.92 16.89
C VAL K 518 -50.89 7.74 17.22
N ARG K 519 -51.40 6.80 18.04
CA ARG K 519 -50.66 5.60 18.43
C ARG K 519 -51.21 4.53 17.51
N LEU K 520 -50.35 3.96 16.68
CA LEU K 520 -50.78 2.94 15.73
C LEU K 520 -50.14 1.59 16.10
N ARG K 521 -50.76 0.88 17.04
CA ARG K 521 -50.23 -0.41 17.49
C ARG K 521 -51.10 -1.63 17.14
N HIS K 522 -50.95 -2.11 15.91
CA HIS K 522 -51.67 -3.28 15.42
C HIS K 522 -50.81 -4.56 15.53
N ALA K 523 -51.37 -5.61 16.14
CA ALA K 523 -50.66 -6.88 16.24
C ALA K 523 -51.21 -7.74 15.08
N SER K 524 -52.42 -7.39 14.63
CA SER K 524 -53.12 -8.04 13.50
C SER K 524 -52.87 -7.10 12.30
N PRO K 525 -51.81 -7.37 11.50
CA PRO K 525 -51.42 -6.58 10.32
C PRO K 525 -52.52 -5.83 9.53
N SER K 526 -53.69 -6.43 9.44
CA SER K 526 -54.81 -5.86 8.70
C SER K 526 -55.28 -4.45 9.10
N GLN K 527 -56.61 -4.32 9.15
CA GLN K 527 -57.34 -3.11 9.50
C GLN K 527 -57.64 -2.33 8.24
N TYR K 528 -56.62 -1.68 7.71
CA TYR K 528 -56.76 -0.88 6.52
C TYR K 528 -55.56 -1.08 5.62
N ARG K 529 -55.83 -1.27 4.33
CA ARG K 529 -54.78 -1.39 3.35
C ARG K 529 -55.11 -0.24 2.40
N LEU K 530 -54.20 0.09 1.49
CA LEU K 530 -54.43 1.21 0.61
C LEU K 530 -53.92 1.00 -0.82
N ASP K 531 -54.82 1.02 -1.79
CA ASP K 531 -54.43 0.84 -3.18
C ASP K 531 -54.84 2.08 -3.95
N GLY K 532 -53.89 2.62 -4.73
CA GLY K 532 -54.18 3.79 -5.51
C GLY K 532 -54.71 4.88 -4.62
N ASP K 533 -55.75 5.57 -5.10
CA ASP K 533 -56.33 6.64 -4.32
C ASP K 533 -57.52 6.07 -3.52
N ASP K 534 -57.36 4.88 -2.94
CA ASP K 534 -58.46 4.26 -2.19
C ASP K 534 -58.12 3.52 -0.91
N LEU K 535 -58.85 3.85 0.16
CA LEU K 535 -58.68 3.21 1.46
C LEU K 535 -59.69 2.07 1.65
N VAL K 536 -59.19 0.84 1.62
CA VAL K 536 -60.01 -0.37 1.75
C VAL K 536 -60.06 -0.90 3.21
N SER K 537 -61.23 -0.91 3.84
CA SER K 537 -61.29 -1.40 5.22
C SER K 537 -62.12 -2.66 5.45
N ARG K 538 -61.52 -3.62 6.16
CA ARG K 538 -62.16 -4.89 6.50
C ARG K 538 -62.90 -4.87 7.86
N VAL K 539 -63.88 -3.95 7.98
CA VAL K 539 -64.71 -3.71 9.21
C VAL K 539 -65.58 -4.90 9.68
N ASP K 540 -64.99 -6.07 9.98
CA ASP K 540 -65.76 -7.23 10.48
C ASP K 540 -66.52 -8.05 9.42
N GLY K 541 -65.79 -8.49 8.39
CA GLY K 541 -66.37 -9.24 7.30
C GLY K 541 -66.89 -8.31 6.22
N VAL K 542 -67.34 -7.14 6.64
CA VAL K 542 -67.91 -6.14 5.76
C VAL K 542 -66.91 -5.09 5.21
N THR K 543 -66.24 -5.46 4.13
CA THR K 543 -65.27 -4.58 3.48
C THR K 543 -65.92 -3.38 2.80
N ARG K 544 -65.41 -2.19 3.08
CA ARG K 544 -65.94 -0.98 2.48
C ARG K 544 -64.71 -0.20 1.97
N ARG K 545 -64.83 0.48 0.84
CA ARG K 545 -63.69 1.22 0.31
C ARG K 545 -64.01 2.69 0.22
N SER K 546 -63.26 3.51 0.95
CA SER K 546 -63.46 4.96 0.95
C SER K 546 -62.28 5.65 0.29
N ALA K 547 -62.57 6.58 -0.62
CA ALA K 547 -61.49 7.26 -1.33
C ALA K 547 -60.59 8.04 -0.38
N ALA K 548 -59.30 8.09 -0.72
CA ALA K 548 -58.28 8.78 0.06
C ALA K 548 -57.03 8.96 -0.78
N LEU K 549 -56.54 10.18 -0.86
CA LEU K 549 -55.31 10.44 -1.61
C LEU K 549 -54.51 11.63 -1.04
N ARG K 550 -53.19 11.60 -1.24
CA ARG K 550 -52.31 12.65 -0.76
C ARG K 550 -51.75 13.52 -1.89
N ARG K 551 -51.37 14.73 -1.53
CA ARG K 551 -50.78 15.72 -2.42
C ARG K 551 -49.96 16.65 -1.50
N GLY K 552 -48.63 16.53 -1.55
CA GLY K 552 -47.77 17.35 -0.71
C GLY K 552 -47.88 16.99 0.76
N ARG K 553 -47.74 17.98 1.64
CA ARG K 553 -47.81 17.75 3.09
C ARG K 553 -49.20 17.41 3.57
N GLN K 554 -50.15 17.42 2.63
CA GLN K 554 -51.54 17.13 2.93
C GLN K 554 -52.08 15.80 2.35
N LEU K 555 -53.01 15.18 3.09
CA LEU K 555 -53.61 13.94 2.67
C LEU K 555 -55.11 14.09 2.82
N PHE K 556 -55.83 13.98 1.71
CA PHE K 556 -57.29 14.14 1.73
C PHE K 556 -58.07 12.86 1.84
N LEU K 557 -58.86 12.74 2.88
CA LEU K 557 -59.64 11.54 3.09
C LEU K 557 -61.13 11.84 3.14
N GLU K 558 -61.88 11.19 2.27
CA GLU K 558 -63.32 11.39 2.21
C GLU K 558 -63.90 10.62 3.39
N TRP K 559 -64.34 11.38 4.39
CA TRP K 559 -64.92 10.81 5.60
C TRP K 559 -66.34 11.29 5.76
N GLU K 560 -67.29 10.41 5.48
CA GLU K 560 -68.72 10.71 5.56
C GLU K 560 -69.12 12.04 4.90
N GLY K 561 -69.22 11.97 3.57
CA GLY K 561 -69.58 13.12 2.75
C GLY K 561 -68.42 14.07 2.63
N GLU K 562 -68.07 14.65 3.77
CA GLU K 562 -66.98 15.59 3.92
C GLU K 562 -65.64 15.03 3.36
N LEU K 563 -64.74 15.93 2.96
CA LEU K 563 -63.42 15.58 2.42
C LEU K 563 -62.35 16.35 3.23
N LEU K 564 -62.07 15.83 4.43
CA LEU K 564 -61.11 16.41 5.40
C LEU K 564 -59.65 16.37 4.98
N ALA K 565 -58.88 17.43 5.27
CA ALA K 565 -57.46 17.49 4.93
C ALA K 565 -56.58 17.27 6.17
N ILE K 566 -55.69 16.29 6.12
CA ILE K 566 -54.80 15.98 7.26
C ILE K 566 -53.32 16.15 6.90
N GLU K 567 -52.53 16.80 7.77
CA GLU K 567 -51.10 17.01 7.51
C GLU K 567 -50.18 16.86 8.74
N ALA K 568 -48.87 16.90 8.50
CA ALA K 568 -47.85 16.74 9.54
C ALA K 568 -47.53 17.99 10.41
N VAL K 569 -47.68 17.83 11.74
CA VAL K 569 -47.39 18.90 12.71
C VAL K 569 -45.88 19.16 12.75
N ASP K 570 -45.48 20.44 12.94
CA ASP K 570 -44.03 20.77 13.00
C ASP K 570 -43.56 21.63 14.20
N SER L 19 -34.37 -23.22 -11.10
CA SER L 19 -33.72 -23.82 -9.90
C SER L 19 -34.73 -24.62 -9.08
N HIS L 20 -35.64 -25.28 -9.78
CA HIS L 20 -36.70 -26.09 -9.18
C HIS L 20 -36.22 -27.39 -8.51
N MET L 21 -34.91 -27.55 -8.35
CA MET L 21 -34.35 -28.73 -7.69
C MET L 21 -33.56 -28.26 -6.43
N ALA L 22 -33.38 -26.93 -6.39
CA ALA L 22 -32.71 -26.21 -5.31
C ALA L 22 -33.74 -26.04 -4.19
N ILE L 23 -34.92 -26.58 -4.42
CA ILE L 23 -36.00 -26.47 -3.45
C ILE L 23 -35.90 -27.48 -2.35
N LEU L 24 -36.35 -27.06 -1.19
CA LEU L 24 -36.36 -27.94 -0.04
C LEU L 24 -37.83 -28.41 0.14
N HIS L 25 -38.09 -29.69 -0.18
CA HIS L 25 -39.42 -30.30 -0.04
C HIS L 25 -39.67 -30.72 1.42
N THR L 26 -40.60 -30.02 2.06
CA THR L 26 -40.95 -30.24 3.46
C THR L 26 -41.21 -31.68 3.74
N GLN L 27 -41.14 -32.04 5.01
CA GLN L 27 -41.38 -33.40 5.44
C GLN L 27 -42.16 -33.35 6.75
N ILE L 28 -42.54 -32.13 7.11
CA ILE L 28 -43.28 -31.86 8.33
C ILE L 28 -44.73 -31.71 7.97
N ASN L 29 -45.59 -32.30 8.79
CA ASN L 29 -47.01 -32.18 8.56
C ASN L 29 -47.51 -31.21 9.61
N PRO L 30 -47.96 -30.03 9.16
CA PRO L 30 -48.49 -28.94 9.98
C PRO L 30 -49.66 -29.37 10.84
N ARG L 31 -50.34 -30.42 10.42
CA ARG L 31 -51.52 -30.93 11.13
C ARG L 31 -51.28 -32.11 12.07
N SER L 32 -50.10 -32.72 12.02
CA SER L 32 -49.79 -33.85 12.90
C SER L 32 -50.03 -33.48 14.33
N ALA L 33 -50.10 -34.49 15.19
CA ALA L 33 -50.32 -34.24 16.62
C ALA L 33 -48.99 -33.78 17.18
N GLU L 34 -48.00 -34.57 16.83
CA GLU L 34 -46.61 -34.37 17.18
C GLU L 34 -46.29 -32.90 17.07
N PHE L 35 -46.42 -32.41 15.85
CA PHE L 35 -46.16 -31.02 15.51
C PHE L 35 -46.88 -30.04 16.44
N ALA L 36 -48.19 -30.20 16.57
CA ALA L 36 -48.98 -29.32 17.42
C ALA L 36 -48.46 -29.35 18.86
N ALA L 37 -47.92 -30.49 19.25
CA ALA L 37 -47.38 -30.64 20.59
C ALA L 37 -46.18 -29.69 20.80
N ASN L 38 -45.19 -29.80 19.93
CA ASN L 38 -43.98 -28.99 19.99
C ASN L 38 -44.42 -27.55 19.90
N ALA L 39 -45.16 -27.28 18.83
CA ALA L 39 -45.69 -25.97 18.54
C ALA L 39 -46.32 -25.30 19.77
N ALA L 40 -47.07 -26.07 20.54
CA ALA L 40 -47.71 -25.55 21.73
C ALA L 40 -46.66 -25.00 22.70
N THR L 41 -45.94 -25.91 23.34
CA THR L 41 -44.89 -25.56 24.30
C THR L 41 -43.94 -24.46 23.80
N MET L 42 -43.74 -24.38 22.49
CA MET L 42 -42.86 -23.38 21.91
C MET L 42 -43.54 -22.02 21.95
N LEU L 43 -44.79 -21.99 21.48
CA LEU L 43 -45.62 -20.78 21.41
C LEU L 43 -45.91 -20.24 22.79
N GLU L 44 -45.71 -21.07 23.81
CA GLU L 44 -45.95 -20.62 25.16
C GLU L 44 -44.70 -19.91 25.60
N GLN L 45 -43.55 -20.47 25.26
CA GLN L 45 -42.29 -19.87 25.64
C GLN L 45 -42.25 -18.46 25.08
N VAL L 46 -42.70 -18.32 23.86
CA VAL L 46 -42.74 -17.04 23.20
C VAL L 46 -43.58 -16.07 23.97
N ASN L 47 -44.78 -16.48 24.30
CA ASN L 47 -45.68 -15.61 25.04
C ASN L 47 -45.12 -15.28 26.40
N ALA L 48 -44.24 -16.16 26.91
CA ALA L 48 -43.63 -15.97 28.21
C ALA L 48 -42.64 -14.84 28.10
N LEU L 49 -42.08 -14.74 26.93
CA LEU L 49 -41.12 -13.72 26.65
C LEU L 49 -41.83 -12.41 26.29
N ARG L 50 -42.88 -12.52 25.48
CA ARG L 50 -43.63 -11.35 25.01
C ARG L 50 -44.05 -10.50 26.20
N THR L 51 -44.55 -11.21 27.21
CA THR L 51 -45.05 -10.66 28.44
C THR L 51 -43.97 -10.00 29.31
N LEU L 52 -42.81 -10.64 29.42
CA LEU L 52 -41.74 -10.07 30.21
C LEU L 52 -41.35 -8.77 29.52
N LEU L 53 -41.11 -8.82 28.20
CA LEU L 53 -40.74 -7.61 27.46
C LEU L 53 -41.70 -6.50 27.80
N GLY L 54 -42.96 -6.86 27.95
CA GLY L 54 -43.93 -5.85 28.29
C GLY L 54 -43.53 -5.21 29.59
N ARG L 55 -43.47 -6.01 30.64
CA ARG L 55 -43.09 -5.47 31.92
C ARG L 55 -41.89 -4.52 31.74
N ILE L 56 -40.86 -4.98 31.02
CA ILE L 56 -39.65 -4.21 30.82
C ILE L 56 -39.85 -2.87 30.12
N HIS L 57 -40.97 -2.71 29.42
CA HIS L 57 -41.22 -1.44 28.76
C HIS L 57 -41.79 -0.46 29.77
N GLU L 58 -41.80 -0.87 31.04
CA GLU L 58 -42.32 -0.03 32.11
C GLU L 58 -41.33 0.97 32.65
N GLY L 59 -40.06 0.62 32.57
CA GLY L 59 -39.01 1.49 33.03
C GLY L 59 -38.98 1.39 34.52
N GLY L 60 -38.80 2.52 35.18
CA GLY L 60 -38.77 2.55 36.62
C GLY L 60 -40.17 2.40 37.24
N GLY L 61 -41.09 1.80 36.49
CA GLY L 61 -42.47 1.60 36.97
C GLY L 61 -43.36 2.84 36.88
N SER L 62 -44.66 2.65 36.63
CA SER L 62 -45.59 3.79 36.50
C SER L 62 -45.36 4.85 37.57
N ALA L 63 -44.70 4.42 38.63
CA ALA L 63 -44.31 5.26 39.75
C ALA L 63 -43.58 6.48 39.18
N ALA L 64 -42.26 6.46 39.30
CA ALA L 64 -41.45 7.58 38.83
C ALA L 64 -41.63 7.81 37.34
N GLN L 65 -42.08 6.80 36.62
CA GLN L 65 -42.29 6.97 35.19
C GLN L 65 -43.23 8.16 34.95
N ALA L 66 -44.28 8.26 35.72
CA ALA L 66 -45.18 9.38 35.52
C ALA L 66 -44.57 10.62 36.17
N ARG L 67 -43.73 10.39 37.17
CA ARG L 67 -43.06 11.46 37.88
C ARG L 67 -42.13 12.15 36.93
N HIS L 68 -41.83 11.43 35.87
CA HIS L 68 -40.94 11.92 34.85
C HIS L 68 -41.74 12.90 34.00
N SER L 69 -42.78 12.40 33.35
CA SER L 69 -43.66 13.18 32.49
C SER L 69 -44.02 14.51 33.15
N ALA L 70 -44.00 14.48 34.49
CA ALA L 70 -44.29 15.64 35.31
C ALA L 70 -43.35 16.77 34.93
N ARG L 71 -42.07 16.45 34.83
CA ARG L 71 -41.07 17.45 34.48
C ARG L 71 -41.26 17.92 33.03
N GLY L 72 -42.22 17.32 32.31
CA GLY L 72 -42.49 17.71 30.93
C GLY L 72 -41.58 17.04 29.90
N LYS L 73 -40.88 15.99 30.31
CA LYS L 73 -39.97 15.28 29.42
C LYS L 73 -40.61 14.04 28.81
N LEU L 74 -40.46 13.81 27.50
CA LEU L 74 -41.01 12.58 26.88
C LEU L 74 -40.20 11.43 27.44
N LEU L 75 -40.80 10.24 27.51
CA LEU L 75 -40.04 9.12 28.06
C LEU L 75 -39.13 8.53 27.00
N VAL L 76 -38.15 7.79 27.46
CA VAL L 76 -37.18 7.19 26.57
C VAL L 76 -37.73 6.58 25.33
N ARG L 77 -38.50 5.53 25.50
CA ARG L 77 -39.06 4.81 24.38
C ARG L 77 -39.84 5.68 23.42
N GLU L 78 -40.42 6.76 23.94
CA GLU L 78 -41.21 7.72 23.15
C GLU L 78 -40.27 8.58 22.29
N ARG L 79 -39.21 9.13 22.90
CA ARG L 79 -38.26 9.91 22.14
C ARG L 79 -37.79 9.08 20.95
N ILE L 80 -37.48 7.80 21.15
CA ILE L 80 -37.04 6.97 20.03
C ILE L 80 -38.08 6.96 18.93
N ASN L 81 -39.28 6.52 19.24
CA ASN L 81 -40.34 6.46 18.23
C ASN L 81 -40.61 7.82 17.58
N ARG L 82 -40.30 8.90 18.26
CA ARG L 82 -40.50 10.21 17.67
C ARG L 82 -39.38 10.57 16.74
N LEU L 83 -38.16 10.15 17.07
CA LEU L 83 -36.99 10.45 16.24
C LEU L 83 -36.90 9.57 14.99
N LEU L 84 -37.44 8.36 15.09
CA LEU L 84 -37.41 7.44 13.99
C LEU L 84 -38.13 7.97 12.77
N ASP L 85 -37.89 7.34 11.64
CA ASP L 85 -38.52 7.73 10.40
C ASP L 85 -39.93 7.17 10.45
N PRO L 86 -40.93 7.94 10.02
CA PRO L 86 -42.33 7.48 10.03
C PRO L 86 -42.49 5.98 9.72
N GLY L 87 -42.88 5.21 10.76
CA GLY L 87 -43.09 3.76 10.61
C GLY L 87 -41.86 2.87 10.47
N SER L 88 -40.69 3.47 10.59
CA SER L 88 -39.43 2.74 10.50
C SER L 88 -39.44 1.59 11.46
N PRO L 89 -38.72 0.52 11.13
CA PRO L 89 -38.70 -0.62 12.01
C PRO L 89 -37.66 -0.28 13.05
N PHE L 90 -37.56 -1.10 14.09
CA PHE L 90 -36.56 -0.88 15.11
C PHE L 90 -36.15 -2.21 15.75
N LEU L 91 -34.85 -2.50 15.65
CA LEU L 91 -34.28 -3.73 16.20
C LEU L 91 -33.67 -3.38 17.53
N GLU L 92 -34.34 -3.76 18.62
CA GLU L 92 -33.81 -3.48 19.96
C GLU L 92 -32.64 -4.39 20.36
N LEU L 93 -31.77 -3.90 21.23
CA LEU L 93 -30.66 -4.71 21.68
C LEU L 93 -30.83 -5.06 23.15
N SER L 94 -30.62 -6.34 23.46
CA SER L 94 -30.75 -6.84 24.82
C SER L 94 -31.74 -6.04 25.68
N ALA L 95 -33.00 -6.48 25.70
CA ALA L 95 -34.00 -5.80 26.51
C ALA L 95 -34.03 -6.48 27.87
N LEU L 96 -33.67 -7.76 27.89
CA LEU L 96 -33.67 -8.51 29.12
C LEU L 96 -32.43 -8.14 29.84
N ALA L 97 -31.87 -7.00 29.48
CA ALA L 97 -30.63 -6.52 30.09
C ALA L 97 -30.76 -6.37 31.57
N ALA L 98 -29.83 -6.98 32.30
CA ALA L 98 -29.84 -6.88 33.74
C ALA L 98 -31.07 -7.47 34.43
N HIS L 99 -31.58 -8.59 33.91
CA HIS L 99 -32.77 -9.24 34.47
C HIS L 99 -32.46 -10.09 35.67
N GLU L 100 -33.06 -9.79 36.81
CA GLU L 100 -32.79 -10.61 37.98
C GLU L 100 -31.31 -10.66 38.23
N VAL L 101 -30.62 -9.58 37.94
CA VAL L 101 -29.20 -9.53 38.13
C VAL L 101 -28.83 -8.73 39.36
N TYR L 102 -29.11 -7.44 39.34
CA TYR L 102 -28.78 -6.69 40.52
C TYR L 102 -29.92 -6.81 41.47
N GLY L 103 -29.69 -6.39 42.71
CA GLY L 103 -30.71 -6.47 43.74
C GLY L 103 -32.11 -6.08 43.30
N GLU L 104 -32.30 -4.79 43.03
CA GLU L 104 -33.60 -4.29 42.61
C GLU L 104 -33.87 -4.63 41.18
N GLU L 105 -34.88 -3.99 40.62
CA GLU L 105 -35.20 -4.24 39.24
C GLU L 105 -34.68 -3.04 38.47
N VAL L 106 -33.89 -3.27 37.42
CA VAL L 106 -33.39 -2.14 36.65
C VAL L 106 -33.62 -2.38 35.17
N ALA L 107 -34.86 -2.10 34.76
CA ALA L 107 -35.39 -2.30 33.41
C ALA L 107 -34.46 -2.08 32.22
N ALA L 108 -34.26 -3.14 31.43
CA ALA L 108 -33.40 -3.10 30.23
C ALA L 108 -32.08 -2.37 30.57
N ALA L 109 -31.67 -2.57 31.82
CA ALA L 109 -30.48 -1.97 32.40
C ALA L 109 -30.43 -0.44 32.23
N GLY L 110 -31.58 0.21 32.41
CA GLY L 110 -31.69 1.65 32.33
C GLY L 110 -31.14 2.27 31.08
N ILE L 111 -31.11 1.49 30.03
CA ILE L 111 -30.61 1.95 28.75
C ILE L 111 -31.24 1.15 27.64
N VAL L 112 -31.86 1.85 26.71
CA VAL L 112 -32.51 1.21 25.59
C VAL L 112 -31.72 1.58 24.35
N ALA L 113 -31.37 0.60 23.55
CA ALA L 113 -30.61 0.92 22.37
C ALA L 113 -31.02 -0.03 21.29
N GLY L 114 -30.87 0.38 20.04
CA GLY L 114 -31.26 -0.45 18.92
C GLY L 114 -30.99 0.27 17.61
N ILE L 115 -31.28 -0.37 16.47
CA ILE L 115 -31.04 0.22 15.17
C ILE L 115 -32.33 0.53 14.44
N GLY L 116 -32.40 1.75 13.92
CA GLY L 116 -33.59 2.18 13.20
C GLY L 116 -33.28 3.25 12.17
N ARG L 117 -34.15 3.34 11.15
CA ARG L 117 -34.02 4.31 10.06
C ARG L 117 -34.23 5.75 10.54
N VAL L 118 -33.23 6.62 10.37
CA VAL L 118 -33.41 8.04 10.67
C VAL L 118 -32.88 8.64 9.40
N GLU L 119 -33.70 9.49 8.82
CA GLU L 119 -33.32 10.14 7.60
C GLU L 119 -32.71 9.17 6.61
N GLY L 120 -33.36 8.02 6.43
CA GLY L 120 -32.86 7.05 5.46
C GLY L 120 -31.45 6.60 5.68
N VAL L 121 -31.11 6.45 6.95
CA VAL L 121 -29.81 6.01 7.34
C VAL L 121 -30.08 5.04 8.46
N GLU L 122 -29.50 3.83 8.39
CA GLU L 122 -29.65 2.85 9.46
C GLU L 122 -28.72 3.28 10.62
N CYS L 123 -29.32 3.88 11.65
CA CYS L 123 -28.58 4.41 12.81
C CYS L 123 -28.68 3.64 14.12
N MET L 124 -27.61 3.73 14.91
CA MET L 124 -27.59 3.10 16.21
C MET L 124 -28.03 4.22 17.13
N ILE L 125 -29.00 3.94 17.98
CA ILE L 125 -29.52 4.95 18.91
C ILE L 125 -29.39 4.47 20.34
N VAL L 126 -28.94 5.35 21.23
CA VAL L 126 -28.81 4.95 22.62
C VAL L 126 -29.48 6.00 23.45
N GLY L 127 -30.35 5.59 24.36
CA GLY L 127 -31.00 6.56 25.22
C GLY L 127 -31.15 5.98 26.62
N ASN L 128 -31.00 6.80 27.67
CA ASN L 128 -31.14 6.26 28.99
C ASN L 128 -32.51 6.57 29.56
N ASP L 129 -32.96 5.69 30.46
CA ASP L 129 -34.25 5.81 31.08
C ASP L 129 -34.05 6.55 32.36
N ALA L 130 -34.37 7.82 32.34
CA ALA L 130 -34.21 8.62 33.52
C ALA L 130 -34.98 7.98 34.67
N THR L 131 -35.98 7.19 34.34
CA THR L 131 -36.80 6.55 35.36
C THR L 131 -36.14 5.38 36.08
N VAL L 132 -35.31 4.60 35.39
CA VAL L 132 -34.64 3.48 36.06
C VAL L 132 -33.57 4.02 36.99
N LYS L 133 -33.69 3.71 38.29
CA LYS L 133 -32.74 4.15 39.30
C LYS L 133 -31.95 5.41 38.90
N GLY L 134 -32.67 6.47 38.54
CA GLY L 134 -32.06 7.72 38.16
C GLY L 134 -31.23 7.72 36.88
N GLY L 135 -31.46 6.75 36.03
CA GLY L 135 -30.71 6.71 34.81
C GLY L 135 -29.24 6.45 35.05
N THR L 136 -28.82 6.36 36.30
CA THR L 136 -27.42 6.09 36.59
C THR L 136 -26.93 4.81 35.94
N TYR L 137 -25.60 4.68 35.75
CA TYR L 137 -25.04 3.49 35.11
C TYR L 137 -24.66 2.34 36.02
N TYR L 138 -25.43 1.25 35.95
CA TYR L 138 -25.13 0.04 36.72
C TYR L 138 -24.05 -0.59 35.89
N PRO L 139 -23.33 -1.55 36.45
CA PRO L 139 -22.28 -2.15 35.63
C PRO L 139 -22.80 -2.61 34.29
N LEU L 140 -23.94 -3.28 34.31
CA LEU L 140 -24.45 -3.76 33.05
C LEU L 140 -24.77 -2.64 32.08
N THR L 141 -25.14 -1.46 32.61
CA THR L 141 -25.47 -0.29 31.77
C THR L 141 -24.29 0.03 30.84
N VAL L 142 -23.13 0.11 31.46
CA VAL L 142 -21.93 0.39 30.74
C VAL L 142 -21.70 -0.68 29.68
N LYS L 143 -21.85 -1.95 30.08
CA LYS L 143 -21.66 -3.11 29.18
C LYS L 143 -22.58 -3.05 27.95
N LYS L 144 -23.84 -2.68 28.16
CA LYS L 144 -24.80 -2.57 27.07
C LYS L 144 -24.50 -1.31 26.25
N HIS L 145 -24.07 -0.24 26.92
CA HIS L 145 -23.76 0.98 26.17
C HIS L 145 -22.62 0.75 25.18
N LEU L 146 -21.57 0.08 25.67
CA LEU L 146 -20.41 -0.24 24.85
C LEU L 146 -20.72 -1.24 23.77
N ARG L 147 -21.49 -2.27 24.13
CA ARG L 147 -21.93 -3.27 23.15
C ARG L 147 -22.67 -2.62 21.96
N ALA L 148 -23.32 -1.48 22.21
CA ALA L 148 -24.06 -0.77 21.17
C ALA L 148 -23.04 -0.16 20.23
N GLN L 149 -22.07 0.53 20.83
CA GLN L 149 -21.02 1.20 20.10
C GLN L 149 -20.18 0.26 19.26
N ALA L 150 -20.19 -1.01 19.61
CA ALA L 150 -19.43 -1.99 18.84
C ALA L 150 -20.18 -2.27 17.56
N ILE L 151 -21.46 -2.59 17.70
CA ILE L 151 -22.27 -2.85 16.55
C ILE L 151 -22.18 -1.61 15.66
N ALA L 152 -21.98 -0.46 16.27
CA ALA L 152 -21.87 0.83 15.56
C ALA L 152 -20.59 0.95 14.73
N LEU L 153 -19.49 0.50 15.32
CA LEU L 153 -18.15 0.50 14.74
C LEU L 153 -18.05 -0.61 13.73
N GLU L 154 -18.38 -1.82 14.17
CA GLU L 154 -18.32 -2.99 13.30
C GLU L 154 -19.22 -2.93 12.07
N ASN L 155 -20.22 -2.07 12.11
CA ASN L 155 -21.15 -2.00 11.00
C ASN L 155 -21.30 -0.58 10.45
N ARG L 156 -20.40 0.31 10.86
CA ARG L 156 -20.38 1.71 10.41
C ARG L 156 -21.73 2.34 10.42
N LEU L 157 -22.32 2.43 11.60
CA LEU L 157 -23.62 3.03 11.72
C LEU L 157 -23.44 4.32 12.50
N PRO L 158 -23.94 5.45 11.98
CA PRO L 158 -23.80 6.73 12.69
C PRO L 158 -24.53 6.57 13.99
N CYS L 159 -24.10 7.26 15.04
CA CYS L 159 -24.71 7.11 16.35
C CYS L 159 -25.47 8.29 16.97
N ILE L 160 -26.67 8.07 17.50
CA ILE L 160 -27.39 9.14 18.18
C ILE L 160 -27.52 8.80 19.66
N TYR L 161 -26.93 9.59 20.54
CA TYR L 161 -27.02 9.35 21.97
C TYR L 161 -28.10 10.29 22.51
N LEU L 162 -29.09 9.72 23.17
CA LEU L 162 -30.16 10.50 23.80
C LEU L 162 -29.82 10.51 25.28
N VAL L 163 -28.80 11.31 25.62
CA VAL L 163 -28.31 11.46 26.98
C VAL L 163 -29.25 12.12 27.97
N ASP L 164 -29.51 11.39 29.04
CA ASP L 164 -30.45 11.80 30.07
C ASP L 164 -30.15 10.90 31.27
N SER L 165 -28.96 11.03 31.84
CA SER L 165 -28.62 10.19 32.98
C SER L 165 -28.03 10.87 34.18
N GLY L 166 -28.18 10.20 35.32
CA GLY L 166 -27.63 10.67 36.58
C GLY L 166 -26.12 10.59 36.47
N GLY L 167 -25.48 9.61 37.10
CA GLY L 167 -24.05 9.49 36.96
C GLY L 167 -23.77 8.04 36.74
N ALA L 168 -22.87 7.50 37.52
CA ALA L 168 -22.58 6.10 37.47
C ALA L 168 -23.05 5.62 38.86
N ASN L 169 -23.68 4.45 38.96
CA ASN L 169 -24.20 3.94 40.25
C ASN L 169 -23.11 3.85 41.32
N LEU L 170 -22.87 4.98 41.97
CA LEU L 170 -21.84 5.11 42.99
C LEU L 170 -21.52 3.96 43.91
N PRO L 171 -22.51 3.14 44.25
CA PRO L 171 -22.26 1.99 45.13
C PRO L 171 -21.51 0.85 44.46
N ARG L 172 -21.82 0.59 43.19
CA ARG L 172 -21.16 -0.48 42.43
C ARG L 172 -20.04 0.12 41.52
N GLN L 173 -19.42 1.24 41.89
CA GLN L 173 -18.39 1.88 41.03
C GLN L 173 -17.16 1.07 40.69
N ASP L 174 -16.75 0.15 41.55
CA ASP L 174 -15.59 -0.65 41.26
C ASP L 174 -15.84 -1.57 40.06
N GLU L 175 -17.09 -1.63 39.62
CA GLU L 175 -17.46 -2.46 38.47
C GLU L 175 -17.97 -1.56 37.36
N VAL L 176 -17.60 -0.28 37.41
CA VAL L 176 -18.05 0.66 36.39
C VAL L 176 -17.05 1.75 36.02
N PHE L 177 -16.03 1.94 36.85
CA PHE L 177 -15.05 3.01 36.63
C PHE L 177 -13.66 2.70 36.06
N PRO L 178 -12.83 1.96 36.80
CA PRO L 178 -11.48 1.64 36.31
C PRO L 178 -11.36 0.89 34.98
N ASP L 179 -11.12 -0.41 35.06
CA ASP L 179 -10.91 -1.31 33.91
C ASP L 179 -11.15 -0.89 32.45
N ARG L 180 -10.43 -1.57 31.56
CA ARG L 180 -10.43 -1.37 30.12
C ARG L 180 -11.78 -1.07 29.48
N GLU L 181 -12.70 -2.02 29.53
CA GLU L 181 -14.03 -1.82 28.94
C GLU L 181 -15.14 -1.45 29.96
N HIS L 182 -14.82 -0.50 30.83
CA HIS L 182 -15.76 0.02 31.80
C HIS L 182 -16.17 1.36 31.24
N PHE L 183 -16.75 2.21 32.07
CA PHE L 183 -17.16 3.54 31.63
C PHE L 183 -15.89 4.14 31.11
N GLY L 184 -15.98 5.28 30.44
CA GLY L 184 -14.74 5.87 29.96
C GLY L 184 -14.26 5.21 28.68
N ARG L 185 -14.71 3.99 28.43
CA ARG L 185 -14.33 3.35 27.19
C ARG L 185 -15.39 3.80 26.20
N ILE L 186 -16.37 4.54 26.72
CA ILE L 186 -17.42 5.09 25.89
C ILE L 186 -16.85 6.24 25.10
N PHE L 187 -16.02 7.05 25.76
CA PHE L 187 -15.39 8.18 25.10
C PHE L 187 -14.33 7.67 24.20
N PHE L 188 -13.60 6.65 24.62
CA PHE L 188 -12.58 6.11 23.75
C PHE L 188 -13.29 5.69 22.47
N ASN L 189 -14.30 4.85 22.58
CA ASN L 189 -15.08 4.37 21.43
C ASN L 189 -15.58 5.49 20.55
N GLN L 190 -16.13 6.50 21.18
CA GLN L 190 -16.67 7.68 20.52
C GLN L 190 -15.63 8.40 19.69
N ALA L 191 -14.55 8.79 20.33
CA ALA L 191 -13.48 9.52 19.68
C ALA L 191 -12.87 8.77 18.53
N ASN L 192 -12.81 7.44 18.62
CA ASN L 192 -12.23 6.67 17.52
C ASN L 192 -13.21 6.59 16.38
N MET L 193 -14.48 6.47 16.69
CA MET L 193 -15.45 6.42 15.63
C MET L 193 -15.46 7.73 14.83
N SER L 194 -15.49 8.87 15.54
CA SER L 194 -15.51 10.17 14.86
C SER L 194 -14.27 10.24 13.99
N ALA L 195 -13.24 9.54 14.40
CA ALA L 195 -12.00 9.54 13.64
C ALA L 195 -12.12 8.66 12.42
N ARG L 196 -12.92 7.59 12.54
CA ARG L 196 -13.09 6.68 11.42
C ARG L 196 -14.23 7.18 10.56
N GLY L 197 -14.68 8.40 10.81
CA GLY L 197 -15.75 8.95 10.01
C GLY L 197 -17.19 8.50 10.27
N ILE L 198 -17.50 7.90 11.43
CA ILE L 198 -18.87 7.49 11.73
C ILE L 198 -19.43 8.56 12.63
N PRO L 199 -20.12 9.59 12.08
CA PRO L 199 -20.65 10.65 12.92
C PRO L 199 -21.12 10.26 14.32
N GLN L 200 -20.82 11.15 15.28
CA GLN L 200 -21.18 11.00 16.69
C GLN L 200 -22.08 12.17 17.15
N ILE L 201 -23.38 11.92 17.19
CA ILE L 201 -24.40 12.88 17.58
C ILE L 201 -24.97 12.77 18.99
N ALA L 202 -25.11 13.89 19.68
CA ALA L 202 -25.61 13.91 21.04
C ALA L 202 -26.83 14.83 21.34
N VAL L 203 -27.84 14.26 21.99
CA VAL L 203 -29.05 14.98 22.36
C VAL L 203 -29.24 14.94 23.87
N VAL L 204 -28.96 16.04 24.56
CA VAL L 204 -29.07 16.10 26.01
C VAL L 204 -30.45 16.55 26.41
N MET L 205 -31.20 15.69 27.10
CA MET L 205 -32.55 16.06 27.49
C MET L 205 -32.80 15.89 28.97
N GLY L 206 -31.76 16.01 29.78
CA GLY L 206 -31.90 15.85 31.21
C GLY L 206 -30.63 16.24 31.94
N SER L 207 -30.34 15.61 33.08
CA SER L 207 -29.12 15.95 33.77
C SER L 207 -28.03 15.15 33.11
N CYS L 208 -26.81 15.64 33.22
CA CYS L 208 -25.68 15.01 32.55
C CYS L 208 -24.45 15.34 33.40
N THR L 209 -24.42 14.83 34.61
CA THR L 209 -23.31 15.16 35.47
C THR L 209 -22.07 14.27 35.38
N ALA L 210 -20.93 14.91 35.55
CA ALA L 210 -19.61 14.27 35.54
C ALA L 210 -19.32 13.29 34.41
N GLY L 211 -19.46 12.00 34.71
CA GLY L 211 -19.20 10.95 33.74
C GLY L 211 -19.84 11.20 32.39
N GLY L 212 -21.16 11.09 32.32
CA GLY L 212 -21.85 11.32 31.07
C GLY L 212 -21.68 12.74 30.54
N ALA L 213 -20.88 13.54 31.27
CA ALA L 213 -20.59 14.92 30.88
C ALA L 213 -19.83 14.93 29.57
N TYR L 214 -19.08 13.87 29.33
CA TYR L 214 -18.33 13.83 28.11
C TYR L 214 -19.12 13.34 26.92
N VAL L 215 -20.11 12.47 27.14
CA VAL L 215 -20.86 11.96 26.01
C VAL L 215 -21.27 13.14 25.08
N PRO L 216 -21.67 14.29 25.65
CA PRO L 216 -22.05 15.43 24.80
C PRO L 216 -20.86 16.29 24.37
N ALA L 217 -19.87 16.43 25.25
CA ALA L 217 -18.71 17.24 24.93
C ALA L 217 -17.93 16.60 23.79
N MET L 218 -17.90 15.28 23.77
CA MET L 218 -17.20 14.56 22.74
C MET L 218 -18.13 13.97 21.67
N SER L 219 -18.73 14.85 20.86
CA SER L 219 -19.64 14.41 19.80
C SER L 219 -19.65 15.47 18.72
N ASP L 220 -19.49 15.04 17.49
CA ASP L 220 -19.48 15.99 16.36
C ASP L 220 -20.47 17.16 16.54
N GLU L 221 -21.75 16.82 16.73
CA GLU L 221 -22.83 17.79 16.93
C GLU L 221 -23.58 17.46 18.24
N THR L 222 -23.89 18.49 19.02
CA THR L 222 -24.59 18.33 20.31
C THR L 222 -25.81 19.24 20.48
N VAL L 223 -26.90 18.67 20.97
CA VAL L 223 -28.15 19.39 21.16
C VAL L 223 -28.71 19.35 22.61
N MET L 224 -29.06 20.52 23.14
CA MET L 224 -29.60 20.66 24.51
C MET L 224 -31.02 21.23 24.55
N VAL L 225 -31.86 20.67 25.41
CA VAL L 225 -33.23 21.14 25.57
C VAL L 225 -33.19 22.19 26.70
N ARG L 226 -33.49 23.44 26.39
CA ARG L 226 -33.41 24.48 27.40
C ARG L 226 -34.26 24.34 28.63
N GLU L 227 -33.71 24.74 29.77
CA GLU L 227 -34.41 24.68 31.04
C GLU L 227 -34.72 23.23 31.37
N GLN L 228 -33.76 22.37 31.10
CA GLN L 228 -34.01 20.98 31.33
C GLN L 228 -32.69 20.25 31.28
N ALA L 229 -31.95 20.51 30.21
CA ALA L 229 -30.67 19.85 30.05
C ALA L 229 -29.63 20.51 30.93
N THR L 230 -28.62 19.74 31.27
CA THR L 230 -27.59 20.22 32.13
C THR L 230 -26.31 19.43 31.90
N ILE L 231 -25.28 20.06 31.33
CA ILE L 231 -24.02 19.38 31.12
C ILE L 231 -22.97 20.00 32.01
N PHE L 232 -22.63 19.36 33.12
CA PHE L 232 -21.59 19.89 34.02
C PHE L 232 -20.72 18.76 34.61
N LEU L 233 -19.42 19.02 34.81
CA LEU L 233 -18.51 18.01 35.36
C LEU L 233 -18.89 17.64 36.79
N ALA L 234 -19.29 18.64 37.54
CA ALA L 234 -19.71 18.41 38.90
C ALA L 234 -20.95 19.27 39.16
N GLY L 235 -22.07 18.62 39.40
CA GLY L 235 -23.32 19.33 39.64
C GLY L 235 -23.28 20.10 40.93
N PRO L 236 -24.38 20.71 41.36
CA PRO L 236 -24.28 21.44 42.62
C PRO L 236 -24.05 20.55 43.86
N PRO L 237 -24.40 19.24 43.80
CA PRO L 237 -24.14 18.45 45.00
C PRO L 237 -22.63 18.57 45.25
N LEU L 238 -21.85 18.00 44.32
CA LEU L 238 -20.39 18.01 44.33
C LEU L 238 -19.77 19.41 44.49
N VAL L 239 -20.23 20.37 43.69
CA VAL L 239 -19.71 21.75 43.72
C VAL L 239 -19.85 22.50 45.04
N LYS L 240 -20.86 22.14 45.82
CA LYS L 240 -21.07 22.77 47.13
C LYS L 240 -20.01 22.11 48.01
N ALA L 241 -19.84 20.79 47.81
CA ALA L 241 -18.87 19.95 48.56
C ALA L 241 -17.46 20.35 48.17
N ALA L 242 -17.39 21.30 47.25
CA ALA L 242 -16.16 21.87 46.74
C ALA L 242 -15.86 22.97 47.72
N THR L 243 -15.16 24.01 47.28
CA THR L 243 -14.93 25.08 48.20
C THR L 243 -16.28 25.80 48.25
N GLY L 244 -17.16 25.23 49.08
CA GLY L 244 -18.50 25.75 49.30
C GLY L 244 -19.26 26.10 48.05
N GLU L 245 -19.64 27.37 47.94
CA GLU L 245 -20.36 27.86 46.77
C GLU L 245 -21.71 27.16 46.68
N VAL L 246 -22.75 27.95 46.42
CA VAL L 246 -24.12 27.45 46.30
C VAL L 246 -24.79 28.01 45.05
N VAL L 247 -25.02 27.18 44.04
CA VAL L 247 -25.70 27.64 42.83
C VAL L 247 -26.56 26.56 42.20
N SER L 248 -27.57 26.99 41.47
CA SER L 248 -28.53 26.09 40.84
C SER L 248 -27.98 25.37 39.65
N ALA L 249 -28.68 24.35 39.19
CA ALA L 249 -28.21 23.57 38.07
C ALA L 249 -28.18 24.37 36.80
N GLU L 250 -29.29 25.04 36.47
CA GLU L 250 -29.38 25.81 35.23
C GLU L 250 -28.30 26.88 35.06
N GLU L 251 -27.77 27.38 36.16
CA GLU L 251 -26.75 28.41 36.03
C GLU L 251 -25.38 27.77 35.90
N LEU L 252 -25.16 26.72 36.67
CA LEU L 252 -23.90 26.00 36.64
C LEU L 252 -23.63 25.58 35.19
N GLY L 253 -24.48 24.70 34.66
CA GLY L 253 -24.31 24.24 33.30
C GLY L 253 -25.63 23.96 32.58
N GLY L 254 -26.48 24.97 32.52
CA GLY L 254 -27.74 24.79 31.86
C GLY L 254 -27.66 24.77 30.37
N ALA L 255 -28.82 24.87 29.73
CA ALA L 255 -28.91 24.86 28.27
C ALA L 255 -28.48 26.19 27.68
N ASP L 256 -28.81 27.28 28.36
CA ASP L 256 -28.47 28.62 27.88
C ASP L 256 -26.97 28.87 28.10
N VAL L 257 -26.39 28.20 29.08
CA VAL L 257 -24.99 28.39 29.40
C VAL L 257 -24.09 27.83 28.32
N HIS L 258 -24.33 26.59 27.94
CA HIS L 258 -23.49 25.94 26.94
C HIS L 258 -23.78 26.20 25.47
N CYS L 259 -24.77 27.03 25.14
CA CYS L 259 -25.05 27.28 23.72
C CYS L 259 -24.84 28.72 23.36
N LYS L 260 -24.88 29.58 24.37
CA LYS L 260 -24.71 31.01 24.16
C LYS L 260 -23.35 31.39 24.63
N VAL L 261 -22.84 30.64 25.61
CA VAL L 261 -21.55 31.00 26.17
C VAL L 261 -20.37 30.06 25.92
N SER L 262 -20.35 28.87 26.54
CA SER L 262 -19.22 27.93 26.41
C SER L 262 -19.00 27.41 25.00
N GLY L 263 -20.04 26.81 24.43
CA GLY L 263 -19.87 26.26 23.13
C GLY L 263 -19.70 24.76 23.31
N VAL L 264 -20.13 24.25 24.45
CA VAL L 264 -20.06 22.82 24.71
C VAL L 264 -21.23 22.12 23.99
N ALA L 265 -22.16 22.93 23.49
CA ALA L 265 -23.35 22.47 22.74
C ALA L 265 -23.37 23.16 21.38
N ASP L 266 -24.27 22.77 20.48
CA ASP L 266 -24.29 23.42 19.18
C ASP L 266 -25.67 23.90 18.75
N HIS L 267 -26.69 23.12 19.10
CA HIS L 267 -28.06 23.47 18.76
C HIS L 267 -28.93 23.63 20.02
N TYR L 268 -29.64 24.76 20.06
CA TYR L 268 -30.49 25.18 21.19
C TYR L 268 -31.98 24.78 21.03
N ALA L 269 -32.37 23.63 21.58
CA ALA L 269 -33.76 23.17 21.42
C ALA L 269 -34.75 23.65 22.48
N GLU L 270 -36.02 23.74 22.08
CA GLU L 270 -37.08 24.20 22.95
C GLU L 270 -37.66 23.18 23.86
N ASP L 271 -37.62 21.94 23.41
CA ASP L 271 -38.16 20.85 24.20
C ASP L 271 -37.74 19.53 23.59
N ASP L 272 -38.09 18.43 24.25
CA ASP L 272 -37.77 17.11 23.75
C ASP L 272 -38.15 16.87 22.28
N ASP L 273 -39.41 17.14 21.89
CA ASP L 273 -39.84 16.91 20.51
C ASP L 273 -39.03 17.80 19.56
N HIS L 274 -38.70 19.02 19.98
CA HIS L 274 -37.89 19.89 19.15
C HIS L 274 -36.49 19.29 19.00
N ALA L 275 -35.84 19.04 20.13
CA ALA L 275 -34.51 18.44 20.16
C ALA L 275 -34.39 17.28 19.18
N LEU L 276 -35.38 16.40 19.18
CA LEU L 276 -35.40 15.26 18.30
C LEU L 276 -35.40 15.64 16.84
N ALA L 277 -36.06 16.75 16.51
CA ALA L 277 -36.18 17.27 15.11
C ALA L 277 -34.91 17.90 14.58
N ILE L 278 -34.17 18.50 15.50
CA ILE L 278 -32.91 19.14 15.23
C ILE L 278 -31.96 17.98 14.92
N ALA L 279 -32.07 16.89 15.71
CA ALA L 279 -31.25 15.67 15.54
C ALA L 279 -31.46 15.01 14.18
N ARG L 280 -32.72 14.88 13.75
CA ARG L 280 -32.97 14.32 12.44
C ARG L 280 -32.17 15.15 11.44
N ARG L 281 -32.39 16.47 11.47
CA ARG L 281 -31.72 17.40 10.59
C ARG L 281 -30.24 17.13 10.38
N CYS L 282 -29.50 16.86 11.46
CA CYS L 282 -28.07 16.62 11.34
C CYS L 282 -27.80 15.34 10.56
N VAL L 283 -28.58 14.30 10.86
CA VAL L 283 -28.48 13.00 10.20
C VAL L 283 -28.81 13.18 8.73
N ALA L 284 -29.47 14.30 8.43
CA ALA L 284 -29.86 14.69 7.09
C ALA L 284 -28.71 15.28 6.28
N ASN L 285 -27.78 15.97 6.93
CA ASN L 285 -26.68 16.55 6.20
C ASN L 285 -25.42 15.76 6.43
N LEU L 286 -25.54 14.44 6.28
CA LEU L 286 -24.39 13.54 6.48
C LEU L 286 -23.74 13.15 5.15
N ASN L 287 -24.39 13.41 4.01
CA ASN L 287 -23.74 13.06 2.78
C ASN L 287 -23.31 11.59 2.99
N TRP L 288 -24.16 10.79 3.60
CA TRP L 288 -23.85 9.40 3.92
C TRP L 288 -24.10 8.35 2.85
N ARG L 289 -23.13 7.50 2.60
CA ARG L 289 -23.27 6.45 1.57
C ARG L 289 -22.82 5.14 2.17
N LYS L 290 -23.49 4.04 1.82
CA LYS L 290 -23.14 2.73 2.34
C LYS L 290 -21.92 2.20 1.61
N GLN L 291 -21.12 1.38 2.26
CA GLN L 291 -19.93 0.88 1.60
C GLN L 291 -19.95 -0.62 1.38
N GLY L 292 -20.93 -1.31 1.95
CA GLY L 292 -21.02 -2.75 1.76
C GLY L 292 -21.28 -2.98 0.28
N GLN L 293 -21.17 -4.20 -0.19
CA GLN L 293 -21.41 -4.46 -1.58
C GLN L 293 -21.57 -5.93 -1.84
N LEU L 294 -22.79 -6.34 -2.16
CA LEU L 294 -23.09 -7.74 -2.41
C LEU L 294 -23.89 -7.89 -3.71
N GLN L 295 -23.95 -9.11 -4.23
CA GLN L 295 -24.73 -9.34 -5.41
C GLN L 295 -26.09 -9.81 -4.97
N CYS L 296 -26.85 -8.84 -4.46
CA CYS L 296 -28.22 -9.03 -3.96
C CYS L 296 -29.17 -9.12 -5.13
N ARG L 297 -30.12 -10.06 -5.06
CA ARG L 297 -31.09 -10.20 -6.14
C ARG L 297 -32.47 -9.87 -5.61
N ALA L 298 -33.50 -10.13 -6.41
CA ALA L 298 -34.87 -9.85 -6.03
C ALA L 298 -35.28 -10.73 -4.85
N PRO L 299 -35.75 -10.12 -3.75
CA PRO L 299 -36.16 -10.88 -2.56
C PRO L 299 -37.39 -11.70 -2.81
N ARG L 300 -37.30 -13.01 -2.56
CA ARG L 300 -38.44 -13.91 -2.75
C ARG L 300 -38.76 -14.58 -1.41
N ALA L 301 -40.03 -14.57 -0.99
CA ALA L 301 -40.40 -15.14 0.31
C ALA L 301 -40.17 -16.63 0.31
N PRO L 302 -40.11 -17.25 1.50
CA PRO L 302 -39.88 -18.69 1.62
C PRO L 302 -41.04 -19.45 0.98
N LEU L 303 -41.09 -20.75 1.20
CA LEU L 303 -42.18 -21.57 0.65
C LEU L 303 -42.98 -22.19 1.75
N TYR L 304 -42.70 -21.83 2.99
CA TYR L 304 -43.42 -22.40 4.12
C TYR L 304 -43.55 -21.37 5.25
N PRO L 305 -44.77 -21.12 5.70
CA PRO L 305 -45.04 -20.16 6.77
C PRO L 305 -43.90 -20.12 7.78
N ALA L 306 -43.42 -18.92 8.06
CA ALA L 306 -42.35 -18.79 9.02
C ALA L 306 -42.83 -19.27 10.39
N GLU L 307 -44.16 -19.28 10.58
CA GLU L 307 -44.77 -19.71 11.86
C GLU L 307 -44.55 -21.17 12.09
N GLU L 308 -44.64 -21.91 10.99
CA GLU L 308 -44.50 -23.35 11.02
C GLU L 308 -43.35 -23.74 11.91
N LEU L 309 -42.39 -22.86 12.09
CA LEU L 309 -41.24 -23.22 12.89
C LEU L 309 -41.59 -23.67 14.28
N TYR L 310 -42.58 -23.02 14.90
CA TYR L 310 -42.96 -23.39 16.27
C TYR L 310 -43.09 -24.91 16.45
N GLY L 311 -43.61 -25.57 15.42
CA GLY L 311 -43.79 -27.02 15.45
C GLY L 311 -42.68 -27.86 14.81
N VAL L 312 -41.65 -27.20 14.33
CA VAL L 312 -40.55 -27.89 13.73
C VAL L 312 -39.58 -28.28 14.83
N ILE L 313 -39.40 -27.38 15.79
CA ILE L 313 -38.51 -27.63 16.91
C ILE L 313 -39.15 -28.58 17.92
N PRO L 314 -38.56 -29.78 18.09
CA PRO L 314 -39.11 -30.75 19.05
C PRO L 314 -39.29 -30.08 20.42
N ALA L 315 -40.14 -30.63 21.27
CA ALA L 315 -40.33 -30.05 22.58
C ALA L 315 -39.37 -30.75 23.54
N ASP L 316 -38.96 -31.96 23.18
CA ASP L 316 -38.01 -32.69 24.01
C ASP L 316 -36.57 -32.27 23.67
N SER L 317 -35.98 -31.43 24.52
CA SER L 317 -34.63 -30.93 24.29
C SER L 317 -33.72 -31.86 23.51
N LYS L 318 -33.46 -33.07 23.98
CA LYS L 318 -32.52 -33.95 23.27
C LYS L 318 -33.09 -34.91 22.25
N GLN L 319 -34.12 -34.41 21.57
CA GLN L 319 -34.87 -35.13 20.55
C GLN L 319 -34.33 -34.71 19.17
N PRO L 320 -33.59 -35.58 18.48
CA PRO L 320 -33.00 -35.32 17.16
C PRO L 320 -34.02 -34.88 16.11
N TYR L 321 -33.80 -33.76 15.40
CA TYR L 321 -34.73 -33.27 14.35
C TYR L 321 -33.90 -32.86 13.15
N ASP L 322 -34.54 -32.57 12.02
CA ASP L 322 -33.76 -32.17 10.84
C ASP L 322 -33.71 -30.68 10.58
N VAL L 323 -32.52 -30.11 10.79
CA VAL L 323 -32.23 -28.71 10.64
C VAL L 323 -32.61 -28.15 9.26
N ARG L 324 -32.48 -28.97 8.21
CA ARG L 324 -32.83 -28.55 6.84
C ARG L 324 -34.26 -27.94 6.79
N GLU L 325 -35.05 -28.24 7.81
CA GLU L 325 -36.43 -27.75 7.92
C GLU L 325 -36.55 -26.30 8.41
N VAL L 326 -35.62 -25.89 9.29
CA VAL L 326 -35.59 -24.53 9.81
C VAL L 326 -35.04 -23.68 8.68
N ILE L 327 -34.13 -24.28 7.91
CA ILE L 327 -33.53 -23.58 6.79
C ILE L 327 -34.59 -23.24 5.75
N ALA L 328 -35.37 -24.25 5.39
CA ALA L 328 -36.41 -24.10 4.40
C ALA L 328 -37.45 -23.09 4.84
N ARG L 329 -37.39 -22.63 6.08
CA ARG L 329 -38.36 -21.67 6.50
C ARG L 329 -37.77 -20.29 6.69
N LEU L 330 -36.50 -20.12 6.33
CA LEU L 330 -35.82 -18.83 6.47
C LEU L 330 -35.33 -18.19 5.16
N VAL L 331 -34.68 -18.98 4.31
CA VAL L 331 -34.15 -18.49 3.04
C VAL L 331 -35.23 -18.18 1.99
N ASP L 332 -34.82 -17.57 0.89
CA ASP L 332 -35.78 -17.22 -0.13
C ASP L 332 -36.17 -18.38 -0.99
N GLY L 333 -37.49 -18.48 -1.19
CA GLY L 333 -38.04 -19.53 -2.02
C GLY L 333 -37.51 -20.87 -1.61
N SER L 334 -37.22 -20.99 -0.32
CA SER L 334 -36.69 -22.21 0.26
C SER L 334 -35.76 -22.99 -0.67
N GLU L 335 -34.87 -22.24 -1.34
CA GLU L 335 -33.86 -22.77 -2.26
C GLU L 335 -32.56 -22.78 -1.48
N PHE L 336 -31.97 -23.96 -1.34
CA PHE L 336 -30.74 -24.13 -0.57
C PHE L 336 -29.81 -25.15 -1.23
N ASP L 337 -28.66 -24.68 -1.72
CA ASP L 337 -27.69 -25.55 -2.38
C ASP L 337 -26.67 -26.14 -1.39
N GLU L 338 -26.89 -27.41 -1.03
CA GLU L 338 -26.06 -28.09 -0.06
C GLU L 338 -24.69 -28.64 -0.49
N PHE L 339 -23.66 -28.05 0.09
CA PHE L 339 -22.29 -28.44 -0.17
C PHE L 339 -21.90 -29.60 0.74
N LYS L 340 -21.00 -30.45 0.24
CA LYS L 340 -20.57 -31.68 0.93
C LYS L 340 -21.88 -32.28 1.43
N ALA L 341 -22.82 -32.38 0.49
CA ALA L 341 -24.16 -32.90 0.69
C ALA L 341 -24.26 -34.03 1.70
N LEU L 342 -23.59 -35.12 1.39
CA LEU L 342 -23.59 -36.29 2.23
C LEU L 342 -22.20 -36.60 2.77
N PHE L 343 -21.64 -35.69 3.56
CA PHE L 343 -20.31 -35.87 4.17
C PHE L 343 -20.32 -35.17 5.51
N GLY L 344 -19.94 -35.91 6.57
CA GLY L 344 -19.98 -35.33 7.91
C GLY L 344 -21.32 -34.64 8.09
N THR L 345 -22.40 -35.37 7.83
CA THR L 345 -23.73 -34.81 7.91
C THR L 345 -24.12 -34.23 9.25
N THR L 346 -23.26 -34.36 10.26
CA THR L 346 -23.55 -33.79 11.60
C THR L 346 -23.65 -32.26 11.53
N LEU L 347 -23.22 -31.72 10.39
CA LEU L 347 -23.15 -30.29 10.07
C LEU L 347 -23.62 -30.04 8.64
N VAL L 348 -24.66 -29.24 8.50
CA VAL L 348 -25.19 -28.95 7.19
C VAL L 348 -24.69 -27.63 6.63
N CYS L 349 -24.21 -27.63 5.40
CA CYS L 349 -23.70 -26.40 4.83
C CYS L 349 -24.22 -26.14 3.45
N GLY L 350 -24.51 -24.88 3.14
CA GLY L 350 -25.03 -24.59 1.82
C GLY L 350 -25.20 -23.11 1.57
N PHE L 351 -25.50 -22.75 0.32
CA PHE L 351 -25.69 -21.37 -0.08
C PHE L 351 -27.14 -21.11 -0.42
N ALA L 352 -27.57 -19.87 -0.30
CA ALA L 352 -28.95 -19.48 -0.60
C ALA L 352 -29.05 -17.99 -0.38
N HIS L 353 -30.23 -17.42 -0.59
CA HIS L 353 -30.35 -15.98 -0.38
C HIS L 353 -31.39 -15.68 0.66
N LEU L 354 -31.33 -14.46 1.19
CA LEU L 354 -32.23 -14.05 2.25
C LEU L 354 -32.65 -12.59 2.04
N HIS L 355 -33.90 -12.37 1.73
CA HIS L 355 -34.39 -11.04 1.44
C HIS L 355 -33.46 -10.41 0.43
N GLY L 356 -32.96 -11.24 -0.48
CA GLY L 356 -32.06 -10.74 -1.51
C GLY L 356 -30.59 -11.03 -1.25
N TYR L 357 -30.12 -10.57 -0.11
CA TYR L 357 -28.72 -10.78 0.20
C TYR L 357 -28.32 -12.27 0.17
N PRO L 358 -27.29 -12.61 -0.60
CA PRO L 358 -26.85 -14.01 -0.67
C PRO L 358 -26.11 -14.34 0.63
N ILE L 359 -26.25 -15.55 1.17
CA ILE L 359 -25.57 -15.93 2.42
C ILE L 359 -25.12 -17.39 2.55
N ALA L 360 -24.04 -17.62 3.29
CA ALA L 360 -23.52 -18.97 3.47
C ALA L 360 -24.01 -19.49 4.79
N ILE L 361 -24.64 -20.65 4.79
CA ILE L 361 -25.18 -21.20 6.03
C ILE L 361 -24.45 -22.46 6.54
N LEU L 362 -24.30 -22.56 7.86
CA LEU L 362 -23.67 -23.71 8.50
C LEU L 362 -24.51 -24.05 9.70
N ALA L 363 -25.46 -24.98 9.53
CA ALA L 363 -26.35 -25.38 10.61
C ALA L 363 -26.00 -26.73 11.22
N ASN L 364 -26.11 -26.80 12.54
CA ASN L 364 -25.80 -28.02 13.25
C ASN L 364 -26.89 -29.08 13.10
N ASN L 365 -26.46 -30.32 12.92
CA ASN L 365 -27.39 -31.43 12.77
C ASN L 365 -26.86 -32.61 13.54
N GLY L 366 -26.58 -32.40 14.81
CA GLY L 366 -26.12 -33.50 15.61
C GLY L 366 -24.85 -33.26 16.38
N ILE L 367 -24.05 -34.31 16.47
CA ILE L 367 -22.79 -34.20 17.16
C ILE L 367 -21.93 -33.38 16.18
N LEU L 368 -20.64 -33.71 16.07
CA LEU L 368 -19.73 -32.96 15.19
C LEU L 368 -18.39 -33.68 15.22
N PHE L 369 -18.22 -34.68 14.35
CA PHE L 369 -16.97 -35.46 14.29
C PHE L 369 -16.02 -34.74 13.32
N ALA L 370 -14.79 -35.22 13.20
CA ALA L 370 -13.83 -34.56 12.32
C ALA L 370 -14.47 -34.11 11.00
N GLU L 371 -14.97 -35.07 10.23
CA GLU L 371 -15.58 -34.80 8.94
C GLU L 371 -16.24 -33.46 8.97
N ALA L 372 -17.15 -33.31 9.91
CA ALA L 372 -17.92 -32.09 10.02
C ALA L 372 -17.07 -30.86 10.00
N ALA L 373 -16.06 -30.78 10.87
CA ALA L 373 -15.22 -29.59 10.95
C ALA L 373 -14.54 -29.26 9.62
N GLN L 374 -13.87 -30.25 9.02
CA GLN L 374 -13.20 -30.00 7.76
C GLN L 374 -14.24 -29.51 6.76
N LYS L 375 -15.42 -30.16 6.76
CA LYS L 375 -16.51 -29.81 5.85
C LYS L 375 -16.82 -28.33 6.06
N GLY L 376 -16.89 -27.93 7.31
CA GLY L 376 -17.19 -26.53 7.61
C GLY L 376 -16.07 -25.58 7.30
N ALA L 377 -14.83 -25.98 7.59
CA ALA L 377 -13.69 -25.12 7.33
C ALA L 377 -13.54 -24.88 5.85
N HIS L 378 -13.66 -25.93 5.07
CA HIS L 378 -13.55 -25.84 3.63
C HIS L 378 -14.70 -24.95 3.12
N PHE L 379 -15.82 -24.95 3.84
CA PHE L 379 -16.97 -24.15 3.44
C PHE L 379 -16.74 -22.64 3.67
N ILE L 380 -16.25 -22.30 4.85
CA ILE L 380 -15.98 -20.90 5.18
C ILE L 380 -14.93 -20.35 4.21
N GLU L 381 -14.03 -21.20 3.70
CA GLU L 381 -13.03 -20.77 2.73
C GLU L 381 -13.78 -20.35 1.46
N LEU L 382 -14.75 -21.14 1.01
CA LEU L 382 -15.47 -20.78 -0.18
C LEU L 382 -16.32 -19.54 -0.03
N ALA L 383 -16.88 -19.32 1.15
CA ALA L 383 -17.70 -18.13 1.35
C ALA L 383 -16.79 -16.93 1.54
N CYS L 384 -15.70 -17.14 2.25
CA CYS L 384 -14.75 -16.08 2.50
C CYS L 384 -14.12 -15.63 1.20
N GLN L 385 -14.00 -16.55 0.24
CA GLN L 385 -13.41 -16.34 -1.10
C GLN L 385 -14.30 -15.50 -2.00
N ARG L 386 -15.60 -15.65 -1.76
CA ARG L 386 -16.63 -14.99 -2.54
C ARG L 386 -17.22 -13.77 -1.84
N GLY L 387 -16.80 -13.51 -0.61
CA GLY L 387 -17.29 -12.34 0.10
C GLY L 387 -18.78 -12.34 0.40
N ILE L 388 -19.23 -13.52 0.83
CA ILE L 388 -20.61 -13.81 1.17
C ILE L 388 -20.70 -13.96 2.67
N PRO L 389 -21.73 -13.32 3.27
CA PRO L 389 -21.98 -13.34 4.72
C PRO L 389 -22.22 -14.74 5.34
N LEU L 390 -21.68 -14.96 6.52
CA LEU L 390 -21.84 -16.24 7.15
C LEU L 390 -22.99 -16.28 8.13
N LEU L 391 -23.80 -17.35 8.12
CA LEU L 391 -24.94 -17.52 9.07
C LEU L 391 -24.84 -18.86 9.79
N PHE L 392 -24.69 -18.81 11.11
CA PHE L 392 -24.57 -20.02 11.91
C PHE L 392 -25.85 -20.28 12.66
N LEU L 393 -26.23 -21.55 12.70
CA LEU L 393 -27.43 -22.05 13.41
C LEU L 393 -26.94 -23.10 14.42
N GLN L 394 -26.65 -22.64 15.62
CA GLN L 394 -26.12 -23.45 16.70
C GLN L 394 -27.13 -24.30 17.42
N ASN L 395 -26.85 -25.60 17.48
CA ASN L 395 -27.68 -26.63 18.15
C ASN L 395 -26.65 -27.74 18.29
N ILE L 396 -25.56 -27.40 18.95
CA ILE L 396 -24.45 -28.30 19.15
C ILE L 396 -24.34 -28.89 20.54
N THR L 397 -24.33 -30.21 20.61
CA THR L 397 -24.20 -30.93 21.87
C THR L 397 -22.75 -31.03 22.24
N GLY L 398 -21.87 -31.08 21.24
CA GLY L 398 -20.43 -31.16 21.50
C GLY L 398 -19.68 -32.01 20.49
N PHE L 399 -18.40 -32.25 20.75
CA PHE L 399 -17.56 -33.06 19.88
C PHE L 399 -17.52 -34.52 20.23
N MET L 400 -17.63 -35.34 19.20
CA MET L 400 -17.62 -36.77 19.38
C MET L 400 -16.35 -37.23 20.13
N VAL L 401 -16.50 -37.73 21.36
CA VAL L 401 -15.34 -38.20 22.13
C VAL L 401 -15.17 -39.71 21.96
N GLY L 402 -14.05 -40.22 22.45
CA GLY L 402 -13.79 -41.63 22.30
C GLY L 402 -12.31 -41.81 22.30
N GLN L 403 -11.89 -43.05 22.21
CA GLN L 403 -10.49 -43.38 22.22
C GLN L 403 -9.89 -43.26 20.82
N LYS L 404 -10.62 -43.79 19.84
CA LYS L 404 -10.18 -43.74 18.46
C LYS L 404 -10.49 -42.38 17.85
N TYR L 405 -11.59 -41.77 18.28
CA TYR L 405 -11.99 -40.47 17.78
C TYR L 405 -10.98 -39.39 18.14
N GLU L 406 -10.31 -39.56 19.27
CA GLU L 406 -9.28 -38.62 19.76
C GLU L 406 -7.95 -38.81 19.05
N ALA L 407 -7.58 -40.08 18.87
CA ALA L 407 -6.33 -40.45 18.22
C ALA L 407 -6.46 -40.24 16.71
N GLY L 408 -7.66 -39.88 16.28
CA GLY L 408 -7.92 -39.64 14.88
C GLY L 408 -7.80 -38.17 14.53
N GLY L 409 -7.53 -37.35 15.56
CA GLY L 409 -7.34 -35.90 15.39
C GLY L 409 -8.58 -35.05 15.57
N ILE L 410 -9.61 -35.60 16.21
CA ILE L 410 -10.84 -34.86 16.44
C ILE L 410 -10.45 -33.52 17.03
N ALA L 411 -9.28 -33.52 17.66
CA ALA L 411 -8.69 -32.35 18.30
C ALA L 411 -8.27 -31.25 17.30
N LYS L 412 -7.34 -31.59 16.39
CA LYS L 412 -6.81 -30.66 15.38
C LYS L 412 -7.82 -30.27 14.31
N HIS L 413 -8.63 -31.23 13.89
CA HIS L 413 -9.62 -30.94 12.86
C HIS L 413 -10.66 -29.98 13.39
N GLY L 414 -10.99 -30.10 14.67
CA GLY L 414 -11.95 -29.17 15.24
C GLY L 414 -11.35 -27.78 15.18
N ALA L 415 -10.03 -27.71 15.37
CA ALA L 415 -9.29 -26.44 15.35
C ALA L 415 -9.34 -25.78 13.98
N LYS L 416 -9.28 -26.62 12.94
CA LYS L 416 -9.33 -26.18 11.54
C LYS L 416 -10.55 -25.26 11.40
N LEU L 417 -11.65 -25.77 11.92
CA LEU L 417 -12.88 -25.06 11.89
C LEU L 417 -12.77 -23.71 12.57
N VAL L 418 -12.20 -23.69 13.76
CA VAL L 418 -12.10 -22.43 14.50
C VAL L 418 -11.17 -21.39 13.92
N THR L 419 -10.04 -21.80 13.36
CA THR L 419 -9.16 -20.81 12.78
C THR L 419 -10.08 -20.10 11.76
N ALA L 420 -10.69 -20.89 10.88
CA ALA L 420 -11.60 -20.41 9.83
C ALA L 420 -12.59 -19.40 10.38
N VAL L 421 -13.39 -19.86 11.33
CA VAL L 421 -14.36 -18.96 11.93
C VAL L 421 -13.68 -17.72 12.53
N ALA L 422 -12.61 -17.95 13.28
CA ALA L 422 -11.89 -16.86 13.93
C ALA L 422 -11.42 -15.78 12.99
N CYS L 423 -10.98 -16.21 11.81
CA CYS L 423 -10.43 -15.28 10.83
C CYS L 423 -11.39 -14.70 9.76
N ALA L 424 -12.46 -15.39 9.44
CA ALA L 424 -13.37 -14.88 8.44
C ALA L 424 -13.70 -13.43 8.68
N ARG L 425 -13.47 -12.58 7.70
CA ARG L 425 -13.76 -11.18 7.88
C ARG L 425 -15.01 -10.73 7.13
N VAL L 426 -15.84 -11.68 6.70
CA VAL L 426 -17.09 -11.34 6.01
C VAL L 426 -18.05 -11.16 7.16
N PRO L 427 -19.21 -10.56 6.90
CA PRO L 427 -20.15 -10.38 7.99
C PRO L 427 -20.55 -11.73 8.57
N LYS L 428 -20.47 -11.90 9.88
CA LYS L 428 -20.90 -13.16 10.46
C LYS L 428 -22.14 -12.92 11.34
N PHE L 429 -23.14 -13.82 11.26
CA PHE L 429 -24.37 -13.72 12.06
C PHE L 429 -24.67 -15.06 12.75
N THR L 430 -24.91 -15.05 14.07
CA THR L 430 -25.17 -16.27 14.84
C THR L 430 -26.53 -16.33 15.60
N VAL L 431 -27.25 -17.45 15.46
CA VAL L 431 -28.50 -17.64 16.19
C VAL L 431 -28.49 -18.99 16.90
N LEU L 432 -28.88 -18.99 18.18
CA LEU L 432 -28.89 -20.22 18.92
C LEU L 432 -30.30 -20.81 18.84
N ILE L 433 -30.44 -21.93 18.13
CA ILE L 433 -31.74 -22.62 17.96
C ILE L 433 -31.86 -23.98 18.67
N GLY L 434 -30.83 -24.32 19.45
CA GLY L 434 -30.81 -25.58 20.16
C GLY L 434 -29.90 -25.46 21.36
N GLY L 435 -28.69 -25.98 21.28
CA GLY L 435 -27.85 -25.86 22.44
C GLY L 435 -26.42 -25.47 22.14
N SER L 436 -25.90 -24.58 22.97
CA SER L 436 -24.53 -24.13 22.85
C SER L 436 -23.80 -24.70 24.03
N PHE L 437 -23.12 -25.83 23.82
CA PHE L 437 -22.39 -26.46 24.89
C PHE L 437 -20.98 -26.88 24.52
N GLY L 438 -20.00 -26.39 25.27
CA GLY L 438 -18.62 -26.71 25.01
C GLY L 438 -17.94 -26.25 23.72
N ALA L 439 -16.98 -27.04 23.26
CA ALA L 439 -16.22 -26.77 22.05
C ALA L 439 -17.14 -26.23 21.00
N GLY L 440 -18.26 -26.91 20.84
CA GLY L 440 -19.25 -26.53 19.86
C GLY L 440 -19.42 -25.03 19.73
N ASN L 441 -19.83 -24.41 20.82
CA ASN L 441 -20.07 -22.97 20.87
C ASN L 441 -19.03 -22.14 20.08
N TYR L 442 -17.76 -22.47 20.30
CA TYR L 442 -16.69 -21.78 19.64
C TYR L 442 -16.66 -22.08 18.16
N GLY L 443 -16.67 -23.36 17.81
CA GLY L 443 -16.62 -23.77 16.42
C GLY L 443 -17.72 -23.26 15.52
N MET L 444 -18.79 -22.74 16.11
CA MET L 444 -19.92 -22.23 15.35
C MET L 444 -20.06 -20.73 15.53
N CYS L 445 -18.95 -20.05 15.66
CA CYS L 445 -19.00 -18.62 15.85
C CYS L 445 -19.88 -18.31 17.04
N GLY L 446 -19.30 -18.48 18.23
CA GLY L 446 -19.99 -18.19 19.46
C GLY L 446 -19.79 -16.72 19.79
N ARG L 447 -20.16 -16.31 21.00
CA ARG L 447 -20.05 -14.92 21.43
C ARG L 447 -18.64 -14.34 21.15
N ALA L 448 -17.63 -15.11 21.53
CA ALA L 448 -16.21 -14.71 21.41
C ALA L 448 -15.65 -14.54 20.01
N TYR L 449 -16.42 -14.83 18.97
CA TYR L 449 -15.85 -14.71 17.63
C TYR L 449 -16.38 -13.56 16.82
N ASP L 450 -16.86 -12.59 17.57
CA ASP L 450 -17.38 -11.38 17.02
C ASP L 450 -18.32 -11.46 15.86
N PRO L 451 -19.44 -12.20 15.99
CA PRO L 451 -20.37 -12.25 14.86
C PRO L 451 -21.02 -10.84 14.96
N ARG L 452 -21.21 -10.10 13.86
CA ARG L 452 -21.76 -8.74 13.97
C ARG L 452 -22.94 -8.66 14.89
N PHE L 453 -23.73 -9.76 14.95
CA PHE L 453 -24.90 -9.90 15.82
C PHE L 453 -24.99 -11.34 16.25
N LEU L 454 -25.57 -11.60 17.41
CA LEU L 454 -25.75 -12.97 17.88
C LEU L 454 -27.06 -13.08 18.66
N TRP L 455 -27.96 -13.93 18.19
CA TRP L 455 -29.24 -14.07 18.83
C TRP L 455 -29.58 -15.37 19.51
N MET L 456 -30.68 -15.40 20.23
CA MET L 456 -31.06 -16.62 20.90
C MET L 456 -32.60 -16.87 20.92
N TRP L 457 -32.98 -18.09 20.61
CA TRP L 457 -34.38 -18.48 20.61
C TRP L 457 -34.72 -18.79 22.07
N PRO L 458 -36.02 -18.91 22.39
CA PRO L 458 -36.50 -19.21 23.75
C PRO L 458 -36.17 -20.61 24.20
N ASN L 459 -36.26 -21.54 23.27
CA ASN L 459 -36.00 -22.94 23.56
C ASN L 459 -34.52 -23.25 23.73
N ALA L 460 -33.68 -22.36 23.24
CA ALA L 460 -32.22 -22.55 23.29
C ALA L 460 -31.57 -22.45 24.69
N ARG L 461 -30.56 -23.30 24.95
CA ARG L 461 -29.85 -23.32 26.23
C ARG L 461 -28.31 -23.27 26.04
N ILE L 462 -27.63 -22.40 26.81
CA ILE L 462 -26.17 -22.18 26.77
C ILE L 462 -25.45 -22.62 28.04
N GLY L 463 -24.34 -23.34 27.86
CA GLY L 463 -23.56 -23.81 29.00
C GLY L 463 -22.25 -24.51 28.63
N VAL L 464 -21.25 -24.44 29.52
CA VAL L 464 -19.98 -25.10 29.23
C VAL L 464 -20.21 -26.59 28.94
N MET L 465 -21.18 -27.20 29.60
CA MET L 465 -21.53 -28.60 29.36
C MET L 465 -22.75 -28.90 30.18
N GLY L 466 -23.54 -29.84 29.70
CA GLY L 466 -24.77 -30.22 30.37
C GLY L 466 -24.82 -30.20 31.89
N GLY L 467 -26.04 -30.24 32.43
CA GLY L 467 -26.21 -30.22 33.88
C GLY L 467 -25.44 -31.30 34.64
N GLU L 468 -25.88 -32.55 34.54
CA GLU L 468 -25.22 -33.62 35.25
C GLU L 468 -23.91 -33.99 34.59
N GLN L 469 -23.69 -33.55 33.35
CA GLN L 469 -22.44 -33.86 32.65
C GLN L 469 -21.30 -33.30 33.50
N ALA L 470 -21.49 -32.06 33.97
CA ALA L 470 -20.51 -31.35 34.79
C ALA L 470 -20.57 -31.88 36.23
N ALA L 471 -21.76 -32.32 36.62
CA ALA L 471 -21.99 -32.91 37.95
C ALA L 471 -21.28 -34.27 37.95
N GLY L 472 -21.24 -34.92 36.80
CA GLY L 472 -20.56 -36.18 36.69
C GLY L 472 -19.09 -36.02 37.05
N VAL L 473 -18.30 -35.43 36.15
CA VAL L 473 -16.85 -35.25 36.35
C VAL L 473 -16.47 -34.52 37.67
N LEU L 474 -17.10 -33.37 37.92
CA LEU L 474 -16.85 -32.55 39.13
C LEU L 474 -16.89 -33.37 40.42
N ALA L 475 -17.84 -34.30 40.49
CA ALA L 475 -17.98 -35.15 41.66
C ALA L 475 -17.09 -36.39 41.57
N GLN L 476 -16.74 -36.78 40.34
CA GLN L 476 -15.90 -37.96 40.16
C GLN L 476 -14.47 -37.72 40.63
N VAL L 477 -13.86 -36.57 40.32
CA VAL L 477 -12.50 -36.37 40.82
C VAL L 477 -12.54 -36.40 42.36
N LYS L 478 -13.60 -35.87 42.97
CA LYS L 478 -13.67 -35.89 44.42
C LYS L 478 -13.52 -37.30 44.99
N ARG L 479 -14.01 -38.34 44.28
CA ARG L 479 -13.88 -39.72 44.78
C ARG L 479 -12.77 -40.51 44.09
N GLU L 480 -11.80 -39.77 43.58
CA GLU L 480 -10.66 -40.38 42.95
C GLU L 480 -9.47 -39.80 43.73
N GLN L 481 -9.67 -38.60 44.30
CA GLN L 481 -8.62 -37.99 45.10
C GLN L 481 -8.86 -38.57 46.51
N ALA L 482 -10.12 -38.92 46.77
CA ALA L 482 -10.50 -39.51 48.05
C ALA L 482 -10.42 -41.02 47.96
N GLU L 483 -9.95 -41.51 46.81
CA GLU L 483 -9.81 -42.94 46.58
C GLU L 483 -8.32 -43.31 46.73
N ARG L 484 -7.44 -42.47 46.17
CA ARG L 484 -5.99 -42.69 46.28
C ARG L 484 -5.59 -42.12 47.63
N ALA L 485 -6.61 -41.88 48.47
CA ALA L 485 -6.45 -41.36 49.82
C ALA L 485 -6.98 -42.41 50.80
N GLY L 486 -7.03 -43.67 50.35
CA GLY L 486 -7.50 -44.77 51.18
C GLY L 486 -8.96 -44.70 51.63
N GLN L 487 -9.80 -43.96 50.91
CA GLN L 487 -11.23 -43.80 51.25
C GLN L 487 -12.05 -44.01 49.99
N GLN L 488 -13.28 -43.52 50.04
CA GLN L 488 -14.19 -43.58 48.91
C GLN L 488 -15.28 -42.58 49.25
N LEU L 489 -16.05 -42.13 48.26
CA LEU L 489 -17.16 -41.19 48.53
C LEU L 489 -18.50 -41.95 48.51
N GLY L 490 -19.13 -42.02 49.69
CA GLY L 490 -20.39 -42.73 49.84
C GLY L 490 -21.54 -42.00 49.19
N VAL L 491 -22.52 -42.79 48.74
CA VAL L 491 -23.75 -42.30 48.08
C VAL L 491 -24.32 -41.06 48.80
N GLU L 492 -23.83 -40.82 49.99
CA GLU L 492 -24.30 -39.73 50.80
C GLU L 492 -23.66 -38.37 50.49
N GLU L 493 -22.33 -38.34 50.39
CA GLU L 493 -21.54 -37.12 50.13
C GLU L 493 -21.39 -36.79 48.64
N GLU L 494 -21.42 -37.81 47.78
CA GLU L 494 -21.29 -37.55 46.36
C GLU L 494 -22.64 -37.00 45.84
N ALA L 495 -23.74 -37.34 46.53
CA ALA L 495 -25.08 -36.90 46.16
C ALA L 495 -25.29 -35.44 46.49
N LYS L 496 -24.62 -35.01 47.55
CA LYS L 496 -24.68 -33.63 48.04
C LYS L 496 -23.67 -32.75 47.30
N ILE L 497 -22.77 -33.42 46.58
CA ILE L 497 -21.72 -32.81 45.79
C ILE L 497 -22.27 -32.49 44.39
N LYS L 498 -23.24 -33.27 43.93
CA LYS L 498 -23.83 -33.08 42.60
C LYS L 498 -25.19 -32.31 42.58
N ALA L 499 -25.90 -32.28 43.71
CA ALA L 499 -27.19 -31.62 43.75
C ALA L 499 -27.20 -30.11 43.40
N PRO L 500 -26.31 -29.31 44.04
CA PRO L 500 -26.27 -27.85 43.75
C PRO L 500 -25.84 -27.56 42.31
N ILE L 501 -24.92 -28.36 41.80
CA ILE L 501 -24.42 -28.27 40.45
C ILE L 501 -25.56 -28.55 39.46
N LEU L 502 -26.23 -29.68 39.63
CA LEU L 502 -27.34 -30.06 38.76
C LEU L 502 -28.27 -28.89 38.45
N GLU L 503 -28.65 -28.13 39.48
CA GLU L 503 -29.59 -27.01 39.28
C GLU L 503 -28.90 -25.71 38.86
N GLN L 504 -27.67 -25.51 39.33
CA GLN L 504 -26.88 -24.33 38.98
C GLN L 504 -26.91 -24.22 37.45
N TYR L 505 -26.42 -25.26 36.79
CA TYR L 505 -26.40 -25.26 35.34
C TYR L 505 -27.79 -25.04 34.76
N GLU L 506 -28.78 -25.76 35.26
CA GLU L 506 -30.14 -25.59 34.75
C GLU L 506 -30.55 -24.12 34.73
N HIS L 507 -30.09 -23.40 35.73
CA HIS L 507 -30.40 -21.99 35.90
C HIS L 507 -29.59 -21.07 34.98
N GLN L 508 -28.27 -21.27 34.94
CA GLN L 508 -27.39 -20.45 34.10
C GLN L 508 -27.34 -20.97 32.67
N GLY L 509 -28.42 -21.63 32.27
CA GLY L 509 -28.52 -22.15 30.93
C GLY L 509 -29.69 -21.50 30.19
N HIS L 510 -30.56 -20.83 30.93
CA HIS L 510 -31.74 -20.19 30.35
C HIS L 510 -31.51 -18.82 29.68
N PRO L 511 -32.06 -18.66 28.47
CA PRO L 511 -31.95 -17.44 27.68
C PRO L 511 -31.99 -16.19 28.51
N TYR L 512 -33.00 -16.08 29.35
CA TYR L 512 -33.07 -14.89 30.15
C TYR L 512 -31.74 -14.70 30.86
N TYR L 513 -31.22 -15.76 31.46
CA TYR L 513 -29.97 -15.65 32.20
C TYR L 513 -28.83 -15.20 31.32
N SER L 514 -28.89 -15.61 30.05
CA SER L 514 -27.87 -15.27 29.04
C SER L 514 -28.04 -13.80 28.71
N SER L 515 -29.18 -13.49 28.09
CA SER L 515 -29.54 -12.16 27.67
C SER L 515 -29.43 -11.11 28.77
N ALA L 516 -29.62 -11.51 30.02
CA ALA L 516 -29.54 -10.58 31.13
C ALA L 516 -28.14 -10.00 31.23
N ARG L 517 -27.18 -10.87 30.90
CA ARG L 517 -25.75 -10.58 30.97
C ARG L 517 -25.08 -10.15 29.66
N LEU L 518 -25.91 -9.97 28.64
CA LEU L 518 -25.45 -9.55 27.34
C LEU L 518 -24.65 -10.58 26.55
N TRP L 519 -24.67 -11.86 26.92
CA TRP L 519 -23.92 -12.87 26.15
C TRP L 519 -24.65 -13.13 24.80
N ASP L 520 -25.65 -12.30 24.53
CA ASP L 520 -26.44 -12.37 23.31
C ASP L 520 -27.07 -11.00 23.15
N ASP L 521 -27.28 -10.56 21.91
CA ASP L 521 -27.87 -9.25 21.71
C ASP L 521 -29.37 -9.31 21.86
N GLY L 522 -29.82 -10.36 22.55
CA GLY L 522 -31.23 -10.57 22.82
C GLY L 522 -31.84 -11.90 22.43
N VAL L 523 -33.01 -12.23 22.98
CA VAL L 523 -33.75 -13.47 22.66
C VAL L 523 -34.84 -13.05 21.71
N ILE L 524 -35.08 -13.86 20.68
CA ILE L 524 -36.10 -13.50 19.71
C ILE L 524 -37.18 -14.53 19.46
N ASP L 525 -38.15 -14.14 18.65
CA ASP L 525 -39.27 -14.98 18.26
C ASP L 525 -38.79 -15.84 17.11
N PRO L 526 -38.61 -17.18 17.33
CA PRO L 526 -38.15 -18.11 16.30
C PRO L 526 -38.87 -17.91 14.99
N ALA L 527 -40.10 -17.46 15.07
CA ALA L 527 -40.94 -17.22 13.92
C ALA L 527 -40.55 -15.95 13.15
N GLN L 528 -39.81 -15.05 13.78
CA GLN L 528 -39.40 -13.82 13.15
C GLN L 528 -37.97 -13.85 12.63
N THR L 529 -37.23 -14.88 13.04
CA THR L 529 -35.84 -15.07 12.67
C THR L 529 -35.51 -14.40 11.35
N ARG L 530 -36.21 -14.83 10.30
CA ARG L 530 -36.02 -14.30 8.95
C ARG L 530 -35.88 -12.78 8.83
N GLU L 531 -36.94 -12.05 9.15
CA GLU L 531 -36.90 -10.60 9.01
C GLU L 531 -35.94 -9.90 9.93
N VAL L 532 -35.51 -10.58 10.96
CA VAL L 532 -34.58 -10.00 11.87
C VAL L 532 -33.22 -10.07 11.18
N LEU L 533 -32.94 -11.22 10.55
CA LEU L 533 -31.67 -11.43 9.88
C LEU L 533 -31.56 -10.57 8.62
N ALA L 534 -32.72 -10.28 8.03
CA ALA L 534 -32.79 -9.43 6.85
C ALA L 534 -32.37 -8.01 7.26
N LEU L 535 -32.90 -7.51 8.38
CA LEU L 535 -32.53 -6.17 8.87
C LEU L 535 -31.07 -6.13 9.22
N ALA L 536 -30.62 -7.07 10.04
CA ALA L 536 -29.22 -7.11 10.42
C ALA L 536 -28.30 -6.97 9.21
N LEU L 537 -28.42 -7.94 8.31
CA LEU L 537 -27.63 -8.00 7.08
C LEU L 537 -27.50 -6.63 6.46
N SER L 538 -28.64 -6.12 6.02
CA SER L 538 -28.68 -4.83 5.37
C SER L 538 -27.88 -3.75 6.09
N ALA L 539 -28.18 -3.54 7.36
CA ALA L 539 -27.47 -2.52 8.09
C ALA L 539 -25.98 -2.84 8.26
N ALA L 540 -25.61 -4.11 8.07
CA ALA L 540 -24.22 -4.56 8.18
C ALA L 540 -23.47 -4.15 6.91
N LEU L 541 -24.27 -3.74 5.92
CA LEU L 541 -23.73 -3.34 4.64
C LEU L 541 -23.48 -1.84 4.54
N ASN L 542 -23.54 -1.15 5.69
CA ASN L 542 -23.25 0.28 5.73
C ASN L 542 -21.72 0.22 5.74
N ALA L 543 -21.20 -0.96 6.02
CA ALA L 543 -19.76 -1.20 6.13
C ALA L 543 -19.22 -2.20 5.13
N PRO L 544 -18.03 -1.91 4.54
CA PRO L 544 -17.33 -2.71 3.53
C PRO L 544 -17.00 -4.13 3.98
N ILE L 545 -17.23 -5.07 3.07
CA ILE L 545 -16.95 -6.46 3.36
C ILE L 545 -15.48 -6.56 3.11
N GLU L 546 -14.72 -6.84 4.17
CA GLU L 546 -13.26 -6.93 4.14
C GLU L 546 -12.67 -8.25 3.63
N PRO L 547 -11.47 -8.18 3.05
CA PRO L 547 -10.82 -9.40 2.54
C PRO L 547 -10.36 -10.16 3.79
N THR L 548 -10.36 -11.48 3.73
CA THR L 548 -9.98 -12.26 4.90
C THR L 548 -8.58 -12.89 4.78
N ALA L 549 -7.84 -12.96 5.88
CA ALA L 549 -6.50 -13.60 5.86
C ALA L 549 -6.51 -14.66 6.94
N PHE L 550 -6.21 -15.88 6.55
CA PHE L 550 -6.23 -17.00 7.45
C PHE L 550 -5.00 -17.24 8.18
N GLY L 551 -5.17 -17.69 9.41
CA GLY L 551 -4.03 -17.99 10.25
C GLY L 551 -3.40 -19.22 9.66
N VAL L 552 -2.63 -19.92 10.47
CA VAL L 552 -2.00 -21.12 9.99
C VAL L 552 -2.99 -22.23 10.27
N PHE L 553 -3.08 -23.17 9.33
CA PHE L 553 -4.01 -24.28 9.45
C PHE L 553 -3.28 -25.52 9.91
N ARG L 554 -3.68 -26.07 11.06
CA ARG L 554 -3.01 -27.27 11.50
C ARG L 554 -3.60 -28.37 10.63
N MET L 555 -2.81 -28.90 9.70
CA MET L 555 -3.29 -29.98 8.82
C MET L 555 -3.08 -31.33 9.50
C11 BTI M . 7.13 -45.47 -10.07
O11 BTI M . 7.21 -46.35 -9.22
C10 BTI M . 5.84 -44.66 -10.22
C9 BTI M . 4.78 -45.04 -9.20
C8 BTI M . 3.44 -45.24 -9.85
C7 BTI M . 2.31 -44.83 -8.88
C2 BTI M . 1.29 -43.94 -9.59
S1 BTI M . 1.94 -43.35 -11.19
C6 BTI M . 1.90 -41.56 -10.87
C5 BTI M . 0.91 -41.44 -9.70
N3 BTI M . 1.41 -40.39 -8.80
C3 BTI M . 2.10 -40.97 -7.81
O3 BTI M . 2.70 -40.29 -6.81
N2 BTI M . 2.14 -42.30 -7.93
C4 BTI M . 1.01 -42.67 -8.79
N1A COA N . -13.76 -27.46 37.98
C2A COA N . -13.54 -27.17 39.26
N3A COA N . -12.55 -27.71 39.94
C4A COA N . -11.71 -28.57 39.34
C5A COA N . -11.90 -28.91 38.01
C6A COA N . -12.95 -28.31 37.32
N6A COA N . -13.13 -28.53 36.03
N7A COA N . -10.97 -29.79 37.67
C8A COA N . -10.21 -30.00 38.75
N9A COA N . -10.65 -29.26 39.76
C1B COA N . -10.00 -29.12 41.08
C2B COA N . -10.79 -29.81 42.20
O2B COA N . -11.79 -28.92 42.68
C3B COA N . -9.71 -30.06 43.25
O3B COA N . -9.79 -29.05 44.26
P3B COA N . -9.16 -29.32 45.72
O7A COA N . -9.82 -30.47 46.39
O8A COA N . -9.34 -27.94 46.54
O9A COA N . -7.59 -29.54 45.51
C4B COA N . -8.39 -29.93 42.48
O4B COA N . -8.74 -29.81 41.10
C5B COA N . -7.59 -31.22 42.62
O5B COA N . -7.79 -32.02 41.46
P1A COA N . -7.00 -33.42 41.28
O1A COA N . -7.95 -34.38 40.68
O2A COA N . -6.38 -33.75 42.58
O3A COA N . -5.85 -33.03 40.21
P2A COA N . -5.13 -34.09 39.24
O4A COA N . -5.24 -35.43 39.86
O5A COA N . -3.77 -33.59 38.96
O6A COA N . -6.01 -34.05 37.90
CBP COA N . -7.86 -33.31 36.43
CCP COA N . -7.09 -33.12 37.73
CDP COA N . -7.94 -31.95 35.71
CEP COA N . -7.14 -34.31 35.52
CAP COA N . -9.28 -33.78 36.73
OAP COA N . -9.88 -32.90 37.68
C9P COA N . -10.14 -33.84 35.46
O9P COA N . -10.15 -34.82 34.72
N8P COA N . -10.87 -32.75 35.23
C7P COA N . -11.58 -32.57 33.96
C6P COA N . -11.93 -31.08 33.79
C5P COA N . -12.98 -30.92 32.69
O5P COA N . -13.50 -31.90 32.17
N4P COA N . -13.26 -29.66 32.35
C3P COA N . -14.13 -29.32 31.22
C2P COA N . -14.50 -27.83 31.26
S1P COA N . -13.56 -26.82 30.07
N1A COA O . 4.59 50.53 6.44
C2A COA O . 5.53 51.32 5.93
N3A COA O . 6.57 51.68 6.65
C4A COA O . 6.71 51.28 7.92
C5A COA O . 5.75 50.46 8.48
C6A COA O . 4.67 50.08 7.71
N6A COA O . 3.76 49.23 8.18
N7A COA O . 6.11 50.21 9.73
C8A COA O . 7.27 50.84 9.96
N9A COA O . 7.63 51.49 8.86
C1B COA O . 8.91 52.21 8.66
C2B COA O . 8.74 53.73 8.69
O2B COA O . 8.40 54.20 7.38
C3B COA O . 10.13 54.21 9.10
O3B COA O . 10.83 54.63 7.92
P3B COA O . 12.03 55.71 8.01
O7A COA O . 11.56 57.01 8.54
O8A COA O . 12.62 55.83 6.52
O9A COA O . 13.18 55.05 8.92
C4B COA O . 10.80 52.97 9.70
O4B COA O . 9.80 51.95 9.76
C5B COA O . 11.25 53.24 11.14
O5B COA O . 10.34 52.64 12.07
P1A COA O . 10.53 52.84 13.65
O1A COA O . 9.20 53.18 14.24
O2A COA O . 11.64 53.79 13.86
O3A COA O . 10.98 51.37 14.13
P2A COA O . 10.71 50.83 15.62
O4A COA O . 10.67 51.97 16.57
O5A COA O . 11.72 49.77 15.87
O6A COA O . 9.25 50.16 15.51
CBP COA O . 7.14 49.53 14.40
CCP COA O . 8.52 50.19 14.28
CDP COA O . 7.05 48.38 13.40
CEP COA O . 6.95 48.97 15.81
CAP COA O . 6.05 50.56 14.11
OAP COA O . 6.30 51.16 12.84
C9P COA O . 4.64 49.97 14.13
O9P COA O . 3.98 49.86 15.17
N8P COA O . 4.16 49.60 12.93
C7P COA O . 3.04 48.67 12.79
C6P COA O . 3.05 48.04 11.40
C5P COA O . 1.65 47.57 11.03
O5P COA O . 0.70 47.88 11.75
N4P COA O . 1.54 46.84 9.92
C3P COA O . 0.33 46.05 9.63
C2P COA O . 0.27 45.66 8.15
S1P COA O . 0.02 43.87 7.87
N1A COA P . 19.66 -19.87 -40.33
C2A COA P . 20.31 -21.03 -40.25
N3A COA P . 21.63 -21.10 -40.27
C4A COA P . 22.35 -19.98 -40.40
C5A COA P . 21.72 -18.75 -40.49
C6A COA P . 20.33 -18.71 -40.45
N6A COA P . 19.67 -17.56 -40.45
N7A COA P . 22.67 -17.81 -40.62
C8A COA P . 23.84 -18.44 -40.60
N9A COA P . 23.66 -19.75 -40.45
C1B COA P . 24.71 -20.78 -40.26
C2B COA P . 24.87 -21.62 -41.53
O2B COA P . 23.95 -22.72 -41.48
C3B COA P . 26.30 -22.12 -41.39
O3B COA P . 26.25 -23.45 -40.87
P3B COA P . 27.52 -24.40 -41.15
O7A COA P . 27.71 -24.63 -42.59
O8A COA P . 27.22 -25.75 -40.32
O9A COA P . 28.76 -23.66 -40.44
C4B COA P . 26.96 -21.19 -40.37
O4B COA P . 25.99 -20.16 -40.09
C5B COA P . 28.17 -20.50 -40.98
O5B COA P . 27.82 -19.18 -41.36
P1A COA P . 28.93 -18.16 -41.92
O1A COA P . 28.35 -17.38 -43.04
O2A COA P . 30.16 -18.95 -42.16
O3A COA P . 29.17 -17.17 -40.68
P2A COA P . 29.74 -15.70 -40.99
O4A COA P . 30.51 -15.77 -42.25
O5A COA P . 30.44 -15.24 -39.77
O6A COA P . 28.41 -14.83 -41.24
CBP COA P . 25.99 -14.41 -41.39
CCP COA P . 27.11 -15.40 -41.08
CDP COA P . 25.03 -14.34 -40.20
CEP COA P . 26.55 -13.01 -41.66
CAP COA P . 25.21 -14.90 -42.61
OAP COA P . 24.76 -16.22 -42.34
C9P COA P . 24.00 -14.00 -42.84
O9P COA P . 24.10 -12.94 -43.47
N8P COA P . 22.87 -14.46 -42.32
C7P COA P . 21.69 -13.59 -42.10
C6P COA P . 20.74 -14.24 -41.09
C5P COA P . 19.32 -13.76 -41.38
O5P COA P . 19.10 -13.05 -42.36
N4P COA P . 18.38 -14.17 -40.52
C3P COA P . 17.06 -13.53 -40.41
C2P COA P . 16.10 -14.37 -39.58
S1P COA P . 15.50 -13.54 -38.06
N1A COA Q . -1.23 -43.34 -22.63
C2A COA Q . -1.46 -43.52 -23.93
N3A COA Q . -2.57 -44.06 -24.38
C4A COA Q . -3.51 -44.45 -23.52
C5A COA Q . -3.32 -44.30 -22.15
C6A COA Q . -2.14 -43.72 -21.72
N6A COA Q . -1.93 -43.50 -20.41
N7A COA Q . -4.40 -44.77 -21.53
C8A COA Q . -5.26 -45.18 -22.46
N9A COA Q . -4.72 -44.98 -23.67
C1B COA Q . -5.41 -45.15 -24.96
C2B COA Q . -4.94 -46.42 -25.66
O2B COA Q . -3.78 -46.11 -26.44
C3B COA Q . -6.14 -46.78 -26.54
O3B COA Q . -5.84 -46.40 -27.89
P3B COA Q . -6.54 -47.20 -29.10
O7A COA Q . -6.19 -48.64 -29.11
O8A COA Q . -6.02 -46.42 -30.41
O9A COA Q . -8.11 -46.93 -28.99
C4B COA Q . -7.29 -45.92 -25.99
O4B COA Q . -6.82 -45.36 -24.77
C5B COA Q . -8.49 -46.80 -25.64
O5B COA Q . -8.53 -46.98 -24.22
P1A COA Q . -9.65 -47.90 -23.54
O1A COA Q . -9.00 -48.69 -22.46
O2A COA Q . -10.34 -48.63 -24.63
O3A COA Q . -10.65 -46.82 -22.90
P2A COA Q . -11.55 -47.16 -21.62
O4A COA Q . -11.89 -48.60 -21.65
O5A COA Q . -12.67 -46.20 -21.60
O6A COA Q . -10.57 -46.86 -20.37
CBP COA Q . -8.47 -46.22 -19.22
CCP COA Q . -9.22 -46.39 -20.55
CDP COA Q . -7.96 -44.79 -19.10
CEP COA Q . -9.41 -46.51 -18.05
CAP COA Q . -7.30 -47.19 -19.18
OAP COA Q . -6.55 -47.11 -20.40
C9P COA Q . -6.38 -46.93 -17.98
O9P COA Q . -6.53 -47.54 -16.92
N8P COA Q . -5.43 -46.02 -18.17
C7P COA Q . -4.69 -45.41 -17.06
C6P COA Q . -3.82 -44.26 -17.56
C5P COA Q . -2.64 -44.01 -16.62
O5P COA Q . -2.31 -44.87 -15.80
N4P COA Q . -2.01 -42.84 -16.75
C3P COA Q . -1.12 -42.31 -15.70
C2P COA Q . -0.20 -41.25 -16.29
S1P COA Q . -0.63 -39.54 -15.82
C11 BTI R . 9.14 -10.35 -46.41
O11 BTI R . 9.20 -9.52 -47.31
C10 BTI R . 10.03 -10.22 -45.20
C9 BTI R . 10.94 -9.02 -45.31
C8 BTI R . 12.37 -9.39 -44.99
C7 BTI R . 13.01 -8.26 -44.16
C2 BTI R . 13.75 -8.83 -42.95
S1 BTI R . 13.29 -10.56 -42.63
C6 BTI R . 12.57 -10.35 -40.96
C5 BTI R . 13.15 -9.02 -40.50
N3 BTI R . 12.10 -8.31 -39.76
C3 BTI R . 11.45 -7.51 -40.61
O3 BTI R . 10.32 -6.85 -40.29
N2 BTI R . 12.04 -7.43 -41.80
C4 BTI R . 13.36 -8.06 -41.68
N1A COA S . 6.98 41.69 -28.74
C2A COA S . 6.34 42.85 -28.64
N3A COA S . 5.39 43.20 -29.48
C4A COA S . 5.04 42.38 -30.49
C5A COA S . 5.67 41.15 -30.63
C6A COA S . 6.67 40.82 -29.72
N6A COA S . 7.29 39.65 -29.81
N7A COA S . 5.15 40.55 -31.70
C8A COA S . 4.22 41.35 -32.19
N9A COA S . 4.13 42.47 -31.46
C1B COA S . 3.17 43.57 -31.66
C2B COA S . 3.81 44.83 -32.24
O2B COA S . 4.31 45.65 -31.18
C3B COA S . 2.66 45.51 -32.97
O3B COA S . 2.22 46.62 -32.18
P3B COA S . 1.59 47.95 -32.85
O7A COA S . 2.51 48.61 -33.79
O8A COA S . 1.20 48.89 -31.59
O9A COA S . 0.20 47.50 -33.53
C4B COA S . 1.57 44.43 -33.05
O4B COA S . 2.19 43.20 -32.64
C5B COA S . 1.13 44.21 -34.50
O5B COA S . 1.73 43.02 -35.02
P1A COA S . 1.50 42.58 -36.55
O1A COA S . 2.79 42.08 -37.09
O2A COA S . 0.84 43.70 -37.25
O3A COA S . 0.48 41.35 -36.39
P2A COA S . 0.40 40.20 -37.50
O4A COA S . 0.71 40.79 -38.82
O5A COA S . -0.90 39.49 -37.34
O6A COA S . 1.60 39.21 -37.06
CBP COA S . 3.54 38.45 -35.72
CCP COA S . 2.43 39.48 -35.92
CDP COA S . 3.43 37.86 -34.31
CEP COA S . 3.41 37.31 -36.74
CAP COA S . 4.91 39.12 -35.89
OAP COA S . 5.01 40.23 -34.99
C9P COA S . 6.05 38.14 -35.62
O9P COA S . 6.54 37.47 -36.52
N8P COA S . 6.46 38.11 -34.35
C7P COA S . 7.29 37.00 -33.84
C6P COA S . 7.30 37.04 -32.31
C5P COA S . 8.59 36.42 -31.77
O5P COA S . 9.43 36.00 -32.55
N4P COA S . 8.70 36.40 -30.44
C3P COA S . 9.70 35.57 -29.76
C2P COA S . 9.61 35.78 -28.25
S1P COA S . 8.98 34.30 -27.35
N1A COA T . -25.52 6.64 42.34
C2A COA T . -26.46 5.83 42.77
N3A COA T . -27.73 6.18 42.74
C4A COA T . -28.11 7.38 42.26
C5A COA T . -27.14 8.25 41.80
C6A COA T . -25.81 7.84 41.85
N6A COA T . -24.84 8.61 41.34
N7A COA T . -27.76 9.35 41.41
C8A COA T . -29.06 9.18 41.60
N9A COA T . -29.27 7.97 42.11
C1B COA T . -30.59 7.34 42.33
C2B COA T . -30.95 7.29 43.81
O2B COA T . -30.42 6.10 44.38
C3B COA T . -32.47 7.22 43.77
O3B COA T . -32.86 5.87 44.01
P3B COA T . -34.33 5.57 44.59
O7A COA T . -34.52 6.13 45.94
O8A COA T . -34.46 3.97 44.53
O9A COA T . -35.36 6.18 43.51
C4B COA T . -32.84 7.62 42.35
O4B COA T . -31.64 8.13 41.74
C5B COA T . -33.77 8.82 42.39
O5B COA T . -32.97 9.98 42.17
P1A COA T . -33.67 11.43 42.21
O1A COA T . -32.74 12.39 42.84
O2A COA T . -35.01 11.25 42.80
O3A COA T . -33.80 11.79 40.65
P2A COA T . -33.80 13.34 40.26
O4A COA T . -34.43 14.11 41.37
O5A COA T . -34.40 13.45 38.92
O6A COA T . -32.24 13.70 40.20
CBP COA T . -29.82 13.30 40.20
CCP COA T . -31.23 12.70 40.27
CDP COA T . -28.96 12.45 39.26
CEP COA T . -29.88 14.74 39.67
CAP COA T . -29.20 13.31 41.60
OAP COA T . -29.19 11.97 42.11
C9P COA T . -27.77 13.84 41.54
O9P COA T . -27.52 15.03 41.72
N8P COA T . -26.85 12.91 41.30
C7P COA T . -25.51 13.26 40.84
C6P COA T . -24.83 12.00 40.29
C5P COA T . -23.30 12.11 40.40
O5P COA T . -22.80 13.09 40.95
N4P COA T . -22.61 11.10 39.89
C3P COA T . -21.23 11.25 39.42
C2P COA T . -20.57 9.87 39.28
S1P COA T . -19.98 9.52 37.58
#